data_6O90
#
_entry.id   6O90
#
_cell.length_a   1.00
_cell.length_b   1.00
_cell.length_c   1.00
_cell.angle_alpha   90.00
_cell.angle_beta   90.00
_cell.angle_gamma   90.00
#
_symmetry.space_group_name_H-M   'P 1'
#
loop_
_entity.id
_entity.type
_entity.pdbx_description
1 polymer '16S rRNA'
2 polymer '30S ribosomal protein S3'
3 polymer '30S ribosomal protein S4'
4 polymer '30S ribosomal protein S5'
5 polymer '30S ribosomal protein S6'
6 polymer '30S ribosomal protein S7'
7 polymer '30S ribosomal protein S8'
8 polymer '30S ribosomal protein S9'
9 polymer '30S ribosomal protein S10'
10 polymer '30S ribosomal protein S11'
11 polymer '30S ribosomal protein S12'
12 polymer '30S ribosomal protein S13'
13 polymer '30S ribosomal protein S14 type Z'
14 polymer '30S ribosomal protein S15'
15 polymer '30S ribosomal protein S16'
16 polymer '30S ribosomal protein S17'
17 polymer '30S ribosomal protein S18'
18 polymer '30S ribosomal protein S19'
19 polymer '30S ribosomal protein S20'
20 polymer '23S rRNA'
21 polymer '4S rRNA'
22 polymer '50S ribosomal protein L2'
23 polymer '50S ribosomal protein L3'
24 polymer '50S ribosomal protein L4'
25 polymer '50S ribosomal protein L5'
26 polymer '50S ribosomal protein L6'
27 polymer '50S ribosomal protein L13'
28 polymer '50S ribosomal protein L14'
29 polymer '50S ribosomal protein L15'
30 polymer '50S ribosomal protein L16'
31 polymer '50S ribosomal protein L17'
32 polymer '50S ribosomal protein L18'
33 polymer '50S ribosomal protein L19'
34 polymer '50S ribosomal protein L20'
35 polymer '50S ribosomal protein L21'
36 polymer '50S ribosomal protein L22'
37 polymer '50S ribosomal protein L23'
38 polymer '50S ribosomal protein L24'
39 polymer '50S ribosomal protein L25'
40 polymer '50S ribosomal protein L27'
41 polymer '50S ribosomal protein L28'
42 polymer '50S ribosomal protein L29'
43 polymer '50S ribosomal protein L30'
44 polymer '50S ribosomal protein L31 type B'
45 polymer '50S ribosomal protein L32'
46 polymer '50S ribosomal protein L33'
47 polymer '50S ribosomal protein L34'
48 polymer '50S ribosomal protein L35'
49 polymer '50S ribosomal protein L36'
50 non-polymer 'ZINC ION'
#
loop_
_entity_poly.entity_id
_entity_poly.type
_entity_poly.pdbx_seq_one_letter_code
_entity_poly.pdbx_strand_id
1 'polyribonucleotide'
;UGAGAGUUUGAUCCUGGCUCAGGACGAACGCUGGCGGCGUGCCUAAUACAUGCAAGUCGAACGCUUCUUUCCUUGGAAAG
AGGAGUGGCGGACGGGUGAGUAACACGUGGGUAACCUACCCAUCAGAGGGGGAUAACACUUGGAAACAGGUGCUAAUACC
GCAUAACAGUUUAUGCCGCAUGGCAUAAGAGUGAAAGGCGCUUUCGGGUGUCGCUGAUGGAUGGACCCGCGGUGCAUUAG
CUAGUUGGUGAGGUAACGGCUCACCAAGGCCACGAUGCAUAGCCGACCUGAGAGGGUGAUCGGCCACACUGGGACUGAGA
CACGGCCCAGACUCCUACGGGAGGCAGCAGUAGGGAAUCUUCGGCAAUGGACGAAAGUCUGACCGAGCAACGCCGCGUGA
GUGAAGAAGGUUUUCGGAUCGUAAAACUCUGUUGUUAGAGAAGAACAAGGACGUUAGUAACUGAACGUCCCCUGACGGUA
UCUAACCAGAAAGCCACGGCUAACUACGUGCCAGCAGCCGCGGUAAUACGUAGGUGGCAAGCGUUGUCCGGAUUUAUUGG
GCGUAAAGCGAGCGCAGGCGGUUUCUUAAGUCUGAUGUGAAAGCCCCCGGCUCAACCGGGGAGGGUCAUUGGAAACUGGG
AGACUUGAGUGCAGAAGAGGAGAGUGGAAUUCCAUGUGUAGCGGUGAAAUGCGUAGAUAUAUGGAGGAACACCAGUGGCG
AAGGCGGCUCUCUGGUCUGUAACUGACGCUGAGGCUCGAAAGCGUGGGGAGCAAACAGGAUUAGAUACCCUGGUAGUCCA
CGCCGUAAACGAUGAGUGCUAAGUGUUGGAGGGUUUCCGCCCUUCAGUGCUGCAGCAAACGCAUUAAGCACUCCGCCUGG
GGAGUACGACCGCAAGGUUGAAACUCAAAGGAAUUGACGGGGGCCCGCACAAGCGGUGGAGCAUGUGGUUUAAUUCGAAG
CAACGCGAAGAACCUUACCAGGUCUUGACAUCCUUUGACCACUCUAGAGAUAGAGCUUUCCCUUCGGGGACAAAGUGACA
GGUGGUGCAUGGUUGUCGUCAGCUCGUGUCGUGAGAUGUUGGGUUAAGUCCCGCAACGAGCGCAACCCUUAUUGUUAGUU
GCCAUCAUUUAGUUGGGCACUCUAGCGAGACUGCCGGUGACAAACCGGAGGAAGGUGGGGAUGACGUCAAAUCAUCAUGC
CCCUUAUGACCUGGGCUACACACGUGCUACAAUGGGAAGUACAACGAGUCGCUAGACCGCGAGGUCAUGCAAAUCUCUUA
AAGCUUCUCUCAGUUCGGAUUGCAGGCUGCAACUCGCCUGCAUGAAGCCGGAAUCGCUAGUAAUCGCGGAUCAGCACGCC
GCGGUGAAUACGUUCCCGGGCCUUGUACACACCGCCCGUCACACCACGAGAGUUUGUAACACCCGAAGUCGGUGAGGUAA
CCUUUUUGGAGCCAGCCGCCUAAGGUGGGAUAGAUGAUUGGGGUGAAGUCGUAACAAGGUAGCCGUAUCGGAAGGUGCGG
CUGGAUCA
;
a
2 'polypeptide(L)'
;GQKVHPIGMRVGIIRDWDAKWYAEKEYAEFLHEDLRIRKFIATKLADAAVSTIEIERAANRVNISIHTAKPGMVIGKGGS
EVENLRKELNKLTGKRVHINIVEIKKPDLDAKLVGEGIARQLENRVAFRRAQKQAIQRAMRAGAKGIKTQVSGRLNGADI
ARSEGYSEGTVPLHTLRADIDYAWEEADTTYGKLGVKVWIYRGE
;
c
3 'polypeptide(L)'
;SRYTGPSWKVSRRLGISLSGTGKELARRPYKPGQHGPNSRGKVSEYGMQLTEKQKLRHMYGMNERQFRTLFIKASKIKEG
KHGVNFMVLLEQRLDNVVYRLGLATTRRQARQLVNHGHITVDGKRVDIPSYHVEVGQVIGVREKSQNISTIKEAVEATVG
RPAFVSFDTEKLEGSFTRLPERDELYPEIDEALVVEYYNQK
;
d
4 'polypeptide(L)'
;YIDPKHLELEDRVVAINRVTKVVKGGRRLRFAALVVVGDKNGHVGFGTGKAQEVPEAIRKAIEDAKKNLVEVPMVGSTIP
HEVIGVFGGGRILMKPAVEGSGVAAGGPVRAVLELAGVADITSKSLGSNTPINVVRATVEGLKQLKRAEEVAALRGKSVE
EII
;
e
5 'polypeptide(L)'
;QDTKYEIMYIIRPNIDEEAKTALVERFDTILKDNGAEVIESKDWEKRRLAYEMNGFREGIYHIVNVTSPSTAGAINEFDR
LAKINDDIIRHMIVKVE
;
f
6 'polypeptide(L)'
;PRKGPVAKRDVLPDPIYNSKLVTRLINRVMVDGKRGIAANIIYNSFDIIKESTGNDPLEVFEQAMKNVMPVLEVKARRVG
GSNYQVPVEVRPERRTTLGLRWVVNYARLRGEHTMEERLAKEIMDAANNTGASVKKREDTHKMADANRAFAHYR
;
g
7 'polypeptide(L)'
;VMTDPIADFLTRIRNANMVKHETLEVPASKIKRDIAEILKREGFIRDVEYIEDDKQGVIRVFLKYGKNEERVITNLKRIS
KPGLRAYVKADEVPKVLNGLGIAIISTSEGVITDKEARAKNIGGEVIAYVW
;
h
8 'polypeptide(L)'
;QVQYSGTGRRKNAVARVRLVPGTGKITVNKKDVEEYIPHADLREVINQPFGVTETKGAYDVIVNVNGGGYAGQSGAIRHG
IARALLQVDPDFRSALKRAGLLTRDARMVERKKPGLKKARKASQFSKR
;
i
9 'polypeptide(L)'
;QKIRIRLKAYEHRILDQSADKIVETAKRTGADVSGPIPLPTERSLYTVIRATHKYKDSREQFEMRTHKRLIDIVNPTPKT
VDALMKLDLPSGVNIEIKL
;
j
10 'polypeptide(L)'
;KKNIESGVAHIHSTFNNTIVMITDTHGNALAWSSAGSLGFKGSKKSTPFAAQMAAEAATKVAMEHGLKTVDVTVKGPGSG
REAAIRSLQATGLEVTAIRDVTPVPHNGCRPPKRRRV
;
k
11 'polypeptide(L)'
;PTINQLVRKPRKSKVEKSDSPALNKGYNSFKKTQTNVNSPQKRGVCTRVGTMTPKKPNSALRKYARVRLSNLIEVTAYIP
GIGHNLQEHSVVLLRGGRVKDLPGVRYHIVRGALDTAGVNDRKQSRSKYGTKRPKA
;
l
12 'polypeptide(L)'
;ARIAGVDIPRDKRVVVSLTYIYGIGNTTAKKVLANVGVSEDVRVRDLTNEQTDAIRAEIDKLKVEGDLRREVNLNIKRLM
EIGSYRGIRHRRGLPTRGQNTKNNARTRKGPT
;
m
13 'polypeptide(L)' AKKSMIAKNKRPAKHSTQAYTRCERCGRPHSVYRKFHLCRICFRELAYKGQIPGVKKASW n
14 'polypeptide(L)'
;AISQERKNEIIKEYARHEGDTGSPEVQIAVLTEDINQLNEHARTHKKDHHSYRGLMKKIGHRRNLLAYLRKTDIQRYREL
IQRLGLRR
;
o
15 'polypeptide(L)'
;AVKIRLKRMGSKKSPFYRIVVADSRSPRDGRFIETVGTYNPLKDPAEVVLKEDLVLDWLSKGAQPSDTVRNILSKEGVMK
KHHEAKNVK
;
p
16 'polypeptide(L)'
;ERNQRKVYQGRVVSDKMDKTITVVVETKKNHPIYGKRMKYSKKYKAHDENNTAKVGDIVKIMETRPLSATKRFRLLEVVE
EAV
;
q
17 'polypeptide(L)' KVDYIAANHIEYIDYKDTELLKRFISERGKILPRRVTGTGAKNQRKLTIAIKRARIMGLLPFVSDE r
18 'polypeptide(L)' SLKKGPFVDDHLMKKVEAQQGAEKKKVIKTWSRRSTIFPSFVGFTIAVYDGRKHVPVYIQEDMVGHKLGEFAPTRTYR s
19 'polypeptide(L)'
;NIESAIKRVRTSANANAKNSSQTNAMRTAIKKFEEAVAAGADNVDALYNEAVKAVDMAATKGLIHKNKANRDKIRLSKLA
K
;
t
20 'polyribonucleotide'
;UUAAGUGAAUAAGGGCGCACGGUGGAUGCCUUGGCACUAGGAGCCGAUGAAGGACGGGACUAACACCGAUAUGCUUUGGG
GAGCUGUAAGUAAGCUAUGAUCCAGAGAUUUCCGAAUGGGGGAACCCAAUAUCUUUUAUAGGAUAUUACUUUUCAGUGAA
UACAUAGCUGAUUAGAGGUAGACGCAGAGAACUGAAACAUCUUAGUACCUGCAGGAAGAGAAAGAAAAUUCGAUUCCCUG
AGUAGCGGCGAGCGAAACGGGAAGAGCCCAAACCAACAAGCUUGCUUGUUGGGGUUGUAGGACUCCGAUAUGGUAGUCUG
UUAGUAUAGUUGAAGGAUUUGGAAAAUUCCGCUAAAGAGGGUGAAAGCCCCGUAGACGAAAUGCUGACAACACCUAGGAG
GAUCCUGAGUACGGCGGAACACGAGAAAUUCCGUCGGAAUCCGCGGGGACCAUCCCGCAAGGCUAAAUACUCCCUAGUGA
CCGAUAGUGAACCAGUACCGUGAGGGAAAGGUGAAAAGCACCCCGGAAGGGGAGUGAAAUAGAUCCUGAAACCGUGUGCC
UACAACAAGUCAAAGCUCGUUAAUGAGUGAUGGCGUGCCUUUUGUAGAAUGAACCGGCGAGUUACGAUUGCAUGCGAGGU
UAAGUCGAAGAGACGGAGCCGCAGCGAAAGCGAGUCUGAAUAGGGCGAAUGAGUAUGUAGUCGUAGACCCGAAACCAUGU
GAUCUACCCAUGUCCAGGUUGAAGGUGCGGUAAAACGCACUGGAGGACCGAACCCACGUACGUUGAAAAGUGCGGGGAUG
AGGUGUGGGUAGCGGAGAAAUUCCAAACGAACUUGGAGAUAGCUGGUUCUCUCCGAAAUAGCUUUAGGGCUAGCCUCGGA
AUUGAGAAUGAUGGAGGUAGAGCACUGUUUGGACUAGGGGCCCAUCGGGUUACCGAAUUCAGAUAAACUCCGAAUGCCAU
UCAUUUAUAUCCGGGAGUCAGACUGCGAGUGAUAAGAUCCGUAGUCGAAAGGGAAACAGCCCAGACCACCAGCUAAGGUC
CCAAAAUAUAUGUUAAGUGGAAAAGGAUGUGGGGUUGCACAGACAACUAGGAUGUUGGCUUAGAAGCAGCCACCAUUUAA
AGAGUGCGUAAUAGCUCACUAGUCGAGUGACCCUGCGCCGAAAAUGUACCGGGGCUAAACAUAUUACCGAAGCUGUGGAC
UACACCAUUAGGUGUAGUGGUAGGAGAGCGUUCUAAGGGCGUUGAAGGUCGAUCGUGAGGACGGCUGGAGCGCUUAGAAG
UGAGAAUGCCGGUAUGAGUAGCGAAAGACAGGUGAGAAUCCUGUCCACCGUAUGACUAAGGUUUCCUGGGGAAGGCUCGU
CCGCCCAGGGUUAGUCGGGACCUAAGCCGAGGCCGAUAGGCGUAGGCGAUGGACAACAGGUUGAUAUUCCUGUACCAGUU
GUUUUUGUUUGAGCAAUGGAGGGACGCAGUAGGCUAAGGAAUGCAUGCGAUUGGAAGUGCAUGUCCAAGCAAUGAGUCUU
GAGUAGAGUUAAAUGCUUUACUCUUUAAGGACAAGUUGUGACGGGGAGCGAAAUAGUAGCGAAGUUCCUGACGUCACACU
GCCAAGAAAAGCUUCUAGUGAGAAAACAACUGCCCGUACCGUAAACCGACACAGGUAGUCGAGGAGAGUAUCCUAAGGUG
AGCGAGCGAACUCUCGUUAAGGAACUCGGCAAAAUGACCCCGUAACUUCGGGAGAAGGGGUGCUGACUUCGGUCAGCCGC
AGUGAAUAGGCCCAAGCGACUGUUUAUCAAAAACACAGGUCUCUGCAAAAUCGUAAGAUGAAGUAUAGGGGCUGACGCCU
GCCCGGUGCUGGAAGGUUAAGAGGAUGGGUUAGCUUCGGCGAAGCUCAGAAUUGAAGCCCCAGUAAACGGCGGCCGUAAC
UAUAACGGUCCUAAGGUAGCGAAAUUCCUUGUCGGGUAAGUUCCGACCCGCACGAAAGGCGUAACGAUUUGGGCACUGUC
UCAACGAGAGACUCGGUGAAAUUUUAGUACCUGUGAAGAUGCAGGUUACCCGCGACAGGACGGAAAGACCCCAUGGAGCU
UUACUGUAGUUUGAUAUUGAGUGUUUGUACCACAUGUACAGGAUAGGUAGGAGCCGAUGAGACCGGAACGCUAGUUUCGG
AGGAGGCGCUGGUGGGAUACUACCCUUGUGUUAUGAACCCUCUAACCCGCACCACUAAUCGUGGUGGGAGACAGUGUCAG
AUGGGCAGUUUGACUGGGGCGGUCGCCUCCUAAAAGGUAACGGAGGCGCCCAAAGGUUCCCUCAGAAUGGUUGGAAAUCA
UUCGAAGAGUGUAAAGGCAGAAGGGAGCUUGACUGCGAGACCUACAAGUCGAGCAGGGACGAAAGUCGGGCUUAGUGAUC
CGGUGGUUCCGCAUGGAAGGGCCAUCGCUCAACGGAUAAAAGCUACCCUGGGGAUAACAGGCUUAUCUCCCCCAAGAGUC
CACAUCGACGGGGAGGUUUGGCACCUCGAUGUCGGCUCGUCGCAUCCUGGGGCUGUAGUCGGUCCCAAGGGUUGGGCUGU
UCGCCCAUUAAAGCGGCACGCGAGCUGGGUUCAGAACGUCGUGAGACAGUUCGGUCCCUAUCCGUCGCGGGCGUUGGAAA
UUUGAGAGGAGCUGUCCUUAGUACGAGAGGACCGGGAUGGACUUACCGCUGGUGUACCAGUUGUUCUGCCAAGGGCAUUG
CUGGGUAGCUAUGUAGGGAAGGGAUAAACGCUGAAAGCAUCUAAGUGUGAAGCCCACCUCAAGAUGAGAUUUCCCAUUUC
UUUAAGAAAGUAAGACCCCUGAGAGAUGAUCAGGUAGAUAGGUUGGAAGUGGAAGGCUAGUGAUAGUUGGAGCGGACCAA
UACUAAUCGGUCGAGGACUUAAC
;
A
21 'polyribonucleotide'
;UGUGGUGGCGAUAGCGAGAAGGAUACACCUGUUCCCAUGCCGAACACAGAAGUUAAGCUUCUUAGCGCCGAUUGUAGUGA
AGGGUUUCCCUUUGUGAGAGUAGGACGUCGCCACGC
;
B
22 'polypeptide(L)'
;AIKKYKPTTNGRRNMTSSDFAEITTSTPEKSLLQPLKNNAGRNNNGRITVRHQGGGHKRQYRVIDFKRNKDNVAAVVKTI
EYDPNRSANIALVHYEDGVKAYILAPKGLEVGMRLVSGPEADIKVGNALPLENIPVGTVIHNIEMKPGKGGQLIRSAGTS
AQVLGKEGKYVLIRLNSGEVRMILATCRATIGSVGNEQHELINIGKAGRSRWMRKRPTVRGSVMNPNDHPHGGGEGKTPI
GRKAPVSPWGQPAIGYKTRNKKAKSDKLIVRRRTK
;
C
23 'polypeptide(L)'
;TKGILGKKVGMTQIFTESGELIPVTVVEATPNVVLQVKTVETDGYEAIQVGYQDKREVLSNKPAKGHVAKANTAPKRFIK
EFKNVELGEYEVGKEIKVDVFQAGDVVDVTGTTKGKGFQGAIKRHGQSRGPMSHGSRYHRRPGSMGPVAPNRVFKNKRLA
GRMGGDRVTIQNLEVVKVDVERNVILIKGNIPGAKKSLITIKSAVKA
;
D
24 'polypeptide(L)'
;PNVALFKQDGTQNGEITLNEEIFGIEPNESVVYDAIIMQRASLRQGTHAVKNRSAVRGGGRKPWRQKGTGRARQGSIRSP
QWRGGGVVFGPTPRSYSYKLPKKVRRLAMKSVLSDKVAENNLVAVEGLSFDAPKTKEFKQVLANLSIDTKVLVVLENGND
FAALSARNLPNVSVVTSDNVSVLDVVSANKVLATQTALTQIEEVLA
;
E
25 'polypeptide(L)'
;NRLKEKYIKEVTPSLVEKFNYSSVMQTPKVDKIVINMGVGDAVSNAKNLDKAVEELALITGQKPLITKAKKSIAGFRLRE
GMPIGAKVTLRGERMYEFLDKLVTVSLPRVRDFHGVSKKAFDGRGNYTLGIKEQLIFPEVDYDLVDKVRGMDIVIVTTAN
TDEESRELLAQLGMPFQ
;
F
26 'polypeptide(L)'
;SRIGNKVVVLPAGVEIKQDGNNITVKGPKGELTREFSSDIKMNIEGNEVTFTRPNDSKEMKTIHGTTRANFNNMVVGVSE
GFQKALELIGVGYRAQVQGNKLTLNVGYSHPVEMTAPEGVTFEVPANTQVIVKGINKEVVGELAANIRGVRPPEPYKGKG
IRYVGEFVRRKEGKTG
;
G
27 'polypeptide(L)'
;MRTTYMAKAGEVERKWYVVDATDVPLGRLSAVVASVLRGKNKPTFTPHVDTGDFVIVINADKVKLTGKKATDKIYYRHSM
YPGGLKSVTAGELRDKNSRRLIETSVKGMLPKNTLGRKQFTKLNVYGGAEHPHAAQQPEVLDITN
;
K
28 'polypeptide(L)'
;MIQQESRLRVADNSGAREILTIKVLGGSGRKTANIGDVIVATVKQATPGGVVKKGEVVKAVIVRTKSGARRADGSYIKFD
ENAAVIIRDDKSPRGTRIFGPVARELRENNFMKIVSLAPEVL
;
L
29 'polypeptide(L)'
;MKLHELKPAEGSRQVRNRVGRGTSSGNGKTAGRGQKGQKARSGGGVRLGFEGGQTPLFRRLPKRGFTNINRKDYAVVNLD
TLNRFEDGTEVTPVVLKEAGIVKNEKAGIKVLADGELTKKLTVKAAKFSKSAQEAIEAAGGSIEVI
;
M
30 'polypeptide(L)'
;MLVPKRVKHRREFRGKMRGEAKGGKEVAFGEWGLQATESHWITNRQIEAARIAMTRYMKRGGKVWIKIFPHKSYTSKAIG
VRMGKGKGAPEGWVSPVKRGKIMFEIAGVPEEVAREALRLASHKLPVKTKIVKREEMGGES
;
N
31 'polypeptide(L)'
;RKLGRTSSQRKAMLRDITTDLIINERIVTTEARAKEVRSTVEKMITLGKRGDLHARRQAATFVRNEVASVREEDESIVVE
SALQKLFNDLGPRFAERQGGYTRILKTEPRRGDAAPMVVIEFV
;
O
32 'polypeptide(L)'
;ITKPDKNKTRQKRHRRVRNKISGTAECPRLNIFRSNKNIYAQVIDDVAGVTLASASALDKEISGGTKTETAAAVGKLVAE
RAAEKGIKKVVFDRGGYLYHGRVQALAEAARENGLEF
;
P
33 'polypeptide(L)'
;NPLIQELTQEQLRTDIPAFRPGDTVRVHAKVVEGTRERIQLFEGVVIKRRGAGISETYTVRKVSNGVGVERTFPLHTPRV
AQIEVVRYGKVRRAKLYYLRALHGKAARIKEIRR
;
Q
34 'polypeptide(L)'
;ARVKGGTVTRKRRKKVLKLAKGYYGSKHTLFKSAKEQVMNSYYYAFRDRRQKKRDFRKLWIARINAAARMNGLSYSKLMH
GLKLAEIDINRKMLADLAVNDAAAFTALAEQAKDALSK
;
R
35 'polypeptide(L)'
;MYAIIKTGGKQVKVEVGQAIYVEKLNVEAGEKVVFDEVILVGGESTKVGAPTVAGATVEGTVEKHGKQKKVVTFQYKPKK
HSHRKQGHRQPYTKVMIEAINA
;
S
36 'polypeptide(L)'
;QITSAKATAKTVRTSPRKARLVIDLIRGKSVADAISILKFTPNKSAGIIEKVLMSAVANAENNFDLDVESLVVSEAFVNE
GPTMKRFRPRAKGSASPINKRTSHITVVVTEK
;
T
37 'polypeptide(L)'
;ELLDVIKRPVITEKSMLAMDEKKYTFEVDTRANKTLVKQAVESAFDVKVANVNILNVRPKFKRMGKYAGYTKKRRKAIVT
LTEDSKEIQ
;
U
38 'polypeptide(L)'
;MFVKKGDKVKVITGKDKNKEGVVLAAFPKQDKVIVEGVNVVKKHQKPNQAAPQGGILEVEAPIHVSNVMVIDPSNGEATK
VAFKEVDGKKVRVSKKTGEVL
;
V
39 'polypeptide(L)'
;VQLEVKERAIRPRSLRNQLRHEGKVPAIVYGYQIESTPIYFEEKDLSKILREHGANTVIKMTVDGKNINTLMSKAQLDTF
TGQMLHVEFLSVNM
;
W
40 'polypeptide(L)' STSNGRDSESKRLGAKSADGQTVTGGSILYRQRGTKIYPGVNVGIGGDDTLFAKVDGVVRFERKGRDKKQVSVYPV X
41 'polypeptide(L)' AKVCYFTGRKTSSGNNRSHAMNSTKRTVKPNLQKVRVLIDGKPKKVWVSARALK Y
42 'polypeptide(L)' KVKEIRELTTAEMLDKEKQLKEELFNLRFQLATGQLENTARIKEVRQSIARIKTVLREQAN Z
43 'polypeptide(L)' AELKITLKRSVIGRPQNQRATVKALGLGKVNSTVTKPANEAIKGMVNTISHLVDVEEV 0
44 'polypeptide(L)'
;MKQDIHPNYQPVVFMDSTTGFKFLSGSTKGSSETVEWEDGNTYPLLRVEVTSDSHPFYTGRQKFTQADGRVDRFNKKYGL
KDE
;
1
45 'polypeptide(L)' AVPARRTSKAKKAKRRTHYKLTIKGLNACSNCGEMKKSHHVCPACGHYDGKDVMSK 2
46 'polypeptide(L)' MRVNITLECTSCKERNYLTNKNKRNNPDRLEKQKYCPRERKVTLHRETK 3
47 'polypeptide(L)' MKRTYQPNKRKRQKVHGFRKRMSTKNGRRVLASRRRKGRKVISA 4
48 'polypeptide(L)' PKQKTHRGLAKRVKRTGGGGLKRGRAFTSHRFHGKTKKQRRQLRKASMVAKGDYKRIRQQLARM 5
49 'polypeptide(L)' MKVRPSVKPMCEHCKVIRRKGRVMVICPANPKHKQRQG 6
#
loop_
_chem_comp.id
_chem_comp.type
_chem_comp.name
_chem_comp.formula
A RNA linking ADENOSINE-5'-MONOPHOSPHATE 'C10 H14 N5 O7 P'
C RNA linking CYTIDINE-5'-MONOPHOSPHATE 'C9 H14 N3 O8 P'
G RNA linking GUANOSINE-5'-MONOPHOSPHATE 'C10 H14 N5 O8 P'
U RNA linking URIDINE-5'-MONOPHOSPHATE 'C9 H13 N2 O9 P'
ZN non-polymer 'ZINC ION' 'Zn 2'
#
# COMPACT_ATOMS: atom_id res chain seq x y z
N GLY B 1 -22.48 -42.99 64.80
CA GLY B 1 -22.96 -43.97 65.74
C GLY B 1 -22.58 -43.60 67.16
N GLN B 2 -23.53 -43.78 68.08
CA GLN B 2 -23.28 -43.38 69.45
C GLN B 2 -23.87 -44.30 70.50
N LYS B 3 -24.79 -45.19 70.16
CA LYS B 3 -25.57 -45.87 71.19
C LYS B 3 -24.83 -47.10 71.71
N VAL B 4 -25.42 -47.71 72.73
CA VAL B 4 -24.80 -48.78 73.51
C VAL B 4 -25.65 -50.03 73.39
N HIS B 5 -25.00 -51.20 73.30
CA HIS B 5 -25.65 -52.48 73.56
C HIS B 5 -26.29 -52.43 74.94
N PRO B 6 -27.63 -52.47 75.01
CA PRO B 6 -28.30 -52.23 76.30
C PRO B 6 -28.15 -53.38 77.28
N ILE B 7 -27.86 -54.59 76.81
CA ILE B 7 -27.60 -55.68 77.75
C ILE B 7 -26.24 -55.53 78.41
N GLY B 8 -25.32 -54.81 77.78
CA GLY B 8 -24.07 -54.43 78.41
C GLY B 8 -24.18 -53.28 79.36
N MET B 9 -25.35 -52.68 79.47
CA MET B 9 -25.62 -51.67 80.48
C MET B 9 -26.23 -52.26 81.73
N ARG B 10 -27.09 -53.27 81.58
CA ARG B 10 -27.84 -53.80 82.71
C ARG B 10 -27.16 -54.99 83.36
N VAL B 11 -26.08 -55.50 82.77
CA VAL B 11 -25.45 -56.71 83.30
C VAL B 11 -24.76 -56.40 84.62
N GLY B 12 -24.85 -57.34 85.55
CA GLY B 12 -24.42 -57.11 86.90
C GLY B 12 -25.50 -56.53 87.80
N ILE B 13 -26.47 -55.81 87.24
CA ILE B 13 -27.49 -55.17 88.04
C ILE B 13 -28.75 -56.02 88.07
N ILE B 14 -29.40 -56.21 86.91
CA ILE B 14 -30.64 -56.95 86.87
C ILE B 14 -30.54 -58.21 86.03
N ARG B 15 -29.33 -58.59 85.61
CA ARG B 15 -29.09 -59.93 85.10
C ARG B 15 -27.64 -60.29 85.38
N ASP B 16 -27.23 -61.45 84.87
CA ASP B 16 -25.88 -61.96 85.08
C ASP B 16 -25.23 -62.29 83.74
N TRP B 17 -24.12 -63.01 83.80
CA TRP B 17 -23.42 -63.45 82.60
C TRP B 17 -24.06 -64.73 82.07
N ASP B 18 -23.39 -65.38 81.13
CA ASP B 18 -23.71 -66.74 80.71
C ASP B 18 -22.51 -67.66 80.89
N ALA B 19 -21.66 -67.35 81.86
CA ALA B 19 -20.56 -68.22 82.24
C ALA B 19 -20.28 -67.95 83.71
N LYS B 20 -20.67 -68.88 84.57
CA LYS B 20 -20.56 -68.68 86.01
C LYS B 20 -19.30 -69.34 86.55
N TRP B 21 -18.16 -68.90 85.99
CA TRP B 21 -16.86 -69.44 86.32
C TRP B 21 -16.25 -68.70 87.50
N TYR B 22 -15.19 -69.29 88.05
CA TYR B 22 -14.20 -68.55 88.84
C TYR B 22 -12.90 -69.34 88.68
N ALA B 23 -12.06 -68.90 87.75
CA ALA B 23 -10.92 -69.72 87.32
C ALA B 23 -9.67 -68.87 87.27
N GLU B 24 -8.62 -69.33 87.93
CA GLU B 24 -7.29 -68.76 87.81
C GLU B 24 -6.39 -69.80 87.16
N LYS B 25 -5.47 -69.32 86.31
CA LYS B 25 -4.33 -70.03 85.72
C LYS B 25 -4.76 -71.01 84.62
N GLU B 26 -6.06 -71.29 84.52
CA GLU B 26 -6.66 -71.85 83.31
C GLU B 26 -7.93 -71.04 83.09
N TYR B 27 -7.78 -69.90 82.43
CA TYR B 27 -8.89 -69.02 82.14
C TYR B 27 -9.04 -68.81 80.64
N ALA B 28 -7.95 -68.48 79.95
CA ALA B 28 -8.03 -68.23 78.52
C ALA B 28 -8.21 -69.51 77.73
N GLU B 29 -7.72 -70.63 78.27
CA GLU B 29 -7.98 -71.93 77.63
C GLU B 29 -9.47 -72.24 77.63
N PHE B 30 -10.12 -72.06 78.78
CA PHE B 30 -11.55 -72.26 78.84
C PHE B 30 -12.32 -71.17 78.09
N LEU B 31 -11.74 -69.98 77.96
CA LEU B 31 -12.37 -68.93 77.18
C LEU B 31 -12.41 -69.29 75.70
N HIS B 32 -11.26 -69.66 75.14
CA HIS B 32 -11.22 -70.03 73.74
C HIS B 32 -11.63 -71.48 73.51
N GLU B 33 -12.03 -72.19 74.56
CA GLU B 33 -12.79 -73.42 74.39
C GLU B 33 -14.29 -73.15 74.39
N ASP B 34 -14.76 -72.23 75.25
CA ASP B 34 -16.15 -71.80 75.24
C ASP B 34 -16.50 -71.09 73.93
N LEU B 35 -15.52 -70.41 73.35
CA LEU B 35 -15.67 -69.86 72.01
C LEU B 35 -15.96 -70.96 70.99
N ARG B 36 -15.29 -72.12 71.15
CA ARG B 36 -15.60 -73.24 70.27
C ARG B 36 -16.94 -73.88 70.62
N ILE B 37 -17.33 -73.82 71.90
CA ILE B 37 -18.60 -74.37 72.34
C ILE B 37 -19.76 -73.62 71.69
N ARG B 38 -19.65 -72.29 71.63
CA ARG B 38 -20.74 -71.49 71.08
C ARG B 38 -20.90 -71.69 69.58
N LYS B 39 -19.81 -71.97 68.87
CA LYS B 39 -19.87 -72.15 67.41
C LYS B 39 -20.59 -73.43 67.01
N PHE B 40 -20.59 -74.44 67.88
CA PHE B 40 -21.03 -75.77 67.48
C PHE B 40 -22.55 -75.89 67.34
N ILE B 41 -23.31 -74.89 67.80
CA ILE B 41 -24.76 -74.94 67.70
C ILE B 41 -25.21 -74.36 66.37
N ALA B 42 -24.27 -74.15 65.45
CA ALA B 42 -24.63 -73.88 64.06
C ALA B 42 -25.35 -75.06 63.43
N THR B 43 -25.05 -76.28 63.90
CA THR B 43 -25.85 -77.44 63.51
C THR B 43 -27.25 -77.36 64.09
N LYS B 44 -27.39 -76.84 65.31
CA LYS B 44 -28.71 -76.61 65.89
C LYS B 44 -29.46 -75.52 65.13
N LEU B 45 -28.82 -74.36 64.95
CA LEU B 45 -29.50 -73.09 64.65
C LEU B 45 -30.23 -73.11 63.31
N ALA B 46 -29.81 -73.97 62.38
CA ALA B 46 -30.56 -74.14 61.15
C ALA B 46 -31.93 -74.76 61.40
N ASP B 47 -32.06 -75.61 62.42
CA ASP B 47 -33.34 -76.20 62.77
C ASP B 47 -33.76 -75.91 64.20
N ALA B 48 -32.89 -76.15 65.17
CA ALA B 48 -33.30 -76.06 66.57
C ALA B 48 -33.47 -74.60 67.00
N ALA B 49 -32.51 -73.75 66.66
CA ALA B 49 -32.56 -72.29 66.81
C ALA B 49 -32.80 -71.88 68.26
N VAL B 50 -31.82 -72.22 69.10
CA VAL B 50 -31.89 -71.88 70.51
C VAL B 50 -31.56 -70.41 70.70
N SER B 51 -31.84 -69.88 71.88
CA SER B 51 -31.63 -68.47 72.16
C SER B 51 -30.40 -68.24 73.02
N THR B 52 -30.35 -68.82 74.21
CA THR B 52 -29.28 -68.62 75.15
C THR B 52 -28.76 -69.98 75.62
N ILE B 53 -27.49 -70.01 76.01
CA ILE B 53 -26.89 -71.19 76.61
C ILE B 53 -26.20 -70.75 77.89
N GLU B 54 -26.66 -71.25 79.02
CA GLU B 54 -26.03 -70.98 80.31
C GLU B 54 -25.04 -72.09 80.64
N ILE B 55 -23.80 -71.71 80.93
CA ILE B 55 -22.73 -72.66 81.18
C ILE B 55 -22.20 -72.41 82.58
N GLU B 56 -22.60 -73.27 83.51
CA GLU B 56 -22.00 -73.33 84.85
C GLU B 56 -20.88 -74.35 84.83
N ARG B 57 -20.13 -74.41 85.93
CA ARG B 57 -18.97 -75.29 85.94
C ARG B 57 -18.63 -75.77 87.34
N ALA B 58 -18.50 -77.08 87.48
CA ALA B 58 -18.07 -77.74 88.70
C ALA B 58 -16.55 -77.87 88.70
N ALA B 59 -16.00 -78.75 89.54
CA ALA B 59 -14.56 -78.92 89.63
C ALA B 59 -13.99 -79.55 88.36
N ASN B 60 -14.37 -80.79 88.06
CA ASN B 60 -13.86 -81.48 86.89
C ASN B 60 -14.96 -81.84 85.90
N ARG B 61 -16.11 -81.19 85.97
CA ARG B 61 -17.23 -81.53 85.11
C ARG B 61 -17.67 -80.32 84.31
N VAL B 62 -18.38 -80.61 83.22
CA VAL B 62 -18.98 -79.58 82.37
C VAL B 62 -20.49 -79.75 82.49
N ASN B 63 -21.16 -78.69 82.93
CA ASN B 63 -22.58 -78.72 83.28
C ASN B 63 -23.25 -77.56 82.56
N ILE B 64 -23.71 -77.80 81.34
CA ILE B 64 -24.30 -76.74 80.52
C ILE B 64 -25.80 -76.96 80.41
N SER B 65 -26.49 -75.96 79.88
CA SER B 65 -27.94 -75.97 79.74
C SER B 65 -28.32 -74.92 78.72
N ILE B 66 -29.43 -75.15 78.02
CA ILE B 66 -29.86 -74.26 76.95
C ILE B 66 -31.27 -73.78 77.24
N HIS B 67 -31.64 -72.70 76.54
CA HIS B 67 -33.01 -72.23 76.45
C HIS B 67 -33.42 -72.21 75.00
N THR B 68 -34.64 -72.67 74.71
CA THR B 68 -35.14 -72.62 73.35
C THR B 68 -36.66 -72.54 73.38
N ALA B 69 -37.23 -72.30 72.20
CA ALA B 69 -38.67 -72.33 72.02
C ALA B 69 -39.15 -73.53 71.22
N LYS B 70 -38.26 -74.21 70.50
CA LYS B 70 -38.61 -75.37 69.71
C LYS B 70 -38.01 -76.62 70.35
N PRO B 71 -38.76 -77.37 71.16
CA PRO B 71 -38.19 -78.55 71.82
C PRO B 71 -38.19 -79.80 70.96
N GLY B 72 -38.65 -79.72 69.71
CA GLY B 72 -38.80 -80.89 68.87
C GLY B 72 -37.51 -81.54 68.42
N MET B 73 -36.74 -80.85 67.58
CA MET B 73 -35.55 -81.44 66.99
C MET B 73 -34.38 -81.53 67.96
N VAL B 74 -34.45 -80.84 69.10
CA VAL B 74 -33.34 -80.88 70.02
C VAL B 74 -33.40 -82.14 70.91
N ILE B 75 -34.60 -82.65 71.19
CA ILE B 75 -34.70 -83.85 72.02
C ILE B 75 -34.60 -85.13 71.21
N GLY B 76 -34.45 -85.02 69.88
CA GLY B 76 -34.37 -86.19 69.03
C GLY B 76 -35.70 -86.91 68.93
N LYS B 77 -35.63 -88.17 68.52
CA LYS B 77 -36.83 -89.01 68.52
C LYS B 77 -37.03 -89.65 69.88
N GLY B 78 -35.97 -90.13 70.50
CA GLY B 78 -36.04 -90.73 71.82
C GLY B 78 -34.86 -90.35 72.68
N GLY B 79 -34.31 -89.16 72.46
CA GLY B 79 -33.09 -88.76 73.12
C GLY B 79 -31.82 -89.31 72.50
N SER B 80 -31.94 -90.00 71.36
CA SER B 80 -30.76 -90.58 70.72
C SER B 80 -29.90 -89.52 70.06
N GLU B 81 -30.52 -88.45 69.55
CA GLU B 81 -29.74 -87.33 69.03
C GLU B 81 -29.06 -86.55 70.15
N VAL B 82 -29.64 -86.56 71.35
CA VAL B 82 -29.10 -85.84 72.48
C VAL B 82 -27.75 -86.42 72.89
N GLU B 83 -27.67 -87.75 72.97
CA GLU B 83 -26.43 -88.40 73.35
C GLU B 83 -25.41 -88.30 72.22
N ASN B 84 -25.86 -88.24 70.98
CA ASN B 84 -24.96 -88.02 69.85
C ASN B 84 -24.34 -86.62 69.90
N LEU B 85 -25.14 -85.63 70.29
CA LEU B 85 -24.59 -84.29 70.46
C LEU B 85 -23.65 -84.22 71.64
N ARG B 86 -23.94 -84.99 72.70
CA ARG B 86 -23.00 -85.09 73.81
C ARG B 86 -21.67 -85.71 73.37
N LYS B 87 -21.73 -86.75 72.54
CA LYS B 87 -20.53 -87.40 72.04
C LYS B 87 -19.72 -86.48 71.14
N GLU B 88 -20.40 -85.79 70.22
CA GLU B 88 -19.69 -84.90 69.30
C GLU B 88 -19.16 -83.67 70.01
N LEU B 89 -19.81 -83.25 71.10
CA LEU B 89 -19.29 -82.13 71.87
C LEU B 89 -18.11 -82.57 72.72
N ASN B 90 -18.15 -83.81 73.22
CA ASN B 90 -17.07 -84.34 74.04
C ASN B 90 -15.85 -84.66 73.20
N LYS B 91 -16.05 -84.96 71.91
CA LYS B 91 -14.92 -85.15 70.99
C LYS B 91 -14.11 -83.87 70.83
N LEU B 92 -14.75 -82.71 70.94
CA LEU B 92 -14.05 -81.45 70.94
C LEU B 92 -13.58 -81.03 72.32
N THR B 93 -14.08 -81.68 73.37
CA THR B 93 -13.84 -81.26 74.74
C THR B 93 -12.98 -82.25 75.52
N GLY B 94 -13.29 -83.54 75.45
CA GLY B 94 -12.57 -84.53 76.24
C GLY B 94 -12.98 -84.57 77.69
N LYS B 95 -14.07 -83.92 78.06
CA LYS B 95 -14.43 -83.75 79.46
C LYS B 95 -15.93 -84.03 79.61
N ARG B 96 -16.33 -84.39 80.82
CA ARG B 96 -17.69 -84.88 81.09
C ARG B 96 -18.68 -83.74 80.95
N VAL B 97 -19.32 -83.67 79.81
CA VAL B 97 -20.36 -82.68 79.53
C VAL B 97 -21.71 -83.31 79.84
N HIS B 98 -22.60 -82.54 80.47
CA HIS B 98 -23.89 -83.04 80.94
C HIS B 98 -24.93 -82.00 80.54
N ILE B 99 -25.45 -82.15 79.32
CA ILE B 99 -26.27 -81.10 78.72
C ILE B 99 -27.69 -81.18 79.25
N ASN B 100 -28.48 -80.15 78.96
CA ASN B 100 -29.82 -80.00 79.52
C ASN B 100 -30.65 -79.20 78.53
N ILE B 101 -31.97 -79.34 78.63
CA ILE B 101 -32.90 -78.63 77.76
C ILE B 101 -33.97 -77.99 78.63
N VAL B 102 -34.09 -76.67 78.54
CA VAL B 102 -35.10 -75.90 79.24
C VAL B 102 -35.95 -75.17 78.20
N GLU B 103 -37.26 -75.33 78.28
CA GLU B 103 -38.19 -74.73 77.34
C GLU B 103 -38.68 -73.38 77.84
N ILE B 104 -38.67 -72.39 76.95
CA ILE B 104 -39.12 -71.05 77.29
C ILE B 104 -40.63 -70.99 77.08
N LYS B 105 -41.28 -70.08 77.81
CA LYS B 105 -42.71 -69.86 77.68
C LYS B 105 -42.95 -68.43 77.19
N LYS B 106 -44.14 -68.25 76.58
CA LYS B 106 -44.55 -67.09 75.79
C LYS B 106 -43.46 -66.84 74.75
N PRO B 107 -43.31 -67.73 73.76
CA PRO B 107 -42.07 -67.78 72.99
C PRO B 107 -41.93 -66.69 71.96
N ASP B 108 -43.00 -65.95 71.68
CA ASP B 108 -42.95 -64.90 70.67
C ASP B 108 -42.27 -63.65 71.22
N LEU B 109 -42.06 -63.57 72.52
CA LEU B 109 -41.54 -62.39 73.19
C LEU B 109 -40.04 -62.52 73.46
N ASP B 110 -39.33 -63.16 72.52
CA ASP B 110 -37.87 -63.27 72.58
C ASP B 110 -37.24 -62.00 72.02
N ALA B 111 -35.94 -62.07 71.80
CA ALA B 111 -35.24 -61.06 71.01
C ALA B 111 -34.59 -61.66 69.78
N LYS B 112 -33.83 -62.74 69.93
CA LYS B 112 -33.08 -63.29 68.80
C LYS B 112 -33.98 -64.02 67.82
N LEU B 113 -35.04 -64.66 68.32
CA LEU B 113 -35.89 -65.49 67.45
C LEU B 113 -36.73 -64.64 66.51
N VAL B 114 -37.22 -63.49 67.00
CA VAL B 114 -38.06 -62.63 66.16
C VAL B 114 -37.23 -61.97 65.08
N GLY B 115 -36.03 -61.49 65.43
CA GLY B 115 -35.12 -60.94 64.44
C GLY B 115 -34.62 -61.97 63.46
N GLU B 116 -34.44 -63.21 63.92
CA GLU B 116 -34.04 -64.29 63.02
C GLU B 116 -35.17 -64.64 62.06
N GLY B 117 -36.42 -64.60 62.54
CA GLY B 117 -37.55 -64.86 61.66
C GLY B 117 -37.75 -63.77 60.62
N ILE B 118 -37.58 -62.50 61.00
CA ILE B 118 -37.78 -61.45 60.00
C ILE B 118 -36.61 -61.39 59.05
N ALA B 119 -35.41 -61.79 59.49
CA ALA B 119 -34.31 -61.99 58.55
C ALA B 119 -34.58 -63.16 57.63
N ARG B 120 -35.33 -64.16 58.10
CA ARG B 120 -35.72 -65.28 57.24
C ARG B 120 -36.72 -64.85 56.18
N GLN B 121 -37.67 -63.98 56.53
CA GLN B 121 -38.52 -63.43 55.48
C GLN B 121 -37.75 -62.52 54.54
N LEU B 122 -36.72 -61.84 55.03
CA LEU B 122 -35.85 -61.07 54.13
C LEU B 122 -35.07 -61.99 53.20
N GLU B 123 -34.74 -63.20 53.64
CA GLU B 123 -34.04 -64.15 52.80
C GLU B 123 -34.98 -64.99 51.95
N ASN B 124 -36.24 -64.58 51.79
CA ASN B 124 -37.15 -65.18 50.83
C ASN B 124 -37.82 -64.15 49.94
N ARG B 125 -37.32 -62.90 49.93
CA ARG B 125 -37.85 -61.77 49.15
C ARG B 125 -39.32 -61.52 49.50
N VAL B 126 -39.51 -61.11 50.76
CA VAL B 126 -40.79 -60.67 51.29
C VAL B 126 -40.61 -59.23 51.75
N ALA B 127 -41.60 -58.38 51.46
CA ALA B 127 -41.44 -56.93 51.61
C ALA B 127 -41.26 -56.53 53.07
N PHE B 128 -40.39 -55.54 53.28
CA PHE B 128 -39.90 -55.24 54.63
C PHE B 128 -40.91 -54.51 55.49
N ARG B 129 -41.75 -53.66 54.89
CA ARG B 129 -42.68 -52.88 55.70
C ARG B 129 -43.79 -53.76 56.26
N ARG B 130 -44.40 -54.58 55.39
CA ARG B 130 -45.48 -55.46 55.83
C ARG B 130 -44.98 -56.50 56.82
N ALA B 131 -43.75 -56.98 56.65
CA ALA B 131 -43.22 -58.01 57.54
C ALA B 131 -42.92 -57.44 58.91
N GLN B 132 -42.33 -56.24 58.96
CA GLN B 132 -42.10 -55.57 60.23
C GLN B 132 -43.41 -55.26 60.94
N LYS B 133 -44.42 -54.81 60.20
CA LYS B 133 -45.68 -54.43 60.85
C LYS B 133 -46.44 -55.65 61.36
N GLN B 134 -46.49 -56.73 60.58
CA GLN B 134 -47.15 -57.93 61.06
C GLN B 134 -46.34 -58.57 62.19
N ALA B 135 -45.01 -58.40 62.18
CA ALA B 135 -44.19 -58.91 63.27
C ALA B 135 -44.42 -58.15 64.56
N ILE B 136 -44.48 -56.82 64.50
CA ILE B 136 -44.69 -56.07 65.72
C ILE B 136 -46.13 -56.19 66.20
N GLN B 137 -47.07 -56.47 65.31
CA GLN B 137 -48.43 -56.74 65.77
C GLN B 137 -48.51 -58.10 66.44
N ARG B 138 -47.90 -59.13 65.85
CA ARG B 138 -47.97 -60.45 66.46
C ARG B 138 -47.10 -60.54 67.72
N ALA B 139 -46.15 -59.63 67.89
CA ALA B 139 -45.50 -59.47 69.19
C ALA B 139 -46.37 -58.69 70.17
N MET B 140 -47.13 -57.72 69.67
CA MET B 140 -48.09 -57.02 70.53
C MET B 140 -49.27 -57.91 70.90
N ARG B 141 -49.61 -58.85 70.01
CA ARG B 141 -50.63 -59.85 70.34
C ARG B 141 -50.17 -60.78 71.47
N ALA B 142 -48.86 -60.96 71.62
CA ALA B 142 -48.34 -61.77 72.72
C ALA B 142 -48.53 -61.11 74.08
N GLY B 143 -48.67 -59.78 74.11
CA GLY B 143 -48.81 -59.07 75.37
C GLY B 143 -47.48 -58.53 75.85
N ALA B 144 -47.28 -57.23 75.70
CA ALA B 144 -46.01 -56.60 76.04
C ALA B 144 -46.29 -55.16 76.43
N LYS B 145 -45.25 -54.32 76.40
CA LYS B 145 -45.42 -52.90 76.56
C LYS B 145 -44.81 -52.09 75.42
N GLY B 146 -44.10 -52.73 74.49
CA GLY B 146 -43.58 -52.02 73.35
C GLY B 146 -42.53 -52.77 72.57
N ILE B 147 -42.46 -52.51 71.26
CA ILE B 147 -41.46 -53.11 70.37
C ILE B 147 -40.95 -52.00 69.45
N LYS B 148 -39.63 -51.87 69.37
CA LYS B 148 -38.97 -51.02 68.41
C LYS B 148 -38.30 -51.91 67.35
N THR B 149 -38.28 -51.44 66.10
CA THR B 149 -37.72 -52.21 65.00
C THR B 149 -37.00 -51.26 64.06
N GLN B 150 -35.91 -51.71 63.44
CA GLN B 150 -35.19 -50.91 62.46
C GLN B 150 -34.41 -51.84 61.54
N VAL B 151 -34.44 -51.54 60.23
CA VAL B 151 -33.69 -52.27 59.22
C VAL B 151 -32.90 -51.27 58.39
N SER B 152 -31.77 -51.72 57.84
CA SER B 152 -30.86 -50.84 57.14
C SER B 152 -30.18 -51.59 55.99
N GLY B 153 -29.41 -50.85 55.21
CA GLY B 153 -28.71 -51.39 54.07
C GLY B 153 -29.36 -51.00 52.76
N ARG B 154 -29.06 -51.80 51.73
CA ARG B 154 -29.69 -51.66 50.42
C ARG B 154 -31.05 -52.35 50.49
N LEU B 155 -32.07 -51.60 50.88
CA LEU B 155 -33.38 -52.15 51.14
C LEU B 155 -34.07 -52.59 49.85
N ASN B 156 -34.69 -53.77 49.91
CA ASN B 156 -35.61 -54.29 48.90
C ASN B 156 -34.93 -54.45 47.54
N GLY B 157 -33.65 -54.83 47.56
CA GLY B 157 -32.89 -55.07 46.35
C GLY B 157 -32.66 -53.83 45.53
N ALA B 158 -32.30 -52.73 46.16
CA ALA B 158 -32.20 -51.45 45.46
C ALA B 158 -30.78 -50.90 45.59
N ASP B 159 -30.62 -49.66 45.14
CA ASP B 159 -29.38 -48.91 45.17
C ASP B 159 -29.11 -48.34 46.56
N ILE B 160 -28.29 -47.27 46.59
CA ILE B 160 -27.63 -46.66 47.75
C ILE B 160 -28.51 -46.58 49.00
N ALA B 161 -27.89 -46.86 50.14
CA ALA B 161 -28.58 -47.41 51.29
C ALA B 161 -29.49 -46.40 51.98
N ARG B 162 -30.68 -46.85 52.34
CA ARG B 162 -31.56 -46.20 53.29
C ARG B 162 -31.59 -47.00 54.57
N SER B 163 -32.28 -46.46 55.57
CA SER B 163 -32.38 -47.13 56.86
C SER B 163 -33.63 -46.61 57.54
N GLU B 164 -34.55 -47.51 57.86
CA GLU B 164 -35.85 -47.08 58.33
C GLU B 164 -36.51 -48.22 59.10
N GLY B 165 -37.25 -47.85 60.13
CA GLY B 165 -37.90 -48.83 60.99
C GLY B 165 -39.06 -48.22 61.74
N TYR B 166 -39.83 -49.07 62.38
CA TYR B 166 -41.13 -48.69 62.92
C TYR B 166 -41.25 -49.16 64.36
N SER B 167 -42.12 -48.51 65.12
CA SER B 167 -42.22 -48.77 66.54
C SER B 167 -43.64 -48.56 67.01
N GLU B 168 -43.98 -49.21 68.12
CA GLU B 168 -45.27 -49.04 68.76
C GLU B 168 -45.15 -49.43 70.22
N GLY B 169 -46.05 -48.89 71.02
CA GLY B 169 -45.96 -49.05 72.46
C GLY B 169 -44.93 -48.11 73.05
N THR B 170 -44.67 -48.27 74.35
CA THR B 170 -43.66 -47.48 75.02
C THR B 170 -42.40 -48.31 75.18
N VAL B 171 -41.26 -47.62 75.26
CA VAL B 171 -39.97 -48.27 75.46
C VAL B 171 -39.04 -47.30 76.20
N PRO B 172 -38.96 -47.40 77.52
CA PRO B 172 -38.02 -46.54 78.24
C PRO B 172 -36.61 -47.05 78.09
N LEU B 173 -35.85 -46.41 77.22
CA LEU B 173 -34.53 -46.93 76.89
C LEU B 173 -33.48 -46.48 77.91
N HIS B 174 -33.63 -45.25 78.36
CA HIS B 174 -32.60 -44.53 79.11
C HIS B 174 -32.69 -44.81 80.61
N THR B 175 -33.53 -45.76 81.01
CA THR B 175 -33.81 -46.05 82.41
C THR B 175 -33.27 -47.42 82.77
N LEU B 176 -32.95 -47.60 84.05
CA LEU B 176 -32.23 -48.80 84.49
C LEU B 176 -33.11 -49.84 85.15
N ARG B 177 -34.32 -49.48 85.58
CA ARG B 177 -35.27 -50.49 86.04
C ARG B 177 -36.15 -50.92 84.87
N ALA B 178 -35.48 -51.56 83.91
CA ALA B 178 -36.03 -51.73 82.57
C ALA B 178 -36.38 -53.19 82.24
N ASP B 179 -35.39 -54.09 82.33
CA ASP B 179 -35.50 -55.49 81.89
C ASP B 179 -35.98 -55.57 80.45
N ILE B 180 -35.14 -55.05 79.54
CA ILE B 180 -35.43 -55.08 78.13
C ILE B 180 -34.51 -56.09 77.46
N ASP B 181 -34.77 -56.37 76.20
CA ASP B 181 -33.96 -57.30 75.43
C ASP B 181 -33.50 -56.61 74.15
N TYR B 182 -32.65 -57.30 73.39
CA TYR B 182 -32.01 -56.71 72.23
C TYR B 182 -31.41 -57.83 71.39
N ALA B 183 -31.43 -57.65 70.08
CA ALA B 183 -30.82 -58.62 69.19
C ALA B 183 -30.52 -57.97 67.85
N TRP B 184 -29.36 -58.29 67.31
CA TRP B 184 -28.96 -57.89 65.98
C TRP B 184 -28.73 -59.14 65.13
N GLU B 185 -29.16 -59.09 63.88
CA GLU B 185 -28.91 -60.18 62.96
C GLU B 185 -28.73 -59.64 61.56
N GLU B 186 -27.78 -60.21 60.83
CA GLU B 186 -27.57 -59.88 59.43
C GLU B 186 -28.73 -60.38 58.56
N ALA B 187 -28.70 -59.96 57.31
CA ALA B 187 -29.64 -60.44 56.31
C ALA B 187 -29.01 -60.23 54.94
N ASP B 188 -29.24 -61.19 54.04
CA ASP B 188 -28.91 -60.99 52.64
C ASP B 188 -29.79 -61.89 51.79
N THR B 189 -30.46 -61.30 50.80
CA THR B 189 -31.11 -62.13 49.80
C THR B 189 -30.08 -62.56 48.77
N THR B 190 -29.57 -61.63 47.97
CA THR B 190 -28.36 -61.85 47.21
C THR B 190 -27.54 -60.58 47.10
N TYR B 191 -28.15 -59.44 47.42
CA TYR B 191 -27.56 -58.13 47.16
C TYR B 191 -26.97 -57.57 48.43
N GLY B 192 -25.63 -57.50 48.48
CA GLY B 192 -24.96 -56.85 49.59
C GLY B 192 -25.11 -57.63 50.87
N LYS B 193 -25.65 -56.95 51.88
CA LYS B 193 -25.92 -57.49 53.20
C LYS B 193 -26.75 -56.48 53.96
N LEU B 194 -27.71 -56.96 54.75
CA LEU B 194 -28.59 -56.10 55.51
C LEU B 194 -28.46 -56.41 57.00
N GLY B 195 -29.30 -55.76 57.79
CA GLY B 195 -29.28 -55.97 59.23
C GLY B 195 -30.58 -55.58 59.90
N VAL B 196 -31.02 -56.39 60.86
CA VAL B 196 -32.25 -56.11 61.59
C VAL B 196 -31.92 -55.95 63.07
N LYS B 197 -32.68 -55.09 63.72
CA LYS B 197 -32.56 -54.86 65.16
C LYS B 197 -33.96 -54.87 65.76
N VAL B 198 -34.05 -55.27 67.03
CA VAL B 198 -35.33 -55.59 67.62
C VAL B 198 -35.26 -55.38 69.12
N TRP B 199 -36.36 -54.92 69.71
CA TRP B 199 -36.41 -54.44 71.08
C TRP B 199 -37.73 -54.90 71.68
N ILE B 200 -37.73 -55.17 72.99
CA ILE B 200 -38.96 -55.34 73.74
C ILE B 200 -38.85 -54.55 75.04
N TYR B 201 -39.96 -54.49 75.77
CA TYR B 201 -39.98 -53.93 77.11
C TYR B 201 -41.18 -54.51 77.86
N ARG B 202 -40.95 -54.92 79.10
CA ARG B 202 -42.00 -55.57 79.88
C ARG B 202 -41.96 -55.20 81.34
N GLY B 203 -41.39 -54.05 81.69
CA GLY B 203 -41.22 -53.66 83.07
C GLY B 203 -40.08 -54.43 83.73
N GLU B 204 -39.77 -54.03 84.96
CA GLU B 204 -38.70 -54.69 85.70
C GLU B 204 -39.17 -56.05 86.20
N SER C 1 -68.47 -65.81 12.45
CA SER C 1 -69.15 -66.65 13.42
C SER C 1 -69.84 -65.76 14.41
N ARG C 2 -70.77 -66.36 15.15
CA ARG C 2 -71.42 -65.70 16.27
C ARG C 2 -71.05 -66.37 17.59
N TYR C 3 -69.97 -67.15 17.57
CA TYR C 3 -69.46 -67.91 18.71
C TYR C 3 -68.01 -68.25 18.43
N THR C 4 -67.12 -67.89 19.35
CA THR C 4 -65.69 -67.99 19.12
C THR C 4 -64.96 -68.69 20.26
N GLY C 5 -65.53 -69.76 20.79
CA GLY C 5 -64.87 -70.48 21.87
C GLY C 5 -65.64 -71.68 22.35
N PRO C 6 -65.23 -72.23 23.50
CA PRO C 6 -65.93 -73.38 24.09
C PRO C 6 -67.18 -73.00 24.85
N SER C 7 -67.42 -71.70 25.06
CA SER C 7 -68.44 -71.14 25.98
C SER C 7 -68.23 -71.60 27.42
N TRP C 8 -67.01 -72.03 27.75
CA TRP C 8 -66.64 -72.43 29.09
C TRP C 8 -65.49 -71.59 29.62
N LYS C 9 -64.43 -71.41 28.81
CA LYS C 9 -63.41 -70.43 29.16
C LYS C 9 -63.97 -69.03 29.12
N VAL C 10 -64.85 -68.75 28.16
CA VAL C 10 -65.45 -67.44 28.05
C VAL C 10 -66.44 -67.19 29.19
N SER C 11 -67.28 -68.17 29.50
CA SER C 11 -68.24 -68.02 30.59
C SER C 11 -67.63 -68.25 31.97
N ARG C 12 -66.34 -68.63 32.04
CA ARG C 12 -65.67 -68.70 33.33
C ARG C 12 -65.40 -67.31 33.88
N ARG C 13 -64.81 -66.44 33.06
CA ARG C 13 -64.49 -65.06 33.42
C ARG C 13 -65.72 -64.32 33.91
N LEU C 14 -66.86 -64.57 33.28
CA LEU C 14 -68.11 -64.00 33.78
C LEU C 14 -68.58 -64.79 34.99
N GLY C 15 -68.99 -66.03 34.80
CA GLY C 15 -69.57 -66.82 35.87
C GLY C 15 -70.85 -66.24 36.45
N ILE C 16 -71.90 -66.15 35.64
CA ILE C 16 -73.23 -65.71 36.07
C ILE C 16 -74.20 -66.82 35.65
N SER C 17 -75.40 -66.83 36.27
CA SER C 17 -76.39 -67.90 36.12
C SER C 17 -76.78 -68.16 34.67
N LEU C 18 -76.74 -67.14 33.82
CA LEU C 18 -77.02 -67.19 32.37
C LEU C 18 -78.39 -67.79 32.06
N SER C 19 -79.47 -67.06 32.39
CA SER C 19 -79.55 -65.77 33.07
C SER C 19 -80.50 -65.91 34.24
N GLY C 20 -81.58 -66.63 33.99
CA GLY C 20 -82.64 -66.83 34.96
C GLY C 20 -82.49 -68.15 35.70
N THR C 21 -81.25 -68.43 36.12
CA THR C 21 -80.82 -69.70 36.73
C THR C 21 -81.11 -70.89 35.81
N GLY C 22 -80.68 -70.76 34.55
CA GLY C 22 -80.51 -71.92 33.70
C GLY C 22 -79.11 -72.43 33.94
N LYS C 23 -78.98 -73.44 34.81
CA LYS C 23 -77.74 -73.71 35.50
C LYS C 23 -76.89 -74.73 34.76
N GLU C 24 -75.62 -74.40 34.61
CA GLU C 24 -74.64 -75.25 33.95
C GLU C 24 -73.34 -75.28 34.75
N LEU C 25 -73.38 -74.80 35.99
CA LEU C 25 -72.20 -74.68 36.83
C LEU C 25 -71.63 -76.05 37.19
N ALA C 26 -70.36 -76.26 36.84
CA ALA C 26 -69.57 -77.32 37.43
C ALA C 26 -68.39 -76.77 38.21
N ARG C 27 -67.49 -76.04 37.56
CA ARG C 27 -66.30 -75.46 38.17
C ARG C 27 -66.04 -74.07 37.59
N ARG C 28 -67.09 -73.23 37.55
CA ARG C 28 -66.93 -71.89 37.00
C ARG C 28 -66.03 -70.97 37.84
N PRO C 29 -66.32 -70.69 39.17
CA PRO C 29 -65.84 -69.41 39.75
C PRO C 29 -64.34 -69.24 40.01
N TYR C 30 -63.46 -70.15 39.61
CA TYR C 30 -62.05 -69.83 39.77
C TYR C 30 -61.48 -69.21 38.49
N LYS C 31 -60.37 -68.51 38.66
CA LYS C 31 -59.96 -67.48 37.71
C LYS C 31 -59.45 -68.07 36.40
N PRO C 32 -59.70 -67.40 35.27
CA PRO C 32 -59.21 -67.91 33.98
C PRO C 32 -57.73 -67.63 33.79
N GLY C 33 -57.23 -68.11 32.67
CA GLY C 33 -55.86 -67.85 32.27
C GLY C 33 -54.85 -68.56 33.15
N GLN C 34 -53.61 -68.08 33.07
CA GLN C 34 -52.51 -68.57 33.89
C GLN C 34 -52.02 -67.51 34.87
N HIS C 35 -52.81 -66.47 35.08
CA HIS C 35 -52.75 -65.68 36.30
C HIS C 35 -53.58 -66.32 37.40
N GLY C 36 -54.40 -67.31 37.02
CA GLY C 36 -55.35 -68.01 37.88
C GLY C 36 -54.95 -68.40 39.28
N PRO C 37 -53.82 -69.10 39.47
CA PRO C 37 -53.39 -69.42 40.83
C PRO C 37 -52.91 -68.23 41.64
N ASN C 38 -52.73 -67.07 41.03
CA ASN C 38 -52.32 -65.87 41.74
C ASN C 38 -53.48 -64.89 41.81
N SER C 39 -53.24 -63.77 42.48
CA SER C 39 -54.29 -62.80 42.78
C SER C 39 -54.30 -61.70 41.73
N ARG C 40 -55.27 -60.80 41.87
CA ARG C 40 -55.38 -59.64 41.00
C ARG C 40 -55.96 -58.48 41.81
N GLY C 41 -55.78 -57.27 41.27
CA GLY C 41 -56.15 -56.06 41.97
C GLY C 41 -57.62 -55.74 41.89
N LYS C 42 -57.95 -54.47 42.12
CA LYS C 42 -59.34 -54.05 42.12
C LYS C 42 -59.84 -53.84 40.70
N VAL C 43 -61.13 -53.56 40.58
CA VAL C 43 -61.80 -53.39 39.30
C VAL C 43 -62.27 -51.95 39.19
N SER C 44 -61.88 -51.29 38.11
CA SER C 44 -62.38 -49.96 37.81
C SER C 44 -63.88 -50.02 37.50
N GLU C 45 -64.56 -48.89 37.66
CA GLU C 45 -65.99 -48.90 37.34
C GLU C 45 -66.25 -48.97 35.84
N TYR C 46 -65.24 -48.75 35.01
CA TYR C 46 -65.37 -49.04 33.60
C TYR C 46 -65.36 -50.55 33.35
N GLY C 47 -64.55 -51.28 34.12
CA GLY C 47 -64.44 -52.72 33.92
C GLY C 47 -65.68 -53.49 34.32
N MET C 48 -66.37 -53.05 35.37
CA MET C 48 -67.61 -53.69 35.77
C MET C 48 -68.69 -53.52 34.70
N GLN C 49 -68.79 -52.32 34.14
CA GLN C 49 -69.74 -52.07 33.06
C GLN C 49 -69.37 -52.83 31.80
N LEU C 50 -68.06 -52.99 31.55
CA LEU C 50 -67.62 -53.80 30.41
C LEU C 50 -68.01 -55.26 30.58
N THR C 51 -67.81 -55.81 31.77
CA THR C 51 -68.19 -57.19 32.01
C THR C 51 -69.70 -57.38 31.98
N GLU C 52 -70.46 -56.35 32.37
CA GLU C 52 -71.92 -56.41 32.21
C GLU C 52 -72.31 -56.49 30.74
N LYS C 53 -71.68 -55.68 29.88
CA LYS C 53 -71.99 -55.74 28.46
C LYS C 53 -71.60 -57.07 27.85
N GLN C 54 -70.38 -57.53 28.13
CA GLN C 54 -69.92 -58.82 27.60
C GLN C 54 -70.70 -60.00 28.17
N LYS C 55 -71.29 -59.84 29.36
CA LYS C 55 -72.24 -60.81 29.86
C LYS C 55 -73.49 -60.85 29.00
N LEU C 56 -74.11 -59.69 28.79
CA LEU C 56 -75.31 -59.75 27.94
C LEU C 56 -74.99 -59.97 26.45
N ARG C 57 -73.74 -60.04 26.00
CA ARG C 57 -73.43 -60.35 24.61
C ARG C 57 -73.19 -61.83 24.38
N HIS C 58 -72.43 -62.51 25.23
CA HIS C 58 -72.23 -63.94 25.08
C HIS C 58 -73.43 -64.76 25.53
N MET C 59 -74.41 -64.14 26.19
CA MET C 59 -75.69 -64.79 26.40
C MET C 59 -76.37 -65.11 25.09
N TYR C 60 -76.76 -64.07 24.37
CA TYR C 60 -77.52 -64.25 23.15
C TYR C 60 -76.62 -64.53 21.96
N GLY C 61 -75.68 -63.64 21.69
CA GLY C 61 -74.86 -63.70 20.50
C GLY C 61 -75.16 -62.63 19.47
N MET C 62 -76.09 -61.71 19.76
CA MET C 62 -76.53 -60.73 18.76
C MET C 62 -75.54 -59.57 18.69
N ASN C 63 -75.95 -58.49 18.03
CA ASN C 63 -75.05 -57.41 17.64
C ASN C 63 -75.23 -56.19 18.53
N GLU C 64 -74.23 -55.30 18.44
CA GLU C 64 -74.41 -53.92 18.89
C GLU C 64 -75.48 -53.22 18.08
N ARG C 65 -75.48 -53.42 16.76
CA ARG C 65 -76.13 -52.50 15.84
C ARG C 65 -77.66 -52.57 15.88
N GLN C 66 -78.22 -53.63 16.43
CA GLN C 66 -79.66 -53.71 16.57
C GLN C 66 -80.12 -53.38 17.99
N PHE C 67 -79.20 -53.49 18.95
CA PHE C 67 -79.49 -53.18 20.35
C PHE C 67 -79.83 -51.70 20.50
N ARG C 68 -79.17 -50.84 19.74
CA ARG C 68 -79.42 -49.41 19.78
C ARG C 68 -80.83 -49.09 19.30
N THR C 69 -81.20 -49.64 18.14
CA THR C 69 -82.50 -49.37 17.54
C THR C 69 -83.63 -49.96 18.35
N LEU C 70 -83.41 -51.14 18.92
CA LEU C 70 -84.40 -51.71 19.82
C LEU C 70 -84.47 -50.94 21.12
N PHE C 71 -83.38 -50.28 21.51
CA PHE C 71 -83.36 -49.46 22.71
C PHE C 71 -84.09 -48.15 22.52
N ILE C 72 -84.12 -47.60 21.29
CA ILE C 72 -84.71 -46.29 21.08
C ILE C 72 -86.23 -46.33 21.21
N LYS C 73 -86.87 -47.34 20.61
CA LYS C 73 -88.32 -47.30 20.44
C LYS C 73 -89.12 -47.61 21.69
N ALA C 74 -88.51 -47.72 22.86
CA ALA C 74 -89.29 -47.88 24.07
C ALA C 74 -89.83 -46.57 24.62
N SER C 75 -89.44 -45.44 24.02
CA SER C 75 -90.01 -44.14 24.37
C SER C 75 -91.24 -43.82 23.53
N LYS C 76 -91.83 -44.83 22.90
CA LYS C 76 -93.07 -44.66 22.14
C LYS C 76 -94.25 -44.40 23.08
N ILE C 77 -94.14 -44.82 24.33
CA ILE C 77 -95.20 -44.60 25.32
C ILE C 77 -95.34 -43.12 25.63
N LYS C 78 -94.23 -42.46 25.97
CA LYS C 78 -94.05 -41.06 26.36
C LYS C 78 -94.76 -40.68 27.66
N GLU C 79 -95.37 -41.62 28.38
CA GLU C 79 -95.74 -41.46 29.78
C GLU C 79 -95.32 -42.75 30.49
N GLY C 80 -94.06 -42.82 30.90
CA GLY C 80 -93.52 -44.04 31.45
C GLY C 80 -91.99 -44.00 31.42
N LYS C 81 -91.40 -45.18 31.59
CA LYS C 81 -89.96 -45.31 31.78
C LYS C 81 -89.33 -46.10 30.65
N HIS C 82 -88.08 -45.77 30.34
CA HIS C 82 -87.46 -46.19 29.08
C HIS C 82 -86.88 -47.59 29.15
N GLY C 83 -85.87 -47.80 30.01
CA GLY C 83 -85.17 -49.06 30.09
C GLY C 83 -86.03 -50.20 30.61
N VAL C 84 -87.07 -49.88 31.37
CA VAL C 84 -88.05 -50.89 31.77
C VAL C 84 -88.88 -51.32 30.57
N ASN C 85 -89.41 -50.35 29.82
CA ASN C 85 -90.09 -50.66 28.57
C ASN C 85 -89.14 -51.23 27.53
N PHE C 86 -87.86 -50.89 27.61
CA PHE C 86 -86.87 -51.59 26.78
C PHE C 86 -86.75 -53.05 27.17
N MET C 87 -86.79 -53.35 28.47
CA MET C 87 -86.73 -54.73 28.90
C MET C 87 -88.00 -55.48 28.49
N VAL C 88 -89.11 -54.76 28.40
CA VAL C 88 -90.34 -55.31 27.82
C VAL C 88 -90.11 -55.66 26.35
N LEU C 89 -89.70 -54.68 25.56
CA LEU C 89 -89.53 -54.83 24.12
C LEU C 89 -88.37 -55.76 23.76
N LEU C 90 -87.44 -55.98 24.68
CA LEU C 90 -86.28 -56.83 24.48
C LEU C 90 -86.67 -58.31 24.43
N GLU C 91 -87.85 -58.65 24.94
CA GLU C 91 -88.28 -60.04 24.98
C GLU C 91 -89.55 -60.30 24.16
N GLN C 92 -89.91 -59.42 23.23
CA GLN C 92 -90.89 -59.76 22.20
C GLN C 92 -90.23 -60.30 20.94
N ARG C 93 -88.97 -60.70 21.05
CA ARG C 93 -88.24 -61.30 19.95
C ARG C 93 -88.82 -62.66 19.63
N LEU C 94 -88.76 -63.03 18.34
CA LEU C 94 -89.18 -64.36 17.93
C LEU C 94 -88.31 -65.43 18.56
N ASP C 95 -87.04 -65.11 18.84
CA ASP C 95 -86.23 -66.00 19.67
C ASP C 95 -86.73 -66.01 21.11
N ASN C 96 -87.09 -64.84 21.65
CA ASN C 96 -87.56 -64.74 23.03
C ASN C 96 -88.92 -65.39 23.24
N VAL C 97 -89.80 -65.39 22.23
CA VAL C 97 -91.08 -66.08 22.34
C VAL C 97 -90.85 -67.60 22.38
N VAL C 98 -89.80 -68.09 21.74
CA VAL C 98 -89.44 -69.50 21.88
C VAL C 98 -88.95 -69.77 23.31
N TYR C 99 -88.01 -68.97 23.80
CA TYR C 99 -87.34 -69.38 25.03
C TYR C 99 -88.19 -69.12 26.27
N ARG C 100 -88.67 -67.90 26.48
CA ARG C 100 -89.29 -67.55 27.76
C ARG C 100 -90.74 -68.02 27.89
N LEU C 101 -91.26 -68.80 26.94
CA LEU C 101 -92.64 -69.28 26.97
C LEU C 101 -92.76 -70.78 27.10
N GLY C 102 -92.03 -71.55 26.29
CA GLY C 102 -92.20 -72.99 26.30
C GLY C 102 -92.54 -73.61 24.95
N LEU C 103 -92.09 -72.96 23.88
CA LEU C 103 -92.20 -73.55 22.54
C LEU C 103 -91.09 -74.54 22.24
N ALA C 104 -89.87 -74.30 22.73
CA ALA C 104 -88.79 -75.27 22.65
C ALA C 104 -87.89 -75.04 23.86
N THR C 105 -86.76 -75.73 23.89
CA THR C 105 -85.94 -75.67 25.09
C THR C 105 -85.10 -74.39 25.17
N THR C 106 -84.12 -74.24 24.30
CA THR C 106 -83.10 -73.24 24.54
C THR C 106 -83.07 -72.21 23.43
N ARG C 107 -82.38 -71.10 23.73
CA ARG C 107 -82.28 -69.97 22.81
C ARG C 107 -81.49 -70.34 21.56
N ARG C 108 -80.53 -71.25 21.69
CA ARG C 108 -79.80 -71.68 20.51
C ARG C 108 -80.61 -72.66 19.69
N GLN C 109 -81.54 -73.40 20.32
CA GLN C 109 -82.51 -74.18 19.56
C GLN C 109 -83.42 -73.28 18.74
N ALA C 110 -83.89 -72.20 19.38
CA ALA C 110 -84.59 -71.12 18.67
C ALA C 110 -83.80 -70.60 17.49
N ARG C 111 -82.57 -70.14 17.72
CA ARG C 111 -81.83 -69.41 16.68
C ARG C 111 -81.32 -70.34 15.58
N GLN C 112 -80.90 -71.57 15.91
CA GLN C 112 -80.53 -72.53 14.87
C GLN C 112 -81.75 -72.97 14.05
N LEU C 113 -82.91 -73.12 14.69
CA LEU C 113 -84.10 -73.51 13.96
C LEU C 113 -84.61 -72.37 13.09
N VAL C 114 -84.35 -71.12 13.49
CA VAL C 114 -84.79 -69.96 12.73
C VAL C 114 -83.61 -69.31 11.98
N ASN C 115 -82.52 -70.06 11.79
CA ASN C 115 -81.42 -69.57 10.98
C ASN C 115 -81.51 -70.06 9.55
N HIS C 116 -82.13 -71.23 9.35
CA HIS C 116 -82.30 -71.79 8.02
C HIS C 116 -83.74 -71.71 7.52
N GLY C 117 -84.72 -71.69 8.42
CA GLY C 117 -86.11 -71.53 8.04
C GLY C 117 -87.02 -72.69 8.38
N HIS C 118 -86.68 -73.45 9.43
CA HIS C 118 -87.44 -74.65 9.74
C HIS C 118 -88.55 -74.41 10.74
N ILE C 119 -89.20 -73.24 10.67
CA ILE C 119 -90.47 -72.98 11.32
C ILE C 119 -91.41 -72.33 10.32
N THR C 120 -92.68 -72.32 10.68
CA THR C 120 -93.70 -71.54 9.99
C THR C 120 -94.44 -70.72 11.02
N VAL C 121 -94.99 -69.60 10.58
CA VAL C 121 -95.81 -68.74 11.42
C VAL C 121 -96.92 -68.16 10.57
N ASP C 122 -98.14 -68.16 11.12
CA ASP C 122 -99.28 -67.34 10.69
C ASP C 122 -99.83 -67.72 9.31
N GLY C 123 -99.20 -68.65 8.58
CA GLY C 123 -99.64 -68.98 7.24
C GLY C 123 -98.55 -69.42 6.28
N LYS C 124 -97.31 -68.97 6.47
CA LYS C 124 -96.22 -69.36 5.57
C LYS C 124 -94.94 -69.59 6.35
N ARG C 125 -93.94 -70.15 5.68
CA ARG C 125 -92.62 -70.35 6.25
C ARG C 125 -91.92 -69.02 6.46
N VAL C 126 -91.17 -68.91 7.58
CA VAL C 126 -90.42 -67.73 7.93
C VAL C 126 -88.99 -68.15 8.28
N ASP C 127 -88.08 -67.17 8.34
CA ASP C 127 -86.70 -67.44 8.72
C ASP C 127 -86.10 -66.31 9.55
N ILE C 128 -86.86 -65.30 9.95
CA ILE C 128 -86.29 -64.08 10.51
C ILE C 128 -86.09 -64.27 12.01
N PRO C 129 -84.86 -64.13 12.54
CA PRO C 129 -84.66 -64.43 13.95
C PRO C 129 -85.23 -63.39 14.88
N SER C 130 -85.16 -62.11 14.50
CA SER C 130 -85.51 -61.01 15.40
C SER C 130 -86.90 -60.48 15.13
N TYR C 131 -87.87 -61.34 14.83
CA TYR C 131 -89.19 -60.85 14.50
C TYR C 131 -89.90 -60.28 15.71
N HIS C 132 -90.42 -59.06 15.54
CA HIS C 132 -91.20 -58.36 16.55
C HIS C 132 -92.58 -59.03 16.63
N VAL C 133 -92.66 -60.06 17.45
CA VAL C 133 -93.91 -60.77 17.67
C VAL C 133 -94.84 -59.87 18.47
N GLU C 134 -96.10 -59.76 18.03
CA GLU C 134 -97.09 -58.94 18.71
C GLU C 134 -98.22 -59.82 19.26
N VAL C 135 -99.27 -59.15 19.73
CA VAL C 135 -100.34 -59.82 20.47
C VAL C 135 -101.20 -60.63 19.52
N GLY C 136 -101.44 -61.89 19.87
CA GLY C 136 -102.35 -62.73 19.11
C GLY C 136 -101.72 -63.43 17.93
N GLN C 137 -100.40 -63.61 17.94
CA GLN C 137 -99.68 -64.18 16.81
C GLN C 137 -99.27 -65.61 17.13
N VAL C 138 -99.97 -66.57 16.53
CA VAL C 138 -99.66 -67.99 16.69
C VAL C 138 -98.36 -68.27 15.96
N ILE C 139 -97.31 -68.54 16.72
CA ILE C 139 -96.02 -68.94 16.17
C ILE C 139 -95.91 -70.45 16.20
N GLY C 140 -95.65 -71.05 15.04
CA GLY C 140 -95.50 -72.49 14.94
C GLY C 140 -94.04 -72.90 14.79
N VAL C 141 -93.86 -74.21 14.67
CA VAL C 141 -92.54 -74.83 14.66
C VAL C 141 -92.35 -75.69 13.41
N ARG C 142 -92.84 -75.19 12.26
CA ARG C 142 -92.98 -75.92 11.00
C ARG C 142 -93.97 -77.07 11.20
N GLU C 143 -95.25 -76.68 11.28
CA GLU C 143 -96.38 -77.60 11.44
C GLU C 143 -96.48 -78.69 10.37
N LYS C 144 -95.81 -78.53 9.22
CA LYS C 144 -95.77 -79.58 8.23
C LYS C 144 -94.98 -80.81 8.70
N SER C 145 -94.10 -80.65 9.69
CA SER C 145 -93.44 -81.80 10.31
C SER C 145 -93.26 -81.59 11.81
N GLN C 146 -94.16 -80.86 12.46
CA GLN C 146 -93.96 -80.53 13.87
C GLN C 146 -94.23 -81.71 14.80
N ASN C 147 -94.87 -82.76 14.30
CA ASN C 147 -95.23 -83.89 15.12
C ASN C 147 -94.10 -84.90 15.26
N ILE C 148 -92.89 -84.56 14.82
CA ILE C 148 -91.70 -85.30 15.23
C ILE C 148 -91.54 -85.11 16.73
N SER C 149 -91.16 -86.19 17.42
CA SER C 149 -91.26 -86.25 18.88
C SER C 149 -90.25 -85.37 19.61
N THR C 150 -89.21 -84.89 18.92
CA THR C 150 -88.24 -84.01 19.59
C THR C 150 -88.83 -82.64 19.87
N ILE C 151 -89.84 -82.22 19.10
CA ILE C 151 -90.56 -80.98 19.38
C ILE C 151 -91.31 -81.10 20.69
N LYS C 152 -92.08 -82.18 20.86
CA LYS C 152 -92.75 -82.44 22.12
C LYS C 152 -91.82 -82.96 23.19
N GLU C 153 -90.59 -83.36 22.84
CA GLU C 153 -89.53 -83.49 23.83
C GLU C 153 -89.14 -82.12 24.37
N ALA C 154 -89.17 -81.10 23.52
CA ALA C 154 -88.77 -79.77 23.94
C ALA C 154 -89.88 -79.06 24.72
N VAL C 155 -91.15 -79.31 24.38
CA VAL C 155 -92.26 -78.55 24.98
C VAL C 155 -92.45 -78.89 26.45
N GLU C 156 -92.18 -80.14 26.86
CA GLU C 156 -92.58 -80.62 28.18
C GLU C 156 -91.75 -80.03 29.31
N ALA C 157 -90.43 -79.89 29.13
CA ALA C 157 -89.57 -79.29 30.15
C ALA C 157 -89.70 -77.78 30.06
N THR C 158 -90.75 -77.26 30.70
CA THR C 158 -91.17 -75.88 30.50
C THR C 158 -90.22 -74.90 31.17
N VAL C 159 -89.84 -73.87 30.41
CA VAL C 159 -89.06 -72.77 30.95
C VAL C 159 -89.90 -71.97 31.94
N GLY C 160 -91.15 -71.70 31.57
CA GLY C 160 -92.04 -70.93 32.42
C GLY C 160 -93.07 -70.25 31.56
N ARG C 161 -94.29 -70.12 32.07
CA ARG C 161 -95.40 -69.51 31.34
C ARG C 161 -95.96 -68.37 32.17
N PRO C 162 -95.31 -67.19 32.17
CA PRO C 162 -95.80 -66.09 33.01
C PRO C 162 -97.01 -65.41 32.41
N ALA C 163 -97.47 -64.35 33.07
CA ALA C 163 -98.62 -63.59 32.59
C ALA C 163 -98.27 -62.58 31.51
N PHE C 164 -97.12 -62.72 30.84
CA PHE C 164 -96.84 -61.84 29.72
C PHE C 164 -97.23 -62.48 28.40
N VAL C 165 -97.00 -63.79 28.24
CA VAL C 165 -97.43 -64.56 27.08
C VAL C 165 -97.94 -65.90 27.59
N SER C 166 -99.11 -66.33 27.12
CA SER C 166 -99.64 -67.64 27.46
C SER C 166 -99.20 -68.69 26.43
N PHE C 167 -99.41 -69.96 26.76
CA PHE C 167 -98.99 -71.07 25.92
C PHE C 167 -100.12 -72.09 25.78
N ASP C 168 -100.23 -72.68 24.60
CA ASP C 168 -101.07 -73.85 24.38
C ASP C 168 -100.23 -74.95 23.74
N THR C 169 -100.60 -76.20 24.03
CA THR C 169 -99.78 -77.36 23.72
C THR C 169 -100.18 -78.03 22.41
N GLU C 170 -101.49 -78.17 22.17
CA GLU C 170 -101.99 -79.00 21.09
C GLU C 170 -101.71 -78.43 19.71
N LYS C 171 -101.49 -77.12 19.62
CA LYS C 171 -101.27 -76.44 18.36
C LYS C 171 -99.97 -75.64 18.36
N LEU C 172 -99.28 -75.59 19.50
CA LEU C 172 -98.20 -74.66 19.82
C LEU C 172 -98.62 -73.21 19.52
N GLU C 173 -99.60 -72.76 20.29
CA GLU C 173 -100.07 -71.38 20.23
C GLU C 173 -99.51 -70.59 21.40
N GLY C 174 -98.86 -69.47 21.09
CA GLY C 174 -98.40 -68.54 22.10
C GLY C 174 -98.96 -67.17 21.86
N SER C 175 -99.57 -66.58 22.89
CA SER C 175 -100.25 -65.30 22.73
C SER C 175 -99.95 -64.41 23.92
N PHE C 176 -99.67 -63.13 23.64
CA PHE C 176 -99.24 -62.16 24.65
C PHE C 176 -100.36 -61.90 25.63
N THR C 177 -100.14 -62.25 26.90
CA THR C 177 -101.24 -62.26 27.87
C THR C 177 -101.51 -60.86 28.42
N ARG C 178 -100.57 -60.30 29.17
CA ARG C 178 -100.74 -59.00 29.80
C ARG C 178 -99.43 -58.24 29.69
N LEU C 179 -99.48 -56.95 30.04
CA LEU C 179 -98.31 -56.07 30.03
C LEU C 179 -97.48 -56.30 31.30
N PRO C 180 -96.30 -56.91 31.19
CA PRO C 180 -95.58 -57.34 32.39
C PRO C 180 -94.82 -56.21 33.08
N GLU C 181 -94.01 -56.58 34.07
CA GLU C 181 -93.10 -55.66 34.75
C GLU C 181 -91.70 -56.26 34.73
N ARG C 182 -90.79 -55.62 35.46
CA ARG C 182 -89.43 -56.15 35.60
C ARG C 182 -89.38 -57.38 36.49
N ASP C 183 -90.20 -57.40 37.55
CA ASP C 183 -90.13 -58.44 38.58
C ASP C 183 -90.50 -59.82 38.06
N GLU C 184 -91.27 -59.90 36.99
CA GLU C 184 -91.71 -61.17 36.43
C GLU C 184 -90.71 -61.74 35.45
N LEU C 185 -90.32 -60.96 34.44
CA LEU C 185 -89.50 -61.45 33.35
C LEU C 185 -88.05 -61.07 33.63
N TYR C 186 -87.21 -62.09 33.72
CA TYR C 186 -85.87 -62.03 34.30
C TYR C 186 -85.91 -61.35 35.65
N PRO C 187 -86.32 -62.05 36.71
CA PRO C 187 -86.23 -61.47 38.05
C PRO C 187 -84.78 -61.36 38.51
N GLU C 188 -84.35 -60.15 38.93
CA GLU C 188 -84.94 -58.84 38.64
C GLU C 188 -83.78 -57.86 38.47
N ILE C 189 -82.57 -58.40 38.36
CA ILE C 189 -81.36 -57.69 38.77
C ILE C 189 -80.70 -56.83 37.70
N ASP C 190 -80.28 -57.42 36.57
CA ASP C 190 -79.26 -56.81 35.73
C ASP C 190 -79.87 -55.84 34.73
N GLU C 191 -79.77 -54.54 35.04
CA GLU C 191 -80.00 -53.50 34.05
C GLU C 191 -78.99 -52.37 34.08
N ALA C 192 -78.29 -52.15 35.20
CA ALA C 192 -77.82 -50.81 35.53
C ALA C 192 -76.61 -50.40 34.72
N LEU C 193 -75.67 -51.32 34.51
CA LEU C 193 -74.43 -50.91 33.87
C LEU C 193 -74.57 -50.81 32.36
N VAL C 194 -75.58 -51.46 31.78
CA VAL C 194 -75.77 -51.42 30.33
C VAL C 194 -76.19 -50.02 29.89
N VAL C 195 -77.20 -49.45 30.53
CA VAL C 195 -77.68 -48.13 30.14
C VAL C 195 -76.66 -47.06 30.52
N GLU C 196 -75.82 -47.31 31.52
CA GLU C 196 -74.71 -46.41 31.80
C GLU C 196 -73.64 -46.49 30.73
N TYR C 197 -73.45 -47.67 30.14
CA TYR C 197 -72.44 -47.81 29.10
C TYR C 197 -72.88 -47.14 27.80
N TYR C 198 -74.17 -46.86 27.66
CA TYR C 198 -74.70 -46.24 26.45
C TYR C 198 -75.35 -44.90 26.75
N ASN C 199 -74.70 -44.06 27.56
CA ASN C 199 -75.10 -42.67 27.75
C ASN C 199 -74.13 -41.70 27.10
N GLN C 200 -72.85 -41.83 27.37
CA GLN C 200 -71.80 -41.29 26.53
C GLN C 200 -70.86 -42.40 26.13
N LYS C 201 -71.49 -43.47 25.62
CA LYS C 201 -70.95 -44.56 24.80
C LYS C 201 -69.54 -44.43 24.23
N TYR D 1 -81.36 -32.75 62.22
CA TYR D 1 -80.35 -31.71 62.38
C TYR D 1 -79.30 -32.13 63.39
N ILE D 2 -79.73 -32.63 64.55
CA ILE D 2 -78.87 -33.42 65.42
C ILE D 2 -78.96 -34.84 64.87
N ASP D 3 -77.99 -35.20 64.04
CA ASP D 3 -78.22 -36.18 62.99
C ASP D 3 -78.24 -37.59 63.55
N PRO D 4 -79.37 -38.31 63.45
CA PRO D 4 -79.46 -39.65 64.04
C PRO D 4 -78.68 -40.67 63.23
N LYS D 5 -77.84 -41.43 63.92
CA LYS D 5 -77.08 -42.52 63.32
C LYS D 5 -77.84 -43.84 63.50
N HIS D 6 -79.06 -43.86 62.98
CA HIS D 6 -79.95 -44.99 63.19
C HIS D 6 -80.51 -45.60 61.91
N LEU D 7 -80.43 -44.89 60.78
CA LEU D 7 -80.77 -45.48 59.50
C LEU D 7 -79.57 -46.22 58.94
N GLU D 8 -79.73 -46.81 57.76
CA GLU D 8 -78.62 -47.52 57.14
C GLU D 8 -77.62 -46.53 56.54
N LEU D 9 -76.50 -47.07 56.08
CA LEU D 9 -75.49 -46.30 55.41
C LEU D 9 -75.19 -46.94 54.07
N GLU D 10 -74.50 -46.19 53.22
CA GLU D 10 -73.93 -46.76 52.01
C GLU D 10 -72.78 -45.85 51.62
N ASP D 11 -71.71 -46.45 51.07
CA ASP D 11 -70.44 -45.77 50.95
C ASP D 11 -69.90 -45.83 49.53
N ARG D 12 -69.13 -44.80 49.17
CA ARG D 12 -68.34 -44.84 47.95
C ARG D 12 -67.17 -43.90 48.11
N VAL D 13 -65.97 -44.38 47.82
CA VAL D 13 -64.76 -43.60 47.95
C VAL D 13 -64.58 -42.77 46.69
N VAL D 14 -64.63 -41.44 46.84
CA VAL D 14 -64.52 -40.56 45.68
C VAL D 14 -63.09 -40.55 45.16
N ALA D 15 -62.15 -40.10 45.99
CA ALA D 15 -60.76 -40.03 45.58
C ALA D 15 -59.85 -40.05 46.81
N ILE D 16 -58.63 -40.55 46.63
CA ILE D 16 -57.61 -40.49 47.65
C ILE D 16 -56.43 -39.69 47.13
N ASN D 17 -55.67 -39.11 48.07
CA ASN D 17 -54.51 -38.31 47.74
C ASN D 17 -53.38 -38.66 48.68
N ARG D 18 -52.18 -38.83 48.13
CA ARG D 18 -51.00 -38.96 48.95
C ARG D 18 -50.37 -37.57 49.06
N VAL D 19 -50.20 -37.11 50.29
CA VAL D 19 -49.97 -35.70 50.59
C VAL D 19 -48.77 -35.62 51.52
N THR D 20 -47.81 -34.76 51.20
CA THR D 20 -46.59 -34.68 51.98
C THR D 20 -46.51 -33.40 52.81
N LYS D 21 -45.59 -33.42 53.76
CA LYS D 21 -45.15 -32.26 54.52
C LYS D 21 -43.65 -32.37 54.66
N VAL D 22 -42.91 -31.49 54.00
CA VAL D 22 -41.45 -31.57 54.05
C VAL D 22 -40.96 -31.01 55.38
N VAL D 23 -40.24 -31.85 56.12
CA VAL D 23 -39.68 -31.47 57.41
C VAL D 23 -38.18 -31.62 57.20
N LYS D 24 -37.38 -31.30 58.22
CA LYS D 24 -35.94 -31.49 58.16
C LYS D 24 -35.60 -32.97 57.97
N GLY D 25 -34.53 -33.22 57.23
CA GLY D 25 -34.21 -34.59 56.86
C GLY D 25 -35.19 -35.13 55.84
N GLY D 26 -36.04 -36.06 56.27
CA GLY D 26 -36.96 -36.74 55.38
C GLY D 26 -38.18 -35.91 55.04
N ARG D 27 -39.16 -36.59 54.46
CA ARG D 27 -40.45 -36.00 54.12
C ARG D 27 -41.53 -36.79 54.85
N ARG D 28 -42.32 -36.10 55.66
CA ARG D 28 -43.56 -36.70 56.13
C ARG D 28 -44.48 -36.89 54.94
N LEU D 29 -45.26 -37.97 54.96
CA LEU D 29 -46.26 -38.16 53.92
C LEU D 29 -47.48 -38.83 54.52
N ARG D 30 -48.65 -38.33 54.13
CA ARG D 30 -49.91 -38.77 54.68
C ARG D 30 -50.85 -39.09 53.54
N PHE D 31 -51.77 -40.01 53.79
CA PHE D 31 -52.87 -40.26 52.87
C PHE D 31 -54.08 -39.46 53.32
N ALA D 32 -54.95 -39.13 52.38
CA ALA D 32 -56.19 -38.45 52.69
C ALA D 32 -57.24 -38.82 51.66
N ALA D 33 -58.40 -39.26 52.13
CA ALA D 33 -59.46 -39.75 51.28
C ALA D 33 -60.66 -38.80 51.36
N LEU D 34 -61.74 -39.20 50.68
CA LEU D 34 -62.93 -38.37 50.56
C LEU D 34 -64.11 -39.30 50.25
N VAL D 35 -64.99 -39.50 51.22
CA VAL D 35 -66.06 -40.49 51.11
C VAL D 35 -67.39 -39.84 51.43
N VAL D 36 -68.36 -40.01 50.54
CA VAL D 36 -69.74 -39.59 50.78
C VAL D 36 -70.51 -40.76 51.38
N VAL D 37 -71.52 -40.47 52.19
CA VAL D 37 -72.27 -41.47 52.93
C VAL D 37 -73.75 -41.17 52.80
N GLY D 38 -74.53 -42.17 52.36
CA GLY D 38 -75.95 -41.99 52.21
C GLY D 38 -76.76 -43.22 52.51
N ASP D 39 -78.08 -43.05 52.52
CA ASP D 39 -79.03 -44.12 52.74
C ASP D 39 -79.87 -44.45 51.53
N LYS D 40 -79.63 -43.76 50.40
CA LYS D 40 -80.43 -43.69 49.18
C LYS D 40 -81.94 -43.62 49.41
N ASN D 41 -82.36 -42.83 50.40
CA ASN D 41 -83.75 -42.45 50.53
C ASN D 41 -83.97 -41.00 50.91
N GLY D 42 -82.92 -40.19 51.01
CA GLY D 42 -83.11 -38.80 51.36
C GLY D 42 -82.31 -38.37 52.57
N HIS D 43 -81.19 -39.03 52.82
CA HIS D 43 -80.24 -38.59 53.85
C HIS D 43 -78.84 -38.94 53.34
N VAL D 44 -78.13 -37.95 52.80
CA VAL D 44 -76.79 -38.18 52.30
C VAL D 44 -75.86 -37.14 52.91
N GLY D 45 -74.61 -37.54 53.14
CA GLY D 45 -73.62 -36.65 53.69
C GLY D 45 -72.24 -37.08 53.24
N PHE D 46 -71.23 -36.32 53.66
CA PHE D 46 -69.87 -36.56 53.24
C PHE D 46 -68.93 -36.18 54.38
N GLY D 47 -67.65 -36.37 54.13
CA GLY D 47 -66.65 -36.08 55.15
C GLY D 47 -65.30 -36.61 54.69
N THR D 48 -64.28 -36.21 55.42
CA THR D 48 -62.92 -36.62 55.08
C THR D 48 -62.04 -36.60 56.31
N GLY D 49 -60.98 -37.39 56.26
CA GLY D 49 -59.97 -37.41 57.28
C GLY D 49 -58.62 -37.68 56.66
N LYS D 50 -57.60 -37.90 57.47
CA LYS D 50 -56.29 -38.23 56.94
C LYS D 50 -55.54 -39.08 57.94
N ALA D 51 -54.66 -39.93 57.42
CA ALA D 51 -53.91 -40.89 58.22
C ALA D 51 -52.66 -41.28 57.43
N GLN D 52 -52.01 -42.36 57.87
CA GLN D 52 -50.86 -42.89 57.15
C GLN D 52 -51.13 -44.27 56.56
N GLU D 53 -52.40 -44.66 56.48
CA GLU D 53 -52.80 -45.83 55.69
C GLU D 53 -54.25 -45.68 55.29
N VAL D 54 -54.57 -46.30 54.16
CA VAL D 54 -55.87 -46.20 53.50
C VAL D 54 -57.04 -46.70 54.35
N PRO D 55 -57.02 -47.90 54.98
CA PRO D 55 -58.24 -48.30 55.71
C PRO D 55 -58.52 -47.48 56.95
N GLU D 56 -57.48 -47.05 57.67
CA GLU D 56 -57.68 -46.17 58.81
C GLU D 56 -58.14 -44.79 58.36
N ALA D 57 -57.62 -44.31 57.22
CA ALA D 57 -58.03 -43.01 56.72
C ALA D 57 -59.49 -43.02 56.27
N ILE D 58 -59.93 -44.10 55.61
CA ILE D 58 -61.32 -44.11 55.18
C ILE D 58 -62.23 -44.41 56.36
N ARG D 59 -61.74 -45.10 57.39
CA ARG D 59 -62.51 -45.22 58.62
C ARG D 59 -62.72 -43.86 59.26
N LYS D 60 -61.66 -43.04 59.31
CA LYS D 60 -61.78 -41.71 59.87
C LYS D 60 -62.69 -40.83 59.04
N ALA D 61 -62.69 -41.02 57.72
CA ALA D 61 -63.56 -40.23 56.86
C ALA D 61 -65.03 -40.62 57.05
N ILE D 62 -65.31 -41.92 57.16
CA ILE D 62 -66.68 -42.37 57.43
C ILE D 62 -67.14 -41.88 58.79
N GLU D 63 -66.25 -41.96 59.79
CA GLU D 63 -66.57 -41.50 61.14
C GLU D 63 -66.80 -40.00 61.18
N ASP D 64 -66.11 -39.24 60.34
CA ASP D 64 -66.44 -37.83 60.19
C ASP D 64 -67.78 -37.66 59.50
N ALA D 65 -68.07 -38.51 58.50
CA ALA D 65 -69.17 -38.25 57.59
C ALA D 65 -70.54 -38.49 58.22
N LYS D 66 -70.61 -39.19 59.35
CA LYS D 66 -71.90 -39.49 59.95
C LYS D 66 -72.45 -38.35 60.80
N LYS D 67 -71.94 -37.13 60.65
CA LYS D 67 -72.42 -35.99 61.42
C LYS D 67 -73.08 -34.94 60.54
N ASN D 68 -73.34 -35.25 59.28
CA ASN D 68 -73.96 -34.31 58.34
C ASN D 68 -74.95 -35.05 57.48
N LEU D 69 -76.23 -34.65 57.54
CA LEU D 69 -77.29 -35.31 56.80
C LEU D 69 -78.24 -34.27 56.22
N VAL D 70 -78.63 -34.47 54.96
CA VAL D 70 -79.34 -33.48 54.15
C VAL D 70 -80.68 -34.07 53.72
N GLU D 71 -81.68 -33.20 53.56
CA GLU D 71 -83.04 -33.63 53.19
C GLU D 71 -83.10 -34.24 51.80
N VAL D 72 -82.67 -33.49 50.78
CA VAL D 72 -82.82 -33.79 49.35
C VAL D 72 -84.29 -34.08 49.05
N PRO D 73 -85.14 -33.05 48.97
CA PRO D 73 -86.57 -33.29 48.75
C PRO D 73 -86.83 -33.83 47.35
N MET D 74 -87.87 -34.64 47.23
CA MET D 74 -88.14 -35.39 46.02
C MET D 74 -89.58 -35.20 45.59
N VAL D 75 -89.82 -35.32 44.29
CA VAL D 75 -91.17 -35.54 43.77
C VAL D 75 -91.08 -36.36 42.50
N GLY D 76 -91.71 -37.54 42.51
CA GLY D 76 -91.63 -38.45 41.38
C GLY D 76 -90.24 -39.01 41.14
N SER D 77 -89.43 -39.15 42.20
CA SER D 77 -88.03 -39.56 42.15
C SER D 77 -87.19 -38.65 41.25
N THR D 78 -87.48 -37.35 41.30
CA THR D 78 -86.82 -36.36 40.46
C THR D 78 -86.88 -35.04 41.22
N ILE D 79 -85.87 -34.19 41.01
CA ILE D 79 -85.76 -32.83 41.55
C ILE D 79 -87.02 -32.04 41.25
N PRO D 80 -87.49 -31.18 42.17
CA PRO D 80 -88.60 -30.28 41.82
C PRO D 80 -88.31 -29.31 40.69
N HIS D 81 -87.18 -28.64 40.68
CA HIS D 81 -86.97 -27.60 39.67
C HIS D 81 -85.48 -27.46 39.39
N GLU D 82 -85.10 -26.33 38.79
CA GLU D 82 -83.71 -26.10 38.41
C GLU D 82 -82.90 -25.60 39.60
N VAL D 83 -81.66 -26.11 39.70
CA VAL D 83 -80.75 -25.76 40.77
C VAL D 83 -79.40 -25.38 40.17
N ILE D 84 -78.89 -24.21 40.53
CA ILE D 84 -77.52 -23.80 40.20
C ILE D 84 -76.83 -23.44 41.50
N GLY D 85 -75.88 -24.26 41.92
CA GLY D 85 -75.13 -24.02 43.14
C GLY D 85 -73.76 -23.45 42.84
N VAL D 86 -73.26 -22.60 43.75
CA VAL D 86 -71.98 -21.92 43.57
C VAL D 86 -71.22 -21.97 44.89
N PHE D 87 -70.00 -22.53 44.87
CA PHE D 87 -69.14 -22.54 46.04
C PHE D 87 -67.69 -22.52 45.59
N GLY D 88 -67.10 -21.33 45.52
CA GLY D 88 -65.67 -21.17 45.29
C GLY D 88 -65.18 -21.64 43.94
N GLY D 89 -66.01 -21.57 42.91
CA GLY D 89 -65.66 -22.05 41.59
C GLY D 89 -66.47 -23.24 41.13
N GLY D 90 -67.19 -23.89 42.03
CA GLY D 90 -68.07 -24.98 41.64
C GLY D 90 -69.43 -24.50 41.18
N ARG D 91 -69.56 -24.06 39.94
CA ARG D 91 -70.89 -23.87 39.37
C ARG D 91 -71.39 -25.21 38.86
N ILE D 92 -72.48 -25.70 39.45
CA ILE D 92 -73.02 -27.01 39.11
C ILE D 92 -74.48 -26.86 38.72
N LEU D 93 -74.79 -27.24 37.48
CA LEU D 93 -76.12 -27.13 36.92
C LEU D 93 -76.87 -28.44 37.10
N MET D 94 -78.09 -28.36 37.59
CA MET D 94 -78.92 -29.55 37.73
C MET D 94 -80.33 -29.22 37.29
N LYS D 95 -81.06 -30.25 36.87
CA LYS D 95 -82.30 -30.03 36.17
C LYS D 95 -83.16 -31.28 36.22
N PRO D 96 -84.47 -31.17 36.40
CA PRO D 96 -85.33 -32.36 36.36
C PRO D 96 -85.37 -32.95 34.96
N ALA D 97 -85.78 -34.22 34.90
CA ALA D 97 -85.67 -34.97 33.66
C ALA D 97 -86.97 -35.75 33.45
N VAL D 98 -86.91 -36.66 32.50
CA VAL D 98 -88.02 -37.52 32.12
C VAL D 98 -87.80 -38.87 32.81
N GLU D 99 -88.91 -39.55 33.12
CA GLU D 99 -88.89 -40.83 33.84
C GLU D 99 -88.10 -41.89 33.09
N GLY D 100 -87.05 -42.39 33.74
CA GLY D 100 -86.24 -43.46 33.19
C GLY D 100 -85.05 -43.02 32.37
N SER D 101 -84.83 -41.72 32.22
CA SER D 101 -83.79 -41.22 31.35
C SER D 101 -82.39 -41.31 31.95
N GLY D 102 -82.24 -41.80 33.18
CA GLY D 102 -80.93 -42.08 33.73
C GLY D 102 -80.33 -40.90 34.45
N VAL D 103 -79.02 -41.01 34.70
CA VAL D 103 -78.24 -39.97 35.35
C VAL D 103 -77.18 -39.48 34.37
N ALA D 104 -77.17 -38.17 34.13
CA ALA D 104 -76.22 -37.55 33.23
C ALA D 104 -75.26 -36.73 34.08
N ALA D 105 -74.24 -37.39 34.61
CA ALA D 105 -73.35 -36.77 35.58
C ALA D 105 -72.06 -37.58 35.66
N GLY D 106 -70.95 -36.88 35.78
CA GLY D 106 -69.65 -37.52 35.82
C GLY D 106 -69.31 -38.03 37.20
N GLY D 107 -68.01 -38.26 37.42
CA GLY D 107 -67.49 -39.00 38.54
C GLY D 107 -67.85 -38.51 39.93
N PRO D 108 -67.33 -37.35 40.34
CA PRO D 108 -67.56 -36.90 41.71
C PRO D 108 -68.93 -36.30 41.98
N VAL D 109 -69.89 -36.51 41.08
CA VAL D 109 -71.23 -35.99 41.31
C VAL D 109 -72.25 -37.12 41.14
N ARG D 110 -71.88 -38.15 40.37
CA ARG D 110 -72.72 -39.34 40.32
C ARG D 110 -72.70 -40.06 41.67
N ALA D 111 -71.55 -40.04 42.34
CA ALA D 111 -71.47 -40.65 43.66
C ALA D 111 -72.31 -39.92 44.69
N VAL D 112 -72.52 -38.61 44.51
CA VAL D 112 -73.44 -37.90 45.38
C VAL D 112 -74.88 -38.27 45.04
N LEU D 113 -75.24 -38.18 43.76
CA LEU D 113 -76.65 -38.24 43.37
C LEU D 113 -77.19 -39.65 43.48
N GLU D 114 -76.40 -40.66 43.09
CA GLU D 114 -76.87 -42.03 43.14
C GLU D 114 -77.02 -42.52 44.57
N LEU D 115 -76.23 -41.98 45.48
CA LEU D 115 -76.26 -42.42 46.87
C LEU D 115 -77.31 -41.67 47.68
N ALA D 116 -78.16 -40.89 47.01
CA ALA D 116 -79.29 -40.25 47.65
C ALA D 116 -80.64 -40.76 47.16
N GLY D 117 -80.69 -41.46 46.03
CA GLY D 117 -81.93 -41.95 45.49
C GLY D 117 -82.53 -41.08 44.41
N VAL D 118 -81.74 -40.76 43.39
CA VAL D 118 -82.20 -39.99 42.23
C VAL D 118 -81.82 -40.79 40.99
N ALA D 119 -82.77 -40.96 40.07
CA ALA D 119 -82.53 -41.73 38.86
C ALA D 119 -82.85 -40.98 37.58
N ASP D 120 -83.30 -39.74 37.65
CA ASP D 120 -83.74 -38.98 36.47
C ASP D 120 -83.23 -37.55 36.62
N ILE D 121 -82.11 -37.24 35.98
CA ILE D 121 -81.39 -36.01 36.31
C ILE D 121 -80.41 -35.72 35.18
N THR D 122 -80.10 -34.44 35.00
CA THR D 122 -78.95 -34.02 34.19
C THR D 122 -78.03 -33.16 35.05
N SER D 123 -76.74 -33.23 34.74
CA SER D 123 -75.76 -32.41 35.45
C SER D 123 -74.64 -32.05 34.50
N LYS D 124 -73.96 -30.95 34.81
CA LYS D 124 -72.77 -30.56 34.08
C LYS D 124 -71.87 -29.74 34.98
N SER D 125 -70.63 -30.16 35.12
CA SER D 125 -69.62 -29.35 35.80
C SER D 125 -69.33 -28.11 34.98
N LEU D 126 -69.09 -27.00 35.65
CA LEU D 126 -68.95 -25.74 34.95
C LEU D 126 -67.99 -24.87 35.77
N GLY D 127 -66.70 -24.98 35.47
CA GLY D 127 -65.71 -24.30 36.27
C GLY D 127 -64.73 -25.23 36.96
N SER D 128 -64.87 -25.37 38.28
CA SER D 128 -63.90 -26.14 39.05
C SER D 128 -64.10 -27.62 38.84
N ASN D 129 -62.99 -28.37 38.87
CA ASN D 129 -63.02 -29.81 38.69
C ASN D 129 -62.24 -30.57 39.74
N THR D 130 -61.67 -29.90 40.73
CA THR D 130 -61.06 -30.61 41.85
C THR D 130 -62.15 -31.24 42.71
N PRO D 131 -61.96 -32.48 43.19
CA PRO D 131 -63.10 -33.25 43.69
C PRO D 131 -63.68 -32.78 45.01
N ILE D 132 -62.96 -31.99 45.80
CA ILE D 132 -63.54 -31.53 47.07
C ILE D 132 -64.58 -30.45 46.83
N ASN D 133 -64.19 -29.41 46.09
CA ASN D 133 -65.07 -28.28 45.86
C ASN D 133 -66.27 -28.64 45.01
N VAL D 134 -66.14 -29.66 44.17
CA VAL D 134 -67.29 -30.16 43.41
C VAL D 134 -68.34 -30.74 44.33
N VAL D 135 -67.91 -31.56 45.29
CA VAL D 135 -68.87 -32.17 46.22
C VAL D 135 -69.48 -31.12 47.14
N ARG D 136 -68.66 -30.17 47.59
CA ARG D 136 -69.18 -29.13 48.48
C ARG D 136 -70.14 -28.22 47.74
N ALA D 137 -69.87 -27.92 46.47
CA ALA D 137 -70.79 -27.13 45.67
C ALA D 137 -72.04 -27.90 45.32
N THR D 138 -71.93 -29.23 45.19
CA THR D 138 -73.10 -30.06 44.94
C THR D 138 -74.07 -30.00 46.11
N VAL D 139 -73.54 -30.19 47.32
CA VAL D 139 -74.39 -30.16 48.51
C VAL D 139 -74.87 -28.74 48.79
N GLU D 140 -74.05 -27.74 48.41
CA GLU D 140 -74.48 -26.36 48.49
C GLU D 140 -75.64 -26.06 47.56
N GLY D 141 -75.62 -26.68 46.37
CA GLY D 141 -76.74 -26.51 45.46
C GLY D 141 -77.99 -27.21 45.94
N LEU D 142 -77.85 -28.47 46.35
CA LEU D 142 -78.98 -29.24 46.87
C LEU D 142 -79.56 -28.64 48.14
N LYS D 143 -78.77 -27.88 48.89
CA LYS D 143 -79.30 -27.18 50.05
C LYS D 143 -80.28 -26.09 49.64
N GLN D 144 -80.07 -25.49 48.47
CA GLN D 144 -80.93 -24.42 47.98
C GLN D 144 -82.24 -24.95 47.42
N LEU D 145 -82.38 -26.26 47.28
CA LEU D 145 -83.55 -26.85 46.67
C LEU D 145 -84.78 -26.70 47.55
N LYS D 146 -85.87 -26.18 46.96
CA LYS D 146 -87.10 -25.88 47.68
C LYS D 146 -88.02 -27.09 47.66
N ARG D 147 -89.29 -26.87 48.03
CA ARG D 147 -90.24 -27.95 48.19
C ARG D 147 -91.64 -27.42 47.91
N ALA D 148 -92.51 -28.30 47.43
CA ALA D 148 -93.83 -27.87 46.96
C ALA D 148 -94.72 -27.42 48.10
N GLU D 149 -94.84 -28.24 49.15
CA GLU D 149 -95.68 -27.92 50.30
C GLU D 149 -95.16 -26.71 51.05
N GLU D 150 -93.84 -26.51 51.06
CA GLU D 150 -93.24 -25.33 51.67
C GLU D 150 -93.75 -24.06 51.01
N VAL D 151 -93.56 -23.96 49.68
CA VAL D 151 -93.92 -22.74 48.97
C VAL D 151 -95.43 -22.55 48.93
N ALA D 152 -96.19 -23.65 48.91
CA ALA D 152 -97.63 -23.55 48.97
C ALA D 152 -98.13 -23.11 50.34
N ALA D 153 -97.36 -23.40 51.39
CA ALA D 153 -97.77 -23.03 52.73
C ALA D 153 -97.17 -21.72 53.21
N LEU D 154 -96.20 -21.16 52.50
CA LEU D 154 -95.57 -19.92 52.95
C LEU D 154 -96.52 -18.74 52.86
N ARG D 155 -96.96 -18.42 51.64
CA ARG D 155 -97.92 -17.35 51.46
C ARG D 155 -99.29 -17.78 51.97
N GLY D 156 -100.16 -16.79 52.16
CA GLY D 156 -101.48 -17.02 52.73
C GLY D 156 -102.39 -17.88 51.87
N LYS D 157 -102.06 -18.04 50.60
CA LYS D 157 -102.78 -18.92 49.71
C LYS D 157 -102.43 -20.38 49.99
N SER D 158 -103.06 -21.27 49.25
CA SER D 158 -102.95 -22.70 49.46
C SER D 158 -102.32 -23.35 48.22
N VAL D 159 -102.30 -24.68 48.24
CA VAL D 159 -101.82 -25.47 47.11
C VAL D 159 -102.96 -25.57 46.11
N GLU D 160 -102.67 -26.08 44.92
CA GLU D 160 -103.55 -26.46 43.82
C GLU D 160 -104.07 -25.26 43.02
N GLU D 161 -103.81 -24.03 43.44
CA GLU D 161 -103.88 -22.95 42.49
C GLU D 161 -102.50 -22.59 41.97
N ILE D 162 -101.46 -23.02 42.66
CA ILE D 162 -100.11 -23.10 42.12
C ILE D 162 -99.74 -24.57 42.11
N ILE D 163 -99.42 -25.09 40.93
CA ILE D 163 -99.01 -26.48 40.83
C ILE D 163 -97.64 -26.56 40.19
N GLN E 1 -68.38 49.90 44.11
CA GLN E 1 -67.57 50.39 45.22
C GLN E 1 -66.18 50.80 44.78
N ASP E 2 -65.36 51.14 45.77
CA ASP E 2 -63.93 51.33 45.57
C ASP E 2 -63.17 50.46 46.58
N THR E 3 -61.87 50.72 46.73
CA THR E 3 -61.05 50.00 47.68
C THR E 3 -60.57 50.96 48.76
N LYS E 4 -59.75 50.43 49.67
CA LYS E 4 -59.10 51.22 50.71
C LYS E 4 -57.66 50.72 50.84
N TYR E 5 -56.69 51.60 50.59
CA TYR E 5 -55.29 51.22 50.48
C TYR E 5 -54.47 51.97 51.53
N GLU E 6 -54.11 51.28 52.61
CA GLU E 6 -53.15 51.82 53.56
C GLU E 6 -51.78 51.97 52.90
N ILE E 7 -51.05 52.99 53.31
CA ILE E 7 -49.64 53.12 52.96
C ILE E 7 -48.90 53.45 54.25
N MET E 8 -48.23 52.46 54.83
CA MET E 8 -47.47 52.65 56.06
C MET E 8 -46.00 52.71 55.69
N TYR E 9 -45.53 53.90 55.34
CA TYR E 9 -44.22 54.07 54.75
C TYR E 9 -43.25 54.68 55.75
N ILE E 10 -42.00 54.22 55.69
CA ILE E 10 -41.01 54.55 56.71
C ILE E 10 -40.33 55.86 56.35
N ILE E 11 -40.35 56.80 57.29
CA ILE E 11 -39.79 58.13 57.13
C ILE E 11 -38.50 58.20 57.93
N ARG E 12 -37.48 58.85 57.36
CA ARG E 12 -36.21 58.98 58.05
C ARG E 12 -36.33 59.89 59.26
N PRO E 13 -35.72 59.54 60.40
CA PRO E 13 -35.74 60.44 61.55
C PRO E 13 -34.81 61.63 61.45
N ASN E 14 -33.83 61.62 60.53
CA ASN E 14 -32.88 62.73 60.42
C ASN E 14 -33.25 63.71 59.31
N ILE E 15 -34.54 63.99 59.16
CA ILE E 15 -35.02 65.02 58.27
C ILE E 15 -35.33 66.27 59.07
N ASP E 16 -35.48 67.41 58.40
CA ASP E 16 -35.86 68.64 59.06
C ASP E 16 -37.37 68.69 59.22
N GLU E 17 -37.87 69.74 59.87
CA GLU E 17 -39.28 69.79 60.23
C GLU E 17 -40.17 70.09 59.03
N GLU E 18 -39.76 71.06 58.19
CA GLU E 18 -40.51 71.32 56.96
C GLU E 18 -40.34 70.22 55.94
N ALA E 19 -39.27 69.42 56.04
CA ALA E 19 -39.09 68.29 55.14
C ALA E 19 -40.21 67.28 55.31
N LYS E 20 -40.62 67.04 56.56
CA LYS E 20 -41.69 66.11 56.87
C LYS E 20 -43.02 66.55 56.26
N THR E 21 -43.43 67.79 56.56
CA THR E 21 -44.71 68.27 56.06
C THR E 21 -44.69 68.46 54.55
N ALA E 22 -43.55 68.92 54.00
CA ALA E 22 -43.42 69.09 52.56
C ALA E 22 -43.52 67.76 51.83
N LEU E 23 -42.89 66.72 52.37
CA LEU E 23 -42.91 65.41 51.72
C LEU E 23 -44.28 64.76 51.81
N VAL E 24 -44.91 64.82 53.00
CA VAL E 24 -46.24 64.24 53.19
C VAL E 24 -47.26 64.96 52.31
N GLU E 25 -47.21 66.28 52.24
CA GLU E 25 -48.12 67.02 51.40
C GLU E 25 -47.86 66.79 49.92
N ARG E 26 -46.60 66.57 49.53
CA ARG E 26 -46.31 66.29 48.11
C ARG E 26 -46.87 64.94 47.68
N PHE E 27 -46.72 63.92 48.53
CA PHE E 27 -47.28 62.63 48.15
C PHE E 27 -48.82 62.63 48.28
N ASP E 28 -49.38 63.47 49.13
CA ASP E 28 -50.83 63.69 49.11
C ASP E 28 -51.27 64.37 47.82
N THR E 29 -50.44 65.26 47.26
CA THR E 29 -50.78 65.84 45.97
C THR E 29 -50.76 64.77 44.88
N ILE E 30 -49.71 63.95 44.84
CA ILE E 30 -49.62 62.99 43.73
C ILE E 30 -50.64 61.87 43.86
N LEU E 31 -51.20 61.63 45.06
CA LEU E 31 -52.38 60.79 45.12
C LEU E 31 -53.64 61.55 44.69
N LYS E 32 -53.74 62.83 45.06
CA LYS E 32 -54.90 63.60 44.64
C LYS E 32 -54.88 63.98 43.16
N ASP E 33 -53.71 64.07 42.53
CA ASP E 33 -53.62 64.59 41.17
C ASP E 33 -54.02 63.58 40.10
N ASN E 34 -54.35 62.35 40.46
CA ASN E 34 -54.79 61.36 39.49
C ASN E 34 -56.05 60.65 39.99
N GLY E 35 -57.01 61.43 40.46
CA GLY E 35 -58.34 60.92 40.77
C GLY E 35 -58.50 60.19 42.08
N ALA E 36 -57.42 59.81 42.75
CA ALA E 36 -57.57 59.08 43.99
C ALA E 36 -57.93 60.04 45.13
N GLU E 37 -58.60 59.49 46.14
CA GLU E 37 -59.29 60.26 47.17
C GLU E 37 -58.73 59.88 48.53
N VAL E 38 -57.89 60.73 49.10
CA VAL E 38 -57.32 60.45 50.42
C VAL E 38 -58.32 60.89 51.50
N ILE E 39 -58.23 60.25 52.67
CA ILE E 39 -59.15 60.59 53.75
C ILE E 39 -58.38 61.08 54.97
N GLU E 40 -57.55 60.22 55.55
CA GLU E 40 -56.94 60.53 56.85
C GLU E 40 -55.47 60.14 56.78
N SER E 41 -54.61 61.14 56.57
CA SER E 41 -53.18 60.92 56.33
C SER E 41 -52.39 61.60 57.43
N LYS E 42 -52.16 60.90 58.54
CA LYS E 42 -51.44 61.48 59.66
C LYS E 42 -50.12 60.75 59.88
N ASP E 43 -49.32 61.32 60.76
CA ASP E 43 -48.11 60.65 61.22
C ASP E 43 -48.48 59.67 62.33
N TRP E 44 -47.67 58.63 62.51
CA TRP E 44 -48.04 57.54 63.39
C TRP E 44 -47.19 57.46 64.65
N GLU E 45 -45.89 57.17 64.54
CA GLU E 45 -45.07 56.84 65.70
C GLU E 45 -43.60 56.97 65.35
N LYS E 46 -42.86 57.76 66.14
CA LYS E 46 -41.43 57.57 66.25
C LYS E 46 -41.15 56.19 66.82
N ARG E 47 -40.26 55.44 66.17
CA ARG E 47 -40.01 54.07 66.62
C ARG E 47 -38.60 53.65 66.26
N ARG E 48 -37.96 52.91 67.17
CA ARG E 48 -36.73 52.23 66.82
C ARG E 48 -37.04 50.94 66.08
N LEU E 49 -36.20 50.62 65.10
CA LEU E 49 -36.49 49.49 64.24
C LEU E 49 -35.88 48.22 64.82
N ALA E 50 -36.40 47.08 64.35
CA ALA E 50 -35.89 45.79 64.79
C ALA E 50 -34.49 45.52 64.27
N TYR E 51 -34.14 46.10 63.12
CA TYR E 51 -32.82 46.00 62.54
C TYR E 51 -32.69 47.15 61.55
N GLU E 52 -31.50 47.33 61.00
CA GLU E 52 -31.29 48.52 60.20
C GLU E 52 -31.83 48.34 58.79
N MET E 53 -31.73 49.41 58.01
CA MET E 53 -31.92 49.35 56.56
C MET E 53 -30.63 49.69 55.83
N ASN E 54 -30.09 50.89 56.09
CA ASN E 54 -28.71 51.21 55.73
C ASN E 54 -27.90 51.56 56.98
N GLY E 55 -28.36 52.50 57.79
CA GLY E 55 -27.83 52.71 59.12
C GLY E 55 -28.95 53.12 60.06
N PHE E 56 -30.15 53.19 59.52
CA PHE E 56 -31.31 53.69 60.24
C PHE E 56 -31.91 52.54 61.06
N ARG E 57 -31.57 52.48 62.35
CA ARG E 57 -32.19 51.53 63.24
C ARG E 57 -33.37 52.15 63.97
N GLU E 58 -33.73 53.38 63.61
CA GLU E 58 -34.83 54.12 64.20
C GLU E 58 -35.56 54.84 63.09
N GLY E 59 -36.83 55.15 63.32
CA GLY E 59 -37.59 55.79 62.27
C GLY E 59 -38.88 56.36 62.80
N ILE E 60 -39.65 56.95 61.89
CA ILE E 60 -40.96 57.49 62.21
C ILE E 60 -41.95 56.94 61.20
N TYR E 61 -42.96 56.24 61.68
CA TYR E 61 -43.95 55.63 60.81
C TYR E 61 -44.98 56.65 60.36
N HIS E 62 -45.86 56.22 59.46
CA HIS E 62 -46.89 57.08 58.91
C HIS E 62 -48.07 56.20 58.53
N ILE E 63 -49.22 56.83 58.29
CA ILE E 63 -50.42 56.12 57.87
C ILE E 63 -51.25 57.06 57.02
N VAL E 64 -51.83 56.52 55.93
CA VAL E 64 -52.81 57.23 55.14
C VAL E 64 -54.05 56.34 55.02
N ASN E 65 -55.10 56.91 54.44
CA ASN E 65 -56.25 56.13 53.97
C ASN E 65 -56.74 56.77 52.68
N VAL E 66 -56.45 56.12 51.55
CA VAL E 66 -56.88 56.59 50.24
C VAL E 66 -57.89 55.59 49.69
N THR E 67 -58.93 56.12 49.04
CA THR E 67 -59.95 55.32 48.40
C THR E 67 -60.03 55.70 46.93
N SER E 68 -60.01 54.71 46.05
CA SER E 68 -60.06 54.97 44.61
C SER E 68 -60.46 53.69 43.92
N PRO E 69 -61.09 53.78 42.75
CA PRO E 69 -61.28 52.58 41.93
C PRO E 69 -59.96 52.09 41.36
N SER E 70 -59.98 50.82 40.93
CA SER E 70 -58.78 50.15 40.45
C SER E 70 -58.31 50.67 39.10
N THR E 71 -59.16 51.39 38.39
CA THR E 71 -58.87 51.81 37.02
C THR E 71 -57.90 52.97 36.91
N ALA E 72 -57.47 53.55 38.04
CA ALA E 72 -56.58 54.71 38.02
C ALA E 72 -55.14 54.26 37.78
N GLY E 73 -54.18 55.17 37.97
CA GLY E 73 -52.80 54.83 37.73
C GLY E 73 -51.81 55.46 38.70
N ALA E 74 -52.31 56.19 39.70
CA ALA E 74 -51.42 56.88 40.62
C ALA E 74 -50.72 55.93 41.58
N ILE E 75 -51.35 54.80 41.86
CA ILE E 75 -50.86 53.91 42.91
C ILE E 75 -49.57 53.25 42.49
N ASN E 76 -49.53 52.72 41.26
CA ASN E 76 -48.27 52.25 40.70
C ASN E 76 -47.33 53.42 40.40
N GLU E 77 -47.89 54.60 40.10
CA GLU E 77 -47.04 55.78 39.95
C GLU E 77 -46.44 56.18 41.28
N PHE E 78 -47.21 56.05 42.36
CA PHE E 78 -46.66 56.24 43.69
C PHE E 78 -45.58 55.22 44.01
N ASP E 79 -45.75 53.99 43.53
CA ASP E 79 -44.73 52.96 43.73
C ASP E 79 -43.44 53.30 43.00
N ARG E 80 -43.57 53.75 41.75
CA ARG E 80 -42.41 54.12 40.95
C ARG E 80 -41.69 55.32 41.54
N LEU E 81 -42.44 56.32 42.01
CA LEU E 81 -41.80 57.48 42.62
C LEU E 81 -41.25 57.17 43.99
N ALA E 82 -41.83 56.20 44.70
CA ALA E 82 -41.35 55.84 46.02
C ALA E 82 -40.07 55.03 45.95
N LYS E 83 -39.95 54.17 44.93
CA LYS E 83 -38.74 53.36 44.84
C LYS E 83 -37.56 54.14 44.29
N ILE E 84 -37.80 55.19 43.50
CA ILE E 84 -36.67 55.97 43.01
C ILE E 84 -36.17 56.95 44.04
N ASN E 85 -36.96 57.23 45.07
CA ASN E 85 -36.51 58.15 46.10
C ASN E 85 -35.59 57.43 47.08
N ASP E 86 -35.17 58.15 48.09
CA ASP E 86 -34.31 57.64 49.15
C ASP E 86 -34.88 57.87 50.54
N ASP E 87 -35.55 59.01 50.74
CA ASP E 87 -36.01 59.41 52.06
C ASP E 87 -37.18 58.58 52.57
N ILE E 88 -37.89 57.87 51.70
CA ILE E 88 -38.85 56.85 52.10
C ILE E 88 -38.21 55.50 51.87
N ILE E 89 -38.27 54.62 52.87
CA ILE E 89 -37.48 53.40 52.86
C ILE E 89 -38.30 52.22 52.36
N ARG E 90 -39.38 51.89 53.07
CA ARG E 90 -40.23 50.76 52.72
C ARG E 90 -41.69 51.14 52.90
N HIS E 91 -42.53 50.72 51.96
CA HIS E 91 -43.97 50.91 52.04
C HIS E 91 -44.68 49.63 51.64
N MET E 92 -45.88 49.43 52.20
CA MET E 92 -46.68 48.27 51.89
C MET E 92 -48.13 48.71 51.74
N ILE E 93 -48.80 48.20 50.71
CA ILE E 93 -50.14 48.63 50.34
C ILE E 93 -51.07 47.45 50.60
N VAL E 94 -51.91 47.55 51.63
CA VAL E 94 -52.74 46.45 52.08
C VAL E 94 -54.20 46.86 52.00
N LYS E 95 -55.03 46.00 51.41
CA LYS E 95 -56.47 46.23 51.37
C LYS E 95 -57.05 46.13 52.78
N VAL E 96 -58.00 47.01 53.07
CA VAL E 96 -58.50 47.23 54.43
C VAL E 96 -59.80 46.46 54.63
N GLU E 97 -59.85 45.67 55.69
CA GLU E 97 -61.07 44.98 56.09
C GLU E 97 -61.32 45.16 57.58
N PRO F 1 -20.31 -14.18 86.19
CA PRO F 1 -19.65 -14.09 84.89
C PRO F 1 -20.61 -13.58 83.85
N ARG F 2 -21.55 -14.43 83.45
CA ARG F 2 -22.64 -14.02 82.58
C ARG F 2 -23.94 -13.77 83.34
N LYS F 3 -24.31 -14.67 84.26
CA LYS F 3 -25.62 -14.58 84.87
C LYS F 3 -25.66 -13.55 86.00
N GLY F 4 -24.87 -13.75 87.05
CA GLY F 4 -24.89 -12.87 88.20
C GLY F 4 -23.52 -12.72 88.82
N PRO F 5 -23.43 -11.99 89.93
CA PRO F 5 -22.15 -11.84 90.62
C PRO F 5 -21.78 -13.10 91.38
N VAL F 6 -20.47 -13.28 91.58
CA VAL F 6 -19.93 -14.50 92.13
C VAL F 6 -19.49 -14.22 93.57
N ALA F 7 -19.37 -15.29 94.36
CA ALA F 7 -18.84 -15.18 95.72
C ALA F 7 -17.35 -14.86 95.68
N LYS F 8 -16.83 -14.44 96.84
CA LYS F 8 -15.58 -13.71 96.90
C LYS F 8 -14.51 -14.30 97.81
N ARG F 9 -14.84 -15.32 98.61
CA ARG F 9 -13.90 -16.16 99.37
C ARG F 9 -13.05 -15.34 100.36
N ASP F 10 -13.73 -14.89 101.41
CA ASP F 10 -13.02 -14.47 102.61
C ASP F 10 -12.14 -15.61 103.15
N VAL F 11 -11.04 -15.23 103.79
CA VAL F 11 -9.97 -16.17 104.10
C VAL F 11 -9.81 -16.34 105.61
N LEU F 12 -8.83 -17.15 106.01
CA LEU F 12 -8.38 -17.44 107.36
C LEU F 12 -7.29 -16.44 107.80
N PRO F 13 -7.30 -16.02 109.06
CA PRO F 13 -6.22 -15.15 109.56
C PRO F 13 -4.93 -15.92 109.79
N ASP F 14 -3.88 -15.22 110.23
CA ASP F 14 -2.55 -15.81 110.40
C ASP F 14 -2.52 -16.78 111.57
N PRO F 15 -1.49 -17.64 111.62
CA PRO F 15 -1.21 -18.37 112.87
C PRO F 15 -0.44 -17.56 113.89
N ILE F 16 0.03 -16.36 113.56
CA ILE F 16 0.76 -15.54 114.53
C ILE F 16 0.11 -14.17 114.69
N TYR F 17 0.06 -13.39 113.60
CA TYR F 17 -0.48 -12.04 113.69
C TYR F 17 -2.00 -12.02 113.73
N ASN F 18 -2.63 -13.15 113.41
CA ASN F 18 -4.09 -13.30 113.28
C ASN F 18 -4.64 -12.27 112.30
N SER F 19 -3.96 -12.13 111.17
CA SER F 19 -4.28 -11.16 110.15
C SER F 19 -4.71 -11.86 108.87
N LYS F 20 -5.79 -11.38 108.27
CA LYS F 20 -6.15 -11.83 106.93
C LYS F 20 -5.35 -11.09 105.88
N LEU F 21 -4.94 -9.86 106.17
CA LEU F 21 -4.21 -9.06 105.20
C LEU F 21 -2.80 -9.60 104.99
N VAL F 22 -2.14 -10.01 106.08
CA VAL F 22 -0.82 -10.60 105.97
C VAL F 22 -0.91 -12.00 105.38
N THR F 23 -2.03 -12.69 105.62
CA THR F 23 -2.27 -13.98 104.99
C THR F 23 -2.37 -13.83 103.48
N ARG F 24 -3.15 -12.85 103.03
CA ARG F 24 -3.26 -12.55 101.61
C ARG F 24 -1.93 -12.08 101.03
N LEU F 25 -1.13 -11.39 101.85
CA LEU F 25 0.22 -10.99 101.46
C LEU F 25 1.11 -12.19 101.22
N ILE F 26 1.00 -13.21 102.08
CA ILE F 26 1.74 -14.46 101.85
C ILE F 26 1.26 -15.12 100.58
N ASN F 27 -0.06 -15.15 100.36
CA ASN F 27 -0.60 -15.87 99.23
C ASN F 27 -0.35 -15.18 97.89
N ARG F 28 -0.02 -13.89 97.87
CA ARG F 28 0.51 -13.32 96.64
C ARG F 28 2.04 -13.25 96.67
N VAL F 29 2.68 -14.26 97.28
CA VAL F 29 4.11 -14.47 97.11
C VAL F 29 4.28 -15.93 96.66
N MET F 30 3.31 -16.76 97.05
CA MET F 30 3.46 -18.21 96.98
C MET F 30 3.47 -18.71 95.54
N VAL F 31 4.49 -19.51 95.21
CA VAL F 31 4.67 -20.09 93.89
C VAL F 31 4.72 -21.61 94.05
N ASP F 32 3.97 -22.33 93.20
CA ASP F 32 3.96 -23.79 93.13
C ASP F 32 3.51 -24.45 94.42
N GLY F 33 2.73 -23.74 95.23
CA GLY F 33 2.19 -24.32 96.44
C GLY F 33 3.15 -24.37 97.60
N LYS F 34 4.37 -23.87 97.46
CA LYS F 34 5.31 -23.80 98.57
C LYS F 34 4.88 -22.64 99.46
N ARG F 35 4.04 -22.93 100.45
CA ARG F 35 3.56 -21.87 101.32
C ARG F 35 4.51 -21.60 102.48
N GLY F 36 5.11 -22.66 103.03
CA GLY F 36 5.93 -22.50 104.23
C GLY F 36 7.19 -21.70 103.99
N ILE F 37 7.78 -21.82 102.79
CA ILE F 37 8.98 -21.05 102.48
C ILE F 37 8.64 -19.57 102.34
N ALA F 38 7.53 -19.26 101.66
CA ALA F 38 7.11 -17.86 101.52
C ALA F 38 6.67 -17.26 102.85
N ALA F 39 5.97 -18.05 103.68
CA ALA F 39 5.56 -17.57 104.99
C ALA F 39 6.77 -17.33 105.89
N ASN F 40 7.76 -18.22 105.86
CA ASN F 40 8.92 -18.07 106.71
C ASN F 40 9.81 -16.91 106.25
N ILE F 41 9.91 -16.68 104.93
CA ILE F 41 10.69 -15.52 104.52
C ILE F 41 9.92 -14.22 104.75
N ILE F 42 8.59 -14.28 104.87
CA ILE F 42 7.87 -13.07 105.27
C ILE F 42 8.02 -12.82 106.77
N TYR F 43 8.06 -13.86 107.60
CA TYR F 43 8.41 -13.64 109.01
C TYR F 43 9.84 -13.15 109.18
N ASN F 44 10.76 -13.62 108.32
CA ASN F 44 12.10 -13.05 108.27
C ASN F 44 12.08 -11.59 107.84
N SER F 45 11.17 -11.23 106.94
CA SER F 45 11.04 -9.84 106.55
C SER F 45 10.54 -8.99 107.71
N PHE F 46 9.63 -9.53 108.53
CA PHE F 46 9.21 -8.82 109.74
C PHE F 46 10.34 -8.71 110.76
N ASP F 47 11.23 -9.71 110.80
CA ASP F 47 12.39 -9.60 111.67
C ASP F 47 13.37 -8.54 111.18
N ILE F 48 13.51 -8.38 109.87
CA ILE F 48 14.33 -7.28 109.35
C ILE F 48 13.64 -5.94 109.61
N ILE F 49 12.31 -5.92 109.58
CA ILE F 49 11.52 -4.74 109.94
C ILE F 49 11.80 -4.31 111.38
N LYS F 50 11.79 -5.28 112.30
CA LYS F 50 11.85 -5.00 113.72
C LYS F 50 13.21 -4.43 114.12
N GLU F 51 14.28 -4.80 113.42
CA GLU F 51 15.61 -4.36 113.82
C GLU F 51 15.92 -2.97 113.28
N SER F 52 16.01 -2.83 111.96
CA SER F 52 16.44 -1.59 111.34
C SER F 52 15.27 -0.61 111.34
N THR F 53 15.39 0.43 112.18
CA THR F 53 14.35 1.43 112.47
C THR F 53 13.03 0.76 112.84
N GLY F 54 13.08 0.00 113.93
CA GLY F 54 11.90 -0.68 114.43
C GLY F 54 10.90 0.30 115.03
N ASN F 55 9.79 0.51 114.34
CA ASN F 55 8.75 1.43 114.80
C ASN F 55 7.51 0.67 115.25
N ASP F 56 6.94 -0.11 114.34
CA ASP F 56 5.85 -1.07 114.52
C ASP F 56 5.93 -2.06 113.37
N PRO F 57 5.83 -3.38 113.64
CA PRO F 57 5.98 -4.36 112.56
C PRO F 57 4.82 -4.36 111.57
N LEU F 58 3.66 -3.80 111.94
CA LEU F 58 2.51 -3.80 111.06
C LEU F 58 2.15 -2.43 110.53
N GLU F 59 2.47 -1.35 111.27
CA GLU F 59 2.21 0.00 110.77
C GLU F 59 3.09 0.33 109.58
N VAL F 60 4.29 -0.28 109.50
CA VAL F 60 5.12 -0.10 108.32
C VAL F 60 4.46 -0.76 107.11
N PHE F 61 3.75 -1.86 107.31
CA PHE F 61 3.00 -2.48 106.23
C PHE F 61 1.78 -1.66 105.88
N GLU F 62 1.16 -1.01 106.87
CA GLU F 62 0.01 -0.17 106.57
C GLU F 62 0.44 1.12 105.87
N GLN F 63 1.64 1.61 106.14
CA GLN F 63 2.12 2.80 105.44
C GLN F 63 2.66 2.45 104.05
N ALA F 64 3.18 1.24 103.90
CA ALA F 64 3.41 0.69 102.57
C ALA F 64 2.11 0.60 101.78
N MET F 65 1.00 0.27 102.45
CA MET F 65 -0.30 0.35 101.80
C MET F 65 -0.70 1.80 101.55
N LYS F 66 -0.31 2.73 102.42
CA LYS F 66 -0.65 4.14 102.24
C LYS F 66 -0.08 4.70 100.94
N ASN F 67 1.22 4.53 100.73
CA ASN F 67 1.86 5.26 99.64
C ASN F 67 1.69 4.59 98.28
N VAL F 68 0.92 3.50 98.18
CA VAL F 68 0.75 2.75 96.95
C VAL F 68 -0.69 2.77 96.46
N MET F 69 -1.65 2.71 97.39
CA MET F 69 -3.02 2.30 97.09
C MET F 69 -3.74 3.33 96.22
N PRO F 70 -4.37 2.92 95.12
CA PRO F 70 -4.88 3.87 94.14
C PRO F 70 -6.20 4.48 94.60
N VAL F 71 -6.70 5.43 93.82
CA VAL F 71 -8.08 5.85 93.98
C VAL F 71 -8.73 5.99 92.61
N LEU F 72 -7.91 6.04 91.55
CA LEU F 72 -8.41 6.31 90.21
C LEU F 72 -7.78 5.36 89.20
N GLU F 73 -8.51 5.08 88.13
CA GLU F 73 -8.09 4.23 87.03
C GLU F 73 -9.06 4.44 85.87
N VAL F 74 -8.52 4.46 84.65
CA VAL F 74 -9.37 4.57 83.46
C VAL F 74 -9.91 3.20 83.08
N LYS F 75 -11.11 3.21 82.50
CA LYS F 75 -11.75 1.99 82.01
C LYS F 75 -12.46 2.29 80.69
N ALA F 76 -12.21 1.44 79.69
CA ALA F 76 -12.66 1.67 78.32
C ALA F 76 -14.17 1.42 78.23
N ARG F 77 -14.94 2.43 78.63
CA ARG F 77 -16.39 2.39 78.46
C ARG F 77 -16.76 3.23 77.24
N ARG F 78 -16.57 2.63 76.08
CA ARG F 78 -17.15 3.14 74.85
C ARG F 78 -18.62 2.76 74.76
N VAL F 79 -19.36 3.44 73.91
CA VAL F 79 -20.76 3.11 73.72
C VAL F 79 -21.00 2.75 72.27
N GLY F 80 -20.76 3.70 71.36
CA GLY F 80 -21.13 3.53 69.97
C GLY F 80 -19.95 3.41 69.02
N GLY F 81 -18.94 2.64 69.42
CA GLY F 81 -17.76 2.50 68.59
C GLY F 81 -16.84 3.70 68.75
N SER F 82 -16.43 3.96 69.98
CA SER F 82 -15.54 5.07 70.30
C SER F 82 -14.36 4.56 71.11
N ASN F 83 -13.55 5.49 71.60
CA ASN F 83 -12.45 5.20 72.50
C ASN F 83 -12.43 6.17 73.67
N TYR F 84 -13.57 6.32 74.34
CA TYR F 84 -13.71 7.26 75.45
C TYR F 84 -13.61 6.47 76.76
N GLN F 85 -12.39 6.15 77.16
CA GLN F 85 -12.20 5.48 78.44
C GLN F 85 -12.42 6.48 79.58
N VAL F 86 -13.08 6.02 80.63
CA VAL F 86 -13.53 6.89 81.72
C VAL F 86 -12.68 6.61 82.95
N PRO F 87 -12.07 7.63 83.56
CA PRO F 87 -11.45 7.44 84.88
C PRO F 87 -12.52 7.13 85.91
N VAL F 88 -12.47 5.92 86.44
CA VAL F 88 -13.52 5.38 87.28
C VAL F 88 -12.95 5.03 88.66
N GLU F 89 -13.75 5.25 89.70
CA GLU F 89 -13.39 4.84 91.04
C GLU F 89 -13.35 3.33 91.12
N VAL F 90 -12.40 2.81 91.85
CA VAL F 90 -12.15 1.38 91.86
C VAL F 90 -12.86 0.76 93.06
N ARG F 91 -13.26 -0.51 92.90
CA ARG F 91 -13.76 -1.32 94.00
C ARG F 91 -12.70 -1.43 95.09
N PRO F 92 -13.12 -1.45 96.36
CA PRO F 92 -12.12 -1.41 97.45
C PRO F 92 -11.29 -2.68 97.57
N GLU F 93 -11.84 -3.85 97.24
CA GLU F 93 -11.04 -5.06 97.33
C GLU F 93 -10.05 -5.15 96.17
N ARG F 94 -10.50 -4.77 94.97
CA ARG F 94 -9.61 -4.67 93.82
C ARG F 94 -8.53 -3.61 94.06
N ARG F 95 -8.88 -2.56 94.82
CA ARG F 95 -7.92 -1.52 95.18
C ARG F 95 -6.77 -2.11 96.02
N THR F 96 -7.11 -2.87 97.05
CA THR F 96 -6.09 -3.51 97.88
C THR F 96 -5.33 -4.58 97.11
N THR F 97 -5.99 -5.24 96.16
CA THR F 97 -5.31 -6.26 95.37
C THR F 97 -4.30 -5.63 94.42
N LEU F 98 -4.66 -4.49 93.82
CA LEU F 98 -3.70 -3.72 93.02
C LEU F 98 -2.56 -3.20 93.89
N GLY F 99 -2.85 -2.85 95.14
CA GLY F 99 -1.78 -2.43 96.03
C GLY F 99 -0.79 -3.55 96.33
N LEU F 100 -1.31 -4.74 96.63
CA LEU F 100 -0.45 -5.90 96.87
C LEU F 100 0.33 -6.27 95.62
N ARG F 101 -0.31 -6.14 94.45
CA ARG F 101 0.37 -6.41 93.19
C ARG F 101 1.49 -5.42 92.93
N TRP F 102 1.26 -4.15 93.25
CA TRP F 102 2.28 -3.14 93.01
C TRP F 102 3.40 -3.23 94.04
N VAL F 103 3.11 -3.78 95.22
CA VAL F 103 4.18 -3.97 96.20
C VAL F 103 5.02 -5.18 95.84
N VAL F 104 4.40 -6.36 95.78
CA VAL F 104 5.17 -7.59 95.65
C VAL F 104 5.56 -7.84 94.21
N ASN F 105 4.61 -7.70 93.28
CA ASN F 105 4.84 -8.05 91.89
C ASN F 105 5.69 -7.02 91.16
N TYR F 106 6.04 -5.92 91.80
CA TYR F 106 7.07 -5.03 91.28
C TYR F 106 8.42 -5.31 91.93
N ALA F 107 8.42 -5.93 93.12
CA ALA F 107 9.64 -6.17 93.89
C ALA F 107 10.53 -7.26 93.32
N ARG F 108 10.21 -7.81 92.15
CA ARG F 108 11.09 -8.71 91.44
C ARG F 108 12.31 -8.02 90.88
N LEU F 109 12.32 -6.68 90.85
CA LEU F 109 13.24 -5.90 90.04
C LEU F 109 14.33 -5.19 90.84
N ARG F 110 14.43 -5.43 92.16
CA ARG F 110 15.49 -4.77 92.91
C ARG F 110 16.85 -5.38 92.57
N GLY F 111 16.90 -6.70 92.39
CA GLY F 111 18.09 -7.35 91.87
C GLY F 111 19.27 -7.40 92.81
N GLU F 112 19.03 -7.28 94.11
CA GLU F 112 20.12 -7.37 95.07
C GLU F 112 20.41 -8.81 95.43
N HIS F 113 21.62 -9.05 95.94
CA HIS F 113 22.12 -10.41 96.07
C HIS F 113 21.43 -11.17 97.19
N THR F 114 21.20 -10.52 98.33
CA THR F 114 20.47 -11.18 99.40
C THR F 114 19.00 -11.29 99.02
N MET F 115 18.46 -12.50 99.18
CA MET F 115 17.24 -12.91 98.49
C MET F 115 15.97 -12.26 99.04
N GLU F 116 16.01 -11.66 100.23
CA GLU F 116 14.85 -10.97 100.76
C GLU F 116 15.14 -9.51 101.08
N GLU F 117 16.28 -8.98 100.65
CA GLU F 117 16.46 -7.53 100.63
C GLU F 117 15.57 -6.86 99.59
N ARG F 118 15.16 -7.62 98.57
CA ARG F 118 14.14 -7.17 97.63
C ARG F 118 12.74 -7.28 98.20
N LEU F 119 12.57 -7.77 99.42
CA LEU F 119 11.27 -7.88 100.06
C LEU F 119 11.15 -6.99 101.30
N ALA F 120 12.04 -7.21 102.27
CA ALA F 120 11.91 -6.58 103.58
C ALA F 120 12.21 -5.09 103.50
N LYS F 121 13.39 -4.73 102.99
CA LYS F 121 13.72 -3.32 102.81
C LYS F 121 12.84 -2.67 101.76
N GLU F 122 12.33 -3.44 100.81
CA GLU F 122 11.42 -2.89 99.80
C GLU F 122 10.11 -2.43 100.43
N ILE F 123 9.53 -3.23 101.32
CA ILE F 123 8.32 -2.75 101.97
C ILE F 123 8.64 -1.79 103.11
N MET F 124 9.90 -1.74 103.57
CA MET F 124 10.30 -0.63 104.43
C MET F 124 10.30 0.68 103.66
N ASP F 125 10.73 0.64 102.40
CA ASP F 125 10.83 1.85 101.59
C ASP F 125 9.46 2.42 101.25
N ALA F 126 8.46 1.57 101.08
CA ALA F 126 7.14 2.02 100.67
C ALA F 126 6.37 2.70 101.79
N ALA F 127 6.89 2.68 103.02
CA ALA F 127 6.19 3.28 104.14
C ALA F 127 6.29 4.80 104.15
N ASN F 128 7.29 5.37 103.50
CA ASN F 128 7.58 6.79 103.63
C ASN F 128 7.86 7.40 102.26
N ASN F 129 6.97 7.13 101.31
CA ASN F 129 6.94 7.75 99.97
C ASN F 129 8.21 7.46 99.16
N THR F 130 8.80 6.28 99.37
CA THR F 130 9.89 5.81 98.52
C THR F 130 9.50 4.45 97.96
N GLY F 131 10.36 3.94 97.08
CA GLY F 131 10.01 2.80 96.25
C GLY F 131 9.30 3.26 94.99
N ALA F 132 9.59 2.62 93.86
CA ALA F 132 9.05 3.08 92.59
C ALA F 132 7.58 2.74 92.40
N SER F 133 6.97 1.99 93.31
CA SER F 133 5.53 1.71 93.22
C SER F 133 4.68 2.91 93.60
N VAL F 134 5.24 3.85 94.37
CA VAL F 134 4.52 5.10 94.64
C VAL F 134 4.37 5.90 93.36
N LYS F 135 5.47 6.02 92.61
CA LYS F 135 5.47 6.79 91.38
C LYS F 135 4.72 6.06 90.27
N LYS F 136 4.55 4.75 90.39
CA LYS F 136 3.61 4.02 89.56
C LYS F 136 2.19 4.55 89.75
N ARG F 137 1.78 4.72 91.01
CA ARG F 137 0.48 5.32 91.29
C ARG F 137 0.42 6.77 90.84
N GLU F 138 1.55 7.49 90.93
CA GLU F 138 1.59 8.89 90.51
C GLU F 138 1.35 9.03 89.02
N ASP F 139 2.10 8.28 88.21
CA ASP F 139 1.90 8.30 86.77
C ASP F 139 0.57 7.66 86.38
N THR F 140 0.03 6.77 87.21
CA THR F 140 -1.31 6.23 86.96
C THR F 140 -2.37 7.31 87.13
N HIS F 141 -2.25 8.12 88.18
CA HIS F 141 -3.16 9.25 88.32
C HIS F 141 -2.90 10.34 87.29
N LYS F 142 -1.69 10.43 86.75
CA LYS F 142 -1.44 11.46 85.74
C LYS F 142 -1.94 11.05 84.36
N MET F 143 -1.88 9.75 84.03
CA MET F 143 -2.55 9.28 82.83
C MET F 143 -4.06 9.16 83.03
N ALA F 144 -4.51 9.08 84.29
CA ALA F 144 -5.88 9.41 84.61
C ALA F 144 -6.08 10.92 84.46
N ASP F 145 -7.33 11.31 84.29
CA ASP F 145 -7.80 12.68 84.01
C ASP F 145 -7.26 13.24 82.69
N ALA F 146 -6.60 12.42 81.86
CA ALA F 146 -6.23 12.86 80.52
C ALA F 146 -7.45 13.01 79.64
N ASN F 147 -8.54 12.33 79.98
CA ASN F 147 -9.85 12.59 79.41
C ASN F 147 -10.83 12.93 80.53
N ARG F 148 -10.44 13.87 81.38
CA ARG F 148 -11.29 14.29 82.49
C ARG F 148 -12.56 14.97 81.98
N ALA F 149 -12.46 15.71 80.88
CA ALA F 149 -13.62 16.43 80.36
C ALA F 149 -14.58 15.50 79.61
N PHE F 150 -14.10 14.88 78.53
CA PHE F 150 -14.97 14.17 77.60
C PHE F 150 -15.16 12.70 77.96
N ALA F 151 -14.99 12.34 79.23
CA ALA F 151 -15.37 11.01 79.65
C ALA F 151 -16.10 10.96 80.98
N HIS F 152 -16.09 12.02 81.78
CA HIS F 152 -16.70 11.95 83.10
C HIS F 152 -18.21 12.15 83.05
N TYR F 153 -18.78 12.43 81.90
CA TYR F 153 -20.22 12.56 81.78
C TYR F 153 -20.92 11.21 81.65
N ARG F 154 -20.17 10.13 81.48
CA ARG F 154 -20.77 8.79 81.45
C ARG F 154 -20.48 8.04 82.74
N VAL G 1 -77.86 9.45 36.19
CA VAL G 1 -79.18 9.64 35.60
C VAL G 1 -80.02 8.39 35.83
N MET G 2 -81.19 8.56 36.44
CA MET G 2 -82.06 7.44 36.78
C MET G 2 -82.72 6.92 35.51
N THR G 3 -81.96 6.11 34.77
CA THR G 3 -82.40 5.74 33.44
C THR G 3 -83.34 4.55 33.42
N ASP G 4 -83.60 3.91 34.57
CA ASP G 4 -84.71 2.97 34.66
C ASP G 4 -85.28 2.98 36.06
N PRO G 5 -86.57 3.20 36.21
CA PRO G 5 -87.16 3.20 37.56
C PRO G 5 -87.55 1.82 38.06
N ILE G 6 -87.87 0.90 37.13
CA ILE G 6 -88.38 -0.41 37.54
C ILE G 6 -87.26 -1.23 38.18
N ALA G 7 -86.05 -1.15 37.62
CA ALA G 7 -84.91 -1.81 38.24
C ALA G 7 -84.58 -1.20 39.59
N ASP G 8 -84.81 0.10 39.76
CA ASP G 8 -84.60 0.72 41.06
C ASP G 8 -85.59 0.18 42.08
N PHE G 9 -86.85 0.03 41.68
CA PHE G 9 -87.87 -0.55 42.55
C PHE G 9 -87.52 -1.99 42.94
N LEU G 10 -87.05 -2.77 41.98
CA LEU G 10 -86.75 -4.17 42.27
C LEU G 10 -85.49 -4.33 43.12
N THR G 11 -84.48 -3.49 42.90
CA THR G 11 -83.32 -3.54 43.77
C THR G 11 -83.63 -3.02 45.16
N ARG G 12 -84.58 -2.09 45.29
CA ARG G 12 -84.98 -1.66 46.62
C ARG G 12 -85.69 -2.78 47.36
N ILE G 13 -86.48 -3.58 46.65
CA ILE G 13 -87.11 -4.74 47.28
C ILE G 13 -86.05 -5.76 47.69
N ARG G 14 -85.05 -5.99 46.85
CA ARG G 14 -84.03 -6.99 47.21
C ARG G 14 -83.14 -6.51 48.35
N ASN G 15 -82.78 -5.22 48.36
CA ASN G 15 -81.96 -4.71 49.44
C ASN G 15 -82.71 -4.67 50.75
N ALA G 16 -84.03 -4.42 50.71
CA ALA G 16 -84.80 -4.51 51.94
C ALA G 16 -84.99 -5.97 52.36
N ASN G 17 -85.03 -6.90 51.41
CA ASN G 17 -85.19 -8.30 51.80
C ASN G 17 -83.91 -8.86 52.37
N MET G 18 -82.76 -8.39 51.92
CA MET G 18 -81.49 -9.02 52.27
C MET G 18 -81.08 -8.70 53.71
N VAL G 19 -81.27 -7.44 54.14
CA VAL G 19 -80.94 -7.05 55.50
C VAL G 19 -82.13 -7.17 56.43
N LYS G 20 -83.26 -7.67 55.91
CA LYS G 20 -84.36 -8.24 56.70
C LYS G 20 -85.06 -7.24 57.62
N HIS G 21 -85.66 -6.23 57.03
CA HIS G 21 -86.60 -5.41 57.80
C HIS G 21 -87.90 -5.25 57.01
N GLU G 22 -88.85 -4.51 57.58
CA GLU G 22 -90.26 -4.70 57.23
C GLU G 22 -90.86 -3.61 56.35
N THR G 23 -90.25 -2.44 56.26
CA THR G 23 -90.84 -1.34 55.52
C THR G 23 -89.99 -0.96 54.32
N LEU G 24 -90.59 -0.19 53.42
CA LEU G 24 -89.93 0.22 52.18
C LEU G 24 -90.65 1.44 51.61
N GLU G 25 -89.87 2.43 51.17
CA GLU G 25 -90.40 3.69 50.68
C GLU G 25 -89.95 3.89 49.24
N VAL G 26 -90.90 4.03 48.32
CA VAL G 26 -90.63 4.05 46.89
C VAL G 26 -91.28 5.27 46.25
N PRO G 27 -90.51 6.23 45.72
CA PRO G 27 -91.07 7.20 44.77
C PRO G 27 -91.60 6.49 43.54
N ALA G 28 -92.91 6.60 43.33
CA ALA G 28 -93.63 5.60 42.55
C ALA G 28 -94.48 6.24 41.45
N SER G 29 -94.96 5.38 40.57
CA SER G 29 -95.84 5.75 39.47
C SER G 29 -96.67 4.53 39.08
N LYS G 30 -97.29 4.59 37.90
CA LYS G 30 -98.48 3.80 37.63
C LYS G 30 -98.15 2.33 37.41
N ILE G 31 -97.03 2.05 36.75
CA ILE G 31 -96.66 0.66 36.49
C ILE G 31 -96.14 -0.02 37.75
N LYS G 32 -95.50 0.75 38.63
CA LYS G 32 -95.02 0.22 39.90
C LYS G 32 -96.20 -0.18 40.79
N ARG G 33 -97.24 0.64 40.79
CA ARG G 33 -98.43 0.32 41.57
C ARG G 33 -99.13 -0.90 40.99
N ASP G 34 -99.09 -1.06 39.68
CA ASP G 34 -99.76 -2.20 39.07
C ASP G 34 -99.03 -3.50 39.36
N ILE G 35 -97.69 -3.51 39.30
CA ILE G 35 -96.99 -4.73 39.67
C ILE G 35 -97.05 -4.95 41.18
N ALA G 36 -97.23 -3.91 41.98
CA ALA G 36 -97.47 -4.10 43.40
C ALA G 36 -98.80 -4.80 43.64
N GLU G 37 -99.82 -4.44 42.88
CA GLU G 37 -101.11 -5.13 43.02
C GLU G 37 -101.02 -6.57 42.53
N ILE G 38 -100.22 -6.82 41.49
CA ILE G 38 -99.99 -8.18 41.02
C ILE G 38 -99.35 -9.02 42.10
N LEU G 39 -98.30 -8.49 42.74
CA LEU G 39 -97.64 -9.24 43.81
C LEU G 39 -98.52 -9.38 45.05
N LYS G 40 -99.39 -8.40 45.32
CA LYS G 40 -100.25 -8.46 46.49
C LYS G 40 -101.30 -9.56 46.33
N ARG G 41 -101.95 -9.60 45.18
CA ARG G 41 -102.91 -10.68 44.94
C ARG G 41 -102.22 -12.02 44.75
N GLU G 42 -100.94 -12.02 44.43
CA GLU G 42 -100.16 -13.25 44.49
C GLU G 42 -99.43 -13.40 45.81
N GLY G 43 -99.56 -12.43 46.70
CA GLY G 43 -99.21 -12.65 48.10
C GLY G 43 -97.74 -12.65 48.42
N PHE G 44 -96.88 -12.32 47.48
CA PHE G 44 -95.48 -12.13 47.82
C PHE G 44 -95.27 -10.93 48.74
N ILE G 45 -96.14 -9.94 48.64
CA ILE G 45 -96.19 -8.82 49.58
C ILE G 45 -97.22 -9.18 50.64
N ARG G 46 -96.98 -8.73 51.87
CA ARG G 46 -97.99 -8.92 52.90
C ARG G 46 -99.12 -7.91 52.75
N ASP G 47 -98.79 -6.64 52.54
CA ASP G 47 -99.76 -5.56 52.45
C ASP G 47 -99.09 -4.37 51.80
N VAL G 48 -99.90 -3.50 51.19
CA VAL G 48 -99.44 -2.21 50.70
C VAL G 48 -100.42 -1.13 51.13
N GLU G 49 -99.90 0.09 51.24
CA GLU G 49 -100.73 1.27 51.41
C GLU G 49 -100.18 2.35 50.50
N TYR G 50 -101.00 3.37 50.26
CA TYR G 50 -100.70 4.35 49.23
C TYR G 50 -100.84 5.75 49.79
N ILE G 51 -99.78 6.55 49.64
CA ILE G 51 -99.72 7.91 50.15
C ILE G 51 -99.16 8.79 49.04
N GLU G 52 -99.97 9.69 48.51
CA GLU G 52 -99.51 10.58 47.45
C GLU G 52 -99.96 11.99 47.72
N ASP G 53 -99.02 12.94 47.68
CA ASP G 53 -99.40 14.34 47.77
C ASP G 53 -99.51 14.98 46.38
N ASP G 54 -98.41 15.10 45.65
CA ASP G 54 -98.44 15.66 44.31
C ASP G 54 -97.43 15.05 43.34
N LYS G 55 -96.65 14.07 43.76
CA LYS G 55 -95.37 13.76 43.13
C LYS G 55 -95.26 12.24 43.05
N GLN G 56 -94.03 11.75 42.86
CA GLN G 56 -93.78 10.32 42.68
C GLN G 56 -94.16 9.55 43.94
N GLY G 57 -95.28 8.84 43.87
CA GLY G 57 -95.70 8.01 44.98
C GLY G 57 -96.07 8.84 46.19
N VAL G 58 -95.74 8.33 47.38
CA VAL G 58 -94.94 7.12 47.53
C VAL G 58 -95.78 5.92 47.92
N ILE G 59 -95.30 4.74 47.55
CA ILE G 59 -95.94 3.51 47.95
C ILE G 59 -95.13 2.92 49.10
N ARG G 60 -95.78 2.68 50.22
CA ARG G 60 -95.13 2.04 51.35
C ARG G 60 -95.41 0.56 51.29
N VAL G 61 -94.36 -0.25 51.35
CA VAL G 61 -94.44 -1.69 51.16
C VAL G 61 -94.30 -2.35 52.53
N PHE G 62 -95.22 -3.26 52.84
CA PHE G 62 -95.18 -4.05 54.06
C PHE G 62 -94.76 -5.45 53.65
N LEU G 63 -93.50 -5.78 53.92
CA LEU G 63 -92.91 -7.01 53.44
C LEU G 63 -93.47 -8.21 54.21
N LYS G 64 -93.16 -9.39 53.72
CA LYS G 64 -93.63 -10.62 54.34
C LYS G 64 -92.44 -11.42 54.84
N TYR G 65 -92.51 -11.86 56.08
CA TYR G 65 -91.51 -12.76 56.64
C TYR G 65 -92.23 -13.95 57.24
N GLY G 66 -91.55 -15.09 57.24
CA GLY G 66 -92.14 -16.32 57.71
C GLY G 66 -92.29 -16.33 59.21
N LYS G 67 -92.94 -17.39 59.70
CA LYS G 67 -93.26 -17.50 61.11
C LYS G 67 -92.07 -17.90 61.97
N ASN G 68 -90.92 -18.19 61.37
CA ASN G 68 -89.68 -18.39 62.09
C ASN G 68 -88.55 -17.66 61.39
N GLU G 69 -88.81 -16.39 61.07
CA GLU G 69 -87.85 -15.40 60.57
C GLU G 69 -87.28 -15.75 59.21
N GLU G 70 -87.94 -16.62 58.46
CA GLU G 70 -87.51 -16.97 57.12
C GLU G 70 -88.17 -16.05 56.11
N ARG G 71 -87.61 -16.04 54.90
CA ARG G 71 -87.99 -15.07 53.87
C ARG G 71 -88.70 -15.78 52.73
N VAL G 72 -89.83 -15.21 52.30
CA VAL G 72 -90.67 -15.89 51.33
C VAL G 72 -90.38 -15.48 49.88
N ILE G 73 -89.76 -14.34 49.65
CA ILE G 73 -89.38 -13.93 48.30
C ILE G 73 -87.85 -13.99 48.24
N THR G 74 -87.32 -14.77 47.30
CA THR G 74 -85.91 -15.11 47.40
C THR G 74 -85.03 -14.48 46.34
N ASN G 75 -85.53 -14.21 45.13
CA ASN G 75 -84.81 -13.43 44.13
C ASN G 75 -85.77 -12.79 43.14
N LEU G 76 -85.21 -11.87 42.36
CA LEU G 76 -86.00 -10.86 41.67
C LEU G 76 -85.11 -10.20 40.63
N LYS G 77 -85.41 -10.38 39.34
CA LYS G 77 -84.56 -9.76 38.33
C LYS G 77 -85.35 -9.47 37.07
N ARG G 78 -84.88 -8.46 36.33
CA ARG G 78 -85.55 -7.99 35.12
C ARG G 78 -85.16 -8.83 33.91
N ILE G 79 -85.91 -8.63 32.83
CA ILE G 79 -85.69 -9.35 31.59
C ILE G 79 -85.46 -8.37 30.45
N SER G 80 -86.45 -7.54 30.16
CA SER G 80 -86.36 -6.61 29.03
C SER G 80 -85.82 -5.29 29.56
N LYS G 81 -84.51 -5.24 29.71
CA LYS G 81 -83.92 -4.00 30.18
C LYS G 81 -83.87 -2.98 29.03
N PRO G 82 -83.94 -1.68 29.35
CA PRO G 82 -84.02 -0.67 28.30
C PRO G 82 -82.74 -0.56 27.49
N GLY G 83 -82.78 -1.10 26.29
CA GLY G 83 -81.62 -1.13 25.43
C GLY G 83 -81.60 -2.45 24.69
N LEU G 84 -82.08 -3.50 25.35
CA LEU G 84 -82.33 -4.79 24.71
C LEU G 84 -83.74 -5.19 25.13
N ARG G 85 -84.72 -4.78 24.33
CA ARG G 85 -86.09 -5.08 24.64
C ARG G 85 -86.37 -6.54 24.31
N ALA G 86 -87.24 -7.16 25.10
CA ALA G 86 -87.51 -8.59 24.96
C ALA G 86 -89.00 -8.83 24.86
N TYR G 87 -89.42 -9.56 23.83
CA TYR G 87 -90.83 -9.83 23.58
C TYR G 87 -91.04 -11.32 23.43
N VAL G 88 -92.12 -11.82 24.02
CA VAL G 88 -92.40 -13.24 24.09
C VAL G 88 -93.80 -13.48 23.54
N LYS G 89 -93.92 -14.43 22.61
CA LYS G 89 -95.20 -14.75 22.02
C LYS G 89 -96.05 -15.59 22.98
N ALA G 90 -97.28 -15.89 22.56
CA ALA G 90 -98.26 -16.53 23.43
C ALA G 90 -97.97 -18.00 23.67
N ASP G 91 -97.15 -18.63 22.84
CA ASP G 91 -96.73 -20.00 23.10
C ASP G 91 -95.23 -20.09 23.22
N GLU G 92 -94.61 -19.04 23.75
CA GLU G 92 -93.25 -19.07 24.26
C GLU G 92 -93.18 -18.62 25.70
N VAL G 93 -94.32 -18.48 26.37
CA VAL G 93 -94.41 -17.88 27.71
C VAL G 93 -93.70 -18.79 28.72
N PRO G 94 -92.74 -18.28 29.48
CA PRO G 94 -91.95 -19.14 30.35
C PRO G 94 -92.73 -19.61 31.58
N LYS G 95 -92.25 -20.70 32.16
CA LYS G 95 -92.88 -21.36 33.30
C LYS G 95 -91.77 -21.62 34.31
N VAL G 96 -91.57 -20.67 35.22
CA VAL G 96 -90.34 -20.60 36.01
C VAL G 96 -90.40 -21.56 37.20
N LEU G 97 -89.30 -22.29 37.40
CA LEU G 97 -89.16 -23.32 38.44
C LEU G 97 -90.25 -24.39 38.37
N ASN G 98 -90.56 -24.81 37.13
CA ASN G 98 -91.73 -25.64 36.82
C ASN G 98 -92.99 -25.04 37.41
N GLY G 99 -93.18 -23.74 37.17
CA GLY G 99 -94.37 -23.04 37.60
C GLY G 99 -94.39 -22.66 39.06
N LEU G 100 -93.30 -22.84 39.79
CA LEU G 100 -93.33 -22.56 41.21
C LEU G 100 -93.31 -21.06 41.50
N GLY G 101 -92.64 -20.29 40.64
CA GLY G 101 -92.74 -18.84 40.68
C GLY G 101 -93.75 -18.33 39.67
N ILE G 102 -93.68 -17.03 39.39
CA ILE G 102 -94.51 -16.38 38.40
C ILE G 102 -93.62 -15.51 37.52
N ALA G 103 -94.26 -14.80 36.59
CA ALA G 103 -93.56 -13.86 35.71
C ALA G 103 -94.52 -12.76 35.31
N ILE G 104 -94.00 -11.54 35.24
CA ILE G 104 -94.80 -10.37 34.93
C ILE G 104 -94.75 -10.10 33.44
N ILE G 105 -95.91 -10.14 32.77
CA ILE G 105 -96.00 -9.92 31.34
C ILE G 105 -96.97 -8.77 31.09
N SER G 106 -96.52 -7.76 30.35
CA SER G 106 -97.35 -6.60 30.00
C SER G 106 -98.06 -6.92 28.69
N THR G 107 -99.20 -7.59 28.81
CA THR G 107 -99.95 -8.03 27.65
C THR G 107 -100.68 -6.85 27.00
N SER G 108 -101.39 -7.13 25.91
CA SER G 108 -102.12 -6.08 25.21
C SER G 108 -103.40 -5.68 25.94
N GLU G 109 -103.86 -6.46 26.91
CA GLU G 109 -104.95 -6.02 27.76
C GLU G 109 -104.46 -5.31 29.02
N GLY G 110 -103.20 -5.47 29.37
CA GLY G 110 -102.67 -4.80 30.54
C GLY G 110 -101.51 -5.60 31.12
N VAL G 111 -101.48 -5.67 32.45
CA VAL G 111 -100.38 -6.27 33.20
C VAL G 111 -100.96 -7.40 34.04
N ILE G 112 -100.64 -8.64 33.67
CA ILE G 112 -101.16 -9.83 34.33
C ILE G 112 -100.01 -10.81 34.56
N THR G 113 -100.36 -11.98 35.09
CA THR G 113 -99.42 -13.06 35.35
C THR G 113 -99.24 -13.91 34.09
N ASP G 114 -98.61 -15.07 34.24
CA ASP G 114 -98.44 -15.98 33.11
C ASP G 114 -99.59 -16.95 32.94
N LYS G 115 -100.25 -17.34 34.03
CA LYS G 115 -101.37 -18.27 33.94
C LYS G 115 -102.57 -17.62 33.28
N GLU G 116 -102.86 -16.37 33.65
CA GLU G 116 -103.89 -15.61 32.97
C GLU G 116 -103.52 -15.33 31.52
N ALA G 117 -102.22 -15.23 31.25
CA ALA G 117 -101.75 -15.02 29.88
C ALA G 117 -101.97 -16.27 29.04
N ARG G 118 -101.59 -17.43 29.55
CA ARG G 118 -101.80 -18.66 28.78
C ARG G 118 -103.26 -19.07 28.76
N ALA G 119 -104.09 -18.55 29.65
CA ALA G 119 -105.52 -18.78 29.58
C ALA G 119 -106.23 -17.80 28.64
N LYS G 120 -105.48 -16.99 27.89
CA LYS G 120 -106.07 -16.12 26.89
C LYS G 120 -105.35 -16.16 25.54
N ASN G 121 -104.26 -16.92 25.42
CA ASN G 121 -103.40 -17.01 24.25
C ASN G 121 -102.91 -15.62 23.82
N ILE G 122 -102.30 -14.93 24.77
CA ILE G 122 -101.72 -13.61 24.54
C ILE G 122 -100.28 -13.62 25.04
N GLY G 123 -99.35 -13.25 24.18
CA GLY G 123 -97.98 -13.06 24.60
C GLY G 123 -97.77 -11.68 25.18
N GLY G 124 -96.69 -11.02 24.80
CA GLY G 124 -96.44 -9.66 25.21
C GLY G 124 -95.03 -9.49 25.71
N GLU G 125 -94.77 -8.35 26.31
CA GLU G 125 -93.45 -8.03 26.84
C GLU G 125 -93.35 -8.49 28.28
N VAL G 126 -92.27 -9.22 28.57
CA VAL G 126 -92.00 -9.68 29.93
C VAL G 126 -91.22 -8.60 30.67
N ILE G 127 -91.72 -8.19 31.82
CA ILE G 127 -91.02 -7.16 32.59
C ILE G 127 -89.93 -7.79 33.45
N ALA G 128 -90.31 -8.73 34.31
CA ALA G 128 -89.37 -9.30 35.28
C ALA G 128 -89.90 -10.63 35.80
N TYR G 129 -88.99 -11.44 36.31
CA TYR G 129 -89.36 -12.59 37.12
C TYR G 129 -89.52 -12.19 38.58
N VAL G 130 -90.12 -13.10 39.34
CA VAL G 130 -89.98 -13.16 40.78
C VAL G 130 -90.27 -14.60 41.21
N TRP G 131 -89.45 -15.11 42.11
CA TRP G 131 -89.67 -16.47 42.61
C TRP G 131 -89.12 -16.62 44.01
N GLN H 1 -6.96 -44.38 135.28
CA GLN H 1 -8.11 -43.49 135.40
C GLN H 1 -8.94 -43.48 134.12
N VAL H 2 -9.92 -42.58 134.08
CA VAL H 2 -10.76 -42.42 132.90
C VAL H 2 -9.96 -41.68 131.82
N GLN H 3 -10.26 -41.99 130.56
CA GLN H 3 -9.69 -41.29 129.43
C GLN H 3 -10.84 -40.77 128.56
N TYR H 4 -10.54 -39.72 127.79
CA TYR H 4 -11.53 -39.09 126.94
C TYR H 4 -11.22 -39.37 125.48
N SER H 5 -12.23 -39.79 124.74
CA SER H 5 -12.09 -40.29 123.37
C SER H 5 -12.33 -39.16 122.37
N GLY H 6 -12.15 -39.49 121.09
CA GLY H 6 -12.32 -38.54 120.01
C GLY H 6 -11.60 -38.99 118.75
N THR H 7 -12.16 -38.67 117.59
CA THR H 7 -11.54 -39.05 116.33
C THR H 7 -11.74 -37.96 115.29
N GLY H 8 -10.75 -37.82 114.41
CA GLY H 8 -10.76 -36.77 113.41
C GLY H 8 -10.12 -37.20 112.12
N ARG H 9 -10.71 -36.79 111.00
CA ARG H 9 -10.32 -37.27 109.68
C ARG H 9 -10.25 -36.10 108.72
N ARG H 10 -9.23 -36.10 107.87
CA ARG H 10 -9.15 -35.14 106.78
C ARG H 10 -8.19 -35.68 105.73
N LYS H 11 -8.59 -35.61 104.45
CA LYS H 11 -7.70 -35.66 103.30
C LYS H 11 -6.99 -37.01 103.23
N ASN H 12 -7.78 -38.08 103.35
CA ASN H 12 -7.32 -39.47 103.34
C ASN H 12 -6.31 -39.74 104.45
N ALA H 13 -6.52 -39.10 105.61
CA ALA H 13 -5.68 -39.32 106.78
C ALA H 13 -6.58 -39.41 108.00
N VAL H 14 -6.32 -40.38 108.87
CA VAL H 14 -7.19 -40.67 110.00
C VAL H 14 -6.38 -40.55 111.28
N ALA H 15 -7.04 -40.10 112.35
CA ALA H 15 -6.41 -39.90 113.64
C ALA H 15 -7.30 -40.44 114.75
N ARG H 16 -6.69 -40.99 115.80
CA ARG H 16 -7.39 -41.50 116.98
C ARG H 16 -6.94 -40.70 118.19
N VAL H 17 -7.73 -39.70 118.56
CA VAL H 17 -7.40 -38.81 119.67
C VAL H 17 -7.77 -39.48 120.98
N ARG H 18 -6.86 -39.40 121.95
CA ARG H 18 -7.01 -40.00 123.26
C ARG H 18 -6.69 -38.92 124.29
N LEU H 19 -7.73 -38.24 124.78
CA LEU H 19 -7.56 -37.07 125.63
C LEU H 19 -7.53 -37.47 127.09
N VAL H 20 -6.57 -36.93 127.82
CA VAL H 20 -6.42 -37.24 129.25
C VAL H 20 -6.23 -35.91 129.99
N PRO H 21 -6.75 -35.78 131.22
CA PRO H 21 -6.38 -34.62 132.04
C PRO H 21 -4.89 -34.62 132.39
N GLY H 22 -4.13 -33.71 131.79
CA GLY H 22 -2.69 -33.74 131.94
C GLY H 22 -2.10 -32.39 132.29
N THR H 23 -1.16 -31.93 131.46
CA THR H 23 -0.57 -30.59 131.61
C THR H 23 -0.62 -29.76 130.34
N GLY H 24 -0.91 -30.35 129.19
CA GLY H 24 -1.00 -29.64 127.94
C GLY H 24 0.25 -29.83 127.09
N LYS H 25 0.17 -30.82 126.21
CA LYS H 25 1.19 -31.24 125.26
C LYS H 25 0.49 -32.12 124.24
N ILE H 26 1.28 -32.80 123.40
CA ILE H 26 0.75 -33.88 122.58
C ILE H 26 1.86 -34.89 122.31
N THR H 27 1.51 -36.17 122.38
CA THR H 27 2.39 -37.26 122.00
C THR H 27 1.76 -37.98 120.81
N VAL H 28 2.51 -38.07 119.71
CA VAL H 28 2.01 -38.68 118.50
C VAL H 28 2.99 -39.77 118.06
N ASN H 29 2.46 -40.99 117.89
CA ASN H 29 3.20 -42.20 117.52
C ASN H 29 4.37 -42.46 118.46
N LYS H 30 4.12 -42.22 119.76
CA LYS H 30 5.12 -42.29 120.83
C LYS H 30 6.33 -41.42 120.54
N LYS H 31 6.07 -40.16 120.19
CA LYS H 31 7.10 -39.14 120.08
C LYS H 31 6.61 -37.86 120.73
N ASP H 32 7.33 -36.77 120.46
CA ASP H 32 7.05 -35.52 121.14
C ASP H 32 6.08 -34.68 120.29
N VAL H 33 5.92 -33.41 120.63
CA VAL H 33 4.98 -32.55 119.91
C VAL H 33 5.53 -32.16 118.54
N GLU H 34 6.74 -31.63 118.49
CA GLU H 34 7.32 -31.13 117.25
C GLU H 34 8.62 -31.82 116.92
N GLU H 35 8.64 -33.15 117.07
CA GLU H 35 9.63 -34.01 116.45
C GLU H 35 9.08 -34.69 115.20
N TYR H 36 7.84 -35.16 115.29
CA TYR H 36 7.13 -35.82 114.20
C TYR H 36 6.25 -34.85 113.42
N ILE H 37 5.82 -33.77 114.06
CA ILE H 37 5.21 -32.63 113.39
C ILE H 37 6.33 -31.64 113.09
N PRO H 38 6.75 -31.48 111.84
CA PRO H 38 7.92 -30.66 111.54
C PRO H 38 7.70 -29.16 111.66
N HIS H 39 8.65 -28.41 111.10
CA HIS H 39 8.88 -26.97 111.23
C HIS H 39 7.67 -26.06 111.07
N ALA H 40 6.56 -26.58 110.54
CA ALA H 40 5.34 -25.81 110.34
C ALA H 40 4.83 -25.25 111.66
N ASP H 41 4.17 -24.10 111.57
CA ASP H 41 3.78 -23.29 112.71
C ASP H 41 2.43 -23.69 113.29
N LEU H 42 2.02 -24.94 113.11
CA LEU H 42 0.64 -25.31 113.28
C LEU H 42 0.29 -25.63 114.72
N ARG H 43 0.65 -24.74 115.65
CA ARG H 43 0.39 -24.98 117.07
C ARG H 43 -0.93 -24.36 117.48
N GLU H 44 -1.06 -23.04 117.31
CA GLU H 44 -2.34 -22.38 117.54
C GLU H 44 -3.37 -22.77 116.50
N VAL H 45 -2.93 -23.31 115.35
CA VAL H 45 -3.80 -24.08 114.47
C VAL H 45 -4.50 -25.20 115.23
N ILE H 46 -3.72 -26.02 115.93
CA ILE H 46 -4.31 -27.10 116.71
C ILE H 46 -4.94 -26.56 117.98
N ASN H 47 -4.38 -25.50 118.56
CA ASN H 47 -4.90 -24.93 119.80
C ASN H 47 -6.03 -23.93 119.58
N GLN H 48 -6.56 -23.85 118.37
CA GLN H 48 -7.71 -22.99 118.09
C GLN H 48 -9.02 -23.49 118.74
N PRO H 49 -9.32 -24.80 118.81
CA PRO H 49 -10.42 -25.21 119.71
C PRO H 49 -10.16 -24.93 121.17
N PHE H 50 -8.89 -24.85 121.61
CA PHE H 50 -8.64 -24.47 123.00
C PHE H 50 -8.93 -23.00 123.24
N GLY H 51 -8.80 -22.17 122.22
CA GLY H 51 -9.14 -20.76 122.34
C GLY H 51 -10.62 -20.46 122.37
N VAL H 52 -11.47 -21.47 122.37
CA VAL H 52 -12.91 -21.28 122.47
C VAL H 52 -13.43 -22.21 123.56
N THR H 53 -12.57 -23.11 124.03
CA THR H 53 -12.96 -24.07 125.06
C THR H 53 -11.73 -24.46 125.87
N GLU H 54 -11.76 -24.09 127.16
CA GLU H 54 -10.73 -24.42 128.16
C GLU H 54 -9.35 -23.88 127.72
N THR H 55 -9.27 -22.55 127.71
CA THR H 55 -8.05 -21.87 127.31
C THR H 55 -7.07 -21.84 128.48
N LYS H 56 -5.86 -22.35 128.25
CA LYS H 56 -5.45 -23.02 127.01
C LYS H 56 -5.26 -24.50 127.29
N GLY H 57 -4.93 -24.81 128.53
CA GLY H 57 -4.75 -26.17 128.98
C GLY H 57 -5.69 -26.51 130.11
N ALA H 58 -5.30 -27.49 130.92
CA ALA H 58 -4.03 -28.19 130.80
C ALA H 58 -4.28 -29.67 130.64
N TYR H 59 -4.51 -30.12 129.41
CA TYR H 59 -4.73 -31.52 129.11
C TYR H 59 -3.68 -32.02 128.15
N ASP H 60 -2.93 -33.05 128.56
CA ASP H 60 -2.06 -33.73 127.61
C ASP H 60 -2.89 -34.60 126.68
N VAL H 61 -2.35 -34.83 125.48
CA VAL H 61 -3.10 -35.46 124.40
C VAL H 61 -2.28 -36.63 123.87
N ILE H 62 -2.92 -37.80 123.80
CA ILE H 62 -2.36 -38.96 123.12
C ILE H 62 -3.07 -39.09 121.78
N VAL H 63 -2.32 -39.35 120.72
CA VAL H 63 -2.91 -39.60 119.40
C VAL H 63 -1.95 -40.49 118.62
N ASN H 64 -2.51 -41.31 117.74
CA ASN H 64 -1.75 -42.19 116.87
C ASN H 64 -2.24 -41.98 115.44
N VAL H 65 -1.59 -41.08 114.71
CA VAL H 65 -2.04 -40.69 113.38
C VAL H 65 -1.25 -41.49 112.35
N ASN H 66 -1.87 -41.72 111.19
CA ASN H 66 -1.26 -42.48 110.11
C ASN H 66 -1.99 -42.18 108.80
N GLY H 67 -1.24 -42.24 107.71
CA GLY H 67 -1.80 -42.00 106.40
C GLY H 67 -1.81 -40.53 106.02
N GLY H 68 -2.01 -40.28 104.72
CA GLY H 68 -2.09 -38.93 104.20
C GLY H 68 -0.77 -38.17 104.25
N GLY H 69 -0.86 -36.89 103.87
CA GLY H 69 0.26 -36.00 104.01
C GLY H 69 0.27 -35.36 105.38
N TYR H 70 1.33 -34.59 105.64
CA TYR H 70 1.58 -34.15 107.02
C TYR H 70 0.57 -33.08 107.45
N ALA H 71 0.22 -32.17 106.55
CA ALA H 71 -0.68 -31.09 106.95
C ALA H 71 -2.11 -31.58 107.07
N GLY H 72 -2.49 -32.54 106.23
CA GLY H 72 -3.82 -33.11 106.34
C GLY H 72 -4.01 -33.93 107.59
N GLN H 73 -2.99 -34.71 107.95
CA GLN H 73 -3.08 -35.45 109.20
C GLN H 73 -2.87 -34.55 110.40
N SER H 74 -2.32 -33.34 110.20
CA SER H 74 -2.29 -32.38 111.28
C SER H 74 -3.66 -31.76 111.50
N GLY H 75 -4.36 -31.43 110.41
CA GLY H 75 -5.68 -30.82 110.53
C GLY H 75 -6.73 -31.74 111.10
N ALA H 76 -6.56 -33.04 110.94
CA ALA H 76 -7.49 -34.00 111.53
C ALA H 76 -7.35 -34.09 113.05
N ILE H 77 -6.26 -33.59 113.62
CA ILE H 77 -6.10 -33.57 115.06
C ILE H 77 -7.08 -32.58 115.69
N ARG H 78 -7.42 -31.52 114.96
CA ARG H 78 -8.35 -30.49 115.45
C ARG H 78 -9.72 -31.05 115.81
N HIS H 79 -10.17 -32.07 115.08
CA HIS H 79 -11.57 -32.46 115.17
C HIS H 79 -11.81 -33.56 116.19
N GLY H 80 -10.85 -34.45 116.41
CA GLY H 80 -10.95 -35.35 117.55
C GLY H 80 -10.90 -34.62 118.87
N ILE H 81 -10.11 -33.54 118.92
CA ILE H 81 -10.03 -32.70 120.12
C ILE H 81 -11.35 -31.98 120.36
N ALA H 82 -11.94 -31.43 119.30
CA ALA H 82 -13.22 -30.73 119.46
C ALA H 82 -14.35 -31.70 119.77
N ARG H 83 -14.30 -32.90 119.22
CA ARG H 83 -15.25 -33.94 119.59
C ARG H 83 -15.09 -34.34 121.04
N ALA H 84 -13.85 -34.37 121.53
CA ALA H 84 -13.61 -34.65 122.95
C ALA H 84 -14.13 -33.52 123.84
N LEU H 85 -13.96 -32.27 123.41
CA LEU H 85 -14.47 -31.15 124.19
C LEU H 85 -15.99 -31.11 124.19
N LEU H 86 -16.61 -31.63 123.12
CA LEU H 86 -18.04 -31.87 123.17
C LEU H 86 -18.37 -33.03 124.12
N GLN H 87 -17.50 -34.04 124.20
CA GLN H 87 -17.74 -35.15 125.12
C GLN H 87 -17.66 -34.72 126.58
N VAL H 88 -16.78 -33.77 126.89
CA VAL H 88 -16.64 -33.33 128.27
C VAL H 88 -17.85 -32.52 128.71
N ASP H 89 -18.12 -31.41 128.03
CA ASP H 89 -19.17 -30.52 128.45
C ASP H 89 -20.09 -30.23 127.27
N PRO H 90 -21.41 -30.27 127.48
CA PRO H 90 -22.33 -29.87 126.43
C PRO H 90 -22.32 -28.38 126.16
N ASP H 91 -21.84 -27.57 127.10
CA ASP H 91 -21.99 -26.12 127.05
C ASP H 91 -21.02 -25.43 126.10
N PHE H 92 -20.25 -26.17 125.31
CA PHE H 92 -19.35 -25.57 124.35
C PHE H 92 -19.77 -25.81 122.90
N ARG H 93 -20.83 -26.58 122.67
CA ARG H 93 -21.21 -26.92 121.30
C ARG H 93 -21.74 -25.70 120.56
N SER H 94 -22.34 -24.76 121.27
CA SER H 94 -22.63 -23.45 120.68
C SER H 94 -21.35 -22.73 120.33
N ALA H 95 -20.36 -22.77 121.22
CA ALA H 95 -19.07 -22.12 120.96
C ALA H 95 -18.27 -22.85 119.89
N LEU H 96 -18.56 -24.12 119.64
CA LEU H 96 -17.92 -24.79 118.51
C LEU H 96 -18.64 -24.48 117.20
N LYS H 97 -19.98 -24.51 117.19
CA LYS H 97 -20.73 -24.22 115.98
C LYS H 97 -20.61 -22.76 115.54
N ARG H 98 -20.29 -21.84 116.45
CA ARG H 98 -19.89 -20.52 115.99
C ARG H 98 -18.49 -20.53 115.38
N ALA H 99 -17.62 -21.42 115.84
CA ALA H 99 -16.26 -21.49 115.36
C ALA H 99 -16.05 -22.56 114.30
N GLY H 100 -17.02 -23.43 114.08
CA GLY H 100 -16.82 -24.52 113.13
C GLY H 100 -16.06 -25.64 113.77
N LEU H 101 -14.99 -26.09 113.09
CA LEU H 101 -14.02 -27.07 113.58
C LEU H 101 -14.65 -28.40 113.96
N LEU H 102 -15.80 -28.70 113.40
CA LEU H 102 -16.58 -29.90 113.65
C LEU H 102 -16.98 -30.58 112.36
N THR H 103 -17.26 -29.81 111.31
CA THR H 103 -17.65 -30.37 110.03
C THR H 103 -16.43 -30.98 109.36
N ARG H 104 -16.56 -32.25 108.96
CA ARG H 104 -15.48 -32.92 108.27
C ARG H 104 -15.33 -32.33 106.88
N ASP H 105 -14.09 -32.05 106.47
CA ASP H 105 -13.84 -31.67 105.09
C ASP H 105 -14.02 -32.89 104.21
N ALA H 106 -15.15 -32.93 103.50
CA ALA H 106 -15.44 -34.00 102.56
C ALA H 106 -14.73 -33.81 101.24
N ARG H 107 -14.04 -32.68 101.04
CA ARG H 107 -13.44 -32.37 99.76
C ARG H 107 -12.05 -32.98 99.67
N MET H 108 -11.86 -33.87 98.70
CA MET H 108 -10.57 -34.53 98.49
C MET H 108 -10.23 -34.52 97.01
N VAL H 109 -9.22 -35.32 96.62
CA VAL H 109 -8.70 -35.33 95.26
C VAL H 109 -9.78 -35.79 94.29
N GLU H 110 -9.92 -35.07 93.17
CA GLU H 110 -10.99 -35.29 92.23
C GLU H 110 -10.61 -36.37 91.22
N ARG H 111 -11.61 -37.18 90.86
CA ARG H 111 -11.49 -38.17 89.79
C ARG H 111 -11.09 -37.51 88.47
N LYS H 112 -10.19 -38.17 87.73
CA LYS H 112 -9.81 -37.70 86.40
C LYS H 112 -10.90 -37.99 85.38
N LYS H 113 -10.58 -37.75 84.11
CA LYS H 113 -11.44 -38.15 83.03
C LYS H 113 -10.50 -38.72 81.99
N PRO H 114 -10.78 -39.90 81.45
CA PRO H 114 -9.91 -40.46 80.42
C PRO H 114 -10.03 -39.70 79.11
N GLY H 115 -9.04 -38.87 78.82
CA GLY H 115 -9.07 -38.06 77.63
C GLY H 115 -8.47 -36.69 77.79
N LEU H 116 -8.12 -36.32 79.01
CA LEU H 116 -7.50 -35.04 79.30
C LEU H 116 -6.12 -35.26 79.92
N LYS H 117 -5.40 -34.16 80.11
CA LYS H 117 -4.13 -34.26 80.84
C LYS H 117 -4.37 -34.44 82.33
N LYS H 118 -5.30 -33.68 82.90
CA LYS H 118 -5.51 -33.69 84.33
C LYS H 118 -7.00 -33.81 84.63
N ALA H 119 -7.40 -33.51 85.86
CA ALA H 119 -8.80 -33.60 86.24
C ALA H 119 -9.66 -32.56 85.54
N ARG H 120 -9.09 -31.41 85.22
CA ARG H 120 -9.82 -30.45 84.42
C ARG H 120 -8.95 -29.71 83.40
N LYS H 121 -7.63 -29.83 83.48
CA LYS H 121 -6.77 -29.20 82.50
C LYS H 121 -6.89 -29.88 81.14
N ALA H 122 -7.20 -29.09 80.12
CA ALA H 122 -7.27 -29.59 78.75
C ALA H 122 -5.96 -29.31 78.03
N SER H 123 -5.66 -30.15 77.05
CA SER H 123 -4.43 -30.01 76.29
C SER H 123 -4.49 -28.81 75.35
N GLN H 124 -3.33 -28.39 74.89
CA GLN H 124 -3.26 -27.28 73.93
C GLN H 124 -3.81 -27.73 72.58
N PHE H 125 -4.59 -26.86 71.96
CA PHE H 125 -5.27 -27.20 70.71
C PHE H 125 -5.15 -25.99 69.78
N SER H 126 -4.24 -26.07 68.82
CA SER H 126 -3.98 -24.93 67.94
C SER H 126 -5.14 -24.72 66.98
N LYS H 127 -5.64 -23.49 66.95
CA LYS H 127 -6.77 -23.18 66.07
C LYS H 127 -6.33 -23.12 64.62
N ARG H 128 -5.18 -22.52 64.35
CA ARG H 128 -4.59 -22.53 63.03
C ARG H 128 -3.15 -22.99 63.09
N GLN I 1 -8.25 -74.47 114.84
CA GLN I 1 -7.54 -75.74 115.01
C GLN I 1 -7.74 -76.66 113.81
N LYS I 2 -6.65 -76.90 113.08
CA LYS I 2 -6.48 -77.87 111.99
C LYS I 2 -7.54 -77.76 110.88
N ILE I 3 -8.21 -76.60 110.75
CA ILE I 3 -9.08 -76.27 109.62
C ILE I 3 -9.29 -74.76 109.54
N ARG I 4 -9.10 -74.18 108.36
CA ARG I 4 -9.57 -72.84 108.04
C ARG I 4 -9.71 -72.75 106.53
N ILE I 5 -10.84 -72.19 106.08
CA ILE I 5 -11.21 -72.21 104.68
C ILE I 5 -11.34 -70.78 104.18
N ARG I 6 -11.33 -70.63 102.86
CA ARG I 6 -11.41 -69.34 102.20
C ARG I 6 -12.55 -69.34 101.19
N LEU I 7 -13.09 -68.15 100.92
CA LEU I 7 -14.14 -67.96 99.93
C LEU I 7 -13.74 -66.85 98.99
N LYS I 8 -13.83 -67.11 97.69
CA LYS I 8 -13.53 -66.13 96.66
C LYS I 8 -14.56 -66.27 95.56
N ALA I 9 -15.28 -65.18 95.27
CA ALA I 9 -16.28 -65.21 94.21
C ALA I 9 -16.38 -63.83 93.59
N TYR I 10 -17.43 -63.63 92.79
CA TYR I 10 -17.68 -62.36 92.13
C TYR I 10 -18.86 -61.60 92.71
N GLU I 11 -19.82 -62.29 93.32
CA GLU I 11 -21.04 -61.66 93.81
C GLU I 11 -21.20 -61.94 95.28
N HIS I 12 -21.28 -60.87 96.08
CA HIS I 12 -21.29 -60.98 97.52
C HIS I 12 -22.56 -61.64 98.04
N ARG I 13 -23.66 -61.57 97.28
CA ARG I 13 -24.88 -62.25 97.69
C ARG I 13 -24.72 -63.77 97.64
N ILE I 14 -24.09 -64.29 96.58
CA ILE I 14 -23.82 -65.73 96.52
C ILE I 14 -22.80 -66.11 97.57
N LEU I 15 -21.82 -65.22 97.81
CA LEU I 15 -20.84 -65.41 98.88
C LEU I 15 -21.49 -65.60 100.23
N ASP I 16 -22.24 -64.60 100.69
CA ASP I 16 -22.72 -64.70 102.06
C ASP I 16 -23.91 -65.65 102.19
N GLN I 17 -24.62 -66.00 101.10
CA GLN I 17 -25.62 -67.05 101.26
C GLN I 17 -24.96 -68.43 101.41
N SER I 18 -23.89 -68.70 100.64
CA SER I 18 -23.21 -69.98 100.83
C SER I 18 -22.40 -69.99 102.12
N ALA I 19 -21.94 -68.81 102.56
CA ALA I 19 -21.24 -68.71 103.84
C ALA I 19 -22.19 -68.95 105.01
N ASP I 20 -23.42 -68.45 104.91
CA ASP I 20 -24.40 -68.72 105.96
C ASP I 20 -24.83 -70.19 105.95
N LYS I 21 -24.89 -70.81 104.77
CA LYS I 21 -25.16 -72.24 104.71
C LYS I 21 -24.06 -73.06 105.39
N ILE I 22 -22.79 -72.74 105.12
CA ILE I 22 -21.74 -73.53 105.73
C ILE I 22 -21.53 -73.18 107.20
N VAL I 23 -21.91 -71.98 107.65
CA VAL I 23 -21.92 -71.69 109.08
C VAL I 23 -23.06 -72.45 109.76
N GLU I 24 -24.18 -72.63 109.05
CA GLU I 24 -25.27 -73.45 109.56
C GLU I 24 -24.85 -74.91 109.69
N THR I 25 -24.08 -75.41 108.74
CA THR I 25 -23.55 -76.76 108.84
C THR I 25 -22.23 -76.85 109.59
N ALA I 26 -21.74 -75.74 110.15
CA ALA I 26 -20.40 -75.74 110.75
C ALA I 26 -20.39 -76.36 112.14
N LYS I 27 -21.25 -75.88 113.03
CA LYS I 27 -21.35 -76.44 114.38
C LYS I 27 -22.45 -77.48 114.49
N ARG I 28 -22.75 -78.19 113.39
CA ARG I 28 -23.72 -79.27 113.43
C ARG I 28 -23.23 -80.43 114.27
N THR I 29 -22.10 -81.01 113.87
CA THR I 29 -21.43 -82.04 114.66
C THR I 29 -20.23 -81.51 115.41
N GLY I 30 -19.79 -80.29 115.13
CA GLY I 30 -18.66 -79.66 115.79
C GLY I 30 -19.09 -78.43 116.57
N ALA I 31 -18.12 -77.54 116.80
CA ALA I 31 -18.36 -76.35 117.59
C ALA I 31 -17.30 -75.29 117.27
N ASP I 32 -17.61 -74.06 117.68
CA ASP I 32 -16.68 -72.93 117.73
C ASP I 32 -16.13 -72.56 116.35
N VAL I 33 -17.04 -72.15 115.48
CA VAL I 33 -16.70 -71.64 114.16
C VAL I 33 -16.57 -70.13 114.25
N SER I 34 -15.58 -69.57 113.55
CA SER I 34 -15.44 -68.13 113.44
C SER I 34 -16.14 -67.63 112.19
N GLY I 35 -16.64 -66.40 112.25
CA GLY I 35 -17.57 -65.90 111.28
C GLY I 35 -16.98 -65.51 109.94
N PRO I 36 -17.78 -64.79 109.15
CA PRO I 36 -17.32 -64.38 107.82
C PRO I 36 -16.42 -63.14 107.84
N ILE I 37 -15.13 -63.33 107.98
CA ILE I 37 -14.20 -62.20 108.00
C ILE I 37 -14.06 -61.63 106.60
N PRO I 38 -14.26 -60.33 106.40
CA PRO I 38 -14.14 -59.75 105.06
C PRO I 38 -12.68 -59.57 104.67
N LEU I 39 -12.48 -59.30 103.38
CA LEU I 39 -11.17 -59.15 102.77
C LEU I 39 -11.21 -57.99 101.79
N PRO I 40 -10.06 -57.31 101.54
CA PRO I 40 -10.11 -56.02 100.85
C PRO I 40 -10.53 -55.98 99.38
N THR I 41 -10.86 -57.11 98.75
CA THR I 41 -11.60 -57.18 97.48
C THR I 41 -10.84 -56.47 96.34
N GLU I 42 -9.81 -57.17 95.87
CA GLU I 42 -8.96 -56.69 94.78
C GLU I 42 -9.78 -56.35 93.53
N ARG I 43 -9.27 -55.39 92.76
CA ARG I 43 -10.00 -54.82 91.63
C ARG I 43 -9.00 -54.39 90.57
N SER I 44 -9.34 -54.66 89.30
CA SER I 44 -8.52 -54.25 88.18
C SER I 44 -9.30 -53.30 87.29
N LEU I 45 -8.58 -52.61 86.41
CA LEU I 45 -9.17 -51.78 85.37
C LEU I 45 -8.50 -52.12 84.04
N TYR I 46 -9.15 -51.71 82.96
CA TYR I 46 -8.56 -51.86 81.63
C TYR I 46 -8.78 -50.56 80.87
N THR I 47 -8.54 -50.57 79.56
CA THR I 47 -8.76 -49.39 78.73
C THR I 47 -8.93 -49.83 77.29
N VAL I 48 -10.06 -49.53 76.69
CA VAL I 48 -10.35 -49.87 75.30
C VAL I 48 -10.84 -48.61 74.60
N ILE I 49 -10.20 -48.24 73.50
CA ILE I 49 -10.58 -47.01 72.81
C ILE I 49 -11.84 -47.27 71.99
N ARG I 50 -12.78 -46.33 72.05
CA ARG I 50 -14.06 -46.44 71.36
C ARG I 50 -13.93 -46.07 69.89
N ALA I 51 -13.25 -46.93 69.13
CA ALA I 51 -13.23 -46.87 67.67
C ALA I 51 -12.62 -48.15 67.13
N THR I 52 -12.42 -48.18 65.82
CA THR I 52 -11.68 -49.22 65.14
C THR I 52 -10.51 -48.70 64.33
N HIS I 53 -10.45 -47.40 64.03
CA HIS I 53 -9.39 -46.89 63.18
C HIS I 53 -8.68 -45.67 63.75
N LYS I 54 -9.37 -44.86 64.55
CA LYS I 54 -8.81 -43.59 65.00
C LYS I 54 -9.34 -43.30 66.39
N TYR I 55 -9.35 -42.02 66.74
CA TYR I 55 -10.26 -41.45 67.74
C TYR I 55 -9.88 -41.90 69.15
N LYS I 56 -8.59 -41.81 69.46
CA LYS I 56 -8.08 -42.15 70.78
C LYS I 56 -8.51 -41.15 71.84
N ASP I 57 -8.97 -39.97 71.42
CA ASP I 57 -9.51 -38.94 72.31
C ASP I 57 -10.81 -39.32 72.98
N SER I 58 -11.43 -40.45 72.62
CA SER I 58 -12.58 -40.97 73.35
C SER I 58 -12.34 -42.45 73.63
N ARG I 59 -12.49 -42.85 74.89
CA ARG I 59 -12.12 -44.19 75.30
C ARG I 59 -13.24 -44.83 76.11
N GLU I 60 -12.94 -46.02 76.63
CA GLU I 60 -13.88 -46.84 77.39
C GLU I 60 -13.07 -47.78 78.26
N GLN I 61 -13.58 -48.09 79.45
CA GLN I 61 -12.89 -49.02 80.33
C GLN I 61 -13.87 -49.97 80.99
N PHE I 62 -13.31 -51.01 81.60
CA PHE I 62 -14.08 -52.02 82.31
C PHE I 62 -13.43 -52.25 83.66
N GLU I 63 -13.91 -53.27 84.37
CA GLU I 63 -13.30 -53.63 85.65
C GLU I 63 -13.49 -55.11 85.93
N MET I 64 -12.46 -55.69 86.56
CA MET I 64 -12.56 -56.96 87.25
C MET I 64 -12.78 -56.70 88.72
N ARG I 65 -13.69 -57.46 89.32
CA ARG I 65 -13.91 -57.35 90.76
C ARG I 65 -13.95 -58.74 91.37
N THR I 66 -13.10 -58.97 92.37
CA THR I 66 -12.97 -60.26 93.02
C THR I 66 -13.27 -60.06 94.50
N HIS I 67 -14.49 -60.41 94.90
CA HIS I 67 -14.87 -60.41 96.30
C HIS I 67 -14.29 -61.62 97.01
N LYS I 68 -13.84 -61.41 98.25
CA LYS I 68 -13.22 -62.48 99.03
C LYS I 68 -13.78 -62.49 100.45
N ARG I 69 -14.21 -63.66 100.90
CA ARG I 69 -14.64 -63.89 102.27
C ARG I 69 -13.72 -64.91 102.93
N LEU I 70 -13.94 -65.13 104.23
CA LEU I 70 -13.03 -65.93 105.03
C LEU I 70 -13.75 -66.46 106.24
N ILE I 71 -13.73 -67.78 106.43
CA ILE I 71 -14.36 -68.43 107.58
C ILE I 71 -13.36 -69.38 108.22
N ASP I 72 -13.10 -69.17 109.51
CA ASP I 72 -12.15 -69.94 110.29
C ASP I 72 -12.93 -70.89 111.21
N ILE I 73 -12.35 -72.04 111.51
CA ILE I 73 -12.98 -73.03 112.39
C ILE I 73 -11.97 -73.46 113.45
N VAL I 74 -12.36 -73.37 114.71
CA VAL I 74 -11.50 -73.69 115.84
C VAL I 74 -12.10 -74.87 116.59
N ASN I 75 -11.25 -75.85 116.95
CA ASN I 75 -11.56 -77.07 117.68
C ASN I 75 -12.68 -77.88 117.04
N PRO I 76 -12.42 -78.58 115.95
CA PRO I 76 -13.48 -79.27 115.21
C PRO I 76 -13.62 -80.72 115.63
N THR I 77 -14.72 -81.32 115.16
CA THR I 77 -14.94 -82.74 115.29
C THR I 77 -14.37 -83.46 114.08
N PRO I 78 -14.12 -84.77 114.17
CA PRO I 78 -13.81 -85.53 112.95
C PRO I 78 -15.00 -85.73 112.03
N LYS I 79 -16.23 -85.64 112.55
CA LYS I 79 -17.41 -85.95 111.76
C LYS I 79 -17.76 -84.87 110.75
N THR I 80 -17.25 -83.65 110.93
CA THR I 80 -17.59 -82.58 109.99
C THR I 80 -16.73 -82.64 108.73
N VAL I 81 -15.61 -83.37 108.76
CA VAL I 81 -14.75 -83.48 107.59
C VAL I 81 -15.44 -84.29 106.50
N ASP I 82 -15.95 -85.46 106.86
CA ASP I 82 -16.78 -86.24 105.94
C ASP I 82 -18.12 -85.57 105.68
N ALA I 83 -18.57 -84.70 106.57
CA ALA I 83 -19.78 -83.92 106.28
C ALA I 83 -19.49 -82.84 105.25
N LEU I 84 -18.38 -82.12 105.40
CA LEU I 84 -18.06 -81.07 104.43
C LEU I 84 -17.59 -81.62 103.10
N MET I 85 -17.11 -82.87 103.04
CA MET I 85 -16.85 -83.43 101.73
C MET I 85 -18.13 -83.91 101.05
N LYS I 86 -19.23 -84.02 101.80
CA LYS I 86 -20.56 -84.18 101.22
C LYS I 86 -21.19 -82.85 100.84
N LEU I 87 -20.51 -81.74 101.09
CA LEU I 87 -21.00 -80.41 100.78
C LEU I 87 -20.14 -79.86 99.64
N ASP I 88 -20.75 -79.68 98.47
CA ASP I 88 -19.98 -79.47 97.26
C ASP I 88 -20.43 -78.26 96.45
N LEU I 89 -21.68 -77.84 96.61
CA LEU I 89 -22.30 -76.83 95.77
C LEU I 89 -22.74 -75.63 96.62
N PRO I 90 -22.95 -74.44 96.02
CA PRO I 90 -22.91 -73.90 94.63
C PRO I 90 -21.55 -73.90 93.93
N SER I 91 -21.56 -73.48 92.66
CA SER I 91 -20.40 -73.54 91.78
C SER I 91 -19.83 -72.17 91.42
N GLY I 92 -20.49 -71.09 91.82
CA GLY I 92 -19.98 -69.77 91.53
C GLY I 92 -18.83 -69.33 92.39
N VAL I 93 -18.72 -69.89 93.58
CA VAL I 93 -17.62 -69.63 94.50
C VAL I 93 -16.70 -70.84 94.50
N ASN I 94 -15.42 -70.60 94.70
CA ASN I 94 -14.45 -71.68 94.86
C ASN I 94 -13.80 -71.58 96.23
N ILE I 95 -13.88 -72.67 96.98
CA ILE I 95 -13.36 -72.72 98.33
C ILE I 95 -11.86 -72.99 98.29
N GLU I 96 -11.19 -72.74 99.41
CA GLU I 96 -9.74 -72.89 99.49
C GLU I 96 -9.44 -73.30 100.93
N ILE I 97 -9.33 -74.62 101.17
CA ILE I 97 -9.26 -75.15 102.52
C ILE I 97 -7.81 -75.51 102.83
N LYS I 98 -7.48 -75.48 104.12
CA LYS I 98 -6.22 -76.00 104.62
C LYS I 98 -6.51 -76.84 105.85
N LEU I 99 -5.47 -77.28 106.53
CA LEU I 99 -5.65 -78.05 107.76
C LEU I 99 -4.77 -77.52 108.89
N LYS J 1 1.17 43.12 71.39
CA LYS J 1 1.00 42.69 72.78
C LYS J 1 -0.22 43.39 73.37
N LYS J 2 0.05 44.55 73.98
CA LYS J 2 -0.90 45.64 74.23
C LYS J 2 -1.92 45.33 75.34
N ASN J 3 -1.97 44.08 75.80
CA ASN J 3 -2.77 43.61 76.94
C ASN J 3 -4.25 43.98 76.78
N ILE J 4 -4.87 43.40 75.76
CA ILE J 4 -6.27 43.71 75.48
C ILE J 4 -7.17 43.11 76.55
N GLU J 5 -6.88 41.87 76.95
CA GLU J 5 -7.34 41.23 78.19
C GLU J 5 -8.84 40.98 78.26
N SER J 6 -9.56 41.10 77.14
CA SER J 6 -10.98 40.76 77.11
C SER J 6 -11.32 40.42 75.67
N GLY J 7 -11.54 39.14 75.38
CA GLY J 7 -11.75 38.71 74.02
C GLY J 7 -12.81 37.65 73.84
N VAL J 8 -12.86 37.04 72.66
CA VAL J 8 -13.77 35.96 72.34
C VAL J 8 -12.96 34.85 71.67
N ALA J 9 -13.15 33.61 72.10
CA ALA J 9 -12.57 32.46 71.44
C ALA J 9 -13.59 31.87 70.47
N HIS J 10 -13.08 31.23 69.42
CA HIS J 10 -13.91 30.65 68.37
C HIS J 10 -13.57 29.17 68.22
N ILE J 11 -14.59 28.32 68.30
CA ILE J 11 -14.44 26.89 68.17
C ILE J 11 -15.10 26.46 66.87
N HIS J 12 -14.29 26.04 65.91
CA HIS J 12 -14.77 25.56 64.62
C HIS J 12 -14.37 24.10 64.47
N SER J 13 -15.34 23.25 64.13
CA SER J 13 -15.12 21.82 64.17
C SER J 13 -15.77 21.13 62.97
N THR J 14 -15.13 20.09 62.47
CA THR J 14 -15.67 19.25 61.41
C THR J 14 -15.98 17.88 61.98
N PHE J 15 -16.28 16.95 61.10
CA PHE J 15 -16.27 15.54 61.45
C PHE J 15 -14.90 14.90 61.28
N ASN J 16 -13.88 15.68 60.92
CA ASN J 16 -12.54 15.11 60.86
C ASN J 16 -11.42 16.02 61.36
N ASN J 17 -11.73 17.23 61.83
CA ASN J 17 -10.72 18.14 62.36
C ASN J 17 -11.44 19.19 63.19
N THR J 18 -10.68 19.95 63.97
CA THR J 18 -11.21 21.12 64.66
C THR J 18 -10.14 22.20 64.74
N ILE J 19 -10.61 23.43 64.88
CA ILE J 19 -9.75 24.61 64.97
C ILE J 19 -10.28 25.52 66.06
N VAL J 20 -9.42 25.88 67.01
CA VAL J 20 -9.73 26.87 68.03
C VAL J 20 -8.86 28.11 67.80
N MET J 21 -9.50 29.28 67.81
CA MET J 21 -8.80 30.56 67.69
C MET J 21 -9.35 31.52 68.72
N ILE J 22 -8.46 32.10 69.53
CA ILE J 22 -8.84 33.11 70.51
C ILE J 22 -8.58 34.48 69.90
N THR J 23 -9.64 35.26 69.79
CA THR J 23 -9.59 36.55 69.12
C THR J 23 -9.90 37.66 70.11
N ASP J 24 -10.02 38.86 69.58
CA ASP J 24 -10.36 40.04 70.35
C ASP J 24 -11.87 40.22 70.32
N THR J 25 -12.35 41.39 70.73
CA THR J 25 -13.78 41.68 70.58
C THR J 25 -14.17 42.09 69.18
N HIS J 26 -13.21 42.23 68.27
CA HIS J 26 -13.53 42.60 66.89
C HIS J 26 -14.17 41.46 66.08
N GLY J 27 -13.57 40.26 65.97
CA GLY J 27 -12.39 39.68 66.62
C GLY J 27 -11.15 39.62 65.77
N ASN J 28 -10.23 40.54 66.02
CA ASN J 28 -8.91 40.46 65.43
C ASN J 28 -8.11 39.39 66.14
N ALA J 29 -7.27 38.69 65.37
CA ALA J 29 -6.73 37.43 65.84
C ALA J 29 -5.56 37.62 66.79
N LEU J 30 -5.47 36.73 67.78
CA LEU J 30 -4.28 36.60 68.62
C LEU J 30 -3.53 35.30 68.35
N ALA J 31 -4.19 34.16 68.52
CA ALA J 31 -3.54 32.88 68.30
C ALA J 31 -4.58 31.83 67.96
N TRP J 32 -4.24 30.98 66.99
CA TRP J 32 -5.05 29.83 66.62
C TRP J 32 -4.33 28.54 66.98
N SER J 33 -5.07 27.44 66.93
CA SER J 33 -4.53 26.13 67.21
C SER J 33 -5.34 25.09 66.46
N SER J 34 -4.66 24.10 65.90
CA SER J 34 -5.29 23.11 65.03
C SER J 34 -4.82 21.72 65.42
N ALA J 35 -5.74 20.76 65.34
CA ALA J 35 -5.45 19.40 65.77
C ALA J 35 -4.42 18.72 64.88
N GLY J 36 -4.32 19.12 63.62
CA GLY J 36 -3.23 18.65 62.80
C GLY J 36 -1.93 19.34 63.13
N SER J 37 -2.00 20.57 63.66
CA SER J 37 -0.79 21.32 63.95
C SER J 37 -0.09 20.82 65.20
N LEU J 38 -0.77 20.03 66.03
CA LEU J 38 -0.19 19.50 67.26
C LEU J 38 0.31 18.07 67.08
N GLY J 39 0.57 17.65 65.85
CA GLY J 39 1.21 16.37 65.59
C GLY J 39 0.28 15.23 65.26
N PHE J 40 -1.03 15.40 65.38
CA PHE J 40 -1.94 14.33 65.05
C PHE J 40 -2.10 14.15 63.54
N LYS J 41 -2.54 12.96 63.14
CA LYS J 41 -2.73 12.61 61.76
C LYS J 41 -3.98 11.74 61.63
N GLY J 42 -4.51 11.68 60.41
CA GLY J 42 -5.56 10.70 60.12
C GLY J 42 -6.91 11.08 60.70
N SER J 43 -7.56 10.11 61.31
CA SER J 43 -8.90 10.29 61.85
C SER J 43 -8.92 10.74 63.31
N LYS J 44 -7.75 10.83 63.95
CA LYS J 44 -7.70 11.09 65.39
C LYS J 44 -8.07 12.52 65.74
N LYS J 45 -8.12 13.42 64.76
CA LYS J 45 -8.47 14.81 64.99
C LYS J 45 -9.93 15.02 65.32
N SER J 46 -10.77 13.99 65.21
CA SER J 46 -12.17 14.12 65.57
C SER J 46 -12.40 14.08 67.07
N THR J 47 -11.56 13.34 67.79
CA THR J 47 -11.80 13.12 69.22
C THR J 47 -11.49 14.39 70.01
N PRO J 48 -12.17 14.58 71.14
CA PRO J 48 -11.89 15.76 71.99
C PRO J 48 -10.57 15.67 72.76
N PHE J 49 -9.78 14.61 72.57
CA PHE J 49 -8.45 14.57 73.15
C PHE J 49 -7.56 15.64 72.55
N ALA J 50 -7.71 15.90 71.25
CA ALA J 50 -7.00 17.01 70.63
C ALA J 50 -7.57 18.36 71.01
N ALA J 51 -8.84 18.40 71.44
CA ALA J 51 -9.47 19.66 71.79
C ALA J 51 -8.88 20.26 73.05
N GLN J 52 -8.57 19.42 74.04
CA GLN J 52 -7.99 19.89 75.29
C GLN J 52 -6.61 20.51 75.07
N MET J 53 -5.75 19.78 74.39
CA MET J 53 -4.39 20.27 74.20
C MET J 53 -4.32 21.38 73.16
N ALA J 54 -5.27 21.41 72.21
CA ALA J 54 -5.37 22.56 71.32
C ALA J 54 -5.80 23.80 72.08
N ALA J 55 -6.72 23.66 73.03
CA ALA J 55 -7.13 24.78 73.89
C ALA J 55 -5.97 25.24 74.76
N GLU J 56 -5.16 24.32 75.24
CA GLU J 56 -4.01 24.69 76.06
C GLU J 56 -2.96 25.45 75.26
N ALA J 57 -2.61 24.93 74.08
CA ALA J 57 -1.65 25.62 73.23
C ALA J 57 -2.19 26.93 72.67
N ALA J 58 -3.50 27.11 72.64
CA ALA J 58 -4.05 28.43 72.33
C ALA J 58 -3.90 29.39 73.50
N THR J 59 -4.33 28.96 74.70
CA THR J 59 -4.41 29.88 75.83
C THR J 59 -3.05 30.32 76.33
N LYS J 60 -2.01 29.49 76.15
CA LYS J 60 -0.66 29.90 76.55
C LYS J 60 -0.20 31.14 75.77
N VAL J 61 -0.27 31.05 74.43
CA VAL J 61 0.09 32.18 73.58
C VAL J 61 -0.90 33.32 73.77
N ALA J 62 -2.14 33.01 74.13
CA ALA J 62 -3.15 34.04 74.35
C ALA J 62 -2.80 34.91 75.55
N MET J 63 -2.67 34.31 76.72
CA MET J 63 -2.39 35.11 77.91
C MET J 63 -0.90 35.41 78.10
N GLU J 64 -0.03 35.06 77.15
CA GLU J 64 1.23 35.80 77.09
C GLU J 64 1.00 37.24 76.67
N HIS J 65 -0.03 37.48 75.86
CA HIS J 65 -0.39 38.84 75.47
C HIS J 65 -1.37 39.48 76.44
N GLY J 66 -1.68 38.81 77.54
CA GLY J 66 -2.54 39.39 78.55
C GLY J 66 -3.99 39.12 78.26
N LEU J 67 -4.64 38.28 79.07
CA LEU J 67 -5.99 37.84 78.76
C LEU J 67 -6.69 37.41 80.03
N LYS J 68 -7.87 37.99 80.29
CA LYS J 68 -8.65 37.65 81.47
C LYS J 68 -9.97 36.98 81.11
N THR J 69 -10.82 37.65 80.35
CA THR J 69 -12.15 37.16 80.06
C THR J 69 -12.24 36.66 78.63
N VAL J 70 -13.19 35.77 78.39
CA VAL J 70 -13.33 35.15 77.09
C VAL J 70 -14.79 34.74 76.89
N ASP J 71 -15.24 34.78 75.64
CA ASP J 71 -16.57 34.33 75.27
C ASP J 71 -16.44 33.17 74.30
N VAL J 72 -17.48 32.34 74.25
CA VAL J 72 -17.45 31.09 73.51
C VAL J 72 -18.33 31.23 72.27
N THR J 73 -17.79 30.86 71.12
CA THR J 73 -18.54 30.82 69.86
C THR J 73 -18.30 29.48 69.21
N VAL J 74 -19.37 28.81 68.82
CA VAL J 74 -19.33 27.41 68.39
C VAL J 74 -19.86 27.32 66.96
N LYS J 75 -19.10 26.66 66.09
CA LYS J 75 -19.56 26.35 64.74
C LYS J 75 -19.23 24.90 64.40
N GLY J 76 -20.00 24.35 63.46
CA GLY J 76 -19.73 23.05 62.90
C GLY J 76 -19.94 21.90 63.85
N PRO J 77 -21.22 21.63 64.20
CA PRO J 77 -21.52 20.77 65.34
C PRO J 77 -21.09 19.31 65.22
N GLY J 78 -20.15 18.94 66.07
CA GLY J 78 -19.63 17.59 66.12
C GLY J 78 -19.19 17.24 67.52
N SER J 79 -17.98 16.69 67.65
CA SER J 79 -17.50 16.21 68.94
C SER J 79 -16.60 17.21 69.65
N GLY J 80 -16.10 18.21 68.94
CA GLY J 80 -15.02 19.03 69.48
C GLY J 80 -15.48 20.00 70.55
N ARG J 81 -16.65 20.61 70.35
CA ARG J 81 -17.08 21.69 71.23
C ARG J 81 -17.59 21.20 72.58
N GLU J 82 -17.77 19.89 72.74
CA GLU J 82 -18.27 19.36 74.01
C GLU J 82 -17.22 19.53 75.11
N ALA J 83 -15.97 19.23 74.80
CA ALA J 83 -14.90 19.28 75.78
C ALA J 83 -13.94 20.43 75.57
N ALA J 84 -14.11 21.23 74.52
CA ALA J 84 -13.22 22.35 74.32
C ALA J 84 -13.46 23.45 75.34
N ILE J 85 -14.72 23.62 75.78
CA ILE J 85 -15.05 24.69 76.71
C ILE J 85 -14.52 24.37 78.11
N ARG J 86 -14.76 23.16 78.58
CA ARG J 86 -14.37 22.80 79.94
C ARG J 86 -12.86 22.62 80.05
N SER J 87 -12.19 22.30 78.93
CA SER J 87 -10.74 22.40 78.90
C SER J 87 -10.26 23.82 78.77
N LEU J 88 -11.09 24.70 78.20
CA LEU J 88 -10.72 26.10 78.07
C LEU J 88 -10.83 26.81 79.41
N GLN J 89 -11.67 26.29 80.31
CA GLN J 89 -11.78 26.83 81.65
C GLN J 89 -10.58 26.46 82.50
N ALA J 90 -9.85 25.42 82.11
CA ALA J 90 -8.88 24.81 83.01
C ALA J 90 -7.59 25.60 83.14
N THR J 91 -7.17 26.32 82.09
CA THR J 91 -5.95 27.10 82.16
C THR J 91 -6.22 28.55 82.53
N GLY J 92 -7.26 28.80 83.30
CA GLY J 92 -7.48 30.12 83.87
C GLY J 92 -8.10 31.14 82.94
N LEU J 93 -9.35 30.96 82.57
CA LEU J 93 -10.09 31.97 81.82
C LEU J 93 -11.45 32.20 82.48
N GLU J 94 -12.18 33.17 81.95
CA GLU J 94 -13.36 33.74 82.58
C GLU J 94 -14.55 33.68 81.62
N VAL J 95 -14.81 32.47 81.13
CA VAL J 95 -15.91 32.13 80.22
C VAL J 95 -17.25 32.64 80.74
N THR J 96 -17.86 33.56 79.98
CA THR J 96 -19.09 34.20 80.42
C THR J 96 -20.13 34.37 79.33
N ALA J 97 -19.88 33.91 78.11
CA ALA J 97 -20.88 33.98 77.04
C ALA J 97 -20.67 32.80 76.11
N ILE J 98 -21.65 31.91 76.07
CA ILE J 98 -21.56 30.68 75.29
C ILE J 98 -22.70 30.68 74.29
N ARG J 99 -22.35 30.70 73.00
CA ARG J 99 -23.31 30.71 71.91
C ARG J 99 -22.90 29.69 70.86
N ASP J 100 -23.89 29.14 70.17
CA ASP J 100 -23.67 28.16 69.10
C ASP J 100 -24.38 28.69 67.86
N VAL J 101 -23.68 29.52 67.10
CA VAL J 101 -24.19 30.02 65.83
C VAL J 101 -23.78 29.05 64.73
N THR J 102 -24.75 28.53 64.01
CA THR J 102 -24.50 27.59 62.94
C THR J 102 -24.90 28.24 61.63
N PRO J 103 -24.06 28.18 60.59
CA PRO J 103 -24.49 28.72 59.29
C PRO J 103 -25.58 27.84 58.69
N VAL J 104 -26.81 28.31 58.83
CA VAL J 104 -28.00 27.55 58.47
C VAL J 104 -28.69 28.26 57.32
N PRO J 105 -29.01 27.58 56.24
CA PRO J 105 -29.70 28.25 55.14
C PRO J 105 -31.20 28.27 55.36
N HIS J 106 -31.93 28.77 54.38
CA HIS J 106 -33.37 28.58 54.30
C HIS J 106 -33.71 27.93 52.97
N ASN J 107 -33.00 26.83 52.67
CA ASN J 107 -33.01 26.12 51.38
C ASN J 107 -32.61 27.07 50.23
N GLY J 108 -31.34 27.42 50.25
CA GLY J 108 -30.80 28.26 49.19
C GLY J 108 -30.17 27.49 48.05
N CYS J 109 -29.18 26.66 48.34
CA CYS J 109 -28.47 25.94 47.30
C CYS J 109 -28.64 24.44 47.51
N ARG J 110 -28.02 23.68 46.61
CA ARG J 110 -28.26 22.26 46.79
C ARG J 110 -27.11 21.59 47.51
N PRO J 111 -27.41 20.64 48.37
CA PRO J 111 -26.39 19.77 48.90
C PRO J 111 -25.92 18.79 47.84
N PRO J 112 -24.74 18.21 47.98
CA PRO J 112 -24.25 17.27 46.97
C PRO J 112 -24.96 15.91 47.00
N LYS J 113 -24.45 14.98 46.19
CA LYS J 113 -24.93 13.61 46.13
C LYS J 113 -24.83 12.91 47.47
N ARG J 114 -25.66 11.88 47.64
CA ARG J 114 -25.44 10.97 48.74
C ARG J 114 -24.23 10.09 48.48
N ARG J 115 -23.83 9.36 49.51
CA ARG J 115 -22.72 8.42 49.41
C ARG J 115 -23.30 7.01 49.37
N ARG J 116 -23.09 6.31 48.27
CA ARG J 116 -23.53 4.93 48.14
C ARG J 116 -22.42 4.03 48.68
N VAL J 117 -22.38 3.90 49.99
CA VAL J 117 -21.43 3.04 50.66
C VAL J 117 -22.17 2.01 51.48
N PRO K 1 -68.90 -7.44 26.23
CA PRO K 1 -69.13 -6.03 26.56
C PRO K 1 -70.61 -5.77 26.64
N THR K 2 -71.02 -4.54 26.33
CA THR K 2 -72.44 -4.23 26.32
C THR K 2 -73.02 -4.62 24.96
N ILE K 3 -74.24 -4.18 24.69
CA ILE K 3 -74.98 -4.70 23.55
C ILE K 3 -74.67 -3.98 22.25
N ASN K 4 -74.88 -2.67 22.16
CA ASN K 4 -74.58 -2.04 20.87
C ASN K 4 -73.11 -1.77 20.67
N GLN K 5 -72.26 -2.16 21.62
CA GLN K 5 -70.85 -2.24 21.30
C GLN K 5 -70.55 -3.55 20.59
N LEU K 6 -71.29 -4.61 20.91
CA LEU K 6 -71.22 -5.85 20.14
C LEU K 6 -71.95 -5.78 18.82
N VAL K 7 -72.73 -4.73 18.58
CA VAL K 7 -73.37 -4.58 17.30
C VAL K 7 -72.41 -3.98 16.29
N ARG K 8 -71.69 -2.94 16.70
CA ARG K 8 -70.70 -2.33 15.85
C ARG K 8 -69.32 -2.94 16.00
N LYS K 9 -69.18 -4.05 16.70
CA LYS K 9 -68.00 -4.89 16.52
C LYS K 9 -68.48 -6.26 16.04
N PRO K 10 -67.70 -6.95 15.21
CA PRO K 10 -68.20 -8.19 14.61
C PRO K 10 -68.11 -9.42 15.50
N ARG K 11 -67.50 -9.33 16.69
CA ARG K 11 -67.35 -10.45 17.65
C ARG K 11 -66.59 -11.62 17.01
N LYS K 12 -65.30 -11.38 16.78
CA LYS K 12 -64.48 -12.20 15.91
C LYS K 12 -64.17 -13.56 16.52
N SER K 13 -63.35 -14.34 15.80
CA SER K 13 -63.06 -15.71 16.18
C SER K 13 -61.57 -15.99 16.24
N LYS K 14 -61.20 -17.26 16.37
CA LYS K 14 -59.89 -17.66 16.90
C LYS K 14 -59.26 -18.74 16.00
N VAL K 15 -59.15 -18.41 14.70
CA VAL K 15 -58.76 -19.25 13.56
C VAL K 15 -57.64 -20.24 13.84
N GLU K 16 -57.89 -21.51 13.52
CA GLU K 16 -56.98 -22.58 13.87
C GLU K 16 -55.85 -22.70 12.87
N LYS K 17 -54.76 -23.33 13.31
CA LYS K 17 -53.65 -23.68 12.45
C LYS K 17 -53.86 -25.08 11.91
N SER K 18 -52.82 -25.65 11.34
CA SER K 18 -52.73 -27.08 11.09
C SER K 18 -51.49 -27.60 11.80
N ASP K 19 -51.17 -28.86 11.57
CA ASP K 19 -49.96 -29.45 12.12
C ASP K 19 -49.00 -29.96 11.06
N SER K 20 -49.47 -30.19 9.84
CA SER K 20 -48.67 -30.77 8.78
C SER K 20 -48.85 -29.91 7.53
N PRO K 21 -48.20 -28.75 7.47
CA PRO K 21 -48.48 -27.80 6.39
C PRO K 21 -47.82 -28.12 5.06
N ALA K 22 -47.12 -29.25 4.91
CA ALA K 22 -46.62 -29.69 3.61
C ALA K 22 -47.48 -30.77 3.01
N LEU K 23 -48.63 -31.04 3.60
CA LEU K 23 -49.63 -31.90 2.99
C LEU K 23 -50.74 -31.10 2.36
N ASN K 24 -50.48 -29.86 1.97
CA ASN K 24 -51.45 -28.96 1.35
C ASN K 24 -50.69 -28.25 0.23
N LYS K 25 -50.68 -28.88 -0.95
CA LYS K 25 -49.76 -28.54 -2.04
C LYS K 25 -50.06 -27.17 -2.65
N GLY K 26 -49.13 -26.24 -2.46
CA GLY K 26 -49.13 -24.94 -3.12
C GLY K 26 -48.58 -25.01 -4.52
N TYR K 27 -49.44 -25.38 -5.49
CA TYR K 27 -49.14 -26.01 -6.79
C TYR K 27 -47.97 -25.47 -7.60
N ASN K 28 -47.40 -26.35 -8.43
CA ASN K 28 -46.25 -26.01 -9.26
C ASN K 28 -46.49 -26.22 -10.75
N SER K 29 -47.74 -26.32 -11.20
CA SER K 29 -48.02 -26.54 -12.62
C SER K 29 -49.47 -26.12 -12.90
N PHE K 30 -49.72 -25.49 -14.05
CA PHE K 30 -48.72 -24.99 -15.00
C PHE K 30 -48.15 -23.67 -14.53
N LYS K 31 -49.05 -22.79 -14.14
CA LYS K 31 -48.71 -21.42 -13.79
C LYS K 31 -48.39 -21.24 -12.29
N LYS K 32 -48.13 -22.34 -11.58
CA LYS K 32 -47.62 -22.37 -10.20
C LYS K 32 -48.60 -21.69 -9.22
N THR K 33 -49.73 -22.36 -9.07
CA THR K 33 -50.85 -21.92 -8.24
C THR K 33 -50.75 -22.47 -6.81
N GLN K 34 -51.89 -22.50 -6.12
CA GLN K 34 -52.03 -22.77 -4.69
C GLN K 34 -52.83 -24.06 -4.48
N THR K 35 -53.28 -24.24 -3.24
CA THR K 35 -53.91 -25.49 -2.83
C THR K 35 -55.37 -25.61 -3.24
N ASN K 36 -55.78 -26.85 -3.48
CA ASN K 36 -57.16 -27.29 -3.52
C ASN K 36 -57.24 -28.72 -2.98
N VAL K 37 -56.20 -29.13 -2.24
CA VAL K 37 -55.62 -30.45 -2.40
C VAL K 37 -55.30 -31.14 -1.06
N ASN K 38 -56.18 -30.99 -0.06
CA ASN K 38 -55.97 -31.58 1.27
C ASN K 38 -55.70 -33.07 1.24
N SER K 39 -54.44 -33.46 1.49
CA SER K 39 -53.88 -34.76 1.14
C SER K 39 -53.62 -35.60 2.39
N PRO K 40 -53.71 -36.92 2.26
CA PRO K 40 -53.29 -37.78 3.37
C PRO K 40 -51.80 -38.09 3.35
N GLN K 41 -51.16 -37.95 2.18
CA GLN K 41 -49.76 -38.31 2.00
C GLN K 41 -49.22 -37.80 0.67
N LYS K 42 -47.91 -37.57 0.62
CA LYS K 42 -47.19 -37.08 -0.54
C LYS K 42 -45.99 -37.99 -0.79
N ARG K 43 -45.31 -37.79 -1.91
CA ARG K 43 -44.06 -38.49 -2.14
C ARG K 43 -42.99 -37.51 -2.56
N GLY K 44 -41.76 -38.00 -2.58
CA GLY K 44 -40.64 -37.15 -2.97
C GLY K 44 -39.37 -37.97 -3.05
N VAL K 45 -38.28 -37.26 -3.28
CA VAL K 45 -36.96 -37.87 -3.44
C VAL K 45 -36.05 -37.37 -2.32
N CYS K 46 -35.21 -38.27 -1.82
CA CYS K 46 -34.25 -37.89 -0.80
C CYS K 46 -33.11 -37.10 -1.41
N THR K 47 -32.52 -36.22 -0.63
CA THR K 47 -31.36 -35.45 -1.08
C THR K 47 -30.13 -35.61 -0.21
N ARG K 48 -30.29 -35.97 1.06
CA ARG K 48 -29.20 -36.40 1.93
C ARG K 48 -29.81 -37.20 3.06
N VAL K 49 -29.04 -38.14 3.59
CA VAL K 49 -29.53 -39.03 4.63
C VAL K 49 -28.41 -39.21 5.66
N GLY K 50 -28.78 -39.25 6.94
CA GLY K 50 -27.80 -39.34 7.99
C GLY K 50 -28.39 -39.56 9.37
N THR K 51 -27.84 -38.86 10.37
CA THR K 51 -28.29 -39.00 11.74
C THR K 51 -28.08 -37.71 12.50
N MET K 52 -28.81 -37.55 13.60
CA MET K 52 -28.68 -36.39 14.46
C MET K 52 -29.02 -36.77 15.89
N THR K 53 -28.64 -35.91 16.83
CA THR K 53 -28.79 -36.22 18.24
C THR K 53 -30.04 -35.58 18.83
N PRO K 54 -30.71 -36.25 19.78
CA PRO K 54 -31.94 -35.68 20.35
C PRO K 54 -31.70 -34.70 21.48
N LYS K 55 -32.78 -34.24 22.12
CA LYS K 55 -32.72 -33.25 23.18
C LYS K 55 -32.36 -33.89 24.52
N LYS K 56 -32.51 -33.10 25.58
CA LYS K 56 -32.58 -33.63 26.93
C LYS K 56 -33.81 -34.52 27.05
N PRO K 57 -33.74 -35.58 27.87
CA PRO K 57 -32.56 -36.11 28.56
C PRO K 57 -31.95 -37.27 27.81
N ASN K 58 -32.48 -37.56 26.62
CA ASN K 58 -32.07 -38.75 25.90
C ASN K 58 -30.67 -38.57 25.31
N SER K 59 -30.07 -39.70 24.93
CA SER K 59 -28.71 -39.72 24.40
C SER K 59 -28.62 -40.89 23.42
N ALA K 60 -28.77 -40.60 22.13
CA ALA K 60 -28.66 -41.59 21.08
C ALA K 60 -28.30 -40.87 19.78
N LEU K 61 -28.34 -41.60 18.68
CA LEU K 61 -28.14 -41.04 17.35
C LEU K 61 -29.38 -41.34 16.52
N ARG K 62 -30.32 -40.41 16.53
CA ARG K 62 -31.56 -40.55 15.79
C ARG K 62 -31.31 -40.33 14.30
N LYS K 63 -31.75 -41.30 13.50
CA LYS K 63 -31.47 -41.31 12.07
C LYS K 63 -32.58 -40.58 11.33
N TYR K 64 -32.21 -39.76 10.36
CA TYR K 64 -33.17 -38.94 9.64
C TYR K 64 -32.89 -39.00 8.15
N ALA K 65 -33.74 -38.36 7.37
CA ALA K 65 -33.50 -38.14 5.96
C ALA K 65 -34.24 -36.88 5.54
N ARG K 66 -33.62 -36.08 4.68
CA ARG K 66 -34.24 -34.87 4.19
C ARG K 66 -34.72 -35.11 2.77
N VAL K 67 -36.02 -34.91 2.53
CA VAL K 67 -36.67 -35.29 1.29
C VAL K 67 -37.43 -34.11 0.71
N ARG K 68 -37.18 -33.81 -0.56
CA ARG K 68 -37.91 -32.79 -1.29
C ARG K 68 -39.02 -33.47 -2.08
N LEU K 69 -40.21 -32.91 -2.03
CA LEU K 69 -41.42 -33.58 -2.46
C LEU K 69 -41.80 -33.19 -3.89
N SER K 70 -43.02 -33.55 -4.28
CA SER K 70 -43.55 -33.14 -5.57
C SER K 70 -43.84 -31.65 -5.63
N ASN K 71 -44.25 -31.06 -4.52
CA ASN K 71 -44.72 -29.68 -4.48
C ASN K 71 -43.62 -28.66 -4.33
N LEU K 72 -42.38 -29.03 -4.63
CA LEU K 72 -41.22 -28.14 -4.65
C LEU K 72 -40.95 -27.47 -3.30
N ILE K 73 -41.21 -28.16 -2.20
CA ILE K 73 -40.84 -27.67 -0.88
C ILE K 73 -40.06 -28.77 -0.16
N GLU K 74 -39.04 -28.37 0.59
CA GLU K 74 -38.11 -29.28 1.25
C GLU K 74 -38.46 -29.36 2.72
N VAL K 75 -38.78 -30.56 3.20
CA VAL K 75 -38.98 -30.78 4.62
C VAL K 75 -38.17 -32.00 5.02
N THR K 76 -37.46 -31.90 6.14
CA THR K 76 -36.78 -33.04 6.74
C THR K 76 -37.78 -34.09 7.22
N ALA K 77 -37.31 -35.33 7.34
CA ALA K 77 -38.19 -36.41 7.76
C ALA K 77 -37.42 -37.38 8.64
N TYR K 78 -38.16 -38.26 9.30
CA TYR K 78 -37.61 -39.30 10.16
C TYR K 78 -37.84 -40.66 9.52
N ILE K 79 -36.91 -41.57 9.74
CA ILE K 79 -37.02 -42.94 9.27
C ILE K 79 -37.15 -43.86 10.49
N PRO K 80 -38.14 -44.75 10.53
CA PRO K 80 -38.31 -45.57 11.73
C PRO K 80 -37.61 -46.92 11.64
N GLY K 81 -37.67 -47.69 12.73
CA GLY K 81 -37.28 -49.09 12.74
C GLY K 81 -35.80 -49.34 12.62
N ILE K 82 -35.44 -50.62 12.70
CA ILE K 82 -34.08 -51.11 12.50
C ILE K 82 -34.10 -51.82 11.15
N GLY K 83 -33.35 -51.29 10.18
CA GLY K 83 -33.33 -51.93 8.88
C GLY K 83 -34.39 -51.35 7.97
N HIS K 84 -33.96 -50.62 6.94
CA HIS K 84 -34.85 -49.75 6.18
C HIS K 84 -34.88 -50.11 4.71
N ASN K 85 -36.08 -50.08 4.13
CA ASN K 85 -36.32 -50.36 2.71
C ASN K 85 -36.44 -49.09 1.89
N LEU K 86 -36.07 -47.95 2.46
CA LEU K 86 -36.16 -46.64 1.83
C LEU K 86 -34.88 -45.88 2.13
N GLN K 87 -34.09 -45.61 1.09
CA GLN K 87 -32.67 -45.24 1.22
C GLN K 87 -32.42 -44.07 0.28
N GLU K 88 -31.15 -43.85 -0.05
CA GLU K 88 -30.75 -42.75 -0.93
C GLU K 88 -31.36 -42.88 -2.33
N HIS K 89 -32.00 -41.80 -2.78
CA HIS K 89 -32.54 -41.62 -4.13
C HIS K 89 -33.55 -42.70 -4.51
N SER K 90 -34.70 -42.66 -3.85
CA SER K 90 -35.81 -43.50 -4.26
C SER K 90 -37.11 -42.73 -4.06
N VAL K 91 -38.20 -43.33 -4.52
CA VAL K 91 -39.51 -42.88 -4.09
C VAL K 91 -39.65 -43.16 -2.60
N VAL K 92 -40.30 -42.26 -1.88
CA VAL K 92 -40.57 -42.44 -0.46
C VAL K 92 -41.89 -41.76 -0.13
N LEU K 93 -42.77 -42.47 0.56
CA LEU K 93 -44.10 -41.99 0.88
C LEU K 93 -44.12 -41.56 2.33
N LEU K 94 -44.82 -40.47 2.63
CA LEU K 94 -44.75 -39.81 3.92
C LEU K 94 -46.04 -39.97 4.72
N ARG K 95 -45.91 -40.23 6.01
CA ARG K 95 -47.02 -40.01 6.93
C ARG K 95 -47.05 -38.56 7.38
N GLY K 96 -47.85 -38.29 8.40
CA GLY K 96 -47.79 -37.04 9.13
C GLY K 96 -47.80 -37.32 10.61
N GLY K 97 -46.75 -36.89 11.32
CA GLY K 97 -46.66 -37.10 12.75
C GLY K 97 -45.32 -36.64 13.27
N ARG K 98 -45.31 -35.97 14.41
CA ARG K 98 -44.11 -35.31 14.92
C ARG K 98 -43.42 -36.18 15.95
N VAL K 99 -42.11 -36.33 15.81
CA VAL K 99 -41.29 -36.98 16.83
C VAL K 99 -40.81 -35.92 17.82
N LYS K 100 -40.93 -36.23 19.11
CA LYS K 100 -40.81 -35.19 20.13
C LYS K 100 -39.36 -34.80 20.40
N ASP K 101 -38.50 -35.77 20.71
CA ASP K 101 -37.15 -35.46 21.16
C ASP K 101 -36.27 -34.85 20.08
N LEU K 102 -36.63 -35.02 18.84
CA LEU K 102 -35.89 -34.42 17.75
C LEU K 102 -36.35 -33.01 17.48
N PRO K 103 -35.44 -32.05 17.35
CA PRO K 103 -35.83 -30.71 16.92
C PRO K 103 -35.78 -30.54 15.41
N GLY K 104 -36.72 -29.77 14.90
CA GLY K 104 -36.70 -29.39 13.49
C GLY K 104 -37.19 -30.44 12.53
N VAL K 105 -38.08 -31.34 12.97
CA VAL K 105 -38.65 -32.35 12.08
C VAL K 105 -40.05 -32.67 12.57
N ARG K 106 -40.97 -32.85 11.62
CA ARG K 106 -42.35 -33.15 11.97
C ARG K 106 -43.01 -34.18 11.07
N TYR K 107 -42.26 -34.86 10.22
CA TYR K 107 -42.80 -35.96 9.44
C TYR K 107 -41.92 -37.18 9.61
N HIS K 108 -42.56 -38.34 9.61
CA HIS K 108 -41.82 -39.58 9.42
C HIS K 108 -42.51 -40.39 8.34
N ILE K 109 -41.71 -41.16 7.63
CA ILE K 109 -42.14 -41.79 6.39
C ILE K 109 -42.89 -43.09 6.71
N VAL K 110 -43.78 -43.48 5.81
CA VAL K 110 -44.33 -44.82 5.87
C VAL K 110 -43.34 -45.72 5.15
N ARG K 111 -43.34 -47.00 5.49
CA ARG K 111 -42.30 -47.87 4.95
C ARG K 111 -42.84 -49.29 4.88
N GLY K 112 -43.09 -49.74 3.66
CA GLY K 112 -43.74 -51.01 3.38
C GLY K 112 -44.90 -50.79 2.44
N ALA K 113 -44.97 -49.60 1.83
CA ALA K 113 -46.15 -49.16 1.10
C ALA K 113 -45.88 -48.75 -0.33
N LEU K 114 -44.72 -49.11 -0.87
CA LEU K 114 -44.24 -48.72 -2.19
C LEU K 114 -43.39 -49.88 -2.67
N ASP K 115 -42.39 -49.55 -3.48
CA ASP K 115 -41.14 -50.31 -3.63
C ASP K 115 -40.66 -50.94 -2.31
N THR K 116 -40.72 -50.18 -1.21
CA THR K 116 -40.43 -50.67 0.13
C THR K 116 -41.31 -51.82 0.57
N ALA K 117 -40.74 -52.64 1.47
CA ALA K 117 -41.40 -53.78 2.11
C ALA K 117 -41.32 -53.62 3.63
N GLY K 118 -41.67 -54.67 4.38
CA GLY K 118 -41.89 -54.47 5.80
C GLY K 118 -41.45 -55.48 6.83
N VAL K 119 -42.42 -56.00 7.60
CA VAL K 119 -42.16 -56.62 8.90
C VAL K 119 -41.43 -57.95 8.73
N ASN K 120 -40.76 -58.39 9.79
CA ASN K 120 -40.10 -59.68 9.81
C ASN K 120 -40.55 -60.58 10.95
N ASP K 121 -40.88 -60.03 12.12
CA ASP K 121 -41.08 -60.92 13.25
C ASP K 121 -42.31 -60.58 14.10
N ARG K 122 -42.81 -59.36 14.00
CA ARG K 122 -43.99 -58.97 14.77
C ARG K 122 -45.21 -59.63 14.16
N LYS K 123 -45.55 -60.81 14.65
CA LYS K 123 -46.72 -61.55 14.17
C LYS K 123 -48.01 -61.09 14.82
N GLN K 124 -47.93 -60.22 15.82
CA GLN K 124 -49.10 -59.71 16.53
C GLN K 124 -49.51 -58.33 16.06
N SER K 125 -48.56 -57.50 15.64
CA SER K 125 -48.82 -56.13 15.23
C SER K 125 -48.42 -55.94 13.78
N ARG K 126 -48.85 -56.82 12.91
CA ARG K 126 -48.26 -56.84 11.58
C ARG K 126 -48.93 -55.85 10.62
N SER K 127 -49.86 -55.02 11.11
CA SER K 127 -50.45 -53.96 10.29
C SER K 127 -49.39 -52.98 9.83
N LYS K 128 -48.54 -52.55 10.75
CA LYS K 128 -47.40 -51.75 10.37
C LYS K 128 -46.40 -52.64 9.65
N TYR K 129 -45.60 -52.00 8.79
CA TYR K 129 -44.49 -52.61 8.06
C TYR K 129 -44.95 -53.74 7.13
N GLY K 130 -45.79 -53.38 6.16
CA GLY K 130 -45.67 -53.90 4.80
C GLY K 130 -45.57 -55.35 4.39
N THR K 131 -45.56 -56.35 5.29
CA THR K 131 -45.25 -57.73 4.91
C THR K 131 -46.38 -58.67 5.26
N LYS K 132 -46.75 -59.51 4.29
CA LYS K 132 -47.82 -60.48 4.43
C LYS K 132 -47.54 -61.49 5.55
N ARG K 133 -48.63 -62.00 6.10
CA ARG K 133 -48.56 -62.90 7.25
C ARG K 133 -48.03 -64.26 6.85
N PRO K 134 -47.04 -64.79 7.55
CA PRO K 134 -46.74 -66.22 7.44
C PRO K 134 -47.94 -67.06 7.88
N LYS K 135 -48.50 -67.80 6.93
CA LYS K 135 -49.77 -68.51 7.11
C LYS K 135 -49.61 -69.90 7.68
N ALA K 136 -48.43 -70.22 8.23
CA ALA K 136 -48.04 -71.54 8.73
C ALA K 136 -48.26 -72.65 7.70
N ALA L 1 53.20 -19.28 84.02
CA ALA L 1 51.91 -18.73 83.63
C ALA L 1 50.92 -19.85 83.31
N ARG L 2 50.10 -20.27 84.29
CA ARG L 2 50.13 -19.71 85.64
C ARG L 2 51.02 -20.53 86.58
N ILE L 3 50.62 -21.77 86.85
CA ILE L 3 51.45 -22.68 87.63
C ILE L 3 51.60 -24.01 86.89
N ALA L 4 50.63 -24.32 86.03
CA ALA L 4 50.59 -25.61 85.34
C ALA L 4 49.71 -25.44 84.12
N GLY L 5 50.32 -25.51 82.94
CA GLY L 5 49.56 -25.18 81.75
C GLY L 5 49.40 -23.68 81.65
N VAL L 6 48.20 -23.17 81.95
CA VAL L 6 47.92 -21.74 81.88
C VAL L 6 46.69 -21.47 82.75
N ASP L 7 46.69 -20.29 83.40
CA ASP L 7 45.50 -19.62 83.95
C ASP L 7 44.79 -20.46 85.02
N ILE L 8 45.46 -20.58 86.16
CA ILE L 8 44.78 -20.98 87.40
C ILE L 8 44.46 -19.71 88.15
N PRO L 9 43.24 -19.18 88.06
CA PRO L 9 42.95 -17.87 88.66
C PRO L 9 42.62 -17.96 90.15
N ARG L 10 42.85 -16.84 90.81
CA ARG L 10 42.48 -16.65 92.21
C ARG L 10 41.01 -16.28 92.33
N ASP L 11 40.63 -15.80 93.52
CA ASP L 11 39.33 -15.28 93.94
C ASP L 11 38.27 -16.37 94.05
N LYS L 12 38.59 -17.62 93.73
CA LYS L 12 37.74 -18.77 93.96
C LYS L 12 38.54 -19.78 94.74
N ARG L 13 37.84 -20.69 95.41
CA ARG L 13 38.56 -21.66 96.22
C ARG L 13 39.09 -22.79 95.33
N VAL L 14 39.73 -23.77 95.98
CA VAL L 14 40.70 -24.62 95.28
C VAL L 14 39.99 -25.63 94.37
N VAL L 15 38.91 -26.24 94.84
CA VAL L 15 38.19 -27.20 93.99
C VAL L 15 37.45 -26.49 92.86
N VAL L 16 37.20 -25.18 93.01
CA VAL L 16 36.54 -24.43 91.95
C VAL L 16 37.53 -24.02 90.87
N SER L 17 38.67 -23.43 91.28
CA SER L 17 39.59 -22.86 90.30
C SER L 17 40.32 -23.93 89.49
N LEU L 18 40.51 -25.13 90.06
CA LEU L 18 41.20 -26.19 89.33
C LEU L 18 40.35 -26.82 88.24
N THR L 19 39.04 -26.57 88.25
CA THR L 19 38.15 -27.13 87.24
C THR L 19 38.36 -26.50 85.87
N TYR L 20 38.91 -25.29 85.85
CA TYR L 20 39.11 -24.37 84.73
C TYR L 20 40.09 -24.86 83.69
N ILE L 21 40.63 -26.07 83.75
CA ILE L 21 41.58 -26.54 82.76
C ILE L 21 41.02 -27.75 82.04
N TYR L 22 41.60 -28.03 80.87
CA TYR L 22 41.15 -29.09 79.99
C TYR L 22 41.64 -30.42 80.55
N GLY L 23 40.81 -31.06 81.37
CA GLY L 23 41.22 -32.32 81.95
C GLY L 23 40.72 -32.56 83.36
N ILE L 24 40.11 -31.56 83.98
CA ILE L 24 39.57 -31.69 85.31
C ILE L 24 38.05 -31.63 85.24
N GLY L 25 37.41 -32.72 85.70
CA GLY L 25 35.99 -32.68 85.96
C GLY L 25 35.80 -32.28 87.41
N ASN L 26 35.35 -33.22 88.25
CA ASN L 26 35.24 -32.91 89.67
C ASN L 26 35.83 -34.05 90.49
N THR L 27 35.79 -35.26 89.95
CA THR L 27 36.35 -36.41 90.66
C THR L 27 37.87 -36.38 90.66
N THR L 28 38.47 -35.96 89.54
CA THR L 28 39.90 -35.70 89.48
C THR L 28 40.31 -34.64 90.49
N ALA L 29 39.49 -33.59 90.62
CA ALA L 29 39.80 -32.50 91.55
C ALA L 29 39.75 -32.97 93.00
N LYS L 30 38.69 -33.69 93.39
CA LYS L 30 38.59 -34.16 94.76
C LYS L 30 39.65 -35.20 95.08
N LYS L 31 40.01 -36.05 94.13
CA LYS L 31 41.06 -37.03 94.39
C LYS L 31 42.43 -36.38 94.51
N VAL L 32 42.71 -35.36 93.70
CA VAL L 32 44.01 -34.68 93.80
C VAL L 32 44.09 -33.86 95.09
N LEU L 33 42.99 -33.22 95.49
CA LEU L 33 42.97 -32.56 96.79
C LEU L 33 43.01 -33.56 97.95
N ALA L 34 42.58 -34.80 97.73
CA ALA L 34 42.72 -35.81 98.78
C ALA L 34 44.12 -36.38 98.85
N ASN L 35 44.87 -36.37 97.75
CA ASN L 35 46.20 -36.95 97.73
C ASN L 35 47.23 -36.10 98.47
N VAL L 36 46.96 -34.81 98.69
CA VAL L 36 47.86 -33.94 99.42
C VAL L 36 47.46 -33.85 100.89
N GLY L 37 46.17 -33.72 101.17
CA GLY L 37 45.72 -33.45 102.52
C GLY L 37 45.38 -31.99 102.71
N VAL L 38 44.59 -31.44 101.79
CA VAL L 38 44.24 -30.02 101.80
C VAL L 38 42.73 -29.87 101.87
N SER L 39 42.27 -28.63 101.81
CA SER L 39 40.87 -28.29 102.11
C SER L 39 40.39 -27.30 101.03
N GLU L 40 39.30 -26.61 101.32
CA GLU L 40 38.68 -25.73 100.32
C GLU L 40 39.55 -24.50 100.04
N ASP L 41 40.01 -23.83 101.11
CA ASP L 41 41.13 -22.88 101.10
C ASP L 41 40.93 -21.68 100.17
N VAL L 42 40.01 -20.75 100.51
CA VAL L 42 38.99 -20.80 101.56
C VAL L 42 37.69 -20.52 100.82
N ARG L 43 37.62 -19.30 100.29
CA ARG L 43 36.88 -18.99 99.08
C ARG L 43 37.72 -18.12 98.16
N VAL L 44 38.93 -17.77 98.57
CA VAL L 44 39.98 -17.23 97.70
C VAL L 44 41.20 -18.13 97.86
N ARG L 45 41.87 -18.42 96.74
CA ARG L 45 43.03 -19.31 96.77
C ARG L 45 44.21 -18.59 97.41
N ASP L 46 44.62 -19.04 98.59
CA ASP L 46 45.75 -18.50 99.33
C ASP L 46 46.68 -19.63 99.76
N LEU L 47 47.03 -20.48 98.81
CA LEU L 47 47.89 -21.64 99.11
C LEU L 47 49.33 -21.20 99.31
N THR L 48 50.14 -22.12 99.83
CA THR L 48 51.57 -21.91 100.02
C THR L 48 52.36 -22.66 98.94
N ASN L 49 53.66 -22.36 98.89
CA ASN L 49 54.50 -22.87 97.81
C ASN L 49 54.71 -24.38 97.90
N GLU L 50 54.67 -24.94 99.11
CA GLU L 50 54.66 -26.39 99.28
C GLU L 50 53.42 -26.98 98.63
N GLN L 51 52.27 -26.39 98.93
CA GLN L 51 50.98 -26.92 98.49
C GLN L 51 50.81 -26.80 96.98
N THR L 52 51.23 -25.65 96.42
CA THR L 52 51.11 -25.43 94.98
C THR L 52 52.03 -26.37 94.22
N ASP L 53 53.24 -26.62 94.73
CA ASP L 53 54.15 -27.53 94.04
C ASP L 53 53.66 -28.97 94.14
N ALA L 54 53.07 -29.34 95.28
CA ALA L 54 52.54 -30.68 95.44
C ALA L 54 51.37 -30.94 94.49
N ILE L 55 50.41 -30.01 94.44
CA ILE L 55 49.28 -30.15 93.51
C ILE L 55 49.68 -29.88 92.08
N ARG L 56 50.87 -29.30 91.85
CA ARG L 56 51.40 -29.17 90.50
C ARG L 56 51.97 -30.48 90.01
N ALA L 57 52.70 -31.18 90.88
CA ALA L 57 53.30 -32.45 90.49
C ALA L 57 52.27 -33.56 90.41
N GLU L 58 51.20 -33.49 91.20
CA GLU L 58 50.21 -34.56 91.14
C GLU L 58 49.36 -34.50 89.88
N ILE L 59 49.14 -33.30 89.33
CA ILE L 59 48.43 -33.19 88.06
C ILE L 59 49.28 -33.75 86.92
N ASP L 60 50.60 -33.65 87.04
CA ASP L 60 51.52 -34.19 86.04
C ASP L 60 51.53 -35.72 86.01
N LYS L 61 50.85 -36.38 86.95
CA LYS L 61 50.66 -37.82 86.96
C LYS L 61 49.51 -38.27 86.06
N LEU L 62 48.93 -37.37 85.27
CA LEU L 62 47.72 -37.64 84.52
C LEU L 62 47.90 -37.37 83.03
N LYS L 63 46.79 -37.34 82.29
CA LYS L 63 46.78 -36.92 80.90
C LYS L 63 46.43 -35.45 80.73
N VAL L 64 46.52 -34.65 81.81
CA VAL L 64 46.06 -33.27 81.78
C VAL L 64 47.05 -32.46 80.96
N GLU L 65 46.73 -32.25 79.69
CA GLU L 65 47.65 -31.61 78.76
C GLU L 65 46.86 -30.67 77.86
N GLY L 66 47.61 -29.81 77.16
CA GLY L 66 47.08 -29.22 75.94
C GLY L 66 47.15 -30.17 74.77
N ASP L 67 48.02 -31.18 74.85
CA ASP L 67 48.02 -32.29 73.92
C ASP L 67 46.97 -33.33 74.26
N LEU L 68 46.26 -33.17 75.38
CA LEU L 68 45.04 -33.92 75.60
C LEU L 68 43.99 -33.55 74.56
N ARG L 69 43.98 -32.29 74.14
CA ARG L 69 43.21 -31.91 72.95
C ARG L 69 43.75 -32.62 71.71
N ARG L 70 45.07 -32.70 71.59
CA ARG L 70 45.67 -33.44 70.49
C ARG L 70 45.47 -34.94 70.66
N GLU L 71 45.32 -35.40 71.90
CA GLU L 71 44.97 -36.79 72.15
C GLU L 71 43.56 -37.10 71.65
N VAL L 72 42.63 -36.17 71.87
CA VAL L 72 41.28 -36.30 71.33
C VAL L 72 41.30 -36.25 69.81
N ASN L 73 42.16 -35.37 69.26
CA ASN L 73 42.26 -35.25 67.81
C ASN L 73 42.82 -36.52 67.17
N LEU L 74 43.80 -37.16 67.81
CA LEU L 74 44.30 -38.40 67.25
C LEU L 74 43.34 -39.55 67.48
N ASN L 75 42.51 -39.48 68.53
CA ASN L 75 41.42 -40.45 68.69
C ASN L 75 40.44 -40.37 67.54
N ILE L 76 39.91 -39.16 67.28
CA ILE L 76 38.96 -39.02 66.18
C ILE L 76 39.61 -39.08 64.82
N LYS L 77 40.94 -38.92 64.74
CA LYS L 77 41.70 -39.11 63.52
C LYS L 77 41.89 -40.58 63.22
N ARG L 78 42.06 -41.40 64.25
CA ARG L 78 41.91 -42.84 64.12
C ARG L 78 40.50 -43.20 63.69
N LEU L 79 39.50 -42.48 64.20
CA LEU L 79 38.10 -42.79 63.88
C LEU L 79 37.78 -42.53 62.42
N MET L 80 37.96 -41.28 61.97
CA MET L 80 37.46 -40.86 60.67
C MET L 80 38.27 -41.38 59.49
N GLU L 81 39.43 -41.96 59.73
CA GLU L 81 40.30 -42.31 58.60
C GLU L 81 40.68 -43.78 58.59
N ILE L 82 39.69 -44.66 58.71
CA ILE L 82 39.92 -46.05 58.39
C ILE L 82 39.19 -46.33 57.08
N GLY L 83 37.87 -46.32 57.14
CA GLY L 83 37.04 -46.15 55.95
C GLY L 83 36.81 -44.71 55.54
N SER L 84 36.03 -43.93 56.32
CA SER L 84 35.24 -44.41 57.47
C SER L 84 33.80 -43.92 57.43
N TYR L 85 32.86 -44.84 57.65
CA TYR L 85 31.46 -44.47 57.73
C TYR L 85 31.17 -43.64 58.97
N ARG L 86 31.87 -43.92 60.06
CA ARG L 86 31.71 -43.09 61.25
C ARG L 86 32.38 -41.74 61.12
N GLY L 87 33.23 -41.53 60.11
CA GLY L 87 33.82 -40.23 59.90
C GLY L 87 32.90 -39.31 59.13
N ILE L 88 32.21 -39.90 58.16
CA ILE L 88 31.22 -39.19 57.33
C ILE L 88 30.15 -38.57 58.22
N ARG L 89 29.64 -39.34 59.18
CA ARG L 89 28.61 -38.85 60.07
C ARG L 89 29.17 -38.32 61.38
N HIS L 90 30.46 -38.59 61.66
CA HIS L 90 31.15 -37.94 62.77
C HIS L 90 31.31 -36.46 62.49
N ARG L 91 31.67 -36.10 61.26
CA ARG L 91 31.72 -34.70 60.89
C ARG L 91 30.32 -34.09 60.82
N ARG L 92 29.29 -34.92 60.60
CA ARG L 92 27.91 -34.49 60.68
C ARG L 92 27.31 -34.76 62.06
N GLY L 93 28.17 -35.02 63.04
CA GLY L 93 27.86 -35.03 64.46
C GLY L 93 26.69 -35.88 64.96
N LEU L 94 26.55 -37.08 64.43
CA LEU L 94 25.52 -37.96 64.93
C LEU L 94 26.16 -39.18 65.57
N PRO L 95 25.66 -39.64 66.71
CA PRO L 95 26.39 -40.63 67.51
C PRO L 95 26.39 -42.00 66.87
N THR L 96 27.34 -42.82 67.31
CA THR L 96 27.60 -44.12 66.71
C THR L 96 26.56 -45.17 67.07
N ARG L 97 25.66 -44.86 68.02
CA ARG L 97 24.45 -45.64 68.24
C ARG L 97 23.26 -45.05 67.51
N GLY L 98 23.45 -43.94 66.80
CA GLY L 98 22.39 -43.34 66.03
C GLY L 98 21.51 -42.44 66.87
N GLN L 99 20.99 -41.38 66.28
CA GLN L 99 20.03 -40.54 66.98
C GLN L 99 18.87 -40.13 66.08
N ASN L 100 18.96 -40.40 64.78
CA ASN L 100 17.86 -40.33 63.81
C ASN L 100 17.28 -38.91 63.74
N THR L 101 18.13 -38.01 63.25
CA THR L 101 17.91 -36.58 63.34
C THR L 101 17.51 -36.03 61.98
N LYS L 102 16.38 -35.31 61.96
CA LYS L 102 16.02 -34.47 60.85
C LYS L 102 15.80 -33.03 61.29
N ASN L 103 15.77 -32.77 62.60
CA ASN L 103 15.79 -31.43 63.13
C ASN L 103 16.79 -31.22 64.26
N ASN L 104 17.56 -32.24 64.62
CA ASN L 104 18.64 -32.10 65.60
C ASN L 104 19.96 -31.92 64.86
N ALA L 105 20.03 -30.80 64.15
CA ALA L 105 21.31 -30.24 63.74
C ALA L 105 21.57 -28.92 64.45
N ARG L 106 20.57 -28.37 65.12
CA ARG L 106 20.69 -27.13 65.87
C ARG L 106 21.52 -27.27 67.13
N THR L 107 21.90 -28.48 67.51
CA THR L 107 22.90 -28.68 68.55
C THR L 107 24.25 -28.13 68.12
N ARG L 108 24.68 -28.47 66.90
CA ARG L 108 26.02 -28.15 66.43
C ARG L 108 26.05 -26.99 65.44
N LYS L 109 25.32 -27.10 64.34
CA LYS L 109 25.48 -26.20 63.21
C LYS L 109 24.44 -25.11 63.14
N GLY L 110 23.22 -25.34 63.64
CA GLY L 110 22.15 -24.38 63.53
C GLY L 110 21.73 -24.11 62.10
N PRO L 111 21.06 -25.08 61.46
CA PRO L 111 20.76 -24.95 60.02
C PRO L 111 19.73 -23.87 59.68
N THR L 112 19.04 -23.30 60.67
CA THR L 112 18.11 -22.20 60.43
C THR L 112 18.81 -20.92 59.99
N ALA M 1 -3.14 -61.66 53.39
CA ALA M 1 -1.81 -62.25 53.51
C ALA M 1 -1.59 -62.76 54.91
N LYS M 2 -2.64 -63.33 55.50
CA LYS M 2 -2.60 -63.71 56.90
C LYS M 2 -2.98 -65.15 57.19
N LYS M 3 -3.66 -65.83 56.26
CA LYS M 3 -4.07 -67.21 56.51
C LYS M 3 -2.87 -68.14 56.56
N SER M 4 -1.78 -67.78 55.88
CA SER M 4 -0.52 -68.47 56.09
C SER M 4 0.16 -68.01 57.36
N MET M 5 -0.09 -66.77 57.80
CA MET M 5 0.61 -66.25 58.97
C MET M 5 0.00 -66.74 60.28
N ILE M 6 -1.31 -66.95 60.32
CA ILE M 6 -1.93 -67.52 61.52
C ILE M 6 -1.45 -68.95 61.72
N ALA M 7 -1.35 -69.71 60.63
CA ALA M 7 -0.74 -71.03 60.70
C ALA M 7 0.76 -70.95 60.97
N LYS M 8 1.40 -69.83 60.62
CA LYS M 8 2.81 -69.65 60.98
C LYS M 8 2.98 -69.43 62.47
N ASN M 9 2.02 -68.77 63.12
CA ASN M 9 2.13 -68.49 64.53
C ASN M 9 1.59 -69.59 65.42
N LYS M 10 1.11 -70.69 64.86
CA LYS M 10 0.74 -71.83 65.66
C LYS M 10 1.86 -72.85 65.79
N ARG M 11 2.97 -72.63 65.11
CA ARG M 11 4.13 -73.49 65.03
C ARG M 11 5.11 -73.16 66.15
N PRO M 12 5.94 -74.12 66.57
CA PRO M 12 7.05 -73.77 67.46
C PRO M 12 8.08 -72.91 66.73
N ALA M 13 8.57 -71.90 67.44
CA ALA M 13 9.35 -70.85 66.81
C ALA M 13 10.75 -71.33 66.44
N LYS M 14 11.42 -70.54 65.60
CA LYS M 14 12.79 -70.85 65.23
C LYS M 14 13.73 -70.61 66.39
N HIS M 15 13.55 -69.51 67.11
CA HIS M 15 14.23 -69.26 68.37
C HIS M 15 13.33 -68.37 69.23
N SER M 16 13.85 -67.92 70.37
CA SER M 16 13.00 -67.46 71.46
C SER M 16 12.28 -66.16 71.14
N THR M 17 12.96 -65.20 70.52
CA THR M 17 12.34 -63.93 70.22
C THR M 17 11.63 -63.94 68.87
N GLN M 18 10.70 -64.90 68.70
CA GLN M 18 9.81 -64.90 67.55
C GLN M 18 8.36 -65.16 67.90
N ALA M 19 8.04 -65.72 69.07
CA ALA M 19 6.68 -66.11 69.41
C ALA M 19 5.98 -64.91 70.04
N TYR M 20 5.54 -64.00 69.18
CA TYR M 20 4.83 -62.80 69.61
C TYR M 20 3.38 -63.14 69.91
N THR M 21 2.57 -62.10 70.09
CA THR M 21 1.18 -62.24 70.51
C THR M 21 0.27 -61.66 69.45
N ARG M 22 -0.72 -62.44 69.03
CA ARG M 22 -1.85 -61.92 68.28
C ARG M 22 -3.13 -62.52 68.82
N CYS M 23 -4.25 -62.05 68.30
CA CYS M 23 -5.53 -62.51 68.78
C CYS M 23 -5.81 -63.92 68.27
N GLU M 24 -6.86 -64.53 68.82
CA GLU M 24 -7.20 -65.89 68.46
C GLU M 24 -8.23 -65.92 67.32
N ARG M 25 -9.40 -65.33 67.55
CA ARG M 25 -10.48 -65.42 66.59
C ARG M 25 -10.33 -64.43 65.44
N CYS M 26 -9.62 -63.32 65.66
CA CYS M 26 -9.08 -62.53 64.57
C CYS M 26 -7.56 -62.58 64.66
N GLY M 27 -6.89 -61.83 63.81
CA GLY M 27 -5.44 -61.94 63.76
C GLY M 27 -4.68 -60.66 63.96
N ARG M 28 -5.11 -59.84 64.90
CA ARG M 28 -4.54 -58.51 65.00
C ARG M 28 -3.18 -58.57 65.67
N PRO M 29 -2.17 -57.92 65.11
CA PRO M 29 -0.85 -57.95 65.75
C PRO M 29 -0.74 -56.97 66.91
N HIS M 30 -1.49 -55.88 66.86
CA HIS M 30 -1.39 -54.82 67.86
C HIS M 30 -2.50 -54.92 68.89
N SER M 31 -2.16 -54.54 70.13
CA SER M 31 -3.09 -54.30 71.23
C SER M 31 -3.90 -55.55 71.58
N VAL M 32 -3.19 -56.60 71.95
CA VAL M 32 -3.81 -57.85 72.40
C VAL M 32 -3.52 -58.02 73.89
N TYR M 33 -4.59 -58.16 74.67
CA TYR M 33 -4.46 -58.46 76.09
C TYR M 33 -3.98 -59.89 76.25
N ARG M 34 -2.77 -60.07 76.78
CA ARG M 34 -2.23 -61.42 76.91
C ARG M 34 -2.88 -62.19 78.06
N LYS M 35 -3.60 -61.51 78.95
CA LYS M 35 -4.39 -62.23 79.94
C LYS M 35 -5.59 -62.91 79.29
N PHE M 36 -6.09 -62.38 78.19
CA PHE M 36 -7.30 -62.87 77.57
C PHE M 36 -7.11 -63.49 76.20
N HIS M 37 -5.99 -63.21 75.53
CA HIS M 37 -5.73 -63.58 74.13
C HIS M 37 -6.82 -63.06 73.20
N LEU M 38 -7.25 -61.83 73.45
CA LEU M 38 -8.20 -61.13 72.60
C LEU M 38 -7.63 -59.76 72.26
N CYS M 39 -8.15 -59.19 71.19
CA CYS M 39 -7.71 -57.85 70.80
C CYS M 39 -8.49 -56.81 71.59
N ARG M 40 -8.37 -55.54 71.19
CA ARG M 40 -9.05 -54.46 71.88
C ARG M 40 -10.57 -54.52 71.67
N ILE M 41 -11.03 -54.96 70.50
CA ILE M 41 -12.38 -54.68 70.09
C ILE M 41 -13.26 -55.93 70.00
N CYS M 42 -12.68 -57.11 69.75
CA CYS M 42 -13.46 -58.32 69.90
C CYS M 42 -13.78 -58.58 71.37
N PHE M 43 -12.85 -58.18 72.25
CA PHE M 43 -13.14 -58.10 73.67
C PHE M 43 -14.28 -57.14 73.96
N ARG M 44 -14.29 -55.99 73.28
CA ARG M 44 -15.36 -55.03 73.48
C ARG M 44 -16.70 -55.60 73.03
N GLU M 45 -16.70 -56.34 71.93
CA GLU M 45 -17.93 -56.92 71.41
C GLU M 45 -18.45 -58.02 72.31
N LEU M 46 -17.57 -58.92 72.76
CA LEU M 46 -18.02 -59.99 73.64
C LEU M 46 -18.28 -59.52 75.06
N ALA M 47 -17.80 -58.33 75.43
CA ALA M 47 -17.99 -57.85 76.78
C ALA M 47 -19.44 -57.45 77.04
N TYR M 48 -20.15 -57.01 76.00
CA TYR M 48 -21.52 -56.57 76.22
C TYR M 48 -22.48 -57.73 76.35
N LYS M 49 -22.17 -58.87 75.73
CA LYS M 49 -23.13 -59.97 75.65
C LYS M 49 -23.21 -60.78 76.93
N GLY M 50 -22.42 -60.47 77.94
CA GLY M 50 -22.34 -61.31 79.12
C GLY M 50 -21.65 -62.63 78.88
N GLN M 51 -20.79 -62.69 77.86
CA GLN M 51 -20.15 -63.93 77.49
C GLN M 51 -18.71 -63.99 77.97
N ILE M 52 -18.23 -62.97 78.67
CA ILE M 52 -16.96 -62.99 79.37
C ILE M 52 -17.25 -62.84 80.86
N PRO M 53 -16.99 -63.84 81.69
CA PRO M 53 -17.22 -63.70 83.12
C PRO M 53 -16.20 -62.75 83.74
N GLY M 54 -16.55 -62.23 84.90
CA GLY M 54 -15.69 -61.18 85.42
C GLY M 54 -16.20 -59.80 85.07
N VAL M 55 -15.75 -59.32 83.90
CA VAL M 55 -15.91 -57.97 83.37
C VAL M 55 -17.31 -57.38 83.50
N LYS M 56 -17.39 -56.18 84.10
CA LYS M 56 -18.55 -55.30 84.09
C LYS M 56 -18.13 -53.93 83.61
N LYS M 57 -19.09 -53.02 83.53
CA LYS M 57 -18.71 -51.64 83.31
C LYS M 57 -18.17 -51.05 84.61
N ALA M 58 -17.48 -49.92 84.47
CA ALA M 58 -16.69 -49.39 85.58
C ALA M 58 -16.98 -47.90 85.72
N SER M 59 -17.70 -47.54 86.79
CA SER M 59 -17.93 -46.15 87.14
C SER M 59 -17.66 -45.98 88.62
N TRP M 60 -16.95 -44.92 88.97
CA TRP M 60 -16.56 -44.70 90.37
C TRP M 60 -16.31 -43.24 90.68
N ALA N 1 -64.89 38.93 35.04
CA ALA N 1 -66.32 38.79 34.78
C ALA N 1 -66.99 40.14 34.72
N ILE N 2 -68.31 40.13 34.77
CA ILE N 2 -69.08 41.36 34.72
C ILE N 2 -69.50 41.76 36.13
N SER N 3 -69.68 43.06 36.33
CA SER N 3 -70.25 43.56 37.58
C SER N 3 -71.77 43.41 37.54
N GLN N 4 -72.39 43.53 38.71
CA GLN N 4 -73.84 43.39 38.80
C GLN N 4 -74.58 44.53 38.13
N GLU N 5 -73.92 45.65 37.84
CA GLU N 5 -74.56 46.77 37.19
C GLU N 5 -74.92 46.45 35.74
N ARG N 6 -73.93 46.04 34.94
CA ARG N 6 -74.20 45.63 33.57
C ARG N 6 -74.95 44.32 33.53
N LYS N 7 -74.76 43.47 34.55
CA LYS N 7 -75.54 42.25 34.70
C LYS N 7 -77.03 42.56 34.83
N ASN N 8 -77.39 43.42 35.78
CA ASN N 8 -78.79 43.77 35.97
C ASN N 8 -79.32 44.66 34.87
N GLU N 9 -78.43 45.33 34.14
CA GLU N 9 -78.80 45.99 32.90
C GLU N 9 -79.33 44.99 31.88
N ILE N 10 -78.48 44.02 31.51
CA ILE N 10 -78.81 43.17 30.38
C ILE N 10 -79.79 42.06 30.72
N ILE N 11 -79.93 41.68 32.00
CA ILE N 11 -80.92 40.64 32.31
C ILE N 11 -82.32 41.19 32.34
N LYS N 12 -82.50 42.50 32.29
CA LYS N 12 -83.81 43.09 32.29
C LYS N 12 -84.15 43.86 31.04
N GLU N 13 -83.15 44.34 30.29
CA GLU N 13 -83.49 44.90 28.98
C GLU N 13 -83.59 43.84 27.90
N TYR N 14 -83.32 42.57 28.23
CA TYR N 14 -83.49 41.46 27.31
C TYR N 14 -84.44 40.39 27.83
N ALA N 15 -85.07 40.61 28.97
CA ALA N 15 -85.98 39.60 29.51
C ALA N 15 -87.28 39.57 28.70
N ARG N 16 -87.95 38.41 28.76
CA ARG N 16 -89.22 38.28 28.07
C ARG N 16 -90.30 39.13 28.73
N HIS N 17 -90.54 38.90 30.02
CA HIS N 17 -91.59 39.61 30.75
C HIS N 17 -91.14 39.76 32.19
N GLU N 18 -92.09 40.02 33.09
CA GLU N 18 -91.77 40.27 34.49
C GLU N 18 -91.29 39.00 35.18
N GLY N 19 -90.29 39.16 36.04
CA GLY N 19 -89.79 38.07 36.85
C GLY N 19 -88.91 37.08 36.13
N ASP N 20 -88.61 37.29 34.85
CA ASP N 20 -87.80 36.35 34.10
C ASP N 20 -86.34 36.53 34.46
N THR N 21 -85.78 35.57 35.17
CA THR N 21 -84.36 35.44 35.30
C THR N 21 -83.87 34.06 34.88
N GLY N 22 -84.78 33.15 34.59
CA GLY N 22 -84.46 31.91 33.88
C GLY N 22 -84.58 32.23 32.41
N SER N 23 -85.54 31.59 31.71
CA SER N 23 -86.01 31.99 30.38
C SER N 23 -84.89 32.07 29.36
N PRO N 24 -84.47 30.92 28.76
CA PRO N 24 -83.15 30.78 28.12
C PRO N 24 -82.70 31.81 27.09
N GLU N 25 -83.60 32.71 26.68
CA GLU N 25 -83.23 33.85 25.87
C GLU N 25 -82.37 34.84 26.66
N VAL N 26 -82.47 34.82 27.99
CA VAL N 26 -81.71 35.73 28.83
C VAL N 26 -80.29 35.21 29.04
N GLN N 27 -80.21 33.90 29.33
CA GLN N 27 -78.95 33.28 29.73
C GLN N 27 -77.94 33.32 28.60
N ILE N 28 -78.40 33.28 27.35
CA ILE N 28 -77.47 33.29 26.23
C ILE N 28 -76.83 34.66 26.05
N ALA N 29 -77.56 35.75 26.35
CA ALA N 29 -76.95 37.07 26.26
C ALA N 29 -76.00 37.31 27.43
N VAL N 30 -76.36 36.77 28.61
CA VAL N 30 -75.45 36.83 29.76
C VAL N 30 -74.15 36.12 29.44
N LEU N 31 -74.24 34.88 28.96
CA LEU N 31 -73.08 34.12 28.57
C LEU N 31 -72.33 34.76 27.41
N THR N 32 -73.04 35.48 26.54
CA THR N 32 -72.41 36.13 25.41
C THR N 32 -71.46 37.22 25.86
N GLU N 33 -71.94 38.10 26.76
CA GLU N 33 -71.05 39.15 27.24
C GLU N 33 -69.94 38.60 28.11
N ASP N 34 -70.23 37.51 28.85
CA ASP N 34 -69.20 36.87 29.65
C ASP N 34 -68.10 36.27 28.79
N ILE N 35 -68.45 35.58 27.71
CA ILE N 35 -67.42 34.97 26.89
C ILE N 35 -66.71 36.00 26.04
N ASN N 36 -67.34 37.14 25.74
CA ASN N 36 -66.59 38.22 25.08
C ASN N 36 -65.53 38.79 25.99
N GLN N 37 -65.87 39.04 27.26
CA GLN N 37 -64.85 39.56 28.18
C GLN N 37 -63.77 38.53 28.46
N LEU N 38 -64.13 37.25 28.58
CA LEU N 38 -63.13 36.23 28.80
C LEU N 38 -62.26 36.00 27.59
N ASN N 39 -62.82 36.21 26.39
CA ASN N 39 -62.02 36.15 25.18
C ASN N 39 -61.01 37.28 25.15
N GLU N 40 -61.41 38.46 25.62
CA GLU N 40 -60.44 39.56 25.68
C GLU N 40 -59.37 39.30 26.74
N HIS N 41 -59.73 38.63 27.83
CA HIS N 41 -58.70 38.24 28.80
C HIS N 41 -57.75 37.20 28.22
N ALA N 42 -58.27 36.27 27.41
CA ALA N 42 -57.40 35.28 26.81
C ALA N 42 -56.51 35.89 25.74
N ARG N 43 -56.98 36.96 25.10
CA ARG N 43 -56.10 37.69 24.19
C ARG N 43 -55.03 38.47 24.94
N THR N 44 -55.35 38.96 26.14
CA THR N 44 -54.35 39.69 26.91
C THR N 44 -53.31 38.74 27.51
N HIS N 45 -53.76 37.83 28.37
CA HIS N 45 -52.92 36.80 28.96
C HIS N 45 -53.11 35.53 28.15
N LYS N 46 -52.07 35.11 27.44
CA LYS N 46 -52.23 34.00 26.52
C LYS N 46 -51.63 32.70 27.04
N LYS N 47 -51.46 32.57 28.35
CA LYS N 47 -51.23 31.23 28.88
C LYS N 47 -51.93 31.01 30.23
N ASP N 48 -53.01 31.74 30.49
CA ASP N 48 -53.93 31.43 31.57
C ASP N 48 -54.78 30.25 31.13
N HIS N 49 -54.22 29.05 31.28
CA HIS N 49 -54.91 27.87 30.78
C HIS N 49 -56.11 27.50 31.62
N HIS N 50 -56.08 27.79 32.92
CA HIS N 50 -57.13 27.28 33.80
C HIS N 50 -58.42 28.06 33.70
N SER N 51 -58.43 29.23 33.07
CA SER N 51 -59.68 29.91 32.76
C SER N 51 -60.19 29.59 31.36
N TYR N 52 -59.33 29.08 30.49
CA TYR N 52 -59.77 28.74 29.14
C TYR N 52 -60.65 27.50 29.17
N ARG N 53 -60.46 26.64 30.17
CA ARG N 53 -61.37 25.52 30.39
C ARG N 53 -62.77 26.04 30.75
N GLY N 54 -62.83 27.12 31.52
CA GLY N 54 -64.12 27.72 31.85
C GLY N 54 -64.77 28.35 30.64
N LEU N 55 -63.97 28.97 29.76
CA LEU N 55 -64.47 29.39 28.45
C LEU N 55 -65.11 28.24 27.68
N MET N 56 -64.41 27.09 27.65
CA MET N 56 -64.94 25.93 26.94
C MET N 56 -66.26 25.47 27.53
N LYS N 57 -66.37 25.46 28.86
CA LYS N 57 -67.60 25.03 29.50
C LYS N 57 -68.75 25.99 29.24
N LYS N 58 -68.48 27.30 29.27
CA LYS N 58 -69.53 28.28 29.04
C LYS N 58 -70.03 28.23 27.61
N ILE N 59 -69.11 28.11 26.64
CA ILE N 59 -69.53 28.10 25.24
C ILE N 59 -70.28 26.82 24.93
N GLY N 60 -69.90 25.69 25.55
CA GLY N 60 -70.67 24.48 25.37
C GLY N 60 -72.08 24.57 25.95
N HIS N 61 -72.21 25.19 27.12
CA HIS N 61 -73.54 25.28 27.74
C HIS N 61 -74.44 26.24 26.98
N ARG N 62 -73.86 27.33 26.47
CA ARG N 62 -74.62 28.24 25.62
C ARG N 62 -75.03 27.56 24.33
N ARG N 63 -74.17 26.67 23.80
CA ARG N 63 -74.53 25.90 22.62
C ARG N 63 -75.69 24.96 22.90
N ASN N 64 -75.72 24.35 24.09
CA ASN N 64 -76.82 23.45 24.44
C ASN N 64 -78.13 24.20 24.58
N LEU N 65 -78.12 25.37 25.21
CA LEU N 65 -79.34 26.16 25.34
C LEU N 65 -79.81 26.69 23.99
N LEU N 66 -78.86 27.12 23.15
CA LEU N 66 -79.18 27.68 21.85
C LEU N 66 -79.76 26.63 20.93
N ALA N 67 -79.25 25.40 21.01
CA ALA N 67 -79.84 24.31 20.26
C ALA N 67 -81.13 23.80 20.89
N TYR N 68 -81.36 24.06 22.18
CA TYR N 68 -82.66 23.76 22.76
C TYR N 68 -83.74 24.63 22.16
N LEU N 69 -83.49 25.95 22.14
CA LEU N 69 -84.53 26.91 21.79
C LEU N 69 -85.01 26.74 20.35
N ARG N 70 -84.12 26.30 19.46
CA ARG N 70 -84.47 26.07 18.08
C ARG N 70 -85.39 24.86 17.90
N LYS N 71 -85.39 23.92 18.83
CA LYS N 71 -86.30 22.80 18.75
C LYS N 71 -87.66 23.08 19.37
N THR N 72 -87.90 24.32 19.78
CA THR N 72 -89.23 24.76 20.23
C THR N 72 -89.85 25.77 19.29
N ASP N 73 -89.16 26.87 19.00
CA ASP N 73 -89.67 27.90 18.11
C ASP N 73 -88.51 28.43 17.29
N ILE N 74 -88.54 28.20 15.98
CA ILE N 74 -87.47 28.68 15.13
C ILE N 74 -87.56 30.19 14.93
N GLN N 75 -88.71 30.79 15.19
CA GLN N 75 -88.86 32.23 14.97
C GLN N 75 -88.15 33.03 16.06
N ARG N 76 -88.25 32.58 17.32
CA ARG N 76 -87.51 33.19 18.40
C ARG N 76 -86.01 33.05 18.19
N TYR N 77 -85.59 31.87 17.71
CA TYR N 77 -84.18 31.60 17.45
C TYR N 77 -83.63 32.53 16.39
N ARG N 78 -84.36 32.69 15.28
CA ARG N 78 -83.95 33.60 14.23
C ARG N 78 -83.94 35.03 14.71
N GLU N 79 -84.92 35.42 15.54
CA GLU N 79 -84.96 36.78 16.04
C GLU N 79 -83.79 37.08 16.95
N LEU N 80 -83.39 36.10 17.77
CA LEU N 80 -82.25 36.31 18.65
C LEU N 80 -80.94 36.36 17.88
N ILE N 81 -80.76 35.46 16.91
CA ILE N 81 -79.48 35.46 16.22
C ILE N 81 -79.37 36.63 15.24
N GLN N 82 -80.49 37.19 14.78
CA GLN N 82 -80.46 38.46 14.10
C GLN N 82 -80.33 39.63 15.08
N ARG N 83 -80.62 39.39 16.34
CA ARG N 83 -80.63 40.43 17.37
C ARG N 83 -79.35 40.44 18.20
N LEU N 84 -78.79 39.27 18.51
CA LEU N 84 -77.62 39.20 19.37
C LEU N 84 -76.31 39.13 18.59
N GLY N 85 -76.35 38.91 17.29
CA GLY N 85 -75.15 38.89 16.47
C GLY N 85 -74.26 37.67 16.66
N LEU N 86 -74.72 36.52 16.21
CA LEU N 86 -73.97 35.27 16.35
C LEU N 86 -74.39 34.34 15.22
N ARG N 87 -74.00 33.06 15.33
CA ARG N 87 -74.35 31.99 14.39
C ARG N 87 -73.83 32.31 12.99
N ARG N 88 -72.52 32.23 12.88
CA ARG N 88 -71.87 32.28 11.59
C ARG N 88 -71.87 30.88 10.95
N ALA O 1 -97.61 -29.13 -25.10
CA ALA O 1 -97.87 -30.51 -25.47
C ALA O 1 -97.77 -31.42 -24.27
N VAL O 2 -98.67 -31.20 -23.30
CA VAL O 2 -98.70 -32.00 -22.08
C VAL O 2 -99.10 -33.42 -22.42
N LYS O 3 -98.65 -34.36 -21.59
CA LYS O 3 -98.75 -35.77 -21.95
C LYS O 3 -98.65 -36.61 -20.69
N ILE O 4 -99.75 -37.21 -20.26
CA ILE O 4 -99.73 -37.99 -19.03
C ILE O 4 -99.11 -39.36 -19.32
N ARG O 5 -98.21 -39.78 -18.45
CA ARG O 5 -97.37 -40.94 -18.75
C ARG O 5 -96.77 -41.46 -17.45
N LEU O 6 -95.82 -42.38 -17.59
CA LEU O 6 -95.28 -43.12 -16.47
C LEU O 6 -93.98 -42.50 -15.93
N LYS O 7 -93.51 -43.08 -14.83
CA LYS O 7 -92.36 -42.57 -14.09
C LYS O 7 -91.80 -43.73 -13.27
N ARG O 8 -90.63 -44.23 -13.66
CA ARG O 8 -90.11 -45.48 -13.11
C ARG O 8 -89.32 -45.19 -11.83
N MET O 9 -89.68 -45.89 -10.76
CA MET O 9 -89.18 -45.66 -9.40
C MET O 9 -88.70 -46.94 -8.74
N GLY O 10 -88.06 -47.82 -9.49
CA GLY O 10 -87.79 -49.16 -9.02
C GLY O 10 -86.62 -49.22 -8.07
N SER O 11 -86.31 -50.43 -7.63
CA SER O 11 -85.10 -50.61 -6.82
C SER O 11 -83.95 -51.05 -7.72
N LYS O 12 -83.97 -52.30 -8.16
CA LYS O 12 -82.96 -52.79 -9.10
C LYS O 12 -83.58 -53.64 -10.18
N LYS O 13 -84.53 -54.48 -9.78
CA LYS O 13 -85.26 -55.35 -10.69
C LYS O 13 -86.75 -55.22 -10.53
N SER O 14 -87.25 -54.70 -9.42
CA SER O 14 -88.66 -54.57 -9.17
C SER O 14 -89.06 -53.14 -9.38
N PRO O 15 -89.72 -52.79 -10.48
CA PRO O 15 -90.13 -51.41 -10.68
C PRO O 15 -91.36 -51.08 -9.87
N PHE O 16 -91.72 -49.80 -9.95
CA PHE O 16 -92.97 -49.29 -9.41
C PHE O 16 -93.22 -47.97 -10.11
N TYR O 17 -94.34 -47.85 -10.81
CA TYR O 17 -94.55 -46.66 -11.62
C TYR O 17 -95.58 -45.78 -10.95
N ARG O 18 -95.56 -44.50 -11.30
CA ARG O 18 -96.62 -43.60 -10.93
C ARG O 18 -97.08 -42.86 -12.17
N ILE O 19 -98.38 -42.89 -12.44
CA ILE O 19 -98.92 -42.16 -13.58
C ILE O 19 -98.87 -40.68 -13.23
N VAL O 20 -98.24 -39.89 -14.09
CA VAL O 20 -97.92 -38.50 -13.80
C VAL O 20 -98.05 -37.70 -15.09
N VAL O 21 -98.48 -36.45 -14.96
CA VAL O 21 -98.62 -35.57 -16.10
C VAL O 21 -97.41 -34.63 -16.16
N ALA O 22 -96.70 -34.68 -17.28
CA ALA O 22 -95.52 -33.86 -17.46
C ALA O 22 -95.44 -33.41 -18.91
N ASP O 23 -94.79 -32.28 -19.12
CA ASP O 23 -94.51 -31.82 -20.47
C ASP O 23 -93.52 -32.77 -21.13
N SER O 24 -93.59 -32.89 -22.45
CA SER O 24 -92.75 -33.84 -23.16
C SER O 24 -91.29 -33.45 -23.15
N ARG O 25 -91.00 -32.15 -22.98
CA ARG O 25 -89.62 -31.69 -22.92
C ARG O 25 -88.88 -32.22 -21.70
N SER O 26 -89.59 -32.45 -20.60
CA SER O 26 -88.99 -32.88 -19.36
C SER O 26 -88.48 -34.31 -19.50
N PRO O 27 -87.45 -34.70 -18.73
CA PRO O 27 -86.94 -36.07 -18.82
C PRO O 27 -87.87 -37.11 -18.21
N ARG O 28 -87.43 -38.37 -18.18
CA ARG O 28 -88.29 -39.47 -17.74
C ARG O 28 -88.67 -39.34 -16.27
N ASP O 29 -87.74 -38.91 -15.44
CA ASP O 29 -87.97 -38.83 -14.00
C ASP O 29 -87.73 -37.43 -13.46
N GLY O 30 -87.74 -36.42 -14.31
CA GLY O 30 -87.55 -35.05 -13.88
C GLY O 30 -88.80 -34.44 -13.28
N ARG O 31 -89.08 -33.18 -13.59
CA ARG O 31 -90.23 -32.53 -12.98
C ARG O 31 -91.52 -32.96 -13.65
N PHE O 32 -92.61 -32.40 -13.16
CA PHE O 32 -93.94 -32.66 -13.67
C PHE O 32 -94.83 -31.50 -13.27
N ILE O 33 -96.15 -31.71 -13.32
CA ILE O 33 -97.10 -30.77 -12.78
C ILE O 33 -97.83 -31.36 -11.58
N GLU O 34 -98.39 -32.57 -11.72
CA GLU O 34 -98.98 -33.27 -10.58
C GLU O 34 -98.96 -34.77 -10.84
N THR O 35 -99.06 -35.54 -9.76
CA THR O 35 -99.06 -37.00 -9.80
C THR O 35 -100.51 -37.46 -9.77
N VAL O 36 -100.98 -37.99 -10.90
CA VAL O 36 -102.35 -38.43 -11.03
C VAL O 36 -102.36 -39.95 -11.00
N GLY O 37 -102.50 -40.52 -9.81
CA GLY O 37 -102.63 -41.96 -9.67
C GLY O 37 -101.33 -42.70 -9.85
N THR O 38 -101.37 -44.01 -9.59
CA THR O 38 -100.19 -44.85 -9.75
C THR O 38 -100.57 -46.26 -10.15
N TYR O 39 -99.55 -47.08 -10.37
CA TYR O 39 -99.71 -48.43 -10.88
C TYR O 39 -98.45 -49.24 -10.63
N ASN O 40 -98.57 -50.28 -9.84
CA ASN O 40 -97.52 -51.29 -9.80
C ASN O 40 -97.47 -51.98 -11.15
N PRO O 41 -96.31 -52.11 -11.78
CA PRO O 41 -96.19 -53.05 -12.89
C PRO O 41 -96.50 -54.46 -12.47
N LEU O 42 -95.98 -54.87 -11.32
CA LEU O 42 -96.15 -56.21 -10.79
C LEU O 42 -97.56 -56.39 -10.26
N LYS O 43 -97.90 -57.65 -9.96
CA LYS O 43 -99.14 -58.06 -9.28
C LYS O 43 -100.38 -57.63 -10.06
N ASP O 44 -100.56 -58.25 -11.22
CA ASP O 44 -101.84 -58.14 -11.92
C ASP O 44 -102.93 -58.80 -11.10
N PRO O 45 -104.09 -58.14 -10.90
CA PRO O 45 -104.36 -56.76 -11.32
C PRO O 45 -103.91 -55.71 -10.28
N ALA O 46 -103.01 -54.82 -10.70
CA ALA O 46 -102.56 -53.75 -9.81
C ALA O 46 -103.40 -52.50 -10.00
N GLU O 47 -103.67 -51.82 -8.88
CA GLU O 47 -104.79 -50.90 -8.82
C GLU O 47 -104.50 -49.58 -9.50
N VAL O 48 -105.54 -49.02 -10.12
CA VAL O 48 -105.52 -47.64 -10.59
C VAL O 48 -106.25 -46.83 -9.53
N VAL O 49 -105.51 -46.33 -8.56
CA VAL O 49 -106.08 -45.56 -7.47
C VAL O 49 -106.13 -44.10 -7.91
N LEU O 50 -107.32 -43.51 -7.85
CA LEU O 50 -107.52 -42.17 -8.39
C LEU O 50 -108.46 -41.37 -7.49
N LYS O 51 -108.37 -40.05 -7.59
CA LYS O 51 -109.52 -39.22 -7.25
C LYS O 51 -110.50 -39.18 -8.41
N GLU O 52 -109.98 -39.34 -9.64
CA GLU O 52 -110.65 -39.26 -10.96
C GLU O 52 -111.56 -38.04 -11.13
N ASP O 53 -111.37 -36.99 -10.33
CA ASP O 53 -111.80 -35.66 -10.70
C ASP O 53 -110.69 -34.92 -11.42
N LEU O 54 -109.57 -35.59 -11.66
CA LEU O 54 -108.42 -35.00 -12.31
C LEU O 54 -108.31 -35.44 -13.75
N VAL O 55 -108.53 -36.72 -14.04
CA VAL O 55 -108.40 -37.22 -15.41
C VAL O 55 -109.54 -36.69 -16.27
N LEU O 56 -110.77 -36.81 -15.76
CA LEU O 56 -111.95 -36.27 -16.43
C LEU O 56 -111.85 -34.76 -16.62
N ASP O 57 -111.28 -34.06 -15.65
CA ASP O 57 -111.12 -32.62 -15.77
C ASP O 57 -109.75 -32.22 -16.28
N TRP O 58 -109.02 -33.16 -16.85
CA TRP O 58 -107.68 -32.86 -17.32
C TRP O 58 -107.50 -33.19 -18.78
N LEU O 59 -108.10 -34.28 -19.26
CA LEU O 59 -108.18 -34.48 -20.70
C LEU O 59 -109.12 -33.49 -21.34
N SER O 60 -110.14 -33.05 -20.59
CA SER O 60 -111.02 -32.00 -21.07
C SER O 60 -110.30 -30.67 -21.21
N LYS O 61 -109.28 -30.42 -20.38
CA LYS O 61 -108.40 -29.29 -20.59
C LYS O 61 -107.58 -29.43 -21.86
N GLY O 62 -107.34 -30.66 -22.29
CA GLY O 62 -106.59 -30.93 -23.49
C GLY O 62 -105.26 -31.56 -23.16
N ALA O 63 -105.20 -32.88 -23.23
CA ALA O 63 -103.98 -33.61 -22.97
C ALA O 63 -104.08 -34.93 -23.72
N GLN O 64 -102.95 -35.60 -23.90
CA GLN O 64 -102.93 -36.83 -24.68
C GLN O 64 -102.20 -37.92 -23.91
N PRO O 65 -102.91 -38.93 -23.42
CA PRO O 65 -102.25 -40.05 -22.75
C PRO O 65 -101.49 -40.92 -23.74
N SER O 66 -100.44 -41.54 -23.24
CA SER O 66 -99.57 -42.38 -24.06
C SER O 66 -100.19 -43.75 -24.25
N ASP O 67 -99.37 -44.72 -24.64
CA ASP O 67 -99.87 -46.05 -25.00
C ASP O 67 -100.39 -46.81 -23.78
N THR O 68 -99.58 -46.97 -22.74
CA THR O 68 -99.98 -47.78 -21.61
C THR O 68 -101.04 -47.09 -20.77
N VAL O 69 -100.90 -45.78 -20.57
CA VAL O 69 -101.75 -45.03 -19.67
C VAL O 69 -103.18 -44.95 -20.20
N ARG O 70 -103.35 -44.71 -21.49
CA ARG O 70 -104.69 -44.72 -22.08
C ARG O 70 -105.29 -46.11 -22.04
N ASN O 71 -104.53 -47.11 -22.47
CA ASN O 71 -105.03 -48.47 -22.58
C ASN O 71 -105.21 -49.16 -21.23
N ILE O 72 -104.88 -48.52 -20.11
CA ILE O 72 -105.38 -48.97 -18.84
C ILE O 72 -106.47 -48.06 -18.29
N LEU O 73 -106.46 -46.77 -18.60
CA LEU O 73 -107.53 -45.89 -18.13
C LEU O 73 -108.77 -45.94 -19.01
N SER O 74 -108.75 -46.70 -20.09
CA SER O 74 -109.97 -46.99 -20.82
C SER O 74 -110.86 -47.96 -20.06
N LYS O 75 -110.34 -48.62 -19.03
CA LYS O 75 -111.12 -49.53 -18.19
C LYS O 75 -112.12 -48.81 -17.30
N GLU O 76 -112.12 -47.48 -17.27
CA GLU O 76 -113.18 -46.71 -16.63
C GLU O 76 -113.96 -45.85 -17.63
N GLY O 77 -113.62 -45.92 -18.91
CA GLY O 77 -114.41 -45.29 -19.97
C GLY O 77 -114.47 -43.79 -19.88
N VAL O 78 -113.32 -43.15 -19.68
CA VAL O 78 -113.27 -41.82 -19.09
C VAL O 78 -113.72 -40.77 -20.10
N MET O 79 -113.00 -40.63 -21.21
CA MET O 79 -113.36 -39.65 -22.22
C MET O 79 -114.60 -40.03 -23.02
N LYS O 80 -114.98 -41.30 -23.05
CA LYS O 80 -116.17 -41.68 -23.79
C LYS O 80 -117.41 -41.15 -23.10
N LYS O 81 -117.39 -41.13 -21.77
CA LYS O 81 -118.37 -40.35 -21.01
C LYS O 81 -118.31 -38.87 -21.38
N HIS O 82 -117.09 -38.36 -21.60
CA HIS O 82 -116.92 -36.92 -21.81
C HIS O 82 -117.37 -36.49 -23.19
N HIS O 83 -116.86 -37.12 -24.25
CA HIS O 83 -117.29 -36.68 -25.57
C HIS O 83 -118.62 -37.31 -25.97
N GLU O 84 -119.10 -38.29 -25.19
CA GLU O 84 -120.53 -38.54 -25.16
C GLU O 84 -121.28 -37.33 -24.63
N ALA O 85 -120.80 -36.76 -23.52
CA ALA O 85 -121.47 -35.66 -22.85
C ALA O 85 -120.99 -34.30 -23.31
N LYS O 86 -120.33 -34.21 -24.46
CA LYS O 86 -120.18 -32.92 -25.12
C LYS O 86 -121.44 -32.49 -25.84
N ASN O 87 -122.44 -33.38 -25.94
CA ASN O 87 -123.77 -33.05 -26.39
C ASN O 87 -124.54 -32.22 -25.36
N VAL O 88 -124.03 -32.11 -24.13
CA VAL O 88 -124.58 -31.19 -23.14
C VAL O 88 -124.47 -29.75 -23.65
N LYS O 89 -123.34 -29.42 -24.28
CA LYS O 89 -122.99 -28.13 -24.91
C LYS O 89 -123.43 -26.85 -24.19
N GLU P 1 -109.11 -3.05 -11.27
CA GLU P 1 -108.71 -3.51 -9.95
C GLU P 1 -109.24 -4.92 -9.72
N ARG P 2 -108.56 -5.90 -10.30
CA ARG P 2 -108.76 -7.28 -9.93
C ARG P 2 -107.57 -7.85 -9.20
N ASN P 3 -106.59 -7.00 -8.85
CA ASN P 3 -105.33 -7.42 -8.27
C ASN P 3 -104.68 -6.18 -7.68
N GLN P 4 -104.31 -6.24 -6.41
CA GLN P 4 -103.76 -5.07 -5.74
C GLN P 4 -102.27 -4.94 -5.96
N ARG P 5 -101.79 -3.70 -5.93
CA ARG P 5 -100.38 -3.40 -5.84
C ARG P 5 -99.97 -3.27 -4.39
N LYS P 6 -98.79 -2.71 -4.15
CA LYS P 6 -98.26 -2.49 -2.81
C LYS P 6 -98.00 -1.00 -2.64
N VAL P 7 -98.64 -0.38 -1.66
CA VAL P 7 -98.51 1.04 -1.43
C VAL P 7 -97.67 1.28 -0.18
N TYR P 8 -96.78 2.28 -0.26
CA TYR P 8 -95.84 2.57 0.81
C TYR P 8 -95.99 4.03 1.22
N GLN P 9 -95.81 4.30 2.51
CA GLN P 9 -95.80 5.65 3.03
C GLN P 9 -94.37 6.19 3.05
N GLY P 10 -94.17 7.31 3.73
CA GLY P 10 -92.84 7.87 3.85
C GLY P 10 -92.83 9.37 3.72
N ARG P 11 -91.67 9.99 3.81
CA ARG P 11 -91.54 11.43 3.67
C ARG P 11 -90.59 11.76 2.53
N VAL P 12 -90.33 13.04 2.34
CA VAL P 12 -89.59 13.54 1.18
C VAL P 12 -88.27 14.13 1.66
N VAL P 13 -87.18 13.78 0.98
CA VAL P 13 -85.88 14.37 1.27
C VAL P 13 -85.60 15.51 0.31
N SER P 14 -85.50 15.23 -0.98
CA SER P 14 -85.05 16.22 -1.92
C SER P 14 -85.63 15.96 -3.30
N ASP P 15 -86.02 17.03 -3.98
CA ASP P 15 -86.72 16.95 -5.25
C ASP P 15 -86.23 18.05 -6.20
N LYS P 16 -84.91 18.18 -6.33
CA LYS P 16 -84.35 19.16 -7.25
C LYS P 16 -84.56 18.79 -8.71
N MET P 17 -84.87 17.53 -9.00
CA MET P 17 -85.05 17.09 -10.38
C MET P 17 -86.50 17.28 -10.81
N ASP P 18 -86.69 17.51 -12.11
CA ASP P 18 -88.00 17.81 -12.65
C ASP P 18 -88.89 16.58 -12.57
N LYS P 19 -90.14 16.81 -12.14
CA LYS P 19 -91.20 15.79 -12.08
C LYS P 19 -90.84 14.62 -11.18
N THR P 20 -89.95 14.80 -10.22
CA THR P 20 -89.38 13.68 -9.49
C THR P 20 -89.11 14.08 -8.04
N ILE P 21 -89.56 13.26 -7.11
CA ILE P 21 -89.31 13.44 -5.69
C ILE P 21 -88.48 12.26 -5.18
N THR P 22 -88.22 12.22 -3.89
CA THR P 22 -87.45 11.14 -3.28
C THR P 22 -88.09 10.75 -1.97
N VAL P 23 -88.54 9.49 -1.87
CA VAL P 23 -89.36 9.04 -0.75
C VAL P 23 -88.55 8.07 0.09
N VAL P 24 -88.55 8.30 1.41
CA VAL P 24 -87.86 7.46 2.37
C VAL P 24 -88.91 6.76 3.21
N VAL P 25 -89.03 5.46 3.03
CA VAL P 25 -89.76 4.63 3.98
C VAL P 25 -88.77 4.22 5.06
N GLU P 26 -89.28 3.82 6.22
CA GLU P 26 -88.43 3.73 7.40
C GLU P 26 -89.06 2.82 8.44
N THR P 27 -88.31 1.83 8.91
CA THR P 27 -88.79 0.88 9.89
C THR P 27 -87.62 0.39 10.73
N LYS P 28 -87.88 -0.57 11.61
CA LYS P 28 -86.86 -1.12 12.50
C LYS P 28 -86.86 -2.64 12.43
N LYS P 29 -85.68 -3.20 12.27
CA LYS P 29 -85.49 -4.65 12.27
C LYS P 29 -84.82 -5.10 13.55
N ASN P 30 -84.48 -6.37 13.60
CA ASN P 30 -83.65 -6.96 14.63
C ASN P 30 -82.31 -7.33 14.03
N HIS P 31 -81.29 -7.35 14.86
CA HIS P 31 -80.06 -8.01 14.48
C HIS P 31 -80.33 -9.50 14.39
N PRO P 32 -79.71 -10.21 13.45
CA PRO P 32 -79.97 -11.65 13.35
C PRO P 32 -79.43 -12.44 14.53
N ILE P 33 -78.30 -12.05 15.09
CA ILE P 33 -77.71 -12.75 16.23
C ILE P 33 -78.12 -12.09 17.53
N TYR P 34 -77.86 -10.79 17.67
CA TYR P 34 -78.23 -10.05 18.86
C TYR P 34 -79.68 -9.61 18.73
N GLY P 35 -80.12 -8.67 19.55
CA GLY P 35 -81.55 -8.47 19.58
C GLY P 35 -82.12 -7.08 19.57
N LYS P 36 -81.30 -6.02 19.54
CA LYS P 36 -81.92 -4.72 19.71
C LYS P 36 -82.48 -4.23 18.38
N ARG P 37 -83.21 -3.12 18.46
CA ARG P 37 -84.00 -2.62 17.33
C ARG P 37 -83.16 -1.63 16.54
N MET P 38 -82.38 -2.15 15.60
CA MET P 38 -81.66 -1.29 14.68
C MET P 38 -82.62 -0.64 13.70
N LYS P 39 -82.34 0.60 13.33
CA LYS P 39 -83.15 1.30 12.35
C LYS P 39 -82.31 1.60 11.12
N TYR P 40 -82.99 1.66 9.96
CA TYR P 40 -82.32 1.96 8.71
C TYR P 40 -83.31 2.60 7.75
N SER P 41 -82.83 2.95 6.57
CA SER P 41 -83.58 3.77 5.65
C SER P 41 -83.28 3.38 4.21
N LYS P 42 -84.21 3.69 3.32
CA LYS P 42 -84.01 3.56 1.88
C LYS P 42 -84.38 4.87 1.21
N LYS P 43 -83.95 5.02 -0.03
CA LYS P 43 -84.32 6.19 -0.83
C LYS P 43 -84.92 5.71 -2.15
N TYR P 44 -86.24 5.68 -2.23
CA TYR P 44 -86.93 5.45 -3.48
C TYR P 44 -86.85 6.68 -4.36
N LYS P 45 -87.30 6.53 -5.60
CA LYS P 45 -87.50 7.66 -6.51
C LYS P 45 -88.85 7.46 -7.18
N ALA P 46 -89.80 8.33 -6.86
CA ALA P 46 -91.15 8.22 -7.38
C ALA P 46 -91.41 9.33 -8.39
N HIS P 47 -92.28 9.04 -9.35
CA HIS P 47 -92.62 10.00 -10.38
C HIS P 47 -93.78 10.88 -9.95
N ASP P 48 -93.64 12.18 -10.18
CA ASP P 48 -94.68 13.16 -9.89
C ASP P 48 -95.00 13.93 -11.18
N GLU P 49 -96.19 14.50 -11.22
CA GLU P 49 -96.67 15.14 -12.45
C GLU P 49 -96.16 16.57 -12.58
N ASN P 50 -96.56 17.44 -11.67
CA ASN P 50 -96.48 18.88 -11.88
C ASN P 50 -96.09 19.62 -10.61
N ASN P 51 -95.04 19.13 -9.92
CA ASN P 51 -94.41 19.76 -8.75
C ASN P 51 -95.41 19.95 -7.60
N THR P 52 -95.95 18.81 -7.13
CA THR P 52 -96.96 18.85 -6.09
C THR P 52 -96.35 19.05 -4.71
N ALA P 53 -95.53 18.11 -4.27
CA ALA P 53 -95.02 18.12 -2.91
C ALA P 53 -93.74 18.94 -2.80
N LYS P 54 -93.27 19.12 -1.57
CA LYS P 54 -92.06 19.87 -1.28
C LYS P 54 -91.27 19.11 -0.22
N VAL P 55 -90.25 19.77 0.33
CA VAL P 55 -89.28 19.14 1.22
C VAL P 55 -89.90 19.00 2.61
N GLY P 56 -90.10 17.76 3.04
CA GLY P 56 -90.60 17.49 4.38
C GLY P 56 -92.00 16.94 4.44
N ASP P 57 -92.65 16.74 3.30
CA ASP P 57 -94.01 16.25 3.29
C ASP P 57 -94.08 14.75 3.44
N ILE P 58 -94.98 14.27 4.30
CA ILE P 58 -95.31 12.85 4.32
C ILE P 58 -96.24 12.58 3.14
N VAL P 59 -95.82 11.67 2.26
CA VAL P 59 -96.54 11.38 1.04
C VAL P 59 -96.59 9.86 0.92
N LYS P 60 -97.48 9.36 0.08
CA LYS P 60 -97.56 7.93 -0.15
C LYS P 60 -97.60 7.63 -1.65
N ILE P 61 -97.15 6.43 -2.01
CA ILE P 61 -96.79 6.06 -3.37
C ILE P 61 -97.18 4.62 -3.64
N MET P 62 -97.24 4.26 -4.93
CA MET P 62 -97.71 2.96 -5.38
C MET P 62 -96.72 2.37 -6.39
N GLU P 63 -96.57 1.05 -6.37
CA GLU P 63 -95.79 0.35 -7.38
C GLU P 63 -96.48 0.42 -8.73
N THR P 64 -95.75 0.79 -9.78
CA THR P 64 -96.41 1.16 -11.02
C THR P 64 -96.10 0.24 -12.19
N ARG P 65 -94.90 0.33 -12.79
CA ARG P 65 -94.32 -0.39 -13.93
C ARG P 65 -92.98 0.30 -14.16
N PRO P 66 -92.01 -0.28 -14.90
CA PRO P 66 -90.76 0.48 -15.16
C PRO P 66 -90.98 1.75 -15.96
N LEU P 67 -90.83 2.89 -15.30
CA LEU P 67 -91.21 4.18 -15.88
C LEU P 67 -90.05 4.98 -16.44
N SER P 68 -88.83 4.76 -15.95
CA SER P 68 -87.69 5.55 -16.40
C SER P 68 -86.43 4.72 -16.15
N ALA P 69 -85.28 5.38 -16.13
CA ALA P 69 -84.04 4.74 -15.68
C ALA P 69 -84.06 4.71 -14.15
N THR P 70 -84.87 3.79 -13.62
CA THR P 70 -85.09 3.55 -12.18
C THR P 70 -85.55 4.81 -11.45
N LYS P 71 -86.74 5.28 -11.84
CA LYS P 71 -87.63 5.96 -10.91
C LYS P 71 -89.02 5.40 -11.21
N ARG P 72 -89.60 4.73 -10.23
CA ARG P 72 -90.56 3.71 -10.59
C ARG P 72 -91.88 3.73 -9.86
N PHE P 73 -92.12 4.67 -8.96
CA PHE P 73 -93.41 4.73 -8.29
C PHE P 73 -94.14 6.01 -8.68
N ARG P 74 -95.44 6.05 -8.40
CA ARG P 74 -96.27 7.20 -8.71
C ARG P 74 -96.79 7.81 -7.42
N LEU P 75 -96.73 9.13 -7.34
CA LEU P 75 -97.26 9.86 -6.19
C LEU P 75 -98.77 9.69 -6.11
N LEU P 76 -99.28 9.65 -4.88
CA LEU P 76 -100.72 9.62 -4.68
C LEU P 76 -101.25 10.91 -4.07
N GLU P 77 -100.73 11.34 -2.93
CA GLU P 77 -101.46 12.32 -2.13
C GLU P 77 -100.54 13.01 -1.15
N VAL P 78 -100.36 14.31 -1.30
CA VAL P 78 -99.73 15.13 -0.27
C VAL P 78 -100.60 15.09 0.97
N VAL P 79 -100.05 14.55 2.07
CA VAL P 79 -100.84 14.31 3.27
C VAL P 79 -100.62 15.44 4.28
N GLU P 80 -99.37 15.61 4.72
CA GLU P 80 -99.07 16.50 5.84
C GLU P 80 -97.80 17.28 5.51
N GLU P 81 -97.95 18.56 5.19
CA GLU P 81 -96.82 19.39 4.81
C GLU P 81 -96.62 20.48 5.85
N ALA P 82 -95.35 20.75 6.16
CA ALA P 82 -94.97 21.91 6.96
C ALA P 82 -93.97 22.75 6.18
N VAL P 83 -93.64 23.91 6.72
CA VAL P 83 -92.66 24.79 6.10
C VAL P 83 -91.33 24.72 6.84
N LYS Q 1 -59.66 22.59 76.45
CA LYS Q 1 -59.20 23.28 77.65
C LYS Q 1 -57.99 24.15 77.33
N VAL Q 2 -57.76 24.35 76.03
CA VAL Q 2 -56.51 24.91 75.53
C VAL Q 2 -56.73 26.39 75.20
N ASP Q 3 -55.61 27.11 75.05
CA ASP Q 3 -55.60 28.56 74.93
C ASP Q 3 -56.15 29.00 73.57
N TYR Q 4 -56.64 30.24 73.53
CA TYR Q 4 -57.16 30.86 72.30
C TYR Q 4 -57.26 32.36 72.50
N ILE Q 5 -57.57 33.06 71.41
CA ILE Q 5 -57.76 34.50 71.40
C ILE Q 5 -59.14 34.90 70.91
N ALA Q 6 -60.05 33.94 70.82
CA ALA Q 6 -61.39 34.22 70.31
C ALA Q 6 -62.34 34.71 71.38
N ALA Q 7 -61.95 34.69 72.66
CA ALA Q 7 -62.79 35.24 73.71
C ALA Q 7 -62.87 36.75 73.59
N ASN Q 8 -61.72 37.42 73.58
CA ASN Q 8 -61.65 38.84 73.24
C ASN Q 8 -61.69 38.99 71.72
N HIS Q 9 -62.79 39.53 71.21
CA HIS Q 9 -63.02 39.56 69.77
C HIS Q 9 -62.13 40.56 69.06
N ILE Q 10 -60.88 40.18 68.85
CA ILE Q 10 -59.99 40.89 67.94
C ILE Q 10 -60.31 40.40 66.52
N GLU Q 11 -61.29 41.04 65.91
CA GLU Q 11 -61.87 40.50 64.68
C GLU Q 11 -60.99 40.78 63.47
N TYR Q 12 -60.19 41.84 63.52
CA TYR Q 12 -59.19 42.08 62.51
C TYR Q 12 -57.86 42.33 63.20
N ILE Q 13 -56.81 41.70 62.67
CA ILE Q 13 -55.50 41.71 63.32
C ILE Q 13 -54.78 43.05 63.26
N ASP Q 14 -55.24 43.95 62.40
CA ASP Q 14 -54.90 45.37 62.31
C ASP Q 14 -53.48 45.62 61.78
N TYR Q 15 -52.67 44.57 61.59
CA TYR Q 15 -51.32 44.61 61.00
C TYR Q 15 -50.31 45.34 61.90
N LYS Q 16 -50.75 45.94 63.01
CA LYS Q 16 -49.94 46.78 63.86
C LYS Q 16 -49.88 46.32 65.30
N ASP Q 17 -50.79 45.44 65.74
CA ASP Q 17 -50.94 45.09 67.14
C ASP Q 17 -49.84 44.13 67.61
N THR Q 18 -48.60 44.58 67.47
CA THR Q 18 -47.44 43.72 67.69
C THR Q 18 -47.12 43.51 69.15
N GLU Q 19 -47.78 44.24 70.06
CA GLU Q 19 -47.55 44.03 71.48
C GLU Q 19 -48.41 42.91 72.04
N LEU Q 20 -49.63 42.75 71.51
CA LEU Q 20 -50.41 41.54 71.79
C LEU Q 20 -49.84 40.34 71.05
N LEU Q 21 -49.29 40.57 69.85
CA LEU Q 21 -48.85 39.54 68.93
C LEU Q 21 -47.65 38.74 69.42
N LYS Q 22 -46.96 39.22 70.47
CA LYS Q 22 -45.80 38.55 71.05
C LYS Q 22 -46.12 37.20 71.68
N ARG Q 23 -47.40 36.87 71.87
CA ARG Q 23 -47.79 35.58 72.42
C ARG Q 23 -47.39 34.42 71.51
N PHE Q 24 -47.33 34.66 70.20
CA PHE Q 24 -47.25 33.58 69.23
C PHE Q 24 -45.90 33.50 68.54
N ILE Q 25 -44.85 33.99 69.18
CA ILE Q 25 -43.50 33.85 68.70
C ILE Q 25 -42.64 33.25 69.80
N SER Q 26 -41.35 33.17 69.56
CA SER Q 26 -40.43 32.55 70.50
C SER Q 26 -39.19 33.42 70.63
N GLU Q 27 -38.26 32.97 71.48
CA GLU Q 27 -36.99 33.66 71.68
C GLU Q 27 -36.17 33.65 70.40
N ARG Q 28 -36.08 32.49 69.77
CA ARG Q 28 -35.27 32.33 68.57
C ARG Q 28 -35.91 33.00 67.36
N GLY Q 29 -37.20 33.34 67.45
CA GLY Q 29 -37.88 34.02 66.37
C GLY Q 29 -38.58 33.06 65.43
N LYS Q 30 -39.44 32.20 65.98
CA LYS Q 30 -40.17 31.22 65.21
C LYS Q 30 -41.65 31.33 65.53
N ILE Q 31 -42.41 30.35 65.08
CA ILE Q 31 -43.85 30.31 65.31
C ILE Q 31 -44.18 29.08 66.14
N LEU Q 32 -44.92 29.28 67.22
CA LEU Q 32 -45.49 28.16 67.93
C LEU Q 32 -46.58 27.54 67.07
N PRO Q 33 -46.55 26.23 66.84
CA PRO Q 33 -47.62 25.59 66.07
C PRO Q 33 -48.92 25.54 66.85
N ARG Q 34 -49.96 25.08 66.16
CA ARG Q 34 -51.26 24.92 66.80
C ARG Q 34 -51.25 23.81 67.83
N ARG Q 35 -50.29 22.89 67.76
CA ARG Q 35 -50.09 21.92 68.83
C ARG Q 35 -49.65 22.58 70.13
N VAL Q 36 -49.08 23.78 70.07
CA VAL Q 36 -48.63 24.50 71.24
C VAL Q 36 -49.75 25.37 71.80
N THR Q 37 -50.20 26.35 71.02
CA THR Q 37 -51.14 27.32 71.55
C THR Q 37 -52.57 26.79 71.59
N GLY Q 38 -52.89 25.86 70.71
CA GLY Q 38 -54.27 25.38 70.64
C GLY Q 38 -55.23 26.38 70.07
N THR Q 39 -54.76 27.26 69.20
CA THR Q 39 -55.59 28.28 68.60
C THR Q 39 -56.48 27.69 67.51
N GLY Q 40 -57.22 28.56 66.82
CA GLY Q 40 -58.13 28.10 65.79
C GLY Q 40 -57.43 27.74 64.49
N ALA Q 41 -58.24 27.19 63.57
CA ALA Q 41 -57.71 26.79 62.27
C ALA Q 41 -57.44 28.00 61.39
N LYS Q 42 -58.48 28.76 61.05
CA LYS Q 42 -58.30 29.91 60.17
C LYS Q 42 -57.63 31.07 60.89
N ASN Q 43 -57.76 31.13 62.22
CA ASN Q 43 -57.04 32.11 63.00
C ASN Q 43 -55.55 31.92 62.88
N GLN Q 44 -55.10 30.67 62.76
CA GLN Q 44 -53.69 30.38 62.58
C GLN Q 44 -53.17 30.93 61.26
N ARG Q 45 -53.95 30.79 60.18
CA ARG Q 45 -53.53 31.34 58.89
C ARG Q 45 -53.53 32.87 58.91
N LYS Q 46 -54.54 33.47 59.57
CA LYS Q 46 -54.59 34.92 59.66
C LYS Q 46 -53.39 35.47 60.43
N LEU Q 47 -53.08 34.87 61.57
CA LEU Q 47 -51.92 35.29 62.35
C LEU Q 47 -50.62 35.02 61.60
N THR Q 48 -50.58 33.95 60.80
CA THR Q 48 -49.37 33.60 60.08
C THR Q 48 -49.04 34.63 59.00
N ILE Q 49 -50.05 34.97 58.18
CA ILE Q 49 -49.88 36.02 57.18
C ILE Q 49 -49.62 37.36 57.85
N ALA Q 50 -50.26 37.60 59.00
CA ALA Q 50 -50.09 38.87 59.71
C ALA Q 50 -48.64 39.06 60.16
N ILE Q 51 -48.07 38.05 60.80
CA ILE Q 51 -46.70 38.23 61.26
C ILE Q 51 -45.70 38.13 60.12
N LYS Q 52 -46.06 37.52 58.99
CA LYS Q 52 -45.16 37.62 57.84
C LYS Q 52 -45.19 39.01 57.22
N ARG Q 53 -46.33 39.70 57.31
CA ARG Q 53 -46.31 41.13 57.02
C ARG Q 53 -45.49 41.89 58.04
N ALA Q 54 -45.56 41.48 59.31
CA ALA Q 54 -44.91 42.22 60.37
C ALA Q 54 -43.39 42.05 60.33
N ARG Q 55 -42.90 40.92 59.81
CA ARG Q 55 -41.46 40.70 59.75
C ARG Q 55 -40.77 41.60 58.73
N ILE Q 56 -41.51 42.21 57.83
CA ILE Q 56 -40.89 42.97 56.75
C ILE Q 56 -40.69 44.43 57.13
N MET Q 57 -41.59 45.01 57.93
CA MET Q 57 -41.53 46.42 58.27
C MET Q 57 -40.80 46.69 59.58
N GLY Q 58 -39.84 45.85 59.95
CA GLY Q 58 -39.03 46.11 61.12
C GLY Q 58 -39.76 46.02 62.43
N LEU Q 59 -40.85 45.26 62.49
CA LEU Q 59 -41.58 45.07 63.74
C LEU Q 59 -41.16 43.80 64.49
N LEU Q 60 -40.40 42.93 63.84
CA LEU Q 60 -39.82 41.74 64.45
C LEU Q 60 -38.74 41.22 63.50
N PRO Q 61 -37.53 40.96 63.97
CA PRO Q 61 -36.49 40.46 63.08
C PRO Q 61 -36.69 38.98 62.79
N PHE Q 62 -36.12 38.56 61.67
CA PHE Q 62 -36.11 37.14 61.33
C PHE Q 62 -35.23 36.39 62.32
N VAL Q 63 -33.97 36.78 62.40
CA VAL Q 63 -33.00 36.14 63.29
C VAL Q 63 -32.87 36.98 64.54
N SER Q 64 -33.20 36.40 65.69
CA SER Q 64 -33.01 37.03 67.00
C SER Q 64 -32.32 36.03 67.92
N ASP Q 65 -30.99 35.97 67.84
CA ASP Q 65 -30.19 35.13 68.72
C ASP Q 65 -29.05 35.90 69.38
N GLU Q 66 -29.03 37.23 69.25
CA GLU Q 66 -28.03 38.04 69.92
C GLU Q 66 -28.50 38.44 71.31
N SER R 1 29.31 -53.47 74.44
CA SER R 1 29.32 -54.24 75.67
C SER R 1 28.95 -55.70 75.40
N LEU R 2 29.98 -56.52 75.19
CA LEU R 2 29.83 -57.94 74.89
C LEU R 2 30.81 -58.72 75.78
N LYS R 3 30.64 -58.53 77.10
CA LYS R 3 31.61 -58.86 78.16
C LYS R 3 32.21 -60.27 78.10
N LYS R 4 31.55 -61.23 77.46
CA LYS R 4 32.12 -62.56 77.29
C LYS R 4 32.72 -62.72 75.89
N GLY R 5 33.63 -61.81 75.56
CA GLY R 5 34.44 -61.93 74.37
C GLY R 5 33.76 -61.54 73.09
N PRO R 6 34.43 -61.78 71.96
CA PRO R 6 33.89 -61.41 70.66
C PRO R 6 32.85 -62.42 70.19
N PHE R 7 32.30 -62.16 69.00
CA PHE R 7 31.27 -63.00 68.42
C PHE R 7 31.48 -63.07 66.92
N VAL R 8 31.85 -64.25 66.43
CA VAL R 8 31.96 -64.54 65.02
C VAL R 8 31.30 -65.89 64.76
N ASP R 9 30.40 -65.94 63.78
CA ASP R 9 29.67 -67.15 63.46
C ASP R 9 30.61 -68.20 62.88
N ASP R 10 30.15 -69.45 62.88
CA ASP R 10 30.94 -70.58 62.39
C ASP R 10 30.51 -70.98 60.99
N HIS R 11 29.47 -70.36 60.46
CA HIS R 11 29.12 -70.50 59.06
C HIS R 11 29.63 -69.28 58.30
N LEU R 12 30.64 -68.63 58.87
CA LEU R 12 31.44 -67.62 58.21
C LEU R 12 32.80 -68.23 57.86
N MET R 13 33.24 -69.17 58.70
CA MET R 13 34.56 -69.78 58.57
C MET R 13 34.65 -70.67 57.34
N LYS R 14 33.51 -71.18 56.88
CA LYS R 14 33.45 -72.24 55.87
C LYS R 14 33.31 -71.57 54.50
N LYS R 15 34.39 -70.95 54.03
CA LYS R 15 34.60 -70.80 52.60
C LYS R 15 35.94 -71.38 52.16
N VAL R 16 37.06 -70.90 52.73
CA VAL R 16 38.40 -71.42 52.47
C VAL R 16 39.18 -71.34 53.77
N GLU R 17 40.24 -72.13 53.86
CA GLU R 17 41.21 -71.99 54.95
C GLU R 17 42.65 -72.06 54.47
N ALA R 18 42.92 -72.66 53.32
CA ALA R 18 44.27 -72.94 52.82
C ALA R 18 45.00 -71.72 52.30
N GLN R 19 44.54 -70.49 52.58
CA GLN R 19 45.20 -69.29 52.10
C GLN R 19 46.09 -68.73 53.19
N GLN R 20 46.56 -69.60 54.10
CA GLN R 20 47.39 -69.18 55.21
C GLN R 20 48.87 -69.14 54.84
N GLY R 21 49.32 -70.03 53.96
CA GLY R 21 50.69 -69.96 53.49
C GLY R 21 50.82 -69.48 52.06
N ALA R 22 49.69 -69.30 51.37
CA ALA R 22 49.66 -68.87 49.98
C ALA R 22 49.03 -67.48 49.89
N GLU R 23 49.10 -66.88 48.70
CA GLU R 23 48.43 -65.62 48.45
C GLU R 23 46.92 -65.85 48.36
N LYS R 24 46.17 -65.02 49.09
CA LYS R 24 44.78 -65.27 49.42
C LYS R 24 43.86 -65.18 48.20
N LYS R 25 42.64 -65.68 48.38
CA LYS R 25 41.64 -65.66 47.31
C LYS R 25 40.98 -64.29 47.26
N LYS R 26 39.97 -64.16 46.41
CA LYS R 26 39.32 -62.87 46.18
C LYS R 26 37.82 -62.95 46.47
N VAL R 27 37.24 -64.13 46.32
CA VAL R 27 35.81 -64.33 46.58
C VAL R 27 35.59 -64.71 48.04
N ILE R 28 34.97 -63.81 48.80
CA ILE R 28 34.41 -64.13 50.10
C ILE R 28 32.99 -63.57 50.12
N LYS R 29 32.02 -64.38 49.70
CA LYS R 29 30.60 -64.03 49.69
C LYS R 29 29.96 -64.45 51.00
N THR R 30 29.29 -63.50 51.66
CA THR R 30 28.80 -63.71 53.01
C THR R 30 27.55 -62.86 53.24
N TRP R 31 27.17 -62.71 54.50
CA TRP R 31 26.17 -61.74 54.93
C TRP R 31 26.79 -60.53 55.62
N SER R 32 27.88 -60.72 56.37
CA SER R 32 28.76 -59.66 56.90
C SER R 32 28.04 -58.65 57.79
N ARG R 33 27.23 -59.15 58.72
CA ARG R 33 26.51 -58.28 59.65
C ARG R 33 26.87 -58.53 61.10
N ARG R 34 26.76 -59.77 61.56
CA ARG R 34 26.83 -60.08 62.98
C ARG R 34 28.27 -60.08 63.49
N SER R 35 29.19 -60.60 62.69
CA SER R 35 30.51 -60.95 63.18
C SER R 35 31.40 -59.72 63.31
N THR R 36 32.10 -59.63 64.45
CA THR R 36 33.12 -58.61 64.66
C THR R 36 34.45 -59.10 64.07
N ILE R 37 35.53 -58.39 64.39
CA ILE R 37 36.86 -58.74 63.91
C ILE R 37 37.77 -58.96 65.11
N PHE R 38 38.49 -60.07 65.10
CA PHE R 38 39.50 -60.35 66.10
C PHE R 38 40.72 -60.90 65.36
N PRO R 39 41.99 -60.67 65.89
CA PRO R 39 43.18 -60.56 65.02
C PRO R 39 43.53 -61.71 64.07
N SER R 40 42.80 -62.82 64.11
CA SER R 40 43.00 -63.89 63.13
C SER R 40 42.34 -63.58 61.79
N PHE R 41 41.70 -62.43 61.64
CA PHE R 41 40.96 -62.09 60.44
C PHE R 41 41.55 -60.84 59.80
N VAL R 42 42.88 -60.80 59.67
CA VAL R 42 43.59 -59.62 59.19
C VAL R 42 44.11 -59.89 57.78
N GLY R 43 43.81 -58.98 56.86
CA GLY R 43 44.43 -58.99 55.55
C GLY R 43 43.75 -59.88 54.53
N PHE R 44 42.47 -60.16 54.71
CA PHE R 44 41.68 -60.89 53.73
C PHE R 44 41.07 -59.91 52.73
N THR R 45 40.14 -60.39 51.91
CA THR R 45 39.44 -59.53 50.97
C THR R 45 38.00 -60.03 50.86
N ILE R 46 37.07 -59.33 51.49
CA ILE R 46 35.73 -59.83 51.77
C ILE R 46 34.70 -59.02 51.00
N ALA R 47 33.78 -59.71 50.32
CA ALA R 47 32.64 -59.07 49.67
C ALA R 47 31.54 -58.85 50.70
N VAL R 48 31.62 -57.72 51.39
CA VAL R 48 30.70 -57.37 52.46
C VAL R 48 29.32 -57.09 51.88
N TYR R 49 28.31 -57.79 52.39
CA TYR R 49 26.97 -57.76 51.82
C TYR R 49 26.13 -56.71 52.55
N ASP R 50 25.47 -55.84 51.77
CA ASP R 50 24.72 -54.73 52.35
C ASP R 50 23.22 -54.85 52.08
N GLY R 51 22.70 -56.06 52.08
CA GLY R 51 21.30 -56.29 51.77
C GLY R 51 20.99 -56.44 50.30
N ARG R 52 21.78 -55.83 49.44
CA ARG R 52 21.66 -55.96 48.00
C ARG R 52 22.94 -56.42 47.34
N LYS R 53 24.08 -55.90 47.79
CA LYS R 53 25.35 -56.08 47.10
C LYS R 53 26.41 -56.59 48.07
N HIS R 54 27.02 -57.73 47.73
CA HIS R 54 28.23 -58.14 48.40
C HIS R 54 29.40 -57.27 47.96
N VAL R 55 29.55 -56.13 48.61
CA VAL R 55 30.50 -55.10 48.21
C VAL R 55 31.90 -55.54 48.64
N PRO R 56 32.86 -55.62 47.73
CA PRO R 56 34.20 -56.08 48.11
C PRO R 56 34.96 -55.04 48.91
N VAL R 57 35.62 -55.50 49.98
CA VAL R 57 36.55 -54.68 50.74
C VAL R 57 37.62 -55.60 51.33
N TYR R 58 38.86 -55.13 51.30
CA TYR R 58 39.95 -55.83 51.96
C TYR R 58 40.27 -55.15 53.28
N ILE R 59 41.21 -55.74 54.00
CA ILE R 59 41.34 -55.53 55.44
C ILE R 59 42.71 -54.91 55.73
N GLN R 60 42.73 -53.88 56.58
CA GLN R 60 43.95 -53.43 57.23
C GLN R 60 43.96 -53.92 58.67
N GLU R 61 45.14 -53.93 59.27
CA GLU R 61 45.28 -54.52 60.60
C GLU R 61 44.71 -53.65 61.72
N ASP R 62 44.40 -52.39 61.43
CA ASP R 62 43.79 -51.50 62.42
C ASP R 62 42.32 -51.26 62.14
N MET R 63 41.77 -51.85 61.08
CA MET R 63 40.33 -51.98 60.85
C MET R 63 39.88 -53.22 61.62
N VAL R 64 39.92 -53.11 62.95
CA VAL R 64 40.14 -54.28 63.80
C VAL R 64 39.11 -54.45 64.90
N GLY R 65 38.46 -53.39 65.39
CA GLY R 65 37.61 -53.54 66.55
C GLY R 65 36.14 -53.75 66.23
N HIS R 66 35.62 -52.91 65.34
CA HIS R 66 34.21 -52.89 65.02
C HIS R 66 33.82 -54.10 64.18
N LYS R 67 32.53 -54.22 63.88
CA LYS R 67 32.02 -55.37 63.13
C LYS R 67 32.26 -55.18 61.65
N LEU R 68 31.60 -56.02 60.84
CA LEU R 68 31.56 -55.83 59.40
C LEU R 68 30.43 -54.90 58.99
N GLY R 69 29.92 -54.10 59.91
CA GLY R 69 28.78 -53.25 59.64
C GLY R 69 29.08 -51.80 59.40
N GLU R 70 30.32 -51.37 59.63
CA GLU R 70 30.71 -50.04 59.20
C GLU R 70 30.73 -49.95 57.68
N PHE R 71 31.11 -51.03 57.02
CA PHE R 71 31.37 -51.01 55.58
C PHE R 71 30.21 -51.61 54.80
N ALA R 72 29.01 -51.47 55.34
CA ALA R 72 27.77 -51.69 54.59
C ALA R 72 26.81 -50.53 54.84
N PRO R 73 27.10 -49.33 54.28
CA PRO R 73 26.22 -48.17 54.55
C PRO R 73 24.96 -48.25 53.72
N THR R 74 23.87 -48.64 54.36
CA THR R 74 22.60 -48.81 53.66
C THR R 74 21.73 -47.57 53.80
N ARG R 75 22.20 -46.47 53.24
CA ARG R 75 21.37 -45.28 53.19
C ARG R 75 21.25 -44.69 51.78
N THR R 76 22.33 -44.70 51.00
CA THR R 76 22.39 -44.22 49.60
C THR R 76 21.94 -42.75 49.51
N TYR R 77 22.75 -41.89 50.12
CA TYR R 77 22.47 -40.46 50.09
C TYR R 77 23.28 -39.78 48.97
N ARG R 78 23.11 -40.32 47.76
CA ARG R 78 23.47 -39.62 46.52
C ARG R 78 22.77 -40.28 45.34
N ASN S 1 -67.79 -33.26 -37.95
CA ASN S 1 -68.63 -34.13 -38.77
C ASN S 1 -69.88 -33.42 -39.26
N ILE S 2 -70.42 -33.88 -40.37
CA ILE S 2 -71.69 -33.38 -40.90
C ILE S 2 -72.55 -34.58 -41.25
N GLU S 3 -73.84 -34.53 -40.88
CA GLU S 3 -74.71 -35.68 -41.11
C GLU S 3 -75.87 -35.38 -42.04
N SER S 4 -76.75 -34.46 -41.66
CA SER S 4 -77.84 -34.04 -42.52
C SER S 4 -78.14 -32.57 -42.34
N ALA S 5 -77.36 -31.86 -41.53
CA ALA S 5 -77.59 -30.45 -41.29
C ALA S 5 -77.19 -29.61 -42.48
N ILE S 6 -76.40 -30.17 -43.40
CA ILE S 6 -76.01 -29.47 -44.61
C ILE S 6 -77.18 -29.23 -45.55
N LYS S 7 -78.28 -29.96 -45.37
CA LYS S 7 -79.54 -29.58 -46.02
C LYS S 7 -80.02 -28.22 -45.52
N ARG S 8 -79.89 -27.98 -44.21
CA ARG S 8 -80.44 -26.78 -43.63
C ARG S 8 -79.63 -25.55 -43.97
N VAL S 9 -78.35 -25.72 -44.31
CA VAL S 9 -77.52 -24.61 -44.74
C VAL S 9 -78.01 -24.05 -46.07
N ARG S 10 -78.24 -24.93 -47.04
CA ARG S 10 -78.76 -24.52 -48.35
C ARG S 10 -80.15 -23.91 -48.21
N THR S 11 -81.00 -24.52 -47.37
CA THR S 11 -82.34 -24.00 -47.13
C THR S 11 -82.29 -22.58 -46.54
N SER S 12 -81.46 -22.38 -45.52
CA SER S 12 -81.37 -21.08 -44.88
C SER S 12 -80.70 -20.04 -45.79
N ALA S 13 -79.81 -20.46 -46.70
CA ALA S 13 -79.21 -19.51 -47.62
C ALA S 13 -80.21 -19.02 -48.65
N ASN S 14 -81.03 -19.93 -49.18
CA ASN S 14 -82.07 -19.51 -50.13
C ASN S 14 -83.11 -18.62 -49.45
N ALA S 15 -83.43 -18.95 -48.19
CA ALA S 15 -84.34 -18.10 -47.43
C ALA S 15 -83.75 -16.72 -47.18
N ASN S 16 -82.43 -16.64 -46.95
CA ASN S 16 -81.75 -15.35 -46.83
C ASN S 16 -81.93 -14.52 -48.08
N ALA S 17 -81.72 -15.16 -49.24
CA ALA S 17 -81.83 -14.44 -50.52
C ALA S 17 -83.21 -13.85 -50.72
N LYS S 18 -84.27 -14.67 -50.58
CA LYS S 18 -85.59 -14.14 -50.88
C LYS S 18 -86.11 -13.21 -49.77
N ASN S 19 -85.75 -13.46 -48.50
CA ASN S 19 -86.23 -12.61 -47.41
C ASN S 19 -85.59 -11.23 -47.47
N SER S 20 -84.27 -11.18 -47.72
CA SER S 20 -83.59 -9.90 -47.86
C SER S 20 -84.08 -9.14 -49.08
N SER S 21 -84.38 -9.86 -50.18
CA SER S 21 -84.90 -9.20 -51.37
C SER S 21 -86.25 -8.54 -51.12
N GLN S 22 -87.19 -9.28 -50.52
CA GLN S 22 -88.53 -8.75 -50.30
C GLN S 22 -88.54 -7.62 -49.27
N THR S 23 -87.70 -7.74 -48.23
CA THR S 23 -87.66 -6.68 -47.23
C THR S 23 -86.97 -5.43 -47.77
N ASN S 24 -85.98 -5.58 -48.66
CA ASN S 24 -85.43 -4.38 -49.29
C ASN S 24 -86.42 -3.72 -50.23
N ALA S 25 -87.27 -4.52 -50.88
CA ALA S 25 -88.37 -3.95 -51.66
C ALA S 25 -89.31 -3.15 -50.77
N MET S 26 -89.63 -3.68 -49.59
CA MET S 26 -90.48 -2.96 -48.64
C MET S 26 -89.84 -1.66 -48.17
N ARG S 27 -88.55 -1.70 -47.86
CA ARG S 27 -87.87 -0.50 -47.36
C ARG S 27 -87.77 0.58 -48.43
N THR S 28 -87.51 0.19 -49.69
CA THR S 28 -87.49 1.20 -50.74
C THR S 28 -88.88 1.74 -51.04
N ALA S 29 -89.92 0.93 -50.83
CA ALA S 29 -91.28 1.43 -50.96
C ALA S 29 -91.57 2.51 -49.92
N ILE S 30 -91.19 2.25 -48.66
CA ILE S 30 -91.42 3.22 -47.60
C ILE S 30 -90.57 4.46 -47.80
N LYS S 31 -89.34 4.30 -48.32
CA LYS S 31 -88.49 5.44 -48.64
C LYS S 31 -89.08 6.32 -49.73
N LYS S 32 -89.61 5.68 -50.78
CA LYS S 32 -90.29 6.39 -51.86
C LYS S 32 -91.48 7.17 -51.33
N PHE S 33 -92.22 6.55 -50.41
CA PHE S 33 -93.37 7.20 -49.80
C PHE S 33 -92.98 8.42 -48.98
N GLU S 34 -91.95 8.27 -48.13
CA GLU S 34 -91.56 9.36 -47.23
C GLU S 34 -90.92 10.50 -47.99
N GLU S 35 -90.22 10.21 -49.09
CA GLU S 35 -89.76 11.26 -49.98
C GLU S 35 -90.93 11.91 -50.71
N ALA S 36 -92.01 11.16 -50.94
CA ALA S 36 -93.15 11.74 -51.62
C ALA S 36 -93.92 12.70 -50.72
N VAL S 37 -94.02 12.39 -49.43
CA VAL S 37 -94.83 13.22 -48.54
C VAL S 37 -94.11 14.53 -48.23
N ALA S 38 -92.79 14.49 -48.06
CA ALA S 38 -92.04 15.71 -47.77
C ALA S 38 -91.87 16.61 -48.98
N ALA S 39 -92.22 16.13 -50.19
CA ALA S 39 -92.10 16.96 -51.38
C ALA S 39 -93.11 18.11 -51.34
N GLY S 40 -94.39 17.78 -51.27
CA GLY S 40 -95.41 18.80 -51.20
C GLY S 40 -95.63 19.54 -52.50
N ALA S 41 -95.26 18.94 -53.62
CA ALA S 41 -95.42 19.56 -54.94
C ALA S 41 -96.82 19.24 -55.48
N ASP S 42 -97.02 19.45 -56.77
CA ASP S 42 -98.23 19.00 -57.44
C ASP S 42 -98.34 17.48 -57.36
N ASN S 43 -99.59 17.00 -57.36
CA ASN S 43 -99.96 15.64 -56.98
C ASN S 43 -99.40 15.32 -55.58
N VAL S 44 -99.97 16.04 -54.61
CA VAL S 44 -99.59 15.88 -53.21
C VAL S 44 -100.44 14.83 -52.52
N ASP S 45 -101.54 14.39 -53.13
CA ASP S 45 -102.47 13.45 -52.50
C ASP S 45 -102.68 12.18 -53.31
N ALA S 46 -102.78 12.28 -54.64
CA ALA S 46 -103.17 11.12 -55.42
C ALA S 46 -102.02 10.13 -55.56
N LEU S 47 -100.82 10.60 -55.91
CA LEU S 47 -99.68 9.68 -55.86
C LEU S 47 -99.35 9.33 -54.41
N TYR S 48 -99.64 10.25 -53.47
CA TYR S 48 -99.59 9.92 -52.06
C TYR S 48 -100.51 8.77 -51.70
N ASN S 49 -101.75 8.79 -52.20
CA ASN S 49 -102.70 7.74 -51.84
C ASN S 49 -102.33 6.42 -52.49
N GLU S 50 -101.87 6.48 -53.74
CA GLU S 50 -101.36 5.28 -54.40
C GLU S 50 -100.13 4.74 -53.67
N ALA S 51 -99.30 5.63 -53.13
CA ALA S 51 -98.14 5.20 -52.38
C ALA S 51 -98.54 4.58 -51.05
N VAL S 52 -99.52 5.17 -50.34
CA VAL S 52 -100.04 4.61 -49.10
C VAL S 52 -100.54 3.20 -49.31
N LYS S 53 -101.34 3.03 -50.36
CA LYS S 53 -101.96 1.74 -50.60
C LYS S 53 -100.94 0.70 -51.07
N ALA S 54 -99.95 1.11 -51.87
CA ALA S 54 -98.89 0.18 -52.24
C ALA S 54 -98.03 -0.19 -51.04
N VAL S 55 -97.80 0.75 -50.13
CA VAL S 55 -97.04 0.49 -48.90
C VAL S 55 -97.78 -0.52 -48.03
N ASP S 56 -99.10 -0.39 -47.92
CA ASP S 56 -99.85 -1.31 -47.07
C ASP S 56 -99.93 -2.70 -47.70
N MET S 57 -100.08 -2.76 -49.03
CA MET S 57 -99.96 -4.01 -49.79
C MET S 57 -98.63 -4.69 -49.51
N ALA S 58 -97.54 -3.92 -49.48
CA ALA S 58 -96.23 -4.50 -49.20
C ALA S 58 -96.09 -4.87 -47.73
N ALA S 59 -96.76 -4.14 -46.84
CA ALA S 59 -96.54 -4.33 -45.42
C ALA S 59 -97.21 -5.60 -44.92
N THR S 60 -98.45 -5.85 -45.32
CA THR S 60 -99.15 -6.99 -44.75
C THR S 60 -98.69 -8.32 -45.34
N LYS S 61 -98.16 -8.30 -46.56
CA LYS S 61 -97.44 -9.46 -47.08
C LYS S 61 -96.15 -9.68 -46.29
N GLY S 62 -95.55 -8.61 -45.79
CA GLY S 62 -94.30 -8.69 -45.08
C GLY S 62 -94.44 -9.32 -43.71
N LEU S 63 -93.31 -9.30 -42.98
CA LEU S 63 -93.20 -9.96 -41.70
C LEU S 63 -92.44 -9.09 -40.71
N ILE S 64 -93.00 -8.93 -39.53
CA ILE S 64 -92.23 -8.60 -38.34
C ILE S 64 -92.47 -9.75 -37.37
N HIS S 65 -93.68 -9.82 -36.79
CA HIS S 65 -94.43 -11.06 -36.91
C HIS S 65 -95.86 -10.72 -37.33
N LYS S 66 -96.57 -9.95 -36.49
CA LYS S 66 -97.81 -9.24 -36.80
C LYS S 66 -97.89 -7.88 -36.15
N ASN S 67 -97.16 -7.62 -35.07
CA ASN S 67 -97.43 -6.48 -34.20
C ASN S 67 -96.97 -5.16 -34.80
N LYS S 68 -95.67 -5.02 -35.05
CA LYS S 68 -95.19 -3.69 -35.39
C LYS S 68 -95.51 -3.27 -36.81
N ALA S 69 -96.13 -4.15 -37.62
CA ALA S 69 -96.82 -3.66 -38.81
C ALA S 69 -97.94 -2.72 -38.44
N ASN S 70 -98.65 -3.02 -37.34
CA ASN S 70 -99.70 -2.12 -36.87
C ASN S 70 -99.11 -0.82 -36.34
N ARG S 71 -97.94 -0.89 -35.70
CA ARG S 71 -97.24 0.33 -35.30
C ARG S 71 -96.84 1.15 -36.51
N ASP S 72 -96.43 0.46 -37.58
CA ASP S 72 -96.07 1.16 -38.81
C ASP S 72 -97.28 1.86 -39.42
N LYS S 73 -98.44 1.20 -39.41
CA LYS S 73 -99.62 1.89 -39.91
C LYS S 73 -100.13 2.98 -38.98
N ILE S 74 -99.84 2.89 -37.67
CA ILE S 74 -100.21 3.97 -36.76
C ILE S 74 -99.33 5.19 -36.99
N ARG S 75 -98.01 5.00 -37.05
CA ARG S 75 -97.11 6.11 -37.33
C ARG S 75 -97.16 6.55 -38.78
N LEU S 76 -97.82 5.76 -39.64
CA LEU S 76 -97.98 6.10 -41.04
C LEU S 76 -99.26 6.90 -41.25
N SER S 77 -100.29 6.60 -40.47
CA SER S 77 -101.54 7.34 -40.56
C SER S 77 -101.40 8.76 -40.05
N LYS S 78 -100.57 8.95 -39.02
CA LYS S 78 -100.34 10.29 -38.47
C LYS S 78 -99.45 11.14 -39.36
N LEU S 79 -98.87 10.55 -40.40
CA LEU S 79 -97.99 11.26 -41.32
C LEU S 79 -98.75 11.79 -42.53
N ALA S 80 -100.08 11.59 -42.56
CA ALA S 80 -100.93 12.23 -43.57
C ALA S 80 -100.89 13.75 -43.45
N LYS S 81 -101.37 14.27 -42.34
CA LYS S 81 -101.44 15.72 -42.14
C LYS S 81 -100.78 16.12 -40.82
N ALA V 1 -40.52 43.73 11.72
CA ALA V 1 -39.98 42.42 12.02
C ALA V 1 -38.99 42.00 10.95
N ILE V 2 -38.99 40.72 10.63
CA ILE V 2 -38.05 40.14 9.67
C ILE V 2 -38.85 39.38 8.62
N LYS V 3 -38.62 39.73 7.36
CA LYS V 3 -39.20 38.99 6.25
C LYS V 3 -38.43 37.68 6.04
N LYS V 4 -39.14 36.70 5.51
CA LYS V 4 -38.53 35.49 4.98
C LYS V 4 -39.13 35.27 3.61
N TYR V 5 -38.32 35.46 2.58
CA TYR V 5 -38.83 35.33 1.21
C TYR V 5 -39.11 33.88 0.88
N LYS V 6 -40.16 33.65 0.10
CA LYS V 6 -40.42 32.26 -0.26
C LYS V 6 -39.45 31.83 -1.36
N PRO V 7 -38.91 30.64 -1.25
CA PRO V 7 -37.79 30.26 -2.12
C PRO V 7 -38.22 29.97 -3.55
N THR V 8 -37.98 30.91 -4.45
CA THR V 8 -38.39 30.74 -5.83
C THR V 8 -37.21 30.40 -6.74
N THR V 9 -36.19 31.23 -6.75
CA THR V 9 -34.99 31.01 -7.54
C THR V 9 -33.97 30.29 -6.69
N ASN V 10 -32.71 30.31 -7.10
CA ASN V 10 -31.66 29.89 -6.19
C ASN V 10 -31.10 31.02 -5.35
N GLY V 11 -31.11 32.25 -5.85
CA GLY V 11 -30.55 33.35 -5.11
C GLY V 11 -31.59 34.07 -4.28
N ARG V 12 -32.55 33.33 -3.80
CA ARG V 12 -33.61 33.87 -2.97
C ARG V 12 -33.98 32.83 -1.92
N ARG V 13 -33.25 31.72 -1.86
CA ARG V 13 -33.53 30.62 -0.94
C ARG V 13 -33.42 31.05 0.52
N ASN V 14 -32.51 31.96 0.83
CA ASN V 14 -32.14 32.20 2.21
C ASN V 14 -32.18 33.66 2.58
N MET V 15 -32.75 34.51 1.74
CA MET V 15 -32.78 35.94 1.94
C MET V 15 -33.64 36.32 3.15
N THR V 16 -33.21 37.36 3.84
CA THR V 16 -33.95 37.99 4.94
C THR V 16 -33.66 39.47 4.92
N SER V 17 -34.64 40.27 5.32
CA SER V 17 -34.46 41.70 5.51
C SER V 17 -35.58 42.23 6.37
N SER V 18 -35.37 43.41 6.91
CA SER V 18 -36.33 43.99 7.83
C SER V 18 -37.58 44.43 7.12
N ASP V 19 -38.65 44.63 7.89
CA ASP V 19 -39.91 45.09 7.32
C ASP V 19 -39.86 46.56 6.96
N PHE V 20 -38.98 47.31 7.64
CA PHE V 20 -39.04 48.76 7.72
C PHE V 20 -40.45 49.22 8.12
N ALA V 21 -40.98 48.58 9.16
CA ALA V 21 -42.27 48.94 9.73
C ALA V 21 -42.14 49.93 10.88
N GLU V 22 -41.05 50.68 10.93
CA GLU V 22 -40.77 51.65 11.97
C GLU V 22 -40.61 53.05 11.43
N ILE V 23 -40.67 53.22 10.12
CA ILE V 23 -40.26 54.44 9.45
C ILE V 23 -41.51 55.12 8.90
N THR V 24 -41.65 56.40 9.16
CA THR V 24 -42.91 57.05 8.83
C THR V 24 -42.91 57.63 7.42
N THR V 25 -41.97 58.51 7.12
CA THR V 25 -41.98 59.15 5.81
C THR V 25 -40.96 58.50 4.89
N SER V 26 -40.78 59.08 3.72
CA SER V 26 -39.72 58.66 2.82
C SER V 26 -39.02 59.85 2.18
N THR V 27 -39.21 61.05 2.71
CA THR V 27 -38.56 62.23 2.20
C THR V 27 -37.73 62.87 3.30
N PRO V 28 -36.50 63.24 3.04
CA PRO V 28 -35.75 64.03 4.01
C PRO V 28 -36.05 65.52 3.90
N GLU V 29 -35.33 66.35 4.64
CA GLU V 29 -35.43 67.80 4.48
C GLU V 29 -34.28 68.33 3.65
N LYS V 30 -34.51 69.46 2.98
CA LYS V 30 -33.47 70.03 2.14
C LYS V 30 -32.30 70.57 2.95
N SER V 31 -32.60 71.27 4.04
CA SER V 31 -31.57 72.04 4.72
C SER V 31 -30.59 71.21 5.53
N LEU V 32 -30.81 69.89 5.65
CA LEU V 32 -29.97 69.06 6.50
C LEU V 32 -29.24 67.99 5.71
N LEU V 33 -28.99 68.21 4.43
CA LEU V 33 -28.33 67.23 3.59
C LEU V 33 -27.03 67.79 3.07
N GLN V 34 -25.98 66.98 3.09
CA GLN V 34 -24.73 67.37 2.49
C GLN V 34 -24.13 66.22 1.71
N PRO V 35 -23.41 66.50 0.62
CA PRO V 35 -22.94 65.43 -0.26
C PRO V 35 -21.81 64.56 0.27
N LEU V 36 -21.33 63.67 -0.60
CA LEU V 36 -20.36 62.64 -0.26
C LEU V 36 -19.66 62.20 -1.53
N LYS V 37 -18.64 61.36 -1.37
CA LYS V 37 -18.00 60.66 -2.46
C LYS V 37 -17.88 59.21 -2.05
N ASN V 38 -17.28 58.41 -2.91
CA ASN V 38 -16.76 57.12 -2.49
C ASN V 38 -15.26 57.16 -2.67
N ASN V 39 -14.55 57.25 -1.56
CA ASN V 39 -13.11 57.41 -1.62
C ASN V 39 -12.42 56.12 -2.06
N ALA V 40 -13.13 54.98 -2.03
CA ALA V 40 -12.66 53.68 -2.51
C ALA V 40 -11.34 53.27 -1.85
N GLY V 41 -11.15 53.71 -0.62
CA GLY V 41 -9.90 53.51 0.09
C GLY V 41 -8.69 54.14 -0.54
N ARG V 42 -8.80 55.37 -1.05
CA ARG V 42 -7.67 55.99 -1.72
C ARG V 42 -7.36 57.37 -1.15
N ASN V 43 -6.07 57.68 -1.07
CA ASN V 43 -5.55 58.81 -0.30
C ASN V 43 -5.63 60.14 -1.05
N ASN V 44 -4.90 61.11 -0.51
CA ASN V 44 -4.40 62.22 -1.31
C ASN V 44 -3.55 61.69 -2.44
N ASN V 45 -2.64 60.76 -2.13
CA ASN V 45 -1.80 60.16 -3.15
C ASN V 45 -2.58 59.27 -4.09
N GLY V 46 -3.73 58.78 -3.67
CA GLY V 46 -4.55 57.97 -4.54
C GLY V 46 -4.03 56.56 -4.69
N ARG V 47 -3.73 55.90 -3.57
CA ARG V 47 -3.38 54.49 -3.58
C ARG V 47 -4.29 53.76 -2.61
N ILE V 48 -4.45 52.46 -2.84
CA ILE V 48 -5.38 51.68 -2.05
C ILE V 48 -4.76 51.47 -0.67
N THR V 49 -5.33 52.08 0.35
CA THR V 49 -4.85 51.84 1.70
C THR V 49 -5.64 50.74 2.39
N VAL V 50 -6.92 50.96 2.62
CA VAL V 50 -7.77 49.95 3.21
C VAL V 50 -8.44 49.21 2.06
N ARG V 51 -8.23 47.90 2.01
CA ARG V 51 -8.70 47.13 0.89
C ARG V 51 -10.21 46.99 0.90
N HIS V 52 -10.73 46.51 -0.23
CA HIS V 52 -12.10 46.03 -0.41
C HIS V 52 -13.13 47.15 -0.17
N GLN V 53 -13.04 48.17 -1.00
CA GLN V 53 -13.95 49.30 -0.91
C GLN V 53 -14.37 49.71 -2.32
N GLY V 54 -15.51 50.39 -2.39
CA GLY V 54 -15.91 51.09 -3.61
C GLY V 54 -16.79 50.32 -4.58
N GLY V 55 -17.74 51.02 -5.19
CA GLY V 55 -18.56 50.40 -6.20
C GLY V 55 -19.96 50.01 -5.77
N GLY V 56 -20.67 50.93 -5.14
CA GLY V 56 -22.03 50.70 -4.73
C GLY V 56 -22.94 51.84 -5.17
N HIS V 57 -23.93 52.11 -4.34
CA HIS V 57 -25.01 53.04 -4.66
C HIS V 57 -24.55 54.46 -4.31
N LYS V 58 -25.47 55.43 -4.31
CA LYS V 58 -25.17 56.80 -3.95
C LYS V 58 -25.77 57.18 -2.61
N ARG V 59 -25.13 58.12 -1.91
CA ARG V 59 -25.54 58.52 -0.57
C ARG V 59 -25.37 60.03 -0.39
N GLN V 60 -25.97 60.54 0.69
CA GLN V 60 -25.79 61.90 1.17
C GLN V 60 -25.79 61.90 2.69
N TYR V 61 -25.10 62.87 3.30
CA TYR V 61 -25.19 62.98 4.76
C TYR V 61 -26.52 63.54 5.20
N ARG V 62 -26.91 63.13 6.39
CA ARG V 62 -27.95 63.77 7.16
C ARG V 62 -27.23 64.28 8.40
N VAL V 63 -27.19 65.61 8.57
CA VAL V 63 -26.35 66.22 9.60
C VAL V 63 -27.01 66.05 10.96
N ILE V 64 -26.37 65.30 11.84
CA ILE V 64 -27.00 64.79 13.04
C ILE V 64 -26.31 65.37 14.27
N ASP V 65 -27.08 65.95 15.18
CA ASP V 65 -26.53 66.45 16.43
C ASP V 65 -25.98 65.33 17.29
N PHE V 66 -24.74 65.49 17.72
CA PHE V 66 -24.20 64.67 18.77
C PHE V 66 -23.97 65.45 20.05
N LYS V 67 -24.06 66.77 19.98
CA LYS V 67 -23.79 67.65 21.11
C LYS V 67 -25.01 67.82 22.01
N ARG V 68 -26.13 68.23 21.43
CA ARG V 68 -27.33 68.68 22.14
C ARG V 68 -27.00 69.76 23.17
N ASN V 69 -26.61 70.91 22.66
CA ASN V 69 -26.21 71.98 23.55
C ASN V 69 -27.29 73.01 23.81
N LYS V 70 -28.43 72.95 23.14
CA LYS V 70 -29.55 73.77 23.61
C LYS V 70 -30.12 73.14 24.88
N ASP V 71 -30.38 73.98 25.86
CA ASP V 71 -30.96 73.55 27.12
C ASP V 71 -32.20 74.38 27.40
N ASN V 72 -33.12 73.81 28.19
CA ASN V 72 -34.34 74.46 28.66
C ASN V 72 -35.26 74.91 27.53
N VAL V 73 -35.23 74.23 26.39
CA VAL V 73 -36.21 74.42 25.32
C VAL V 73 -36.69 73.05 24.91
N ALA V 74 -38.01 72.85 24.95
CA ALA V 74 -38.58 71.56 24.62
C ALA V 74 -38.45 71.27 23.13
N ALA V 75 -38.25 69.99 22.81
CA ALA V 75 -38.03 69.54 21.45
C ALA V 75 -39.14 68.57 21.06
N VAL V 76 -39.79 68.82 19.92
CA VAL V 76 -40.83 67.94 19.40
C VAL V 76 -40.20 67.06 18.34
N VAL V 77 -40.39 65.75 18.46
CA VAL V 77 -39.88 64.78 17.50
C VAL V 77 -41.06 64.20 16.74
N LYS V 78 -40.99 64.25 15.41
CA LYS V 78 -42.11 63.86 14.57
C LYS V 78 -41.85 62.61 13.75
N THR V 79 -40.82 62.56 12.94
CA THR V 79 -40.70 61.48 11.97
C THR V 79 -39.40 60.71 12.18
N ILE V 80 -39.46 59.41 11.90
CA ILE V 80 -38.32 58.51 11.99
C ILE V 80 -37.89 58.18 10.58
N GLU V 81 -36.59 58.16 10.32
CA GLU V 81 -36.14 57.94 8.95
C GLU V 81 -35.10 56.84 8.83
N TYR V 82 -34.45 56.76 7.68
CA TYR V 82 -33.50 55.71 7.35
C TYR V 82 -32.13 56.31 7.09
N ASP V 83 -31.09 55.65 7.58
CA ASP V 83 -29.74 56.00 7.15
C ASP V 83 -29.13 54.95 6.26
N PRO V 84 -28.50 55.38 5.18
CA PRO V 84 -27.56 54.50 4.48
C PRO V 84 -26.20 54.48 5.13
N ASN V 85 -25.94 55.39 6.06
CA ASN V 85 -24.66 55.51 6.73
C ASN V 85 -24.59 54.71 8.01
N ARG V 86 -25.69 54.63 8.73
CA ARG V 86 -25.70 54.13 10.09
C ARG V 86 -26.60 52.93 10.18
N SER V 87 -26.29 52.04 11.11
CA SER V 87 -27.19 50.94 11.36
C SER V 87 -28.46 51.43 12.04
N ALA V 88 -28.39 52.52 12.77
CA ALA V 88 -29.54 53.03 13.48
C ALA V 88 -30.24 54.11 12.67
N ASN V 89 -31.47 54.40 13.07
CA ASN V 89 -32.34 55.36 12.39
C ASN V 89 -32.02 56.78 12.84
N ILE V 90 -32.79 57.75 12.38
CA ILE V 90 -32.65 59.12 12.80
C ILE V 90 -34.03 59.59 13.24
N ALA V 91 -34.15 60.88 13.58
CA ALA V 91 -35.43 61.50 13.83
C ALA V 91 -35.31 63.00 13.62
N LEU V 92 -36.32 63.58 12.98
CA LEU V 92 -36.45 65.03 12.94
C LEU V 92 -36.81 65.58 14.29
N VAL V 93 -36.48 66.85 14.49
CA VAL V 93 -36.63 67.53 15.76
C VAL V 93 -37.14 68.93 15.49
N HIS V 94 -38.23 69.30 16.13
CA HIS V 94 -38.74 70.66 16.05
C HIS V 94 -38.54 71.33 17.40
N TYR V 95 -37.50 72.15 17.50
CA TYR V 95 -37.39 73.08 18.60
C TYR V 95 -38.49 74.12 18.48
N GLU V 96 -38.90 74.66 19.63
CA GLU V 96 -40.00 75.62 19.63
C GLU V 96 -39.58 76.97 19.07
N ASP V 97 -38.28 77.26 19.04
CA ASP V 97 -37.81 78.50 18.45
C ASP V 97 -38.00 78.52 16.94
N GLY V 98 -38.03 77.33 16.32
CA GLY V 98 -38.08 77.24 14.88
C GLY V 98 -36.76 76.78 14.30
N VAL V 99 -36.06 75.92 15.02
CA VAL V 99 -34.76 75.41 14.59
C VAL V 99 -34.87 73.90 14.49
N LYS V 100 -34.43 73.35 13.36
CA LYS V 100 -34.50 71.93 13.09
C LYS V 100 -33.11 71.33 13.09
N ALA V 101 -33.04 70.03 13.35
CA ALA V 101 -31.85 69.20 13.22
C ALA V 101 -32.25 67.75 13.36
N TYR V 102 -31.36 66.85 12.94
CA TYR V 102 -31.59 65.42 13.11
C TYR V 102 -30.90 64.89 14.36
N ILE V 103 -31.51 63.89 14.98
CA ILE V 103 -31.04 63.30 16.23
C ILE V 103 -31.23 61.79 16.18
N LEU V 104 -30.21 61.04 16.61
CA LEU V 104 -30.27 59.59 16.72
C LEU V 104 -31.46 59.14 17.57
N ALA V 105 -32.11 58.07 17.14
CA ALA V 105 -33.38 57.66 17.71
C ALA V 105 -33.23 56.40 18.54
N PRO V 106 -33.37 56.47 19.85
CA PRO V 106 -33.31 55.27 20.68
C PRO V 106 -34.62 54.49 20.62
N LYS V 107 -34.63 53.37 21.34
CA LYS V 107 -35.85 52.58 21.50
C LYS V 107 -36.87 53.36 22.30
N GLY V 108 -38.14 53.18 21.95
CA GLY V 108 -39.22 53.71 22.76
C GLY V 108 -39.63 55.12 22.46
N LEU V 109 -38.91 55.84 21.61
CA LEU V 109 -39.41 57.12 21.16
C LEU V 109 -40.61 56.93 20.26
N GLU V 110 -41.71 57.56 20.64
CA GLU V 110 -42.93 57.60 19.85
C GLU V 110 -42.98 58.89 19.06
N VAL V 111 -43.91 58.95 18.12
CA VAL V 111 -44.15 60.19 17.41
C VAL V 111 -44.87 61.15 18.35
N GLY V 112 -44.23 62.26 18.65
CA GLY V 112 -44.83 63.25 19.51
C GLY V 112 -44.34 63.28 20.93
N MET V 113 -43.17 62.71 21.21
CA MET V 113 -42.57 62.88 22.53
C MET V 113 -42.00 64.29 22.64
N ARG V 114 -41.66 64.68 23.86
CA ARG V 114 -40.94 65.93 24.08
C ARG V 114 -39.73 65.65 24.94
N LEU V 115 -38.56 65.99 24.43
CA LEU V 115 -37.29 65.63 25.05
C LEU V 115 -36.61 66.88 25.54
N VAL V 116 -36.25 66.91 26.82
CA VAL V 116 -35.62 68.06 27.44
C VAL V 116 -34.15 67.73 27.64
N SER V 117 -33.31 68.75 27.58
CA SER V 117 -31.88 68.55 27.40
C SER V 117 -30.97 69.23 28.39
N GLY V 118 -31.50 69.95 29.38
CA GLY V 118 -30.66 70.67 30.30
C GLY V 118 -30.04 69.76 31.35
N PRO V 119 -29.19 70.34 32.21
CA PRO V 119 -28.64 69.56 33.33
C PRO V 119 -29.62 69.34 34.45
N GLU V 120 -30.82 69.92 34.39
CA GLU V 120 -31.87 69.68 35.35
C GLU V 120 -32.96 68.78 34.82
N ALA V 121 -32.84 68.32 33.57
CA ALA V 121 -33.90 67.56 32.94
C ALA V 121 -34.06 66.19 33.58
N ASP V 122 -35.23 65.59 33.38
CA ASP V 122 -35.62 64.42 34.15
C ASP V 122 -35.03 63.15 33.54
N ILE V 123 -35.52 62.02 34.01
CA ILE V 123 -34.99 60.72 33.62
C ILE V 123 -36.11 60.00 32.88
N LYS V 124 -36.09 60.13 31.55
CA LYS V 124 -36.93 59.35 30.65
C LYS V 124 -36.04 58.93 29.49
N VAL V 125 -36.62 58.50 28.40
CA VAL V 125 -35.81 58.16 27.24
C VAL V 125 -35.55 59.44 26.44
N GLY V 126 -34.33 59.59 25.94
CA GLY V 126 -34.03 60.63 24.98
C GLY V 126 -33.62 61.96 25.56
N ASN V 127 -33.32 62.03 26.85
CA ASN V 127 -32.96 63.28 27.49
C ASN V 127 -31.45 63.43 27.56
N ALA V 128 -30.97 64.67 27.50
CA ALA V 128 -29.55 64.98 27.47
C ALA V 128 -29.09 65.42 28.86
N LEU V 129 -28.27 64.59 29.52
CA LEU V 129 -27.79 64.89 30.84
C LEU V 129 -26.28 64.72 30.91
N PRO V 130 -25.57 65.62 31.58
CA PRO V 130 -24.16 65.37 31.86
C PRO V 130 -24.00 64.24 32.87
N LEU V 131 -22.80 63.66 32.90
CA LEU V 131 -22.54 62.45 33.67
C LEU V 131 -22.35 62.69 35.16
N GLU V 132 -22.80 63.81 35.71
CA GLU V 132 -22.90 63.96 37.14
C GLU V 132 -24.31 63.75 37.65
N ASN V 133 -25.31 64.14 36.87
CA ASN V 133 -26.69 64.20 37.32
C ASN V 133 -27.46 62.93 37.04
N ILE V 134 -26.77 61.80 36.90
CA ILE V 134 -27.37 60.54 36.49
C ILE V 134 -27.19 59.55 37.62
N PRO V 135 -28.24 58.86 38.06
CA PRO V 135 -28.10 57.88 39.14
C PRO V 135 -27.52 56.57 38.63
N VAL V 136 -27.11 55.75 39.58
CA VAL V 136 -26.37 54.52 39.30
C VAL V 136 -27.33 53.47 38.79
N GLY V 137 -27.00 52.87 37.65
CA GLY V 137 -27.77 51.76 37.11
C GLY V 137 -28.54 52.05 35.85
N THR V 138 -28.41 53.25 35.28
CA THR V 138 -29.16 53.60 34.09
C THR V 138 -28.45 53.04 32.85
N VAL V 139 -29.08 53.24 31.70
CA VAL V 139 -28.58 52.75 30.42
C VAL V 139 -28.44 53.94 29.49
N ILE V 140 -27.24 54.12 28.94
CA ILE V 140 -26.76 55.42 28.51
C ILE V 140 -26.12 55.31 27.13
N HIS V 141 -26.31 56.32 26.28
CA HIS V 141 -25.57 56.45 25.03
C HIS V 141 -25.07 57.85 24.79
N ASN V 142 -24.36 57.98 23.67
CA ASN V 142 -23.60 59.16 23.27
C ASN V 142 -22.70 59.65 24.40
N ILE V 143 -21.95 58.72 24.98
CA ILE V 143 -20.99 59.11 26.00
C ILE V 143 -19.85 59.86 25.34
N GLU V 144 -19.52 61.02 25.85
CA GLU V 144 -18.49 61.84 25.23
C GLU V 144 -17.12 61.51 25.83
N MET V 145 -16.10 61.52 24.98
CA MET V 145 -14.75 61.32 25.46
C MET V 145 -14.21 62.59 26.11
N LYS V 146 -14.06 63.64 25.33
CA LYS V 146 -13.64 64.97 25.72
C LYS V 146 -14.84 65.87 25.92
N PRO V 147 -14.80 66.82 26.83
CA PRO V 147 -15.98 67.66 27.08
C PRO V 147 -16.13 68.75 26.03
N GLY V 148 -17.10 68.57 25.13
CA GLY V 148 -17.39 69.57 24.13
C GLY V 148 -17.39 69.08 22.70
N LYS V 149 -17.10 67.79 22.48
CA LYS V 149 -17.11 67.27 21.13
C LYS V 149 -18.48 66.83 20.67
N GLY V 150 -19.39 66.52 21.58
CA GLY V 150 -20.51 65.68 21.22
C GLY V 150 -20.09 64.23 21.34
N GLY V 151 -21.02 63.34 21.01
CA GLY V 151 -20.82 61.92 21.29
C GLY V 151 -19.75 61.31 20.39
N GLN V 152 -19.03 60.35 20.96
CA GLN V 152 -18.14 59.50 20.18
C GLN V 152 -18.31 58.04 20.54
N LEU V 153 -18.66 57.76 21.79
CA LEU V 153 -18.93 56.39 22.20
C LEU V 153 -20.35 56.02 21.84
N ILE V 154 -20.84 54.96 22.45
CA ILE V 154 -21.68 53.93 21.84
C ILE V 154 -22.87 54.46 21.05
N ARG V 155 -22.86 54.26 19.73
CA ARG V 155 -23.79 54.90 18.82
C ARG V 155 -24.69 53.94 18.06
N SER V 156 -24.22 52.75 17.70
CA SER V 156 -24.89 51.95 16.69
C SER V 156 -26.00 51.09 17.31
N ALA V 157 -26.49 50.14 16.53
CA ALA V 157 -27.82 49.58 16.72
C ALA V 157 -27.89 48.61 17.88
N GLY V 158 -28.81 48.87 18.80
CA GLY V 158 -29.17 47.87 19.79
C GLY V 158 -28.14 47.65 20.86
N THR V 159 -27.25 48.61 21.08
CA THR V 159 -26.19 48.53 22.06
C THR V 159 -26.58 49.28 23.32
N SER V 160 -25.79 49.13 24.38
CA SER V 160 -26.18 49.68 25.67
C SER V 160 -24.93 49.96 26.51
N ALA V 161 -25.17 50.43 27.74
CA ALA V 161 -24.11 50.69 28.71
C ALA V 161 -24.75 50.68 30.10
N GLN V 162 -23.89 50.83 31.12
CA GLN V 162 -24.34 51.17 32.47
C GLN V 162 -23.31 52.06 33.15
N VAL V 163 -23.79 52.81 34.14
CA VAL V 163 -22.92 53.49 35.09
C VAL V 163 -22.78 52.59 36.30
N LEU V 164 -21.58 52.02 36.48
CA LEU V 164 -21.35 51.14 37.61
C LEU V 164 -21.23 51.93 38.91
N GLY V 165 -20.86 53.20 38.82
CA GLY V 165 -20.77 54.00 40.01
C GLY V 165 -19.97 55.26 39.75
N LYS V 166 -19.89 56.08 40.77
CA LYS V 166 -19.17 57.34 40.70
C LYS V 166 -17.92 57.27 41.55
N GLU V 167 -17.01 58.17 41.26
CA GLU V 167 -16.04 58.64 42.23
C GLU V 167 -16.26 60.15 42.35
N GLY V 168 -15.46 60.81 43.18
CA GLY V 168 -15.44 62.26 43.13
C GLY V 168 -14.91 62.73 41.80
N LYS V 169 -13.88 62.05 41.32
CA LYS V 169 -13.42 62.05 39.95
C LYS V 169 -12.84 60.66 39.74
N TYR V 170 -13.12 59.99 38.61
CA TYR V 170 -14.04 60.29 37.51
C TYR V 170 -15.26 59.37 37.66
N VAL V 171 -16.07 59.22 36.62
CA VAL V 171 -17.20 58.29 36.63
C VAL V 171 -16.78 56.93 36.06
N LEU V 172 -17.11 55.86 36.78
CA LEU V 172 -16.99 54.49 36.26
C LEU V 172 -18.14 54.18 35.31
N ILE V 173 -17.84 53.53 34.19
CA ILE V 173 -18.84 53.18 33.17
C ILE V 173 -18.52 51.81 32.59
N ARG V 174 -19.47 50.88 32.66
CA ARG V 174 -19.40 49.64 31.90
C ARG V 174 -19.88 49.87 30.48
N LEU V 175 -19.01 49.72 29.51
CA LEU V 175 -19.38 49.85 28.11
C LEU V 175 -19.92 48.53 27.60
N ASN V 176 -20.06 48.39 26.30
CA ASN V 176 -20.11 47.06 25.74
C ASN V 176 -18.73 46.44 25.70
N SER V 177 -18.71 45.19 25.25
CA SER V 177 -17.53 44.31 25.30
C SER V 177 -16.96 44.20 26.71
N GLY V 178 -17.82 44.31 27.72
CA GLY V 178 -17.51 43.98 29.09
C GLY V 178 -16.65 44.96 29.85
N GLU V 179 -16.06 45.95 29.21
CA GLU V 179 -14.96 46.66 29.85
C GLU V 179 -15.40 47.95 30.51
N VAL V 180 -14.55 48.44 31.41
CA VAL V 180 -14.84 49.56 32.30
C VAL V 180 -13.73 50.59 32.13
N ARG V 181 -14.08 51.88 32.13
CA ARG V 181 -13.03 52.89 32.24
C ARG V 181 -13.56 54.12 32.97
N MET V 182 -12.80 55.21 32.88
CA MET V 182 -13.03 56.42 33.63
C MET V 182 -13.27 57.56 32.65
N ILE V 183 -14.49 58.09 32.68
CA ILE V 183 -14.91 59.17 31.79
C ILE V 183 -15.30 60.34 32.67
N LEU V 184 -15.02 61.56 32.21
CA LEU V 184 -15.02 62.75 33.06
C LEU V 184 -16.41 63.08 33.59
N ALA V 185 -16.46 64.08 34.45
CA ALA V 185 -17.70 64.53 35.06
C ALA V 185 -18.31 65.72 34.31
N THR V 186 -17.87 65.99 33.09
CA THR V 186 -18.45 67.05 32.28
C THR V 186 -18.76 66.53 30.88
N CYS V 187 -19.32 65.33 30.78
CA CYS V 187 -19.60 64.69 29.50
C CYS V 187 -21.08 64.39 29.39
N ARG V 188 -21.66 64.74 28.25
CA ARG V 188 -23.08 64.57 27.99
C ARG V 188 -23.41 63.11 27.71
N ALA V 189 -24.71 62.81 27.72
CA ALA V 189 -25.20 61.45 27.52
C ALA V 189 -26.66 61.50 27.08
N THR V 190 -27.21 60.34 26.75
CA THR V 190 -28.63 60.16 26.50
C THR V 190 -29.09 58.89 27.19
N ILE V 191 -30.21 58.95 27.89
CA ILE V 191 -30.71 57.82 28.67
C ILE V 191 -31.49 56.89 27.74
N GLY V 192 -30.94 55.71 27.49
CA GLY V 192 -31.67 54.70 26.74
C GLY V 192 -30.88 54.06 25.61
N SER V 193 -31.10 52.77 25.40
CA SER V 193 -30.40 52.04 24.36
C SER V 193 -30.93 52.39 22.97
N VAL V 194 -30.07 52.20 21.97
CA VAL V 194 -30.32 52.64 20.59
C VAL V 194 -31.27 51.63 19.95
N GLY V 195 -31.76 51.90 18.74
CA GLY V 195 -33.06 51.48 18.27
C GLY V 195 -33.12 50.08 17.70
N ASN V 196 -32.99 49.94 16.39
CA ASN V 196 -32.92 48.66 15.66
C ASN V 196 -32.11 47.61 16.41
N GLU V 197 -32.70 46.44 16.60
CA GLU V 197 -32.04 45.36 17.31
C GLU V 197 -31.56 44.25 16.40
N GLN V 198 -31.86 44.33 15.11
CA GLN V 198 -32.01 43.15 14.28
C GLN V 198 -30.97 43.04 13.19
N HIS V 199 -29.98 43.92 13.19
CA HIS V 199 -28.95 43.90 12.16
C HIS V 199 -27.95 42.77 12.29
N GLU V 200 -28.08 41.92 13.30
CA GLU V 200 -27.39 40.64 13.24
C GLU V 200 -28.24 39.57 12.59
N LEU V 201 -29.50 39.87 12.28
CA LEU V 201 -30.47 38.86 11.86
C LEU V 201 -30.89 39.07 10.41
N ILE V 202 -29.95 39.33 9.53
CA ILE V 202 -30.22 39.57 8.11
C ILE V 202 -29.24 38.77 7.27
N ASN V 203 -29.76 37.96 6.36
CA ASN V 203 -28.93 37.34 5.33
C ASN V 203 -28.85 38.25 4.13
N ILE V 204 -27.62 38.53 3.69
CA ILE V 204 -27.45 39.28 2.47
C ILE V 204 -27.77 38.42 1.25
N GLY V 205 -27.50 37.12 1.30
CA GLY V 205 -28.05 36.20 0.31
C GLY V 205 -27.33 36.16 -1.01
N LYS V 206 -27.52 37.17 -1.86
CA LYS V 206 -26.75 37.28 -3.08
C LYS V 206 -25.32 37.73 -2.77
N ALA V 207 -24.47 37.63 -3.77
CA ALA V 207 -23.24 38.42 -3.72
C ALA V 207 -23.52 39.86 -4.08
N GLY V 208 -24.44 40.07 -5.02
CA GLY V 208 -24.73 41.39 -5.52
C GLY V 208 -25.42 42.29 -4.52
N ARG V 209 -25.96 41.72 -3.45
CA ARG V 209 -26.45 42.58 -2.38
C ARG V 209 -25.31 43.03 -1.49
N SER V 210 -24.29 42.21 -1.33
CA SER V 210 -23.10 42.63 -0.61
C SER V 210 -22.24 43.55 -1.45
N ARG V 211 -22.51 43.65 -2.74
CA ARG V 211 -21.91 44.69 -3.56
C ARG V 211 -22.84 45.86 -3.77
N TRP V 212 -24.10 45.77 -3.36
CA TRP V 212 -24.91 46.96 -3.23
C TRP V 212 -24.41 47.84 -2.10
N MET V 213 -24.24 47.23 -0.93
CA MET V 213 -23.39 47.82 0.08
C MET V 213 -21.97 47.86 -0.46
N ARG V 214 -21.23 48.92 -0.14
CA ARG V 214 -20.06 49.29 -0.92
C ARG V 214 -18.85 48.40 -0.62
N LYS V 215 -18.91 47.15 -1.07
CA LYS V 215 -17.85 46.19 -0.79
C LYS V 215 -17.31 45.58 -2.08
N ARG V 216 -16.41 44.60 -1.93
CA ARG V 216 -15.65 44.01 -3.02
C ARG V 216 -15.07 42.70 -2.52
N PRO V 217 -14.90 41.69 -3.36
CA PRO V 217 -14.48 40.37 -2.86
C PRO V 217 -13.06 40.31 -2.33
N THR V 218 -12.89 39.48 -1.29
CA THR V 218 -11.63 39.28 -0.58
C THR V 218 -11.07 37.91 -0.94
N VAL V 219 -10.00 37.90 -1.72
CA VAL V 219 -9.37 36.64 -2.11
C VAL V 219 -8.63 36.06 -0.91
N ARG V 220 -8.67 34.74 -0.76
CA ARG V 220 -7.97 34.01 0.28
C ARG V 220 -6.48 34.26 0.19
N GLY V 221 -5.78 33.89 1.25
CA GLY V 221 -4.35 34.08 1.26
C GLY V 221 -3.61 33.03 0.49
N SER V 222 -3.95 31.77 0.69
CA SER V 222 -3.13 30.68 0.20
C SER V 222 -3.30 30.41 -1.28
N VAL V 223 -3.99 31.28 -2.01
CA VAL V 223 -4.14 31.11 -3.43
C VAL V 223 -3.25 32.08 -4.20
N MET V 224 -2.79 33.15 -3.55
CA MET V 224 -1.87 34.10 -4.14
C MET V 224 -0.54 33.42 -4.53
N ASN V 225 0.09 33.96 -5.55
CA ASN V 225 1.46 33.59 -5.86
C ASN V 225 2.39 34.08 -4.75
N PRO V 226 3.58 33.47 -4.59
CA PRO V 226 4.42 33.80 -3.42
C PRO V 226 4.98 35.21 -3.37
N ASN V 227 4.63 36.12 -4.26
CA ASN V 227 5.07 37.50 -4.15
C ASN V 227 3.96 38.46 -3.77
N ASP V 228 2.74 38.00 -3.66
CA ASP V 228 1.68 38.87 -3.19
C ASP V 228 1.23 38.54 -1.79
N HIS V 229 1.72 37.44 -1.21
CA HIS V 229 1.27 37.03 0.11
C HIS V 229 2.31 36.04 0.61
N PRO V 230 2.61 36.03 1.90
CA PRO V 230 3.61 35.07 2.37
C PRO V 230 3.08 33.67 2.55
N HIS V 231 1.76 33.45 2.51
CA HIS V 231 1.24 32.08 2.56
C HIS V 231 1.31 31.35 1.23
N GLY V 232 1.68 32.03 0.15
CA GLY V 232 1.41 31.54 -1.18
C GLY V 232 2.29 30.41 -1.66
N GLY V 233 2.25 30.20 -2.96
CA GLY V 233 3.00 29.15 -3.59
C GLY V 233 2.41 27.78 -3.31
N GLY V 234 3.23 26.76 -3.60
CA GLY V 234 2.87 25.39 -3.26
C GLY V 234 1.95 24.77 -4.27
N GLU V 235 2.26 23.56 -4.69
CA GLU V 235 1.54 22.90 -5.77
C GLU V 235 0.52 21.93 -5.19
N GLY V 236 -0.75 22.18 -5.49
CA GLY V 236 -1.86 21.55 -4.80
C GLY V 236 -2.43 22.48 -3.75
N LYS V 237 -3.41 21.98 -3.02
CA LYS V 237 -3.78 22.68 -1.79
C LYS V 237 -2.72 22.41 -0.76
N THR V 238 -2.24 23.46 -0.15
CA THR V 238 -1.18 23.38 0.83
C THR V 238 -1.68 23.81 2.20
N PRO V 239 -1.17 23.22 3.27
CA PRO V 239 -1.46 23.74 4.59
C PRO V 239 -0.61 24.97 4.84
N ILE V 240 -0.88 25.63 5.96
CA ILE V 240 -0.07 26.79 6.32
C ILE V 240 1.29 26.27 6.73
N GLY V 241 2.28 26.45 5.86
CA GLY V 241 3.59 25.93 6.16
C GLY V 241 4.30 26.74 7.23
N ARG V 242 4.09 28.04 7.22
CA ARG V 242 4.75 28.91 8.18
C ARG V 242 4.07 28.77 9.53
N LYS V 243 4.84 28.82 10.60
CA LYS V 243 4.28 28.90 11.94
C LYS V 243 3.55 30.21 12.10
N ALA V 244 2.48 30.20 12.92
CA ALA V 244 1.71 31.38 13.31
C ALA V 244 1.18 32.20 12.15
N PRO V 245 0.01 31.85 11.60
CA PRO V 245 -0.46 32.40 10.32
C PRO V 245 -0.52 33.91 10.22
N VAL V 246 -0.16 34.42 9.06
CA VAL V 246 0.39 35.76 8.86
C VAL V 246 -0.56 36.56 7.97
N SER V 247 -0.67 37.86 8.25
CA SER V 247 -1.31 38.81 7.36
C SER V 247 -0.36 39.10 6.19
N PRO V 248 -0.79 39.80 5.09
CA PRO V 248 0.12 39.93 3.94
C PRO V 248 1.25 40.93 4.11
N TRP V 249 1.52 41.37 5.33
CA TRP V 249 2.58 42.32 5.60
C TRP V 249 3.56 41.82 6.65
N GLY V 250 3.18 40.85 7.46
CA GLY V 250 3.77 40.45 8.72
C GLY V 250 2.66 40.28 9.72
N GLN V 251 2.98 40.51 11.01
CA GLN V 251 2.01 40.64 12.09
C GLN V 251 1.00 39.51 12.22
N PRO V 252 1.36 38.40 12.89
CA PRO V 252 0.49 37.21 12.94
C PRO V 252 -0.92 37.49 13.42
N ALA V 253 -1.87 36.73 12.83
CA ALA V 253 -3.28 37.06 12.96
C ALA V 253 -3.82 36.73 14.33
N ILE V 254 -3.65 35.50 14.79
CA ILE V 254 -4.34 35.01 15.96
C ILE V 254 -3.40 35.16 17.15
N GLY V 255 -3.55 36.24 17.91
CA GLY V 255 -2.78 36.36 19.13
C GLY V 255 -2.15 37.68 19.49
N TYR V 256 -1.70 38.49 18.53
CA TYR V 256 -1.01 39.73 18.88
C TYR V 256 -1.93 40.77 19.48
N LYS V 257 -1.85 40.98 20.78
CA LYS V 257 -2.40 42.18 21.39
C LYS V 257 -1.49 43.34 21.03
N THR V 258 -2.05 44.35 20.35
CA THR V 258 -1.25 45.41 19.77
C THR V 258 -1.80 46.79 20.09
N ARG V 259 -2.01 47.12 21.36
CA ARG V 259 -2.11 48.53 21.71
C ARG V 259 -0.74 49.20 21.61
N ASN V 260 -0.71 50.49 21.87
CA ASN V 260 0.55 51.12 22.24
C ASN V 260 0.82 50.79 23.69
N LYS V 261 1.99 50.19 23.97
CA LYS V 261 2.33 49.75 25.31
C LYS V 261 2.53 50.89 26.28
N LYS V 262 2.64 52.12 25.79
CA LYS V 262 2.77 53.31 26.62
C LYS V 262 1.61 54.26 26.38
N ALA V 263 0.40 53.72 26.29
CA ALA V 263 -0.75 54.56 26.01
C ALA V 263 -1.13 55.38 27.24
N LYS V 264 -1.66 56.58 26.99
CA LYS V 264 -2.06 57.45 28.08
C LYS V 264 -3.28 56.92 28.83
N SER V 265 -4.14 56.17 28.15
CA SER V 265 -5.39 55.75 28.76
C SER V 265 -5.22 54.66 29.80
N ASP V 266 -4.02 54.06 29.92
CA ASP V 266 -3.79 52.90 30.76
C ASP V 266 -3.99 53.18 32.24
N LYS V 267 -3.94 54.44 32.67
CA LYS V 267 -4.28 54.77 34.04
C LYS V 267 -5.78 54.63 34.29
N LEU V 268 -6.59 54.78 33.25
CA LEU V 268 -8.02 54.95 33.44
C LEU V 268 -8.83 53.71 33.10
N ILE V 269 -8.21 52.64 32.65
CA ILE V 269 -8.96 51.49 32.18
C ILE V 269 -8.87 50.38 33.22
N VAL V 270 -10.01 49.81 33.58
CA VAL V 270 -10.11 48.68 34.48
C VAL V 270 -10.71 47.51 33.70
N ARG V 271 -10.11 46.31 33.87
CA ARG V 271 -10.63 45.03 33.38
C ARG V 271 -10.77 45.02 31.86
N ARG V 272 -9.60 45.05 31.22
CA ARG V 272 -9.50 44.98 29.78
C ARG V 272 -9.80 43.57 29.30
N ARG V 273 -11.07 43.24 29.09
CA ARG V 273 -11.47 41.84 28.99
C ARG V 273 -11.53 41.29 27.56
N THR V 274 -12.41 41.82 26.74
CA THR V 274 -12.79 41.13 25.50
C THR V 274 -12.40 41.95 24.28
N LYS V 275 -11.15 41.80 23.86
CA LYS V 275 -10.63 42.40 22.63
C LYS V 275 -9.65 41.45 21.97
N THR W 1 -7.90 -18.88 -87.14
CA THR W 1 -8.12 -19.20 -88.55
C THR W 1 -9.22 -18.31 -89.11
N LYS W 2 -10.43 -18.54 -88.61
CA LYS W 2 -11.59 -17.79 -89.07
C LYS W 2 -11.52 -16.37 -88.55
N GLY W 3 -11.70 -15.39 -89.43
CA GLY W 3 -11.61 -14.01 -88.98
C GLY W 3 -12.41 -12.99 -89.76
N ILE W 4 -13.24 -12.20 -89.09
CA ILE W 4 -14.02 -11.13 -89.70
C ILE W 4 -13.92 -9.91 -88.81
N LEU W 5 -13.57 -8.78 -89.41
CA LEU W 5 -13.54 -7.48 -88.73
C LEU W 5 -14.95 -6.90 -88.74
N GLY W 6 -15.10 -5.63 -88.40
CA GLY W 6 -16.42 -5.03 -88.52
C GLY W 6 -16.55 -3.80 -87.65
N LYS W 7 -17.79 -3.46 -87.36
CA LYS W 7 -18.16 -2.28 -86.60
C LYS W 7 -18.83 -2.68 -85.30
N LYS W 8 -19.26 -1.67 -84.55
CA LYS W 8 -20.02 -1.86 -83.33
C LYS W 8 -21.23 -0.95 -83.40
N VAL W 9 -22.41 -1.50 -83.13
CA VAL W 9 -23.65 -0.77 -83.28
C VAL W 9 -24.29 -0.47 -81.93
N GLY W 10 -24.60 -1.50 -81.15
CA GLY W 10 -25.26 -1.28 -79.87
C GLY W 10 -25.54 -2.50 -79.03
N MET W 11 -26.59 -2.44 -78.23
CA MET W 11 -26.94 -3.51 -77.30
C MET W 11 -28.42 -3.83 -77.45
N THR W 12 -28.76 -5.12 -77.46
CA THR W 12 -30.15 -5.55 -77.54
C THR W 12 -30.47 -6.65 -76.55
N GLN W 13 -31.65 -7.25 -76.69
CA GLN W 13 -32.02 -8.45 -75.97
C GLN W 13 -32.67 -9.44 -76.93
N ILE W 14 -32.55 -10.72 -76.60
CA ILE W 14 -33.08 -11.80 -77.42
C ILE W 14 -33.61 -12.90 -76.51
N PHE W 15 -34.87 -13.26 -76.68
CA PHE W 15 -35.40 -14.48 -76.10
C PHE W 15 -34.91 -15.64 -76.95
N THR W 16 -34.31 -16.65 -76.33
CA THR W 16 -33.98 -17.83 -77.11
C THR W 16 -35.19 -18.76 -77.17
N GLU W 17 -34.98 -19.93 -77.77
CA GLU W 17 -36.08 -20.83 -78.07
C GLU W 17 -36.65 -21.51 -76.84
N SER W 18 -35.95 -21.47 -75.71
CA SER W 18 -36.53 -21.89 -74.45
C SER W 18 -37.25 -20.76 -73.74
N GLY W 19 -36.95 -19.52 -74.06
CA GLY W 19 -37.65 -18.38 -73.51
C GLY W 19 -36.88 -17.50 -72.53
N GLU W 20 -35.57 -17.58 -72.49
CA GLU W 20 -34.78 -16.81 -71.54
C GLU W 20 -34.20 -15.57 -72.20
N LEU W 21 -34.15 -14.49 -71.43
CA LEU W 21 -33.55 -13.25 -71.91
C LEU W 21 -32.04 -13.36 -71.97
N ILE W 22 -31.45 -12.83 -73.02
CA ILE W 22 -30.00 -12.83 -73.18
C ILE W 22 -29.53 -11.49 -73.73
N PRO W 23 -28.58 -10.82 -73.09
CA PRO W 23 -28.05 -9.57 -73.63
C PRO W 23 -27.14 -9.80 -74.83
N VAL W 24 -27.31 -8.96 -75.86
CA VAL W 24 -26.78 -9.23 -77.19
C VAL W 24 -26.22 -7.94 -77.79
N THR W 25 -24.97 -7.99 -78.28
CA THR W 25 -24.39 -6.90 -79.04
C THR W 25 -24.64 -7.09 -80.53
N VAL W 26 -24.34 -6.05 -81.31
CA VAL W 26 -24.59 -6.07 -82.75
C VAL W 26 -23.31 -5.66 -83.48
N VAL W 27 -22.79 -6.56 -84.32
CA VAL W 27 -21.57 -6.31 -85.09
C VAL W 27 -21.92 -6.42 -86.56
N GLU W 28 -21.53 -5.42 -87.36
CA GLU W 28 -21.71 -5.50 -88.80
C GLU W 28 -20.50 -6.09 -89.51
N ALA W 29 -20.62 -6.15 -90.82
CA ALA W 29 -19.58 -6.54 -91.77
C ALA W 29 -20.04 -6.10 -93.14
N THR W 30 -19.31 -6.50 -94.17
CA THR W 30 -19.38 -6.04 -95.56
C THR W 30 -18.90 -7.19 -96.44
N PRO W 31 -18.77 -7.04 -97.76
CA PRO W 31 -17.77 -7.83 -98.47
C PRO W 31 -16.37 -7.50 -98.00
N ASN W 32 -15.47 -8.49 -98.12
CA ASN W 32 -14.32 -8.64 -97.21
C ASN W 32 -13.07 -9.02 -98.00
N VAL W 33 -12.33 -8.03 -98.46
CA VAL W 33 -11.41 -8.23 -99.56
C VAL W 33 -10.03 -8.58 -99.04
N VAL W 34 -9.45 -9.67 -99.56
CA VAL W 34 -8.09 -10.10 -99.25
C VAL W 34 -7.11 -9.37 -100.14
N LEU W 35 -6.10 -8.75 -99.55
CA LEU W 35 -5.23 -7.82 -100.27
C LEU W 35 -3.87 -8.41 -100.64
N GLN W 36 -3.17 -9.05 -99.70
CA GLN W 36 -1.93 -9.73 -100.05
C GLN W 36 -1.85 -11.07 -99.34
N VAL W 37 -0.98 -11.93 -99.87
CA VAL W 37 -0.68 -13.23 -99.30
C VAL W 37 0.81 -13.26 -99.01
N LYS W 38 1.17 -13.36 -97.74
CA LYS W 38 2.55 -13.30 -97.32
C LYS W 38 3.08 -14.71 -97.11
N THR W 39 4.22 -15.00 -97.72
CA THR W 39 4.80 -16.34 -97.70
C THR W 39 6.14 -16.34 -96.99
N VAL W 40 6.60 -17.54 -96.65
CA VAL W 40 7.89 -17.69 -95.98
C VAL W 40 9.01 -17.31 -96.92
N GLU W 41 8.85 -17.60 -98.21
CA GLU W 41 9.90 -17.39 -99.20
C GLU W 41 10.20 -15.92 -99.45
N THR W 42 9.25 -15.03 -99.13
CA THR W 42 9.45 -13.59 -99.31
C THR W 42 9.36 -12.80 -98.02
N ASP W 43 8.67 -13.30 -97.01
CA ASP W 43 8.47 -12.55 -95.78
C ASP W 43 8.81 -13.32 -94.51
N GLY W 44 9.14 -14.60 -94.59
CA GLY W 44 9.53 -15.33 -93.40
C GLY W 44 8.40 -15.80 -92.52
N TYR W 45 7.15 -15.44 -92.81
CA TYR W 45 6.03 -15.97 -92.06
C TYR W 45 4.84 -16.06 -93.01
N GLU W 46 3.66 -16.40 -92.48
CA GLU W 46 2.48 -16.62 -93.31
C GLU W 46 1.29 -15.87 -92.73
N ALA W 47 0.71 -14.97 -93.53
CA ALA W 47 -0.43 -14.18 -93.09
C ALA W 47 -1.18 -13.67 -94.31
N ILE W 48 -2.22 -12.87 -94.04
CA ILE W 48 -3.21 -12.43 -95.02
C ILE W 48 -3.67 -11.02 -94.66
N GLN W 49 -3.55 -10.06 -95.58
CA GLN W 49 -4.13 -8.75 -95.34
C GLN W 49 -5.61 -8.71 -95.69
N VAL W 50 -6.36 -7.90 -94.95
CA VAL W 50 -7.82 -7.84 -94.95
C VAL W 50 -8.23 -6.41 -94.60
N GLY W 51 -9.24 -5.84 -95.28
CA GLY W 51 -9.69 -4.49 -94.90
C GLY W 51 -11.13 -4.09 -95.17
N TYR W 52 -11.82 -3.43 -94.21
CA TYR W 52 -13.29 -3.29 -94.27
C TYR W 52 -13.77 -1.84 -94.15
N GLN W 53 -13.90 -1.14 -95.27
CA GLN W 53 -14.91 -0.10 -95.58
C GLN W 53 -14.66 0.43 -96.98
N ASP W 54 -15.45 1.40 -97.41
CA ASP W 54 -15.24 2.02 -98.70
C ASP W 54 -15.07 3.52 -98.51
N LYS W 55 -13.85 4.00 -98.68
CA LYS W 55 -13.59 5.43 -98.70
C LYS W 55 -14.17 6.05 -99.97
N ARG W 56 -14.32 7.36 -99.95
CA ARG W 56 -14.44 8.03 -101.23
C ARG W 56 -13.07 8.08 -101.88
N GLU W 57 -13.06 8.33 -103.18
CA GLU W 57 -11.79 8.41 -103.91
C GLU W 57 -11.03 9.70 -103.63
N VAL W 58 -11.68 10.68 -102.99
CA VAL W 58 -10.98 11.90 -102.61
C VAL W 58 -10.03 11.61 -101.45
N LEU W 59 -10.33 10.60 -100.65
CA LEU W 59 -9.69 10.39 -99.36
C LEU W 59 -8.62 9.31 -99.40
N SER W 60 -7.84 9.18 -100.46
CA SER W 60 -6.72 8.27 -100.43
C SER W 60 -5.60 8.84 -101.28
N ASN W 61 -4.59 8.03 -101.54
CA ASN W 61 -3.37 8.48 -102.16
C ASN W 61 -3.01 7.55 -103.30
N LYS W 62 -2.14 8.03 -104.19
CA LYS W 62 -1.61 7.16 -105.23
C LYS W 62 -0.84 5.93 -104.74
N PRO W 63 -0.16 5.92 -103.58
CA PRO W 63 0.32 4.61 -103.08
C PRO W 63 -0.78 3.68 -102.63
N ALA W 64 -1.83 4.21 -102.00
CA ALA W 64 -2.91 3.35 -101.54
C ALA W 64 -3.67 2.76 -102.72
N LYS W 65 -3.94 3.57 -103.74
CA LYS W 65 -4.65 3.06 -104.90
C LYS W 65 -3.76 2.21 -105.79
N GLY W 66 -2.44 2.25 -105.60
CA GLY W 66 -1.61 1.27 -106.25
C GLY W 66 -1.57 -0.03 -105.49
N HIS W 67 -1.65 0.05 -104.17
CA HIS W 67 -1.62 -1.16 -103.35
C HIS W 67 -2.91 -1.95 -103.44
N VAL W 68 -4.04 -1.26 -103.57
CA VAL W 68 -5.31 -1.95 -103.68
C VAL W 68 -5.47 -2.59 -105.05
N ALA W 69 -4.87 -2.00 -106.09
CA ALA W 69 -5.22 -2.25 -107.49
C ALA W 69 -4.95 -3.65 -108.04
N LYS W 70 -4.38 -4.56 -107.25
CA LYS W 70 -4.31 -5.95 -107.65
C LYS W 70 -5.43 -6.77 -107.05
N ALA W 71 -6.51 -6.12 -106.65
CA ALA W 71 -7.73 -6.80 -106.24
C ALA W 71 -8.97 -6.19 -106.86
N ASN W 72 -8.86 -5.01 -107.48
CA ASN W 72 -9.94 -4.31 -108.18
C ASN W 72 -11.11 -4.00 -107.26
N THR W 73 -10.82 -3.24 -106.20
CA THR W 73 -11.84 -2.69 -105.33
C THR W 73 -11.55 -1.22 -105.07
N ALA W 74 -12.47 -0.58 -104.36
CA ALA W 74 -12.27 0.76 -103.87
C ALA W 74 -11.20 0.75 -102.78
N PRO W 75 -10.57 1.89 -102.49
CA PRO W 75 -9.64 1.94 -101.36
C PRO W 75 -10.37 1.78 -100.04
N LYS W 76 -9.77 1.01 -99.14
CA LYS W 76 -10.42 0.53 -97.94
C LYS W 76 -9.64 1.00 -96.71
N ARG W 77 -10.36 1.24 -95.61
CA ARG W 77 -9.75 1.87 -94.45
C ARG W 77 -8.90 0.91 -93.62
N PHE W 78 -9.53 -0.07 -92.99
CA PHE W 78 -8.95 -0.71 -91.82
C PHE W 78 -8.19 -1.97 -92.23
N ILE W 79 -6.98 -1.78 -92.73
CA ILE W 79 -6.16 -2.90 -93.18
C ILE W 79 -5.46 -3.55 -91.99
N LYS W 80 -5.69 -4.85 -91.79
CA LYS W 80 -4.99 -5.62 -90.75
C LYS W 80 -4.60 -6.99 -91.29
N GLU W 81 -3.95 -7.79 -90.45
CA GLU W 81 -3.48 -9.11 -90.85
C GLU W 81 -4.17 -10.20 -90.02
N PHE W 82 -3.87 -11.45 -90.37
CA PHE W 82 -4.28 -12.60 -89.57
C PHE W 82 -3.19 -13.66 -89.64
N LYS W 83 -2.75 -14.10 -88.48
CA LYS W 83 -1.71 -15.11 -88.37
C LYS W 83 -2.34 -16.48 -88.17
N ASN W 84 -1.47 -17.50 -88.04
CA ASN W 84 -1.80 -18.83 -87.53
C ASN W 84 -2.79 -19.59 -88.41
N VAL W 85 -3.00 -19.15 -89.63
CA VAL W 85 -3.97 -19.77 -90.54
C VAL W 85 -3.21 -20.62 -91.54
N GLU W 86 -3.67 -21.86 -91.72
CA GLU W 86 -3.16 -22.67 -92.82
C GLU W 86 -3.81 -22.17 -94.10
N LEU W 87 -2.97 -21.73 -95.04
CA LEU W 87 -3.43 -20.93 -96.17
C LEU W 87 -4.36 -21.66 -97.10
N GLY W 88 -3.78 -22.51 -97.96
CA GLY W 88 -4.43 -23.01 -99.17
C GLY W 88 -5.27 -21.93 -99.83
N GLU W 89 -6.43 -22.32 -100.36
CA GLU W 89 -7.75 -21.80 -100.01
C GLU W 89 -7.90 -20.27 -99.92
N TYR W 90 -6.96 -19.49 -100.44
CA TYR W 90 -7.08 -18.03 -100.37
C TYR W 90 -6.44 -17.42 -101.61
N GLU W 91 -7.27 -16.98 -102.54
CA GLU W 91 -6.82 -16.21 -103.67
C GLU W 91 -6.75 -14.74 -103.28
N VAL W 92 -6.00 -13.98 -104.06
CA VAL W 92 -5.96 -12.53 -103.90
C VAL W 92 -7.27 -11.95 -104.40
N GLY W 93 -8.03 -11.35 -103.50
CA GLY W 93 -9.25 -10.67 -103.90
C GLY W 93 -10.53 -11.43 -103.64
N LYS W 94 -10.54 -12.39 -102.72
CA LYS W 94 -11.78 -13.10 -102.38
C LYS W 94 -12.67 -12.23 -101.50
N GLU W 95 -13.72 -12.83 -100.97
CA GLU W 95 -14.58 -12.19 -99.97
C GLU W 95 -14.85 -13.19 -98.87
N ILE W 96 -14.44 -12.85 -97.66
CA ILE W 96 -14.63 -13.72 -96.51
C ILE W 96 -15.91 -13.24 -95.84
N LYS W 97 -17.05 -13.76 -96.29
CA LYS W 97 -18.33 -13.24 -95.88
C LYS W 97 -18.67 -13.64 -94.46
N VAL W 98 -19.88 -13.27 -94.02
CA VAL W 98 -20.32 -13.53 -92.66
C VAL W 98 -20.70 -15.00 -92.47
N ASP W 99 -20.65 -15.79 -93.54
CA ASP W 99 -21.01 -17.21 -93.51
C ASP W 99 -20.08 -18.05 -92.65
N VAL W 100 -18.92 -17.52 -92.26
CA VAL W 100 -17.87 -18.37 -91.73
C VAL W 100 -18.16 -18.75 -90.28
N PHE W 101 -18.90 -17.94 -89.55
CA PHE W 101 -19.10 -18.14 -88.12
C PHE W 101 -20.49 -18.65 -87.77
N GLN W 102 -21.04 -19.57 -88.55
CA GLN W 102 -22.39 -20.06 -88.28
C GLN W 102 -22.45 -20.85 -86.99
N ALA W 103 -21.55 -21.81 -86.82
CA ALA W 103 -21.50 -22.62 -85.62
C ALA W 103 -20.14 -22.53 -84.93
N GLY W 104 -19.49 -21.37 -85.03
CA GLY W 104 -18.20 -21.20 -84.39
C GLY W 104 -18.31 -21.15 -82.87
N ASP W 105 -19.16 -20.26 -82.36
CA ASP W 105 -19.73 -20.30 -81.02
C ASP W 105 -18.74 -20.08 -79.87
N VAL W 106 -17.44 -20.04 -80.14
CA VAL W 106 -16.44 -19.77 -79.11
C VAL W 106 -15.44 -18.84 -79.76
N VAL W 107 -15.37 -17.60 -79.29
CA VAL W 107 -14.84 -16.49 -80.05
C VAL W 107 -14.10 -15.52 -79.15
N ASP W 108 -12.95 -15.03 -79.62
CA ASP W 108 -12.21 -13.96 -78.96
C ASP W 108 -12.52 -12.63 -79.62
N VAL W 109 -12.98 -11.65 -78.84
CA VAL W 109 -13.40 -10.35 -79.33
C VAL W 109 -12.39 -9.32 -78.88
N THR W 110 -11.71 -8.67 -79.83
CA THR W 110 -10.57 -7.79 -79.52
C THR W 110 -10.85 -6.36 -79.96
N GLY W 111 -11.49 -5.58 -79.12
CA GLY W 111 -11.77 -4.19 -79.42
C GLY W 111 -10.63 -3.27 -79.07
N THR W 112 -10.93 -1.98 -78.97
CA THR W 112 -10.07 -0.98 -78.34
C THR W 112 -10.96 -0.15 -77.42
N THR W 113 -10.45 0.17 -76.24
CA THR W 113 -11.29 0.68 -75.16
C THR W 113 -11.69 2.13 -75.41
N LYS W 114 -12.44 2.70 -74.47
CA LYS W 114 -12.77 4.12 -74.53
C LYS W 114 -11.59 4.96 -74.04
N GLY W 115 -11.84 6.24 -73.81
CA GLY W 115 -10.84 7.13 -73.27
C GLY W 115 -11.49 8.07 -72.29
N LYS W 116 -10.80 8.41 -71.20
CA LYS W 116 -11.43 9.14 -70.11
C LYS W 116 -10.56 10.27 -69.59
N GLY W 117 -9.52 10.67 -70.34
CA GLY W 117 -8.68 11.80 -69.98
C GLY W 117 -7.76 11.48 -68.80
N PHE W 118 -7.18 12.55 -68.24
CA PHE W 118 -6.62 12.44 -66.91
C PHE W 118 -7.70 12.08 -65.91
N GLN W 119 -7.39 11.13 -65.04
CA GLN W 119 -8.21 10.81 -63.89
C GLN W 119 -7.32 10.54 -62.70
N GLY W 120 -7.94 10.33 -61.55
CA GLY W 120 -7.21 10.19 -60.31
C GLY W 120 -6.54 8.86 -60.17
N ALA W 121 -5.80 8.70 -59.08
CA ALA W 121 -5.13 7.45 -58.85
C ALA W 121 -6.06 6.37 -58.33
N ILE W 122 -7.29 6.71 -57.98
CA ILE W 122 -8.24 5.69 -57.58
C ILE W 122 -8.82 4.98 -58.80
N LYS W 123 -9.36 5.75 -59.74
CA LYS W 123 -10.15 5.19 -60.83
C LYS W 123 -9.34 4.35 -61.80
N ARG W 124 -8.02 4.43 -61.77
CA ARG W 124 -7.26 3.46 -62.54
C ARG W 124 -7.14 2.15 -61.81
N HIS W 125 -6.90 2.18 -60.51
CA HIS W 125 -6.41 1.01 -59.83
C HIS W 125 -7.22 0.58 -58.63
N GLY W 126 -8.26 1.31 -58.26
CA GLY W 126 -9.10 0.87 -57.17
C GLY W 126 -8.48 1.01 -55.80
N GLN W 127 -7.48 1.88 -55.65
CA GLN W 127 -6.90 2.15 -54.35
C GLN W 127 -7.92 2.85 -53.47
N SER W 128 -8.00 2.44 -52.22
CA SER W 128 -9.05 2.98 -51.38
C SER W 128 -8.66 4.34 -50.85
N ARG W 129 -9.63 5.02 -50.27
CA ARG W 129 -9.47 6.39 -49.79
C ARG W 129 -8.75 6.43 -48.46
N GLY W 130 -8.76 7.59 -47.85
CA GLY W 130 -8.52 7.73 -46.44
C GLY W 130 -9.78 8.27 -45.82
N PRO W 131 -9.78 8.49 -44.51
CA PRO W 131 -11.01 8.88 -43.83
C PRO W 131 -11.42 10.32 -44.14
N MET W 132 -12.72 10.51 -44.29
CA MET W 132 -13.30 11.80 -44.67
C MET W 132 -13.65 12.67 -43.48
N SER W 133 -13.47 12.17 -42.27
CA SER W 133 -13.72 12.99 -41.09
C SER W 133 -12.76 12.53 -40.00
N HIS W 134 -13.10 12.88 -38.75
CA HIS W 134 -12.22 12.75 -37.59
C HIS W 134 -10.90 13.46 -37.84
N GLY W 135 -11.00 14.69 -38.30
CA GLY W 135 -9.89 15.60 -38.32
C GLY W 135 -8.86 15.39 -39.41
N SER W 136 -9.07 14.46 -40.32
CA SER W 136 -8.00 14.16 -41.25
C SER W 136 -7.99 15.15 -42.40
N ARG W 137 -6.98 15.01 -43.26
CA ARG W 137 -6.80 15.80 -44.46
C ARG W 137 -6.31 14.94 -45.61
N TYR W 138 -6.67 13.67 -45.62
CA TYR W 138 -6.07 12.72 -46.55
C TYR W 138 -7.15 12.01 -47.33
N HIS W 139 -7.99 12.80 -47.98
CA HIS W 139 -9.18 12.25 -48.63
C HIS W 139 -8.83 11.31 -49.77
N ARG W 140 -8.15 11.81 -50.80
CA ARG W 140 -8.11 11.11 -52.09
C ARG W 140 -6.69 11.11 -52.68
N ARG W 141 -5.73 10.65 -51.91
CA ARG W 141 -4.34 10.77 -52.32
C ARG W 141 -3.75 9.42 -52.75
N PRO W 142 -2.66 9.42 -53.54
CA PRO W 142 -2.15 8.14 -54.04
C PRO W 142 -1.21 7.39 -53.12
N GLY W 143 -1.18 7.69 -51.83
CA GLY W 143 -0.40 6.87 -50.92
C GLY W 143 0.97 7.41 -50.61
N SER W 144 1.91 6.54 -50.31
CA SER W 144 3.28 6.94 -50.03
C SER W 144 4.21 6.28 -51.04
N MET W 145 5.28 6.97 -51.34
CA MET W 145 6.13 6.59 -52.45
C MET W 145 7.07 5.43 -52.15
N GLY W 146 7.10 4.93 -50.92
CA GLY W 146 7.95 3.81 -50.61
C GLY W 146 8.75 3.98 -49.33
N PRO W 147 9.81 3.21 -49.18
CA PRO W 147 10.65 3.29 -47.99
C PRO W 147 11.68 4.41 -48.14
N VAL W 148 12.55 4.51 -47.15
CA VAL W 148 13.52 5.58 -47.05
C VAL W 148 14.90 5.14 -47.52
N ALA W 149 15.30 3.94 -47.12
CA ALA W 149 16.64 3.41 -47.40
C ALA W 149 17.14 3.46 -48.84
N PRO W 150 16.37 3.19 -49.90
CA PRO W 150 17.01 3.13 -51.22
C PRO W 150 17.30 4.47 -51.86
N ASN W 151 16.88 5.60 -51.27
CA ASN W 151 17.14 6.96 -51.77
C ASN W 151 16.61 7.20 -53.18
N ARG W 152 15.56 6.49 -53.56
CA ARG W 152 14.97 6.63 -54.88
C ARG W 152 13.53 6.14 -54.79
N VAL W 153 12.85 6.06 -55.92
CA VAL W 153 11.51 5.49 -55.99
C VAL W 153 11.56 4.33 -56.95
N PHE W 154 11.02 3.18 -56.54
CA PHE W 154 10.98 2.02 -57.40
C PHE W 154 10.05 2.24 -58.58
N LYS W 155 10.23 1.42 -59.61
CA LYS W 155 9.34 1.51 -60.75
C LYS W 155 8.05 0.74 -60.48
N ASN W 156 7.04 1.07 -61.28
CA ASN W 156 5.64 0.66 -61.10
C ASN W 156 5.16 1.00 -59.69
N LYS W 157 5.17 2.27 -59.39
CA LYS W 157 4.35 2.82 -58.33
C LYS W 157 3.35 3.66 -59.10
N ARG W 158 2.13 3.16 -59.20
CA ARG W 158 1.19 3.73 -60.15
C ARG W 158 0.60 5.05 -59.68
N LEU W 159 0.50 5.99 -60.61
CA LEU W 159 0.04 7.34 -60.34
C LEU W 159 -0.96 7.71 -61.44
N ALA W 160 -1.27 9.00 -61.55
CA ALA W 160 -2.14 9.48 -62.60
C ALA W 160 -1.48 9.33 -63.97
N GLY W 161 -2.31 9.34 -65.02
CA GLY W 161 -1.92 9.06 -66.39
C GLY W 161 -3.02 8.31 -67.14
N ARG W 162 -3.37 8.82 -68.33
CA ARG W 162 -4.68 8.68 -69.02
C ARG W 162 -5.32 7.30 -68.99
N MET W 163 -6.60 7.27 -68.65
CA MET W 163 -7.41 6.06 -68.69
C MET W 163 -7.80 5.70 -70.11
N GLY W 164 -7.50 4.48 -70.51
CA GLY W 164 -8.08 3.93 -71.72
C GLY W 164 -7.40 4.39 -72.99
N GLY W 165 -7.66 3.65 -74.07
CA GLY W 165 -6.99 3.86 -75.33
C GLY W 165 -6.20 2.66 -75.80
N ASP W 166 -6.14 1.59 -75.03
CA ASP W 166 -5.39 0.40 -75.36
C ASP W 166 -6.33 -0.77 -75.63
N ARG W 167 -5.85 -1.77 -76.33
CA ARG W 167 -6.73 -2.76 -76.93
C ARG W 167 -6.77 -4.02 -76.08
N VAL W 168 -7.98 -4.59 -75.95
CA VAL W 168 -8.32 -5.57 -74.93
C VAL W 168 -9.13 -6.69 -75.57
N THR W 169 -8.66 -7.93 -75.45
CA THR W 169 -9.44 -9.06 -75.89
C THR W 169 -10.34 -9.54 -74.77
N ILE W 170 -11.39 -10.27 -75.14
CA ILE W 170 -12.22 -11.02 -74.21
C ILE W 170 -12.40 -12.41 -74.79
N GLN W 171 -12.19 -13.44 -73.98
CA GLN W 171 -12.13 -14.79 -74.46
C GLN W 171 -13.45 -15.53 -74.25
N ASN W 172 -13.74 -16.46 -75.16
CA ASN W 172 -14.75 -17.51 -75.02
C ASN W 172 -16.16 -16.96 -74.87
N LEU W 173 -16.61 -16.25 -75.89
CA LEU W 173 -18.00 -15.81 -75.98
C LEU W 173 -18.76 -16.65 -77.00
N GLU W 174 -20.08 -16.57 -76.95
CA GLU W 174 -20.93 -17.37 -77.82
C GLU W 174 -21.49 -16.53 -78.96
N VAL W 175 -21.97 -17.22 -79.99
CA VAL W 175 -22.61 -16.61 -81.14
C VAL W 175 -24.06 -17.04 -81.14
N VAL W 176 -24.95 -16.10 -81.46
CA VAL W 176 -26.40 -16.33 -81.38
C VAL W 176 -27.02 -16.50 -82.76
N LYS W 177 -26.82 -15.52 -83.64
CA LYS W 177 -27.32 -15.58 -85.01
C LYS W 177 -26.23 -15.19 -85.99
N VAL W 178 -26.42 -15.58 -87.24
CA VAL W 178 -25.64 -15.09 -88.36
C VAL W 178 -26.64 -14.69 -89.44
N ASP W 179 -26.78 -13.40 -89.68
CA ASP W 179 -27.77 -12.89 -90.62
C ASP W 179 -27.02 -12.42 -91.85
N VAL W 180 -26.97 -13.29 -92.87
CA VAL W 180 -26.13 -13.03 -94.04
C VAL W 180 -26.70 -11.91 -94.87
N GLU W 181 -28.02 -11.84 -94.97
CA GLU W 181 -28.70 -10.86 -95.81
C GLU W 181 -28.64 -9.46 -95.24
N ARG W 182 -28.31 -9.31 -93.95
CA ARG W 182 -28.18 -8.01 -93.33
C ARG W 182 -26.79 -7.75 -92.80
N ASN W 183 -25.88 -8.73 -92.90
CA ASN W 183 -24.47 -8.65 -92.50
C ASN W 183 -24.33 -8.31 -91.02
N VAL W 184 -24.81 -9.22 -90.17
CA VAL W 184 -24.84 -9.00 -88.73
C VAL W 184 -24.50 -10.30 -88.02
N ILE W 185 -23.51 -10.25 -87.12
CA ILE W 185 -23.31 -11.31 -86.12
C ILE W 185 -23.82 -10.79 -84.80
N LEU W 186 -24.51 -11.64 -84.04
CA LEU W 186 -24.97 -11.32 -82.70
C LEU W 186 -24.15 -12.11 -81.69
N ILE W 187 -23.70 -11.43 -80.63
CA ILE W 187 -22.77 -12.00 -79.65
C ILE W 187 -23.38 -11.81 -78.26
N LYS W 188 -23.30 -12.85 -77.42
CA LYS W 188 -23.63 -12.67 -76.01
C LYS W 188 -22.60 -11.80 -75.33
N GLY W 189 -23.06 -10.96 -74.42
CA GLY W 189 -22.11 -10.29 -73.54
C GLY W 189 -21.72 -8.87 -73.89
N ASN W 190 -20.45 -8.56 -73.76
CA ASN W 190 -20.00 -7.18 -73.69
C ASN W 190 -18.71 -7.02 -74.47
N ILE W 191 -18.69 -6.10 -75.41
CA ILE W 191 -17.54 -5.86 -76.28
C ILE W 191 -16.89 -4.55 -75.85
N PRO W 192 -15.57 -4.53 -75.67
CA PRO W 192 -14.87 -3.26 -75.42
C PRO W 192 -14.81 -2.42 -76.69
N GLY W 193 -15.42 -1.25 -76.63
CA GLY W 193 -15.30 -0.35 -77.75
C GLY W 193 -16.29 0.79 -77.75
N ALA W 194 -15.88 1.94 -78.26
CA ALA W 194 -16.85 2.94 -78.60
C ALA W 194 -17.58 2.52 -79.86
N LYS W 195 -18.70 3.19 -80.13
CA LYS W 195 -19.47 2.88 -81.32
C LYS W 195 -18.69 3.31 -82.56
N LYS W 196 -19.01 2.67 -83.68
CA LYS W 196 -18.43 2.90 -85.01
C LYS W 196 -16.95 2.55 -85.08
N SER W 197 -16.44 1.77 -84.13
CA SER W 197 -15.02 1.48 -84.06
C SER W 197 -14.70 0.20 -84.82
N LEU W 198 -13.51 -0.36 -84.62
CA LEU W 198 -13.22 -1.70 -85.12
C LEU W 198 -13.46 -2.75 -84.05
N ILE W 199 -13.78 -3.95 -84.50
CA ILE W 199 -13.86 -5.16 -83.67
C ILE W 199 -13.33 -6.30 -84.51
N THR W 200 -12.30 -6.99 -84.05
CA THR W 200 -11.88 -8.20 -84.74
C THR W 200 -12.54 -9.37 -84.04
N ILE W 201 -12.92 -10.38 -84.82
CA ILE W 201 -13.62 -11.55 -84.31
C ILE W 201 -12.91 -12.77 -84.87
N LYS W 202 -12.42 -13.64 -83.98
CA LYS W 202 -11.67 -14.81 -84.40
C LYS W 202 -12.20 -16.05 -83.71
N SER W 203 -11.88 -17.21 -84.28
CA SER W 203 -12.10 -18.46 -83.59
C SER W 203 -11.10 -18.55 -82.46
N ALA W 204 -11.56 -18.92 -81.28
CA ALA W 204 -10.76 -18.72 -80.08
C ALA W 204 -9.60 -19.70 -80.01
N VAL W 205 -8.58 -19.29 -79.25
CA VAL W 205 -7.35 -20.06 -79.17
C VAL W 205 -7.48 -21.20 -78.16
N LYS W 206 -8.21 -20.99 -77.08
CA LYS W 206 -8.22 -21.91 -75.96
C LYS W 206 -9.31 -22.97 -76.08
N ALA W 207 -9.67 -23.34 -77.31
CA ALA W 207 -10.61 -24.42 -77.65
C ALA W 207 -11.98 -24.27 -76.98
N PRO X 1 93.71 75.46 -43.02
CA PRO X 1 92.86 76.64 -42.83
C PRO X 1 93.54 77.95 -43.26
N ASN X 2 93.61 78.17 -44.57
CA ASN X 2 94.08 79.43 -45.14
C ASN X 2 93.14 79.81 -46.27
N VAL X 3 92.36 80.88 -46.06
CA VAL X 3 91.34 81.30 -47.00
C VAL X 3 91.65 82.72 -47.45
N ALA X 4 91.63 82.95 -48.76
CA ALA X 4 91.98 84.25 -49.31
C ALA X 4 90.92 85.30 -48.98
N LEU X 5 91.24 86.56 -49.28
CA LEU X 5 90.37 87.69 -48.99
C LEU X 5 90.11 88.52 -50.24
N PHE X 6 88.85 88.94 -50.39
CA PHE X 6 88.38 89.74 -51.49
C PHE X 6 87.71 90.98 -50.92
N LYS X 7 87.72 92.08 -51.68
CA LYS X 7 87.29 93.37 -51.13
C LYS X 7 85.81 93.63 -51.41
N GLN X 8 85.51 93.93 -52.64
CA GLN X 8 84.27 93.77 -53.39
C GLN X 8 84.58 93.16 -54.73
N ASP X 9 85.70 93.54 -55.32
CA ASP X 9 86.30 92.88 -56.46
C ASP X 9 87.82 92.79 -56.38
N GLY X 10 88.48 93.64 -55.60
CA GLY X 10 89.92 93.53 -55.41
C GLY X 10 90.29 92.24 -54.70
N THR X 11 91.47 91.74 -55.00
CA THR X 11 91.73 90.32 -54.91
C THR X 11 92.95 90.03 -54.07
N GLN X 12 92.81 89.07 -53.15
CA GLN X 12 93.93 88.37 -52.50
C GLN X 12 94.84 89.30 -51.70
N ASN X 13 94.27 89.79 -50.60
CA ASN X 13 95.09 90.26 -49.49
C ASN X 13 95.60 89.07 -48.68
N GLY X 14 96.03 89.31 -47.45
CA GLY X 14 96.51 88.26 -46.57
C GLY X 14 95.47 87.22 -46.26
N GLU X 15 95.83 85.95 -46.40
CA GLU X 15 94.87 84.87 -46.20
C GLU X 15 94.61 84.67 -44.71
N ILE X 16 93.33 84.66 -44.35
CA ILE X 16 92.95 84.48 -42.96
C ILE X 16 93.25 83.05 -42.52
N THR X 17 93.93 82.92 -41.37
CA THR X 17 94.11 81.64 -40.73
C THR X 17 92.98 81.39 -39.75
N LEU X 18 92.62 80.11 -39.60
CA LEU X 18 91.48 79.71 -38.80
C LEU X 18 91.90 78.65 -37.78
N ASN X 19 91.10 78.52 -36.72
CA ASN X 19 91.43 77.60 -35.64
C ASN X 19 91.33 76.16 -36.10
N GLU X 20 92.42 75.42 -35.93
CA GLU X 20 92.43 74.01 -36.25
C GLU X 20 91.63 73.17 -35.27
N GLU X 21 91.22 73.75 -34.14
CA GLU X 21 90.28 73.06 -33.27
C GLU X 21 88.91 72.94 -33.94
N ILE X 22 88.57 73.88 -34.81
CA ILE X 22 87.27 73.90 -35.47
C ILE X 22 87.38 73.41 -36.91
N PHE X 23 88.19 74.07 -37.72
CA PHE X 23 88.11 73.94 -39.16
C PHE X 23 89.07 72.90 -39.73
N GLY X 24 89.50 71.93 -38.94
CA GLY X 24 90.42 70.93 -39.46
C GLY X 24 90.29 69.51 -38.94
N ILE X 25 89.09 69.04 -38.58
CA ILE X 25 89.00 67.97 -37.61
C ILE X 25 88.41 66.67 -38.17
N GLU X 26 88.49 66.44 -39.50
CA GLU X 26 88.14 65.18 -40.16
C GLU X 26 86.76 64.63 -39.83
N PRO X 27 85.72 65.11 -40.52
CA PRO X 27 84.34 64.98 -40.04
C PRO X 27 83.85 63.55 -39.88
N ASN X 28 83.17 63.30 -38.76
CA ASN X 28 82.42 62.06 -38.61
C ASN X 28 81.17 62.11 -39.46
N GLU X 29 80.79 60.96 -40.00
CA GLU X 29 79.69 60.95 -40.94
C GLU X 29 78.37 60.54 -40.32
N SER X 30 78.38 59.62 -39.37
CA SER X 30 77.14 59.19 -38.74
C SER X 30 76.58 60.27 -37.82
N VAL X 31 77.46 61.10 -37.24
CA VAL X 31 77.02 62.19 -36.38
C VAL X 31 76.24 63.22 -37.19
N VAL X 32 76.76 63.58 -38.36
CA VAL X 32 76.09 64.56 -39.22
C VAL X 32 74.77 64.00 -39.73
N TYR X 33 74.75 62.69 -40.02
CA TYR X 33 73.52 62.01 -40.42
C TYR X 33 72.45 62.14 -39.35
N ASP X 34 72.80 61.79 -38.12
CA ASP X 34 71.76 61.85 -37.09
C ASP X 34 71.44 63.27 -36.68
N ALA X 35 72.36 64.20 -36.88
CA ALA X 35 72.06 65.60 -36.63
C ALA X 35 71.05 66.14 -37.65
N ILE X 36 71.20 65.74 -38.92
CA ILE X 36 70.26 66.18 -39.95
C ILE X 36 68.88 65.56 -39.71
N ILE X 37 68.83 64.28 -39.35
CA ILE X 37 67.51 63.67 -39.15
C ILE X 37 66.85 64.18 -37.86
N MET X 38 67.63 64.42 -36.81
CA MET X 38 67.06 65.01 -35.60
C MET X 38 66.58 66.43 -35.84
N GLN X 39 67.28 67.19 -36.68
CA GLN X 39 66.81 68.54 -36.95
C GLN X 39 65.56 68.53 -37.80
N ARG X 40 65.60 67.86 -38.94
CA ARG X 40 64.48 67.93 -39.87
C ARG X 40 63.26 67.17 -39.34
N ALA X 41 63.46 66.23 -38.44
CA ALA X 41 62.33 65.58 -37.80
C ALA X 41 61.81 66.34 -36.59
N SER X 42 62.44 67.45 -36.23
CA SER X 42 61.94 68.27 -35.14
C SER X 42 61.07 69.42 -35.60
N LEU X 43 60.77 69.49 -36.89
CA LEU X 43 59.98 70.58 -37.44
C LEU X 43 58.51 70.26 -37.56
N ARG X 44 58.05 69.11 -37.09
CA ARG X 44 56.67 68.74 -37.33
C ARG X 44 55.75 69.44 -36.36
N GLN X 45 54.64 69.96 -36.88
CA GLN X 45 53.48 70.01 -36.04
C GLN X 45 52.90 68.62 -35.93
N GLY X 46 52.31 68.31 -34.78
CA GLY X 46 51.73 67.01 -34.57
C GLY X 46 50.23 67.01 -34.67
N THR X 47 49.62 68.07 -35.16
CA THR X 47 48.18 68.26 -35.02
C THR X 47 47.43 67.43 -36.04
N HIS X 48 46.97 66.25 -35.64
CA HIS X 48 46.13 65.39 -36.46
C HIS X 48 45.44 64.36 -35.56
N ALA X 49 44.14 64.16 -35.77
CA ALA X 49 43.35 63.34 -34.88
C ALA X 49 42.25 62.64 -35.65
N VAL X 50 41.68 61.60 -35.03
CA VAL X 50 40.67 60.73 -35.64
C VAL X 50 39.71 60.27 -34.55
N LYS X 51 38.41 60.41 -34.78
CA LYS X 51 37.43 59.95 -33.81
C LYS X 51 37.35 58.42 -33.77
N ASN X 52 36.99 57.89 -32.60
CA ASN X 52 36.70 56.47 -32.45
C ASN X 52 35.32 56.25 -31.83
N ARG X 53 35.03 55.03 -31.39
CA ARG X 53 33.66 54.58 -31.14
C ARG X 53 32.95 55.36 -30.05
N SER X 54 33.69 55.84 -29.05
CA SER X 54 33.05 56.62 -28.00
C SER X 54 32.93 58.08 -28.37
N ALA X 55 33.50 58.52 -29.49
CA ALA X 55 33.46 59.91 -29.89
C ALA X 55 32.61 60.18 -31.12
N VAL X 56 32.23 59.14 -31.87
CA VAL X 56 31.35 59.30 -33.02
C VAL X 56 29.95 59.62 -32.51
N ARG X 57 29.33 60.67 -33.06
CA ARG X 57 28.05 61.13 -32.54
C ARG X 57 26.98 60.15 -32.97
N GLY X 58 26.84 59.09 -32.20
CA GLY X 58 25.91 58.03 -32.51
C GLY X 58 25.06 57.68 -31.31
N GLY X 59 24.64 56.41 -31.28
CA GLY X 59 23.76 55.93 -30.25
C GLY X 59 24.33 54.68 -29.61
N GLY X 60 23.67 54.27 -28.53
CA GLY X 60 24.17 53.19 -27.71
C GLY X 60 23.16 52.13 -27.36
N ARG X 61 22.34 51.74 -28.32
CA ARG X 61 21.41 50.64 -28.11
C ARG X 61 21.52 49.65 -29.26
N LYS X 62 21.51 48.36 -28.91
CA LYS X 62 21.23 47.27 -29.83
C LYS X 62 19.99 47.58 -30.65
N PRO X 63 20.11 47.73 -31.96
CA PRO X 63 18.91 47.94 -32.77
C PRO X 63 18.06 46.70 -32.90
N TRP X 64 18.64 45.52 -32.71
CA TRP X 64 18.05 44.24 -33.05
C TRP X 64 17.85 43.44 -31.77
N ARG X 65 17.57 42.15 -31.91
CA ARG X 65 17.74 41.22 -30.80
C ARG X 65 18.91 40.29 -31.09
N GLN X 66 19.30 39.55 -30.05
CA GLN X 66 20.33 38.55 -30.20
C GLN X 66 19.80 37.32 -30.92
N LYS X 67 18.50 37.04 -30.79
CA LYS X 67 17.87 35.89 -31.41
C LYS X 67 16.64 36.31 -32.21
N GLY X 68 16.12 35.36 -32.97
CA GLY X 68 14.87 35.53 -33.71
C GLY X 68 15.04 36.04 -35.14
N THR X 69 15.91 37.03 -35.33
CA THR X 69 16.04 37.66 -36.64
C THR X 69 16.77 36.77 -37.63
N GLY X 70 17.69 35.94 -37.17
CA GLY X 70 18.45 35.10 -38.06
C GLY X 70 19.63 35.77 -38.72
N ARG X 71 19.82 37.06 -38.50
CA ARG X 71 20.98 37.79 -38.98
C ARG X 71 22.04 37.79 -37.87
N ALA X 72 23.26 38.19 -38.22
CA ALA X 72 24.35 38.27 -37.25
C ALA X 72 24.06 39.34 -36.20
N ARG X 73 24.79 39.24 -35.09
CA ARG X 73 24.47 39.96 -33.87
C ARG X 73 25.27 41.27 -33.79
N GLN X 74 24.58 42.36 -33.45
CA GLN X 74 25.19 43.68 -33.41
C GLN X 74 24.94 44.34 -32.06
N GLY X 75 25.89 45.18 -31.66
CA GLY X 75 25.79 45.88 -30.40
C GLY X 75 25.38 47.32 -30.56
N SER X 76 25.95 48.00 -31.54
CA SER X 76 25.61 49.38 -31.79
C SER X 76 25.83 49.68 -33.27
N ILE X 77 25.23 50.78 -33.71
CA ILE X 77 25.27 51.17 -35.12
C ILE X 77 26.69 51.53 -35.51
N ARG X 78 27.45 52.16 -34.63
CA ARG X 78 28.70 52.81 -34.97
C ARG X 78 29.84 52.08 -34.28
N SER X 79 30.60 51.36 -35.08
CA SER X 79 31.61 50.40 -34.67
C SER X 79 32.31 49.94 -35.94
N PRO X 80 33.61 49.60 -35.88
CA PRO X 80 34.50 49.87 -37.03
C PRO X 80 34.19 49.15 -38.32
N GLN X 81 33.30 48.16 -38.31
CA GLN X 81 32.97 47.40 -39.51
C GLN X 81 31.88 48.04 -40.33
N TRP X 82 31.08 48.92 -39.77
CA TRP X 82 30.00 49.58 -40.47
C TRP X 82 30.56 50.66 -41.38
N ARG X 83 29.68 51.30 -42.16
CA ARG X 83 30.08 52.56 -42.75
C ARG X 83 29.66 53.66 -41.78
N GLY X 84 30.44 54.73 -41.76
CA GLY X 84 30.20 55.77 -40.79
C GLY X 84 30.52 55.42 -39.37
N GLY X 85 31.20 54.31 -39.12
CA GLY X 85 31.58 53.95 -37.78
C GLY X 85 32.89 54.60 -37.39
N GLY X 86 33.30 54.33 -36.16
CA GLY X 86 34.57 54.83 -35.67
C GLY X 86 35.73 54.08 -36.28
N VAL X 87 36.93 54.56 -35.96
CA VAL X 87 38.15 54.01 -36.50
C VAL X 87 38.96 53.42 -35.37
N VAL X 88 39.51 52.23 -35.57
CA VAL X 88 40.40 51.62 -34.60
C VAL X 88 41.83 52.04 -34.90
N PHE X 89 42.50 52.56 -33.85
CA PHE X 89 43.91 52.96 -33.85
C PHE X 89 44.20 54.01 -34.91
N GLY X 90 43.59 55.17 -34.75
CA GLY X 90 43.86 56.27 -35.63
C GLY X 90 45.10 57.03 -35.19
N PRO X 91 45.56 57.96 -36.03
CA PRO X 91 46.69 58.80 -35.63
C PRO X 91 46.25 59.91 -34.69
N THR X 92 47.03 60.10 -33.63
CA THR X 92 46.74 60.99 -32.52
C THR X 92 47.86 62.04 -32.41
N PRO X 93 47.61 63.19 -31.75
CA PRO X 93 48.65 64.23 -31.70
C PRO X 93 49.86 63.83 -30.87
N ARG X 94 51.04 63.91 -31.50
CA ARG X 94 52.31 63.60 -30.87
C ARG X 94 53.23 64.80 -31.03
N SER X 95 54.52 64.65 -30.75
CA SER X 95 55.41 65.80 -30.85
C SER X 95 56.76 65.55 -31.50
N TYR X 96 57.22 64.31 -31.65
CA TYR X 96 58.32 63.91 -32.53
C TYR X 96 59.70 64.51 -32.24
N SER X 97 59.86 65.28 -31.17
CA SER X 97 61.12 65.97 -30.93
C SER X 97 61.93 65.22 -29.89
N TYR X 98 63.26 65.36 -29.99
CA TYR X 98 64.17 64.71 -29.06
C TYR X 98 65.54 65.36 -29.19
N LYS X 99 66.26 65.48 -28.07
CA LYS X 99 67.51 66.23 -28.03
C LYS X 99 68.69 65.32 -27.74
N LEU X 100 69.73 65.44 -28.56
CA LEU X 100 70.96 64.68 -28.41
C LEU X 100 71.77 65.21 -27.21
N PRO X 101 72.85 64.52 -26.82
CA PRO X 101 73.75 65.12 -25.82
C PRO X 101 74.51 66.33 -26.35
N LYS X 102 75.10 67.08 -25.42
CA LYS X 102 75.76 68.34 -25.75
C LYS X 102 77.22 68.18 -26.12
N LYS X 103 77.63 67.03 -26.63
CA LYS X 103 78.92 66.94 -27.30
C LYS X 103 78.77 66.71 -28.78
N VAL X 104 77.76 65.93 -29.18
CA VAL X 104 77.60 65.61 -30.58
C VAL X 104 77.08 66.79 -31.37
N ARG X 105 76.43 67.76 -30.72
CA ARG X 105 75.95 68.95 -31.43
C ARG X 105 77.12 69.79 -31.92
N ARG X 106 78.06 70.09 -31.02
CA ARG X 106 79.24 70.83 -31.44
C ARG X 106 80.16 69.98 -32.31
N LEU X 107 80.16 68.66 -32.13
CA LEU X 107 80.92 67.81 -33.04
C LEU X 107 80.37 67.90 -34.45
N ALA X 108 79.05 68.00 -34.58
CA ALA X 108 78.42 68.15 -35.88
C ALA X 108 78.78 69.47 -36.52
N MET X 109 78.73 70.57 -35.75
CA MET X 109 79.05 71.89 -36.28
C MET X 109 80.50 71.96 -36.76
N LYS X 110 81.44 71.46 -35.94
CA LYS X 110 82.85 71.45 -36.32
C LYS X 110 83.09 70.57 -37.54
N SER X 111 82.39 69.45 -37.61
CA SER X 111 82.60 68.50 -38.70
C SER X 111 82.11 69.07 -40.02
N VAL X 112 80.95 69.72 -40.02
CA VAL X 112 80.41 70.35 -41.22
C VAL X 112 81.31 71.48 -41.70
N LEU X 113 81.76 72.34 -40.78
CA LEU X 113 82.57 73.48 -41.22
C LEU X 113 83.95 73.06 -41.68
N SER X 114 84.53 72.02 -41.08
CA SER X 114 85.80 71.51 -41.59
C SER X 114 85.63 70.85 -42.94
N ASP X 115 84.47 70.23 -43.17
CA ASP X 115 84.16 69.67 -44.48
C ASP X 115 84.12 70.75 -45.54
N LYS X 116 83.48 71.88 -45.24
CA LYS X 116 83.44 72.94 -46.25
C LYS X 116 84.76 73.69 -46.40
N VAL X 117 85.62 73.69 -45.39
CA VAL X 117 86.95 74.24 -45.59
C VAL X 117 87.76 73.38 -46.53
N ALA X 118 87.73 72.05 -46.32
CA ALA X 118 88.61 71.16 -47.06
C ALA X 118 88.30 71.08 -48.55
N GLU X 119 87.13 71.54 -48.98
CA GLU X 119 86.77 71.57 -50.39
C GLU X 119 86.67 72.99 -50.94
N ASN X 120 87.19 73.98 -50.20
CA ASN X 120 87.38 75.36 -50.65
C ASN X 120 86.06 76.02 -51.04
N ASN X 121 85.13 76.04 -50.09
CA ASN X 121 83.82 76.60 -50.34
C ASN X 121 83.48 77.74 -49.38
N LEU X 122 84.39 78.08 -48.48
CA LEU X 122 84.33 79.35 -47.78
C LEU X 122 85.09 80.39 -48.60
N VAL X 123 84.39 81.44 -48.99
CA VAL X 123 85.01 82.58 -49.65
C VAL X 123 84.81 83.77 -48.71
N ALA X 124 85.89 84.19 -48.05
CA ALA X 124 85.79 85.20 -47.01
C ALA X 124 85.92 86.58 -47.63
N VAL X 125 84.93 87.41 -47.41
CA VAL X 125 84.94 88.78 -47.89
C VAL X 125 85.38 89.68 -46.74
N GLU X 126 86.18 90.69 -47.04
CA GLU X 126 86.72 91.54 -45.98
C GLU X 126 85.64 92.39 -45.31
N GLY X 127 84.55 92.67 -46.01
CA GLY X 127 83.49 93.43 -45.39
C GLY X 127 82.47 93.95 -46.38
N LEU X 128 81.20 93.84 -46.04
CA LEU X 128 80.12 94.19 -46.97
C LEU X 128 79.43 95.46 -46.50
N SER X 129 79.28 96.40 -47.43
CA SER X 129 78.67 97.67 -47.10
C SER X 129 77.88 98.16 -48.28
N PHE X 130 76.64 98.56 -48.03
CA PHE X 130 75.80 99.22 -49.02
C PHE X 130 75.29 100.51 -48.42
N ASP X 131 75.24 101.56 -49.23
CA ASP X 131 74.65 102.80 -48.77
C ASP X 131 73.13 102.76 -48.77
N ALA X 132 72.55 101.77 -49.42
CA ALA X 132 71.10 101.65 -49.59
C ALA X 132 70.80 100.22 -49.97
N PRO X 133 69.62 99.69 -49.62
CA PRO X 133 69.33 98.30 -49.95
C PRO X 133 68.98 98.07 -51.42
N LYS X 134 69.99 97.81 -52.25
CA LYS X 134 69.78 97.62 -53.68
C LYS X 134 70.13 96.18 -54.05
N THR X 135 69.13 95.38 -54.40
CA THR X 135 69.35 93.97 -54.66
C THR X 135 70.08 93.71 -55.95
N LYS X 136 70.11 94.68 -56.86
CA LYS X 136 70.89 94.53 -58.09
C LYS X 136 72.38 94.57 -57.78
N GLU X 137 72.77 95.41 -56.83
CA GLU X 137 74.18 95.57 -56.50
C GLU X 137 74.73 94.34 -55.83
N PHE X 138 73.92 93.69 -54.99
CA PHE X 138 74.34 92.46 -54.34
C PHE X 138 74.51 91.33 -55.35
N LYS X 139 73.67 91.32 -56.39
CA LYS X 139 73.88 90.41 -57.51
C LYS X 139 75.20 90.69 -58.20
N GLN X 140 75.55 91.97 -58.35
CA GLN X 140 76.84 92.29 -58.95
C GLN X 140 77.99 91.90 -58.03
N VAL X 141 77.77 91.91 -56.72
CA VAL X 141 78.78 91.45 -55.76
C VAL X 141 79.04 89.97 -55.95
N LEU X 142 77.97 89.16 -56.06
CA LEU X 142 78.16 87.74 -56.32
C LEU X 142 78.70 87.47 -57.71
N ALA X 143 78.47 88.37 -58.66
CA ALA X 143 79.07 88.22 -59.98
C ALA X 143 80.57 88.51 -59.94
N ASN X 144 81.00 89.42 -59.05
CA ASN X 144 82.41 89.75 -58.95
C ASN X 144 83.20 88.60 -58.34
N LEU X 145 82.61 87.86 -57.42
CA LEU X 145 83.28 86.75 -56.77
C LEU X 145 83.15 85.45 -57.55
N SER X 146 82.36 85.47 -58.61
CA SER X 146 82.12 84.33 -59.52
C SER X 146 81.60 83.11 -58.77
N ILE X 147 80.47 83.30 -58.10
CA ILE X 147 79.76 82.22 -57.42
C ILE X 147 78.37 82.13 -58.03
N ASP X 148 77.93 80.91 -58.35
CA ASP X 148 76.67 80.73 -59.05
C ASP X 148 75.66 79.85 -58.34
N THR X 149 76.10 78.84 -57.60
CA THR X 149 75.19 77.82 -57.09
C THR X 149 74.45 78.31 -55.85
N LYS X 150 73.82 77.38 -55.15
CA LYS X 150 73.21 77.68 -53.87
C LYS X 150 74.28 78.10 -52.87
N VAL X 151 74.14 79.29 -52.30
CA VAL X 151 75.20 79.88 -51.49
C VAL X 151 74.60 80.45 -50.22
N LEU X 152 75.44 80.60 -49.20
CA LEU X 152 75.08 81.25 -47.96
C LEU X 152 75.77 82.59 -47.78
N VAL X 153 75.11 83.48 -47.08
CA VAL X 153 75.72 84.71 -46.59
C VAL X 153 75.55 84.73 -45.08
N VAL X 154 76.66 84.78 -44.36
CA VAL X 154 76.66 84.88 -42.91
C VAL X 154 76.97 86.31 -42.55
N LEU X 155 76.04 86.94 -41.82
CA LEU X 155 76.17 88.35 -41.49
C LEU X 155 76.47 88.53 -40.02
N GLU X 156 76.76 89.77 -39.65
CA GLU X 156 77.44 90.09 -38.40
C GLU X 156 76.45 90.48 -37.30
N ASN X 157 75.74 91.56 -37.51
CA ASN X 157 74.80 92.20 -36.61
C ASN X 157 73.80 92.93 -37.49
N GLY X 158 73.23 94.01 -37.00
CA GLY X 158 72.33 94.78 -37.84
C GLY X 158 72.99 95.52 -38.99
N ASN X 159 73.45 94.77 -39.99
CA ASN X 159 73.75 95.29 -41.33
C ASN X 159 72.44 95.39 -42.10
N ASP X 160 71.65 96.39 -41.74
CA ASP X 160 70.31 96.53 -42.30
C ASP X 160 70.32 97.01 -43.74
N PHE X 161 71.45 97.46 -44.23
CA PHE X 161 71.60 97.77 -45.65
C PHE X 161 72.27 96.64 -46.41
N ALA X 162 72.71 95.60 -45.74
CA ALA X 162 73.24 94.42 -46.42
C ALA X 162 72.37 93.20 -46.24
N ALA X 163 71.48 93.19 -45.25
CA ALA X 163 70.54 92.09 -45.08
C ALA X 163 69.23 92.32 -45.81
N LEU X 164 68.89 93.58 -46.11
CA LEU X 164 67.71 93.92 -46.89
C LEU X 164 67.92 93.81 -48.38
N SER X 165 68.93 93.05 -48.81
CA SER X 165 69.20 92.81 -50.21
C SER X 165 69.48 91.36 -50.44
N ALA X 166 68.60 90.51 -49.91
CA ALA X 166 68.74 89.08 -50.07
C ALA X 166 67.38 88.42 -50.16
N ARG X 167 66.50 88.99 -50.96
CA ARG X 167 65.23 88.37 -51.30
C ARG X 167 65.28 88.03 -52.79
N ASN X 168 66.43 87.46 -53.14
CA ASN X 168 66.96 87.21 -54.45
C ASN X 168 66.35 85.94 -55.01
N LEU X 169 66.97 85.43 -56.05
CA LEU X 169 66.90 84.07 -56.53
C LEU X 169 67.21 83.10 -55.39
N PRO X 170 66.79 81.86 -55.48
CA PRO X 170 67.09 80.92 -54.39
C PRO X 170 68.53 80.43 -54.32
N ASN X 171 69.46 81.10 -55.02
CA ASN X 171 70.88 80.90 -54.76
C ASN X 171 71.25 81.28 -53.34
N VAL X 172 70.53 82.22 -52.75
CA VAL X 172 70.95 82.91 -51.54
C VAL X 172 69.93 82.69 -50.45
N SER X 173 70.38 82.21 -49.31
CA SER X 173 69.66 82.34 -48.05
C SER X 173 70.63 82.92 -47.02
N VAL X 174 70.08 83.66 -46.07
CA VAL X 174 70.88 84.53 -45.21
C VAL X 174 70.57 84.24 -43.75
N VAL X 175 71.63 83.99 -42.98
CA VAL X 175 71.56 83.75 -41.55
C VAL X 175 72.55 84.69 -40.87
N THR X 176 72.19 85.23 -39.70
CA THR X 176 73.09 86.04 -38.90
C THR X 176 74.14 85.17 -38.23
N SER X 177 74.96 85.76 -37.36
CA SER X 177 76.02 85.01 -36.73
C SER X 177 75.56 84.15 -35.57
N ASP X 178 74.30 84.28 -35.15
CA ASP X 178 73.79 83.53 -34.00
C ASP X 178 73.02 82.29 -34.40
N ASN X 179 72.19 82.37 -35.43
CA ASN X 179 71.26 81.30 -35.77
C ASN X 179 71.83 80.30 -36.75
N VAL X 180 73.15 80.13 -36.81
CA VAL X 180 73.72 79.18 -37.74
C VAL X 180 73.45 77.77 -37.24
N SER X 181 72.56 77.07 -37.94
CA SER X 181 72.18 75.70 -37.62
C SER X 181 72.92 74.75 -38.54
N VAL X 182 72.51 73.49 -38.56
CA VAL X 182 73.16 72.51 -39.41
C VAL X 182 72.53 72.46 -40.79
N LEU X 183 71.19 72.41 -40.85
CA LEU X 183 70.51 72.33 -42.14
C LEU X 183 70.66 73.58 -42.98
N ASP X 184 70.92 74.73 -42.35
CA ASP X 184 71.21 75.93 -43.14
C ASP X 184 72.55 75.83 -43.84
N VAL X 185 73.46 74.99 -43.37
CA VAL X 185 74.78 74.92 -43.94
C VAL X 185 74.95 73.73 -44.87
N VAL X 186 74.47 72.55 -44.48
CA VAL X 186 74.72 71.32 -45.24
C VAL X 186 73.99 71.36 -46.57
N SER X 187 72.86 72.06 -46.64
CA SER X 187 72.13 72.16 -47.89
C SER X 187 72.86 72.99 -48.94
N ALA X 188 73.71 73.92 -48.55
CA ALA X 188 74.32 74.83 -49.51
C ALA X 188 75.62 74.27 -50.06
N ASN X 189 76.12 74.92 -51.11
CA ASN X 189 77.35 74.51 -51.78
C ASN X 189 78.54 75.40 -51.47
N LYS X 190 78.33 76.70 -51.31
CA LYS X 190 79.40 77.60 -50.90
C LYS X 190 78.85 78.53 -49.82
N VAL X 191 79.75 79.15 -49.07
CA VAL X 191 79.37 80.09 -48.02
C VAL X 191 80.19 81.34 -48.18
N LEU X 192 79.52 82.49 -48.27
CA LEU X 192 80.17 83.78 -48.08
C LEU X 192 80.03 84.19 -46.62
N ALA X 193 81.10 84.77 -46.09
CA ALA X 193 81.08 85.27 -44.72
C ALA X 193 82.10 86.38 -44.59
N THR X 194 81.81 87.33 -43.70
CA THR X 194 82.70 88.44 -43.46
C THR X 194 83.80 88.02 -42.50
N GLN X 195 84.70 88.96 -42.20
CA GLN X 195 85.77 88.66 -41.25
C GLN X 195 85.23 88.59 -39.83
N THR X 196 84.36 89.54 -39.46
CA THR X 196 83.91 89.61 -38.08
C THR X 196 82.92 88.52 -37.74
N ALA X 197 82.19 88.02 -38.73
CA ALA X 197 81.31 86.88 -38.50
C ALA X 197 82.11 85.63 -38.16
N LEU X 198 83.29 85.48 -38.76
CA LEU X 198 84.16 84.37 -38.42
C LEU X 198 84.65 84.47 -36.98
N THR X 199 84.90 85.68 -36.51
CA THR X 199 85.34 85.85 -35.14
C THR X 199 84.22 85.57 -34.17
N GLN X 200 83.01 86.05 -34.46
CA GLN X 200 81.90 85.77 -33.54
C GLN X 200 81.45 84.31 -33.62
N ILE X 201 81.76 83.60 -34.70
CA ILE X 201 81.62 82.16 -34.68
C ILE X 201 82.67 81.54 -33.80
N GLU X 202 83.92 82.02 -33.88
CA GLU X 202 84.96 81.44 -33.04
C GLU X 202 84.88 81.87 -31.58
N GLU X 203 83.95 82.74 -31.21
CA GLU X 203 83.71 82.93 -29.78
C GLU X 203 82.74 81.88 -29.23
N VAL X 204 81.61 81.67 -29.91
CA VAL X 204 80.62 80.70 -29.45
C VAL X 204 81.14 79.28 -29.61
N LEU X 205 81.72 78.98 -30.76
CA LEU X 205 82.30 77.68 -31.00
C LEU X 205 83.73 77.54 -30.48
N ALA X 206 84.17 78.46 -29.62
CA ALA X 206 85.43 78.41 -28.88
C ALA X 206 86.67 78.30 -29.76
N ASN Y 1 81.19 -38.25 54.91
CA ASN Y 1 79.88 -38.86 55.13
C ASN Y 1 79.88 -40.31 54.71
N ARG Y 2 78.72 -40.96 54.81
CA ARG Y 2 78.66 -42.38 54.55
C ARG Y 2 78.84 -42.69 53.07
N LEU Y 3 78.19 -41.92 52.21
CA LEU Y 3 77.99 -42.39 50.85
C LEU Y 3 79.18 -42.15 49.94
N LYS Y 4 80.05 -41.19 50.27
CA LYS Y 4 81.35 -41.17 49.58
C LYS Y 4 82.22 -42.33 50.03
N GLU Y 5 82.12 -42.71 51.31
CA GLU Y 5 82.88 -43.84 51.82
C GLU Y 5 82.45 -45.13 51.14
N LYS Y 6 81.17 -45.29 50.87
CA LYS Y 6 80.71 -46.49 50.17
C LYS Y 6 81.20 -46.50 48.73
N TYR Y 7 81.29 -45.33 48.09
CA TYR Y 7 81.84 -45.23 46.75
C TYR Y 7 83.31 -45.61 46.73
N ILE Y 8 84.07 -45.14 47.71
CA ILE Y 8 85.50 -45.42 47.75
C ILE Y 8 85.75 -46.88 48.09
N LYS Y 9 84.98 -47.44 49.02
CA LYS Y 9 85.22 -48.82 49.46
C LYS Y 9 84.66 -49.83 48.47
N GLU Y 10 83.34 -49.87 48.31
CA GLU Y 10 82.70 -51.04 47.72
C GLU Y 10 82.06 -50.77 46.37
N VAL Y 11 81.55 -49.56 46.15
CA VAL Y 11 80.70 -49.32 44.99
C VAL Y 11 81.52 -49.35 43.71
N THR Y 12 82.63 -48.62 43.68
CA THR Y 12 83.46 -48.55 42.46
C THR Y 12 84.08 -49.89 42.02
N PRO Y 13 84.72 -50.71 42.86
CA PRO Y 13 85.26 -51.96 42.30
C PRO Y 13 84.19 -52.97 41.96
N SER Y 14 83.03 -52.92 42.60
CA SER Y 14 81.92 -53.75 42.18
C SER Y 14 81.36 -53.30 40.82
N LEU Y 15 81.43 -52.00 40.53
CA LEU Y 15 81.07 -51.53 39.19
C LEU Y 15 82.07 -52.01 38.17
N VAL Y 16 83.37 -51.99 38.52
CA VAL Y 16 84.39 -52.49 37.60
C VAL Y 16 84.24 -54.00 37.41
N GLU Y 17 83.73 -54.69 38.42
CA GLU Y 17 83.31 -56.08 38.25
C GLU Y 17 82.17 -56.21 37.25
N LYS Y 18 81.03 -55.61 37.55
CA LYS Y 18 79.80 -55.95 36.85
C LYS Y 18 79.65 -55.28 35.50
N PHE Y 19 80.61 -54.46 35.07
CA PHE Y 19 80.56 -53.94 33.70
C PHE Y 19 81.91 -53.96 33.00
N ASN Y 20 82.98 -54.40 33.67
CA ASN Y 20 84.32 -54.54 33.09
C ASN Y 20 84.84 -53.21 32.57
N TYR Y 21 84.84 -52.20 33.43
CA TYR Y 21 85.33 -50.89 33.02
C TYR Y 21 86.84 -50.91 32.92
N SER Y 22 87.38 -50.24 31.90
CA SER Y 22 88.81 -50.20 31.69
C SER Y 22 89.50 -49.09 32.47
N SER Y 23 88.76 -48.14 33.02
CA SER Y 23 89.34 -47.10 33.85
C SER Y 23 88.29 -46.60 34.83
N VAL Y 24 88.78 -45.98 35.90
CA VAL Y 24 87.92 -45.58 37.01
C VAL Y 24 87.05 -44.39 36.62
N MET Y 25 87.54 -43.57 35.67
CA MET Y 25 86.77 -42.43 35.18
C MET Y 25 85.50 -42.86 34.46
N GLN Y 26 85.41 -44.11 34.02
CA GLN Y 26 84.21 -44.62 33.38
C GLN Y 26 83.06 -44.80 34.34
N THR Y 27 83.32 -44.77 35.64
CA THR Y 27 82.27 -45.03 36.61
C THR Y 27 81.29 -43.87 36.67
N PRO Y 28 79.98 -44.16 36.74
CA PRO Y 28 78.99 -43.08 36.79
C PRO Y 28 78.76 -42.58 38.22
N LYS Y 29 78.80 -41.27 38.39
CA LYS Y 29 78.51 -40.62 39.65
C LYS Y 29 77.07 -40.11 39.67
N VAL Y 30 76.76 -39.29 40.67
CA VAL Y 30 75.47 -38.64 40.85
C VAL Y 30 75.72 -37.14 40.92
N ASP Y 31 74.84 -36.34 40.32
CA ASP Y 31 75.06 -34.90 40.26
C ASP Y 31 74.04 -34.07 41.04
N LYS Y 32 72.76 -34.23 40.77
CA LYS Y 32 71.77 -33.26 41.23
C LYS Y 32 70.66 -33.94 42.00
N ILE Y 33 69.95 -33.12 42.78
CA ILE Y 33 68.61 -33.43 43.27
C ILE Y 33 67.76 -32.18 43.09
N VAL Y 34 66.74 -32.27 42.26
CA VAL Y 34 65.88 -31.14 41.94
C VAL Y 34 64.52 -31.38 42.59
N ILE Y 35 64.00 -30.36 43.27
CA ILE Y 35 62.76 -30.46 44.02
C ILE Y 35 61.81 -29.37 43.54
N ASN Y 36 60.54 -29.73 43.33
CA ASN Y 36 59.58 -28.81 42.70
C ASN Y 36 58.23 -28.86 43.43
N MET Y 37 58.00 -27.91 44.33
CA MET Y 37 56.64 -27.73 44.82
C MET Y 37 55.80 -27.09 43.73
N GLY Y 38 55.11 -27.91 42.95
CA GLY Y 38 54.26 -27.36 41.91
C GLY Y 38 52.92 -26.99 42.49
N VAL Y 39 52.76 -25.71 42.81
CA VAL Y 39 51.58 -25.27 43.56
C VAL Y 39 50.44 -25.00 42.60
N GLY Y 40 50.62 -24.04 41.70
CA GLY Y 40 49.61 -23.71 40.73
C GLY Y 40 48.37 -23.02 41.27
N ASP Y 41 48.35 -22.67 42.55
CA ASP Y 41 47.18 -22.06 43.17
C ASP Y 41 47.54 -20.75 43.87
N ALA Y 42 48.74 -20.23 43.64
CA ALA Y 42 49.05 -18.88 44.08
C ALA Y 42 48.36 -17.84 43.21
N VAL Y 43 47.92 -18.23 42.01
CA VAL Y 43 47.14 -17.35 41.15
C VAL Y 43 45.78 -17.06 41.78
N SER Y 44 45.19 -18.06 42.42
CA SER Y 44 43.94 -17.83 43.15
C SER Y 44 44.18 -16.98 44.39
N ASN Y 45 45.01 -17.48 45.32
CA ASN Y 45 45.39 -16.72 46.50
C ASN Y 45 46.88 -16.89 46.71
N ALA Y 46 47.60 -15.78 46.83
CA ALA Y 46 49.06 -15.80 46.79
C ALA Y 46 49.72 -16.36 48.04
N LYS Y 47 48.95 -16.72 49.07
CA LYS Y 47 49.51 -17.24 50.31
C LYS Y 47 49.70 -18.74 50.29
N ASN Y 48 49.82 -19.34 49.10
CA ASN Y 48 50.07 -20.77 48.95
C ASN Y 48 51.55 -21.06 48.79
N LEU Y 49 52.26 -20.24 48.00
CA LEU Y 49 53.71 -20.31 47.96
C LEU Y 49 54.34 -19.89 49.28
N ASP Y 50 53.64 -19.05 50.03
CA ASP Y 50 54.15 -18.46 51.27
C ASP Y 50 54.34 -19.47 52.38
N LYS Y 51 53.83 -20.68 52.25
CA LYS Y 51 54.16 -21.77 53.14
C LYS Y 51 54.87 -22.93 52.46
N ALA Y 52 54.78 -23.03 51.14
CA ALA Y 52 55.59 -24.00 50.40
C ALA Y 52 57.07 -23.69 50.55
N VAL Y 53 57.42 -22.41 50.49
CA VAL Y 53 58.80 -22.00 50.72
C VAL Y 53 59.19 -22.28 52.18
N GLU Y 54 58.24 -22.11 53.10
CA GLU Y 54 58.50 -22.39 54.52
C GLU Y 54 58.76 -23.88 54.75
N GLU Y 55 58.10 -24.75 54.00
CA GLU Y 55 58.34 -26.18 54.15
C GLU Y 55 59.64 -26.60 53.48
N LEU Y 56 59.92 -26.05 52.29
CA LEU Y 56 61.15 -26.40 51.59
C LEU Y 56 62.40 -25.92 52.32
N ALA Y 57 62.31 -24.78 53.00
CA ALA Y 57 63.45 -24.29 53.76
C ALA Y 57 63.80 -25.21 54.91
N LEU Y 58 62.80 -25.89 55.48
CA LEU Y 58 63.08 -26.89 56.51
C LEU Y 58 63.60 -28.17 55.91
N ILE Y 59 63.01 -28.63 54.80
CA ILE Y 59 63.36 -29.94 54.25
C ILE Y 59 64.76 -29.91 53.65
N THR Y 60 65.08 -28.88 52.88
CA THR Y 60 66.39 -28.77 52.26
C THR Y 60 67.33 -28.06 53.22
N GLY Y 61 68.47 -27.62 52.70
CA GLY Y 61 69.34 -26.75 53.46
C GLY Y 61 69.47 -25.40 52.80
N GLN Y 62 68.52 -25.09 51.92
CA GLN Y 62 68.59 -23.92 51.07
C GLN Y 62 67.25 -23.20 51.11
N LYS Y 63 67.15 -22.11 50.35
CA LYS Y 63 65.82 -21.64 50.04
C LYS Y 63 65.50 -21.95 48.60
N PRO Y 64 64.24 -22.19 48.28
CA PRO Y 64 63.85 -22.32 46.88
C PRO Y 64 63.76 -20.97 46.18
N LEU Y 65 63.59 -21.03 44.87
CA LEU Y 65 63.27 -19.86 44.08
C LEU Y 65 61.75 -19.68 44.00
N ILE Y 66 61.34 -18.83 43.07
CA ILE Y 66 59.96 -18.77 42.60
C ILE Y 66 60.03 -18.79 41.08
N THR Y 67 59.26 -19.69 40.46
CA THR Y 67 59.37 -19.88 39.02
C THR Y 67 58.43 -18.97 38.25
N LYS Y 68 58.87 -18.60 37.05
CA LYS Y 68 58.14 -17.74 36.13
C LYS Y 68 57.11 -18.58 35.36
N ALA Y 69 56.62 -18.05 34.24
CA ALA Y 69 55.53 -18.69 33.53
C ALA Y 69 55.84 -19.12 32.10
N LYS Y 70 56.47 -18.24 31.30
CA LYS Y 70 56.82 -18.43 29.89
C LYS Y 70 55.66 -18.67 28.93
N LYS Y 71 54.42 -18.69 29.40
CA LYS Y 71 53.27 -18.95 28.56
C LYS Y 71 52.14 -18.04 29.02
N SER Y 72 50.93 -18.31 28.51
CA SER Y 72 49.73 -17.61 28.97
C SER Y 72 48.57 -18.56 28.70
N ILE Y 73 48.10 -19.26 29.73
CA ILE Y 73 47.11 -20.31 29.58
C ILE Y 73 45.76 -19.80 30.06
N ALA Y 74 44.75 -19.94 29.20
CA ALA Y 74 43.42 -19.44 29.50
C ALA Y 74 42.72 -20.28 30.56
N GLY Y 75 42.93 -21.59 30.54
CA GLY Y 75 42.14 -22.48 31.40
C GLY Y 75 42.50 -22.35 32.86
N PHE Y 76 43.79 -22.33 33.18
CA PHE Y 76 44.24 -22.19 34.55
C PHE Y 76 44.38 -20.73 34.97
N ARG Y 77 43.96 -19.79 34.11
CA ARG Y 77 44.07 -18.34 34.28
C ARG Y 77 45.54 -17.92 34.45
N LEU Y 78 46.29 -18.10 33.37
CA LEU Y 78 47.71 -17.81 33.38
C LEU Y 78 48.07 -16.75 32.34
N ARG Y 79 49.02 -15.91 32.70
CA ARG Y 79 49.68 -14.95 31.82
C ARG Y 79 51.18 -15.17 31.93
N GLU Y 80 51.95 -14.24 31.37
CA GLU Y 80 53.38 -14.28 31.61
C GLU Y 80 53.70 -13.82 33.03
N GLY Y 81 54.89 -14.19 33.49
CA GLY Y 81 55.41 -13.73 34.77
C GLY Y 81 54.65 -14.19 35.98
N MET Y 82 54.17 -15.41 35.98
CA MET Y 82 53.33 -15.78 37.11
C MET Y 82 54.09 -16.66 38.09
N PRO Y 83 54.03 -16.34 39.38
CA PRO Y 83 54.62 -17.20 40.41
C PRO Y 83 53.86 -18.52 40.54
N ILE Y 84 54.53 -19.62 40.21
CA ILE Y 84 53.88 -20.92 40.23
C ILE Y 84 54.58 -21.90 41.16
N GLY Y 85 55.85 -22.21 40.87
CA GLY Y 85 56.57 -23.24 41.60
C GLY Y 85 57.91 -22.81 42.17
N ALA Y 86 58.75 -23.78 42.58
CA ALA Y 86 59.94 -23.46 43.36
C ALA Y 86 60.97 -24.58 43.24
N LYS Y 87 62.10 -24.30 42.59
CA LYS Y 87 63.18 -25.28 42.49
C LYS Y 87 64.06 -25.27 43.72
N VAL Y 88 64.62 -26.44 44.05
CA VAL Y 88 65.78 -26.54 44.94
C VAL Y 88 66.76 -27.52 44.31
N THR Y 89 67.93 -27.04 43.95
CA THR Y 89 68.99 -27.95 43.54
C THR Y 89 69.81 -28.35 44.78
N LEU Y 90 70.57 -29.43 44.64
CA LEU Y 90 71.47 -29.88 45.70
C LEU Y 90 72.77 -30.32 45.05
N ARG Y 91 73.90 -29.91 45.63
CA ARG Y 91 75.21 -30.33 45.16
C ARG Y 91 76.06 -30.68 46.37
N GLY Y 92 77.29 -31.12 46.09
CA GLY Y 92 78.29 -31.25 47.14
C GLY Y 92 78.01 -32.41 48.08
N GLU Y 93 78.19 -32.14 49.37
CA GLU Y 93 77.98 -33.16 50.39
C GLU Y 93 76.55 -33.17 50.93
N ARG Y 94 75.78 -32.10 50.70
CA ARG Y 94 74.38 -32.13 51.08
C ARG Y 94 73.54 -33.02 50.19
N MET Y 95 74.08 -33.42 49.03
CA MET Y 95 73.54 -34.55 48.30
C MET Y 95 73.47 -35.78 49.18
N TYR Y 96 74.61 -36.14 49.75
CA TYR Y 96 74.71 -37.45 50.39
C TYR Y 96 74.03 -37.49 51.74
N GLU Y 97 74.01 -36.38 52.47
CA GLU Y 97 73.31 -36.40 53.75
C GLU Y 97 71.79 -36.40 53.56
N PHE Y 98 71.30 -35.70 52.54
CA PHE Y 98 69.89 -35.77 52.22
C PHE Y 98 69.52 -37.15 51.70
N LEU Y 99 70.41 -37.79 50.93
CA LEU Y 99 70.15 -39.16 50.53
C LEU Y 99 70.20 -40.11 51.70
N ASP Y 100 71.02 -39.83 52.70
CA ASP Y 100 71.03 -40.63 53.91
C ASP Y 100 69.70 -40.53 54.64
N LYS Y 101 69.15 -39.32 54.71
CA LYS Y 101 67.82 -39.15 55.30
C LYS Y 101 66.76 -39.87 54.47
N LEU Y 102 66.91 -39.86 53.14
CA LEU Y 102 65.95 -40.54 52.27
C LEU Y 102 66.00 -42.05 52.44
N VAL Y 103 67.20 -42.62 52.51
CA VAL Y 103 67.33 -44.06 52.64
C VAL Y 103 66.89 -44.52 54.03
N THR Y 104 67.30 -43.80 55.07
CA THR Y 104 67.00 -44.27 56.42
C THR Y 104 65.57 -43.94 56.83
N VAL Y 105 65.22 -42.66 56.93
CA VAL Y 105 64.02 -42.28 57.63
C VAL Y 105 62.80 -42.30 56.72
N SER Y 106 62.87 -41.61 55.59
CA SER Y 106 61.69 -41.18 54.87
C SER Y 106 60.91 -42.31 54.23
N LEU Y 107 61.51 -42.96 53.24
CA LEU Y 107 60.94 -44.05 52.44
C LEU Y 107 60.25 -45.18 53.21
N PRO Y 108 60.64 -45.54 54.45
CA PRO Y 108 59.77 -46.46 55.20
C PRO Y 108 58.65 -45.82 56.02
N ARG Y 109 58.32 -44.55 55.83
CA ARG Y 109 57.22 -43.95 56.59
C ARG Y 109 56.04 -43.57 55.71
N VAL Y 110 55.70 -44.42 54.75
CA VAL Y 110 54.59 -44.17 53.84
C VAL Y 110 53.64 -45.35 53.92
N ARG Y 111 52.35 -45.07 54.05
CA ARG Y 111 51.32 -46.11 53.94
C ARG Y 111 51.35 -46.75 52.55
N ASP Y 112 50.72 -47.92 52.46
CA ASP Y 112 50.83 -48.84 51.32
C ASP Y 112 52.30 -49.13 51.01
N PHE Y 113 52.93 -49.77 52.01
CA PHE Y 113 54.37 -50.00 52.05
C PHE Y 113 54.84 -50.84 50.88
N HIS Y 114 55.55 -50.21 49.95
CA HIS Y 114 56.26 -50.93 48.89
C HIS Y 114 57.63 -50.38 48.58
N GLY Y 115 57.97 -49.20 49.05
CA GLY Y 115 59.29 -48.64 48.79
C GLY Y 115 59.33 -47.87 47.47
N VAL Y 116 60.03 -48.43 46.48
CA VAL Y 116 60.34 -47.72 45.24
C VAL Y 116 59.71 -48.49 44.09
N SER Y 117 58.93 -47.79 43.27
CA SER Y 117 58.45 -48.37 42.02
C SER Y 117 59.62 -48.50 41.05
N LYS Y 118 59.65 -49.61 40.33
CA LYS Y 118 60.81 -49.97 39.52
C LYS Y 118 60.78 -49.39 38.12
N LYS Y 119 59.66 -48.80 37.70
CA LYS Y 119 59.55 -48.19 36.38
C LYS Y 119 59.57 -46.67 36.55
N ALA Y 120 60.76 -46.08 36.37
CA ALA Y 120 60.91 -44.64 36.28
C ALA Y 120 61.91 -44.28 35.20
N PHE Y 121 61.97 -45.11 34.15
CA PHE Y 121 63.16 -45.42 33.38
C PHE Y 121 63.87 -44.22 32.76
N ASP Y 122 63.24 -43.62 31.76
CA ASP Y 122 63.75 -42.57 30.87
C ASP Y 122 65.00 -42.97 30.09
N GLY Y 123 65.41 -44.24 30.15
CA GLY Y 123 66.49 -44.76 29.33
C GLY Y 123 67.89 -44.34 29.71
N ARG Y 124 68.06 -43.19 30.36
CA ARG Y 124 69.32 -42.48 30.38
C ARG Y 124 69.72 -42.04 31.78
N GLY Y 125 69.34 -42.82 32.79
CA GLY Y 125 69.85 -42.62 34.13
C GLY Y 125 69.22 -41.46 34.88
N ASN Y 126 67.90 -41.48 35.03
CA ASN Y 126 67.16 -40.45 35.74
C ASN Y 126 65.92 -41.10 36.30
N TYR Y 127 65.83 -41.23 37.62
CA TYR Y 127 64.64 -41.81 38.24
C TYR Y 127 63.93 -40.72 39.05
N THR Y 128 62.94 -40.09 38.42
CA THR Y 128 62.07 -39.16 39.13
C THR Y 128 61.13 -39.96 40.00
N LEU Y 129 61.35 -39.93 41.31
CA LEU Y 129 60.66 -40.79 42.27
C LEU Y 129 59.89 -39.87 43.21
N GLY Y 130 58.67 -39.53 42.81
CA GLY Y 130 57.89 -38.52 43.50
C GLY Y 130 57.41 -38.95 44.87
N ILE Y 131 56.79 -38.00 45.56
CA ILE Y 131 56.36 -38.15 46.94
C ILE Y 131 54.91 -37.68 47.04
N LYS Y 132 54.05 -38.52 47.63
CA LYS Y 132 52.63 -38.23 47.67
C LYS Y 132 52.26 -37.30 48.82
N GLU Y 133 52.73 -37.59 50.03
CA GLU Y 133 52.35 -36.83 51.21
C GLU Y 133 53.37 -35.72 51.48
N GLN Y 134 53.27 -35.12 52.66
CA GLN Y 134 54.28 -34.21 53.18
C GLN Y 134 54.74 -34.54 54.58
N LEU Y 135 54.03 -35.41 55.30
CA LEU Y 135 54.27 -35.65 56.72
C LEU Y 135 55.38 -36.67 56.96
N ILE Y 136 56.15 -37.00 55.93
CA ILE Y 136 57.06 -38.14 55.97
C ILE Y 136 58.32 -37.83 56.76
N PHE Y 137 58.84 -36.62 56.60
CA PHE Y 137 60.12 -36.25 57.18
C PHE Y 137 59.97 -36.08 58.70
N PRO Y 138 61.05 -36.24 59.46
CA PRO Y 138 60.95 -36.00 60.92
C PRO Y 138 60.71 -34.55 61.28
N GLU Y 139 61.04 -33.61 60.40
CA GLU Y 139 60.95 -32.18 60.69
C GLU Y 139 59.60 -31.58 60.31
N VAL Y 140 58.58 -32.41 60.18
CA VAL Y 140 57.27 -31.95 59.73
C VAL Y 140 56.41 -31.73 60.96
N ASP Y 141 55.76 -30.57 61.03
CA ASP Y 141 54.97 -30.19 62.18
C ASP Y 141 53.49 -30.30 61.82
N TYR Y 142 52.76 -31.11 62.58
CA TYR Y 142 51.31 -31.23 62.41
C TYR Y 142 50.60 -29.94 62.75
N ASP Y 143 51.17 -29.14 63.66
CA ASP Y 143 50.62 -27.87 64.07
C ASP Y 143 50.92 -26.74 63.09
N LEU Y 144 51.53 -27.03 61.96
CA LEU Y 144 51.84 -26.01 60.96
C LEU Y 144 51.33 -26.35 59.56
N VAL Y 145 51.38 -27.61 59.18
CA VAL Y 145 51.05 -28.02 57.83
C VAL Y 145 49.56 -28.31 57.76
N ASP Y 146 48.92 -27.85 56.70
CA ASP Y 146 47.50 -28.12 56.46
C ASP Y 146 47.28 -28.99 55.23
N LYS Y 147 47.79 -28.59 54.08
CA LYS Y 147 47.49 -29.25 52.82
C LYS Y 147 48.31 -30.53 52.69
N VAL Y 148 47.80 -31.45 51.86
CA VAL Y 148 48.30 -32.82 51.84
C VAL Y 148 48.92 -33.06 50.46
N ARG Y 149 49.61 -32.06 49.93
CA ARG Y 149 50.30 -32.17 48.65
C ARG Y 149 51.62 -32.92 48.78
N GLY Y 150 52.51 -32.81 47.79
CA GLY Y 150 53.78 -33.50 47.89
C GLY Y 150 54.91 -32.91 47.07
N MET Y 151 55.97 -33.68 46.90
CA MET Y 151 57.29 -33.19 46.54
C MET Y 151 57.65 -33.63 45.13
N ASP Y 152 58.89 -33.35 44.75
CA ASP Y 152 59.52 -33.95 43.58
C ASP Y 152 60.98 -34.22 43.90
N ILE Y 153 61.51 -35.30 43.32
CA ILE Y 153 62.91 -35.67 43.41
C ILE Y 153 63.34 -36.12 42.03
N VAL Y 154 64.37 -35.48 41.48
CA VAL Y 154 64.92 -35.88 40.19
C VAL Y 154 66.35 -36.31 40.44
N ILE Y 155 66.55 -37.61 40.57
CA ILE Y 155 67.90 -38.17 40.73
C ILE Y 155 68.58 -38.15 39.38
N VAL Y 156 69.75 -37.51 39.32
CA VAL Y 156 70.47 -37.33 38.07
C VAL Y 156 71.84 -37.98 38.20
N THR Y 157 72.11 -38.93 37.33
CA THR Y 157 73.40 -39.58 37.24
C THR Y 157 74.06 -39.28 35.91
N THR Y 158 75.32 -39.69 35.79
CA THR Y 158 76.02 -39.65 34.52
C THR Y 158 76.06 -41.02 33.85
N ALA Y 159 75.13 -41.90 34.21
CA ALA Y 159 75.10 -43.24 33.64
C ALA Y 159 74.41 -43.23 32.29
N ASN Y 160 74.89 -44.08 31.39
CA ASN Y 160 74.35 -44.13 30.04
C ASN Y 160 73.00 -44.85 30.03
N THR Y 161 72.99 -46.10 30.46
CA THR Y 161 71.80 -46.94 30.41
C THR Y 161 71.31 -47.25 31.82
N ASP Y 162 70.06 -47.67 31.91
CA ASP Y 162 69.43 -47.86 33.21
C ASP Y 162 69.83 -49.16 33.90
N GLU Y 163 70.60 -50.04 33.25
CA GLU Y 163 71.17 -51.18 33.97
C GLU Y 163 72.16 -50.71 35.02
N GLU Y 164 72.85 -49.60 34.74
CA GLU Y 164 73.87 -49.07 35.63
C GLU Y 164 73.23 -48.38 36.83
N SER Y 165 72.19 -47.59 36.58
CA SER Y 165 71.55 -46.83 37.63
C SER Y 165 70.82 -47.74 38.61
N ARG Y 166 70.29 -48.87 38.12
CA ARG Y 166 69.68 -49.84 39.01
C ARG Y 166 70.69 -50.43 39.97
N GLU Y 167 71.90 -50.73 39.48
CA GLU Y 167 72.92 -51.29 40.36
C GLU Y 167 73.45 -50.25 41.34
N LEU Y 168 73.53 -48.98 40.90
CA LEU Y 168 73.96 -47.93 41.80
C LEU Y 168 72.96 -47.71 42.93
N LEU Y 169 71.67 -47.62 42.58
CA LEU Y 169 70.66 -47.47 43.62
C LEU Y 169 70.47 -48.73 44.44
N ALA Y 170 70.82 -49.90 43.89
CA ALA Y 170 70.86 -51.10 44.69
C ALA Y 170 72.00 -51.06 45.69
N GLN Y 171 73.10 -50.44 45.31
CA GLN Y 171 74.20 -50.25 46.25
C GLN Y 171 74.09 -48.94 47.01
N LEU Y 172 72.94 -48.29 46.98
CA LEU Y 172 72.69 -47.10 47.77
C LEU Y 172 71.30 -47.18 48.40
N GLY Y 173 70.99 -48.33 48.99
CA GLY Y 173 69.70 -48.51 49.63
C GLY Y 173 68.58 -48.67 48.62
N MET Y 174 67.68 -47.67 48.58
CA MET Y 174 66.61 -47.52 47.60
C MET Y 174 65.72 -48.75 47.50
N PRO Y 175 64.79 -48.94 48.42
CA PRO Y 175 64.00 -50.18 48.44
C PRO Y 175 63.04 -50.35 47.28
N PHE Y 176 63.56 -50.84 46.15
CA PHE Y 176 62.70 -51.27 45.05
C PHE Y 176 61.79 -52.43 45.50
N GLN Y 177 60.64 -52.53 44.84
CA GLN Y 177 59.61 -53.49 45.24
C GLN Y 177 60.02 -54.94 45.03
N SER Z 1 40.60 -57.01 -60.94
CA SER Z 1 39.69 -57.13 -62.06
C SER Z 1 39.45 -58.59 -62.40
N ARG Z 2 38.84 -59.31 -61.47
CA ARG Z 2 38.53 -60.72 -61.65
C ARG Z 2 37.29 -60.94 -62.50
N ILE Z 3 36.70 -59.88 -63.03
CA ILE Z 3 35.67 -59.96 -64.05
C ILE Z 3 36.26 -59.33 -65.29
N GLY Z 4 37.20 -58.41 -65.10
CA GLY Z 4 37.90 -57.79 -66.21
C GLY Z 4 38.81 -58.70 -67.00
N ASN Z 5 39.00 -59.95 -66.59
CA ASN Z 5 39.83 -60.90 -67.33
C ASN Z 5 39.17 -62.27 -67.39
N LYS Z 6 37.86 -62.34 -67.47
CA LYS Z 6 37.18 -63.59 -67.74
C LYS Z 6 36.83 -63.71 -69.23
N VAL Z 7 36.83 -64.95 -69.70
CA VAL Z 7 36.82 -65.25 -71.13
C VAL Z 7 35.38 -65.25 -71.64
N VAL Z 8 35.16 -64.57 -72.77
CA VAL Z 8 33.83 -64.48 -73.37
C VAL Z 8 33.68 -65.64 -74.36
N VAL Z 9 32.88 -66.63 -73.99
CA VAL Z 9 32.67 -67.81 -74.82
C VAL Z 9 31.53 -67.52 -75.79
N LEU Z 10 31.85 -67.45 -77.07
CA LEU Z 10 30.83 -67.19 -78.07
C LEU Z 10 30.25 -68.51 -78.57
N PRO Z 11 28.95 -68.75 -78.41
CA PRO Z 11 28.36 -69.98 -78.96
C PRO Z 11 28.15 -69.89 -80.46
N ALA Z 12 27.53 -70.91 -81.05
CA ALA Z 12 27.29 -70.91 -82.48
C ALA Z 12 26.19 -69.93 -82.84
N GLY Z 13 26.45 -69.09 -83.83
CA GLY Z 13 25.54 -68.02 -84.17
C GLY Z 13 26.00 -66.67 -83.66
N VAL Z 14 27.30 -66.39 -83.82
CA VAL Z 14 27.90 -65.14 -83.40
C VAL Z 14 28.67 -64.58 -84.58
N GLU Z 15 28.33 -63.34 -84.98
CA GLU Z 15 28.94 -62.67 -86.11
C GLU Z 15 29.30 -61.26 -85.69
N ILE Z 16 30.59 -60.94 -85.67
CA ILE Z 16 31.09 -59.73 -85.04
C ILE Z 16 31.79 -58.87 -86.09
N LYS Z 17 31.43 -57.60 -86.16
CA LYS Z 17 32.11 -56.61 -86.99
C LYS Z 17 32.93 -55.66 -86.13
N GLN Z 18 33.71 -54.82 -86.81
CA GLN Z 18 34.47 -53.75 -86.18
C GLN Z 18 34.40 -52.54 -87.11
N ASP Z 19 33.73 -51.47 -86.67
CA ASP Z 19 33.54 -50.27 -87.48
C ASP Z 19 33.97 -49.06 -86.67
N GLY Z 20 35.26 -48.74 -86.71
CA GLY Z 20 35.75 -47.63 -85.90
C GLY Z 20 35.72 -48.00 -84.44
N ASN Z 21 34.74 -47.45 -83.71
CA ASN Z 21 34.47 -47.87 -82.34
C ASN Z 21 33.28 -48.80 -82.23
N ASN Z 22 32.58 -49.06 -83.34
CA ASN Z 22 31.41 -49.91 -83.29
C ASN Z 22 31.80 -51.37 -83.13
N ILE Z 23 31.07 -52.07 -82.26
CA ILE Z 23 31.19 -53.51 -82.12
C ILE Z 23 29.77 -54.06 -82.22
N THR Z 24 29.40 -54.55 -83.39
CA THR Z 24 28.06 -55.03 -83.66
C THR Z 24 28.03 -56.55 -83.50
N VAL Z 25 26.93 -57.06 -82.99
CA VAL Z 25 26.78 -58.49 -82.74
C VAL Z 25 25.50 -58.94 -83.43
N LYS Z 26 25.62 -59.75 -84.47
CA LYS Z 26 24.50 -60.41 -85.11
C LYS Z 26 24.23 -61.74 -84.41
N GLY Z 27 23.31 -62.52 -84.98
CA GLY Z 27 23.05 -63.82 -84.47
C GLY Z 27 21.64 -64.30 -84.74
N PRO Z 28 21.17 -65.26 -83.94
CA PRO Z 28 19.87 -65.87 -84.21
C PRO Z 28 18.69 -64.99 -83.86
N LYS Z 29 18.86 -63.96 -83.06
CA LYS Z 29 17.71 -63.15 -82.68
C LYS Z 29 17.89 -61.65 -82.90
N GLY Z 30 19.08 -61.12 -82.62
CA GLY Z 30 19.24 -59.69 -82.46
C GLY Z 30 20.47 -59.13 -83.14
N GLU Z 31 20.53 -57.79 -83.16
CA GLU Z 31 21.55 -57.02 -83.86
C GLU Z 31 22.05 -55.87 -82.98
N LEU Z 32 22.45 -56.19 -81.76
CA LEU Z 32 22.77 -55.17 -80.77
C LEU Z 32 24.07 -54.46 -81.13
N THR Z 33 24.07 -53.12 -81.06
CA THR Z 33 25.23 -52.31 -81.40
C THR Z 33 25.50 -51.28 -80.31
N ARG Z 34 26.77 -50.96 -80.11
CA ARG Z 34 27.19 -49.88 -79.20
C ARG Z 34 28.43 -49.20 -79.75
N GLU Z 35 29.03 -48.34 -78.93
CA GLU Z 35 30.38 -47.83 -79.09
C GLU Z 35 31.09 -47.87 -77.74
N PHE Z 36 32.41 -47.79 -77.77
CA PHE Z 36 33.22 -47.88 -76.56
C PHE Z 36 34.41 -46.94 -76.68
N SER Z 37 35.31 -47.03 -75.72
CA SER Z 37 36.49 -46.17 -75.70
C SER Z 37 37.63 -46.81 -76.48
N SER Z 38 38.57 -45.97 -76.90
CA SER Z 38 39.75 -46.45 -77.62
C SER Z 38 40.77 -47.12 -76.72
N ASP Z 39 40.54 -47.13 -75.40
CA ASP Z 39 41.43 -47.77 -74.46
C ASP Z 39 41.21 -49.27 -74.37
N ILE Z 40 40.34 -49.82 -75.20
CA ILE Z 40 39.96 -51.22 -75.17
C ILE Z 40 40.43 -51.82 -76.49
N LYS Z 41 40.76 -53.11 -76.48
CA LYS Z 41 41.16 -53.80 -77.70
C LYS Z 41 40.49 -55.16 -77.79
N MET Z 42 39.98 -55.49 -78.99
CA MET Z 42 39.35 -56.75 -79.27
C MET Z 42 40.39 -57.85 -79.42
N ASN Z 43 39.92 -59.07 -79.68
CA ASN Z 43 40.81 -60.19 -79.95
C ASN Z 43 40.24 -61.11 -81.01
N ILE Z 44 41.01 -62.14 -81.31
CA ILE Z 44 40.86 -63.12 -82.38
C ILE Z 44 40.95 -64.42 -81.57
N GLU Z 45 41.37 -65.53 -82.18
CA GLU Z 45 41.45 -66.87 -81.57
C GLU Z 45 40.05 -67.35 -81.25
N GLY Z 46 39.41 -67.94 -82.28
CA GLY Z 46 38.00 -68.21 -82.42
C GLY Z 46 37.28 -68.85 -81.26
N ASN Z 47 35.98 -69.02 -81.39
CA ASN Z 47 35.03 -68.21 -80.62
C ASN Z 47 35.16 -68.24 -79.11
N GLU Z 48 36.29 -67.69 -78.62
CA GLU Z 48 36.47 -67.18 -77.26
C GLU Z 48 37.38 -65.96 -77.40
N VAL Z 49 36.80 -64.76 -77.33
CA VAL Z 49 37.51 -63.51 -77.55
C VAL Z 49 37.51 -62.70 -76.26
N THR Z 50 38.71 -62.29 -75.83
CA THR Z 50 38.93 -61.57 -74.57
C THR Z 50 39.47 -60.17 -74.85
N PHE Z 51 39.71 -59.42 -73.77
CA PHE Z 51 40.16 -58.03 -73.83
C PHE Z 51 41.46 -57.86 -73.04
N THR Z 52 42.43 -57.20 -73.67
CA THR Z 52 43.63 -56.74 -73.00
C THR Z 52 43.84 -55.28 -73.35
N ARG Z 53 44.36 -54.51 -72.41
CA ARG Z 53 44.27 -53.06 -72.51
C ARG Z 53 45.56 -52.35 -72.13
N PRO Z 54 45.77 -51.14 -72.65
CA PRO Z 54 46.82 -50.28 -72.11
C PRO Z 54 46.54 -49.90 -70.67
N ASN Z 55 47.42 -50.34 -69.80
CA ASN Z 55 47.31 -50.18 -68.36
C ASN Z 55 48.08 -48.92 -67.96
N ASP Z 56 48.45 -48.83 -66.68
CA ASP Z 56 49.24 -47.74 -66.07
C ASP Z 56 48.43 -46.45 -66.01
N SER Z 57 47.20 -46.56 -65.54
CA SER Z 57 46.37 -45.45 -65.11
C SER Z 57 46.17 -45.53 -63.61
N LYS Z 58 45.37 -44.61 -63.07
CA LYS Z 58 44.93 -44.77 -61.69
C LYS Z 58 43.73 -45.69 -61.60
N GLU Z 59 42.84 -45.62 -62.59
CA GLU Z 59 41.63 -46.41 -62.55
C GLU Z 59 41.93 -47.88 -62.78
N MET Z 60 42.44 -48.21 -63.97
CA MET Z 60 42.97 -49.50 -64.43
C MET Z 60 41.91 -50.58 -64.60
N LYS Z 61 40.76 -50.39 -64.00
CA LYS Z 61 39.97 -51.52 -63.53
C LYS Z 61 38.48 -51.38 -63.68
N THR Z 62 37.95 -50.19 -63.91
CA THR Z 62 36.49 -50.03 -63.94
C THR Z 62 35.94 -50.44 -65.29
N ILE Z 63 36.53 -49.91 -66.36
CA ILE Z 63 36.00 -50.07 -67.70
C ILE Z 63 36.19 -51.52 -68.17
N HIS Z 64 37.22 -52.21 -67.66
CA HIS Z 64 37.38 -53.65 -67.88
C HIS Z 64 36.14 -54.44 -67.46
N GLY Z 65 35.76 -54.29 -66.19
CA GLY Z 65 34.64 -55.05 -65.68
C GLY Z 65 33.32 -54.68 -66.33
N THR Z 66 33.15 -53.38 -66.62
CA THR Z 66 31.91 -52.98 -67.30
C THR Z 66 31.83 -53.53 -68.72
N THR Z 67 32.93 -53.52 -69.47
CA THR Z 67 32.85 -54.00 -70.85
C THR Z 67 32.70 -55.51 -70.92
N ARG Z 68 33.34 -56.25 -70.00
CA ARG Z 68 33.15 -57.70 -70.01
C ARG Z 68 31.73 -58.08 -69.61
N ALA Z 69 31.16 -57.42 -68.59
CA ALA Z 69 29.81 -57.76 -68.19
C ALA Z 69 28.80 -57.33 -69.25
N ASN Z 70 29.05 -56.20 -69.92
CA ASN Z 70 28.11 -55.75 -70.93
C ASN Z 70 28.17 -56.62 -72.18
N PHE Z 71 29.36 -57.10 -72.57
CA PHE Z 71 29.38 -58.02 -73.71
C PHE Z 71 28.84 -59.39 -73.37
N ASN Z 72 28.96 -59.83 -72.12
CA ASN Z 72 28.28 -61.06 -71.77
C ASN Z 72 26.77 -60.88 -71.83
N ASN Z 73 26.29 -59.68 -71.48
CA ASN Z 73 24.87 -59.37 -71.69
C ASN Z 73 24.51 -59.36 -73.17
N MET Z 74 25.39 -58.80 -74.01
CA MET Z 74 25.20 -58.80 -75.47
C MET Z 74 25.04 -60.21 -76.01
N VAL Z 75 25.99 -61.08 -75.67
CA VAL Z 75 26.03 -62.41 -76.25
C VAL Z 75 24.89 -63.28 -75.72
N VAL Z 76 24.53 -63.13 -74.44
CA VAL Z 76 23.42 -63.91 -73.92
C VAL Z 76 22.10 -63.42 -74.50
N GLY Z 77 21.94 -62.10 -74.65
CA GLY Z 77 20.70 -61.58 -75.19
C GLY Z 77 20.50 -61.90 -76.66
N VAL Z 78 21.58 -61.98 -77.43
CA VAL Z 78 21.46 -62.45 -78.80
C VAL Z 78 21.11 -63.93 -78.82
N SER Z 79 21.69 -64.70 -77.91
CA SER Z 79 21.47 -66.15 -77.92
C SER Z 79 20.10 -66.51 -77.37
N GLU Z 80 19.87 -66.23 -76.09
CA GLU Z 80 18.71 -66.75 -75.40
C GLU Z 80 17.61 -65.72 -75.19
N GLY Z 81 17.93 -64.58 -74.59
CA GLY Z 81 16.92 -63.65 -74.15
C GLY Z 81 16.74 -63.72 -72.65
N PHE Z 82 15.87 -62.85 -72.15
CA PHE Z 82 15.75 -62.66 -70.71
C PHE Z 82 14.29 -62.61 -70.30
N GLN Z 83 14.02 -63.07 -69.08
CA GLN Z 83 12.68 -63.15 -68.53
C GLN Z 83 12.68 -62.51 -67.15
N LYS Z 84 11.71 -61.64 -66.89
CA LYS Z 84 11.50 -61.07 -65.56
C LYS Z 84 10.01 -61.13 -65.27
N ALA Z 85 9.57 -62.22 -64.66
CA ALA Z 85 8.15 -62.48 -64.50
C ALA Z 85 7.62 -61.81 -63.23
N LEU Z 86 6.38 -61.34 -63.31
CA LEU Z 86 5.74 -60.56 -62.27
C LEU Z 86 4.47 -61.30 -61.84
N GLU Z 87 3.85 -60.83 -60.76
CA GLU Z 87 2.65 -61.46 -60.25
C GLU Z 87 1.60 -60.42 -59.89
N LEU Z 88 0.46 -60.90 -59.43
CA LEU Z 88 -0.67 -60.05 -59.05
C LEU Z 88 -1.37 -60.69 -57.86
N ILE Z 89 -1.10 -60.18 -56.67
CA ILE Z 89 -1.80 -60.60 -55.48
C ILE Z 89 -2.75 -59.46 -55.13
N GLY Z 90 -3.66 -59.70 -54.20
CA GLY Z 90 -4.67 -58.72 -53.91
C GLY Z 90 -5.94 -58.98 -54.70
N VAL Z 91 -6.49 -60.18 -54.47
CA VAL Z 91 -7.45 -60.91 -55.31
C VAL Z 91 -8.57 -60.04 -55.88
N GLY Z 92 -8.73 -60.08 -57.19
CA GLY Z 92 -9.61 -59.19 -57.89
C GLY Z 92 -8.84 -58.32 -58.88
N TYR Z 93 -7.60 -58.71 -59.16
CA TYR Z 93 -6.74 -57.96 -60.07
C TYR Z 93 -6.45 -58.82 -61.28
N ARG Z 94 -6.42 -58.20 -62.45
CA ARG Z 94 -6.41 -58.93 -63.71
C ARG Z 94 -5.28 -58.43 -64.59
N ALA Z 95 -5.07 -59.14 -65.70
CA ALA Z 95 -4.12 -58.72 -66.73
C ALA Z 95 -4.54 -59.34 -68.04
N GLN Z 96 -4.80 -58.50 -69.04
CA GLN Z 96 -5.32 -58.95 -70.33
C GLN Z 96 -4.56 -58.27 -71.46
N VAL Z 97 -4.39 -58.99 -72.56
CA VAL Z 97 -3.61 -58.52 -73.70
C VAL Z 97 -4.43 -58.64 -74.97
N GLN Z 98 -4.61 -57.52 -75.66
CA GLN Z 98 -5.12 -57.48 -77.03
C GLN Z 98 -3.98 -56.97 -77.89
N GLY Z 99 -3.09 -57.87 -78.28
CA GLY Z 99 -1.97 -57.44 -79.09
C GLY Z 99 -0.82 -56.92 -78.26
N ASN Z 100 -0.73 -55.61 -78.12
CA ASN Z 100 0.30 -54.96 -77.32
C ASN Z 100 -0.31 -53.89 -76.43
N LYS Z 101 -1.38 -54.25 -75.74
CA LYS Z 101 -2.08 -53.32 -74.85
C LYS Z 101 -2.38 -54.06 -73.56
N LEU Z 102 -1.57 -53.83 -72.54
CA LEU Z 102 -1.81 -54.38 -71.22
C LEU Z 102 -2.95 -53.64 -70.56
N THR Z 103 -3.88 -54.38 -69.95
CA THR Z 103 -4.94 -53.79 -69.15
C THR Z 103 -4.84 -54.36 -67.75
N LEU Z 104 -4.69 -53.49 -66.77
CA LEU Z 104 -4.39 -53.88 -65.40
C LEU Z 104 -5.48 -53.32 -64.50
N ASN Z 105 -6.31 -54.20 -63.93
CA ASN Z 105 -7.43 -53.79 -63.09
C ASN Z 105 -7.03 -53.93 -61.64
N VAL Z 106 -6.21 -52.99 -61.18
CA VAL Z 106 -5.52 -53.16 -59.90
C VAL Z 106 -6.27 -52.43 -58.78
N GLY Z 107 -7.51 -52.03 -59.02
CA GLY Z 107 -8.32 -51.46 -57.96
C GLY Z 107 -8.58 -49.99 -58.08
N TYR Z 108 -8.11 -49.34 -59.13
CA TYR Z 108 -8.43 -47.95 -59.37
C TYR Z 108 -9.80 -47.89 -60.04
N SER Z 109 -10.15 -46.72 -60.58
CA SER Z 109 -11.29 -46.63 -61.49
C SER Z 109 -10.81 -46.55 -62.93
N HIS Z 110 -9.78 -47.32 -63.28
CA HIS Z 110 -9.18 -47.29 -64.59
C HIS Z 110 -8.69 -48.66 -65.01
CA PRO Z 111 -8.10 -50.08 -66.88
C PRO Z 111 -6.81 -49.42 -67.34
N VAL Z 112 -5.71 -49.69 -66.63
CA VAL Z 112 -4.47 -48.99 -66.90
C VAL Z 112 -3.83 -49.56 -68.15
N GLU Z 113 -3.59 -48.70 -69.14
CA GLU Z 113 -2.94 -49.12 -70.36
C GLU Z 113 -1.42 -49.01 -70.24
N MET Z 114 -0.75 -49.98 -70.87
CA MET Z 114 0.70 -49.97 -71.03
C MET Z 114 1.00 -50.46 -72.43
N THR Z 115 1.67 -49.64 -73.23
CA THR Z 115 2.01 -50.01 -74.58
C THR Z 115 3.30 -50.83 -74.58
N ALA Z 116 3.95 -50.93 -75.73
CA ALA Z 116 5.19 -51.68 -75.80
C ALA Z 116 6.09 -51.08 -76.86
N PRO Z 117 7.40 -51.17 -76.67
CA PRO Z 117 8.33 -50.93 -77.78
C PRO Z 117 8.45 -52.16 -78.68
N GLU Z 118 9.42 -52.15 -79.60
CA GLU Z 118 9.49 -53.18 -80.63
C GLU Z 118 9.79 -54.56 -80.06
N GLY Z 119 10.97 -54.74 -79.48
CA GLY Z 119 11.48 -56.07 -79.24
C GLY Z 119 11.02 -56.76 -77.97
N VAL Z 120 9.93 -56.27 -77.37
CA VAL Z 120 9.42 -56.81 -76.12
C VAL Z 120 7.98 -57.25 -76.35
N THR Z 121 7.64 -58.43 -75.88
CA THR Z 121 6.26 -58.92 -75.90
C THR Z 121 5.71 -58.93 -74.47
N PHE Z 122 4.48 -59.44 -74.34
CA PHE Z 122 3.87 -59.63 -73.03
C PHE Z 122 3.06 -60.91 -73.06
N GLU Z 123 3.49 -61.89 -72.27
CA GLU Z 123 2.86 -63.19 -72.24
C GLU Z 123 2.04 -63.30 -70.98
N VAL Z 124 0.76 -63.63 -71.12
CA VAL Z 124 -0.16 -63.73 -70.01
C VAL Z 124 -0.74 -65.14 -69.98
N PRO Z 125 -0.19 -66.02 -69.17
CA PRO Z 125 -0.75 -67.37 -69.06
C PRO Z 125 -2.08 -67.40 -68.31
N ALA Z 126 -2.14 -66.73 -67.17
CA ALA Z 126 -3.34 -66.74 -66.34
C ALA Z 126 -3.62 -65.30 -65.92
N ASN Z 127 -4.71 -65.11 -65.17
CA ASN Z 127 -5.10 -63.75 -64.79
C ASN Z 127 -4.22 -63.14 -63.72
N THR Z 128 -3.14 -63.77 -63.27
CA THR Z 128 -2.24 -63.18 -62.30
C THR Z 128 -0.86 -62.88 -62.87
N GLN Z 129 -0.19 -63.87 -63.43
CA GLN Z 129 1.24 -63.79 -63.69
C GLN Z 129 1.50 -63.22 -65.07
N VAL Z 130 2.42 -62.26 -65.15
CA VAL Z 130 2.79 -61.58 -66.38
C VAL Z 130 4.29 -61.78 -66.60
N ILE Z 131 4.67 -62.14 -67.82
CA ILE Z 131 6.05 -62.43 -68.16
C ILE Z 131 6.51 -61.44 -69.22
N VAL Z 132 7.71 -60.90 -69.06
CA VAL Z 132 8.28 -59.94 -70.01
C VAL Z 132 9.53 -60.56 -70.62
N LYS Z 133 9.59 -60.60 -71.95
CA LYS Z 133 10.73 -61.15 -72.67
C LYS Z 133 11.32 -60.11 -73.61
N GLY Z 134 12.43 -60.48 -74.23
CA GLY Z 134 13.11 -59.58 -75.14
C GLY Z 134 14.57 -59.96 -75.26
N ILE Z 135 15.37 -58.98 -75.69
CA ILE Z 135 16.77 -59.18 -76.04
C ILE Z 135 17.71 -58.55 -75.01
N ASN Z 136 17.59 -57.24 -74.80
CA ASN Z 136 18.44 -56.53 -73.84
C ASN Z 136 18.10 -56.92 -72.41
N LYS Z 137 18.86 -56.37 -71.48
CA LYS Z 137 18.42 -56.39 -70.09
C LYS Z 137 17.90 -55.04 -69.63
N GLU Z 138 18.46 -53.96 -70.16
CA GLU Z 138 18.09 -52.62 -69.71
C GLU Z 138 16.65 -52.29 -70.07
N VAL Z 139 16.26 -52.61 -71.31
CA VAL Z 139 14.92 -52.31 -71.79
C VAL Z 139 13.89 -53.12 -71.02
N VAL Z 140 14.19 -54.40 -70.80
CA VAL Z 140 13.31 -55.28 -70.06
C VAL Z 140 13.18 -54.82 -68.61
N GLY Z 141 14.29 -54.35 -68.04
CA GLY Z 141 14.25 -53.87 -66.67
C GLY Z 141 13.43 -52.61 -66.52
N GLU Z 142 13.55 -51.69 -67.47
CA GLU Z 142 12.77 -50.46 -67.38
C GLU Z 142 11.28 -50.73 -67.56
N LEU Z 143 10.93 -51.63 -68.47
CA LEU Z 143 9.52 -51.94 -68.67
C LEU Z 143 8.93 -52.68 -67.47
N ALA Z 144 9.70 -53.61 -66.89
CA ALA Z 144 9.23 -54.31 -65.70
C ALA Z 144 9.08 -53.36 -64.53
N ALA Z 145 10.02 -52.42 -64.37
CA ALA Z 145 9.94 -51.47 -63.27
C ALA Z 145 8.78 -50.51 -63.45
N ASN Z 146 8.48 -50.13 -64.70
CA ASN Z 146 7.32 -49.31 -64.95
C ASN Z 146 6.03 -50.06 -64.67
N ILE Z 147 6.03 -51.37 -64.85
CA ILE Z 147 4.86 -52.14 -64.44
C ILE Z 147 4.77 -52.19 -62.92
N ARG Z 148 5.90 -52.32 -62.21
CA ARG Z 148 5.88 -52.42 -60.76
C ARG Z 148 5.42 -51.13 -60.10
N GLY Z 149 5.70 -49.99 -60.74
CA GLY Z 149 5.33 -48.71 -60.17
C GLY Z 149 3.86 -48.37 -60.25
N VAL Z 150 3.07 -49.21 -60.91
CA VAL Z 150 1.64 -48.96 -60.99
C VAL Z 150 0.99 -49.21 -59.63
N ARG Z 151 1.33 -50.33 -59.00
CA ARG Z 151 0.87 -50.62 -57.64
C ARG Z 151 1.94 -51.48 -56.98
N PRO Z 152 2.93 -50.85 -56.34
CA PRO Z 152 3.91 -51.60 -55.56
C PRO Z 152 3.29 -52.11 -54.28
N PRO Z 153 3.86 -53.17 -53.66
CA PRO Z 153 3.14 -53.83 -52.56
C PRO Z 153 3.06 -53.04 -51.27
N GLU Z 154 2.43 -53.63 -50.26
CA GLU Z 154 2.19 -53.02 -48.96
C GLU Z 154 2.70 -53.93 -47.86
N PRO Z 155 3.02 -53.38 -46.68
CA PRO Z 155 3.47 -54.22 -45.56
C PRO Z 155 2.35 -54.75 -44.68
N TYR Z 156 1.10 -54.70 -45.09
CA TYR Z 156 0.03 -55.12 -44.22
C TYR Z 156 -0.72 -56.35 -44.72
N LYS Z 157 -0.97 -56.46 -46.02
CA LYS Z 157 -1.49 -57.70 -46.57
C LYS Z 157 -0.65 -58.14 -47.75
N GLY Z 158 -0.06 -57.19 -48.46
CA GLY Z 158 0.86 -57.54 -49.52
C GLY Z 158 0.19 -57.64 -50.87
N LYS Z 159 -0.56 -56.61 -51.23
CA LYS Z 159 -1.23 -56.58 -52.52
C LYS Z 159 -0.23 -56.13 -53.59
N GLY Z 160 -0.72 -55.75 -54.77
CA GLY Z 160 0.15 -55.17 -55.77
C GLY Z 160 0.91 -56.19 -56.58
N ILE Z 161 2.05 -55.76 -57.12
CA ILE Z 161 2.86 -56.54 -58.04
C ILE Z 161 4.21 -56.80 -57.39
N ARG Z 162 4.73 -58.01 -57.54
CA ARG Z 162 6.01 -58.38 -56.97
C ARG Z 162 6.97 -58.80 -58.09
N TYR Z 163 8.12 -59.34 -57.68
CA TYR Z 163 8.88 -60.23 -58.54
C TYR Z 163 8.25 -61.61 -58.50
N VAL Z 164 8.96 -62.59 -59.03
CA VAL Z 164 8.70 -63.96 -58.61
C VAL Z 164 9.16 -64.15 -57.18
N GLY Z 165 10.27 -63.52 -56.81
CA GLY Z 165 10.87 -63.75 -55.50
C GLY Z 165 11.28 -62.54 -54.67
N GLU Z 166 10.48 -61.46 -54.63
CA GLU Z 166 10.78 -60.42 -53.66
C GLU Z 166 10.55 -60.91 -52.24
N PHE Z 167 11.22 -60.25 -51.31
CA PHE Z 167 11.00 -60.46 -49.89
C PHE Z 167 10.26 -59.22 -49.38
N VAL Z 168 8.94 -59.28 -49.39
CA VAL Z 168 8.11 -58.18 -48.95
C VAL Z 168 7.76 -58.40 -47.49
N ARG Z 169 8.20 -57.49 -46.62
CA ARG Z 169 7.99 -57.65 -45.19
C ARG Z 169 6.56 -57.33 -44.81
N ARG Z 170 6.10 -57.97 -43.74
CA ARG Z 170 4.73 -57.82 -43.28
C ARG Z 170 4.73 -57.32 -41.84
N LYS Z 171 4.15 -56.16 -41.63
CA LYS Z 171 4.04 -55.53 -40.33
C LYS Z 171 2.60 -55.73 -39.87
N GLU Z 172 2.37 -56.76 -39.05
CA GLU Z 172 1.00 -57.09 -38.68
C GLU Z 172 0.50 -56.10 -37.63
N GLY Z 173 -0.04 -54.98 -38.11
CA GLY Z 173 -0.62 -54.01 -37.22
C GLY Z 173 -2.02 -54.37 -36.81
N LYS Z 174 -2.43 -53.88 -35.64
CA LYS Z 174 -3.72 -54.22 -35.06
C LYS Z 174 -4.86 -53.56 -35.84
N THR Z 175 -6.07 -53.77 -35.33
CA THR Z 175 -7.26 -53.13 -35.90
C THR Z 175 -7.59 -51.85 -35.14
N GLY Z 176 -6.61 -50.95 -35.13
CA GLY Z 176 -6.71 -49.73 -34.36
C GLY Z 176 -5.60 -49.56 -33.35
N MET AA 1 59.03 18.31 -77.27
CA MET AA 1 58.29 17.79 -78.41
C MET AA 1 59.25 17.22 -79.43
N ARG AA 2 59.07 15.94 -79.76
CA ARG AA 2 59.97 15.22 -80.65
C ARG AA 2 59.15 14.21 -81.44
N THR AA 3 59.82 13.19 -81.96
CA THR AA 3 59.33 12.42 -83.09
C THR AA 3 58.91 11.01 -82.66
N THR AA 4 57.61 10.79 -82.49
CA THR AA 4 57.01 9.46 -82.47
C THR AA 4 55.76 9.51 -83.33
N TYR AA 5 55.46 8.40 -84.01
CA TYR AA 5 54.31 8.39 -84.93
C TYR AA 5 53.01 8.35 -84.16
N MET AA 6 52.41 9.51 -83.98
CA MET AA 6 50.99 9.59 -83.66
C MET AA 6 50.26 9.40 -84.98
N ALA AA 7 49.79 8.18 -85.22
CA ALA AA 7 49.13 7.84 -86.46
C ALA AA 7 47.81 8.57 -86.59
N LYS AA 8 47.37 8.75 -87.83
CA LYS AA 8 46.17 9.51 -88.12
C LYS AA 8 45.01 8.57 -88.43
N ALA AA 9 43.83 9.16 -88.54
CA ALA AA 9 42.60 8.37 -88.66
C ALA AA 9 42.47 7.68 -90.01
N GLY AA 10 43.16 8.15 -91.04
CA GLY AA 10 42.98 7.57 -92.36
C GLY AA 10 44.22 6.98 -92.98
N GLU AA 11 45.19 6.57 -92.16
CA GLU AA 11 46.39 5.93 -92.68
C GLU AA 11 46.38 4.43 -92.51
N VAL AA 12 45.70 3.93 -91.50
CA VAL AA 12 45.84 2.53 -91.09
C VAL AA 12 45.03 1.65 -92.02
N GLU AA 13 45.68 0.66 -92.61
CA GLU AA 13 45.00 -0.34 -93.40
C GLU AA 13 44.63 -1.52 -92.54
N ARG AA 14 43.41 -2.01 -92.71
CA ARG AA 14 42.83 -3.06 -91.88
C ARG AA 14 42.79 -4.35 -92.68
N LYS AA 15 42.58 -5.47 -91.99
CA LYS AA 15 42.50 -6.76 -92.65
C LYS AA 15 41.31 -7.53 -92.13
N TRP AA 16 41.14 -8.74 -92.64
CA TRP AA 16 40.02 -9.61 -92.28
C TRP AA 16 40.55 -10.99 -91.97
N TYR AA 17 40.26 -11.49 -90.77
CA TYR AA 17 40.79 -12.77 -90.33
C TYR AA 17 39.66 -13.73 -90.05
N VAL AA 18 39.97 -15.02 -90.12
CA VAL AA 18 39.06 -16.09 -89.76
C VAL AA 18 39.68 -16.88 -88.62
N VAL AA 19 38.91 -17.10 -87.56
CA VAL AA 19 39.39 -17.81 -86.38
C VAL AA 19 38.40 -18.92 -86.07
N ASP AA 20 38.86 -20.17 -86.10
CA ASP AA 20 38.00 -21.27 -85.71
C ASP AA 20 37.80 -21.29 -84.21
N ALA AA 21 36.83 -22.09 -83.80
CA ALA AA 21 36.49 -22.24 -82.39
C ALA AA 21 36.19 -23.68 -82.04
N THR AA 22 36.70 -24.62 -82.82
CA THR AA 22 36.41 -26.03 -82.59
C THR AA 22 37.26 -26.50 -81.43
N ASP AA 23 36.63 -26.63 -80.27
CA ASP AA 23 37.19 -27.21 -79.04
C ASP AA 23 38.39 -26.42 -78.53
N VAL AA 24 38.13 -25.14 -78.28
CA VAL AA 24 39.04 -24.22 -77.61
C VAL AA 24 38.19 -23.59 -76.52
N PRO AA 25 38.66 -23.39 -75.30
CA PRO AA 25 37.80 -22.80 -74.26
C PRO AA 25 37.55 -21.32 -74.51
N LEU AA 26 36.60 -20.77 -73.74
CA LEU AA 26 36.17 -19.39 -73.96
C LEU AA 26 37.25 -18.37 -73.64
N GLY AA 27 38.02 -18.60 -72.59
CA GLY AA 27 38.95 -17.58 -72.13
C GLY AA 27 40.06 -17.28 -73.12
N ARG AA 28 40.49 -18.28 -73.87
CA ARG AA 28 41.67 -18.10 -74.68
C ARG AA 28 41.35 -17.65 -76.10
N LEU AA 29 40.21 -18.10 -76.64
CA LEU AA 29 39.63 -17.45 -77.81
C LEU AA 29 39.43 -15.97 -77.57
N SER AA 30 38.73 -15.64 -76.49
CA SER AA 30 38.45 -14.26 -76.19
C SER AA 30 39.72 -13.46 -75.91
N ALA AA 31 40.75 -14.11 -75.35
CA ALA AA 31 42.01 -13.42 -75.10
C ALA AA 31 42.70 -13.03 -76.39
N VAL AA 32 42.86 -13.98 -77.31
CA VAL AA 32 43.57 -13.67 -78.55
C VAL AA 32 42.74 -12.71 -79.41
N VAL AA 33 41.43 -12.93 -79.46
CA VAL AA 33 40.57 -12.07 -80.28
C VAL AA 33 40.50 -10.66 -79.71
N ALA AA 34 40.50 -10.53 -78.39
CA ALA AA 34 40.44 -9.19 -77.80
C ALA AA 34 41.79 -8.49 -77.89
N SER AA 35 42.89 -9.23 -77.93
CA SER AA 35 44.16 -8.57 -78.18
C SER AA 35 44.29 -8.16 -79.64
N VAL AA 36 43.55 -8.81 -80.54
CA VAL AA 36 43.61 -8.40 -81.94
C VAL AA 36 42.90 -7.08 -82.17
N LEU AA 37 41.68 -6.93 -81.63
CA LEU AA 37 40.82 -5.84 -82.03
C LEU AA 37 41.26 -4.46 -81.54
N ARG AA 38 42.24 -4.37 -80.65
CA ARG AA 38 42.74 -3.04 -80.32
C ARG AA 38 43.84 -2.58 -81.24
N GLY AA 39 44.25 -3.39 -82.20
CA GLY AA 39 45.39 -3.05 -82.99
C GLY AA 39 46.70 -3.40 -82.35
N LYS AA 40 46.72 -4.33 -81.41
CA LYS AA 40 48.00 -4.84 -80.99
C LYS AA 40 48.55 -5.80 -82.03
N ASN AA 41 49.78 -6.26 -81.77
CA ASN AA 41 50.59 -7.07 -82.67
C ASN AA 41 50.86 -6.35 -83.98
N LYS AA 42 50.83 -5.02 -83.95
CA LYS AA 42 51.24 -4.16 -85.01
C LYS AA 42 52.06 -3.08 -84.33
N PRO AA 43 53.16 -2.64 -84.93
CA PRO AA 43 53.96 -1.58 -84.33
C PRO AA 43 53.39 -0.18 -84.49
N THR AA 44 52.13 -0.01 -84.87
CA THR AA 44 51.62 1.32 -85.13
C THR AA 44 50.45 1.66 -84.22
N PHE AA 45 50.63 1.51 -82.92
CA PHE AA 45 49.67 2.05 -81.96
C PHE AA 45 49.45 3.55 -82.10
N THR AA 46 48.24 3.94 -81.77
CA THR AA 46 47.98 5.07 -80.90
C THR AA 46 47.06 4.50 -79.84
N PRO AA 47 46.89 5.19 -78.74
CA PRO AA 47 45.74 4.89 -77.89
C PRO AA 47 44.53 5.73 -78.25
N HIS AA 48 44.48 6.26 -79.48
CA HIS AA 48 43.27 6.87 -80.00
C HIS AA 48 42.74 6.12 -81.21
N VAL AA 49 43.56 5.98 -82.22
CA VAL AA 49 43.09 5.65 -83.55
C VAL AA 49 42.79 4.16 -83.63
N ASP AA 50 41.70 3.82 -84.28
CA ASP AA 50 41.21 2.45 -84.33
C ASP AA 50 42.09 1.68 -85.28
N THR AA 51 43.23 1.23 -84.78
CA THR AA 51 44.17 0.50 -85.61
C THR AA 51 43.88 -0.99 -85.64
N GLY AA 52 42.69 -1.40 -85.23
CA GLY AA 52 42.36 -2.79 -85.10
C GLY AA 52 42.16 -3.47 -86.44
N ASP AA 53 41.66 -4.69 -86.37
CA ASP AA 53 41.42 -5.52 -87.53
C ASP AA 53 39.95 -5.94 -87.51
N PHE AA 54 39.62 -6.91 -88.33
CA PHE AA 54 38.27 -7.45 -88.36
C PHE AA 54 38.33 -8.94 -88.08
N VAL AA 55 37.52 -9.40 -87.14
CA VAL AA 55 37.55 -10.78 -86.70
C VAL AA 55 36.22 -11.42 -87.06
N ILE AA 56 36.29 -12.59 -87.69
CA ILE AA 56 35.12 -13.43 -87.93
C ILE AA 56 35.35 -14.74 -87.21
N VAL AA 57 34.35 -15.18 -86.44
CA VAL AA 57 34.46 -16.36 -85.60
C VAL AA 57 33.48 -17.41 -86.10
N ILE AA 58 33.99 -18.63 -86.33
CA ILE AA 58 33.26 -19.72 -86.96
C ILE AA 58 33.18 -20.88 -85.97
N ASN AA 59 32.06 -21.60 -86.00
CA ASN AA 59 31.79 -22.78 -85.19
C ASN AA 59 31.73 -22.43 -83.71
N ALA AA 60 30.83 -21.49 -83.39
CA ALA AA 60 30.61 -21.14 -82.01
C ALA AA 60 29.81 -22.20 -81.25
N ASP AA 61 29.27 -23.20 -81.92
CA ASP AA 61 28.58 -24.27 -81.23
C ASP AA 61 29.54 -25.25 -80.56
N LYS AA 62 30.82 -25.20 -80.88
CA LYS AA 62 31.74 -26.24 -80.45
C LYS AA 62 32.88 -25.67 -79.62
N VAL AA 63 32.55 -24.80 -78.69
CA VAL AA 63 33.52 -24.15 -77.81
C VAL AA 63 33.54 -24.93 -76.49
N LYS AA 64 34.74 -25.25 -76.02
CA LYS AA 64 34.89 -26.03 -74.79
C LYS AA 64 34.51 -25.23 -73.55
N LEU AA 65 33.93 -25.93 -72.60
CA LEU AA 65 33.80 -25.44 -71.23
C LEU AA 65 34.39 -26.52 -70.34
N THR AA 66 35.52 -26.22 -69.71
CA THR AA 66 36.42 -27.24 -69.19
C THR AA 66 35.95 -27.77 -67.84
N GLY AA 67 35.78 -29.08 -67.75
CA GLY AA 67 35.37 -29.73 -66.52
C GLY AA 67 33.88 -29.60 -66.32
N LYS AA 68 33.49 -28.90 -65.28
CA LYS AA 68 32.14 -28.36 -65.15
C LYS AA 68 32.15 -26.97 -65.80
N LYS AA 69 31.18 -26.13 -65.45
CA LYS AA 69 30.68 -24.86 -66.05
C LYS AA 69 29.67 -25.18 -67.13
N ALA AA 70 29.40 -26.45 -67.42
CA ALA AA 70 28.34 -26.77 -68.35
C ALA AA 70 26.98 -26.44 -67.77
N THR AA 71 26.79 -26.69 -66.48
CA THR AA 71 25.57 -26.38 -65.79
C THR AA 71 25.77 -25.33 -64.71
N ASP AA 72 26.83 -24.54 -64.79
CA ASP AA 72 27.21 -23.84 -63.58
C ASP AA 72 27.42 -22.34 -63.74
N LYS AA 73 28.02 -21.88 -64.84
CA LYS AA 73 28.26 -20.44 -64.97
C LYS AA 73 26.94 -19.73 -65.25
N ILE AA 74 26.19 -19.50 -64.19
CA ILE AA 74 24.90 -18.84 -64.29
C ILE AA 74 25.15 -17.38 -64.57
N TYR AA 75 24.77 -16.92 -65.77
CA TYR AA 75 24.81 -15.48 -65.98
C TYR AA 75 23.63 -14.83 -65.28
N TYR AA 76 23.64 -13.50 -65.24
CA TYR AA 76 22.60 -12.80 -64.53
C TYR AA 76 22.26 -11.52 -65.27
N ARG AA 77 20.98 -11.18 -65.28
CA ARG AA 77 20.54 -9.88 -65.73
C ARG AA 77 19.51 -9.38 -64.74
N HIS AA 78 19.52 -8.08 -64.49
CA HIS AA 78 18.46 -7.46 -63.75
C HIS AA 78 17.86 -6.37 -64.61
N SER AA 79 16.57 -6.13 -64.43
CA SER AA 79 15.85 -5.30 -65.38
C SER AA 79 15.18 -4.11 -64.72
N MET AA 80 15.79 -3.56 -63.66
CA MET AA 80 15.48 -2.24 -63.11
C MET AA 80 14.07 -2.16 -62.51
N TYR AA 81 13.42 -3.29 -62.27
CA TYR AA 81 12.10 -3.45 -61.69
C TYR AA 81 12.22 -4.32 -60.45
N PRO AA 82 11.33 -4.18 -59.47
CA PRO AA 82 11.47 -4.97 -58.24
C PRO AA 82 11.19 -6.43 -58.47
N GLY AA 83 12.04 -7.28 -57.88
CA GLY AA 83 11.98 -8.71 -58.05
C GLY AA 83 12.36 -9.11 -59.45
N GLY AA 84 13.49 -8.63 -59.93
CA GLY AA 84 13.71 -8.69 -61.36
C GLY AA 84 14.96 -9.37 -61.86
N LEU AA 85 15.68 -10.11 -61.03
CA LEU AA 85 16.77 -10.91 -61.56
C LEU AA 85 16.24 -12.00 -62.47
N LYS AA 86 16.95 -12.22 -63.56
CA LYS AA 86 16.60 -13.26 -64.52
C LYS AA 86 17.86 -14.05 -64.77
N SER AA 87 18.00 -15.16 -64.07
CA SER AA 87 19.16 -16.03 -64.19
C SER AA 87 18.92 -17.12 -65.20
N VAL AA 88 18.20 -16.76 -66.26
CA VAL AA 88 17.62 -17.68 -67.23
C VAL AA 88 18.71 -18.52 -67.89
N THR AA 89 19.87 -17.94 -68.11
CA THR AA 89 20.92 -18.61 -68.84
C THR AA 89 21.80 -19.43 -67.92
N ALA AA 90 22.56 -20.31 -68.54
CA ALA AA 90 23.44 -21.30 -67.93
C ALA AA 90 24.52 -21.54 -68.96
N GLY AA 91 25.07 -22.75 -68.99
CA GLY AA 91 25.72 -23.18 -70.21
C GLY AA 91 24.79 -23.62 -71.34
N GLU AA 92 23.51 -23.25 -71.25
CA GLU AA 92 22.54 -23.49 -72.33
C GLU AA 92 22.90 -22.73 -73.59
N LEU AA 93 23.60 -21.61 -73.46
CA LEU AA 93 23.81 -20.73 -74.59
C LEU AA 93 24.75 -21.29 -75.64
N ARG AA 94 25.42 -22.40 -75.35
CA ARG AA 94 26.11 -23.14 -76.41
C ARG AA 94 25.13 -23.62 -77.47
N ASP AA 95 23.91 -23.98 -77.07
CA ASP AA 95 22.91 -24.44 -78.02
C ASP AA 95 22.14 -23.29 -78.64
N LYS AA 96 21.50 -22.49 -77.82
CA LYS AA 96 20.65 -21.40 -78.28
C LYS AA 96 21.40 -20.10 -78.10
N ASN AA 97 21.51 -19.30 -79.17
CA ASN AA 97 22.33 -18.09 -79.22
C ASN AA 97 23.79 -18.36 -78.87
N SER AA 98 24.44 -19.17 -79.69
CA SER AA 98 25.88 -19.29 -79.54
C SER AA 98 26.62 -18.07 -80.06
N ARG AA 99 25.93 -17.15 -80.73
CA ARG AA 99 26.47 -15.83 -80.96
C ARG AA 99 26.60 -15.05 -79.67
N ARG AA 100 25.66 -15.24 -78.75
CA ARG AA 100 25.59 -14.39 -77.56
C ARG AA 100 26.73 -14.66 -76.59
N LEU AA 101 27.26 -15.88 -76.56
CA LEU AA 101 28.37 -16.21 -75.65
C LEU AA 101 29.59 -15.37 -75.93
N ILE AA 102 30.06 -15.41 -77.18
C ILE AA 102 31.02 -13.19 -77.47
N GLU AA 103 29.81 -12.77 -77.79
CA GLU AA 103 29.49 -11.35 -77.74
C GLU AA 103 29.17 -10.86 -76.32
N THR AA 104 29.46 -11.62 -75.28
CA THR AA 104 29.58 -11.07 -73.93
C THR AA 104 30.94 -11.33 -73.33
N SER AA 105 31.48 -12.52 -73.54
CA SER AA 105 32.80 -12.81 -73.00
C SER AA 105 33.92 -12.25 -73.85
N VAL AA 106 33.63 -11.45 -74.87
CA VAL AA 106 34.62 -10.56 -75.44
C VAL AA 106 34.28 -9.10 -75.18
N LYS AA 107 33.00 -8.76 -75.05
CA LYS AA 107 32.60 -7.41 -74.68
C LYS AA 107 33.06 -7.06 -73.27
N GLY AA 108 33.28 -8.05 -72.42
CA GLY AA 108 33.89 -7.76 -71.13
C GLY AA 108 35.37 -7.44 -71.25
N MET AA 109 36.06 -8.06 -72.20
CA MET AA 109 37.51 -8.03 -72.25
C MET AA 109 38.08 -6.71 -72.74
N LEU AA 110 37.27 -5.85 -73.27
CA LEU AA 110 37.67 -4.59 -73.89
C LEU AA 110 37.42 -3.42 -72.94
N PRO AA 111 38.02 -2.25 -73.18
CA PRO AA 111 37.65 -1.08 -72.39
C PRO AA 111 36.22 -0.65 -72.66
N LYS AA 112 35.75 0.27 -71.83
CA LYS AA 112 34.36 0.68 -71.88
C LYS AA 112 34.27 2.17 -72.16
N ASN AA 113 35.19 2.62 -73.00
CA ASN AA 113 35.23 3.97 -73.57
C ASN AA 113 34.30 4.05 -74.77
N THR AA 114 34.49 5.06 -75.60
CA THR AA 114 33.89 5.06 -76.93
C THR AA 114 34.74 4.36 -77.96
N LEU AA 115 35.87 3.77 -77.58
CA LEU AA 115 36.56 2.84 -78.46
C LEU AA 115 36.23 1.41 -78.17
N GLY AA 116 35.79 1.11 -76.96
CA GLY AA 116 35.28 -0.21 -76.67
C GLY AA 116 33.87 -0.44 -77.13
N ARG AA 117 33.27 0.56 -77.76
CA ARG AA 117 32.05 0.38 -78.50
C ARG AA 117 32.27 0.36 -79.99
N LYS AA 118 33.28 1.09 -80.48
CA LYS AA 118 33.63 0.98 -81.90
C LYS AA 118 34.29 -0.36 -82.18
N GLN AA 119 35.27 -0.73 -81.36
CA GLN AA 119 36.03 -1.95 -81.62
C GLN AA 119 35.25 -3.20 -81.29
N PHE AA 120 34.11 -3.08 -80.64
CA PHE AA 120 33.24 -4.24 -80.51
C PHE AA 120 32.48 -4.53 -81.78
N THR AA 121 32.26 -3.54 -82.63
CA THR AA 121 31.50 -3.75 -83.86
C THR AA 121 32.36 -4.28 -85.00
N LYS AA 122 33.47 -4.93 -84.69
CA LYS AA 122 34.28 -5.60 -85.68
C LYS AA 122 34.28 -7.10 -85.47
N LEU AA 123 33.61 -7.58 -84.44
CA LEU AA 123 33.28 -9.00 -84.33
C LEU AA 123 32.11 -9.33 -85.22
N ASN AA 124 32.19 -10.50 -85.85
CA ASN AA 124 31.07 -11.09 -86.56
C ASN AA 124 31.13 -12.56 -86.17
N VAL AA 125 30.29 -12.96 -85.23
CA VAL AA 125 30.36 -14.29 -84.65
C VAL AA 125 29.24 -15.13 -85.23
N TYR AA 126 29.59 -16.20 -85.93
CA TYR AA 126 28.60 -17.04 -86.60
C TYR AA 126 28.63 -18.43 -86.01
N GLY AA 127 27.47 -18.90 -85.57
CA GLY AA 127 27.39 -20.22 -84.97
C GLY AA 127 27.62 -21.35 -85.93
N GLY AA 128 27.39 -21.13 -87.21
CA GLY AA 128 27.49 -22.19 -88.19
C GLY AA 128 28.92 -22.46 -88.62
N ALA AA 129 29.14 -22.59 -89.93
CA ALA AA 129 30.48 -22.84 -90.42
C ALA AA 129 30.79 -22.06 -91.69
N GLU AA 130 30.00 -21.04 -92.01
CA GLU AA 130 30.08 -20.38 -93.31
C GLU AA 130 29.96 -18.88 -93.16
N HIS AA 131 30.77 -18.17 -93.95
CA HIS AA 131 30.66 -16.73 -94.04
C HIS AA 131 29.39 -16.33 -94.75
N PRO AA 132 28.89 -15.13 -94.48
CA PRO AA 132 28.27 -14.31 -95.54
C PRO AA 132 29.23 -13.28 -96.12
N HIS AA 133 30.45 -13.19 -95.60
CA HIS AA 133 31.39 -12.11 -95.92
C HIS AA 133 32.49 -12.55 -96.86
N ALA AA 134 32.21 -13.48 -97.78
CA ALA AA 134 33.26 -14.00 -98.62
C ALA AA 134 33.75 -13.02 -99.67
N ALA AA 135 33.08 -11.89 -99.84
CA ALA AA 135 33.42 -10.90 -100.84
C ALA AA 135 34.59 -10.01 -100.44
N GLN AA 136 35.14 -10.18 -99.24
CA GLN AA 136 36.14 -9.26 -98.73
C GLN AA 136 37.47 -9.94 -98.45
N GLN AA 137 37.59 -11.21 -98.83
CA GLN AA 137 38.82 -12.01 -98.87
C GLN AA 137 39.50 -12.14 -97.52
N PRO AA 138 38.94 -12.88 -96.57
CA PRO AA 138 39.58 -13.01 -95.27
C PRO AA 138 40.68 -14.07 -95.30
N GLU AA 139 41.49 -14.06 -94.25
CA GLU AA 139 42.62 -14.97 -94.08
C GLU AA 139 42.43 -15.77 -92.81
N VAL AA 140 43.34 -16.71 -92.57
CA VAL AA 140 43.19 -17.68 -91.49
C VAL AA 140 44.29 -17.44 -90.46
N LEU AA 141 43.96 -17.61 -89.18
CA LEU AA 141 44.92 -17.56 -88.09
C LEU AA 141 44.92 -18.89 -87.35
N ASP AA 142 46.07 -19.54 -87.31
CA ASP AA 142 46.21 -20.68 -86.41
C ASP AA 142 46.35 -20.19 -84.99
N ILE AA 143 45.94 -21.03 -84.05
CA ILE AA 143 46.10 -20.71 -82.63
C ILE AA 143 46.92 -21.84 -82.01
N THR AA 144 48.18 -21.56 -81.74
CA THR AA 144 48.96 -22.24 -80.72
C THR AA 144 49.19 -21.29 -79.57
N ASN AA 145 48.15 -20.54 -79.21
CA ASN AA 145 48.24 -19.52 -78.18
C ASN AA 145 47.15 -19.72 -77.15
N MET BA 1 -28.78 -7.94 -49.73
CA MET BA 1 -27.69 -7.12 -49.24
C MET BA 1 -27.81 -7.00 -47.73
N ILE BA 2 -27.57 -8.10 -47.03
CA ILE BA 2 -27.70 -8.16 -45.57
C ILE BA 2 -26.35 -8.51 -44.97
N GLN BA 3 -25.93 -7.74 -43.97
CA GLN BA 3 -24.55 -7.75 -43.49
C GLN BA 3 -24.45 -8.00 -42.00
N GLN BA 4 -23.25 -7.80 -41.45
CA GLN BA 4 -23.11 -7.76 -40.00
C GLN BA 4 -23.81 -6.55 -39.43
N GLU BA 5 -24.35 -6.73 -38.22
CA GLU BA 5 -25.13 -5.74 -37.50
C GLU BA 5 -26.29 -5.22 -38.32
N SER BA 6 -27.04 -6.16 -38.88
CA SER BA 6 -28.26 -5.88 -39.63
C SER BA 6 -29.39 -6.71 -39.04
N ARG BA 7 -30.56 -6.09 -38.89
CA ARG BA 7 -31.63 -6.68 -38.11
C ARG BA 7 -32.70 -7.28 -38.99
N LEU BA 8 -32.95 -8.56 -38.80
CA LEU BA 8 -33.94 -9.31 -39.53
C LEU BA 8 -35.25 -9.32 -38.76
N ARG BA 9 -36.17 -10.17 -39.18
CA ARG BA 9 -37.31 -10.54 -38.36
C ARG BA 9 -37.46 -12.05 -38.37
N VAL BA 10 -38.30 -12.54 -37.47
CA VAL BA 10 -38.56 -13.97 -37.36
C VAL BA 10 -39.91 -14.26 -37.98
N ALA BA 11 -39.97 -15.28 -38.82
CA ALA BA 11 -41.25 -15.69 -39.37
C ALA BA 11 -41.60 -17.09 -38.89
N ASP BA 12 -41.46 -17.34 -37.59
CA ASP BA 12 -41.75 -18.64 -37.00
C ASP BA 12 -42.65 -18.47 -35.79
N ASN BA 13 -43.03 -19.61 -35.23
CA ASN BA 13 -43.40 -19.69 -33.82
C ASN BA 13 -42.23 -20.33 -33.11
N SER BA 14 -41.23 -19.51 -32.79
CA SER BA 14 -40.09 -20.01 -32.03
C SER BA 14 -39.60 -18.99 -31.01
N GLY BA 15 -40.46 -18.08 -30.57
CA GLY BA 15 -40.16 -17.26 -29.43
C GLY BA 15 -39.18 -16.14 -29.64
N ALA BA 16 -38.71 -15.92 -30.86
CA ALA BA 16 -37.81 -14.81 -31.17
C ALA BA 16 -38.52 -13.83 -32.09
N ARG BA 17 -38.08 -12.57 -32.04
CA ARG BA 17 -38.66 -11.58 -32.94
C ARG BA 17 -37.62 -10.90 -33.83
N GLU BA 18 -36.59 -10.29 -33.26
CA GLU BA 18 -35.65 -9.51 -34.05
C GLU BA 18 -34.24 -9.97 -33.73
N ILE BA 19 -33.42 -10.15 -34.75
CA ILE BA 19 -32.14 -10.80 -34.60
C ILE BA 19 -31.06 -9.93 -35.24
N LEU BA 20 -29.90 -9.81 -34.59
CA LEU BA 20 -28.71 -9.32 -35.26
C LEU BA 20 -27.95 -10.45 -35.93
N THR BA 21 -27.32 -10.14 -37.04
CA THR BA 21 -26.42 -11.09 -37.65
C THR BA 21 -25.09 -11.09 -36.91
N ILE BA 22 -24.31 -12.14 -37.14
CA ILE BA 22 -22.94 -12.15 -36.68
C ILE BA 22 -22.05 -12.34 -37.89
N LYS BA 23 -22.24 -13.43 -38.62
CA LYS BA 23 -21.43 -13.66 -39.80
C LYS BA 23 -22.29 -14.14 -40.96
N VAL BA 24 -21.62 -14.33 -42.09
CA VAL BA 24 -22.22 -14.47 -43.41
C VAL BA 24 -21.73 -15.79 -44.03
N LEU BA 25 -21.79 -16.88 -43.26
CA LEU BA 25 -21.15 -18.19 -43.46
C LEU BA 25 -20.98 -18.70 -44.89
N GLY BA 26 -19.83 -19.30 -45.16
CA GLY BA 26 -19.56 -19.89 -46.46
C GLY BA 26 -18.69 -18.98 -47.30
N GLY BA 27 -17.39 -19.24 -47.29
CA GLY BA 27 -16.43 -18.33 -47.88
C GLY BA 27 -15.50 -17.75 -46.83
N SER BA 28 -14.58 -16.93 -47.31
CA SER BA 28 -13.49 -16.45 -46.48
C SER BA 28 -13.46 -14.93 -46.48
N GLY BA 29 -14.58 -14.31 -46.15
CA GLY BA 29 -14.67 -12.87 -46.21
C GLY BA 29 -15.83 -12.40 -47.05
N ARG BA 30 -16.89 -13.22 -47.12
CA ARG BA 30 -18.10 -12.82 -47.84
C ARG BA 30 -18.76 -11.66 -47.13
N LYS BA 31 -19.14 -10.65 -47.91
CA LYS BA 31 -19.73 -9.44 -47.35
C LYS BA 31 -21.21 -9.63 -47.08
N THR BA 32 -22.00 -9.87 -48.14
CA THR BA 32 -23.45 -9.80 -48.11
C THR BA 32 -24.06 -11.17 -48.28
N ALA BA 33 -25.38 -11.22 -48.24
CA ALA BA 33 -26.10 -12.47 -48.45
C ALA BA 33 -27.46 -12.17 -49.04
N ASN BA 34 -27.99 -13.12 -49.81
CA ASN BA 34 -29.30 -13.03 -50.43
C ASN BA 34 -30.13 -14.23 -50.01
N ILE BA 35 -31.26 -14.43 -50.69
CA ILE BA 35 -32.25 -15.41 -50.27
C ILE BA 35 -31.69 -16.82 -50.42
N GLY BA 36 -31.77 -17.60 -49.35
CA GLY BA 36 -31.26 -18.94 -49.36
C GLY BA 36 -29.85 -19.09 -48.84
N ASP BA 37 -29.41 -18.18 -47.99
CA ASP BA 37 -28.08 -18.21 -47.41
C ASP BA 37 -28.21 -18.43 -45.91
N VAL BA 38 -27.10 -18.76 -45.25
CA VAL BA 38 -27.12 -19.22 -43.87
C VAL BA 38 -26.35 -18.22 -43.01
N ILE BA 39 -26.93 -17.85 -41.87
CA ILE BA 39 -26.41 -16.81 -40.99
C ILE BA 39 -26.11 -17.41 -39.63
N VAL BA 40 -25.02 -16.99 -39.00
CA VAL BA 40 -24.88 -17.13 -37.56
C VAL BA 40 -25.42 -15.86 -36.91
N ALA BA 41 -26.29 -16.01 -35.91
CA ALA BA 41 -27.04 -14.85 -35.45
C ALA BA 41 -27.48 -15.05 -34.01
N THR BA 42 -27.87 -13.94 -33.35
CA THR BA 42 -28.25 -13.98 -31.93
C THR BA 42 -29.47 -13.14 -31.64
N VAL BA 43 -30.36 -13.70 -30.81
CA VAL BA 43 -31.68 -13.13 -30.60
C VAL BA 43 -31.58 -11.87 -29.74
N LYS BA 44 -32.18 -10.79 -30.21
CA LYS BA 44 -32.27 -9.60 -29.37
C LYS BA 44 -33.56 -9.53 -28.58
N GLN BA 45 -34.70 -9.47 -29.26
CA GLN BA 45 -35.96 -9.39 -28.55
C GLN BA 45 -36.67 -10.72 -28.58
N ALA BA 46 -37.47 -10.96 -27.55
CA ALA BA 46 -38.10 -12.25 -27.36
C ALA BA 46 -39.50 -12.05 -26.81
N THR BA 47 -40.22 -13.16 -26.72
CA THR BA 47 -41.58 -13.25 -26.23
C THR BA 47 -41.60 -14.07 -24.95
N PRO BA 48 -42.57 -13.85 -24.07
CA PRO BA 48 -42.72 -14.75 -22.92
C PRO BA 48 -43.11 -16.15 -23.37
N GLY BA 49 -42.53 -17.14 -22.71
CA GLY BA 49 -42.68 -18.50 -23.17
C GLY BA 49 -41.77 -18.76 -24.36
N GLY BA 50 -42.04 -19.85 -25.05
CA GLY BA 50 -41.29 -20.20 -26.23
C GLY BA 50 -39.97 -20.87 -25.91
N VAL BA 51 -39.41 -21.52 -26.93
CA VAL BA 51 -38.19 -22.29 -26.75
C VAL BA 51 -36.98 -21.36 -26.68
N VAL BA 52 -36.74 -20.63 -27.76
CA VAL BA 52 -35.52 -19.84 -27.92
C VAL BA 52 -35.64 -18.58 -27.08
N LYS BA 53 -34.58 -18.24 -26.34
CA LYS BA 53 -34.54 -17.07 -25.48
C LYS BA 53 -33.43 -16.13 -25.93
N LYS BA 54 -33.26 -15.03 -25.21
CA LYS BA 54 -32.25 -14.04 -25.56
C LYS BA 54 -30.85 -14.59 -25.40
N GLY BA 55 -29.92 -14.01 -26.15
CA GLY BA 55 -28.52 -14.31 -26.00
C GLY BA 55 -28.15 -15.73 -26.35
N GLU BA 56 -28.57 -16.20 -27.52
CA GLU BA 56 -28.24 -17.54 -27.95
C GLU BA 56 -27.65 -17.46 -29.34
N VAL BA 57 -26.53 -18.15 -29.55
CA VAL BA 57 -25.97 -18.28 -30.89
C VAL BA 57 -26.87 -19.20 -31.71
N VAL BA 58 -27.49 -18.64 -32.75
CA VAL BA 58 -28.62 -19.26 -33.43
C VAL BA 58 -28.42 -19.13 -34.94
N LYS BA 59 -28.52 -20.25 -35.64
CA LYS BA 59 -28.44 -20.20 -37.10
C LYS BA 59 -29.81 -19.93 -37.71
N ALA BA 60 -29.80 -19.28 -38.87
CA ALA BA 60 -31.03 -18.92 -39.55
C ALA BA 60 -30.79 -18.89 -41.05
N VAL BA 61 -31.87 -18.67 -41.81
CA VAL BA 61 -31.83 -18.58 -43.27
C VAL BA 61 -32.76 -17.47 -43.72
N ILE BA 62 -32.28 -16.65 -44.67
CA ILE BA 62 -33.00 -15.47 -45.09
C ILE BA 62 -34.18 -15.83 -45.97
N VAL BA 63 -35.35 -15.34 -45.59
CA VAL BA 63 -36.52 -15.28 -46.46
C VAL BA 63 -36.83 -13.80 -46.63
N ARG BA 64 -37.26 -13.40 -47.83
CA ARG BA 64 -37.78 -12.05 -48.11
C ARG BA 64 -36.76 -10.94 -47.90
N THR BA 65 -35.75 -10.87 -48.76
CA THR BA 65 -34.95 -9.66 -48.76
C THR BA 65 -35.72 -8.50 -49.38
N LYS BA 66 -35.16 -7.30 -49.22
CA LYS BA 66 -35.69 -6.13 -49.91
C LYS BA 66 -34.98 -5.85 -51.22
N SER BA 67 -34.12 -6.75 -51.66
CA SER BA 67 -33.61 -6.70 -53.02
C SER BA 67 -33.49 -8.16 -53.45
N GLY BA 68 -34.57 -8.71 -53.98
CA GLY BA 68 -34.62 -10.13 -54.29
C GLY BA 68 -33.86 -10.45 -55.55
N ALA BA 69 -33.99 -11.69 -55.97
CA ALA BA 69 -33.09 -12.21 -56.97
C ALA BA 69 -33.70 -12.19 -58.35
N ARG BA 70 -32.84 -11.95 -59.33
CA ARG BA 70 -33.16 -12.20 -60.73
C ARG BA 70 -33.51 -13.66 -60.94
N ARG BA 71 -34.58 -13.89 -61.69
CA ARG BA 71 -34.82 -15.20 -62.26
C ARG BA 71 -34.43 -15.20 -63.73
N ALA BA 72 -34.14 -16.39 -64.25
CA ALA BA 72 -33.67 -16.50 -65.63
C ALA BA 72 -34.74 -16.20 -66.66
N ASP BA 73 -36.01 -16.14 -66.26
CA ASP BA 73 -37.05 -15.57 -67.10
C ASP BA 73 -36.73 -14.13 -67.42
N GLY BA 74 -36.63 -13.30 -66.38
CA GLY BA 74 -36.40 -11.89 -66.52
C GLY BA 74 -37.15 -11.10 -65.47
N SER BA 75 -37.89 -11.79 -64.63
CA SER BA 75 -38.64 -11.12 -63.58
C SER BA 75 -37.77 -10.97 -62.34
N TYR BA 76 -38.22 -10.10 -61.45
CA TYR BA 76 -37.53 -9.84 -60.20
C TYR BA 76 -38.55 -9.81 -59.09
N ILE BA 77 -38.23 -10.36 -57.95
CA ILE BA 77 -39.13 -10.28 -56.80
C ILE BA 77 -38.56 -9.26 -55.84
N LYS BA 78 -39.40 -8.42 -55.27
CA LYS BA 78 -38.95 -7.48 -54.25
C LYS BA 78 -39.98 -7.42 -53.15
N PHE BA 79 -39.61 -7.82 -51.95
CA PHE BA 79 -40.53 -7.81 -50.82
C PHE BA 79 -40.41 -6.47 -50.09
N ASP BA 80 -40.98 -6.39 -48.89
CA ASP BA 80 -40.98 -5.13 -48.14
C ASP BA 80 -40.48 -5.26 -46.71
N GLU BA 81 -39.87 -6.39 -46.35
CA GLU BA 81 -39.26 -6.54 -45.02
C GLU BA 81 -37.98 -7.35 -45.17
N ASN BA 82 -37.51 -7.85 -44.05
CA ASN BA 82 -36.55 -8.92 -44.03
C ASN BA 82 -37.08 -9.99 -43.09
N ALA BA 83 -36.63 -11.23 -43.26
CA ALA BA 83 -37.13 -12.30 -42.42
C ALA BA 83 -36.12 -13.42 -42.33
N ALA BA 84 -36.27 -14.24 -41.29
CA ALA BA 84 -35.40 -15.39 -41.09
C ALA BA 84 -36.16 -16.47 -40.34
N VAL BA 85 -35.68 -17.70 -40.50
CA VAL BA 85 -36.31 -18.89 -39.93
C VAL BA 85 -35.22 -19.74 -39.29
N ILE BA 86 -35.37 -20.04 -38.01
CA ILE BA 86 -34.31 -20.63 -37.21
C ILE BA 86 -34.20 -22.12 -37.50
N ILE BA 87 -32.98 -22.58 -37.78
CA ILE BA 87 -32.74 -23.87 -38.41
C ILE BA 87 -31.72 -24.68 -37.61
N ARG BA 88 -32.03 -25.96 -37.40
CA ARG BA 88 -31.29 -26.87 -36.54
C ARG BA 88 -30.06 -27.48 -37.18
N ASP BA 89 -29.62 -27.01 -38.34
CA ASP BA 89 -28.59 -27.65 -39.19
C ASP BA 89 -28.96 -29.07 -39.61
N ASP BA 90 -30.25 -29.43 -39.57
CA ASP BA 90 -30.77 -30.55 -40.32
C ASP BA 90 -31.38 -30.07 -41.61
N LYS BA 91 -31.25 -28.78 -41.90
CA LYS BA 91 -32.15 -28.02 -42.75
C LYS BA 91 -33.61 -28.33 -42.38
N SER BA 92 -33.96 -27.97 -41.15
CA SER BA 92 -35.28 -28.22 -40.66
C SER BA 92 -35.57 -27.20 -39.57
N PRO BA 93 -36.72 -26.54 -39.61
CA PRO BA 93 -36.97 -25.44 -38.68
C PRO BA 93 -37.25 -25.94 -37.27
N ARG BA 94 -37.17 -25.00 -36.33
CA ARG BA 94 -37.54 -25.31 -34.95
C ARG BA 94 -39.02 -25.12 -34.69
N GLY BA 95 -39.62 -24.07 -35.22
CA GLY BA 95 -41.03 -23.84 -35.04
C GLY BA 95 -41.87 -24.80 -35.84
N THR BA 96 -43.18 -24.65 -35.70
CA THR BA 96 -44.14 -25.50 -36.40
C THR BA 96 -45.05 -24.69 -37.30
N ARG BA 97 -44.69 -23.45 -37.60
CA ARG BA 97 -45.54 -22.58 -38.39
C ARG BA 97 -44.67 -21.48 -38.97
N ILE BA 98 -44.94 -21.08 -40.21
CA ILE BA 98 -44.25 -19.97 -40.85
C ILE BA 98 -45.29 -18.99 -41.36
N PHE BA 99 -45.08 -17.70 -41.09
CA PHE BA 99 -45.98 -16.66 -41.55
C PHE BA 99 -45.43 -16.02 -42.82
N GLY BA 100 -46.32 -15.37 -43.57
CA GLY BA 100 -45.94 -14.55 -44.69
C GLY BA 100 -45.48 -15.30 -45.91
N PRO BA 101 -45.45 -14.63 -47.06
CA PRO BA 101 -45.01 -15.29 -48.29
C PRO BA 101 -43.52 -15.56 -48.27
N VAL BA 102 -43.12 -16.59 -48.99
CA VAL BA 102 -41.76 -17.10 -48.98
C VAL BA 102 -41.31 -17.30 -50.42
N ALA BA 103 -40.17 -16.74 -50.79
CA ALA BA 103 -39.71 -16.82 -52.17
C ALA BA 103 -39.26 -18.24 -52.51
N ARG BA 104 -39.39 -18.59 -53.80
CA ARG BA 104 -39.21 -19.97 -54.26
C ARG BA 104 -37.79 -20.46 -54.20
N GLU BA 105 -36.82 -19.60 -53.98
CA GLU BA 105 -35.46 -20.01 -54.23
C GLU BA 105 -34.85 -20.80 -53.10
N LEU BA 106 -35.66 -21.22 -52.13
CA LEU BA 106 -35.23 -22.23 -51.19
C LEU BA 106 -35.22 -23.62 -51.79
N ARG BA 107 -35.95 -23.83 -52.90
CA ARG BA 107 -36.03 -25.16 -53.49
C ARG BA 107 -34.77 -25.56 -54.21
N GLU BA 108 -33.99 -24.59 -54.69
CA GLU BA 108 -32.66 -24.93 -55.19
C GLU BA 108 -31.73 -25.38 -54.07
N ASN BA 109 -32.00 -24.96 -52.84
CA ASN BA 109 -31.13 -25.22 -51.71
C ASN BA 109 -31.67 -26.30 -50.80
N ASN BA 110 -32.78 -26.95 -51.19
CA ASN BA 110 -33.32 -28.15 -50.55
C ASN BA 110 -33.77 -27.90 -49.11
N PHE BA 111 -34.49 -26.80 -48.90
CA PHE BA 111 -35.23 -26.58 -47.67
C PHE BA 111 -36.68 -27.05 -47.82
N MET BA 112 -36.84 -28.30 -48.23
CA MET BA 112 -38.14 -28.80 -48.65
C MET BA 112 -39.07 -29.08 -47.49
N LYS BA 113 -38.62 -28.95 -46.25
CA LYS BA 113 -39.52 -29.01 -45.11
C LYS BA 113 -39.99 -27.65 -44.66
N ILE BA 114 -39.38 -26.59 -45.17
CA ILE BA 114 -39.85 -25.23 -44.90
C ILE BA 114 -40.88 -24.80 -45.92
N VAL BA 115 -40.62 -25.08 -47.19
CA VAL BA 115 -41.44 -24.59 -48.29
C VAL BA 115 -42.84 -25.17 -48.23
N SER BA 116 -42.98 -26.38 -47.71
CA SER BA 116 -44.29 -26.96 -47.54
C SER BA 116 -44.99 -26.49 -46.26
N LEU BA 117 -44.57 -25.38 -45.68
CA LEU BA 117 -45.28 -24.75 -44.58
C LEU BA 117 -45.67 -23.30 -44.84
N ALA BA 118 -45.23 -22.72 -45.94
CA ALA BA 118 -45.52 -21.33 -46.24
C ALA BA 118 -46.96 -21.17 -46.72
N PRO BA 119 -47.57 -20.01 -46.48
CA PRO BA 119 -48.89 -19.75 -47.07
C PRO BA 119 -48.85 -19.58 -48.57
N GLU BA 120 -47.91 -18.79 -49.08
CA GLU BA 120 -47.75 -18.59 -50.52
C GLU BA 120 -46.27 -18.69 -50.86
N VAL BA 121 -45.94 -19.55 -51.80
CA VAL BA 121 -44.56 -19.71 -52.23
C VAL BA 121 -44.40 -18.95 -53.54
N LEU BA 122 -43.79 -17.78 -53.46
CA LEU BA 122 -43.59 -16.90 -54.60
C LEU BA 122 -42.15 -16.89 -55.05
N MET CA 1 79.09 64.82 -47.58
CA MET CA 1 77.78 64.23 -47.34
C MET CA 1 76.70 65.29 -47.39
N LYS CA 2 75.82 65.20 -48.37
CA LYS CA 2 74.76 66.19 -48.48
C LYS CA 2 73.40 65.55 -48.65
N LEU CA 3 72.38 66.37 -48.93
CA LEU CA 3 70.98 66.02 -48.72
C LEU CA 3 70.49 64.86 -49.57
N HIS CA 4 71.14 64.57 -50.69
CA HIS CA 4 70.64 63.54 -51.59
C HIS CA 4 71.55 62.33 -51.66
N GLU CA 5 72.47 62.17 -50.71
C GLU CA 5 73.40 60.52 -49.18
N LEU CA 6 72.29 60.60 -48.43
CA LEU CA 6 72.31 60.27 -47.02
C LEU CA 6 72.47 58.79 -46.80
N LYS CA 7 73.25 58.43 -45.78
CA LYS CA 7 73.59 57.05 -45.46
C LYS CA 7 73.63 56.88 -43.94
N PRO CA 8 72.93 55.90 -43.39
CA PRO CA 8 73.09 55.60 -41.97
C PRO CA 8 74.36 54.79 -41.74
N ALA CA 9 74.65 54.55 -40.45
CA ALA CA 9 75.71 53.61 -40.13
C ALA CA 9 75.23 52.19 -40.41
N GLU CA 10 76.18 51.27 -40.54
CA GLU CA 10 75.79 49.89 -40.76
C GLU CA 10 75.19 49.32 -39.48
N GLY CA 11 74.09 48.59 -39.62
CA GLY CA 11 73.38 48.04 -38.49
C GLY CA 11 72.77 49.07 -37.57
N SER CA 12 72.61 50.30 -38.03
CA SER CA 12 72.19 51.38 -37.15
C SER CA 12 70.68 51.48 -37.01
N ARG CA 13 69.91 50.82 -37.85
CA ARG CA 13 68.47 51.08 -37.87
C ARG CA 13 67.74 49.90 -38.50
N GLN CA 14 66.91 49.24 -37.72
CA GLN CA 14 66.18 48.05 -38.16
C GLN CA 14 64.90 48.47 -38.88
N VAL CA 15 64.02 47.52 -39.22
CA VAL CA 15 62.94 47.90 -40.13
C VAL CA 15 61.59 47.99 -39.43
N ARG CA 16 60.96 46.84 -39.12
CA ARG CA 16 59.90 46.50 -38.15
C ARG CA 16 59.53 45.05 -38.41
N ASN CA 17 58.52 44.54 -37.70
CA ASN CA 17 57.84 43.31 -38.12
C ASN CA 17 56.34 43.49 -37.94
N ARG CA 18 55.62 43.53 -39.05
CA ARG CA 18 54.19 43.78 -39.05
C ARG CA 18 53.44 42.47 -39.04
N VAL CA 19 52.42 42.36 -38.19
CA VAL CA 19 51.89 41.08 -37.76
C VAL CA 19 50.44 40.97 -38.18
N GLY CA 20 50.10 39.88 -38.86
CA GLY CA 20 48.74 39.63 -39.28
C GLY CA 20 48.48 40.07 -40.69
N ARG CA 21 49.42 39.79 -41.60
CA ARG CA 21 49.36 40.27 -42.98
C ARG CA 21 49.69 39.14 -43.94
N GLY CA 22 49.01 38.03 -43.80
CA GLY CA 22 49.15 37.04 -44.86
C GLY CA 22 50.12 35.92 -44.49
N THR CA 23 49.80 34.72 -44.95
CA THR CA 23 50.34 33.48 -44.44
C THR CA 23 51.67 33.11 -45.03
N SER CA 24 52.44 34.04 -45.56
CA SER CA 24 53.78 33.68 -46.00
C SER CA 24 54.85 34.53 -45.37
N SER CA 25 54.49 35.60 -44.67
CA SER CA 25 55.48 36.29 -43.85
C SER CA 25 55.86 35.44 -42.65
N GLY CA 26 54.94 34.63 -42.17
CA GLY CA 26 55.15 33.80 -41.01
C GLY CA 26 54.30 34.15 -39.83
N ASN CA 27 53.55 35.25 -39.88
CA ASN CA 27 52.74 35.69 -38.76
C ASN CA 27 51.36 36.12 -39.22
N GLY CA 28 50.75 35.32 -40.09
CA GLY CA 28 49.36 35.56 -40.43
C GLY CA 28 48.51 34.48 -39.81
N LYS CA 29 47.22 34.74 -39.61
CA LYS CA 29 46.30 33.83 -38.93
C LYS CA 29 46.78 33.50 -37.52
N THR CA 30 46.48 34.40 -36.58
CA THR CA 30 46.68 34.32 -35.13
C THR CA 30 48.10 34.65 -34.72
N ALA CA 31 48.79 35.42 -35.56
CA ALA CA 31 49.66 36.51 -35.11
C ALA CA 31 50.77 36.09 -34.15
N GLY CA 32 51.25 34.86 -34.26
CA GLY CA 32 52.22 34.39 -33.30
C GLY CA 32 51.64 34.04 -31.96
N ARG CA 33 50.38 33.63 -31.92
CA ARG CA 33 49.73 33.29 -30.67
C ARG CA 33 49.20 31.87 -30.64
N GLY CA 34 49.13 31.20 -31.78
CA GLY CA 34 48.70 29.82 -31.81
C GLY CA 34 47.20 29.67 -31.68
N GLN CA 35 46.79 28.53 -31.12
CA GLN CA 35 45.38 28.22 -30.89
C GLN CA 35 44.83 28.91 -29.66
N LYS CA 36 43.71 28.40 -29.16
CA LYS CA 36 42.88 29.09 -28.18
C LYS CA 36 43.56 29.16 -26.81
N GLY CA 37 42.83 29.70 -25.85
CA GLY CA 37 43.33 29.86 -24.50
C GLY CA 37 43.55 31.32 -24.16
N GLN CA 38 43.63 31.60 -22.87
CA GLN CA 38 43.59 33.00 -22.45
C GLN CA 38 44.93 33.72 -22.63
N LYS CA 39 45.96 33.09 -23.16
CA LYS CA 39 47.07 33.88 -23.70
C LYS CA 39 46.79 34.35 -25.11
N ALA CA 40 45.68 33.93 -25.71
CA ALA CA 40 45.40 34.23 -27.10
C ALA CA 40 44.11 35.01 -27.30
N ARG CA 41 43.46 35.45 -26.23
CA ARG CA 41 42.33 36.35 -26.38
C ARG CA 41 42.85 37.78 -26.51
N SER CA 42 41.97 38.74 -26.41
CA SER CA 42 42.37 40.15 -26.48
C SER CA 42 42.60 40.67 -25.08
N GLY CA 43 43.83 41.11 -24.80
CA GLY CA 43 44.12 41.66 -23.50
C GLY CA 43 44.19 40.64 -22.39
N GLY CA 44 44.35 39.38 -22.73
CA GLY CA 44 44.40 38.33 -21.73
C GLY CA 44 45.77 38.24 -21.09
N GLY CA 45 46.05 37.07 -20.53
CA GLY CA 45 47.27 36.88 -19.77
C GLY CA 45 47.08 37.30 -18.33
N VAL CA 46 47.56 36.48 -17.40
CA VAL CA 46 47.38 36.74 -15.99
C VAL CA 46 48.34 37.83 -15.53
N ARG CA 47 48.15 38.31 -14.30
CA ARG CA 47 49.07 39.27 -13.72
C ARG CA 47 50.42 38.62 -13.43
N LEU CA 48 51.40 39.44 -13.10
CA LEU CA 48 52.75 38.95 -12.87
C LEU CA 48 52.82 38.14 -11.58
N GLY CA 49 53.65 37.10 -11.60
CA GLY CA 49 53.85 36.32 -10.41
C GLY CA 49 52.70 35.43 -10.00
N PHE CA 50 51.69 35.28 -10.85
CA PHE CA 50 50.58 34.40 -10.54
C PHE CA 50 50.91 33.00 -11.02
N GLU CA 51 50.55 32.00 -10.21
CA GLU CA 51 50.94 30.62 -10.50
C GLU CA 51 49.76 29.68 -10.34
N GLY CA 52 48.61 30.03 -10.90
CA GLY CA 52 47.46 29.22 -10.59
C GLY CA 52 47.03 29.51 -9.16
N GLY CA 53 46.31 28.57 -8.59
CA GLY CA 53 45.97 28.74 -7.20
C GLY CA 53 46.98 28.21 -6.22
N GLN CA 54 48.10 27.70 -6.73
CA GLN CA 54 49.23 27.35 -5.89
C GLN CA 54 49.69 28.61 -5.17
N THR CA 55 49.97 28.50 -3.88
CA THR CA 55 50.36 29.68 -3.11
C THR CA 55 51.72 30.14 -3.59
N PRO CA 56 51.85 31.36 -4.08
CA PRO CA 56 53.06 31.77 -4.77
C PRO CA 56 54.24 31.93 -3.84
N LEU CA 57 55.40 32.34 -4.36
CA LEU CA 57 56.62 32.26 -3.56
C LEU CA 57 56.64 33.30 -2.45
N PHE CA 58 55.99 34.45 -2.64
CA PHE CA 58 56.06 35.43 -1.57
C PHE CA 58 55.11 35.11 -0.43
N ARG CA 59 54.05 34.35 -0.66
CA ARG CA 59 53.22 33.92 0.46
C ARG CA 59 53.62 32.56 0.98
N ARG CA 60 54.88 32.21 0.85
CA ARG CA 60 55.38 30.92 1.25
C ARG CA 60 56.56 31.02 2.21
N LEU CA 61 57.30 32.13 2.16
CA LEU CA 61 58.48 32.42 2.94
C LEU CA 61 58.28 33.71 3.75
N PRO CA 62 58.86 33.82 4.95
CA PRO CA 62 58.33 34.75 5.94
C PRO CA 62 58.88 36.16 5.83
N LYS CA 63 58.11 37.08 6.38
CA LYS CA 63 58.49 38.48 6.47
C LYS CA 63 59.64 38.62 7.46
N ARG CA 64 60.55 39.56 7.19
CA ARG CA 64 61.75 39.64 8.02
C ARG CA 64 62.34 41.04 8.03
N GLY CA 65 62.54 41.59 9.22
CA GLY CA 65 63.42 42.72 9.42
C GLY CA 65 62.68 44.01 9.72
N PHE CA 66 63.47 45.07 9.91
CA PHE CA 66 62.93 46.41 9.98
C PHE CA 66 63.99 47.38 9.48
N THR CA 67 63.60 48.64 9.35
CA THR CA 67 64.45 49.69 8.84
C THR CA 67 64.64 50.75 9.90
N ASN CA 68 65.89 51.09 10.21
CA ASN CA 68 66.16 52.20 11.10
C ASN CA 68 65.70 53.50 10.48
N ILE CA 69 65.22 54.41 11.32
CA ILE CA 69 64.88 55.74 10.82
C ILE CA 69 66.11 56.63 10.76
N ASN CA 70 67.13 56.36 11.56
CA ASN CA 70 68.30 57.22 11.66
C ASN CA 70 69.53 56.55 11.08
N ARG CA 71 69.40 55.82 9.98
CA ARG CA 71 70.58 55.24 9.38
C ARG CA 71 71.39 56.33 8.70
N LYS CA 72 72.67 56.39 9.04
CA LYS CA 72 73.55 57.46 8.60
C LYS CA 72 74.76 56.79 7.95
N ASP CA 73 74.74 56.64 6.64
CA ASP CA 73 75.80 56.00 5.88
C ASP CA 73 76.56 57.02 5.05
N TYR CA 74 77.81 56.70 4.75
CA TYR CA 74 78.74 57.70 4.25
C TYR CA 74 78.96 57.56 2.75
N ALA CA 75 79.96 58.28 2.24
CA ALA CA 75 80.15 58.52 0.81
C ALA CA 75 81.57 58.12 0.41
N VAL CA 76 81.90 56.87 0.72
CA VAL CA 76 83.23 56.25 0.65
C VAL CA 76 84.11 56.57 -0.55
N VAL CA 77 85.33 57.02 -0.27
CA VAL CA 77 86.45 57.05 -1.20
C VAL CA 77 87.53 56.14 -0.64
N ASN CA 78 88.14 55.29 -1.46
CA ASN CA 78 89.06 54.37 -0.81
C ASN CA 78 90.41 54.97 -0.52
N LEU CA 79 91.36 54.83 -1.44
CA LEU CA 79 92.67 55.38 -1.11
C LEU CA 79 93.47 55.77 -2.34
N ASP CA 80 93.21 55.08 -3.45
CA ASP CA 80 93.97 55.36 -4.66
C ASP CA 80 93.49 56.64 -5.30
N THR CA 81 92.24 57.01 -5.05
CA THR CA 81 91.68 58.25 -5.56
C THR CA 81 92.41 59.44 -5.01
N LEU CA 82 92.90 59.36 -3.76
CA LEU CA 82 93.73 60.42 -3.20
C LEU CA 82 95.08 60.52 -3.90
N ASN CA 83 95.53 59.47 -4.57
CA ASN CA 83 96.91 59.42 -5.04
C ASN CA 83 97.07 60.14 -6.37
N ARG CA 84 96.52 61.36 -6.49
CA ARG CA 84 96.87 62.25 -7.59
C ARG CA 84 96.82 63.71 -7.18
N PHE CA 85 97.11 64.02 -5.92
CA PHE CA 85 97.03 65.38 -5.37
C PHE CA 85 98.35 65.82 -4.77
N GLU CA 86 99.45 65.71 -5.52
CA GLU CA 86 100.76 65.25 -5.06
C GLU CA 86 101.22 65.56 -3.62
N ASP CA 87 101.28 66.81 -3.17
CA ASP CA 87 101.88 67.09 -1.85
C ASP CA 87 101.29 68.35 -1.27
N GLY CA 88 100.30 68.20 -0.40
CA GLY CA 88 99.82 69.30 0.41
C GLY CA 88 98.61 69.93 -0.24
N THR CA 89 97.42 69.54 0.22
CA THR CA 89 96.18 70.06 -0.36
C THR CA 89 95.11 70.42 0.65
N GLU CA 90 95.12 69.84 1.86
CA GLU CA 90 93.94 69.75 2.74
C GLU CA 90 92.72 69.22 1.97
N VAL CA 91 92.80 67.92 1.65
CA VAL CA 91 91.65 67.15 1.21
C VAL CA 91 90.47 67.36 2.16
N THR CA 92 89.28 67.56 1.59
CA THR CA 92 88.21 68.28 2.25
C THR CA 92 86.90 67.95 1.53
N PRO CA 93 85.75 68.27 2.12
CA PRO CA 93 84.48 68.14 1.40
C PRO CA 93 84.19 69.21 0.35
N VAL CA 94 85.16 70.03 0.03
CA VAL CA 94 85.25 70.98 -1.08
C VAL CA 94 86.50 70.44 -1.74
N VAL CA 95 87.37 71.28 -2.29
CA VAL CA 95 88.29 71.11 -3.43
C VAL CA 95 88.66 69.68 -3.88
N LEU CA 96 88.68 68.71 -2.97
CA LEU CA 96 88.62 67.29 -3.35
C LEU CA 96 87.50 66.99 -4.35
N LYS CA 97 86.32 67.60 -4.18
CA LYS CA 97 85.28 67.17 -5.10
C LYS CA 97 85.45 67.77 -6.50
N GLU CA 98 85.05 69.03 -6.76
CA GLU CA 98 85.62 70.03 -7.68
C GLU CA 98 86.52 69.63 -8.85
N ALA CA 99 86.51 68.36 -9.22
CA ALA CA 99 87.07 67.90 -10.48
C ALA CA 99 86.32 66.68 -10.99
N GLY CA 100 85.24 66.28 -10.31
CA GLY CA 100 84.54 65.05 -10.63
C GLY CA 100 85.01 63.87 -9.79
N ILE CA 101 84.99 64.00 -8.46
CA ILE CA 101 85.38 62.88 -7.63
C ILE CA 101 84.24 62.47 -6.71
N VAL CA 102 83.78 63.36 -5.85
CA VAL CA 102 82.67 63.06 -4.96
C VAL CA 102 81.60 64.10 -5.23
N LYS CA 103 80.73 63.81 -6.17
CA LYS CA 103 79.45 64.48 -6.23
C LYS CA 103 78.55 63.78 -5.23
N ASN CA 104 77.72 64.56 -4.53
CA ASN CA 104 76.73 64.07 -3.57
C ASN CA 104 77.38 63.27 -2.43
N GLU CA 105 78.09 64.00 -1.56
CA GLU CA 105 78.41 63.44 -0.26
C GLU CA 105 77.11 63.15 0.49
N LYS CA 106 77.09 62.05 1.24
CA LYS CA 106 75.82 61.60 1.77
C LYS CA 106 75.64 61.96 3.24
N ALA CA 107 76.63 61.66 4.07
CA ALA CA 107 76.57 62.08 5.46
C ALA CA 107 77.95 62.52 5.95
N GLY CA 108 78.76 63.10 5.07
CA GLY CA 108 80.17 63.23 5.32
C GLY CA 108 80.95 62.07 4.73
N ILE CA 109 82.23 62.29 4.52
CA ILE CA 109 83.06 61.37 3.75
C ILE CA 109 83.82 60.47 4.70
N LYS CA 110 83.78 59.17 4.42
CA LYS CA 110 84.59 58.17 5.10
C LYS CA 110 85.70 57.74 4.15
N VAL CA 111 86.83 57.30 4.69
CA VAL CA 111 87.97 56.91 3.89
C VAL CA 111 88.30 55.46 4.19
N LEU CA 112 88.63 54.69 3.15
CA LEU CA 112 89.00 53.29 3.32
C LEU CA 112 90.44 53.07 2.86
N ALA CA 113 90.85 51.81 2.76
CA ALA CA 113 92.27 51.47 2.74
C ALA CA 113 92.60 50.55 1.59
N ASP CA 114 92.27 50.95 0.36
CA ASP CA 114 92.57 50.18 -0.84
C ASP CA 114 93.11 51.12 -1.91
N GLY CA 115 94.35 50.89 -2.37
CA GLY CA 115 95.30 49.97 -1.76
C GLY CA 115 96.75 50.40 -1.57
N GLU CA 116 97.19 51.47 -2.25
CA GLU CA 116 98.55 51.97 -2.10
C GLU CA 116 98.59 53.48 -2.27
N LEU CA 117 99.12 54.18 -1.26
CA LEU CA 117 99.29 55.62 -1.29
C LEU CA 117 100.76 55.95 -1.04
N THR CA 118 101.39 56.64 -1.97
CA THR CA 118 102.77 57.11 -1.79
C THR CA 118 102.80 58.61 -2.05
N LYS CA 119 102.38 59.40 -1.07
CA LYS CA 119 102.41 60.86 -1.13
C LYS CA 119 102.64 61.36 0.30
N LYS CA 120 102.37 62.64 0.54
CA LYS CA 120 102.45 63.22 1.88
C LYS CA 120 101.27 64.14 2.10
N LEU CA 121 100.06 63.63 1.88
CA LEU CA 121 98.86 64.44 1.81
C LEU CA 121 98.41 64.87 3.20
N THR CA 122 97.25 65.52 3.24
CA THR CA 122 96.55 65.79 4.49
C THR CA 122 95.05 65.78 4.23
N VAL CA 123 94.31 65.19 5.17
CA VAL CA 123 92.93 64.77 4.96
C VAL CA 123 92.06 65.43 6.02
N LYS CA 124 90.90 65.91 5.62
CA LYS CA 124 89.86 66.34 6.56
C LYS CA 124 88.55 65.65 6.17
N ALA CA 125 88.23 64.56 6.86
CA ALA CA 125 87.01 63.81 6.61
C ALA CA 125 86.22 63.70 7.90
N ALA CA 126 85.19 62.85 7.90
CA ALA CA 126 84.33 62.72 9.07
C ALA CA 126 84.40 61.34 9.72
N LYS CA 127 85.15 60.41 9.15
CA LYS CA 127 85.34 59.10 9.73
C LYS CA 127 86.55 58.48 9.05
N PHE CA 128 87.19 57.53 9.72
CA PHE CA 128 88.33 56.84 9.13
C PHE CA 128 88.32 55.39 9.56
N SER CA 129 88.88 54.54 8.70
CA SER CA 129 89.05 53.15 9.06
C SER CA 129 90.27 53.00 9.95
N LYS CA 130 90.39 51.82 10.56
CA LYS CA 130 91.50 51.53 11.45
C LYS CA 130 92.69 50.95 10.68
N SER CA 131 92.77 51.22 9.39
CA SER CA 131 93.97 50.97 8.61
C SER CA 131 94.34 52.12 7.70
N ALA CA 132 93.39 52.99 7.35
CA ALA CA 132 93.72 54.14 6.53
C ALA CA 132 94.59 55.14 7.27
N GLN CA 133 94.38 55.30 8.58
CA GLN CA 133 95.24 56.16 9.36
C GLN CA 133 96.67 55.65 9.38
N GLU CA 134 96.83 54.33 9.52
CA GLU CA 134 98.17 53.77 9.51
C GLU CA 134 98.80 53.85 8.14
N ALA CA 135 97.99 53.75 7.08
CA ALA CA 135 98.54 53.86 5.74
C ALA CA 135 98.96 55.28 5.42
N ILE CA 136 98.22 56.27 5.92
CA ILE CA 136 98.57 57.67 5.66
C ILE CA 136 99.78 58.07 6.49
N GLU CA 137 99.77 57.73 7.78
CA GLU CA 137 100.89 58.08 8.65
C GLU CA 137 102.14 57.27 8.35
N ALA CA 138 102.02 56.15 7.64
CA ALA CA 138 103.20 55.47 7.13
C ALA CA 138 103.87 56.31 6.04
N ALA CA 139 103.08 56.92 5.18
CA ALA CA 139 103.62 57.79 4.15
C ALA CA 139 103.95 59.19 4.66
N GLY CA 140 103.60 59.50 5.90
CA GLY CA 140 104.04 60.72 6.55
C GLY CA 140 103.10 61.90 6.48
N GLY CA 141 101.81 61.67 6.28
CA GLY CA 141 100.84 62.75 6.20
C GLY CA 141 100.31 63.16 7.55
N SER CA 142 99.08 63.65 7.54
CA SER CA 142 98.43 64.09 8.77
C SER CA 142 96.93 64.02 8.58
N ILE CA 143 96.24 63.55 9.62
CA ILE CA 143 94.81 63.30 9.54
C ILE CA 143 94.09 63.96 10.72
N GLU CA 144 92.86 64.38 10.48
CA GLU CA 144 92.05 64.96 11.55
C GLU CA 144 90.57 64.75 11.28
N VAL CA 145 89.86 64.28 12.29
CA VAL CA 145 88.44 63.93 12.15
C VAL CA 145 87.67 65.19 12.51
N ILE CA 146 87.48 66.06 11.53
CA ILE CA 146 86.71 67.27 11.76
C ILE CA 146 85.62 67.39 10.71
N MET DA 1 24.30 -26.86 -11.89
CA MET DA 1 25.12 -25.98 -11.06
C MET DA 1 25.95 -26.78 -10.07
N LEU DA 2 26.42 -27.94 -10.53
CA LEU DA 2 27.02 -28.96 -9.68
C LEU DA 2 28.54 -28.82 -9.71
N VAL DA 3 29.12 -28.42 -8.59
CA VAL DA 3 30.57 -28.29 -8.43
C VAL DA 3 31.05 -29.42 -7.53
N PRO DA 4 31.93 -30.29 -7.99
CA PRO DA 4 32.39 -31.39 -7.13
C PRO DA 4 33.46 -30.97 -6.14
N LYS DA 5 34.35 -30.08 -6.57
CA LYS DA 5 35.67 -29.95 -5.98
C LYS DA 5 35.99 -28.48 -5.84
N ARG DA 6 36.47 -28.09 -4.67
CA ARG DA 6 36.82 -26.70 -4.42
C ARG DA 6 38.12 -26.64 -3.65
N VAL DA 7 38.39 -25.46 -3.11
CA VAL DA 7 39.67 -25.06 -2.55
C VAL DA 7 39.32 -24.60 -1.14
N LYS DA 8 40.28 -24.04 -0.39
CA LYS DA 8 40.01 -23.15 0.73
C LYS DA 8 40.78 -21.85 0.50
N HIS DA 9 40.10 -20.72 0.69
CA HIS DA 9 40.24 -19.53 -0.16
C HIS DA 9 41.61 -18.91 -0.33
N ARG DA 10 42.11 -18.29 0.75
CA ARG DA 10 43.37 -17.56 0.99
C ARG DA 10 43.58 -16.31 0.13
N ARG DA 11 42.76 -16.11 -0.92
CA ARG DA 11 42.68 -14.96 -1.82
C ARG DA 11 41.44 -15.08 -2.69
N GLU DA 12 40.63 -14.04 -2.78
CA GLU DA 12 39.40 -14.15 -3.56
C GLU DA 12 39.67 -13.99 -5.05
N PHE DA 13 40.11 -12.80 -5.46
CA PHE DA 13 40.24 -12.47 -6.86
C PHE DA 13 41.65 -12.81 -7.33
N ARG DA 14 41.74 -13.44 -8.50
CA ARG DA 14 43.04 -13.78 -9.06
C ARG DA 14 43.12 -13.25 -10.49
N GLY DA 15 44.34 -12.96 -10.92
CA GLY DA 15 44.54 -12.44 -12.27
C GLY DA 15 44.25 -13.50 -13.31
N LYS DA 16 43.54 -13.10 -14.36
CA LYS DA 16 43.25 -13.99 -15.48
C LYS DA 16 44.55 -14.34 -16.18
N MET DA 17 44.82 -15.62 -16.32
CA MET DA 17 46.18 -16.10 -16.55
C MET DA 17 46.58 -15.95 -18.01
N ARG DA 18 47.68 -16.59 -18.38
CA ARG DA 18 48.23 -16.50 -19.73
C ARG DA 18 49.06 -17.76 -19.97
N GLY DA 19 48.49 -18.73 -20.69
CA GLY DA 19 49.10 -20.04 -20.86
C GLY DA 19 49.60 -20.22 -22.29
N GLU DA 20 50.82 -20.76 -22.40
CA GLU DA 20 51.44 -20.92 -23.71
C GLU DA 20 51.73 -22.37 -24.08
N ALA DA 21 52.53 -23.12 -23.30
CA ALA DA 21 52.91 -24.47 -23.72
C ALA DA 21 53.42 -25.27 -22.53
N LYS DA 22 53.36 -26.59 -22.65
CA LYS DA 22 53.94 -27.49 -21.65
C LYS DA 22 54.57 -28.68 -22.34
N GLY DA 23 55.02 -29.61 -21.50
CA GLY DA 23 55.71 -30.80 -21.96
C GLY DA 23 55.86 -31.80 -20.83
N GLY DA 24 56.07 -33.06 -21.22
CA GLY DA 24 56.23 -34.13 -20.25
C GLY DA 24 54.91 -34.47 -19.56
N LYS DA 25 55.03 -34.77 -18.26
CA LYS DA 25 53.92 -35.00 -17.33
C LYS DA 25 53.06 -36.17 -17.80
N GLU DA 26 53.69 -37.35 -17.70
CA GLU DA 26 53.38 -38.60 -18.38
C GLU DA 26 52.63 -39.55 -17.45
N VAL DA 27 52.35 -40.77 -17.94
CA VAL DA 27 51.55 -41.72 -17.18
C VAL DA 27 52.39 -42.31 -16.06
N ALA DA 28 51.85 -42.29 -14.83
CA ALA DA 28 52.57 -42.86 -13.70
C ALA DA 28 51.70 -43.64 -12.72
N PHE DA 29 50.38 -43.66 -12.85
CA PHE DA 29 49.55 -44.45 -11.94
C PHE DA 29 48.81 -45.57 -12.64
CA GLY DA 30 47.14 -46.26 -14.26
C GLY DA 30 47.84 -47.04 -15.36
N GLU DA 31 47.05 -47.41 -16.37
CA GLU DA 31 47.56 -48.09 -17.56
C GLU DA 31 47.06 -47.48 -18.86
N TRP DA 32 46.08 -46.59 -18.81
CA TRP DA 32 45.45 -46.02 -20.01
C TRP DA 32 45.03 -44.60 -19.69
N GLY DA 33 45.45 -43.64 -20.51
CA GLY DA 33 45.16 -42.25 -20.20
C GLY DA 33 45.02 -41.36 -21.42
N LEU DA 34 44.35 -40.23 -21.22
CA LEU DA 34 44.15 -39.21 -22.23
C LEU DA 34 45.38 -38.31 -22.34
N GLN DA 35 45.37 -37.45 -23.35
CA GLN DA 35 46.29 -36.31 -23.43
C GLN DA 35 45.55 -35.15 -24.06
N ALA DA 36 45.32 -34.10 -23.28
CA ALA DA 36 44.76 -32.88 -23.86
C ALA DA 36 45.84 -32.19 -24.69
N THR DA 37 45.66 -32.16 -26.01
CA THR DA 37 46.67 -31.62 -26.91
C THR DA 37 46.25 -30.30 -27.55
N GLU DA 38 45.52 -29.48 -26.79
CA GLU DA 38 45.34 -28.07 -27.07
C GLU DA 38 45.51 -27.37 -25.73
N SER DA 39 45.03 -26.16 -25.59
CA SER DA 39 45.17 -25.48 -24.32
C SER DA 39 43.90 -24.70 -24.03
N HIS DA 40 43.29 -24.99 -22.88
CA HIS DA 40 42.05 -24.34 -22.48
C HIS DA 40 41.90 -24.34 -20.97
N TRP DA 41 41.00 -23.49 -20.52
CA TRP DA 41 40.41 -23.63 -19.21
C TRP DA 41 39.48 -24.85 -19.22
N ILE DA 42 39.40 -25.54 -18.09
CA ILE DA 42 38.50 -26.67 -17.92
C ILE DA 42 37.84 -26.53 -16.56
N THR DA 43 36.52 -26.44 -16.53
CA THR DA 43 35.82 -26.02 -15.34
C THR DA 43 35.61 -27.20 -14.39
N ASN DA 44 34.76 -26.98 -13.38
CA ASN DA 44 34.35 -28.04 -12.47
C ASN DA 44 33.55 -29.10 -13.20
N ARG DA 45 32.49 -28.65 -13.87
CA ARG DA 45 31.37 -29.51 -14.24
C ARG DA 45 31.76 -30.50 -15.31
N GLN DA 46 32.70 -30.12 -16.15
CA GLN DA 46 33.25 -31.02 -17.15
C GLN DA 46 33.94 -32.21 -16.51
N ILE DA 47 34.52 -32.03 -15.32
CA ILE DA 47 35.16 -33.14 -14.68
C ILE DA 47 34.15 -34.06 -14.00
N GLU DA 48 33.01 -33.53 -13.56
CA GLU DA 48 31.89 -34.38 -13.13
C GLU DA 48 31.39 -35.24 -14.26
N ALA DA 49 31.12 -34.62 -15.41
CA ALA DA 49 30.59 -35.34 -16.55
C ALA DA 49 31.59 -36.39 -17.03
N ALA DA 50 32.88 -36.06 -16.96
CA ALA DA 50 33.89 -37.03 -17.31
C ALA DA 50 33.96 -38.18 -16.31
N ARG DA 51 33.82 -37.89 -15.00
CA ARG DA 51 33.72 -38.94 -13.98
C ARG DA 51 32.61 -39.93 -14.28
N ILE DA 52 31.41 -39.40 -14.54
CA ILE DA 52 30.26 -40.28 -14.65
C ILE DA 52 30.32 -41.08 -15.95
N ALA DA 53 30.78 -40.45 -17.04
CA ALA DA 53 30.99 -41.17 -18.28
C ALA DA 53 32.12 -42.18 -18.19
N MET DA 54 33.05 -41.99 -17.27
CA MET DA 54 33.99 -43.07 -16.95
C MET DA 54 33.28 -44.19 -16.21
N THR DA 55 32.69 -43.87 -15.06
CA THR DA 55 32.29 -44.90 -14.10
C THR DA 55 31.10 -45.72 -14.54
N ARG DA 56 30.29 -45.23 -15.49
CA ARG DA 56 29.19 -46.09 -15.93
C ARG DA 56 29.65 -47.16 -16.92
N TYR DA 57 30.90 -47.17 -17.34
CA TYR DA 57 31.53 -48.35 -17.92
C TYR DA 57 32.56 -48.99 -17.02
N MET DA 58 32.61 -48.61 -15.75
CA MET DA 58 33.54 -49.23 -14.82
C MET DA 58 32.68 -49.95 -13.79
N LYS DA 59 32.22 -51.13 -14.15
CA LYS DA 59 31.34 -51.90 -13.28
C LYS DA 59 32.16 -52.95 -12.57
N ARG DA 60 32.17 -52.87 -11.23
CA ARG DA 60 32.85 -53.81 -10.33
C ARG DA 60 34.35 -53.90 -10.62
N GLY DA 61 35.04 -52.78 -10.40
CA GLY DA 61 36.48 -52.76 -10.45
C GLY DA 61 37.00 -51.72 -11.43
N GLY DA 62 38.32 -51.64 -11.49
CA GLY DA 62 38.97 -50.68 -12.35
C GLY DA 62 39.11 -49.34 -11.68
N LYS DA 63 40.32 -48.81 -11.58
CA LYS DA 63 40.53 -47.58 -10.86
C LYS DA 63 40.30 -46.37 -11.74
N VAL DA 64 39.80 -45.31 -11.14
CA VAL DA 64 39.64 -44.01 -11.79
C VAL DA 64 40.63 -43.05 -11.17
N TRP DA 65 41.36 -42.33 -12.01
CA TRP DA 65 42.39 -41.40 -11.56
C TRP DA 65 42.04 -40.02 -12.11
N ILE DA 66 41.91 -39.03 -11.23
CA ILE DA 66 41.60 -37.67 -11.63
C ILE DA 66 42.82 -36.82 -11.29
N LYS DA 67 43.50 -36.31 -12.29
CA LYS DA 67 44.81 -35.72 -12.08
C LYS DA 67 44.82 -34.20 -12.20
N ILE DA 68 43.67 -33.56 -12.36
CA ILE DA 68 43.59 -32.13 -12.63
C ILE DA 68 42.59 -31.52 -11.68
N PHE DA 69 42.96 -30.41 -11.05
CA PHE DA 69 42.05 -29.89 -10.04
C PHE DA 69 41.84 -28.40 -10.15
N PRO DA 70 40.59 -27.96 -10.07
CA PRO DA 70 40.29 -26.54 -10.18
C PRO DA 70 40.79 -25.72 -9.00
N HIS DA 71 41.89 -25.01 -9.20
CA HIS DA 71 42.42 -24.14 -8.17
C HIS DA 71 41.91 -22.72 -8.30
N LYS DA 72 41.92 -22.16 -9.50
CA LYS DA 72 41.69 -20.74 -9.71
C LYS DA 72 40.21 -20.44 -9.80
N SER DA 73 39.87 -19.17 -9.77
CA SER DA 73 38.47 -18.75 -9.76
C SER DA 73 38.24 -17.63 -10.76
N TYR DA 74 37.19 -17.77 -11.55
CA TYR DA 74 36.71 -16.66 -12.37
C TYR DA 74 35.83 -15.73 -11.56
N THR DA 75 35.56 -14.56 -12.14
CA THR DA 75 34.59 -13.62 -11.64
C THR DA 75 33.76 -13.12 -12.81
N SER DA 76 32.58 -12.59 -12.50
CA SER DA 76 31.73 -12.02 -13.54
C SER DA 76 30.80 -10.99 -12.91
N LYS DA 77 30.54 -9.94 -13.67
CA LYS DA 77 29.62 -8.91 -13.25
C LYS DA 77 28.19 -9.34 -13.56
N ALA DA 78 27.24 -8.42 -13.47
CA ALA DA 78 25.87 -8.71 -13.81
C ALA DA 78 25.60 -8.30 -15.26
N ILE DA 79 24.33 -8.34 -15.64
CA ILE DA 79 23.88 -7.80 -16.92
C ILE DA 79 23.00 -6.59 -16.62
N GLY DA 80 23.33 -5.46 -17.24
CA GLY DA 80 22.77 -4.18 -16.88
C GLY DA 80 23.73 -3.29 -16.14
N VAL DA 81 24.81 -3.86 -15.62
CA VAL DA 81 25.84 -3.09 -14.95
C VAL DA 81 26.83 -2.63 -16.00
N ARG DA 82 27.23 -1.37 -15.93
CA ARG DA 82 28.15 -0.79 -16.90
C ARG DA 82 29.56 -1.31 -16.65
N MET DA 83 30.51 -0.75 -17.38
CA MET DA 83 31.88 -0.84 -16.89
C MET DA 83 32.07 0.14 -15.76
N GLY DA 84 33.23 0.10 -15.12
CA GLY DA 84 33.31 0.90 -13.92
C GLY DA 84 33.99 0.26 -12.74
N LYS DA 85 33.22 -0.05 -11.71
CA LYS DA 85 33.68 -0.27 -10.35
C LYS DA 85 34.37 -1.64 -10.21
N GLY DA 86 34.56 -2.10 -8.98
CA GLY DA 86 35.45 -3.22 -8.73
C GLY DA 86 35.00 -4.55 -9.30
N LYS DA 87 35.91 -5.53 -9.22
CA LYS DA 87 35.68 -6.85 -9.77
C LYS DA 87 34.50 -7.56 -9.11
N GLY DA 88 33.66 -8.20 -9.93
CA GLY DA 88 32.45 -8.83 -9.46
C GLY DA 88 32.73 -10.08 -8.65
N ALA DA 89 31.67 -10.59 -8.04
CA ALA DA 89 31.81 -11.66 -7.07
C ALA DA 89 32.20 -12.96 -7.76
N PRO DA 90 33.13 -13.74 -7.21
CA PRO DA 90 33.64 -14.91 -7.92
C PRO DA 90 32.63 -16.05 -7.94
N GLU DA 91 32.43 -16.62 -9.13
CA GLU DA 91 31.43 -17.65 -9.37
C GLU DA 91 32.08 -18.69 -10.27
N GLY DA 92 32.60 -19.76 -9.69
CA GLY DA 92 33.21 -20.79 -10.48
C GLY DA 92 34.61 -21.12 -10.04
N TRP DA 93 35.08 -22.33 -10.37
CA TRP DA 93 36.42 -22.78 -10.00
C TRP DA 93 36.98 -23.53 -11.19
N VAL DA 94 37.97 -22.95 -11.87
CA VAL DA 94 38.41 -23.40 -13.17
C VAL DA 94 39.93 -23.49 -13.16
N SER DA 95 40.48 -24.58 -13.70
CA SER DA 95 41.93 -24.69 -13.78
C SER DA 95 42.40 -24.80 -15.22
N PRO DA 96 43.55 -24.25 -15.57
CA PRO DA 96 44.03 -24.36 -16.94
C PRO DA 96 44.71 -25.69 -17.20
N VAL DA 97 44.62 -26.13 -18.44
CA VAL DA 97 45.33 -27.31 -18.94
C VAL DA 97 45.95 -26.95 -20.27
N LYS DA 98 47.28 -27.08 -20.37
CA LYS DA 98 47.99 -26.80 -21.60
C LYS DA 98 48.07 -28.08 -22.42
N ARG DA 99 48.94 -28.13 -23.43
CA ARG DA 99 49.22 -29.38 -24.11
C ARG DA 99 49.88 -30.37 -23.18
N GLY DA 100 50.01 -31.59 -23.67
CA GLY DA 100 50.87 -32.54 -22.99
C GLY DA 100 50.27 -33.21 -21.77
N LYS DA 101 49.60 -32.46 -20.90
CA LYS DA 101 49.12 -33.05 -19.65
C LYS DA 101 48.04 -34.08 -19.89
N ILE DA 102 47.81 -34.87 -18.86
CA ILE DA 102 46.97 -36.05 -18.94
C ILE DA 102 45.74 -35.79 -18.10
N MET DA 103 44.59 -36.00 -18.70
CA MET DA 103 43.35 -35.72 -18.01
C MET DA 103 43.06 -36.76 -16.94
N PHE DA 104 42.86 -38.00 -17.34
CA PHE DA 104 42.44 -39.08 -16.46
C PHE DA 104 43.28 -40.31 -16.76
N GLU DA 105 43.25 -41.28 -15.85
CA GLU DA 105 43.94 -42.53 -16.06
C GLU DA 105 43.07 -43.69 -15.60
N ILE DA 106 43.28 -44.86 -16.21
CA ILE DA 106 42.55 -46.08 -15.86
C ILE DA 106 43.58 -47.19 -15.68
N ALA DA 107 43.23 -48.17 -14.84
CA ALA DA 107 43.91 -49.46 -14.81
C ALA DA 107 42.97 -50.50 -14.26
N GLY DA 108 43.29 -51.76 -14.50
CA GLY DA 108 42.54 -52.87 -13.96
C GLY DA 108 41.46 -53.42 -14.85
N VAL DA 109 41.42 -53.03 -16.12
CA VAL DA 109 40.36 -53.36 -17.06
C VAL DA 109 41.01 -53.54 -18.43
N PRO DA 110 40.61 -54.54 -19.23
CA PRO DA 110 41.21 -54.73 -20.56
C PRO DA 110 40.89 -53.60 -21.52
N GLU DA 111 41.49 -53.71 -22.71
CA GLU DA 111 41.71 -52.54 -23.57
C GLU DA 111 40.43 -52.00 -24.17
N GLU DA 112 39.46 -52.88 -24.43
CA GLU DA 112 38.30 -52.49 -25.22
C GLU DA 112 37.35 -51.63 -24.40
N VAL DA 113 37.07 -52.06 -23.16
CA VAL DA 113 36.27 -51.27 -22.24
C VAL DA 113 36.99 -49.97 -21.89
N ALA DA 114 38.33 -50.00 -21.89
CA ALA DA 114 39.12 -48.81 -21.62
C ALA DA 114 38.90 -47.75 -22.70
N ARG DA 115 39.01 -48.14 -23.97
CA ARG DA 115 38.84 -47.16 -25.03
C ARG DA 115 37.39 -46.73 -25.18
N GLU DA 116 36.44 -47.62 -24.83
CA GLU DA 116 35.03 -47.22 -24.71
C GLU DA 116 34.86 -46.09 -23.72
N ALA DA 117 35.36 -46.28 -22.49
CA ALA DA 117 35.16 -45.28 -21.45
C ALA DA 117 35.92 -44.00 -21.75
N LEU DA 118 37.07 -44.09 -22.40
CA LEU DA 118 37.81 -42.88 -22.70
C LEU DA 118 37.19 -42.09 -23.83
N ARG DA 119 36.57 -42.76 -24.82
CA ARG DA 119 35.85 -41.94 -25.80
C ARG DA 119 34.52 -41.46 -25.24
N LEU DA 120 33.98 -42.10 -24.22
CA LEU DA 120 32.83 -41.51 -23.54
C LEU DA 120 33.23 -40.28 -22.76
N ALA DA 121 34.48 -40.21 -22.29
CA ALA DA 121 34.90 -39.02 -21.56
C ALA DA 121 35.11 -37.84 -22.49
N SER DA 122 35.84 -38.05 -23.60
CA SER DA 122 36.39 -36.95 -24.39
C SER DA 122 35.37 -36.24 -25.27
N HIS DA 123 34.10 -36.63 -25.24
CA HIS DA 123 33.05 -35.83 -25.85
C HIS DA 123 32.42 -34.86 -24.87
N LYS DA 124 33.02 -34.70 -23.69
CA LYS DA 124 32.51 -33.81 -22.67
C LYS DA 124 33.56 -32.80 -22.23
N LEU DA 125 34.71 -32.76 -22.91
CA LEU DA 125 35.77 -31.83 -22.65
C LEU DA 125 36.08 -31.04 -23.92
N PRO DA 126 36.38 -29.75 -23.83
CA PRO DA 126 36.51 -28.95 -25.04
C PRO DA 126 37.86 -29.05 -25.73
N VAL DA 127 38.66 -30.07 -25.44
CA VAL DA 127 39.99 -30.20 -25.98
C VAL DA 127 40.08 -31.51 -26.78
N LYS DA 128 40.74 -31.46 -27.93
CA LYS DA 128 41.06 -32.69 -28.67
C LYS DA 128 42.04 -33.55 -27.89
N THR DA 129 41.73 -34.82 -27.76
CA THR DA 129 42.45 -35.75 -26.90
C THR DA 129 43.22 -36.78 -27.74
N LYS DA 130 43.89 -37.69 -27.03
CA LYS DA 130 44.39 -38.95 -27.57
C LYS DA 130 44.18 -40.01 -26.51
N ILE DA 131 44.73 -41.21 -26.76
CA ILE DA 131 44.72 -42.28 -25.77
C ILE DA 131 46.11 -42.91 -25.76
N VAL DA 132 46.77 -42.88 -24.59
CA VAL DA 132 48.16 -43.34 -24.44
C VAL DA 132 48.22 -44.29 -23.26
N LYS DA 133 48.99 -45.37 -23.42
CA LYS DA 133 49.25 -46.35 -22.36
C LYS DA 133 50.22 -45.80 -21.32
N ARG DA 134 50.52 -46.62 -20.31
CA ARG DA 134 51.83 -46.56 -19.66
C ARG DA 134 52.74 -47.40 -20.53
N GLU DA 135 53.34 -46.76 -21.53
CA GLU DA 135 53.83 -47.51 -22.68
C GLU DA 135 55.09 -48.28 -22.35
N GLU DA 136 56.17 -47.59 -22.04
CA GLU DA 136 57.41 -48.28 -21.73
C GLU DA 136 58.05 -47.65 -20.50
N MET DA 137 58.55 -48.51 -19.62
CA MET DA 137 59.29 -48.09 -18.44
C MET DA 137 60.60 -48.88 -18.40
N GLY DA 138 61.48 -48.47 -17.48
CA GLY DA 138 62.64 -49.30 -17.18
C GLY DA 138 62.23 -50.61 -16.56
N GLY DA 139 61.21 -50.59 -15.71
CA GLY DA 139 60.53 -51.79 -15.28
C GLY DA 139 59.04 -51.59 -15.32
N GLU DA 140 58.34 -52.35 -16.16
CA GLU DA 140 56.89 -52.21 -16.25
C GLU DA 140 56.18 -52.88 -15.09
N SER DA 141 56.74 -53.98 -14.59
CA SER DA 141 56.23 -54.80 -13.48
C SER DA 141 54.77 -55.23 -13.67
N ARG EA 1 -23.68 21.88 -74.87
CA ARG EA 1 -23.83 23.23 -74.34
C ARG EA 1 -22.50 23.94 -74.26
N LYS EA 2 -22.54 25.19 -73.80
CA LYS EA 2 -21.34 25.92 -73.42
C LYS EA 2 -21.61 26.61 -72.10
N LEU EA 3 -20.91 26.22 -71.06
CA LEU EA 3 -21.04 26.88 -69.77
C LEU EA 3 -20.33 28.22 -69.85
N GLY EA 4 -20.97 29.28 -69.36
CA GLY EA 4 -20.24 30.53 -69.31
C GLY EA 4 -20.08 31.13 -67.91
N ARG EA 5 -21.10 30.94 -67.09
CA ARG EA 5 -21.35 31.64 -65.82
C ARG EA 5 -22.10 30.65 -64.93
N THR EA 6 -22.85 31.16 -63.94
CA THR EA 6 -23.77 30.29 -63.22
C THR EA 6 -25.00 30.00 -64.06
N SER EA 7 -26.01 29.38 -63.46
CA SER EA 7 -27.13 28.88 -64.25
C SER EA 7 -28.07 30.01 -64.69
N SER EA 8 -28.52 30.82 -63.75
CA SER EA 8 -29.48 31.86 -64.08
C SER EA 8 -28.84 33.02 -64.83
N GLN EA 9 -27.54 33.18 -64.72
CA GLN EA 9 -26.89 34.26 -65.45
C GLN EA 9 -26.82 33.97 -66.95
N ARG EA 10 -26.75 32.69 -67.35
CA ARG EA 10 -26.82 32.41 -68.78
C ARG EA 10 -28.18 32.75 -69.35
N LYS EA 11 -29.25 32.44 -68.61
CA LYS EA 11 -30.59 32.83 -69.08
C LYS EA 11 -30.71 34.34 -69.18
N ALA EA 12 -30.16 35.07 -68.21
CA ALA EA 12 -30.15 36.52 -68.29
C ALA EA 12 -29.39 37.01 -69.51
N MET EA 13 -28.25 36.38 -69.80
CA MET EA 13 -27.44 36.81 -70.94
C MET EA 13 -28.10 36.50 -72.26
N LEU EA 14 -28.68 35.32 -72.39
CA LEU EA 14 -29.26 34.97 -73.67
C LEU EA 14 -30.63 35.57 -73.86
N ARG EA 15 -31.24 36.14 -72.83
CA ARG EA 15 -32.34 37.03 -73.10
C ARG EA 15 -31.86 38.43 -73.41
N ASP EA 16 -30.73 38.86 -72.87
CA ASP EA 16 -30.27 40.22 -73.11
C ASP EA 16 -29.72 40.39 -74.51
N ILE EA 17 -28.94 39.43 -74.99
CA ILE EA 17 -28.32 39.58 -76.30
C ILE EA 17 -29.36 39.44 -77.39
N THR EA 18 -30.24 38.46 -77.28
CA THR EA 18 -31.14 38.16 -78.38
C THR EA 18 -32.38 39.02 -78.38
N THR EA 19 -32.45 40.12 -77.63
CA THR EA 19 -33.40 41.14 -77.98
C THR EA 19 -32.76 42.28 -78.72
N ASP EA 20 -31.44 42.34 -78.69
CA ASP EA 20 -30.73 42.88 -79.83
C ASP EA 20 -30.67 41.77 -80.87
N LEU EA 21 -30.39 42.17 -82.12
CA LEU EA 21 -30.66 41.49 -83.40
C LEU EA 21 -32.14 41.48 -83.74
N ILE EA 22 -32.98 41.84 -82.79
CA ILE EA 22 -34.38 42.07 -83.06
C ILE EA 22 -34.66 43.54 -83.19
N ILE EA 23 -33.92 44.39 -82.48
CA ILE EA 23 -34.03 45.81 -82.64
C ILE EA 23 -33.01 46.35 -83.66
N ASN EA 24 -31.80 45.81 -83.66
CA ASN EA 24 -30.71 46.42 -84.41
C ASN EA 24 -30.20 45.60 -85.58
N GLU EA 25 -30.40 44.28 -85.56
CA GLU EA 25 -30.06 43.33 -86.63
C GLU EA 25 -28.57 43.23 -86.89
N ARG EA 26 -27.73 43.77 -86.01
CA ARG EA 26 -26.29 43.59 -86.07
C ARG EA 26 -25.74 43.71 -84.66
N ILE EA 27 -24.78 42.85 -84.33
CA ILE EA 27 -24.19 42.77 -83.01
C ILE EA 27 -22.70 42.50 -83.17
N VAL EA 28 -21.87 43.16 -82.34
CA VAL EA 28 -20.46 42.86 -82.26
C VAL EA 28 -20.17 42.27 -80.88
N THR EA 29 -19.92 40.97 -80.81
CA THR EA 29 -19.54 40.29 -79.57
C THR EA 29 -18.43 39.29 -79.89
N THR EA 30 -18.23 38.34 -78.97
CA THR EA 30 -17.15 37.37 -79.04
C THR EA 30 -17.61 36.13 -79.80
N GLU EA 31 -16.81 35.05 -79.77
CA GLU EA 31 -17.20 33.84 -80.49
C GLU EA 31 -18.31 33.06 -79.80
N ALA EA 32 -18.12 32.74 -78.52
CA ALA EA 32 -18.96 31.73 -77.89
C ALA EA 32 -20.39 32.23 -77.67
N ARG EA 33 -20.51 33.49 -77.25
CA ARG EA 33 -21.83 34.10 -77.11
C ARG EA 33 -22.56 34.13 -78.45
N ALA EA 34 -21.81 34.28 -79.54
CA ALA EA 34 -22.42 34.31 -80.87
C ALA EA 34 -23.02 32.97 -81.24
N LYS EA 35 -22.38 31.86 -80.87
CA LYS EA 35 -22.93 30.58 -81.26
C LYS EA 35 -24.14 30.21 -80.43
N GLU EA 36 -24.14 30.60 -79.15
CA GLU EA 36 -25.38 30.40 -78.40
C GLU EA 36 -26.50 31.28 -78.93
N VAL EA 37 -26.18 32.47 -79.44
CA VAL EA 37 -27.22 33.34 -79.94
C VAL EA 37 -27.72 32.90 -81.33
N ARG EA 38 -26.87 32.24 -82.15
CA ARG EA 38 -27.33 31.44 -83.29
C ARG EA 38 -28.50 30.57 -82.92
N SER EA 39 -28.25 29.70 -81.94
CA SER EA 39 -29.25 28.71 -81.55
C SER EA 39 -30.53 29.36 -81.05
N THR EA 40 -30.41 30.36 -80.19
CA THR EA 40 -31.63 30.92 -79.59
C THR EA 40 -32.43 31.81 -80.54
N VAL EA 41 -31.77 32.62 -81.38
CA VAL EA 41 -32.49 33.45 -82.34
C VAL EA 41 -33.19 32.59 -83.38
N GLU EA 42 -32.52 31.54 -83.84
CA GLU EA 42 -33.19 30.67 -84.79
C GLU EA 42 -34.27 29.83 -84.14
N LYS EA 43 -34.21 29.61 -82.83
CA LYS EA 43 -35.37 28.99 -82.20
C LYS EA 43 -36.51 29.97 -81.97
N MET EA 44 -36.24 31.27 -81.94
CA MET EA 44 -37.35 32.19 -81.69
C MET EA 44 -38.05 32.67 -82.96
N ILE EA 45 -37.33 32.75 -84.09
CA ILE EA 45 -38.00 33.19 -85.31
C ILE EA 45 -38.96 32.11 -85.83
N THR EA 46 -38.68 30.84 -85.55
CA THR EA 46 -39.64 29.81 -85.95
C THR EA 46 -40.86 29.78 -85.06
N LEU EA 47 -40.83 30.40 -83.89
CA LEU EA 47 -42.08 30.79 -83.27
C LEU EA 47 -42.64 32.02 -83.94
N GLY EA 48 -41.77 32.82 -84.55
CA GLY EA 48 -42.21 33.93 -85.37
C GLY EA 48 -43.02 33.52 -86.59
N LYS EA 49 -42.86 32.29 -87.06
CA LYS EA 49 -43.57 31.87 -88.27
C LYS EA 49 -45.00 31.43 -88.00
N ARG EA 50 -45.30 30.92 -86.81
CA ARG EA 50 -46.62 30.33 -86.59
C ARG EA 50 -47.71 31.38 -86.52
N GLY EA 51 -47.67 32.21 -85.48
CA GLY EA 51 -48.67 33.25 -85.33
C GLY EA 51 -49.87 32.88 -84.49
N ASP EA 52 -49.79 31.83 -83.69
CA ASP EA 52 -50.91 31.42 -82.85
C ASP EA 52 -50.96 32.31 -81.61
N LEU EA 53 -51.73 31.89 -80.61
CA LEU EA 53 -51.46 32.41 -79.27
N HIS EA 54 -49.98 30.49 -79.02
CA HIS EA 54 -48.77 29.84 -78.55
C HIS EA 54 -47.51 30.47 -79.13
N ALA EA 55 -47.61 31.10 -80.30
CA ALA EA 55 -46.49 31.91 -80.76
C ALA EA 55 -46.29 33.12 -79.88
N ARG EA 56 -47.37 33.81 -79.50
CA ARG EA 56 -47.25 34.91 -78.55
C ARG EA 56 -46.85 34.38 -77.18
N ARG EA 57 -47.54 33.36 -76.69
CA ARG EA 57 -47.38 32.97 -75.31
C ARG EA 57 -46.24 32.01 -75.07
N GLN EA 58 -45.42 31.72 -76.08
CA GLN EA 58 -44.08 31.23 -75.78
C GLN EA 58 -43.01 32.27 -76.00
N ALA EA 59 -43.24 33.24 -76.86
CA ALA EA 59 -42.25 34.29 -77.05
C ALA EA 59 -42.19 35.25 -75.88
N ALA EA 60 -43.11 35.15 -74.93
CA ALA EA 60 -43.06 35.98 -73.75
C ALA EA 60 -42.13 35.44 -72.69
N THR EA 61 -41.16 34.59 -73.05
CA THR EA 61 -40.09 34.25 -72.14
C THR EA 61 -38.75 34.77 -72.64
N PHE EA 62 -38.28 34.34 -73.82
CA PHE EA 62 -36.95 34.78 -74.26
C PHE EA 62 -36.94 36.13 -74.90
N VAL EA 63 -37.95 36.96 -74.71
CA VAL EA 63 -37.90 38.33 -75.19
C VAL EA 63 -38.14 39.22 -73.99
N ARG EA 64 -37.28 40.23 -73.82
CA ARG EA 64 -37.52 41.30 -72.87
C ARG EA 64 -38.90 41.90 -73.07
N ASN EA 65 -39.59 42.16 -71.95
CA ASN EA 65 -41.04 42.34 -71.96
C ASN EA 65 -41.44 43.57 -72.77
N GLU EA 66 -40.79 44.70 -72.53
CA GLU EA 66 -40.96 45.86 -73.38
C GLU EA 66 -39.61 46.53 -73.53
N VAL EA 67 -39.09 46.55 -74.74
CA VAL EA 67 -38.03 47.46 -75.14
C VAL EA 67 -38.49 48.08 -76.45
N ALA EA 68 -38.81 49.37 -76.44
CA ALA EA 68 -39.40 50.01 -77.59
C ALA EA 68 -38.40 50.11 -78.73
N SER EA 69 -38.89 49.93 -79.96
CA SER EA 69 -38.11 50.16 -81.18
C SER EA 69 -38.99 51.00 -82.12
N VAL EA 70 -38.94 52.32 -81.94
CA VAL EA 70 -39.86 53.24 -82.58
C VAL EA 70 -39.11 54.03 -83.62
N ARG EA 71 -39.35 53.75 -84.89
CA ARG EA 71 -39.15 54.73 -85.96
C ARG EA 71 -40.42 54.68 -86.80
N GLU EA 72 -41.48 55.34 -86.33
CA GLU EA 72 -42.78 55.23 -86.98
C GLU EA 72 -43.72 56.28 -86.42
N GLU EA 73 -44.46 56.92 -87.31
CA GLU EA 73 -45.66 57.68 -86.96
C GLU EA 73 -46.59 57.70 -88.16
N ASP EA 74 -47.89 57.70 -87.89
CA ASP EA 74 -48.90 57.98 -88.91
C ASP EA 74 -49.62 59.29 -88.60
N GLU EA 75 -50.30 59.36 -87.46
CA GLU EA 75 -50.35 60.59 -86.67
C GLU EA 75 -50.47 60.10 -85.22
N SER EA 76 -49.31 59.83 -84.63
CA SER EA 76 -49.14 59.32 -83.29
C SER EA 76 -47.66 59.32 -83.03
N ILE EA 77 -47.23 58.68 -81.96
CA ILE EA 77 -45.93 58.05 -81.90
C ILE EA 77 -46.21 56.61 -81.52
N VAL EA 78 -46.39 55.76 -82.53
CA VAL EA 78 -46.80 54.38 -82.29
C VAL EA 78 -45.55 53.53 -82.14
N VAL EA 79 -45.66 52.47 -81.35
CA VAL EA 79 -44.52 51.80 -80.75
C VAL EA 79 -44.49 50.34 -81.20
N GLU EA 80 -43.34 49.88 -81.68
CA GLU EA 80 -43.10 48.46 -81.92
C GLU EA 80 -42.23 47.93 -80.79
N SER EA 81 -42.75 46.93 -80.08
CA SER EA 81 -42.27 46.55 -78.75
C SER EA 81 -41.42 45.29 -78.75
N ALA EA 82 -40.54 45.11 -79.74
CA ALA EA 82 -39.49 44.08 -79.78
C ALA EA 82 -39.99 42.64 -79.81
N LEU EA 83 -41.29 42.44 -79.76
CA LEU EA 83 -42.02 41.21 -80.02
C LEU EA 83 -43.01 41.39 -81.15
N GLN EA 84 -43.67 42.54 -81.16
CA GLN EA 84 -44.50 42.93 -82.30
C GLN EA 84 -43.66 43.06 -83.55
N LYS EA 85 -42.38 43.38 -83.42
CA LYS EA 85 -41.52 43.37 -84.59
C LYS EA 85 -41.29 41.95 -85.08
N LEU EA 86 -41.24 40.96 -84.19
CA LEU EA 86 -41.19 39.58 -84.64
C LEU EA 86 -42.46 39.17 -85.36
N PHE EA 87 -43.61 39.55 -84.82
CA PHE EA 87 -44.85 39.12 -85.44
C PHE EA 87 -45.37 40.09 -86.48
N ASN EA 88 -44.57 41.06 -86.88
CA ASN EA 88 -44.92 41.86 -88.03
C ASN EA 88 -43.88 41.85 -89.14
N ASP EA 89 -42.59 41.99 -88.82
CA ASP EA 89 -41.57 42.11 -89.85
C ASP EA 89 -40.82 40.81 -90.08
N LEU EA 90 -40.18 40.28 -89.05
CA LEU EA 90 -39.27 39.17 -89.23
C LEU EA 90 -39.98 37.87 -89.51
N GLY EA 91 -41.24 37.76 -89.13
CA GLY EA 91 -42.07 36.64 -89.49
C GLY EA 91 -42.20 36.44 -90.99
N PRO EA 92 -42.88 37.35 -91.69
CA PRO EA 92 -43.08 37.17 -93.13
C PRO EA 92 -41.87 37.42 -94.00
N ARG EA 93 -40.71 37.80 -93.46
CA ARG EA 93 -39.53 37.82 -94.31
C ARG EA 93 -39.07 36.42 -94.66
N PHE EA 94 -39.35 35.45 -93.80
CA PHE EA 94 -38.78 34.12 -93.95
C PHE EA 94 -39.88 33.10 -94.24
N ALA EA 95 -40.86 33.49 -95.04
CA ALA EA 95 -41.90 32.53 -95.39
C ALA EA 95 -41.43 31.50 -96.41
N GLU EA 96 -40.35 31.80 -97.13
CA GLU EA 96 -39.78 30.85 -98.08
C GLU EA 96 -38.43 30.31 -97.64
N ARG EA 97 -37.81 30.91 -96.65
CA ARG EA 97 -36.56 30.41 -96.12
C ARG EA 97 -36.84 29.26 -95.16
N GLN EA 98 -36.00 28.25 -95.20
CA GLN EA 98 -35.96 27.21 -94.19
C GLN EA 98 -35.09 27.70 -93.03
N GLY EA 99 -34.52 26.80 -92.25
CA GLY EA 99 -33.56 27.22 -91.24
C GLY EA 99 -32.33 27.96 -91.75
N GLY EA 100 -31.48 28.45 -90.85
CA GLY EA 100 -30.30 29.16 -91.26
C GLY EA 100 -30.51 30.62 -91.58
N TYR EA 101 -30.81 31.42 -90.55
CA TYR EA 101 -31.13 32.82 -90.74
C TYR EA 101 -30.00 33.75 -90.34
N THR EA 102 -28.78 33.27 -90.12
CA THR EA 102 -27.74 34.11 -89.54
C THR EA 102 -26.37 33.89 -90.16
N ARG EA 103 -25.60 34.97 -90.26
CA ARG EA 103 -24.21 34.93 -90.68
C ARG EA 103 -23.31 35.38 -89.54
N ILE EA 104 -22.11 34.82 -89.50
CA ILE EA 104 -21.11 35.14 -88.49
C ILE EA 104 -19.79 35.42 -89.19
N LEU EA 105 -19.20 36.58 -88.91
CA LEU EA 105 -17.93 36.96 -89.52
C LEU EA 105 -16.85 37.04 -88.45
N LYS EA 106 -15.60 37.15 -88.88
CA LYS EA 106 -14.46 37.02 -87.98
C LYS EA 106 -13.54 38.23 -88.13
N THR EA 107 -13.67 39.22 -87.24
CA THR EA 107 -13.04 40.52 -87.51
C THR EA 107 -11.65 40.69 -86.90
N GLU EA 108 -11.55 40.75 -85.58
CA GLU EA 108 -10.35 41.24 -84.91
C GLU EA 108 -10.34 40.73 -83.48
N PRO EA 109 -9.17 40.66 -82.85
CA PRO EA 109 -9.12 40.52 -81.40
C PRO EA 109 -9.37 41.87 -80.73
N ARG EA 110 -10.01 41.83 -79.58
CA ARG EA 110 -10.24 43.02 -78.78
C ARG EA 110 -8.92 43.53 -78.24
N ARG EA 111 -8.85 44.84 -77.96
CA ARG EA 111 -7.59 45.43 -77.53
C ARG EA 111 -7.20 44.97 -76.14
N GLY EA 112 -8.14 44.97 -75.21
CA GLY EA 112 -7.81 44.74 -73.82
C GLY EA 112 -7.50 43.29 -73.49
N ASP EA 113 -8.26 42.35 -74.04
CA ASP EA 113 -8.18 40.97 -73.60
C ASP EA 113 -7.77 39.98 -74.66
N ALA EA 114 -7.60 40.42 -75.91
CA ALA EA 114 -7.36 39.57 -77.08
C ALA EA 114 -8.45 38.53 -77.25
N ALA EA 115 -9.70 38.93 -77.04
CA ALA EA 115 -10.84 38.06 -77.30
C ALA EA 115 -11.29 38.25 -78.73
N PRO EA 116 -11.30 37.22 -79.56
CA PRO EA 116 -11.64 37.40 -80.98
C PRO EA 116 -13.11 37.68 -81.17
N MET EA 117 -13.42 38.55 -82.13
CA MET EA 117 -14.73 39.16 -82.21
C MET EA 117 -15.46 38.72 -83.47
N VAL EA 118 -16.73 39.13 -83.55
CA VAL EA 118 -17.72 38.50 -84.43
C VAL EA 118 -18.84 39.51 -84.72
N VAL EA 119 -19.25 39.60 -85.98
CA VAL EA 119 -20.47 40.30 -86.37
C VAL EA 119 -21.54 39.26 -86.69
N ILE EA 120 -22.75 39.45 -86.15
CA ILE EA 120 -23.90 38.63 -86.54
C ILE EA 120 -24.90 39.48 -87.31
N GLU EA 121 -25.25 39.04 -88.50
CA GLU EA 121 -26.31 39.64 -89.30
C GLU EA 121 -27.39 38.60 -89.53
N PHE EA 122 -28.43 38.97 -90.29
CA PHE EA 122 -29.42 37.98 -90.69
C PHE EA 122 -29.20 37.39 -92.08
N VAL EA 123 -29.34 38.21 -93.12
CA VAL EA 123 -29.50 37.68 -94.46
C VAL EA 123 -28.18 37.17 -95.01
N ILE FA 1 74.38 -36.47 31.21
CA ILE FA 1 74.67 -35.07 30.92
C ILE FA 1 75.99 -34.95 30.20
N THR FA 2 76.01 -34.25 29.07
CA THR FA 2 77.26 -33.83 28.48
C THR FA 2 77.89 -32.75 29.35
N LYS FA 3 79.08 -33.01 29.85
CA LYS FA 3 79.87 -31.94 30.43
C LYS FA 3 80.31 -31.03 29.29
N PRO FA 4 79.95 -29.77 29.28
CA PRO FA 4 80.27 -28.91 28.14
C PRO FA 4 81.74 -28.56 28.12
N ASP FA 5 82.26 -28.35 26.90
CA ASP FA 5 83.66 -28.01 26.73
C ASP FA 5 83.92 -26.60 27.21
N LYS FA 6 85.20 -26.30 27.44
CA LYS FA 6 85.57 -25.01 27.99
C LYS FA 6 86.58 -24.28 27.12
N ASN FA 7 86.54 -24.50 25.82
CA ASN FA 7 87.18 -23.62 24.87
C ASN FA 7 86.25 -23.16 23.77
N LYS FA 8 85.16 -23.88 23.54
CA LYS FA 8 84.15 -23.41 22.60
C LYS FA 8 83.50 -22.12 23.09
N THR FA 9 83.23 -22.04 24.39
CA THR FA 9 82.68 -20.80 24.95
C THR FA 9 83.71 -19.68 24.93
N ARG FA 10 84.98 -20.00 25.22
CA ARG FA 10 86.03 -18.99 25.16
C ARG FA 10 86.22 -18.46 23.74
N GLN FA 11 86.08 -19.31 22.74
CA GLN FA 11 86.27 -18.80 21.40
C GLN FA 11 85.03 -18.13 20.84
N LYS FA 12 83.83 -18.47 21.33
CA LYS FA 12 82.66 -17.63 21.03
C LYS FA 12 82.85 -16.24 21.60
N ARG FA 13 83.47 -16.14 22.77
CA ARG FA 13 83.73 -14.83 23.35
C ARG FA 13 84.81 -14.08 22.59
N HIS FA 14 85.84 -14.79 22.10
CA HIS FA 14 86.80 -14.18 21.17
C HIS FA 14 86.13 -13.63 19.93
N ARG FA 15 85.22 -14.40 19.34
CA ARG FA 15 84.55 -13.96 18.11
C ARG FA 15 83.65 -12.76 18.36
N ARG FA 16 83.04 -12.67 19.53
CA ARG FA 16 82.26 -11.48 19.85
C ARG FA 16 83.08 -10.38 20.51
N VAL FA 17 84.38 -10.57 20.64
CA VAL FA 17 85.29 -9.46 20.92
C VAL FA 17 85.96 -8.95 19.65
N ARG FA 18 86.52 -9.85 18.86
CA ARG FA 18 87.33 -9.48 17.70
C ARG FA 18 86.54 -8.88 16.56
N ASN FA 19 85.23 -8.71 16.66
CA ASN FA 19 84.52 -7.97 15.62
C ASN FA 19 84.93 -6.51 15.61
N LYS FA 20 85.10 -5.89 16.78
CA LYS FA 20 85.21 -4.44 16.79
C LYS FA 20 86.59 -3.97 16.36
N ILE FA 21 87.62 -4.22 17.17
CA ILE FA 21 88.97 -3.83 16.78
C ILE FA 21 89.95 -4.93 17.13
N SER FA 22 90.56 -5.53 16.12
CA SER FA 22 91.90 -6.05 16.24
C SER FA 22 92.88 -4.97 15.83
N GLY FA 23 92.80 -4.54 14.57
CA GLY FA 23 93.45 -3.34 14.08
C GLY FA 23 94.97 -3.36 14.13
N THR FA 24 95.57 -4.52 13.86
CA THR FA 24 96.96 -4.72 14.20
C THR FA 24 97.88 -4.37 13.03
N ALA FA 25 97.86 -3.08 12.67
CA ALA FA 25 98.76 -2.61 11.63
C ALA FA 25 100.16 -2.38 12.21
N GLU FA 26 100.27 -1.42 13.13
CA GLU FA 26 101.47 -1.28 13.95
C GLU FA 26 101.11 -1.07 15.41
N CYS FA 27 99.86 -1.27 15.80
CA CYS FA 27 99.42 -1.22 17.18
C CYS FA 27 98.84 -2.59 17.50
N PRO FA 28 99.69 -3.60 17.67
CA PRO FA 28 99.25 -5.00 17.55
C PRO FA 28 98.42 -5.54 18.71
N ARG FA 29 98.15 -6.83 18.67
CA ARG FA 29 97.42 -7.46 19.76
C ARG FA 29 98.34 -7.80 20.93
N LEU FA 30 97.73 -7.99 22.08
CA LEU FA 30 98.26 -8.89 23.08
C LEU FA 30 97.38 -10.12 23.13
N ASN FA 31 97.75 -11.04 24.02
CA ASN FA 31 97.02 -12.28 24.20
C ASN FA 31 97.12 -12.73 25.64
N ILE FA 32 96.11 -13.49 26.05
CA ILE FA 32 95.98 -13.99 27.42
C ILE FA 32 95.41 -15.40 27.29
N PHE FA 33 96.11 -16.39 27.82
CA PHE FA 33 95.68 -17.79 27.68
C PHE FA 33 95.74 -18.50 29.03
N ARG FA 34 94.58 -18.75 29.62
CA ARG FA 34 94.52 -19.61 30.78
C ARG FA 34 94.77 -21.04 30.38
N SER FA 35 95.14 -21.84 31.37
CA SER FA 35 95.02 -23.27 31.32
C SER FA 35 94.72 -23.69 32.74
N ASN FA 36 94.97 -24.95 33.07
CA ASN FA 36 94.95 -25.27 34.48
C ASN FA 36 96.29 -25.00 35.14
N LYS FA 37 97.38 -24.87 34.36
CA LYS FA 37 98.71 -24.73 34.94
C LYS FA 37 99.62 -23.76 34.21
N ASN FA 38 99.10 -22.89 33.33
CA ASN FA 38 99.97 -22.03 32.54
C ASN FA 38 99.28 -20.72 32.19
N ILE FA 39 100.10 -19.78 31.71
CA ILE FA 39 99.71 -18.46 31.25
C ILE FA 39 100.61 -18.10 30.07
N TYR FA 40 100.03 -17.95 28.89
CA TYR FA 40 100.81 -17.63 27.70
C TYR FA 40 100.40 -16.27 27.17
N ALA FA 41 101.21 -15.73 26.26
CA ALA FA 41 100.92 -14.43 25.64
C ALA FA 41 101.69 -14.32 24.34
N GLN FA 42 101.10 -13.59 23.38
CA GLN FA 42 101.73 -13.32 22.09
C GLN FA 42 101.41 -11.91 21.64
N VAL FA 43 102.19 -11.42 20.68
CA VAL FA 43 102.04 -10.10 20.09
C VAL FA 43 101.95 -10.27 18.58
N ILE FA 44 100.77 -10.05 18.02
CA ILE FA 44 100.43 -10.52 16.68
C ILE FA 44 100.02 -9.34 15.80
N ASP FA 45 100.57 -9.28 14.59
CA ASP FA 45 100.09 -8.39 13.55
C ASP FA 45 99.22 -9.11 12.53
N ASP FA 46 98.38 -8.32 11.86
CA ASP FA 46 97.58 -8.72 10.70
C ASP FA 46 97.82 -7.68 9.63
N VAL FA 47 97.85 -8.06 8.34
CA VAL FA 47 97.40 -9.35 7.83
C VAL FA 47 98.66 -10.13 7.47
N ALA FA 48 99.72 -9.85 8.22
CA ALA FA 48 100.88 -10.74 8.17
C ALA FA 48 100.57 -12.06 8.86
N GLY FA 49 99.83 -12.00 9.97
CA GLY FA 49 99.58 -13.20 10.76
C GLY FA 49 100.77 -13.67 11.53
N VAL FA 50 101.80 -12.85 11.66
CA VAL FA 50 103.10 -13.25 12.19
C VAL FA 50 103.29 -12.58 13.53
N THR FA 51 103.69 -13.37 14.53
CA THR FA 51 103.98 -12.81 15.84
C THR FA 51 105.28 -12.01 15.82
N LEU FA 52 105.49 -11.25 16.88
CA LEU FA 52 106.67 -10.41 17.00
C LEU FA 52 107.51 -10.72 18.23
N ALA FA 53 106.86 -11.00 19.37
CA ALA FA 53 107.52 -11.34 20.61
C ALA FA 53 106.52 -12.05 21.51
N SER FA 54 107.01 -12.88 22.40
CA SER FA 54 106.13 -13.68 23.24
C SER FA 54 106.87 -14.09 24.50
N ALA FA 55 106.10 -14.63 25.45
CA ALA FA 55 106.63 -15.26 26.64
C ALA FA 55 105.59 -16.23 27.16
N SER FA 56 106.00 -17.06 28.12
CA SER FA 56 105.14 -18.14 28.56
C SER FA 56 105.51 -18.52 29.98
N ALA FA 57 104.64 -19.29 30.62
CA ALA FA 57 104.73 -19.44 32.07
C ALA FA 57 105.76 -20.46 32.49
N LEU FA 58 105.52 -21.74 32.23
CA LEU FA 58 106.37 -22.79 32.76
C LEU FA 58 107.53 -23.13 31.86
N ASP FA 59 107.77 -22.37 30.81
CA ASP FA 59 108.88 -22.69 29.95
C ASP FA 59 110.21 -22.24 30.54
N LYS FA 60 110.30 -20.97 30.96
CA LYS FA 60 111.60 -20.34 31.13
C LYS FA 60 111.94 -19.99 32.57
N GLU FA 61 111.15 -19.12 33.22
CA GLU FA 61 111.53 -18.54 34.51
C GLU FA 61 110.28 -18.38 35.36
N ILE FA 62 110.16 -19.15 36.43
CA ILE FA 62 108.94 -19.19 37.23
C ILE FA 62 109.22 -18.64 38.62
N SER FA 63 108.14 -18.34 39.33
CA SER FA 63 108.17 -17.95 40.74
C SER FA 63 107.32 -18.85 41.62
N GLY FA 64 106.06 -19.08 41.25
CA GLY FA 64 105.14 -19.86 42.06
C GLY FA 64 104.44 -20.97 41.32
N GLY FA 65 103.11 -20.96 41.35
CA GLY FA 65 102.31 -21.97 40.68
C GLY FA 65 101.41 -21.42 39.60
N THR FA 66 100.09 -21.50 39.81
CA THR FA 66 99.10 -20.83 38.95
C THR FA 66 98.77 -19.47 39.57
N LYS FA 67 99.81 -18.68 39.77
CA LYS FA 67 99.71 -17.49 40.57
C LYS FA 67 99.58 -16.26 39.70
N THR FA 68 99.19 -15.17 40.34
CA THR FA 68 99.31 -13.86 39.74
C THR FA 68 100.77 -13.48 39.55
N GLU FA 69 101.65 -14.01 40.42
CA GLU FA 69 103.06 -13.65 40.42
C GLU FA 69 103.77 -14.15 39.18
N THR FA 70 103.44 -15.38 38.78
CA THR FA 70 103.90 -15.92 37.50
C THR FA 70 103.45 -15.04 36.35
N ALA FA 71 102.19 -14.56 36.42
CA ALA FA 71 101.67 -13.69 35.37
C ALA FA 71 102.41 -12.36 35.34
N ALA FA 72 102.77 -11.84 36.50
CA ALA FA 72 103.52 -10.58 36.53
C ALA FA 72 104.90 -10.77 35.93
N ALA FA 73 105.51 -11.93 36.19
CA ALA FA 73 106.79 -12.26 35.55
C ALA FA 73 106.65 -12.36 34.04
N VAL FA 74 105.54 -12.96 33.58
CA VAL FA 74 105.29 -13.08 32.15
C VAL FA 74 105.11 -11.71 31.51
N GLY FA 75 104.40 -10.82 32.20
CA GLY FA 75 104.19 -9.48 31.67
C GLY FA 75 105.46 -8.67 31.60
N LYS FA 76 106.34 -8.85 32.60
CA LYS FA 76 107.67 -8.25 32.56
C LYS FA 76 108.45 -8.73 31.35
N LEU FA 77 108.42 -10.04 31.09
CA LEU FA 77 109.13 -10.60 29.94
C LEU FA 77 108.61 -10.07 28.62
N VAL FA 78 107.28 -9.98 28.50
CA VAL FA 78 106.67 -9.52 27.25
C VAL FA 78 106.98 -8.05 27.01
N ALA FA 79 106.83 -7.21 28.04
CA ALA FA 79 107.09 -5.79 27.88
C ALA FA 79 108.57 -5.49 27.65
N GLU FA 80 109.47 -6.30 28.22
CA GLU FA 80 110.89 -6.05 27.99
C GLU FA 80 111.32 -6.55 26.61
N ARG FA 81 110.79 -7.68 26.15
CA ARG FA 81 111.14 -8.14 24.81
C ARG FA 81 110.50 -7.28 23.73
N ALA FA 82 109.37 -6.64 24.04
CA ALA FA 82 108.69 -5.83 23.03
C ALA FA 82 109.45 -4.55 22.76
N ALA FA 83 109.83 -3.82 23.82
CA ALA FA 83 110.45 -2.51 23.68
C ALA FA 83 111.87 -2.58 23.14
N GLU FA 84 112.43 -3.76 23.00
CA GLU FA 84 113.67 -3.94 22.26
C GLU FA 84 113.44 -3.97 20.76
N LYS FA 85 112.19 -3.89 20.30
CA LYS FA 85 111.88 -3.79 18.88
C LYS FA 85 110.97 -2.60 18.56
N GLY FA 86 110.83 -1.67 19.51
CA GLY FA 86 110.18 -0.40 19.25
C GLY FA 86 108.67 -0.48 19.09
N ILE FA 87 107.97 -0.88 20.14
CA ILE FA 87 106.53 -1.06 20.13
C ILE FA 87 105.96 -0.35 21.35
N LYS FA 88 104.95 0.48 21.14
CA LYS FA 88 104.49 1.38 22.20
C LYS FA 88 103.03 1.21 22.59
N LYS FA 89 102.12 1.02 21.64
CA LYS FA 89 100.69 1.21 21.86
C LYS FA 89 99.90 -0.03 21.46
N VAL FA 90 100.29 -1.16 22.06
CA VAL FA 90 99.61 -2.44 21.84
C VAL FA 90 98.15 -2.36 22.31
N VAL FA 91 97.32 -3.27 21.80
CA VAL FA 91 95.90 -3.37 22.15
C VAL FA 91 95.67 -4.71 22.83
N PHE FA 92 94.97 -4.69 23.96
CA PHE FA 92 94.66 -5.93 24.65
C PHE FA 92 93.64 -6.77 23.90
N ASP FA 93 93.88 -8.08 23.87
CA ASP FA 93 92.78 -9.02 23.85
C ASP FA 93 92.32 -9.25 25.27
N ARG FA 94 91.02 -9.17 25.49
CA ARG FA 94 90.47 -9.69 26.72
C ARG FA 94 90.46 -11.20 26.70
N GLY FA 95 90.63 -11.81 25.54
CA GLY FA 95 90.56 -13.25 25.40
C GLY FA 95 89.11 -13.69 25.34
N GLY FA 96 88.66 -14.28 26.42
CA GLY FA 96 87.26 -14.60 26.61
C GLY FA 96 86.95 -14.47 28.08
N TYR FA 97 87.67 -13.62 28.77
CA TYR FA 97 87.77 -13.69 30.21
C TYR FA 97 87.21 -12.39 30.81
N LEU FA 98 87.45 -12.21 32.10
CA LEU FA 98 87.14 -10.97 32.79
C LEU FA 98 88.43 -10.31 33.28
N TYR FA 99 88.27 -9.24 34.03
CA TYR FA 99 89.37 -8.67 34.79
C TYR FA 99 89.06 -8.85 36.27
N HIS FA 100 89.44 -9.99 36.82
CA HIS FA 100 89.57 -10.11 38.27
C HIS FA 100 90.98 -10.48 38.68
N GLY FA 101 91.47 -11.61 38.21
CA GLY FA 101 92.77 -12.09 38.64
C GLY FA 101 93.37 -12.86 37.50
N ARG FA 102 94.69 -13.04 37.57
CA ARG FA 102 95.51 -13.82 36.63
C ARG FA 102 95.58 -13.14 35.25
N VAL FA 103 94.91 -12.00 35.10
CA VAL FA 103 94.72 -11.31 33.83
C VAL FA 103 95.12 -9.85 34.00
N GLN FA 104 94.56 -9.18 35.02
CA GLN FA 104 95.09 -7.87 35.41
C GLN FA 104 96.49 -7.98 35.95
N ALA FA 105 96.83 -9.14 36.52
CA ALA FA 105 98.21 -9.45 36.88
C ALA FA 105 99.14 -9.35 35.68
N LEU FA 106 98.68 -9.81 34.50
CA LEU FA 106 99.43 -9.52 33.28
C LEU FA 106 99.33 -8.06 32.90
N ALA FA 107 98.15 -7.48 33.04
CA ALA FA 107 97.86 -6.19 32.42
C ALA FA 107 98.66 -5.07 33.06
N GLU FA 108 98.46 -4.84 34.35
CA GLU FA 108 99.11 -3.72 35.00
C GLU FA 108 100.58 -3.99 35.28
N ALA FA 109 101.03 -5.23 35.17
CA ALA FA 109 102.47 -5.45 35.10
C ALA FA 109 103.01 -5.06 33.74
N ALA FA 110 102.23 -5.29 32.68
CA ALA FA 110 102.69 -4.91 31.36
C ALA FA 110 102.64 -3.42 31.14
N ARG FA 111 101.78 -2.70 31.86
CA ARG FA 111 101.68 -1.25 31.67
C ARG FA 111 102.93 -0.54 32.18
N GLU FA 112 103.34 -0.84 33.41
CA GLU FA 112 104.41 -0.10 34.05
C GLU FA 112 105.77 -0.43 33.48
N ASN FA 113 105.90 -1.55 32.79
CA ASN FA 113 107.20 -2.03 32.32
C ASN FA 113 107.48 -1.63 30.88
N GLY FA 114 106.91 -0.52 30.43
CA GLY FA 114 107.25 0.01 29.12
C GLY FA 114 106.08 0.32 28.22
N LEU FA 115 105.01 -0.47 28.32
CA LEU FA 115 103.92 -0.35 27.37
C LEU FA 115 103.01 0.82 27.73
N GLU FA 116 102.08 1.11 26.83
CA GLU FA 116 101.17 2.24 26.97
C GLU FA 116 99.77 1.75 26.66
N PHE FA 117 98.82 2.08 27.52
CA PHE FA 117 97.42 1.80 27.23
C PHE FA 117 96.57 3.00 27.63
N ASN GA 1 -30.77 2.44 -83.39
CA ASN GA 1 -32.18 2.40 -83.79
C ASN GA 1 -32.58 1.83 -85.18
N PRO GA 2 -31.85 2.11 -86.30
CA PRO GA 2 -32.32 1.54 -87.57
C PRO GA 2 -32.19 0.03 -87.68
N LEU GA 3 -31.02 -0.55 -87.43
CA LEU GA 3 -30.91 -2.01 -87.56
C LEU GA 3 -31.55 -2.76 -86.42
N ILE GA 4 -31.60 -2.15 -85.25
CA ILE GA 4 -32.13 -2.82 -84.07
C ILE GA 4 -33.61 -3.07 -84.22
N GLN GA 5 -34.34 -2.07 -84.69
CA GLN GA 5 -35.75 -2.27 -84.98
C GLN GA 5 -35.97 -3.14 -86.21
N GLU GA 6 -34.98 -3.26 -87.10
CA GLU GA 6 -35.12 -4.26 -88.15
C GLU GA 6 -34.93 -5.66 -87.58
N LEU GA 7 -33.86 -5.88 -86.83
CA LEU GA 7 -33.51 -7.21 -86.36
C LEU GA 7 -34.42 -7.73 -85.28
N THR GA 8 -35.24 -6.88 -84.67
CA THR GA 8 -36.11 -7.38 -83.62
C THR GA 8 -37.59 -7.14 -83.91
N GLN GA 9 -38.04 -7.45 -85.12
CA GLN GA 9 -39.47 -7.44 -85.40
C GLN GA 9 -40.12 -8.82 -85.32
N GLU GA 10 -39.33 -9.89 -85.39
CA GLU GA 10 -39.92 -11.23 -85.27
C GLU GA 10 -40.44 -11.48 -83.87
N GLN GA 11 -39.85 -10.85 -82.87
CA GLN GA 11 -40.09 -11.23 -81.49
C GLN GA 11 -40.91 -10.22 -80.73
N LEU GA 12 -41.32 -9.13 -81.36
CA LEU GA 12 -42.28 -8.22 -80.74
C LEU GA 12 -43.66 -8.86 -80.72
N ARG GA 13 -44.21 -9.07 -79.53
CA ARG GA 13 -45.58 -9.54 -79.42
C ARG GA 13 -46.54 -8.42 -79.77
N THR GA 14 -47.61 -8.76 -80.50
CA THR GA 14 -48.57 -7.78 -80.99
C THR GA 14 -49.91 -7.81 -80.27
N ASP GA 15 -50.22 -8.88 -79.56
CA ASP GA 15 -51.55 -9.09 -78.99
C ASP GA 15 -51.62 -8.70 -77.53
N ILE GA 16 -50.92 -7.64 -77.17
CA ILE GA 16 -50.85 -7.14 -75.79
C ILE GA 16 -51.80 -5.96 -75.68
N PRO GA 17 -52.73 -5.95 -74.73
CA PRO GA 17 -53.69 -4.85 -74.64
C PRO GA 17 -53.08 -3.54 -74.17
N ALA GA 18 -53.90 -2.51 -74.06
CA ALA GA 18 -53.44 -1.17 -73.71
C ALA GA 18 -53.77 -0.91 -72.25
N PHE GA 19 -52.75 -0.65 -71.44
CA PHE GA 19 -52.94 -0.33 -70.04
C PHE GA 19 -51.95 0.75 -69.63
N ARG GA 20 -52.41 1.66 -68.88
CA ARG GA 20 -51.79 2.80 -68.23
C ARG GA 20 -51.35 2.40 -66.82
N PRO GA 21 -50.30 3.03 -66.28
CA PRO GA 21 -49.91 2.73 -64.90
C PRO GA 21 -50.94 3.18 -63.89
N GLY GA 22 -51.54 2.22 -63.22
CA GLY GA 22 -52.64 2.51 -62.33
C GLY GA 22 -53.85 1.67 -62.64
N ASP GA 23 -53.65 0.53 -63.27
CA ASP GA 23 -54.76 -0.33 -63.68
C ASP GA 23 -54.52 -1.74 -63.17
N THR GA 24 -55.55 -2.34 -62.57
CA THR GA 24 -55.40 -3.67 -62.00
C THR GA 24 -55.38 -4.73 -63.09
N VAL GA 25 -54.45 -5.66 -62.98
CA VAL GA 25 -54.03 -6.52 -64.08
C VAL GA 25 -53.80 -7.94 -63.56
N ARG GA 26 -54.34 -8.94 -64.25
CA ARG GA 26 -53.92 -10.30 -64.00
C ARG GA 26 -52.81 -10.72 -64.94
N VAL GA 27 -51.95 -11.61 -64.45
CA VAL GA 27 -50.84 -12.13 -65.23
C VAL GA 27 -50.89 -13.65 -65.18
N HIS GA 28 -51.07 -14.27 -66.34
CA HIS GA 28 -51.16 -15.72 -66.45
C HIS GA 28 -49.79 -16.33 -66.74
N ALA GA 29 -48.86 -16.09 -65.83
CA ALA GA 29 -47.47 -16.46 -66.05
C ALA GA 29 -47.28 -17.96 -66.00
N LYS GA 30 -46.19 -18.43 -66.58
CA LYS GA 30 -45.86 -19.84 -66.63
C LYS GA 30 -44.79 -20.17 -65.59
N VAL GA 31 -44.96 -21.29 -64.90
CA VAL GA 31 -44.04 -21.74 -63.87
C VAL GA 31 -43.41 -23.03 -64.36
N VAL GA 32 -42.10 -23.03 -64.51
CA VAL GA 32 -41.39 -24.15 -65.11
C VAL GA 32 -40.62 -24.87 -64.02
N GLU GA 33 -41.09 -26.05 -63.62
CA GLU GA 33 -40.29 -26.96 -62.79
C GLU GA 33 -39.54 -27.97 -63.64
N GLY GA 34 -38.85 -27.49 -64.67
CA GLY GA 34 -38.30 -28.42 -65.63
C GLY GA 34 -39.37 -28.89 -66.60
N THR GA 35 -39.87 -30.10 -66.39
CA THR GA 35 -40.89 -30.64 -67.30
C THR GA 35 -42.25 -30.01 -67.06
N ARG GA 36 -42.69 -29.97 -65.81
CA ARG GA 36 -44.02 -29.47 -65.47
C ARG GA 36 -44.15 -27.98 -65.73
N GLU GA 37 -45.35 -27.58 -66.15
CA GLU GA 37 -45.64 -26.18 -66.46
C GLU GA 37 -47.03 -25.86 -65.92
N ARG GA 38 -47.08 -25.21 -64.77
CA ARG GA 38 -48.33 -24.75 -64.20
C ARG GA 38 -48.38 -23.22 -64.25
N ILE GA 39 -49.56 -22.68 -64.01
CA ILE GA 39 -49.84 -21.27 -64.29
C ILE GA 39 -50.29 -20.60 -63.00
N GLN GA 40 -49.47 -19.69 -62.48
CA GLN GA 40 -49.86 -18.89 -61.33
C GLN GA 40 -50.65 -17.68 -61.79
N LEU GA 41 -50.91 -16.76 -60.87
CA LEU GA 41 -51.78 -15.62 -61.11
C LEU GA 41 -51.36 -14.48 -60.20
N PHE GA 42 -51.14 -13.30 -60.76
CA PHE GA 42 -51.10 -12.10 -59.96
C PHE GA 42 -52.38 -11.32 -60.11
N GLU GA 43 -52.67 -10.49 -59.10
CA GLU GA 43 -53.72 -9.47 -59.18
C GLU GA 43 -53.20 -8.27 -58.41
N GLY GA 44 -52.63 -7.31 -59.12
CA GLY GA 44 -52.06 -6.18 -58.43
C GLY GA 44 -52.41 -4.82 -58.97
N VAL GA 45 -51.46 -3.89 -58.90
CA VAL GA 45 -51.59 -2.55 -59.42
C VAL GA 45 -50.38 -2.28 -60.30
N VAL GA 46 -50.61 -1.79 -61.50
CA VAL GA 46 -49.53 -1.50 -62.43
C VAL GA 46 -48.94 -0.13 -62.10
N ILE GA 47 -47.61 -0.07 -61.97
CA ILE GA 47 -46.92 1.14 -61.55
C ILE GA 47 -45.95 1.64 -62.61
N LYS GA 48 -45.13 0.76 -63.16
CA LYS GA 48 -44.09 1.22 -64.06
C LYS GA 48 -44.42 0.97 -65.52
N ARG GA 49 -43.82 1.79 -66.37
CA ARG GA 49 -43.50 1.43 -67.74
C ARG GA 49 -42.16 2.07 -68.07
N ARG GA 50 -41.36 1.37 -68.88
CA ARG GA 50 -40.08 1.85 -69.37
C ARG GA 50 -40.00 1.63 -70.87
N GLY GA 51 -40.34 2.67 -71.63
CA GLY GA 51 -40.42 2.56 -73.07
C GLY GA 51 -39.07 2.31 -73.71
N ALA GA 52 -38.90 1.16 -74.32
CA ALA GA 52 -37.68 0.87 -75.04
C ALA GA 52 -37.91 0.07 -76.31
N GLY GA 53 -39.13 -0.36 -76.61
CA GLY GA 53 -39.32 -1.20 -77.76
C GLY GA 53 -39.28 -2.68 -77.45
N ILE GA 54 -38.10 -3.28 -77.64
CA ILE GA 54 -37.94 -4.72 -77.47
C ILE GA 54 -38.17 -5.12 -76.03
N SER GA 55 -37.75 -4.28 -75.09
CA SER GA 55 -37.55 -4.68 -73.72
C SER GA 55 -38.21 -3.73 -72.77
N GLU GA 56 -39.48 -3.40 -73.02
CA GLU GA 56 -40.21 -2.62 -72.04
C GLU GA 56 -40.55 -3.50 -70.85
N THR GA 57 -40.74 -2.87 -69.69
CA THR GA 57 -41.08 -3.59 -68.47
C THR GA 57 -42.17 -2.86 -67.71
N TYR GA 58 -42.68 -3.52 -66.66
CA TYR GA 58 -43.80 -3.03 -65.86
C TYR GA 58 -43.84 -3.82 -64.55
N THR GA 59 -44.42 -3.22 -63.51
CA THR GA 59 -44.47 -3.84 -62.20
C THR GA 59 -45.91 -4.06 -61.75
N VAL GA 60 -46.07 -4.92 -60.75
CA VAL GA 60 -47.36 -5.35 -60.20
C VAL GA 60 -47.19 -5.53 -58.69
N ARG GA 61 -48.14 -5.03 -57.88
CA ARG GA 61 -48.08 -5.16 -56.42
C ARG GA 61 -49.26 -5.93 -55.83
N LYS GA 62 -49.00 -7.12 -55.33
CA LYS GA 62 -49.93 -7.71 -54.40
C LYS GA 62 -49.86 -7.02 -53.04
N VAL GA 63 -50.83 -7.32 -52.20
CA VAL GA 63 -50.69 -7.18 -50.75
C VAL GA 63 -51.12 -8.52 -50.19
N SER GA 64 -50.17 -9.44 -50.03
CA SER GA 64 -50.46 -10.81 -49.68
C SER GA 64 -50.05 -11.03 -48.23
N ASN GA 65 -51.05 -11.26 -47.37
CA ASN GA 65 -50.88 -11.63 -45.98
C ASN GA 65 -50.12 -10.56 -45.19
N GLY GA 66 -50.43 -9.29 -45.48
CA GLY GA 66 -49.84 -8.18 -44.79
C GLY GA 66 -48.53 -7.70 -45.33
N VAL GA 67 -47.80 -8.54 -46.05
CA VAL GA 67 -46.50 -8.19 -46.57
C VAL GA 67 -46.62 -7.92 -48.06
N GLY GA 68 -46.19 -6.75 -48.48
CA GLY GA 68 -46.28 -6.40 -49.89
C GLY GA 68 -45.29 -7.22 -50.71
N VAL GA 69 -45.71 -7.62 -51.90
CA VAL GA 69 -44.89 -8.37 -52.83
C VAL GA 69 -44.93 -7.64 -54.17
N GLU GA 70 -43.77 -7.36 -54.74
CA GLU GA 70 -43.67 -6.62 -55.98
C GLU GA 70 -42.91 -7.46 -57.00
N ARG GA 71 -43.44 -7.60 -58.21
CA ARG GA 71 -42.73 -8.33 -59.24
C ARG GA 71 -42.84 -7.64 -60.58
N THR GA 72 -41.70 -7.42 -61.22
CA THR GA 72 -41.62 -6.88 -62.57
C THR GA 72 -41.82 -7.98 -63.59
N PHE GA 73 -41.99 -7.58 -64.84
CA PHE GA 73 -42.07 -8.49 -65.98
C PHE GA 73 -41.63 -7.73 -67.21
N PRO GA 74 -40.87 -8.33 -68.10
CA PRO GA 74 -40.80 -7.81 -69.46
C PRO GA 74 -42.08 -8.14 -70.20
N LEU GA 75 -42.36 -7.36 -71.24
CA LEU GA 75 -43.62 -7.55 -71.98
C LEU GA 75 -43.57 -8.80 -72.83
N HIS GA 76 -42.50 -8.98 -73.58
CA HIS GA 76 -42.52 -9.82 -74.77
C HIS GA 76 -42.07 -11.24 -74.51
N THR GA 77 -42.25 -11.76 -73.30
CA THR GA 77 -41.87 -13.14 -73.04
C THR GA 77 -42.85 -14.11 -73.68
N PRO GA 78 -42.35 -15.26 -74.13
CA PRO GA 78 -43.25 -16.39 -74.38
C PRO GA 78 -43.76 -17.04 -73.10
N ARG GA 79 -43.19 -16.70 -71.94
CA ARG GA 79 -43.61 -17.30 -70.68
C ARG GA 79 -44.60 -16.42 -69.93
N VAL GA 80 -45.42 -15.68 -70.65
CA VAL GA 80 -46.64 -15.07 -70.13
C VAL GA 80 -47.74 -15.36 -71.13
N ALA GA 81 -48.80 -16.03 -70.67
CA ALA GA 81 -49.89 -16.38 -71.58
C ALA GA 81 -50.72 -15.15 -71.93
N GLN GA 82 -51.34 -14.53 -70.93
CA GLN GA 82 -52.28 -13.43 -71.16
C GLN GA 82 -52.01 -12.31 -70.17
N ILE GA 83 -52.74 -11.22 -70.35
CA ILE GA 83 -52.80 -10.08 -69.44
C ILE GA 83 -54.23 -9.59 -69.47
N GLU GA 84 -54.89 -9.48 -68.32
CA GLU GA 84 -56.30 -9.13 -68.29
C GLU GA 84 -56.49 -7.81 -67.57
N VAL GA 85 -56.80 -6.75 -68.32
CA VAL GA 85 -57.14 -5.47 -67.72
C VAL GA 85 -58.47 -5.60 -67.00
N VAL GA 86 -58.52 -5.21 -65.75
CA VAL GA 86 -59.69 -5.40 -64.91
C VAL GA 86 -60.36 -4.08 -64.55
N ARG GA 87 -59.60 -3.13 -64.01
CA ARG GA 87 -60.17 -1.86 -63.57
C ARG GA 87 -59.41 -0.70 -64.20
N TYR GA 88 -59.79 0.51 -63.83
CA TYR GA 88 -59.12 1.71 -64.32
C TYR GA 88 -59.02 2.69 -63.17
N GLY GA 89 -58.23 3.75 -63.36
CA GLY GA 89 -57.99 4.65 -62.25
C GLY GA 89 -57.66 6.10 -62.53
N LYS GA 90 -58.29 7.01 -61.79
CA LYS GA 90 -57.92 8.42 -61.78
C LYS GA 90 -56.57 8.55 -61.12
N VAL GA 91 -55.51 8.73 -61.91
CA VAL GA 91 -54.16 8.88 -61.41
C VAL GA 91 -53.49 9.94 -62.27
N ARG GA 92 -52.86 10.93 -61.63
CA ARG GA 92 -52.17 11.98 -62.38
C ARG GA 92 -50.67 11.80 -62.38
N ARG GA 93 -50.16 10.59 -62.20
CA ARG GA 93 -48.72 10.38 -62.19
C ARG GA 93 -48.35 9.29 -63.15
N ALA GA 94 -47.05 9.18 -63.39
CA ALA GA 94 -46.54 8.17 -64.29
C ALA GA 94 -45.89 7.02 -63.58
N LYS GA 95 -45.26 7.26 -62.43
CA LYS GA 95 -44.69 6.19 -61.62
C LYS GA 95 -45.10 6.40 -60.18
N LEU GA 96 -45.81 5.42 -59.64
CA LEU GA 96 -46.53 5.54 -58.38
C LEU GA 96 -45.71 4.98 -57.23
N TYR GA 97 -44.53 5.54 -57.01
CA TYR GA 97 -43.68 5.00 -55.95
C TYR GA 97 -44.18 5.36 -54.57
N TYR GA 98 -45.16 6.25 -54.45
CA TYR GA 98 -45.63 6.68 -53.15
C TYR GA 98 -46.56 5.68 -52.48
N LEU GA 99 -46.76 4.50 -53.05
CA LEU GA 99 -47.71 3.57 -52.48
C LEU GA 99 -47.12 2.68 -51.41
N ARG GA 100 -45.79 2.65 -51.27
CA ARG GA 100 -45.14 1.74 -50.31
C ARG GA 100 -45.46 2.12 -48.88
N ALA GA 101 -45.56 3.41 -48.59
CA ALA GA 101 -45.76 3.85 -47.23
C ALA GA 101 -47.22 3.83 -46.80
N LEU GA 102 -48.12 3.30 -47.62
CA LEU GA 102 -49.53 3.38 -47.34
C LEU GA 102 -50.09 2.00 -46.99
N HIS GA 103 -51.28 2.00 -46.41
CA HIS GA 103 -51.92 0.77 -45.98
C HIS GA 103 -53.40 0.81 -46.34
N GLY GA 104 -53.92 -0.33 -46.79
CA GLY GA 104 -55.33 -0.67 -46.63
C GLY GA 104 -56.35 0.30 -47.15
N LYS GA 105 -56.98 1.02 -46.21
CA LYS GA 105 -57.98 2.02 -46.52
C LYS GA 105 -57.39 3.36 -46.91
N ALA GA 106 -56.12 3.42 -47.25
CA ALA GA 106 -55.52 4.66 -47.71
C ALA GA 106 -54.83 4.53 -49.06
N ALA GA 107 -54.46 3.33 -49.49
CA ALA GA 107 -53.87 3.13 -50.80
C ALA GA 107 -54.92 2.81 -51.85
N ARG GA 108 -56.15 3.30 -51.67
CA ARG GA 108 -57.22 3.05 -52.62
C ARG GA 108 -57.04 3.92 -53.85
N ILE GA 109 -57.48 3.40 -54.97
CA ILE GA 109 -57.46 4.12 -56.25
C ILE GA 109 -58.91 4.30 -56.67
N LYS GA 110 -59.21 5.41 -57.33
CA LYS GA 110 -60.57 5.59 -57.79
C LYS GA 110 -60.80 4.81 -59.07
N GLU GA 111 -62.03 4.84 -59.58
CA GLU GA 111 -62.45 4.02 -60.70
C GLU GA 111 -63.00 4.89 -61.82
N ILE GA 112 -62.68 4.53 -63.06
CA ILE GA 112 -63.28 5.14 -64.23
C ILE GA 112 -63.86 4.01 -65.07
N VAL HA 3 45.97 56.11 -46.73
CA VAL HA 3 46.36 55.46 -47.97
C VAL HA 3 45.15 54.70 -48.49
N LYS HA 4 44.65 55.09 -49.65
CA LYS HA 4 43.59 54.31 -50.29
C LYS HA 4 44.17 53.06 -50.94
N GLY HA 5 43.28 52.22 -51.44
CA GLY HA 5 43.68 50.96 -52.03
C GLY HA 5 43.31 50.94 -53.49
N GLY HA 6 43.66 52.00 -54.21
CA GLY HA 6 43.16 52.23 -55.55
C GLY HA 6 43.40 51.18 -56.60
N THR HA 7 44.62 51.05 -57.11
CA THR HA 7 44.84 50.19 -58.26
C THR HA 7 45.79 49.06 -57.91
N VAL HA 8 45.61 48.48 -56.74
CA VAL HA 8 46.45 47.38 -56.30
C VAL HA 8 45.73 46.04 -56.44
N THR HA 9 44.42 46.03 -56.19
CA THR HA 9 43.67 44.78 -56.26
C THR HA 9 43.44 44.33 -57.69
N ARG HA 10 43.22 45.28 -58.59
CA ARG HA 10 42.78 44.91 -59.93
C ARG HA 10 43.90 44.31 -60.75
N LYS HA 11 45.15 44.72 -60.49
CA LYS HA 11 46.28 44.12 -61.16
C LYS HA 11 46.40 42.64 -60.81
N ARG HA 12 46.22 42.32 -59.52
CA ARG HA 12 46.14 40.93 -59.07
C ARG HA 12 45.06 40.16 -59.79
N ARG HA 13 43.82 40.65 -59.67
CA ARG HA 13 42.69 39.85 -60.08
C ARG HA 13 42.64 39.68 -61.60
N LYS HA 14 43.15 40.65 -62.34
CA LYS HA 14 43.17 40.46 -63.77
C LYS HA 14 44.37 39.63 -64.21
N LYS HA 15 45.47 39.62 -63.44
CA LYS HA 15 46.50 38.63 -63.74
C LYS HA 15 46.03 37.23 -63.42
N VAL HA 16 45.08 37.08 -62.50
CA VAL HA 16 44.52 35.76 -62.25
C VAL HA 16 43.59 35.35 -63.39
N LEU HA 17 42.73 36.29 -63.84
CA LEU HA 17 41.78 35.97 -64.90
C LEU HA 17 42.48 35.65 -66.21
N LYS HA 18 43.60 36.31 -66.50
CA LYS HA 18 44.25 36.00 -67.77
C LYS HA 18 44.98 34.68 -67.77
N LEU HA 19 45.11 34.03 -66.62
CA LEU HA 19 45.48 32.62 -66.58
C LEU HA 19 44.27 31.72 -66.60
N ALA HA 20 43.08 32.28 -66.76
CA ALA HA 20 41.84 31.54 -66.68
C ALA HA 20 40.92 31.91 -67.82
N LYS HA 21 41.43 31.86 -69.04
CA LYS HA 21 40.60 31.99 -70.22
C LYS HA 21 40.36 30.60 -70.80
N GLY HA 22 39.10 30.26 -71.01
CA GLY HA 22 38.78 28.98 -71.58
C GLY HA 22 38.31 28.00 -70.53
N TYR HA 23 37.54 28.48 -69.57
CA TYR HA 23 37.04 27.65 -68.50
C TYR HA 23 35.52 27.50 -68.62
N TYR HA 24 35.04 26.29 -68.39
CA TYR HA 24 33.67 25.94 -68.77
C TYR HA 24 32.68 26.54 -67.79
N GLY HA 25 32.32 27.80 -68.03
CA GLY HA 25 31.15 28.33 -67.37
C GLY HA 25 31.35 29.67 -66.73
N SER HA 26 30.98 29.79 -65.46
CA SER HA 26 31.24 31.00 -64.69
C SER HA 26 32.58 30.95 -64.00
CA LYS HA 27 34.93 30.29 -64.15
C LYS HA 27 35.74 31.16 -65.10
N HIS HA 28 35.09 32.09 -65.77
CA HIS HA 28 35.72 33.24 -66.39
C HIS HA 28 35.56 34.47 -65.54
N THR HA 29 34.35 34.70 -65.07
CA THR HA 29 33.90 36.01 -64.65
C THR HA 29 33.66 36.10 -63.16
N LEU HA 30 34.18 35.17 -62.39
CA LEU HA 30 34.01 35.22 -60.94
C LEU HA 30 35.38 35.15 -60.30
N PHE HA 31 35.69 36.16 -59.50
CA PHE HA 31 37.06 36.30 -59.04
C PHE HA 31 37.34 35.40 -57.85
N LYS HA 32 36.31 34.80 -57.26
CA LYS HA 32 36.55 33.85 -56.18
C LYS HA 32 36.69 32.44 -56.69
N SER HA 33 35.95 32.08 -57.72
CA SER HA 33 35.95 30.71 -58.20
C SER HA 33 36.82 30.52 -59.43
N ALA HA 34 37.54 31.55 -59.85
CA ALA HA 34 38.58 31.38 -60.85
C ALA HA 34 39.96 31.23 -60.24
N LYS HA 35 40.16 31.74 -59.03
CA LYS HA 35 41.43 31.53 -58.36
C LYS HA 35 41.62 30.08 -57.97
N GLU HA 36 40.53 29.36 -57.73
CA GLU HA 36 40.61 28.01 -57.19
C GLU HA 36 41.10 27.02 -58.22
N GLN HA 37 40.51 27.06 -59.42
CA GLN HA 37 40.95 26.10 -60.42
C GLN HA 37 42.30 26.43 -61.01
N VAL HA 38 42.79 27.66 -60.81
CA VAL HA 38 44.19 27.90 -61.11
C VAL HA 38 45.07 27.08 -60.17
N MET HA 39 44.68 26.99 -58.90
CA MET HA 39 45.45 26.21 -57.94
C MET HA 39 45.38 24.72 -58.26
N ASN HA 40 44.18 24.22 -58.58
CA ASN HA 40 44.07 22.81 -58.93
C ASN HA 40 44.73 22.49 -60.26
N SER HA 41 44.75 23.43 -61.19
CA SER HA 41 45.51 23.25 -62.42
C SER HA 41 47.00 23.19 -62.15
N TYR HA 42 47.48 23.89 -61.13
CA TYR HA 42 48.89 23.75 -60.80
C TYR HA 42 49.19 22.39 -60.16
N TYR HA 43 48.25 21.85 -59.39
CA TYR HA 43 48.43 20.47 -58.91
C TYR HA 43 48.51 19.49 -60.07
N TYR HA 44 47.62 19.63 -61.05
CA TYR HA 44 47.65 18.68 -62.13
C TYR HA 44 48.83 18.91 -63.06
N ALA HA 45 49.36 20.13 -63.12
CA ALA HA 45 50.57 20.35 -63.89
C ALA HA 45 51.78 19.70 -63.22
N PHE HA 46 51.89 19.84 -61.89
CA PHE HA 46 52.93 19.15 -61.13
C PHE HA 46 52.88 17.65 -61.31
N ARG HA 47 51.69 17.06 -61.20
CA ARG HA 47 51.59 15.63 -61.44
C ARG HA 47 51.99 15.29 -62.87
N ASP HA 48 51.43 15.98 -63.83
CA ASP HA 48 51.52 15.50 -65.20
C ASP HA 48 52.83 15.86 -65.88
N ARG HA 49 53.68 16.69 -65.28
CA ARG HA 49 55.05 16.76 -65.80
C ARG HA 49 55.85 15.51 -65.43
N ARG HA 50 55.37 14.75 -64.46
CA ARG HA 50 56.06 13.57 -63.99
C ARG HA 50 55.31 12.31 -64.36
N GLN HA 51 54.30 12.41 -65.22
CA GLN HA 51 53.71 11.25 -65.85
C GLN HA 51 53.77 11.31 -67.37
N LYS HA 52 54.37 12.35 -67.94
CA LYS HA 52 54.88 12.22 -69.30
C LYS HA 52 55.87 11.07 -69.37
N LYS HA 53 56.85 11.07 -68.46
CA LYS HA 53 57.98 10.16 -68.55
C LYS HA 53 57.56 8.72 -68.28
N ARG HA 54 56.53 8.53 -67.48
CA ARG HA 54 56.02 7.18 -67.30
C ARG HA 54 55.36 6.68 -68.57
N ASP HA 55 54.59 7.53 -69.25
CA ASP HA 55 53.71 7.08 -70.32
C ASP HA 55 54.47 6.60 -71.54
N PHE HA 56 55.54 7.31 -71.89
CA PHE HA 56 56.19 6.95 -73.14
C PHE HA 56 57.04 5.70 -73.02
N ARG HA 57 57.48 5.33 -71.83
CA ARG HA 57 58.06 4.00 -71.62
C ARG HA 57 57.04 2.92 -71.98
N LYS HA 58 55.79 3.12 -71.58
CA LYS HA 58 54.77 2.11 -71.83
C LYS HA 58 54.40 2.05 -73.30
N LEU HA 59 54.36 3.21 -73.96
CA LEU HA 59 54.11 3.24 -75.40
C LEU HA 59 55.21 2.56 -76.19
N TRP HA 60 56.47 2.91 -75.90
CA TRP HA 60 57.53 2.31 -76.70
C TRP HA 60 57.72 0.84 -76.35
N ILE HA 61 57.38 0.44 -75.12
CA ILE HA 61 57.45 -0.98 -74.79
C ILE HA 61 56.42 -1.75 -75.59
N ALA HA 62 55.19 -1.24 -75.70
CA ALA HA 62 54.16 -1.94 -76.46
C ALA HA 62 54.52 -2.04 -77.94
N ARG HA 63 55.14 -1.00 -78.49
CA ARG HA 63 55.51 -1.08 -79.90
C ARG HA 63 56.71 -2.01 -80.12
N ILE HA 64 57.66 -2.02 -79.19
CA ILE HA 64 58.77 -2.98 -79.26
C ILE HA 64 58.27 -4.40 -79.12
N ASN HA 65 57.24 -4.61 -78.30
CA ASN HA 65 56.69 -5.95 -78.11
C ASN HA 65 56.05 -6.46 -79.39
N ALA HA 66 55.26 -5.59 -80.03
CA ALA HA 66 54.60 -5.97 -81.27
C ALA HA 66 55.61 -6.31 -82.35
N ALA HA 67 56.54 -5.39 -82.61
CA ALA HA 67 57.51 -5.63 -83.68
C ALA HA 67 58.55 -6.70 -83.33
N ALA HA 68 58.69 -7.06 -82.05
CA ALA HA 68 59.59 -8.15 -81.69
C ALA HA 68 58.90 -9.49 -81.89
N ARG HA 69 57.62 -9.56 -81.53
CA ARG HA 69 56.85 -10.76 -81.82
C ARG HA 69 56.67 -10.98 -83.32
N MET HA 70 56.79 -9.92 -84.13
CA MET HA 70 56.81 -10.10 -85.59
C MET HA 70 58.01 -10.91 -86.06
N ASN HA 71 59.10 -10.94 -85.31
CA ASN HA 71 60.30 -11.69 -85.70
C ASN HA 71 60.52 -12.94 -84.85
N GLY HA 72 59.49 -13.40 -84.14
CA GLY HA 72 59.59 -14.63 -83.39
C GLY HA 72 60.13 -14.47 -81.99
N LEU HA 73 60.92 -13.44 -81.73
CA LEU HA 73 61.39 -13.18 -80.39
C LEU HA 73 60.24 -12.73 -79.49
N SER HA 74 60.30 -13.13 -78.24
CA SER HA 74 59.27 -12.76 -77.28
C SER HA 74 59.45 -11.30 -76.89
N TYR HA 75 58.59 -10.80 -76.02
CA TYR HA 75 58.54 -9.37 -75.79
C TYR HA 75 59.67 -8.87 -74.89
N SER HA 76 60.42 -9.77 -74.26
CA SER HA 76 61.47 -9.39 -73.34
C SER HA 76 62.84 -9.90 -73.71
N LYS HA 77 62.95 -10.98 -74.49
CA LYS HA 77 64.25 -11.57 -74.73
C LYS HA 77 65.11 -10.72 -75.65
N LEU HA 78 64.55 -9.72 -76.32
CA LEU HA 78 65.39 -8.68 -76.91
C LEU HA 78 66.25 -7.99 -75.88
N MET HA 79 65.69 -7.70 -74.71
CA MET HA 79 66.43 -6.92 -73.72
C MET HA 79 67.62 -7.70 -73.21
N HIS HA 80 67.39 -8.94 -72.80
CA HIS HA 80 68.46 -9.81 -72.31
C HIS HA 80 69.44 -10.12 -73.43
N GLY HA 81 68.94 -10.29 -74.65
CA GLY HA 81 69.82 -10.61 -75.76
C GLY HA 81 70.70 -9.45 -76.18
N LEU HA 82 70.17 -8.23 -76.13
CA LEU HA 82 70.99 -7.09 -76.50
C LEU HA 82 71.96 -6.73 -75.39
N LYS HA 83 71.56 -6.91 -74.14
CA LYS HA 83 72.49 -6.61 -73.06
C LYS HA 83 73.54 -7.70 -72.86
N LEU HA 84 73.36 -8.87 -73.46
CA LEU HA 84 74.51 -9.77 -73.59
C LEU HA 84 75.40 -9.39 -74.76
N ALA HA 85 74.82 -8.86 -75.83
CA ALA HA 85 75.60 -8.50 -76.99
C ALA HA 85 76.19 -7.10 -76.89
N GLU HA 86 75.99 -6.42 -75.75
CA GLU HA 86 76.49 -5.07 -75.47
C GLU HA 86 75.97 -4.07 -76.51
N ILE HA 87 74.65 -3.93 -76.54
CA ILE HA 87 73.97 -2.94 -77.38
C ILE HA 87 72.97 -2.22 -76.49
N ASP HA 88 73.02 -0.90 -76.47
CA ASP HA 88 72.37 -0.11 -75.43
C ASP HA 88 71.59 1.06 -76.00
N ILE HA 89 70.70 0.78 -76.94
CA ILE HA 89 69.86 1.81 -77.53
C ILE HA 89 68.75 2.18 -76.54
N ASN HA 90 68.37 3.46 -76.52
CA ASN HA 90 67.16 3.85 -75.81
C ASN HA 90 65.94 3.26 -76.47
N ARG HA 91 64.90 3.05 -75.67
CA ARG HA 91 63.72 2.39 -76.18
C ARG HA 91 62.88 3.30 -77.05
N LYS HA 92 63.10 4.61 -76.98
CA LYS HA 92 62.55 5.53 -77.96
C LYS HA 92 63.10 5.26 -79.35
N MET HA 93 64.41 5.08 -79.45
CA MET HA 93 65.00 4.86 -80.76
C MET HA 93 64.72 3.45 -81.27
N LEU HA 94 64.59 2.47 -80.38
CA LEU HA 94 64.11 1.17 -80.82
C LEU HA 94 62.66 1.22 -81.28
N ALA HA 95 61.86 2.12 -80.72
CA ALA HA 95 60.48 2.27 -81.20
C ALA HA 95 60.45 2.85 -82.61
N ASP HA 96 61.26 3.88 -82.86
CA ASP HA 96 61.28 4.45 -84.20
C ASP HA 96 61.88 3.51 -85.22
N LEU HA 97 62.91 2.75 -84.86
CA LEU HA 97 63.44 1.81 -85.83
C LEU HA 97 62.49 0.65 -86.06
N ALA HA 98 61.78 0.21 -85.01
CA ALA HA 98 60.83 -0.87 -85.14
C ALA HA 98 59.61 -0.47 -85.95
N VAL HA 99 59.28 0.81 -86.00
CA VAL HA 99 58.24 1.25 -86.92
C VAL HA 99 58.80 1.36 -88.34
N ASN HA 100 59.90 2.10 -88.52
CA ASN HA 100 60.31 2.43 -89.87
C ASN HA 100 61.28 1.40 -90.45
N ASP HA 101 62.47 1.26 -89.87
CA ASP HA 101 63.52 0.47 -90.52
C ASP HA 101 63.32 -0.99 -90.15
N ALA HA 102 62.53 -1.68 -90.96
CA ALA HA 102 62.32 -3.10 -90.75
C ALA HA 102 63.60 -3.91 -90.96
N ALA HA 103 64.45 -3.47 -91.90
CA ALA HA 103 65.70 -4.18 -92.15
C ALA HA 103 66.65 -4.05 -90.97
N ALA HA 104 66.78 -2.84 -90.42
CA ALA HA 104 67.67 -2.63 -89.28
C ALA HA 104 67.12 -3.30 -88.03
N PHE HA 105 65.79 -3.32 -87.87
CA PHE HA 105 65.23 -3.98 -86.70
C PHE HA 105 65.39 -5.49 -86.79
N THR HA 106 65.30 -6.05 -88.00
CA THR HA 106 65.60 -7.46 -88.14
C THR HA 106 67.07 -7.76 -87.96
N ALA HA 107 67.96 -6.82 -88.31
CA ALA HA 107 69.38 -7.00 -88.05
C ALA HA 107 69.67 -7.05 -86.56
N LEU HA 108 69.10 -6.10 -85.80
CA LEU HA 108 69.25 -6.11 -84.35
C LEU HA 108 68.62 -7.34 -83.73
N ALA HA 109 67.47 -7.77 -84.24
CA ALA HA 109 66.82 -8.95 -83.70
C ALA HA 109 67.62 -10.21 -84.00
N GLU HA 110 68.31 -10.27 -85.13
CA GLU HA 110 69.11 -11.44 -85.41
C GLU HA 110 70.38 -11.47 -84.58
N GLN HA 111 70.96 -10.31 -84.26
CA GLN HA 111 72.09 -10.34 -83.34
C GLN HA 111 71.66 -10.68 -81.93
N ALA HA 112 70.47 -10.27 -81.52
CA ALA HA 112 69.97 -10.68 -80.22
C ALA HA 112 69.61 -12.17 -80.20
N LYS HA 113 69.20 -12.71 -81.34
CA LYS HA 113 69.06 -14.16 -81.44
C LYS HA 113 70.42 -14.83 -81.35
N ASP HA 114 71.42 -14.21 -81.95
CA ASP HA 114 72.76 -14.78 -82.00
C ASP HA 114 73.42 -14.80 -80.63
N ALA HA 115 73.12 -13.81 -79.79
CA ALA HA 115 73.79 -13.71 -78.50
C ALA HA 115 73.33 -14.81 -77.55
N LEU HA 116 72.02 -14.92 -77.34
CA LEU HA 116 71.49 -15.88 -76.37
C LEU HA 116 71.29 -17.26 -76.96
N SER HA 117 71.91 -17.56 -78.11
CA SER HA 117 71.90 -18.89 -78.68
C SER HA 117 73.03 -19.76 -78.15
N LYS HA 118 73.57 -19.43 -76.98
CA LYS HA 118 74.64 -20.21 -76.38
C LYS HA 118 74.08 -21.49 -75.78
N MET IA 1 70.59 9.29 -94.30
CA MET IA 1 71.62 8.86 -93.36
C MET IA 1 71.11 8.84 -91.92
N TYR IA 2 71.62 7.92 -91.13
CA TYR IA 2 71.28 7.80 -89.72
C TYR IA 2 72.53 7.87 -88.87
N ALA IA 3 72.40 8.48 -87.71
CA ALA IA 3 73.45 8.44 -86.71
C ALA IA 3 72.75 8.65 -85.36
N ILE IA 4 72.56 7.57 -84.63
CA ILE IA 4 71.92 7.62 -83.33
C ILE IA 4 73.01 7.96 -82.31
N ILE IA 5 73.00 9.19 -81.82
CA ILE IA 5 74.14 9.79 -81.15
C ILE IA 5 73.78 10.09 -79.71
N LYS IA 6 74.63 9.66 -78.78
CA LYS IA 6 74.48 10.06 -77.38
C LYS IA 6 74.95 11.49 -77.20
N THR IA 7 74.04 12.38 -76.84
CA THR IA 7 74.37 13.73 -76.43
C THR IA 7 73.64 14.01 -75.12
N GLY IA 8 74.36 14.55 -74.15
CA GLY IA 8 73.78 14.74 -72.83
C GLY IA 8 73.51 13.38 -72.23
N GLY IA 9 72.30 13.19 -71.74
CA GLY IA 9 71.85 11.88 -71.32
C GLY IA 9 70.96 11.21 -72.32
N LYS IA 10 70.75 11.80 -73.49
CA LYS IA 10 69.71 11.40 -74.40
C LYS IA 10 70.33 10.95 -75.71
N GLN IA 11 69.47 10.46 -76.61
CA GLN IA 11 69.88 9.97 -77.92
C GLN IA 11 68.98 10.61 -78.97
N VAL IA 12 69.57 11.10 -80.06
CA VAL IA 12 68.83 11.77 -81.11
C VAL IA 12 69.16 11.10 -82.44
N LYS IA 13 68.20 11.07 -83.36
CA LYS IA 13 68.50 10.76 -84.75
C LYS IA 13 69.07 11.97 -85.45
N VAL IA 14 69.93 11.72 -86.44
CA VAL IA 14 70.66 12.78 -87.12
C VAL IA 14 70.64 12.51 -88.62
N GLU IA 15 70.36 13.56 -89.40
CA GLU IA 15 70.57 13.58 -90.85
C GLU IA 15 71.46 14.76 -91.22
N VAL IA 16 71.56 15.10 -92.50
CA VAL IA 16 72.43 16.17 -92.97
C VAL IA 16 71.58 17.38 -93.31
N GLY IA 17 71.90 18.52 -92.71
CA GLY IA 17 71.23 19.76 -93.04
C GLY IA 17 69.98 20.00 -92.22
N GLN IA 18 70.02 19.62 -90.96
CA GLN IA 18 68.89 19.76 -90.06
C GLN IA 18 69.32 20.50 -88.81
N ALA IA 19 68.39 20.65 -87.89
CA ALA IA 19 68.63 21.31 -86.63
C ALA IA 19 68.25 20.37 -85.50
N ILE IA 20 69.01 20.40 -84.42
CA ILE IA 20 68.69 19.66 -83.20
C ILE IA 20 68.57 20.68 -82.09
N TYR IA 21 67.77 20.37 -81.09
CA TYR IA 21 67.66 21.19 -79.89
C TYR IA 21 68.36 20.47 -78.76
N VAL IA 22 69.56 20.93 -78.41
CA VAL IA 22 70.47 20.22 -77.52
C VAL IA 22 70.70 21.08 -76.29
N GLU IA 23 70.89 20.42 -75.14
CA GLU IA 23 71.39 21.04 -73.91
C GLU IA 23 72.76 21.67 -74.14
N LYS IA 24 73.17 22.54 -73.19
CA LYS IA 24 74.29 23.47 -73.40
C LYS IA 24 75.61 22.74 -73.65
N LEU IA 25 76.54 23.46 -74.30
CA LEU IA 25 77.75 22.86 -74.81
C LEU IA 25 79.04 23.61 -74.49
N ASN IA 26 78.96 24.82 -73.94
CA ASN IA 26 80.11 25.70 -73.65
C ASN IA 26 80.94 25.98 -74.90
N VAL IA 27 80.28 26.08 -76.05
CA VAL IA 27 80.91 26.53 -77.28
C VAL IA 27 80.15 27.76 -77.75
N GLU IA 28 80.86 28.80 -78.18
CA GLU IA 28 80.21 30.02 -78.58
C GLU IA 28 79.53 29.87 -79.93
N ALA IA 29 78.77 30.90 -80.30
CA ALA IA 29 77.92 30.86 -81.47
C ALA IA 29 78.75 30.84 -82.75
N GLY IA 30 78.44 29.90 -83.64
CA GLY IA 30 79.11 29.85 -84.91
C GLY IA 30 80.44 29.13 -84.91
N GLU IA 31 80.64 28.16 -84.03
CA GLU IA 31 81.85 27.37 -84.06
C GLU IA 31 81.51 25.90 -84.31
N LYS IA 32 82.53 25.06 -84.22
CA LYS IA 32 82.44 23.67 -84.65
C LYS IA 32 82.30 22.73 -83.46
N VAL IA 33 81.46 21.71 -83.63
CA VAL IA 33 81.20 20.70 -82.61
C VAL IA 33 81.34 19.33 -83.24
N VAL IA 34 82.13 18.45 -82.63
CA VAL IA 34 82.31 17.10 -83.11
C VAL IA 34 81.73 16.15 -82.09
N PHE IA 35 80.58 15.55 -82.40
CA PHE IA 35 80.00 14.50 -81.57
C PHE IA 35 80.69 13.19 -81.90
N ASP IA 36 81.05 12.44 -80.87
CA ASP IA 36 81.92 11.28 -81.07
C ASP IA 36 81.22 9.95 -80.94
N GLU IA 37 80.32 9.78 -79.98
CA GLU IA 37 79.71 8.48 -79.74
C GLU IA 37 78.58 8.27 -80.75
N VAL IA 38 78.69 7.20 -81.53
CA VAL IA 38 77.73 6.85 -82.58
C VAL IA 38 77.33 5.41 -82.36
N ILE IA 39 76.03 5.16 -82.24
CA ILE IA 39 75.54 3.83 -81.92
C ILE IA 39 75.16 3.06 -83.18
N LEU IA 40 74.41 3.67 -84.08
CA LEU IA 40 74.05 3.04 -85.34
C LEU IA 40 74.28 3.99 -86.49
N VAL IA 41 74.72 3.44 -87.61
CA VAL IA 41 74.89 4.19 -88.85
C VAL IA 41 73.93 3.59 -89.86
N GLY IA 42 73.20 4.45 -90.55
CA GLY IA 42 72.21 3.95 -91.49
C GLY IA 42 72.46 4.33 -92.92
N GLY IA 43 71.37 4.48 -93.69
CA GLY IA 43 71.46 4.54 -95.13
C GLY IA 43 70.89 3.27 -95.72
N GLU IA 44 71.75 2.38 -96.22
CA GLU IA 44 71.31 1.07 -96.69
C GLU IA 44 71.89 -0.06 -95.88
N SER IA 45 73.22 -0.20 -95.84
CA SER IA 45 73.87 -1.30 -95.15
C SER IA 45 74.24 -0.82 -93.76
N THR IA 46 73.37 -1.10 -92.80
CA THR IA 46 73.55 -0.58 -91.45
C THR IA 46 74.71 -1.27 -90.75
N LYS IA 47 75.37 -0.51 -89.88
CA LYS IA 47 76.60 -0.93 -89.22
C LYS IA 47 76.33 -0.93 -87.73
N VAL IA 48 75.81 -2.06 -87.24
CA VAL IA 48 75.48 -2.19 -85.83
C VAL IA 48 76.77 -2.37 -85.04
N GLY IA 49 76.94 -1.57 -83.99
CA GLY IA 49 78.14 -1.71 -83.20
C GLY IA 49 77.92 -1.91 -81.73
N ALA IA 50 78.61 -2.90 -81.17
CA ALA IA 50 78.91 -2.91 -79.75
C ALA IA 50 79.57 -1.58 -79.40
N PRO IA 51 79.23 -0.98 -78.26
CA PRO IA 51 78.92 0.46 -78.22
C PRO IA 51 80.02 1.37 -78.73
N THR IA 52 79.59 2.48 -79.34
CA THR IA 52 80.44 3.48 -80.01
C THR IA 52 81.25 2.85 -81.14
N VAL IA 53 80.58 2.58 -82.27
CA VAL IA 53 81.17 2.17 -83.54
C VAL IA 53 82.45 2.93 -83.85
N ALA IA 54 83.54 2.20 -84.07
CA ALA IA 54 84.85 2.81 -84.23
C ALA IA 54 85.01 3.40 -85.61
N GLY IA 55 85.62 4.58 -85.66
CA GLY IA 55 85.76 5.29 -86.92
C GLY IA 55 84.46 5.98 -87.30
N ALA IA 56 83.89 6.75 -86.38
CA ALA IA 56 82.60 7.37 -86.63
C ALA IA 56 82.53 8.68 -85.87
N THR IA 57 82.81 9.79 -86.55
CA THR IA 57 82.75 11.11 -85.97
C THR IA 57 81.71 11.93 -86.72
N VAL IA 58 80.91 12.69 -85.98
CA VAL IA 58 79.83 13.49 -86.55
C VAL IA 58 80.15 14.95 -86.28
N GLU IA 59 80.33 15.72 -87.34
CA GLU IA 59 80.63 17.13 -87.20
C GLU IA 59 79.35 17.94 -87.06
N GLY IA 60 79.49 19.26 -86.99
CA GLY IA 60 78.33 20.13 -86.87
C GLY IA 60 78.64 21.50 -86.32
N THR IA 61 77.76 22.48 -86.57
CA THR IA 61 77.97 23.85 -86.14
C THR IA 61 76.79 24.33 -85.31
N VAL IA 62 77.04 25.37 -84.52
CA VAL IA 62 76.11 25.88 -83.51
C VAL IA 62 75.55 27.21 -83.99
N GLU IA 63 74.21 27.31 -84.02
CA GLU IA 63 73.60 28.59 -84.38
C GLU IA 63 73.49 29.52 -83.18
N LYS IA 64 72.71 29.15 -82.17
CA LYS IA 64 72.34 30.12 -81.15
C LYS IA 64 72.46 29.54 -79.74
N HIS IA 65 72.24 30.43 -78.77
CA HIS IA 65 72.06 30.09 -77.36
C HIS IA 65 70.75 30.73 -76.92
N GLY IA 66 69.75 29.90 -76.60
CA GLY IA 66 68.45 30.41 -76.25
C GLY IA 66 67.73 29.48 -75.31
N LYS IA 67 66.55 29.90 -74.87
CA LYS IA 67 65.87 29.27 -73.76
C LYS IA 67 64.51 28.73 -74.17
N GLN IA 68 63.96 27.87 -73.33
CA GLN IA 68 62.58 27.44 -73.45
C GLN IA 68 61.68 28.45 -72.76
N LYS IA 69 60.38 28.19 -72.72
CA LYS IA 69 59.50 29.07 -71.96
C LYS IA 69 59.46 28.64 -70.51
N LYS IA 70 58.95 29.53 -69.65
CA LYS IA 70 58.99 29.29 -68.22
C LYS IA 70 58.07 28.14 -67.82
N VAL IA 71 58.37 27.57 -66.66
CA VAL IA 71 57.68 26.40 -66.14
C VAL IA 71 57.25 26.80 -64.73
N VAL IA 72 56.04 27.29 -64.59
CA VAL IA 72 55.60 27.82 -63.30
C VAL IA 72 55.21 26.67 -62.39
N THR IA 73 55.84 26.59 -61.22
CA THR IA 73 55.72 25.43 -60.35
C THR IA 73 55.27 25.89 -58.96
N PHE IA 74 53.97 25.99 -58.74
CA PHE IA 74 53.44 26.46 -57.46
C PHE IA 74 52.89 25.27 -56.69
N GLN IA 75 53.34 25.09 -55.46
CA GLN IA 75 52.82 24.04 -54.58
C GLN IA 75 52.07 24.59 -53.39
N TYR IA 76 51.02 23.87 -53.02
CA TYR IA 76 50.14 24.22 -51.91
C TYR IA 76 49.73 22.91 -51.29
N LYS IA 77 49.30 22.95 -50.03
CA LYS IA 77 48.75 21.76 -49.42
C LYS IA 77 47.44 22.15 -48.72
N PRO IA 78 46.36 21.43 -48.97
CA PRO IA 78 45.03 21.97 -48.69
C PRO IA 78 44.71 21.99 -47.21
N LYS IA 79 43.94 22.99 -46.81
CA LYS IA 79 43.47 23.26 -45.44
C LYS IA 79 44.59 23.54 -44.46
N LYS IA 80 45.80 23.79 -44.94
CA LYS IA 80 46.92 24.24 -44.13
C LYS IA 80 47.48 25.45 -44.87
N HIS IA 81 48.63 25.96 -44.44
CA HIS IA 81 49.00 27.31 -44.85
C HIS IA 81 50.34 27.22 -45.57
N SER IA 82 50.33 27.22 -46.90
CA SER IA 82 51.59 27.06 -47.59
C SER IA 82 51.55 27.68 -48.97
N HIS IA 83 52.71 28.13 -49.43
CA HIS IA 83 52.93 28.71 -50.75
C HIS IA 83 54.40 28.50 -51.07
N ARG IA 84 54.73 27.66 -52.03
CA ARG IA 84 56.03 27.74 -52.65
C ARG IA 84 55.85 28.14 -54.09
N LYS IA 85 56.55 29.18 -54.51
CA LYS IA 85 56.43 29.72 -55.85
C LYS IA 85 57.80 29.73 -56.52
N GLN IA 86 57.88 29.18 -57.72
CA GLN IA 86 59.15 29.22 -58.42
C GLN IA 86 58.90 29.59 -59.87
N GLY IA 87 59.95 29.43 -60.66
CA GLY IA 87 59.94 29.66 -62.08
C GLY IA 87 61.24 29.13 -62.61
N HIS IA 88 61.23 28.51 -63.78
CA HIS IA 88 62.41 27.84 -64.26
C HIS IA 88 62.43 27.93 -65.77
N ARG IA 89 63.61 28.11 -66.34
CA ARG IA 89 63.70 28.40 -67.77
C ARG IA 89 65.07 27.94 -68.26
N GLN IA 90 65.12 26.74 -68.84
CA GLN IA 90 66.40 26.19 -69.22
C GLN IA 90 66.93 26.77 -70.52
N PRO IA 91 68.25 26.88 -70.65
CA PRO IA 91 68.84 27.28 -71.92
C PRO IA 91 69.20 26.09 -72.80
N TYR IA 92 69.25 26.37 -74.11
CA TYR IA 92 69.45 25.35 -75.12
C TYR IA 92 70.23 25.92 -76.29
N THR IA 93 70.82 25.02 -77.08
CA THR IA 93 71.68 25.36 -78.20
C THR IA 93 71.18 24.63 -79.44
N LYS IA 94 70.91 25.37 -80.51
CA LYS IA 94 70.67 24.71 -81.78
C LYS IA 94 71.97 24.17 -82.34
N VAL IA 95 71.86 23.17 -83.21
CA VAL IA 95 73.02 22.58 -83.87
C VAL IA 95 72.66 22.32 -85.32
N MET IA 96 73.33 22.99 -86.25
CA MET IA 96 73.27 22.56 -87.63
C MET IA 96 74.24 21.41 -87.83
N ILE IA 97 73.87 20.48 -88.71
CA ILE IA 97 74.62 19.25 -88.88
C ILE IA 97 75.32 19.30 -90.23
N GLU IA 98 76.59 18.91 -90.24
CA GLU IA 98 77.36 18.75 -91.46
C GLU IA 98 78.16 17.47 -91.34
N ALA IA 99 78.14 16.66 -92.41
CA ALA IA 99 79.08 15.56 -92.64
C ALA IA 99 79.02 14.50 -91.55
N ILE IA 100 77.92 13.74 -91.55
CA ILE IA 100 77.91 12.44 -90.89
C ILE IA 100 79.01 11.59 -91.54
N ASN IA 101 79.51 10.62 -90.78
CA ASN IA 101 80.90 10.15 -90.69
C ASN IA 101 81.74 10.27 -91.95
N ALA IA 102 82.90 10.89 -91.81
CA ALA IA 102 83.82 11.02 -92.93
C ALA IA 102 84.53 9.70 -93.19
N GLN JA 1 28.86 57.03 -100.77
CA GLN JA 1 27.51 57.21 -100.24
C GLN JA 1 27.28 56.37 -99.01
N ILE JA 2 26.05 56.38 -98.51
CA ILE JA 2 25.67 55.60 -97.34
C ILE JA 2 24.36 54.89 -97.60
N THR JA 3 24.09 53.89 -96.76
CA THR JA 3 22.78 53.26 -96.64
C THR JA 3 22.43 53.22 -95.16
N SER JA 4 21.36 52.48 -94.81
CA SER JA 4 21.08 51.99 -93.46
C SER JA 4 20.85 53.12 -92.46
N ALA JA 5 19.73 53.81 -92.62
CA ALA JA 5 19.29 54.75 -91.60
C ALA JA 5 18.91 54.02 -90.31
N LYS JA 6 18.99 54.76 -89.19
CA LYS JA 6 18.66 54.25 -87.86
C LYS JA 6 17.39 54.91 -87.34
N ALA JA 7 16.91 54.37 -86.21
CA ALA JA 7 15.86 54.97 -85.38
C ALA JA 7 15.81 54.20 -84.07
N THR JA 8 15.70 54.92 -82.96
CA THR JA 8 15.63 54.30 -81.63
C THR JA 8 14.41 54.84 -80.90
N ALA JA 9 14.20 54.33 -79.69
CA ALA JA 9 13.20 54.88 -78.78
C ALA JA 9 13.62 54.48 -77.38
N LYS JA 10 13.97 55.46 -76.55
CA LYS JA 10 14.59 55.20 -75.27
C LYS JA 10 13.58 55.13 -74.13
N THR JA 11 13.83 54.23 -73.19
CA THR JA 11 13.09 54.03 -71.94
C THR JA 11 11.60 53.86 -72.18
N VAL JA 12 11.26 52.84 -72.94
CA VAL JA 12 9.87 52.51 -73.18
C VAL JA 12 9.42 51.56 -72.09
N ARG JA 13 8.28 51.86 -71.47
CA ARG JA 13 7.79 51.09 -70.34
C ARG JA 13 7.17 49.78 -70.85
N THR JA 14 8.07 48.85 -71.18
CA THR JA 14 7.74 47.45 -71.39
C THR JA 14 8.88 46.63 -70.81
N SER JA 15 8.56 45.43 -70.36
CA SER JA 15 9.59 44.53 -69.88
C SER JA 15 10.46 44.08 -71.05
N PRO JA 16 11.74 43.91 -70.86
CA PRO JA 16 12.63 43.67 -72.00
C PRO JA 16 12.59 42.25 -72.51
N ARG JA 17 12.22 41.28 -71.68
CA ARG JA 17 12.06 39.92 -72.22
C ARG JA 17 10.87 39.84 -73.15
N LYS JA 18 9.75 40.46 -72.76
CA LYS JA 18 8.54 40.32 -73.54
C LYS JA 18 8.57 41.14 -74.82
N ALA JA 19 9.59 41.95 -75.03
CA ALA JA 19 9.79 42.58 -76.32
C ALA JA 19 10.88 41.91 -77.13
N ARG JA 20 11.64 41.00 -76.54
CA ARG JA 20 12.56 40.21 -77.35
C ARG JA 20 11.88 39.09 -78.09
N LEU JA 21 10.60 38.84 -77.81
CA LEU JA 21 9.89 37.81 -78.55
C LEU JA 21 9.52 38.33 -79.93
N VAL JA 22 9.01 39.56 -79.98
CA VAL JA 22 8.49 40.13 -81.21
C VAL JA 22 9.62 40.42 -82.20
N ILE JA 23 10.75 40.91 -81.69
CA ILE JA 23 11.89 41.19 -82.55
C ILE JA 23 12.53 39.94 -83.12
N ASP JA 24 12.27 38.77 -82.54
CA ASP JA 24 12.69 37.53 -83.19
C ASP JA 24 11.91 37.25 -84.45
N LEU JA 25 10.75 37.87 -84.64
CA LEU JA 25 9.91 37.64 -85.80
C LEU JA 25 10.18 38.61 -86.95
N ILE JA 26 11.23 39.41 -86.88
CA ILE JA 26 11.44 40.45 -87.88
C ILE JA 26 12.83 40.35 -88.52
N ARG JA 27 13.81 39.85 -87.77
CA ARG JA 27 15.22 39.87 -88.18
C ARG JA 27 15.51 39.17 -89.50
N GLY JA 28 15.87 39.95 -90.51
CA GLY JA 28 16.18 39.41 -91.81
C GLY JA 28 15.08 39.48 -92.84
N LYS JA 29 13.93 40.05 -92.49
CA LYS JA 29 12.80 40.13 -93.40
C LYS JA 29 12.70 41.50 -94.03
N SER JA 30 12.05 41.55 -95.19
CA SER JA 30 11.86 42.80 -95.90
C SER JA 30 10.84 43.66 -95.15
N VAL JA 31 10.83 44.95 -95.50
CA VAL JA 31 9.96 45.89 -94.81
C VAL JA 31 8.50 45.67 -95.19
N ALA JA 32 8.25 45.12 -96.38
CA ALA JA 32 6.89 44.88 -96.83
C ALA JA 32 6.21 43.81 -95.99
N ASP JA 33 6.95 42.80 -95.57
CA ASP JA 33 6.36 41.73 -94.78
C ASP JA 33 6.21 42.14 -93.32
N ALA JA 34 7.12 42.99 -92.82
CA ALA JA 34 7.26 43.14 -91.39
C ALA JA 34 6.13 43.95 -90.78
N ILE JA 35 5.65 44.97 -91.50
CA ILE JA 35 4.53 45.76 -91.00
C ILE JA 35 3.26 44.92 -90.96
N SER JA 36 3.08 44.08 -91.98
CA SER JA 36 1.94 43.18 -92.03
C SER JA 36 1.99 42.15 -90.92
N ILE JA 37 3.20 41.67 -90.58
CA ILE JA 37 3.33 40.76 -89.45
C ILE JA 37 2.98 41.48 -88.14
N LEU JA 38 3.48 42.70 -87.97
CA LEU JA 38 3.25 43.40 -86.72
C LEU JA 38 1.83 43.89 -86.54
N LYS JA 39 1.04 43.98 -87.59
CA LYS JA 39 -0.35 44.38 -87.37
C LYS JA 39 -1.23 43.28 -86.82
N PHE JA 40 -0.80 42.02 -86.92
CA PHE JA 40 -1.65 40.90 -86.53
C PHE JA 40 -1.00 40.08 -85.41
N THR JA 41 -0.42 40.76 -84.43
CA THR JA 41 0.02 40.12 -83.19
C THR JA 41 -0.56 40.94 -82.05
N PRO JA 42 -1.32 40.34 -81.15
CA PRO JA 42 -2.05 41.10 -80.14
C PRO JA 42 -1.26 41.35 -78.86
N ASN JA 43 -0.01 41.76 -79.01
CA ASN JA 43 0.84 41.97 -77.85
C ASN JA 43 1.06 43.46 -77.66
N LYS JA 44 1.54 43.85 -76.48
CA LYS JA 44 1.86 45.26 -76.29
C LYS JA 44 3.09 45.66 -77.08
N SER JA 45 4.09 44.80 -77.14
CA SER JA 45 5.29 45.14 -77.87
C SER JA 45 5.14 44.97 -79.38
N ALA JA 46 3.92 44.82 -79.89
CA ALA JA 46 3.69 44.98 -81.32
C ALA JA 46 3.58 46.46 -81.67
N GLY JA 47 2.74 47.19 -80.95
CA GLY JA 47 2.44 48.57 -81.30
C GLY JA 47 3.51 49.59 -80.99
N ILE JA 48 4.76 49.13 -80.82
CA ILE JA 48 5.89 50.00 -80.57
C ILE JA 48 6.95 49.84 -81.66
N ILE JA 49 7.28 48.60 -81.98
CA ILE JA 49 8.23 48.33 -83.04
C ILE JA 49 7.66 48.69 -84.42
N GLU JA 50 6.31 48.73 -84.53
CA GLU JA 50 5.67 49.36 -85.68
C GLU JA 50 6.14 50.80 -85.86
N LYS JA 51 6.05 51.60 -84.79
CA LYS JA 51 6.41 53.00 -84.89
C LYS JA 51 7.90 53.17 -85.10
N VAL JA 52 8.71 52.26 -84.59
CA VAL JA 52 10.14 52.35 -84.81
C VAL JA 52 10.49 52.05 -86.27
N LEU JA 53 9.87 51.03 -86.87
CA LEU JA 53 10.07 50.79 -88.30
C LEU JA 53 9.56 51.92 -89.16
N MET JA 54 8.43 52.52 -88.80
CA MET JA 54 7.90 53.58 -89.64
C MET JA 54 8.79 54.82 -89.57
N SER JA 55 9.36 55.11 -88.40
CA SER JA 55 10.27 56.23 -88.31
C SER JA 55 11.59 55.95 -89.01
N ALA JA 56 12.06 54.71 -88.99
CA ALA JA 56 13.29 54.39 -89.70
C ALA JA 56 13.10 54.48 -91.21
N VAL JA 57 11.95 54.01 -91.70
CA VAL JA 57 11.62 54.12 -93.11
C VAL JA 57 11.52 55.58 -93.52
N ALA JA 58 10.92 56.41 -92.66
CA ALA JA 58 10.77 57.82 -92.99
C ALA JA 58 12.10 58.56 -92.95
N ASN JA 59 13.02 58.16 -92.06
CA ASN JA 59 14.37 58.70 -92.10
C ASN JA 59 15.05 58.35 -93.40
N ALA JA 60 14.96 57.08 -93.81
CA ALA JA 60 15.60 56.66 -95.03
C ALA JA 60 14.99 57.31 -96.27
N GLU JA 61 13.69 57.63 -96.24
CA GLU JA 61 13.10 58.35 -97.36
C GLU JA 61 13.54 59.80 -97.36
N ASN JA 62 13.19 60.55 -96.32
CA ASN JA 62 13.31 61.99 -96.34
C ASN JA 62 14.64 62.49 -95.81
N ASN JA 63 15.66 61.64 -95.76
CA ASN JA 63 17.02 62.17 -95.66
C ASN JA 63 17.89 61.74 -96.81
N PHE JA 64 17.91 60.46 -97.17
CA PHE JA 64 18.90 59.98 -98.12
C PHE JA 64 18.28 59.34 -99.36
N ASP JA 65 17.45 58.31 -99.20
CA ASP JA 65 17.29 57.27 -100.20
C ASP JA 65 16.09 57.50 -101.10
N LEU JA 66 15.95 56.58 -102.03
CA LEU JA 66 14.72 56.17 -102.70
C LEU JA 66 14.58 54.67 -102.44
N ASP JA 67 13.70 54.03 -103.21
CA ASP JA 67 13.50 52.58 -103.21
C ASP JA 67 13.09 52.08 -101.83
N VAL JA 68 11.91 52.53 -101.42
CA VAL JA 68 11.26 52.01 -100.23
C VAL JA 68 11.01 50.52 -100.37
N GLU JA 69 10.74 50.06 -101.59
CA GLU JA 69 10.46 48.66 -101.83
C GLU JA 69 11.71 47.85 -102.10
N SER JA 70 12.86 48.26 -101.60
CA SER JA 70 14.03 47.41 -101.58
C SER JA 70 14.80 47.61 -100.29
N LEU JA 71 14.10 47.60 -99.16
CA LEU JA 71 14.72 47.73 -97.86
C LEU JA 71 14.52 46.48 -97.04
N VAL JA 72 15.55 46.10 -96.28
CA VAL JA 72 15.58 44.87 -95.50
C VAL JA 72 15.96 45.20 -94.07
N VAL JA 73 15.17 44.73 -93.10
CA VAL JA 73 15.53 44.88 -91.70
C VAL JA 73 16.67 43.93 -91.40
N SER JA 74 17.85 44.48 -91.14
CA SER JA 74 19.04 43.64 -90.97
C SER JA 74 19.49 43.50 -89.52
N GLU JA 75 19.18 44.46 -88.65
CA GLU JA 75 19.58 44.38 -87.24
C GLU JA 75 18.47 44.91 -86.35
N ALA JA 76 18.29 44.28 -85.19
CA ALA JA 76 17.32 44.76 -84.22
C ALA JA 76 17.79 44.39 -82.81
N PHE JA 77 17.70 45.33 -81.89
CA PHE JA 77 18.20 45.16 -80.54
C PHE JA 77 17.11 45.42 -79.51
N VAL JA 78 17.30 44.83 -78.34
CA VAL JA 78 16.60 45.22 -77.12
C VAL JA 78 17.64 45.34 -76.01
N ASN JA 79 17.75 46.51 -75.41
CA ASN JA 79 18.66 46.73 -74.30
C ASN JA 79 17.89 47.24 -73.10
N GLU JA 80 18.41 46.98 -71.90
CA GLU JA 80 17.68 47.28 -70.67
C GLU JA 80 17.98 48.67 -70.14
N GLY JA 81 16.93 49.36 -69.70
CA GLY JA 81 17.05 50.72 -69.24
C GLY JA 81 16.97 50.85 -67.74
N PRO JA 82 16.78 52.07 -67.25
CA PRO JA 82 16.75 52.29 -65.80
C PRO JA 82 15.44 51.81 -65.19
N THR JA 83 15.55 50.98 -64.17
CA THR JA 83 14.38 50.38 -63.54
C THR JA 83 13.85 51.27 -62.45
N MET JA 84 12.54 51.42 -62.38
CA MET JA 84 11.97 52.02 -61.19
C MET JA 84 11.94 50.98 -60.08
N LYS JA 85 11.65 51.44 -58.85
CA LYS JA 85 11.62 50.56 -57.69
C LYS JA 85 10.50 50.97 -56.76
N ARG JA 86 9.63 50.03 -56.41
CA ARG JA 86 8.54 50.30 -55.48
C ARG JA 86 8.43 49.13 -54.50
N PHE JA 87 7.43 49.21 -53.63
CA PHE JA 87 7.21 48.21 -52.60
C PHE JA 87 5.77 47.73 -52.64
N ARG JA 88 5.47 46.73 -51.83
CA ARG JA 88 4.12 46.24 -51.68
C ARG JA 88 3.96 45.56 -50.34
N PRO JA 89 2.93 45.88 -49.59
CA PRO JA 89 2.74 45.24 -48.29
C PRO JA 89 2.28 43.79 -48.38
N ARG JA 90 3.20 42.89 -48.07
CA ARG JA 90 2.92 41.47 -47.90
C ARG JA 90 2.33 41.26 -46.50
N ALA JA 91 1.84 40.06 -46.22
CA ALA JA 91 1.16 39.83 -44.96
C ALA JA 91 2.16 39.66 -43.82
N LYS JA 92 1.64 39.81 -42.60
CA LYS JA 92 2.41 39.84 -41.35
C LYS JA 92 3.52 40.88 -41.37
N GLY JA 93 3.12 42.13 -41.61
CA GLY JA 93 4.00 43.24 -41.35
C GLY JA 93 5.05 43.57 -42.38
N SER JA 94 5.63 42.58 -43.05
CA SER JA 94 6.83 42.81 -43.85
C SER JA 94 6.45 43.40 -45.21
N ALA JA 95 7.44 43.45 -46.11
CA ALA JA 95 7.25 44.03 -47.43
C ALA JA 95 8.22 43.38 -48.39
N SER JA 96 7.97 43.58 -49.69
CA SER JA 96 8.75 42.95 -50.73
C SER JA 96 8.89 43.87 -51.92
N PRO JA 97 10.07 43.99 -52.51
CA PRO JA 97 10.29 44.96 -53.57
C PRO JA 97 9.72 44.50 -54.90
N ILE JA 98 9.51 45.49 -55.78
CA ILE JA 98 8.94 45.28 -57.12
C ILE JA 98 9.72 46.10 -58.12
N ASN JA 99 10.34 45.45 -59.08
CA ASN JA 99 10.98 46.17 -60.16
C ASN JA 99 9.92 46.70 -61.12
N LYS JA 100 10.26 47.79 -61.81
CA LYS JA 100 9.47 48.25 -62.95
C LYS JA 100 10.46 48.63 -64.03
N ARG JA 101 10.49 47.88 -65.13
CA ARG JA 101 11.62 47.94 -66.04
C ARG JA 101 11.28 48.71 -67.30
N THR JA 102 12.32 49.05 -68.04
CA THR JA 102 12.26 49.83 -69.26
C THR JA 102 13.27 49.27 -70.25
N SER JA 103 13.00 49.47 -71.54
CA SER JA 103 13.85 48.93 -72.59
C SER JA 103 14.19 49.99 -73.62
N HIS JA 104 15.31 49.78 -74.31
CA HIS JA 104 15.75 50.64 -75.42
C HIS JA 104 15.70 49.83 -76.71
N ILE JA 105 14.89 50.26 -77.66
CA ILE JA 105 14.61 49.50 -78.86
C ILE JA 105 15.15 50.24 -80.07
N THR JA 106 16.00 49.59 -80.87
CA THR JA 106 16.55 50.17 -82.08
C THR JA 106 16.31 49.25 -83.27
N VAL JA 107 16.24 49.82 -84.48
CA VAL JA 107 16.04 49.09 -85.73
C VAL JA 107 16.90 49.74 -86.82
N VAL JA 108 17.70 48.93 -87.50
CA VAL JA 108 18.56 49.39 -88.61
C VAL JA 108 18.02 48.80 -89.90
N VAL JA 109 17.87 49.65 -90.93
CA VAL JA 109 17.18 49.29 -92.17
C VAL JA 109 18.16 49.48 -93.32
N THR JA 110 18.88 48.42 -93.68
CA THR JA 110 19.73 48.50 -94.86
C THR JA 110 18.90 48.37 -96.12
N GLU JA 111 19.53 48.50 -97.29
CA GLU JA 111 18.78 48.21 -98.51
C GLU JA 111 18.63 46.72 -98.71
N LYS JA 112 19.72 46.03 -99.02
CA LYS JA 112 19.68 44.58 -99.25
C LYS JA 112 20.99 43.94 -98.80
N GLU KA 1 -6.38 103.86 -35.92
CA GLU KA 1 -5.37 104.05 -36.96
C GLU KA 1 -6.01 103.82 -38.32
N LEU KA 2 -7.32 104.08 -38.41
CA LEU KA 2 -8.18 103.41 -39.38
C LEU KA 2 -8.00 103.80 -40.83
N LEU KA 3 -6.77 103.64 -41.32
CA LEU KA 3 -6.54 103.41 -42.73
C LEU KA 3 -5.72 102.15 -42.96
N ASP KA 4 -5.35 101.45 -41.89
CA ASP KA 4 -4.85 100.09 -41.99
C ASP KA 4 -5.96 99.08 -41.72
N VAL KA 5 -7.21 99.52 -41.71
CA VAL KA 5 -8.31 98.57 -41.61
C VAL KA 5 -8.45 97.80 -42.91
N ILE KA 6 -8.76 98.49 -43.98
CA ILE KA 6 -9.09 97.89 -45.26
C ILE KA 6 -7.82 97.83 -46.10
N LYS KA 7 -7.60 96.71 -46.78
CA LYS KA 7 -6.50 96.65 -47.72
C LYS KA 7 -6.95 96.75 -49.18
N ARG KA 8 -7.74 95.80 -49.65
CA ARG KA 8 -7.97 95.60 -51.07
C ARG KA 8 -9.45 95.27 -51.28
N PRO KA 9 -9.96 95.44 -52.50
CA PRO KA 9 -11.22 94.79 -52.85
C PRO KA 9 -10.98 93.45 -53.51
N VAL KA 10 -11.95 92.56 -53.35
CA VAL KA 10 -11.89 91.23 -53.94
C VAL KA 10 -12.63 91.28 -55.28
N ILE KA 11 -12.00 90.76 -56.31
CA ILE KA 11 -12.56 90.78 -57.67
C ILE KA 11 -12.68 89.33 -58.11
N THR KA 12 -13.85 88.73 -57.88
CA THR KA 12 -14.11 87.34 -58.23
C THR KA 12 -15.45 87.18 -58.91
N GLU KA 13 -15.89 85.94 -59.06
CA GLU KA 13 -17.13 85.66 -59.76
C GLU KA 13 -18.34 85.93 -58.88
N LYS KA 14 -18.23 85.72 -57.57
CA LYS KA 14 -19.30 86.11 -56.67
C LYS KA 14 -19.24 87.57 -56.31
N SER KA 15 -18.04 88.15 -56.26
CA SER KA 15 -17.91 89.53 -55.84
C SER KA 15 -18.50 90.50 -56.84
N MET KA 16 -18.44 90.17 -58.13
CA MET KA 16 -19.11 90.99 -59.12
C MET KA 16 -20.62 90.86 -59.03
N LEU KA 17 -21.10 89.72 -58.54
CA LEU KA 17 -22.53 89.55 -58.35
C LEU KA 17 -23.01 90.19 -57.07
N ALA KA 18 -22.11 90.49 -56.15
CA ALA KA 18 -22.49 91.26 -54.97
C ALA KA 18 -22.68 92.73 -55.30
N MET KA 19 -22.10 93.20 -56.41
CA MET KA 19 -22.19 94.59 -56.82
C MET KA 19 -23.60 94.99 -57.19
N ASP KA 20 -24.46 94.03 -57.53
CA ASP KA 20 -25.82 94.35 -57.97
C ASP KA 20 -26.74 94.70 -56.82
N GLU KA 21 -26.39 94.34 -55.60
CA GLU KA 21 -27.26 94.59 -54.45
C GLU KA 21 -26.58 95.51 -53.44
N LYS KA 22 -25.64 96.32 -53.91
CA LYS KA 22 -24.81 97.21 -53.09
C LYS KA 22 -24.06 96.44 -52.00
N LYS KA 23 -23.34 95.40 -52.41
CA LYS KA 23 -22.52 94.63 -51.49
C LYS KA 23 -21.11 94.55 -52.04
N TYR KA 24 -20.12 94.74 -51.18
CA TYR KA 24 -18.73 94.93 -51.61
C TYR KA 24 -17.79 94.08 -50.77
N THR KA 25 -16.80 93.47 -51.41
CA THR KA 25 -15.97 92.45 -50.79
C THR KA 25 -14.55 92.97 -50.59
N PHE KA 26 -14.24 93.40 -49.37
CA PHE KA 26 -12.93 93.94 -49.03
C PHE KA 26 -12.13 92.97 -48.16
N GLU KA 27 -10.81 93.16 -48.14
CA GLU KA 27 -9.96 92.40 -47.25
C GLU KA 27 -9.54 93.26 -46.06
N VAL KA 28 -9.97 92.84 -44.88
CA VAL KA 28 -9.69 93.54 -43.64
C VAL KA 28 -8.59 92.81 -42.90
N ASP KA 29 -7.65 93.55 -42.31
CA ASP KA 29 -6.59 92.95 -41.54
C ASP KA 29 -7.11 92.28 -40.28
N THR KA 30 -6.30 91.36 -39.77
CA THR KA 30 -6.69 90.51 -38.66
C THR KA 30 -6.86 91.33 -37.39
N ARG KA 31 -7.67 90.78 -36.47
CA ARG KA 31 -8.09 91.43 -35.24
C ARG KA 31 -8.70 92.80 -35.51
N ALA KA 32 -9.83 92.77 -36.20
CA ALA KA 32 -10.61 93.98 -36.41
C ALA KA 32 -12.09 93.62 -36.27
N ASN KA 33 -12.82 94.50 -35.60
CA ASN KA 33 -14.21 94.26 -35.29
C ASN KA 33 -15.07 94.49 -36.53
N LYS KA 34 -16.38 94.31 -36.37
CA LYS KA 34 -17.28 94.83 -37.38
C LYS KA 34 -17.34 96.34 -37.32
N THR KA 35 -17.19 96.92 -36.13
CA THR KA 35 -17.46 98.33 -35.96
C THR KA 35 -16.36 99.21 -36.54
N LEU KA 36 -15.12 98.75 -36.48
CA LEU KA 36 -14.03 99.48 -37.13
C LEU KA 36 -14.23 99.58 -38.63
N VAL KA 37 -14.72 98.51 -39.25
CA VAL KA 37 -14.87 98.53 -40.69
C VAL KA 37 -16.00 99.45 -41.09
N LYS KA 38 -17.07 99.52 -40.29
CA LYS KA 38 -18.11 100.51 -40.51
C LYS KA 38 -17.57 101.92 -40.43
N GLN KA 39 -16.79 102.21 -39.39
CA GLN KA 39 -16.25 103.55 -39.21
C GLN KA 39 -15.24 103.91 -40.30
N ALA KA 40 -14.47 102.93 -40.76
CA ALA KA 40 -13.48 103.18 -41.81
C ALA KA 40 -14.14 103.44 -43.15
N VAL KA 41 -15.17 102.65 -43.49
CA VAL KA 41 -15.89 102.86 -44.74
C VAL KA 41 -16.62 104.18 -44.74
N GLU KA 42 -17.28 104.53 -43.63
CA GLU KA 42 -17.93 105.82 -43.52
C GLU KA 42 -16.94 106.96 -43.54
N SER KA 43 -15.71 106.72 -43.12
CA SER KA 43 -14.68 107.74 -43.24
C SER KA 43 -14.20 107.91 -44.68
N ALA KA 44 -14.09 106.82 -45.43
CA ALA KA 44 -13.41 106.88 -46.71
C ALA KA 44 -14.34 107.01 -47.92
N PHE KA 45 -15.65 106.82 -47.76
CA PHE KA 45 -16.51 106.81 -48.94
C PHE KA 45 -17.87 107.49 -48.77
N ASP KA 46 -18.22 107.98 -47.58
CA ASP KA 46 -19.47 108.70 -47.27
C ASP KA 46 -20.71 107.86 -47.55
N VAL KA 47 -20.75 106.64 -46.99
CA VAL KA 47 -21.89 105.76 -47.19
C VAL KA 47 -22.32 105.33 -45.79
N LYS KA 48 -23.21 104.35 -45.64
CA LYS KA 48 -23.78 104.04 -44.33
C LYS KA 48 -23.72 102.56 -43.87
N VAL KA 49 -24.41 102.30 -42.76
CA VAL KA 49 -24.67 101.01 -42.11
C VAL KA 49 -25.83 100.40 -42.88
N ALA KA 50 -26.39 99.26 -42.44
CA ALA KA 50 -26.61 97.98 -43.14
C ALA KA 50 -25.37 97.10 -43.06
N ASN KA 51 -25.26 96.46 -41.91
CA ASN KA 51 -24.12 95.77 -41.29
C ASN KA 51 -23.20 94.94 -42.17
N VAL KA 52 -21.95 94.84 -41.73
CA VAL KA 52 -20.89 94.11 -42.39
C VAL KA 52 -21.02 92.62 -42.09
N ASN KA 53 -20.43 91.79 -42.94
CA ASN KA 53 -20.19 90.39 -42.60
C ASN KA 53 -18.72 90.05 -42.82
N ILE KA 54 -18.19 89.17 -41.99
CA ILE KA 54 -16.76 88.97 -41.83
C ILE KA 54 -16.45 87.48 -41.86
N LEU KA 55 -15.49 87.08 -42.69
CA LEU KA 55 -15.08 85.69 -42.82
C LEU KA 55 -13.71 85.49 -42.22
N ASN KA 56 -13.19 84.28 -42.37
CA ASN KA 56 -11.79 83.96 -42.19
C ASN KA 56 -11.39 82.92 -43.22
N VAL KA 57 -10.10 82.64 -43.29
CA VAL KA 57 -9.53 81.79 -44.32
C VAL KA 57 -8.46 80.92 -43.68
N ARG KA 58 -8.54 79.67 -43.88
CA ARG KA 58 -7.39 78.86 -43.53
C ARG KA 58 -6.45 78.76 -44.73
N PRO KA 59 -5.13 78.70 -44.52
CA PRO KA 59 -4.20 78.66 -45.66
C PRO KA 59 -4.12 77.33 -46.39
N LYS KA 60 -3.20 77.24 -47.35
CA LYS KA 60 -3.08 76.07 -48.23
C LYS KA 60 -1.65 75.55 -48.28
N PHE KA 61 -1.38 74.51 -49.07
CA PHE KA 61 -0.03 74.33 -49.60
C PHE KA 61 0.14 75.02 -50.93
N LYS KA 62 1.40 75.20 -51.29
CA LYS KA 62 1.88 75.21 -52.67
C LYS KA 62 3.21 74.48 -52.70
N ARG KA 63 3.62 74.05 -53.89
CA ARG KA 63 4.94 73.48 -54.08
C ARG KA 63 5.56 74.02 -55.36
N MET KA 64 6.81 74.47 -55.25
CA MET KA 64 7.55 74.98 -56.39
C MET KA 64 8.79 74.14 -56.70
N GLY KA 65 9.69 74.01 -55.76
CA GLY KA 65 11.03 73.53 -56.03
C GLY KA 65 11.59 72.49 -55.10
N LYS KA 66 10.75 71.51 -54.72
CA LYS KA 66 10.91 70.53 -53.65
C LYS KA 66 10.73 71.16 -52.27
N TYR KA 67 10.05 72.29 -52.21
CA TYR KA 67 9.80 73.00 -50.97
C TYR KA 67 8.33 72.98 -50.64
N ALA KA 68 8.01 73.16 -49.36
CA ALA KA 68 6.64 73.05 -48.88
C ALA KA 68 6.33 74.21 -47.96
N GLY KA 69 5.40 75.06 -48.35
CA GLY KA 69 5.11 76.24 -47.57
C GLY KA 69 3.66 76.64 -47.69
N TYR KA 70 3.17 77.32 -46.66
CA TYR KA 70 1.80 77.79 -46.63
C TYR KA 70 1.64 79.08 -47.42
N THR KA 71 0.46 79.68 -47.29
CA THR KA 71 0.19 81.05 -47.70
C THR KA 71 -0.37 81.80 -46.49
N LYS KA 72 -0.85 83.00 -46.74
CA LYS KA 72 -1.25 83.88 -45.65
C LYS KA 72 -2.57 83.43 -45.04
N LYS KA 73 -2.86 83.96 -43.86
CA LYS KA 73 -4.26 84.05 -43.47
C LYS KA 73 -4.90 85.23 -44.16
N ARG KA 74 -6.22 85.25 -44.18
CA ARG KA 74 -6.96 86.33 -44.78
C ARG KA 74 -8.14 86.67 -43.89
N ARG KA 75 -8.90 87.68 -44.28
CA ARG KA 75 -10.19 87.97 -43.69
C ARG KA 75 -10.98 88.81 -44.68
N LYS KA 76 -12.05 88.24 -45.23
CA LYS KA 76 -12.87 89.00 -46.16
C LYS KA 76 -13.79 89.93 -45.39
N ALA KA 77 -14.49 90.79 -46.13
CA ALA KA 77 -15.48 91.68 -45.54
C ALA KA 77 -16.50 92.04 -46.59
N ILE KA 78 -17.73 91.60 -46.39
CA ILE KA 78 -18.80 91.81 -47.36
C ILE KA 78 -19.73 92.89 -46.83
N VAL KA 79 -19.48 94.13 -47.23
CA VAL KA 79 -20.14 95.30 -46.66
C VAL KA 79 -21.35 95.62 -47.52
N THR KA 80 -22.50 95.78 -46.88
CA THR KA 80 -23.72 96.18 -47.57
C THR KA 80 -23.99 97.65 -47.27
N LEU KA 81 -24.84 98.27 -48.08
CA LEU KA 81 -25.10 99.68 -47.94
C LEU KA 81 -26.59 99.91 -47.80
N THR KA 82 -26.99 101.18 -47.66
CA THR KA 82 -28.39 101.54 -47.85
C THR KA 82 -28.60 102.47 -49.03
N GLU KA 83 -28.00 103.66 -49.05
CA GLU KA 83 -28.24 104.65 -50.11
C GLU KA 83 -26.97 105.43 -50.43
N ASP KA 84 -26.15 104.86 -51.33
CA ASP KA 84 -25.14 105.46 -52.22
C ASP KA 84 -24.49 104.30 -52.94
N SER KA 85 -23.65 104.63 -53.92
CA SER KA 85 -22.96 103.64 -54.71
C SER KA 85 -21.46 103.94 -54.72
N LYS KA 86 -20.70 103.01 -55.31
CA LYS KA 86 -19.26 103.17 -55.46
C LYS KA 86 -18.88 102.77 -56.88
N GLU KA 87 -18.92 103.72 -57.81
CA GLU KA 87 -18.36 103.51 -59.15
C GLU KA 87 -16.87 103.83 -59.18
N ILE KA 88 -16.13 103.22 -58.26
CA ILE KA 88 -14.76 103.59 -58.01
C ILE KA 88 -13.80 102.49 -58.43
N GLN KA 89 -14.27 101.26 -58.54
CA GLN KA 89 -13.39 100.11 -58.57
C GLN KA 89 -13.17 99.60 -60.00
N MET LA 1 37.61 100.57 -61.55
CA MET LA 1 37.26 99.21 -61.91
C MET LA 1 38.48 98.59 -62.58
N PHE LA 2 39.42 99.49 -62.92
CA PHE LA 2 40.55 99.42 -63.84
C PHE LA 2 40.10 99.62 -65.30
N VAL LA 3 38.81 99.55 -65.60
CA VAL LA 3 38.26 99.83 -66.94
C VAL LA 3 36.87 100.45 -66.78
N LYS LA 4 36.62 101.60 -67.41
CA LYS LA 4 35.33 102.26 -67.37
C LYS LA 4 34.47 101.86 -68.57
N LYS LA 5 33.38 102.60 -68.80
CA LYS LA 5 32.57 102.41 -70.01
C LYS LA 5 33.27 102.97 -71.24
N GLY LA 6 33.50 104.28 -71.28
CA GLY LA 6 34.04 104.84 -72.48
C GLY LA 6 35.55 104.76 -72.50
N ASP LA 7 36.09 103.75 -73.16
CA ASP LA 7 37.53 103.49 -73.17
C ASP LA 7 37.89 102.73 -74.43
N LYS LA 8 38.73 103.31 -75.27
CA LYS LA 8 39.40 102.52 -76.28
C LYS LA 8 40.38 101.58 -75.59
N VAL LA 9 40.44 100.35 -76.08
CA VAL LA 9 40.95 99.22 -75.34
C VAL LA 9 41.58 98.23 -76.32
N LYS LA 10 42.79 97.77 -76.03
CA LYS LA 10 43.33 96.65 -76.79
C LYS LA 10 42.95 95.32 -76.14
N VAL LA 11 42.96 94.28 -76.96
CA VAL LA 11 42.71 92.92 -76.51
C VAL LA 11 43.95 92.10 -76.83
N ILE LA 12 44.51 91.42 -75.84
CA ILE LA 12 45.83 90.84 -75.93
C ILE LA 12 45.78 89.37 -76.35
N THR LA 13 44.91 88.57 -75.73
CA THR LA 13 44.90 87.12 -75.85
C THR LA 13 43.57 86.62 -76.40
N GLY LA 14 43.56 85.36 -76.82
CA GLY LA 14 42.32 84.69 -77.13
C GLY LA 14 41.60 85.10 -78.40
N LYS LA 15 42.14 84.70 -79.56
CA LYS LA 15 41.57 84.85 -80.91
C LYS LA 15 41.55 86.29 -81.39
N ASP LA 16 41.90 87.24 -80.56
CA ASP LA 16 41.62 88.65 -80.78
C ASP LA 16 42.82 89.47 -80.38
N LYS LA 17 44.01 89.01 -80.77
CA LYS LA 17 45.20 89.82 -80.65
C LYS LA 17 45.03 91.08 -81.49
N ASN LA 18 45.31 92.22 -80.86
CA ASN LA 18 45.47 93.52 -81.49
C ASN LA 18 44.18 94.08 -82.07
N LYS LA 19 43.03 93.49 -81.78
CA LYS LA 19 41.81 94.20 -82.10
C LYS LA 19 41.54 95.25 -81.04
N GLU LA 20 40.70 96.21 -81.40
CA GLU LA 20 40.41 97.32 -80.51
C GLU LA 20 38.90 97.51 -80.40
N GLY LA 21 38.46 98.54 -79.71
CA GLY LA 21 37.04 98.82 -79.68
C GLY LA 21 36.67 99.68 -78.49
N VAL LA 22 35.36 99.79 -78.27
CA VAL LA 22 34.79 100.58 -77.21
C VAL LA 22 34.05 99.64 -76.27
N VAL LA 23 34.32 99.77 -74.97
CA VAL LA 23 33.66 98.97 -73.96
C VAL LA 23 32.18 99.33 -73.89
N LEU LA 24 31.32 98.34 -74.07
CA LEU LA 24 29.88 98.56 -73.95
C LEU LA 24 29.39 98.38 -72.53
N ALA LA 25 29.54 97.18 -72.00
CA ALA LA 25 29.03 96.83 -70.68
C ALA LA 25 30.21 96.48 -69.80
N ALA LA 26 30.25 97.07 -68.62
CA ALA LA 26 31.24 96.76 -67.60
C ALA LA 26 30.52 96.03 -66.48
N PHE LA 27 30.85 94.77 -66.30
CA PHE LA 27 30.31 94.03 -65.16
C PHE LA 27 31.41 93.84 -64.14
N PRO LA 28 31.38 94.55 -63.03
CA PRO LA 28 32.14 94.11 -61.86
C PRO LA 28 31.38 92.99 -61.16
N LYS LA 29 31.93 92.55 -60.03
CA LYS LA 29 31.48 91.48 -59.13
C LYS LA 29 31.71 90.09 -59.74
N GLN LA 30 32.03 90.02 -61.03
CA GLN LA 30 32.64 88.83 -61.61
C GLN LA 30 33.66 89.17 -62.68
N ASP LA 31 33.96 90.46 -62.88
CA ASP LA 31 35.09 90.96 -63.67
C ASP LA 31 34.99 90.57 -65.14
N LYS LA 32 33.88 90.97 -65.75
CA LYS LA 32 33.66 90.72 -67.16
C LYS LA 32 33.26 92.02 -67.84
N VAL LA 33 33.70 92.16 -69.09
CA VAL LA 33 33.59 93.40 -69.86
C VAL LA 33 33.27 93.03 -71.30
N ILE LA 34 32.27 93.70 -71.88
CA ILE LA 34 31.83 93.43 -73.25
C ILE LA 34 32.33 94.55 -74.16
N VAL LA 35 33.09 94.19 -75.19
CA VAL LA 35 33.74 95.13 -76.10
C VAL LA 35 33.24 94.83 -77.51
N GLU LA 36 33.01 95.88 -78.30
CA GLU LA 36 32.37 95.74 -79.61
C GLU LA 36 33.21 94.94 -80.60
N GLY LA 37 32.56 93.99 -81.27
CA GLY LA 37 33.17 93.29 -82.38
C GLY LA 37 34.24 92.30 -82.00
N VAL LA 38 34.19 91.74 -80.80
CA VAL LA 38 35.26 90.90 -80.29
C VAL LA 38 34.82 89.46 -80.11
N ASN LA 39 33.62 89.23 -79.57
CA ASN LA 39 33.11 87.90 -79.26
C ASN LA 39 31.75 87.68 -79.90
N VAL LA 40 31.69 87.84 -81.21
CA VAL LA 40 30.52 87.49 -82.00
C VAL LA 40 30.14 86.04 -81.73
N VAL LA 41 28.93 85.84 -81.19
CA VAL LA 41 28.43 84.54 -80.78
C VAL LA 41 27.08 84.34 -81.44
N LYS LA 42 26.89 83.19 -82.09
CA LYS LA 42 25.68 82.91 -82.84
C LYS LA 42 24.67 82.18 -81.96
N LYS LA 43 23.52 82.80 -81.71
CA LYS LA 43 22.52 82.27 -80.79
C LYS LA 43 21.38 81.63 -81.57
N HIS LA 44 21.17 80.33 -81.36
CA HIS LA 44 19.99 79.66 -81.90
C HIS LA 44 18.79 80.07 -81.06
N GLN LA 45 18.01 81.02 -81.52
CA GLN LA 45 16.85 81.46 -80.78
C GLN LA 45 15.56 80.93 -81.37
N LYS LA 46 14.61 80.60 -80.50
CA LYS LA 46 13.27 80.24 -80.91
C LYS LA 46 12.54 81.49 -81.41
N PRO LA 47 11.44 81.31 -82.16
CA PRO LA 47 10.52 82.44 -82.34
C PRO LA 47 9.90 82.85 -81.01
N ASN LA 48 10.28 84.03 -80.56
CA ASN LA 48 10.08 84.50 -79.20
C ASN LA 48 9.04 85.63 -79.23
N GLN LA 49 8.70 86.15 -78.04
CA GLN LA 49 7.84 87.33 -77.99
C GLN LA 49 8.55 88.55 -78.56
N ALA LA 50 9.62 88.99 -77.91
CA ALA LA 50 10.50 89.98 -78.50
C ALA LA 50 11.42 89.30 -79.50
N ALA LA 51 11.73 90.00 -80.61
CA ALA LA 51 12.36 89.47 -81.81
C ALA LA 51 11.56 88.26 -82.30
N PRO LA 52 10.41 88.49 -82.94
CA PRO LA 52 9.43 87.40 -83.13
C PRO LA 52 9.87 86.30 -84.09
N GLN LA 53 10.79 86.58 -85.01
CA GLN LA 53 11.31 85.55 -85.90
C GLN LA 53 12.47 84.84 -85.22
N GLY LA 54 12.46 83.52 -85.30
CA GLY LA 54 13.48 82.72 -84.65
C GLY LA 54 14.78 82.72 -85.42
N GLY LA 55 15.52 83.82 -85.37
CA GLY LA 55 16.73 83.95 -86.13
C GLY LA 55 17.98 83.65 -85.34
N ILE LA 56 19.03 83.26 -86.07
CA ILE LA 56 20.34 83.02 -85.50
C ILE LA 56 21.03 84.38 -85.37
N LEU LA 57 21.00 84.95 -84.17
CA LEU LA 57 21.46 86.31 -83.95
C LEU LA 57 22.91 86.32 -83.50
N GLU LA 58 23.53 87.50 -83.57
CA GLU LA 58 24.94 87.66 -83.23
C GLU LA 58 25.10 88.75 -82.16
N VAL LA 59 25.24 88.32 -80.92
CA VAL LA 59 25.45 89.22 -79.80
C VAL LA 59 26.85 88.93 -79.27
N GLU LA 60 27.42 89.91 -78.59
CA GLU LA 60 28.78 89.84 -78.09
C GLU LA 60 28.82 89.28 -76.67
N ALA LA 61 29.89 88.54 -76.37
CA ALA LA 61 30.12 87.84 -75.12
C ALA LA 61 31.25 88.50 -74.34
N PRO LA 62 31.15 88.54 -73.01
CA PRO LA 62 32.15 89.29 -72.24
C PRO LA 62 33.51 88.62 -72.15
N ILE LA 63 34.53 89.45 -71.93
CA ILE LA 63 35.90 88.99 -71.70
C ILE LA 63 36.27 89.40 -70.28
N HIS LA 64 37.22 88.68 -69.70
CA HIS LA 64 37.74 89.06 -68.40
C HIS LA 64 38.62 90.28 -68.51
N VAL LA 65 38.82 90.94 -67.37
CA VAL LA 65 39.52 92.20 -67.32
C VAL LA 65 41.00 92.01 -67.62
N SER LA 66 41.55 90.84 -67.34
CA SER LA 66 42.98 90.61 -67.53
C SER LA 66 43.31 90.16 -68.95
N ASN LA 67 42.54 90.60 -69.94
CA ASN LA 67 42.89 90.45 -71.34
C ASN LA 67 42.90 91.80 -72.06
N VAL LA 68 43.00 92.88 -71.31
CA VAL LA 68 42.53 94.20 -71.70
C VAL LA 68 43.54 95.26 -71.26
N MET LA 69 43.93 96.14 -72.19
CA MET LA 69 44.72 97.33 -71.89
C MET LA 69 43.83 98.56 -71.96
N VAL LA 70 44.42 99.72 -71.74
CA VAL LA 70 43.71 101.00 -71.90
C VAL LA 70 44.49 101.84 -72.90
N ILE LA 71 43.81 102.36 -73.90
CA ILE LA 71 44.45 103.15 -74.94
C ILE LA 71 44.51 104.60 -74.49
N ASP LA 72 45.61 105.24 -74.85
CA ASP LA 72 46.24 106.56 -74.65
C ASP LA 72 45.49 107.82 -75.07
N PRO LA 73 44.33 107.77 -75.69
CA PRO LA 73 44.15 108.25 -77.08
C PRO LA 73 45.03 109.35 -77.66
N SER LA 74 45.59 110.27 -76.88
CA SER LA 74 46.48 111.29 -77.42
C SER LA 74 47.72 110.72 -78.11
N ASN LA 75 48.12 109.48 -77.81
CA ASN LA 75 49.26 108.86 -78.47
C ASN LA 75 48.96 107.50 -79.06
N GLY LA 76 47.84 106.88 -78.72
CA GLY LA 76 47.39 105.65 -79.34
C GLY LA 76 48.22 104.41 -79.12
N GLU LA 77 48.61 104.13 -77.88
CA GLU LA 77 49.27 102.89 -77.52
C GLU LA 77 48.66 102.37 -76.23
N ALA LA 78 49.29 101.34 -75.66
CA ALA LA 78 48.76 100.63 -74.52
C ALA LA 78 49.69 100.78 -73.33
N THR LA 79 49.16 101.27 -72.22
CA THR LA 79 49.94 101.55 -71.02
C THR LA 79 49.33 100.88 -69.81
N LYS LA 80 50.03 101.00 -68.69
CA LYS LA 80 49.54 100.54 -67.39
C LYS LA 80 49.04 101.75 -66.62
N VAL LA 81 47.76 101.70 -66.24
CA VAL LA 81 47.12 102.85 -65.61
C VAL LA 81 47.66 103.04 -64.21
N ALA LA 82 48.01 104.27 -63.86
CA ALA LA 82 48.45 104.62 -62.51
C ALA LA 82 47.59 105.73 -61.95
N PHE LA 83 47.65 105.89 -60.63
CA PHE LA 83 46.86 106.87 -59.90
C PHE LA 83 47.82 107.80 -59.19
N LYS LA 84 47.83 109.07 -59.60
CA LYS LA 84 48.73 110.04 -59.00
C LYS LA 84 47.94 111.28 -58.57
N GLU LA 85 48.49 111.98 -57.59
CA GLU LA 85 47.79 113.07 -56.94
C GLU LA 85 47.90 114.34 -57.78
N VAL LA 86 47.10 114.39 -58.85
CA VAL LA 86 46.75 115.63 -59.53
C VAL LA 86 45.59 116.16 -58.69
N ASP LA 87 45.18 117.42 -58.92
CA ASP LA 87 44.18 118.17 -58.14
C ASP LA 87 42.86 117.42 -57.96
N GLY LA 88 42.02 117.84 -57.02
CA GLY LA 88 41.34 116.92 -56.12
C GLY LA 88 40.40 115.87 -56.70
N LYS LA 89 40.99 115.04 -57.55
CA LYS LA 89 40.46 113.77 -58.00
C LYS LA 89 41.62 112.78 -57.94
N LYS LA 90 41.43 111.60 -58.53
CA LYS LA 90 42.54 110.72 -58.88
C LYS LA 90 42.38 110.45 -60.37
N VAL LA 91 42.88 111.36 -61.16
CA VAL LA 91 42.75 111.21 -62.60
C VAL LA 91 43.84 110.27 -63.08
N ARG LA 92 43.49 109.38 -64.01
CA ARG LA 92 44.33 108.25 -64.38
C ARG LA 92 45.52 108.73 -65.19
N VAL LA 93 46.55 109.18 -64.47
CA VAL LA 93 47.84 109.45 -65.09
C VAL LA 93 48.41 108.12 -65.56
N SER LA 94 48.55 107.96 -66.86
CA SER LA 94 49.12 106.74 -67.36
C SER LA 94 50.62 106.73 -67.14
N LYS LA 95 51.23 105.58 -67.34
CA LYS LA 95 52.66 105.53 -67.55
C LYS LA 95 52.93 105.83 -69.02
N LYS LA 96 54.21 105.85 -69.39
CA LYS LA 96 54.68 106.23 -70.73
C LYS LA 96 54.23 107.65 -71.08
N THR LA 97 54.88 108.60 -70.42
CA THR LA 97 54.76 110.05 -70.56
C THR LA 97 53.39 110.61 -70.15
N GLY LA 98 53.08 110.47 -68.86
CA GLY LA 98 52.19 111.33 -68.08
C GLY LA 98 50.89 111.83 -68.69
N GLU LA 99 50.21 110.98 -69.43
CA GLU LA 99 48.94 111.36 -70.05
C GLU LA 99 47.84 111.45 -69.01
N VAL LA 100 47.19 112.60 -68.93
CA VAL LA 100 46.12 112.83 -67.98
C VAL LA 100 44.81 112.43 -68.65
N LEU LA 101 44.24 111.31 -68.23
CA LEU LA 101 43.01 110.80 -68.83
C LEU LA 101 41.80 111.46 -68.18
N VAL MA 1 74.25 -53.93 -31.73
CA VAL MA 1 75.69 -54.15 -31.64
C VAL MA 1 76.43 -52.92 -32.18
N GLN MA 2 76.06 -52.50 -33.39
CA GLN MA 2 76.72 -51.39 -34.08
C GLN MA 2 75.63 -50.42 -34.54
N LEU MA 3 75.33 -49.43 -33.70
CA LEU MA 3 74.34 -48.41 -34.05
C LEU MA 3 74.97 -47.35 -34.94
N GLU MA 4 74.30 -46.21 -35.07
CA GLU MA 4 74.78 -45.10 -35.89
C GLU MA 4 75.46 -44.07 -35.01
N VAL MA 5 76.76 -43.92 -35.19
CA VAL MA 5 77.55 -42.94 -34.46
C VAL MA 5 78.08 -41.94 -35.48
N LYS MA 6 77.46 -40.75 -35.54
CA LYS MA 6 77.87 -39.68 -36.42
C LYS MA 6 77.97 -38.39 -35.60
N GLU MA 7 79.15 -37.78 -35.62
CA GLU MA 7 79.53 -36.72 -34.70
C GLU MA 7 78.84 -35.41 -35.06
N ARG MA 8 78.96 -34.42 -34.16
CA ARG MA 8 78.29 -33.14 -34.32
C ARG MA 8 79.27 -32.02 -33.98
N ALA MA 9 78.74 -30.81 -33.79
CA ALA MA 9 79.52 -29.63 -33.47
C ALA MA 9 79.07 -29.08 -32.12
N ILE MA 10 79.66 -27.94 -31.73
CA ILE MA 10 79.48 -27.42 -30.37
C ILE MA 10 78.12 -26.75 -30.22
N ARG MA 11 77.88 -25.66 -30.93
CA ARG MA 11 76.55 -25.05 -30.98
C ARG MA 11 76.06 -25.00 -32.42
N PRO MA 12 75.39 -26.04 -32.88
CA PRO MA 12 74.47 -25.87 -34.01
C PRO MA 12 73.18 -25.20 -33.58
N ARG MA 13 73.15 -23.87 -33.65
CA ARG MA 13 71.98 -23.05 -33.37
C ARG MA 13 70.88 -23.29 -34.40
N SER MA 14 69.75 -22.55 -34.35
CA SER MA 14 68.39 -23.08 -34.54
C SER MA 14 68.06 -23.83 -35.83
N LEU MA 15 69.06 -24.29 -36.58
CA LEU MA 15 68.95 -25.44 -37.47
C LEU MA 15 68.31 -26.68 -36.83
N ARG MA 16 68.35 -26.82 -35.50
CA ARG MA 16 67.77 -27.97 -34.81
C ARG MA 16 66.25 -28.02 -34.91
N ASN MA 17 65.58 -26.88 -35.18
CA ASN MA 17 64.16 -26.92 -35.51
C ASN MA 17 63.92 -27.70 -36.79
N GLN MA 18 64.86 -27.61 -37.74
CA GLN MA 18 64.76 -28.42 -38.94
C GLN MA 18 65.12 -29.87 -38.66
N LEU MA 19 65.90 -30.12 -37.60
CA LEU MA 19 66.15 -31.49 -37.18
C LEU MA 19 64.92 -32.16 -36.55
N ARG MA 20 63.88 -31.39 -36.23
CA ARG MA 20 62.62 -31.96 -35.77
C ARG MA 20 61.76 -32.40 -36.95
N HIS MA 21 61.82 -31.68 -38.06
CA HIS MA 21 60.98 -31.96 -39.23
C HIS MA 21 61.66 -32.85 -40.26
N GLU MA 22 62.76 -33.52 -39.90
CA GLU MA 22 63.46 -34.41 -40.81
C GLU MA 22 63.71 -35.79 -40.23
N GLY MA 23 63.36 -36.02 -38.97
CA GLY MA 23 63.52 -37.32 -38.36
C GLY MA 23 64.92 -37.60 -37.86
N LYS MA 24 65.47 -36.69 -37.06
CA LYS MA 24 66.82 -36.81 -36.55
C LYS MA 24 66.82 -36.82 -35.02
N VAL MA 25 67.89 -37.35 -34.45
CA VAL MA 25 68.03 -37.46 -32.99
C VAL MA 25 69.21 -36.66 -32.50
N PRO MA 26 68.98 -35.52 -31.84
CA PRO MA 26 70.04 -34.85 -31.09
C PRO MA 26 70.28 -35.53 -29.74
N ALA MA 27 71.39 -36.25 -29.63
CA ALA MA 27 71.62 -37.14 -28.51
C ALA MA 27 72.91 -36.82 -27.77
N ILE MA 28 72.87 -37.06 -26.46
CA ILE MA 28 73.94 -36.81 -25.51
C ILE MA 28 74.69 -38.12 -25.29
N VAL MA 29 75.97 -38.05 -24.93
CA VAL MA 29 76.64 -39.14 -24.24
C VAL MA 29 77.71 -38.55 -23.33
N TYR MA 30 77.80 -39.05 -22.09
CA TYR MA 30 78.92 -38.78 -21.20
C TYR MA 30 79.15 -39.98 -20.29
N GLY MA 31 80.40 -40.39 -20.17
CA GLY MA 31 80.67 -41.67 -19.56
C GLY MA 31 82.02 -41.88 -18.91
N TYR MA 32 82.63 -43.03 -19.19
CA TYR MA 32 83.75 -43.53 -18.41
C TYR MA 32 85.11 -43.12 -18.99
N GLN MA 33 85.45 -43.60 -20.18
CA GLN MA 33 86.77 -43.29 -20.73
C GLN MA 33 86.78 -41.94 -21.42
N ILE MA 34 86.01 -41.79 -22.48
CA ILE MA 34 86.00 -40.58 -23.30
C ILE MA 34 84.86 -39.71 -22.80
N GLU MA 35 85.17 -38.42 -22.55
CA GLU MA 35 84.30 -37.55 -21.77
C GLU MA 35 82.95 -37.27 -22.41
N SER MA 36 82.90 -36.53 -23.52
CA SER MA 36 81.61 -36.02 -24.00
C SER MA 36 81.70 -35.53 -25.44
N THR MA 37 80.81 -36.05 -26.29
CA THR MA 37 80.57 -35.61 -27.66
C THR MA 37 79.07 -35.70 -27.94
N PRO MA 38 78.53 -34.81 -28.79
CA PRO MA 38 77.18 -35.04 -29.32
C PRO MA 38 77.19 -35.85 -30.61
N ILE MA 39 76.24 -36.77 -30.72
CA ILE MA 39 76.24 -37.81 -31.75
C ILE MA 39 74.86 -37.91 -32.41
N TYR MA 40 74.83 -38.03 -33.74
CA TYR MA 40 73.59 -38.31 -34.45
C TYR MA 40 73.05 -39.70 -34.16
N PHE MA 41 71.73 -39.83 -34.24
CA PHE MA 41 71.06 -41.12 -34.35
C PHE MA 41 69.86 -41.01 -35.27
N GLU MA 42 69.45 -42.14 -35.83
CA GLU MA 42 68.20 -42.27 -36.55
C GLU MA 42 67.37 -43.39 -35.93
N GLU MA 43 66.06 -43.15 -35.85
CA GLU MA 43 65.17 -43.79 -34.90
C GLU MA 43 64.90 -45.27 -35.19
N LYS MA 44 65.21 -45.75 -36.40
CA LYS MA 44 64.94 -47.13 -36.78
C LYS MA 44 66.11 -48.07 -36.51
N ASP MA 45 66.90 -47.81 -35.46
CA ASP MA 45 67.94 -48.75 -35.03
C ASP MA 45 67.81 -49.18 -33.57
N LEU MA 46 67.09 -48.43 -32.74
CA LEU MA 46 66.91 -48.83 -31.35
C LEU MA 46 65.85 -49.91 -31.21
N SER MA 47 64.86 -49.94 -32.12
CA SER MA 47 63.70 -50.80 -31.99
C SER MA 47 64.04 -52.29 -32.14
N LYS MA 48 65.16 -52.62 -32.77
CA LYS MA 48 65.64 -53.99 -32.72
C LYS MA 48 66.14 -54.32 -31.31
N ILE MA 49 66.91 -53.41 -30.72
CA ILE MA 49 67.36 -53.57 -29.34
C ILE MA 49 66.19 -53.42 -28.37
N LEU MA 50 65.26 -52.51 -28.66
CA LEU MA 50 64.11 -52.30 -27.79
C LEU MA 50 63.17 -53.51 -27.78
N ARG MA 51 62.68 -53.89 -28.95
CA ARG MA 51 61.72 -54.99 -29.02
C ARG MA 51 62.38 -56.36 -29.11
N GLU MA 52 63.71 -56.44 -29.03
CA GLU MA 52 64.39 -57.72 -28.87
C GLU MA 52 64.80 -57.98 -27.42
N HIS MA 53 65.22 -56.95 -26.70
CA HIS MA 53 65.80 -57.15 -25.37
C HIS MA 53 65.01 -56.47 -24.27
N GLY MA 54 64.74 -55.16 -24.38
CA GLY MA 54 63.95 -54.51 -23.36
C GLY MA 54 64.41 -53.12 -22.95
N ALA MA 55 64.65 -52.92 -21.65
CA ALA MA 55 65.01 -51.61 -21.12
C ALA MA 55 66.28 -51.60 -20.29
N ASN MA 56 66.97 -52.73 -20.13
CA ASN MA 56 68.26 -52.81 -19.46
C ASN MA 56 69.28 -53.47 -20.38
N THR MA 57 69.36 -52.96 -21.59
CA THR MA 57 70.17 -53.54 -22.65
C THR MA 57 71.63 -53.09 -22.52
N VAL MA 58 72.46 -53.53 -23.46
CA VAL MA 58 73.85 -53.09 -23.58
C VAL MA 58 74.02 -52.57 -25.00
N ILE MA 59 74.02 -51.25 -25.15
CA ILE MA 59 74.36 -50.61 -26.41
C ILE MA 59 75.87 -50.52 -26.52
N LYS MA 60 76.41 -51.03 -27.63
CA LYS MA 60 77.84 -51.03 -27.85
C LYS MA 60 78.19 -49.90 -28.83
N MET MA 61 78.32 -48.70 -28.28
CA MET MA 61 78.65 -47.50 -29.04
C MET MA 61 80.05 -47.61 -29.64
N THR MA 62 80.28 -46.92 -30.75
CA THR MA 62 81.55 -46.99 -31.45
C THR MA 62 82.21 -45.63 -31.51
N VAL MA 63 83.54 -45.66 -31.69
CA VAL MA 63 84.32 -44.49 -32.06
C VAL MA 63 84.84 -44.85 -33.45
N ASP MA 64 83.99 -45.56 -34.20
CA ASP MA 64 84.34 -46.32 -35.40
C ASP MA 64 85.48 -47.29 -35.12
N GLY MA 65 85.37 -47.97 -33.98
CA GLY MA 65 86.39 -48.89 -33.50
C GLY MA 65 85.85 -49.86 -32.48
N LYS MA 66 86.61 -50.10 -31.42
CA LYS MA 66 86.18 -50.99 -30.36
C LYS MA 66 85.02 -50.40 -29.59
N ASN MA 67 84.20 -51.27 -29.00
CA ASN MA 67 82.89 -50.86 -28.51
C ASN MA 67 82.95 -50.25 -27.12
N ILE MA 68 81.87 -49.56 -26.76
CA ILE MA 68 81.69 -48.89 -25.47
C ILE MA 68 80.32 -49.29 -24.95
N ASN MA 69 80.29 -50.08 -23.88
CA ASN MA 69 79.04 -50.57 -23.32
C ASN MA 69 78.37 -49.47 -22.52
N THR MA 70 77.10 -49.19 -22.81
CA THR MA 70 76.37 -48.15 -22.09
C THR MA 70 75.23 -48.75 -21.29
N LEU MA 71 74.71 -47.92 -20.39
CA LEU MA 71 73.72 -48.33 -19.38
C LEU MA 71 72.60 -47.29 -19.32
N MET MA 72 71.92 -47.12 -20.47
CA MET MA 72 71.00 -46.07 -20.88
C MET MA 72 70.17 -45.40 -19.79
N SER MA 73 70.20 -44.08 -19.73
CA SER MA 73 69.53 -43.36 -18.65
C SER MA 73 68.14 -42.92 -19.06
N LYS MA 74 68.05 -42.11 -20.12
CA LYS MA 74 66.76 -41.68 -20.63
C LYS MA 74 66.75 -41.77 -22.14
N ALA MA 75 65.71 -42.39 -22.69
CA ALA MA 75 65.40 -42.34 -24.10
C ALA MA 75 63.92 -42.00 -24.18
N GLN MA 76 63.61 -40.70 -24.13
CA GLN MA 76 62.25 -40.27 -23.83
C GLN MA 76 61.58 -39.68 -25.07
N LEU MA 77 60.30 -39.34 -24.90
CA LEU MA 77 59.47 -38.84 -25.97
C LEU MA 77 59.27 -37.33 -25.85
N ASP MA 78 58.64 -36.77 -26.87
CA ASP MA 78 58.08 -35.44 -26.77
C ASP MA 78 56.56 -35.55 -26.83
N THR MA 79 55.88 -34.55 -26.28
CA THR MA 79 54.42 -34.55 -26.27
C THR MA 79 53.86 -34.45 -27.67
N PHE MA 80 52.76 -35.20 -27.90
CA PHE MA 80 51.93 -35.22 -29.10
C PHE MA 80 52.65 -35.86 -30.29
N THR MA 81 53.90 -36.29 -30.11
CA THR MA 81 54.72 -36.78 -31.23
C THR MA 81 55.03 -38.26 -31.13
N GLY MA 82 55.66 -38.71 -30.05
CA GLY MA 82 56.16 -40.06 -29.99
C GLY MA 82 57.41 -40.23 -30.83
N GLN MA 83 58.48 -39.54 -30.46
CA GLN MA 83 59.75 -39.60 -31.18
C GLN MA 83 60.88 -39.29 -30.19
N MET MA 84 62.10 -39.16 -30.69
CA MET MA 84 63.30 -39.17 -29.85
C MET MA 84 63.83 -37.75 -29.67
N LEU MA 85 63.75 -37.25 -28.43
CA LEU MA 85 64.37 -35.99 -28.03
C LEU MA 85 64.87 -36.10 -26.59
N HIS MA 86 65.88 -35.29 -26.27
CA HIS MA 86 66.49 -35.19 -24.94
C HIS MA 86 66.95 -36.56 -24.44
N VAL MA 87 67.67 -37.27 -25.30
CA VAL MA 87 68.00 -38.67 -25.06
C VAL MA 87 69.32 -38.66 -24.29
N GLU MA 88 69.22 -38.48 -22.96
CA GLU MA 88 70.40 -38.51 -22.10
C GLU MA 88 70.95 -39.93 -22.05
N PHE MA 89 72.15 -40.14 -22.59
CA PHE MA 89 72.80 -41.42 -22.39
C PHE MA 89 73.48 -41.43 -21.02
N LEU MA 90 74.10 -42.58 -20.73
CA LEU MA 90 74.90 -42.84 -19.55
C LEU MA 90 75.60 -44.16 -19.78
N SER MA 91 76.85 -44.27 -19.32
CA SER MA 91 77.61 -45.50 -19.56
C SER MA 91 78.50 -45.80 -18.38
N VAL MA 92 78.25 -46.93 -17.74
CA VAL MA 92 79.13 -47.52 -16.74
C VAL MA 92 79.53 -48.88 -17.32
N ASN MA 93 80.64 -49.42 -16.84
CA ASN MA 93 81.29 -50.57 -17.46
C ASN MA 93 80.55 -51.87 -17.15
N MET MA 94 81.20 -53.00 -17.42
CA MET MA 94 80.67 -54.34 -17.18
C MET MA 94 80.35 -54.59 -15.70
N SER NA 1 32.10 1.34 -5.00
CA SER NA 1 32.03 0.48 -3.84
C SER NA 1 33.33 -0.29 -3.67
N THR NA 2 34.44 0.42 -3.82
CA THR NA 2 35.77 -0.15 -3.64
C THR NA 2 36.50 0.58 -2.52
N SER NA 3 37.24 -0.18 -1.72
CA SER NA 3 38.01 0.37 -0.61
C SER NA 3 39.51 0.20 -0.85
N ASN NA 4 39.95 0.49 -2.07
CA ASN NA 4 41.36 0.41 -2.42
C ASN NA 4 41.82 1.71 -3.04
N GLY NA 5 42.99 1.69 -3.67
CA GLY NA 5 43.50 2.90 -4.28
C GLY NA 5 44.30 3.71 -3.28
N ARG NA 6 45.32 3.09 -2.71
CA ARG NA 6 46.21 3.73 -1.75
C ARG NA 6 47.63 3.32 -2.07
N ASP NA 7 48.54 4.28 -2.11
CA ASP NA 7 49.95 3.95 -2.24
C ASP NA 7 50.81 4.93 -1.49
N SER NA 8 52.07 4.55 -1.39
CA SER NA 8 53.16 5.38 -0.92
C SER NA 8 53.88 5.95 -2.13
N GLU NA 9 54.72 6.95 -1.88
CA GLU NA 9 55.57 7.42 -2.95
C GLU NA 9 56.69 6.44 -3.21
N SER NA 10 57.26 6.52 -4.40
CA SER NA 10 58.43 5.74 -4.71
C SER NA 10 59.64 6.45 -4.10
N LYS NA 11 60.51 5.70 -3.43
CA LYS NA 11 61.58 6.32 -2.66
C LYS NA 11 62.97 5.98 -3.17
N ARG NA 12 63.07 5.33 -4.32
CA ARG NA 12 64.22 5.42 -5.22
C ARG NA 12 65.49 4.87 -4.60
N LEU NA 13 65.44 3.58 -4.30
CA LEU NA 13 66.57 2.87 -3.70
C LEU NA 13 67.57 2.49 -4.78
N GLY NA 14 68.46 1.56 -4.48
CA GLY NA 14 69.34 1.01 -5.49
C GLY NA 14 70.70 1.68 -5.50
N ALA NA 15 71.66 1.01 -6.13
CA ALA NA 15 73.02 1.49 -6.20
C ALA NA 15 73.13 2.75 -7.03
N LYS NA 16 73.82 3.74 -6.50
CA LYS NA 16 73.89 5.04 -7.13
C LYS NA 16 75.26 5.36 -7.67
N SER NA 17 76.15 4.38 -7.72
CA SER NA 17 77.40 4.49 -8.44
C SER NA 17 77.90 3.08 -8.72
N ALA NA 18 78.55 2.92 -9.85
CA ALA NA 18 78.99 1.60 -10.29
C ALA NA 18 80.36 1.27 -9.71
N ASP NA 19 80.99 0.24 -10.24
CA ASP NA 19 82.37 -0.02 -9.88
C ASP NA 19 83.30 0.84 -10.72
N GLY NA 20 84.55 0.89 -10.31
CA GLY NA 20 85.56 1.56 -11.10
C GLY NA 20 85.48 3.07 -11.15
N GLN NA 21 84.59 3.70 -10.38
CA GLN NA 21 84.52 5.15 -10.43
C GLN NA 21 85.64 5.76 -9.61
N THR NA 22 85.75 7.08 -9.70
CA THR NA 22 86.51 7.88 -8.75
C THR NA 22 85.50 8.65 -7.90
N VAL NA 23 85.49 8.37 -6.61
CA VAL NA 23 84.38 8.70 -5.73
C VAL NA 23 84.88 9.60 -4.62
N THR NA 24 84.26 10.76 -4.46
CA THR NA 24 84.72 11.72 -3.48
C THR NA 24 84.26 11.32 -2.08
N GLY NA 25 84.66 12.13 -1.10
CA GLY NA 25 84.42 11.77 0.28
C GLY NA 25 82.97 11.95 0.67
N GLY NA 26 82.40 10.92 1.30
CA GLY NA 26 81.10 11.03 1.92
C GLY NA 26 79.91 10.97 0.99
N SER NA 27 80.03 10.27 -0.13
CA SER NA 27 78.93 10.18 -1.07
C SER NA 27 78.28 8.82 -0.99
N ILE NA 28 76.99 8.78 -1.31
CA ILE NA 28 76.17 7.59 -1.10
C ILE NA 28 76.51 6.56 -2.17
N LEU NA 29 76.48 5.29 -1.81
CA LEU NA 29 76.78 4.23 -2.77
C LEU NA 29 75.59 3.32 -3.06
N TYR NA 30 74.99 2.71 -2.05
CA TYR NA 30 73.93 1.74 -2.28
C TYR NA 30 72.88 1.91 -1.18
N ARG NA 31 71.83 2.67 -1.47
CA ARG NA 31 70.82 2.94 -0.47
C ARG NA 31 69.93 1.73 -0.26
N GLN NA 32 69.77 1.32 1.00
CA GLN NA 32 69.05 0.14 1.41
C GLN NA 32 67.88 0.55 2.29
N ARG NA 33 66.98 -0.41 2.52
CA ARG NA 33 66.24 -0.52 3.77
C ARG NA 33 66.31 -1.97 4.20
N GLY NA 34 66.94 -2.19 5.35
CA GLY NA 34 67.39 -3.50 5.72
C GLY NA 34 68.75 -3.75 5.14
N THR NA 35 69.65 -4.31 5.94
CA THR NA 35 71.01 -4.57 5.48
C THR NA 35 71.01 -5.71 4.47
N LYS NA 36 71.20 -5.38 3.20
CA LYS NA 36 71.41 -6.38 2.17
C LYS NA 36 72.87 -6.54 1.80
N ILE NA 37 73.66 -5.48 1.90
CA ILE NA 37 75.07 -5.52 1.58
C ILE NA 37 75.84 -4.85 2.70
N TYR NA 38 76.76 -5.58 3.32
CA TYR NA 38 77.53 -5.04 4.43
C TYR NA 38 78.68 -4.19 3.92
N PRO NA 39 79.18 -3.27 4.73
CA PRO NA 39 80.33 -2.47 4.32
C PRO NA 39 81.65 -3.16 4.61
N GLY NA 40 82.68 -2.71 3.91
CA GLY NA 40 84.01 -3.21 4.12
C GLY NA 40 84.98 -2.11 4.48
N VAL NA 41 86.00 -1.92 3.67
CA VAL NA 41 87.02 -0.92 3.94
C VAL NA 41 86.46 0.46 3.62
N ASN NA 42 86.63 1.40 4.56
CA ASN NA 42 86.35 2.83 4.38
C ASN NA 42 84.88 3.15 4.14
N VAL NA 43 83.97 2.23 4.42
CA VAL NA 43 82.56 2.45 4.17
C VAL NA 43 81.82 2.29 5.48
N GLY NA 44 80.99 3.28 5.81
CA GLY NA 44 80.19 3.24 7.01
C GLY NA 44 78.70 3.16 6.69
N ILE NA 45 77.90 3.12 7.75
CA ILE NA 45 76.45 2.95 7.64
C ILE NA 45 75.78 4.10 8.37
N GLY NA 46 74.86 4.77 7.70
CA GLY NA 46 74.10 5.83 8.30
C GLY NA 46 72.90 5.31 9.07
N GLY NA 47 71.95 6.21 9.32
CA GLY NA 47 70.79 5.84 10.11
C GLY NA 47 69.87 4.87 9.39
N ASP NA 48 69.63 5.09 8.11
CA ASP NA 48 68.73 4.25 7.31
C ASP NA 48 69.51 3.31 6.42
N ASP NA 49 70.59 2.73 6.94
CA ASP NA 49 71.35 1.63 6.36
C ASP NA 49 71.99 1.97 5.01
N THR NA 50 72.28 3.24 4.74
CA THR NA 50 72.93 3.59 3.49
C THR NA 50 74.43 3.34 3.60
N LEU NA 51 75.19 3.65 2.56
CA LEU NA 51 76.61 3.31 2.52
C LEU NA 51 77.42 4.46 1.95
N PHE NA 52 78.38 4.99 2.72
CA PHE NA 52 79.14 6.13 2.28
C PHE NA 52 80.39 5.68 1.55
N ALA NA 53 81.29 6.62 1.33
CA ALA NA 53 82.72 6.36 1.13
C ALA NA 53 83.46 7.40 1.95
N LYS NA 54 84.18 6.96 2.98
CA LYS NA 54 84.84 7.88 3.89
C LYS NA 54 86.03 8.57 3.21
N VAL NA 55 86.85 7.82 2.51
CA VAL NA 55 88.04 8.33 1.87
C VAL NA 55 87.80 8.33 0.36
N ASP NA 56 88.42 9.29 -0.32
CA ASP NA 56 88.31 9.35 -1.78
C ASP NA 56 88.93 8.12 -2.42
N GLY NA 57 88.25 7.54 -3.39
CA GLY NA 57 88.80 6.35 -4.03
C GLY NA 57 87.82 5.67 -4.97
N VAL NA 58 88.02 4.36 -5.12
CA VAL NA 58 87.41 3.57 -6.19
C VAL NA 58 86.54 2.50 -5.56
N VAL NA 59 85.25 2.50 -5.88
CA VAL NA 59 84.31 1.55 -5.31
C VAL NA 59 84.46 0.20 -6.01
N ARG NA 60 84.65 -0.87 -5.24
CA ARG NA 60 84.64 -2.21 -5.79
C ARG NA 60 83.83 -3.12 -4.88
N PHE NA 61 83.15 -4.10 -5.48
CA PHE NA 61 82.23 -4.96 -4.77
C PHE NA 61 82.82 -6.35 -4.58
N GLU NA 62 82.44 -6.99 -3.47
CA GLU NA 62 83.05 -8.24 -3.02
C GLU NA 62 81.93 -9.15 -2.52
N ARG NA 63 82.29 -10.27 -1.88
CA ARG NA 63 81.30 -11.18 -1.33
C ARG NA 63 81.88 -11.99 -0.18
N LYS NA 64 81.07 -12.21 0.84
CA LYS NA 64 81.50 -12.79 2.11
C LYS NA 64 81.30 -14.30 2.11
N GLY NA 65 81.94 -14.97 1.16
CA GLY NA 65 81.78 -16.41 1.09
C GLY NA 65 80.55 -16.82 0.30
N ARG NA 66 79.48 -17.20 1.00
CA ARG NA 66 78.28 -17.61 0.31
C ARG NA 66 77.14 -16.61 0.38
N ASP NA 67 76.87 -16.02 1.54
CA ASP NA 67 75.59 -15.33 1.69
C ASP NA 67 75.62 -13.91 1.14
N LYS NA 68 76.37 -13.00 1.76
CA LYS NA 68 76.12 -11.60 1.49
C LYS NA 68 77.39 -10.90 1.01
N LYS NA 69 77.21 -9.68 0.52
CA LYS NA 69 78.18 -9.00 -0.31
C LYS NA 69 78.79 -7.83 0.44
N GLN NA 70 79.83 -7.23 -0.15
CA GLN NA 70 80.55 -6.15 0.48
C GLN NA 70 80.82 -5.03 -0.50
N VAL NA 71 80.95 -3.83 0.06
CA VAL NA 71 81.42 -2.66 -0.67
C VAL NA 71 82.66 -2.16 0.03
N SER NA 72 83.70 -1.84 -0.73
CA SER NA 72 84.90 -1.31 -0.13
C SER NA 72 85.57 -0.37 -1.11
N VAL NA 73 86.24 0.65 -0.57
CA VAL NA 73 86.85 1.70 -1.35
C VAL NA 73 88.35 1.60 -1.20
N TYR NA 74 89.06 1.53 -2.33
CA TYR NA 74 90.52 1.48 -2.32
C TYR NA 74 91.06 2.75 -2.97
N PRO NA 75 91.88 3.52 -2.30
CA PRO NA 75 92.48 4.69 -2.95
C PRO NA 75 93.57 4.32 -3.93
CA VAL NA 76 95.23 5.10 -5.53
C VAL NA 76 96.49 4.45 -4.99
N ALA OA 1 12.08 70.22 12.59
CA ALA OA 1 13.51 70.38 12.79
C ALA OA 1 14.19 70.60 11.46
N LYS OA 2 14.52 71.84 11.12
CA LYS OA 2 15.24 72.10 9.88
C LYS OA 2 16.59 72.75 10.08
N VAL OA 3 16.69 73.85 10.83
CA VAL OA 3 17.93 74.59 11.04
C VAL OA 3 17.97 75.08 12.49
N CYS OA 4 19.02 75.83 12.81
CA CYS OA 4 19.01 76.71 13.95
C CYS OA 4 18.74 78.14 13.50
N TYR OA 5 18.31 78.95 14.45
CA TYR OA 5 18.13 80.37 14.19
C TYR OA 5 19.32 81.19 14.63
N PHE OA 6 20.14 80.65 15.53
CA PHE OA 6 21.28 81.35 16.10
C PHE OA 6 22.60 80.71 15.73
N THR OA 7 22.72 79.40 15.92
CA THR OA 7 23.90 78.69 15.45
C THR OA 7 23.66 78.21 14.02
N GLY OA 8 24.55 77.37 13.51
CA GLY OA 8 24.42 76.90 12.15
C GLY OA 8 24.25 75.41 12.04
N ARG OA 9 23.44 74.82 12.91
CA ARG OA 9 23.26 73.38 12.95
C ARG OA 9 22.16 72.97 11.99
N LYS OA 10 22.45 71.94 11.19
CA LYS OA 10 21.49 71.38 10.27
C LYS OA 10 21.79 69.90 10.13
N THR OA 11 20.80 69.16 9.63
CA THR OA 11 20.92 67.72 9.51
C THR OA 11 21.90 67.34 8.41
N SER OA 12 22.44 66.13 8.51
CA SER OA 12 23.56 65.71 7.68
C SER OA 12 23.52 64.19 7.57
N SER OA 13 24.63 63.60 7.12
CA SER OA 13 24.63 62.17 6.85
C SER OA 13 26.02 61.60 7.04
N GLY OA 14 26.06 60.32 7.41
CA GLY OA 14 27.31 59.61 7.61
C GLY OA 14 27.07 58.13 7.69
N ASN OA 15 28.16 57.38 7.80
CA ASN OA 15 28.11 55.93 7.65
C ASN OA 15 27.57 55.25 8.91
N ASN OA 16 27.65 53.91 8.93
CA ASN OA 16 27.17 53.11 10.04
C ASN OA 16 27.88 51.78 9.96
N ARG OA 17 28.94 51.59 10.75
CA ARG OA 17 29.67 50.33 10.77
C ARG OA 17 29.13 49.45 11.88
N SER OA 18 29.21 48.13 11.68
CA SER OA 18 28.65 47.22 12.68
C SER OA 18 29.43 45.91 12.67
N HIS OA 19 30.48 45.84 13.50
CA HIS OA 19 31.09 44.64 14.07
C HIS OA 19 31.80 43.73 13.07
N ALA OA 20 31.60 43.99 11.78
CA ALA OA 20 32.40 43.46 10.69
C ALA OA 20 32.08 44.47 9.61
N MET OA 21 33.07 45.25 9.20
CA MET OA 21 32.84 46.68 8.99
C MET OA 21 31.97 47.00 7.79
N ASN OA 22 30.70 46.59 7.84
CA ASN OA 22 29.75 46.84 6.77
C ASN OA 22 29.16 48.22 6.95
N SER OA 23 29.10 48.98 5.86
CA SER OA 23 28.71 50.38 5.92
C SER OA 23 27.37 50.61 5.24
N THR OA 24 26.52 51.39 5.89
CA THR OA 24 25.28 51.88 5.32
C THR OA 24 25.27 53.40 5.46
N LYS OA 25 24.13 54.06 5.30
CA LYS OA 25 24.07 55.51 5.39
C LYS OA 25 23.03 55.94 6.42
N ARG OA 26 23.42 56.81 7.34
CA ARG OA 26 22.56 57.29 8.41
C ARG OA 26 21.90 58.61 8.04
N THR OA 27 21.20 59.19 9.02
CA THR OA 27 20.74 60.57 9.03
C THR OA 27 21.08 61.13 10.41
N VAL OA 28 22.26 61.72 10.56
CA VAL OA 28 22.66 62.31 11.82
C VAL OA 28 21.98 63.67 11.94
N LYS OA 29 21.08 63.82 12.90
CA LYS OA 29 20.33 65.05 13.02
C LYS OA 29 20.63 65.74 14.33
N PRO OA 30 20.62 67.07 14.36
CA PRO OA 30 20.84 67.76 15.62
C PRO OA 30 19.60 67.74 16.51
N ASN OA 31 19.85 67.77 17.82
CA ASN OA 31 18.78 68.06 18.76
C ASN OA 31 18.28 69.47 18.51
N LEU OA 32 16.96 69.61 18.36
CA LEU OA 32 16.35 70.91 18.15
C LEU OA 32 15.05 70.98 18.93
N GLN OA 33 14.70 72.18 19.37
CA GLN OA 33 13.51 72.41 20.17
C GLN OA 33 12.82 73.69 19.70
N LYS OA 34 11.49 73.67 19.65
CA LYS OA 34 10.72 74.87 19.32
C LYS OA 34 10.56 75.72 20.57
N VAL OA 35 11.22 76.88 20.59
CA VAL OA 35 11.32 77.73 21.77
C VAL OA 35 10.76 79.09 21.42
N ARG OA 36 9.93 79.65 22.29
CA ARG OA 36 9.43 81.01 22.13
C ARG OA 36 10.48 82.00 22.62
N VAL OA 37 11.07 82.77 21.70
CA VAL OA 37 12.12 83.73 22.03
C VAL OA 37 11.65 85.13 21.65
N LEU OA 38 12.44 86.12 22.04
CA LEU OA 38 12.08 87.53 21.88
C LEU OA 38 12.91 88.12 20.76
N ILE OA 39 12.42 88.01 19.53
CA ILE OA 39 13.08 88.59 18.36
C ILE OA 39 12.58 90.01 18.20
N ASP OA 40 13.45 90.99 18.48
CA ASP OA 40 13.16 92.42 18.40
C ASP OA 40 11.95 92.81 19.25
N GLY OA 41 11.85 92.22 20.43
CA GLY OA 41 10.72 92.44 21.33
C GLY OA 41 9.49 91.60 21.05
N LYS OA 42 9.14 91.42 19.79
CA LYS OA 42 7.95 90.66 19.44
C LYS OA 42 8.24 89.17 19.55
N PRO OA 43 7.48 88.42 20.34
CA PRO OA 43 7.75 86.99 20.46
C PRO OA 43 7.36 86.22 19.22
N LYS OA 44 8.21 85.27 18.84
CA LYS OA 44 7.98 84.32 17.77
C LYS OA 44 8.00 82.90 18.34
N LYS OA 45 7.93 81.92 17.45
CA LYS OA 45 8.31 80.55 17.78
C LYS OA 45 9.28 80.09 16.71
N VAL OA 46 10.37 79.45 17.13
CA VAL OA 46 11.48 79.20 16.22
C VAL OA 46 12.26 78.01 16.75
N TRP OA 47 13.00 77.34 15.87
CA TRP OA 47 13.80 76.20 16.27
C TRP OA 47 15.15 76.68 16.80
N VAL OA 48 15.48 76.28 18.03
CA VAL OA 48 16.74 76.59 18.67
C VAL OA 48 17.32 75.29 19.19
N SER OA 49 18.63 75.07 18.99
CA SER OA 49 19.28 73.91 19.57
C SER OA 49 19.35 74.04 21.08
N ALA OA 50 19.42 72.89 21.75
CA ALA OA 50 19.59 72.89 23.20
C ALA OA 50 20.98 73.34 23.62
N ARG OA 51 21.94 73.31 22.69
CA ARG OA 51 23.31 73.73 22.98
C ARG OA 51 23.38 75.22 23.28
N ALA OA 52 22.52 76.02 22.66
CA ALA OA 52 22.48 77.44 22.94
C ALA OA 52 21.53 77.79 24.07
N LEU OA 53 21.03 76.81 24.81
CA LEU OA 53 20.21 77.06 25.98
C LEU OA 53 20.99 76.94 27.28
N LYS OA 54 22.30 76.73 27.22
CA LYS OA 54 23.13 76.73 28.40
C LYS OA 54 23.25 78.13 29.00
N LYS PA 1 12.61 115.72 -49.81
CA LYS PA 1 12.95 114.39 -49.32
C LYS PA 1 13.42 114.39 -47.86
N VAL PA 2 14.42 115.19 -47.50
CA VAL PA 2 14.90 115.33 -46.14
C VAL PA 2 14.93 116.81 -45.79
N LYS PA 3 15.55 117.59 -46.68
CA LYS PA 3 15.92 118.97 -46.37
C LYS PA 3 14.69 119.86 -46.21
N GLU PA 4 13.80 119.86 -47.19
CA GLU PA 4 12.59 120.67 -47.06
C GLU PA 4 11.62 120.08 -46.06
N ILE PA 5 11.74 118.78 -45.77
CA ILE PA 5 11.04 118.22 -44.62
C ILE PA 5 11.58 118.82 -43.33
N ARG PA 6 12.87 119.12 -43.28
CA ARG PA 6 13.42 119.85 -42.15
C ARG PA 6 13.15 121.34 -42.19
N GLU PA 7 12.45 121.83 -43.21
CA GLU PA 7 12.10 123.24 -43.30
C GLU PA 7 10.70 123.55 -42.81
N LEU PA 8 9.85 122.55 -42.63
CA LEU PA 8 8.44 122.78 -42.36
C LEU PA 8 8.23 123.16 -40.90
N THR PA 9 6.97 123.44 -40.56
CA THR PA 9 6.56 123.61 -39.17
C THR PA 9 6.28 122.24 -38.57
N THR PA 10 5.53 122.20 -37.47
CA THR PA 10 5.19 120.91 -36.90
C THR PA 10 3.88 120.34 -37.44
N ALA PA 11 2.86 121.19 -37.65
CA ALA PA 11 1.55 120.67 -38.05
C ALA PA 11 1.54 120.19 -39.49
N GLU PA 12 2.32 120.85 -40.35
CA GLU PA 12 2.39 120.48 -41.76
C GLU PA 12 3.01 119.12 -41.97
N MET PA 13 3.85 118.68 -41.03
CA MET PA 13 4.32 117.30 -41.01
C MET PA 13 3.15 116.33 -40.90
N LEU PA 14 2.24 116.60 -39.97
CA LEU PA 14 1.08 115.73 -39.78
C LEU PA 14 0.13 115.79 -40.96
N ASP PA 15 0.02 116.97 -41.59
CA ASP PA 15 -0.80 117.11 -42.78
C ASP PA 15 -0.26 116.28 -43.94
N LYS PA 16 1.06 116.31 -44.12
CA LYS PA 16 1.63 115.48 -45.17
C LYS PA 16 1.57 114.00 -44.83
N GLU PA 17 1.57 113.64 -43.54
CA GLU PA 17 1.35 112.24 -43.17
C GLU PA 17 -0.03 111.76 -43.61
N LYS PA 18 -1.06 112.58 -43.34
CA LYS PA 18 -2.41 112.19 -43.74
C LYS PA 18 -2.55 112.09 -45.26
N GLN PA 19 -1.94 113.03 -45.98
CA GLN PA 19 -2.01 113.00 -47.44
C GLN PA 19 -1.31 111.78 -48.01
N LEU PA 20 -0.18 111.38 -47.42
CA LEU PA 20 0.52 110.23 -47.94
C LEU PA 20 -0.17 108.91 -47.59
N LYS PA 21 -0.86 108.84 -46.45
CA LYS PA 21 -1.66 107.64 -46.19
C LYS PA 21 -2.84 107.52 -47.14
N GLU PA 22 -3.46 108.65 -47.50
CA GLU PA 22 -4.53 108.58 -48.48
C GLU PA 22 -4.01 108.20 -49.86
N GLU PA 23 -2.79 108.62 -50.20
CA GLU PA 23 -2.21 108.13 -51.44
C GLU PA 23 -1.90 106.65 -51.38
N LEU PA 24 -1.62 106.10 -50.20
CA LEU PA 24 -1.41 104.65 -50.12
C LEU PA 24 -2.70 103.86 -50.31
N PHE PA 25 -3.81 104.37 -49.77
CA PHE PA 25 -5.12 103.83 -50.16
C PHE PA 25 -5.33 103.83 -51.66
N ASN PA 26 -5.01 104.96 -52.31
CA ASN PA 26 -5.29 105.01 -53.74
C ASN PA 26 -4.39 104.09 -54.54
N LEU PA 27 -3.14 103.91 -54.11
CA LEU PA 27 -2.29 102.97 -54.82
C LEU PA 27 -2.67 101.52 -54.56
N ARG PA 28 -3.24 101.22 -53.39
CA ARG PA 28 -3.69 99.85 -53.14
C ARG PA 28 -4.90 99.50 -54.00
N PHE PA 29 -5.93 100.37 -54.00
CA PHE PA 29 -7.11 100.06 -54.80
C PHE PA 29 -6.82 100.12 -56.30
N GLN PA 30 -5.83 100.91 -56.71
CA GLN PA 30 -5.47 100.91 -58.11
C GLN PA 30 -4.42 99.86 -58.46
N LEU PA 31 -3.88 99.14 -57.49
CA LEU PA 31 -3.21 97.90 -57.84
C LEU PA 31 -4.17 96.73 -57.97
N ALA PA 32 -5.24 96.71 -57.18
CA ALA PA 32 -6.10 95.52 -57.21
C ALA PA 32 -6.87 95.40 -58.51
N THR PA 33 -7.14 96.51 -59.20
CA THR PA 33 -8.00 96.49 -60.37
C THR PA 33 -7.23 96.61 -61.68
N GLY PA 34 -5.95 96.22 -61.69
CA GLY PA 34 -5.18 96.18 -62.91
C GLY PA 34 -4.90 97.52 -63.55
N GLN PA 35 -4.12 98.35 -62.87
CA GLN PA 35 -3.86 99.71 -63.28
C GLN PA 35 -2.42 100.02 -62.88
N LEU PA 36 -2.10 101.31 -62.75
CA LEU PA 36 -0.82 101.78 -62.20
C LEU PA 36 0.39 101.35 -62.98
N GLU PA 37 0.62 101.99 -64.13
CA GLU PA 37 1.89 101.81 -64.84
C GLU PA 37 3.09 102.13 -63.95
N ASN PA 38 2.97 103.11 -63.06
CA ASN PA 38 3.93 103.27 -61.97
C ASN PA 38 3.55 102.36 -60.82
N THR PA 39 4.39 101.37 -60.54
CA THR PA 39 4.31 100.62 -59.30
C THR PA 39 5.46 100.93 -58.37
N ALA PA 40 6.49 101.63 -58.85
CA ALA PA 40 7.63 102.01 -58.04
C ALA PA 40 7.43 103.32 -57.31
N ARG PA 41 6.19 103.78 -57.20
CA ARG PA 41 5.87 104.87 -56.30
C ARG PA 41 5.42 104.39 -54.94
N ILE PA 42 5.37 103.08 -54.71
CA ILE PA 42 4.90 102.58 -53.44
C ILE PA 42 6.01 102.66 -52.39
N LYS PA 43 7.26 102.44 -52.79
CA LYS PA 43 8.38 102.65 -51.87
C LYS PA 43 8.51 104.11 -51.48
N GLU PA 44 8.18 105.02 -52.40
CA GLU PA 44 8.45 106.43 -52.16
C GLU PA 44 7.54 107.00 -51.09
N VAL PA 45 6.26 106.59 -51.09
CA VAL PA 45 5.33 107.11 -50.10
C VAL PA 45 5.65 106.56 -48.72
N ARG PA 46 6.04 105.28 -48.67
CA ARG PA 46 6.45 104.66 -47.42
C ARG PA 46 7.68 105.33 -46.83
N GLN PA 47 8.71 105.51 -47.65
CA GLN PA 47 9.95 106.10 -47.14
C GLN PA 47 9.79 107.57 -46.84
N SER PA 48 8.85 108.26 -47.50
CA SER PA 48 8.54 109.63 -47.12
C SER PA 48 7.87 109.69 -45.76
N ILE PA 49 6.94 108.78 -45.48
CA ILE PA 49 6.34 108.72 -44.15
C ILE PA 49 7.38 108.38 -43.09
N ALA PA 50 8.32 107.49 -43.44
CA ALA PA 50 9.39 107.12 -42.51
C ALA PA 50 10.28 108.31 -42.16
N ARG PA 51 10.69 109.06 -43.18
CA ARG PA 51 11.56 110.21 -42.95
C ARG PA 51 10.84 111.30 -42.15
N ILE PA 52 9.54 111.49 -42.40
CA ILE PA 52 8.77 112.45 -41.63
C ILE PA 52 8.67 112.03 -40.16
N LYS PA 53 8.49 110.73 -39.91
CA LYS PA 53 8.38 110.32 -38.52
C LYS PA 53 9.72 110.37 -37.79
N THR PA 54 10.83 110.16 -38.49
CA THR PA 54 12.12 110.32 -37.81
C THR PA 54 12.41 111.78 -37.51
N VAL PA 55 12.01 112.69 -38.42
CA VAL PA 55 12.20 114.11 -38.17
C VAL PA 55 11.35 114.57 -37.00
N LEU PA 56 10.13 114.05 -36.88
CA LEU PA 56 9.34 114.36 -35.70
C LEU PA 56 9.87 113.67 -34.45
N ARG PA 57 10.62 112.59 -34.61
CA ARG PA 57 11.23 111.96 -33.45
C ARG PA 57 12.37 112.80 -32.88
N GLU PA 58 13.21 113.36 -33.75
CA GLU PA 58 14.38 114.09 -33.28
C GLU PA 58 14.01 115.39 -32.57
N GLN PA 59 12.98 116.08 -33.04
CA GLN PA 59 12.68 117.40 -32.50
C GLN PA 59 12.01 117.34 -31.14
N ALA PA 60 11.24 116.28 -30.87
CA ALA PA 60 10.80 116.01 -29.51
C ALA PA 60 11.74 115.00 -28.85
N ASN PA 61 13.01 115.41 -28.80
CA ASN PA 61 14.15 114.64 -28.31
C ASN PA 61 14.29 113.28 -29.00
N ALA QA 1 92.13 -5.67 -42.63
CA ALA QA 1 91.59 -5.65 -43.98
C ALA QA 1 90.86 -4.34 -44.23
N GLU QA 2 90.05 -4.31 -45.29
CA GLU QA 2 89.24 -3.17 -45.65
C GLU QA 2 87.87 -3.65 -46.09
N LEU QA 3 86.84 -2.87 -45.78
CA LEU QA 3 85.48 -3.25 -46.11
C LEU QA 3 84.77 -2.10 -46.80
N LYS QA 4 84.20 -2.37 -47.97
CA LYS QA 4 83.30 -1.44 -48.63
C LYS QA 4 81.90 -1.60 -48.08
N ILE QA 5 81.22 -0.47 -47.86
CA ILE QA 5 79.93 -0.44 -47.18
C ILE QA 5 79.02 0.53 -47.93
N THR QA 6 77.81 0.07 -48.27
CA THR QA 6 76.81 0.87 -48.98
C THR QA 6 75.44 0.64 -48.37
N LEU QA 7 74.61 1.68 -48.38
CA LEU QA 7 73.19 1.49 -48.19
C LEU QA 7 72.56 0.90 -49.45
N LYS QA 8 71.75 -0.13 -49.28
CA LYS QA 8 70.88 -0.60 -50.36
C LYS QA 8 69.46 -0.79 -49.86
N ARG QA 9 69.06 0.01 -48.88
CA ARG QA 9 67.72 -0.02 -48.32
C ARG QA 9 67.53 1.30 -47.58
N SER QA 10 66.28 1.69 -47.37
CA SER QA 10 66.07 2.96 -46.71
C SER QA 10 66.25 2.81 -45.21
N VAL QA 11 66.38 3.96 -44.55
CA VAL QA 11 66.51 4.00 -43.10
C VAL QA 11 65.16 4.19 -42.45
N ILE QA 12 64.12 4.46 -43.25
CA ILE QA 12 62.84 4.94 -42.76
C ILE QA 12 62.10 3.82 -42.04
N GLY QA 13 61.56 4.12 -40.86
CA GLY QA 13 60.74 3.16 -40.18
C GLY QA 13 61.50 2.12 -39.41
N ARG QA 14 62.77 2.36 -39.10
CA ARG QA 14 63.58 1.42 -38.35
C ARG QA 14 64.24 2.14 -37.19
N PRO QA 15 64.40 1.47 -36.02
CA PRO QA 15 64.56 2.21 -34.75
C PRO QA 15 65.85 2.98 -34.58
N GLN QA 16 65.96 3.64 -33.43
CA GLN QA 16 66.99 4.64 -33.20
C GLN QA 16 68.37 4.05 -32.93
N ASN QA 17 68.49 2.73 -32.76
CA ASN QA 17 69.80 2.13 -32.84
C ASN QA 17 70.35 2.27 -34.23
N GLN QA 18 69.56 1.84 -35.21
CA GLN QA 18 70.09 1.55 -36.54
C GLN QA 18 70.32 2.82 -37.33
N ARG QA 19 69.47 3.84 -37.15
CA ARG QA 19 69.74 5.18 -37.69
C ARG QA 19 71.08 5.71 -37.22
N ALA QA 20 71.33 5.61 -35.91
CA ALA QA 20 72.51 6.21 -35.35
C ALA QA 20 73.76 5.42 -35.68
N THR QA 21 73.65 4.09 -35.77
CA THR QA 21 74.79 3.31 -36.22
C THR QA 21 75.10 3.54 -37.69
N VAL QA 22 74.10 3.84 -38.50
CA VAL QA 22 74.37 4.24 -39.88
C VAL QA 22 75.08 5.58 -39.91
N LYS QA 23 74.56 6.58 -39.18
CA LYS QA 23 75.17 7.90 -39.16
C LYS QA 23 76.58 7.90 -38.58
N ALA QA 24 76.89 6.92 -37.74
CA ALA QA 24 78.25 6.81 -37.24
C ALA QA 24 79.23 6.40 -38.34
N LEU QA 25 78.75 5.70 -39.36
CA LEU QA 25 79.67 5.21 -40.37
C LEU QA 25 79.92 6.18 -41.51
N GLY QA 26 78.96 7.04 -41.82
CA GLY QA 26 79.14 7.94 -42.94
C GLY QA 26 78.30 7.57 -44.15
N LEU QA 27 77.19 6.91 -43.90
CA LEU QA 27 76.27 6.49 -44.94
C LEU QA 27 75.12 7.50 -45.01
N GLY QA 28 75.24 8.46 -45.92
CA GLY QA 28 74.22 9.49 -46.02
C GLY QA 28 73.07 9.17 -46.94
N LYS QA 29 73.34 8.99 -48.23
CA LYS QA 29 72.31 8.68 -49.20
C LYS QA 29 72.36 7.22 -49.56
N VAL QA 30 71.31 6.78 -50.26
CA VAL QA 30 71.24 5.42 -50.77
C VAL QA 30 72.31 5.25 -51.83
N ASN QA 31 72.94 4.07 -51.83
CA ASN QA 31 73.94 3.66 -52.81
C ASN QA 31 75.18 4.56 -52.74
N SER QA 32 75.58 4.89 -51.51
CA SER QA 32 76.78 5.67 -51.25
C SER QA 32 77.83 4.78 -50.57
N THR QA 33 79.07 4.85 -51.05
CA THR QA 33 80.11 3.91 -50.63
C THR QA 33 80.96 4.51 -49.52
N VAL QA 34 81.37 3.67 -48.58
CA VAL QA 34 82.32 4.01 -47.53
C VAL QA 34 83.28 2.83 -47.37
N THR QA 35 84.59 3.11 -47.38
CA THR QA 35 85.63 2.11 -47.23
C THR QA 35 86.29 2.25 -45.87
N LYS QA 36 86.17 1.20 -45.03
CA LYS QA 36 86.63 1.25 -43.65
C LYS QA 36 87.35 -0.03 -43.27
N PRO QA 37 88.29 0.01 -42.31
CA PRO QA 37 89.09 -1.16 -41.98
C PRO QA 37 88.31 -2.21 -41.20
N ALA QA 38 88.95 -3.35 -40.99
CA ALA QA 38 88.34 -4.50 -40.33
C ALA QA 38 88.87 -4.59 -38.91
N ASN QA 39 88.27 -3.81 -38.02
CA ASN QA 39 88.49 -3.94 -36.59
C ASN QA 39 87.45 -4.92 -36.05
N GLU QA 40 87.27 -4.94 -34.74
CA GLU QA 40 86.11 -5.59 -34.17
C GLU QA 40 85.10 -4.60 -33.63
N ALA QA 41 85.30 -3.31 -33.88
CA ALA QA 41 84.21 -2.37 -33.69
C ALA QA 41 83.34 -2.31 -34.94
N ILE QA 42 83.97 -2.28 -36.11
CA ILE QA 42 83.25 -2.15 -37.35
C ILE QA 42 82.51 -3.44 -37.71
N LYS QA 43 83.09 -4.58 -37.36
CA LYS QA 43 82.34 -5.82 -37.48
C LYS QA 43 81.12 -5.84 -36.56
N GLY QA 44 81.24 -5.22 -35.39
CA GLY QA 44 80.08 -5.09 -34.52
C GLY QA 44 79.03 -4.17 -35.09
N MET QA 45 79.44 -3.16 -35.85
CA MET QA 45 78.48 -2.31 -36.55
C MET QA 45 77.74 -3.13 -37.60
N VAL QA 46 78.49 -3.90 -38.39
CA VAL QA 46 77.90 -4.64 -39.50
C VAL QA 46 77.01 -5.78 -39.01
N ASN QA 47 77.33 -6.37 -37.86
CA ASN QA 47 76.49 -7.43 -37.33
C ASN QA 47 75.19 -6.94 -36.71
N THR QA 48 74.96 -5.62 -36.66
CA THR QA 48 73.65 -5.07 -36.36
C THR QA 48 73.02 -4.35 -37.54
N ILE QA 49 73.79 -4.00 -38.57
CA ILE QA 49 73.19 -3.38 -39.74
C ILE QA 49 73.33 -4.33 -40.93
N SER QA 50 73.32 -5.64 -40.65
CA SER QA 50 73.39 -6.62 -41.72
C SER QA 50 72.21 -6.52 -42.67
N HIS QA 51 71.02 -6.26 -42.15
CA HIS QA 51 69.83 -6.28 -43.00
C HIS QA 51 69.61 -4.98 -43.76
N LEU QA 52 70.56 -4.05 -43.74
CA LEU QA 52 70.46 -2.83 -44.52
C LEU QA 52 71.62 -2.62 -45.48
N VAL QA 53 72.72 -3.33 -45.28
CA VAL QA 53 74.01 -2.99 -45.90
C VAL QA 53 74.54 -4.21 -46.61
N ASP QA 54 75.03 -4.03 -47.83
CA ASP QA 54 75.85 -5.05 -48.48
C ASP QA 54 77.32 -4.65 -48.32
N VAL QA 55 78.13 -5.62 -47.91
CA VAL QA 55 79.54 -5.41 -47.58
C VAL QA 55 80.39 -6.29 -48.47
N GLU QA 56 81.39 -5.69 -49.11
CA GLU QA 56 82.38 -6.43 -49.85
C GLU QA 56 83.72 -6.22 -49.18
N GLU QA 57 84.77 -6.77 -49.77
CA GLU QA 57 86.12 -6.61 -49.28
C GLU QA 57 86.99 -5.98 -50.36
N VAL QA 58 88.15 -5.48 -49.95
CA VAL QA 58 89.05 -4.82 -50.88
C VAL QA 58 90.27 -5.69 -51.16
N MET RA 1 77.80 -20.75 49.48
CA MET RA 1 76.64 -20.38 50.27
C MET RA 1 76.49 -18.87 50.35
N LYS RA 2 75.43 -18.35 49.74
CA LYS RA 2 75.16 -16.92 49.78
C LYS RA 2 74.76 -16.52 51.20
N GLN RA 3 75.16 -15.31 51.59
CA GLN RA 3 75.21 -14.99 53.01
C GLN RA 3 73.83 -14.59 53.53
N ASP RA 4 73.55 -15.02 54.77
CA ASP RA 4 72.46 -14.62 55.66
C ASP RA 4 71.08 -15.14 55.28
N ILE RA 5 70.93 -15.71 54.09
CA ILE RA 5 69.58 -15.98 53.57
C ILE RA 5 69.41 -17.48 53.37
N HIS RA 6 70.11 -18.27 54.15
CA HIS RA 6 69.95 -19.71 54.12
C HIS RA 6 69.52 -20.22 55.49
N PRO RA 7 68.72 -21.28 55.57
CA PRO RA 7 68.13 -21.70 56.85
C PRO RA 7 69.12 -22.31 57.83
N ASN RA 8 68.59 -22.79 58.94
CA ASN RA 8 69.38 -23.31 60.04
C ASN RA 8 69.67 -24.78 59.87
N TYR RA 9 70.85 -25.20 60.32
CA TYR RA 9 71.27 -26.59 60.21
C TYR RA 9 72.40 -26.82 61.19
N GLN RA 10 72.40 -27.99 61.83
CA GLN RA 10 73.53 -28.49 62.61
C GLN RA 10 73.58 -29.99 62.38
N PRO RA 11 74.76 -30.59 62.25
CA PRO RA 11 74.85 -32.02 61.95
C PRO RA 11 74.44 -32.92 63.11
N VAL RA 12 73.13 -33.10 63.27
CA VAL RA 12 72.55 -33.75 64.44
C VAL RA 12 72.66 -35.27 64.30
N VAL RA 13 73.23 -35.91 65.32
CA VAL RA 13 73.35 -37.36 65.35
C VAL RA 13 71.99 -38.00 65.56
N PHE RA 14 71.71 -39.06 64.82
CA PHE RA 14 70.49 -39.82 65.03
C PHE RA 14 70.55 -40.65 66.31
N MET RA 15 69.37 -41.13 66.69
CA MET RA 15 69.18 -42.19 67.66
C MET RA 15 68.07 -43.08 67.12
N ASP RA 16 67.54 -43.95 67.98
CA ASP RA 16 66.33 -44.70 67.65
C ASP RA 16 65.69 -45.13 68.96
N SER RA 17 64.41 -45.52 68.87
CA SER RA 17 63.77 -46.22 69.97
C SER RA 17 64.40 -47.58 70.20
N THR RA 18 64.79 -48.25 69.12
CA THR RA 18 65.42 -49.56 69.18
C THR RA 18 66.80 -49.50 68.55
N THR RA 19 67.82 -49.85 69.35
CA THR RA 19 69.22 -50.11 69.02
C THR RA 19 70.05 -48.86 68.69
N GLY RA 20 69.42 -47.72 68.45
CA GLY RA 20 70.12 -46.44 68.34
C GLY RA 20 71.23 -46.27 67.32
N PHE RA 21 70.90 -46.17 66.03
CA PHE RA 21 71.90 -45.80 65.02
C PHE RA 21 72.42 -44.40 65.28
N LYS RA 22 73.75 -44.26 65.36
CA LYS RA 22 74.39 -42.98 65.67
C LYS RA 22 75.41 -42.67 64.59
N PHE RA 23 74.96 -42.09 63.48
CA PHE RA 23 75.91 -41.75 62.43
C PHE RA 23 75.70 -40.40 61.76
N LEU RA 24 74.49 -39.86 61.75
CA LEU RA 24 74.12 -38.96 60.66
C LEU RA 24 74.10 -37.49 61.11
N SER RA 25 73.63 -36.64 60.22
CA SER RA 25 73.52 -35.19 60.38
C SER RA 25 72.04 -34.80 60.38
N GLY RA 26 71.78 -33.50 60.45
CA GLY RA 26 70.40 -33.04 60.48
C GLY RA 26 70.31 -31.55 60.24
N SER RA 27 69.13 -31.01 60.52
CA SER RA 27 69.02 -29.55 60.48
C SER RA 27 68.34 -28.95 61.69
N THR RA 28 67.30 -29.59 62.23
CA THR RA 28 66.58 -29.00 63.34
C THR RA 28 67.18 -29.41 64.68
N LYS RA 29 66.69 -28.79 65.75
CA LYS RA 29 67.43 -28.65 66.99
C LYS RA 29 66.57 -29.02 68.21
N GLY RA 30 67.05 -28.73 69.42
CA GLY RA 30 66.31 -29.02 70.64
C GLY RA 30 67.07 -28.70 71.91
N SER RA 31 67.09 -29.64 72.86
CA SER RA 31 67.94 -29.58 74.05
C SER RA 31 68.97 -30.70 73.94
N SER RA 32 70.25 -30.32 73.85
CA SER RA 32 71.32 -31.28 73.59
C SER RA 32 71.55 -32.17 74.79
N GLU RA 33 71.65 -33.48 74.55
CA GLU RA 33 71.84 -34.43 75.62
C GLU RA 33 73.17 -35.17 75.51
N THR RA 34 73.47 -35.78 74.37
CA THR RA 34 74.74 -36.46 74.16
C THR RA 34 75.44 -35.81 72.97
N VAL RA 35 76.18 -34.75 73.24
CA VAL RA 35 77.25 -34.35 72.34
C VAL RA 35 78.27 -35.48 72.31
N GLU RA 36 78.51 -36.05 71.14
CA GLU RA 36 79.27 -37.28 71.01
C GLU RA 36 80.49 -37.05 70.12
N TRP RA 37 81.64 -37.52 70.59
CA TRP RA 37 82.89 -37.26 69.87
C TRP RA 37 83.02 -38.10 68.62
N GLU RA 38 82.54 -39.35 68.64
CA GLU RA 38 82.70 -40.27 67.52
C GLU RA 38 81.89 -39.87 66.30
N ASP RA 39 81.04 -38.86 66.43
CA ASP RA 39 80.16 -38.37 65.39
C ASP RA 39 80.28 -36.85 65.43
N GLY RA 40 79.31 -36.15 64.85
CA GLY RA 40 79.29 -34.69 64.99
C GLY RA 40 78.92 -34.29 66.41
N ASN RA 41 79.67 -33.35 66.97
CA ASN RA 41 79.44 -32.86 68.33
C ASN RA 41 78.21 -31.95 68.34
N THR RA 42 77.03 -32.57 68.34
CA THR RA 42 75.76 -31.85 68.13
C THR RA 42 74.67 -32.50 68.96
N TYR RA 43 73.42 -32.21 68.60
CA TYR RA 43 72.25 -32.76 69.25
C TYR RA 43 72.13 -34.26 69.01
N PRO RA 44 71.51 -34.97 69.94
CA PRO RA 44 71.12 -36.36 69.66
C PRO RA 44 69.65 -36.51 69.30
N LEU RA 45 68.86 -35.43 69.42
CA LEU RA 45 67.43 -35.59 69.67
C LEU RA 45 66.63 -36.07 68.47
N LEU RA 46 67.22 -36.20 67.31
CA LEU RA 46 66.53 -36.90 66.23
C LEU RA 46 66.51 -38.38 66.58
N ARG RA 47 65.38 -38.82 67.13
CA ARG RA 47 65.22 -40.09 67.84
C ARG RA 47 64.08 -40.88 67.22
N VAL RA 48 64.19 -41.09 65.90
CA VAL RA 48 63.14 -41.66 65.07
C VAL RA 48 62.71 -43.05 65.55
N GLU RA 49 61.43 -43.36 65.35
CA GLU RA 49 60.84 -44.65 65.66
C GLU RA 49 61.18 -45.73 64.65
N VAL RA 50 61.88 -45.39 63.57
CA VAL RA 50 62.10 -46.30 62.44
C VAL RA 50 63.59 -46.52 62.26
N THR RA 51 64.00 -47.78 62.22
CA THR RA 51 65.39 -48.16 62.00
C THR RA 51 65.74 -48.33 60.53
N SER RA 52 64.73 -48.35 59.65
CA SER RA 52 64.82 -48.91 58.28
C SER RA 52 65.30 -50.37 58.29
N ASP RA 53 65.06 -51.07 59.40
CA ASP RA 53 65.29 -52.50 59.56
C ASP RA 53 64.03 -53.07 60.18
N SER RA 54 63.33 -52.20 60.92
CA SER RA 54 62.10 -52.59 61.60
C SER RA 54 60.99 -52.90 60.61
N HIS RA 55 60.99 -52.23 59.48
CA HIS RA 55 60.05 -52.55 58.42
C HIS RA 55 60.49 -53.83 57.73
N PRO RA 56 59.55 -54.72 57.36
CA PRO RA 56 59.90 -56.04 56.81
C PRO RA 56 60.25 -56.02 55.32
N PHE RA 57 61.04 -55.04 54.92
CA PHE RA 57 61.64 -55.00 53.60
C PHE RA 57 63.12 -55.33 53.61
N TYR RA 58 63.71 -55.40 54.80
CA TYR RA 58 65.14 -55.64 54.94
C TYR RA 58 65.44 -56.84 55.81
N THR RA 59 64.82 -56.94 56.98
CA THR RA 59 65.19 -57.98 57.93
C THR RA 59 64.45 -59.29 57.64
N GLY RA 60 63.15 -59.21 57.48
CA GLY RA 60 62.35 -60.39 57.22
C GLY RA 60 60.99 -60.29 57.88
N ARG RA 61 60.32 -61.43 57.99
CA ARG RA 61 58.98 -61.46 58.54
C ARG RA 61 59.00 -61.53 60.06
N GLN RA 62 58.95 -60.37 60.75
CA GLN RA 62 58.93 -60.37 62.21
C GLN RA 62 57.78 -59.48 62.71
N LYS RA 63 56.55 -60.02 62.66
CA LYS RA 63 55.39 -59.46 63.37
C LYS RA 63 54.40 -60.56 63.72
N PHE RA 64 54.56 -61.18 64.88
CA PHE RA 64 53.51 -62.06 65.40
C PHE RA 64 53.15 -61.73 66.83
N THR RA 65 54.13 -61.34 67.64
CA THR RA 65 53.92 -60.89 69.01
C THR RA 65 54.38 -59.45 69.08
N GLN RA 66 53.92 -58.64 68.14
CA GLN RA 66 54.56 -57.38 67.78
C GLN RA 66 54.27 -56.29 68.80
N ALA RA 67 53.21 -56.52 69.58
CA ALA RA 67 52.99 -55.98 70.93
C ALA RA 67 53.20 -54.47 71.06
N ASP RA 68 52.43 -53.70 70.28
CA ASP RA 68 52.59 -52.23 70.28
C ASP RA 68 51.26 -51.51 70.52
N GLY RA 69 50.89 -51.36 71.80
CA GLY RA 69 49.89 -50.38 72.21
C GLY RA 69 48.51 -50.54 71.62
N ARG RA 70 48.24 -49.70 70.60
CA ARG RA 70 47.07 -49.84 69.73
C ARG RA 70 46.94 -51.25 69.17
N VAL RA 71 48.07 -51.92 68.89
CA VAL RA 71 48.04 -53.35 68.54
C VAL RA 71 47.52 -54.17 69.71
N ASP RA 72 47.99 -53.85 70.92
CA ASP RA 72 47.58 -54.61 72.10
C ASP RA 72 46.23 -54.13 72.62
N ARG RA 73 45.81 -52.91 72.24
CA ARG RA 73 44.54 -52.30 72.65
C ARG RA 73 43.36 -53.21 72.34
N PHE RA 74 43.42 -53.88 71.19
CA PHE RA 74 42.56 -55.03 70.98
C PHE RA 74 43.20 -56.32 71.48
N ASN RA 75 44.50 -56.50 71.28
CA ASN RA 75 45.06 -57.82 71.48
C ASN RA 75 45.71 -58.01 72.85
N LYS RA 76 45.20 -57.33 73.88
CA LYS RA 76 45.53 -57.69 75.26
C LYS RA 76 44.30 -57.92 76.12
N LYS RA 77 43.26 -57.10 75.97
CA LYS RA 77 42.09 -57.22 76.84
C LYS RA 77 41.30 -58.48 76.54
N TYR RA 78 40.93 -58.69 75.28
CA TYR RA 78 40.51 -60.01 74.85
C TYR RA 78 41.69 -60.78 74.26
N GLY RA 79 42.88 -60.20 74.31
CA GLY RA 79 44.06 -60.86 73.81
C GLY RA 79 44.61 -61.87 74.79
N LEU RA 80 44.44 -61.59 76.08
CA LEU RA 80 44.57 -62.64 77.08
C LEU RA 80 43.47 -63.69 76.90
N LYS RA 81 42.30 -63.25 76.46
CA LYS RA 81 41.23 -64.17 76.11
C LYS RA 81 41.50 -64.86 74.78
N ASP RA 82 42.28 -64.22 73.90
CA ASP RA 82 42.69 -64.88 72.66
C ASP RA 82 43.65 -66.03 72.95
N GLU RA 83 44.68 -65.77 73.73
CA GLU RA 83 45.73 -66.76 73.99
C GLU RA 83 45.95 -66.93 75.49
N ALA SA 1 8.73 23.23 -51.14
CA ALA SA 1 10.18 23.25 -50.98
C ALA SA 1 10.76 24.50 -51.56
N VAL SA 2 12.07 24.47 -51.74
CA VAL SA 2 12.93 25.64 -51.89
C VAL SA 2 14.04 25.23 -52.85
N PRO SA 3 14.44 26.08 -53.81
CA PRO SA 3 15.43 25.64 -54.80
C PRO SA 3 16.77 25.38 -54.16
N ALA SA 4 17.42 24.30 -54.62
CA ALA SA 4 18.66 23.86 -53.99
C ALA SA 4 19.81 24.77 -54.34
N ARG SA 5 19.89 25.21 -55.59
CA ARG SA 5 21.02 25.99 -56.06
C ARG SA 5 20.59 27.01 -57.10
N ARG SA 6 21.51 27.92 -57.38
CA ARG SA 6 21.42 28.76 -58.56
C ARG SA 6 21.41 27.92 -59.82
N THR SA 7 20.42 28.11 -60.67
CA THR SA 7 20.46 27.55 -62.01
C THR SA 7 21.39 28.39 -62.86
N SER SA 8 22.21 27.72 -63.66
CA SER SA 8 23.32 28.37 -64.33
C SER SA 8 22.84 29.23 -65.48
N LYS SA 9 23.78 29.77 -66.26
CA LYS SA 9 23.39 30.54 -67.43
C LYS SA 9 22.94 29.65 -68.58
N ALA SA 10 23.34 28.39 -68.57
CA ALA SA 10 23.00 27.51 -69.68
C ALA SA 10 21.57 27.02 -69.60
N LYS SA 11 21.09 26.65 -68.41
CA LYS SA 11 19.76 26.06 -68.34
C LYS SA 11 18.64 27.06 -68.54
N LYS SA 12 18.89 28.37 -68.40
CA LYS SA 12 17.93 29.36 -68.88
C LYS SA 12 17.69 29.17 -70.36
N ALA SA 13 18.75 29.25 -71.15
CA ALA SA 13 18.65 29.16 -72.59
C ALA SA 13 18.51 27.74 -73.08
N LYS SA 14 18.39 26.76 -72.19
CA LYS SA 14 17.88 25.45 -72.59
C LYS SA 14 16.44 25.24 -72.19
N ARG SA 15 15.91 25.97 -71.21
CA ARG SA 15 14.46 25.94 -71.04
C ARG SA 15 13.77 26.72 -72.13
N ARG SA 16 14.33 27.87 -72.49
CA ARG SA 16 13.54 28.87 -73.19
C ARG SA 16 13.48 28.64 -74.69
N THR SA 17 13.72 27.41 -75.15
CA THR SA 17 13.57 27.06 -76.54
C THR SA 17 12.14 26.75 -76.91
N HIS SA 18 11.20 26.95 -76.01
CA HIS SA 18 9.79 26.75 -76.28
C HIS SA 18 9.00 27.89 -75.71
N TYR SA 19 9.60 29.07 -75.74
CA TYR SA 19 8.95 30.28 -75.29
C TYR SA 19 8.99 31.24 -76.47
N LYS SA 20 8.52 30.76 -77.61
CA LYS SA 20 8.52 31.49 -78.86
C LYS SA 20 7.15 32.08 -79.14
N LEU SA 21 7.10 33.02 -80.07
CA LEU SA 21 5.86 33.47 -80.68
C LEU SA 21 5.84 33.11 -82.15
N THR SA 22 4.65 32.81 -82.66
CA THR SA 22 4.46 32.42 -84.04
C THR SA 22 3.27 33.14 -84.63
N ILE SA 23 3.39 33.51 -85.90
CA ILE SA 23 2.28 34.00 -86.69
C ILE SA 23 1.70 32.86 -87.50
N LYS SA 24 0.38 32.86 -87.69
CA LYS SA 24 -0.30 31.78 -88.36
C LYS SA 24 -1.28 32.36 -89.37
N GLY SA 25 -1.18 31.90 -90.62
CA GLY SA 25 -2.20 32.18 -91.60
C GLY SA 25 -2.30 33.60 -92.09
N LEU SA 26 -1.30 34.05 -92.83
CA LEU SA 26 -1.33 35.35 -93.49
C LEU SA 26 -1.43 35.12 -94.99
N ASN SA 27 -2.47 35.64 -95.61
CA ASN SA 27 -2.67 35.47 -97.04
C ASN SA 27 -2.87 36.81 -97.72
N ALA SA 28 -2.60 36.82 -99.02
CA ALA SA 28 -2.88 38.00 -99.83
C ALA SA 28 -4.37 38.13 -100.05
N CYS SA 29 -4.85 39.37 -100.14
CA CYS SA 29 -6.25 39.61 -100.42
C CYS SA 29 -6.60 39.29 -101.87
N SER SA 30 -7.87 39.43 -102.19
CA SER SA 30 -8.34 39.36 -103.56
C SER SA 30 -8.53 40.74 -104.18
N ASN SA 31 -8.39 41.81 -103.40
CA ASN SA 31 -8.74 43.14 -103.86
C ASN SA 31 -7.69 44.20 -103.59
N CYS SA 32 -6.76 43.98 -102.68
CA CYS SA 32 -5.70 44.95 -102.45
C CYS SA 32 -4.31 44.36 -102.32
N GLY SA 33 -4.17 43.04 -102.27
CA GLY SA 33 -2.86 42.43 -102.15
C GLY SA 33 -2.21 42.57 -100.80
N GLU SA 34 -2.92 43.09 -99.81
CA GLU SA 34 -2.36 43.33 -98.49
C GLU SA 34 -2.54 42.10 -97.62
N MET SA 35 -1.46 41.69 -96.96
CA MET SA 35 -1.42 40.43 -96.23
C MET SA 35 -2.38 40.50 -95.05
N LYS SA 36 -3.47 39.73 -95.11
CA LYS SA 36 -4.53 39.76 -94.11
C LYS SA 36 -5.01 38.34 -93.86
N LYS SA 37 -5.47 38.09 -92.63
CA LYS SA 37 -5.66 36.72 -92.14
C LYS SA 37 -6.74 35.95 -92.88
N SER SA 38 -6.46 34.67 -93.12
CA SER SA 38 -7.42 33.79 -93.78
C SER SA 38 -8.60 33.55 -92.88
N HIS SA 39 -9.76 33.33 -93.51
CA HIS SA 39 -11.06 33.12 -92.85
C HIS SA 39 -11.46 34.32 -91.98
N HIS SA 40 -10.96 35.50 -92.32
CA HIS SA 40 -11.20 36.70 -91.53
C HIS SA 40 -11.54 37.87 -92.45
N VAL SA 41 -12.35 38.77 -91.91
CA VAL SA 41 -12.73 39.98 -92.64
C VAL SA 41 -11.52 40.89 -92.77
N CYS SA 42 -11.23 41.28 -94.00
CA CYS SA 42 -10.05 42.09 -94.26
C CYS SA 42 -10.27 43.51 -93.77
N PRO SA 43 -9.45 43.99 -92.82
CA PRO SA 43 -9.80 45.22 -92.09
C PRO SA 43 -9.73 46.51 -92.90
N ALA SA 44 -8.66 46.73 -93.66
CA ALA SA 44 -8.58 47.96 -94.44
C ALA SA 44 -9.38 47.85 -95.72
N CYS SA 45 -9.52 46.64 -96.27
CA CYS SA 45 -10.30 46.45 -97.48
C CYS SA 45 -11.79 46.57 -97.19
N GLY SA 46 -12.25 45.87 -96.16
CA GLY SA 46 -13.68 45.71 -95.94
C GLY SA 46 -14.31 44.73 -96.88
N HIS SA 47 -13.53 43.78 -97.39
CA HIS SA 47 -13.82 43.03 -98.61
C HIS SA 47 -13.79 41.53 -98.38
N TYR SA 48 -14.59 41.04 -97.45
CA TYR SA 48 -14.76 39.60 -97.36
C TYR SA 48 -15.56 39.09 -98.55
N ASP SA 49 -15.10 37.98 -99.14
CA ASP SA 49 -15.70 37.30 -100.30
C ASP SA 49 -15.82 38.19 -101.53
N GLY SA 50 -15.07 39.29 -101.61
CA GLY SA 50 -15.33 40.25 -102.66
C GLY SA 50 -16.64 40.99 -102.48
N LYS SA 51 -17.11 41.14 -101.24
CA LYS SA 51 -18.34 41.86 -100.95
C LYS SA 51 -18.07 42.82 -99.81
N ASP SA 52 -18.48 44.06 -99.96
CA ASP SA 52 -18.25 45.03 -98.91
C ASP SA 52 -19.32 44.90 -97.85
N VAL SA 53 -18.89 44.51 -96.65
CA VAL SA 53 -19.78 44.17 -95.57
C VAL SA 53 -20.01 45.36 -94.65
N MET SA 54 -18.95 46.09 -94.30
CA MET SA 54 -19.02 47.18 -93.35
C MET SA 54 -19.69 48.37 -94.03
N SER SA 55 -21.02 48.33 -94.05
CA SER SA 55 -21.81 49.24 -94.87
C SER SA 55 -22.82 49.99 -94.01
N LYS SA 56 -22.89 51.29 -94.20
CA LYS SA 56 -23.86 52.13 -93.51
C LYS SA 56 -24.58 53.06 -94.49
N MET TA 1 47.06 11.90 27.34
CA MET TA 1 48.08 11.57 28.34
C MET TA 1 49.32 12.43 28.23
N ARG TA 2 50.07 12.26 27.15
CA ARG TA 2 51.40 12.83 27.07
C ARG TA 2 51.34 14.33 26.81
N VAL TA 3 52.44 15.00 27.15
CA VAL TA 3 52.53 16.46 27.16
C VAL TA 3 53.89 16.85 26.59
N ASN TA 4 53.88 17.73 25.59
CA ASN TA 4 55.13 18.37 25.19
C ASN TA 4 55.58 19.33 26.28
N ILE TA 5 56.85 19.23 26.67
CA ILE TA 5 57.32 19.84 27.91
C ILE TA 5 58.60 20.62 27.61
N THR TA 6 58.93 21.55 28.50
CA THR TA 6 60.18 22.30 28.39
C THR TA 6 60.93 22.27 29.71
N LEU TA 7 62.26 22.32 29.62
CA LEU TA 7 63.15 22.30 30.76
C LEU TA 7 63.61 23.70 31.12
N GLU TA 8 64.21 23.81 32.30
CA GLU TA 8 64.57 25.10 32.88
C GLU TA 8 65.91 24.92 33.59
N CYS TA 9 66.89 25.75 33.24
CA CYS TA 9 68.15 25.71 33.96
C CYS TA 9 67.98 26.27 35.36
N THR TA 10 68.47 25.55 36.35
CA THR TA 10 68.28 25.94 37.73
C THR TA 10 69.29 26.98 38.21
N SER TA 11 70.24 27.38 37.35
CA SER TA 11 71.19 28.42 37.70
C SER TA 11 71.01 29.67 36.82
N CYS TA 12 71.07 29.53 35.50
CA CYS TA 12 71.07 30.71 34.65
C CYS TA 12 69.67 31.24 34.37
N LYS TA 13 68.64 30.48 34.74
CA LYS TA 13 67.22 30.84 34.61
C LYS TA 13 66.85 31.09 33.14
N GLU TA 14 66.92 30.02 32.35
CA GLU TA 14 66.48 30.05 30.97
C GLU TA 14 65.65 28.84 30.62
N ARG TA 15 64.86 28.98 29.55
CA ARG TA 15 64.12 27.88 28.95
C ARG TA 15 64.99 27.33 27.84
N ASN TA 16 65.71 26.23 28.11
CA ASN TA 16 66.64 25.69 27.14
C ASN TA 16 66.06 24.55 26.30
N TYR TA 17 65.55 23.50 26.94
CA TYR TA 17 65.29 22.27 26.21
C TYR TA 17 63.79 22.01 26.06
N LEU TA 18 63.49 20.95 25.31
CA LEU TA 18 62.12 20.57 24.98
C LEU TA 18 62.07 19.08 24.71
N THR TA 19 61.16 18.39 25.39
CA THR TA 19 61.05 16.93 25.30
C THR TA 19 59.65 16.51 25.76
N ASN TA 20 59.48 15.23 26.08
CA ASN TA 20 58.17 14.66 26.34
C ASN TA 20 58.13 13.99 27.72
N LYS TA 21 56.91 13.80 28.23
CA LYS TA 21 56.68 12.88 29.34
C LYS TA 21 55.26 12.37 29.27
N ASN TA 22 54.95 11.38 30.11
CA ASN TA 22 53.62 10.81 30.23
C ASN TA 22 53.15 11.10 31.66
N LYS TA 23 52.18 11.98 31.80
CA LYS TA 23 51.89 12.57 33.11
C LYS TA 23 51.06 11.67 34.02
N ARG TA 24 50.89 10.39 33.70
CA ARG TA 24 50.42 9.43 34.69
C ARG TA 24 51.48 8.43 35.09
N ASN TA 25 52.59 8.37 34.36
CA ASN TA 25 53.73 7.59 34.79
C ASN TA 25 54.76 8.42 35.54
N ASN TA 26 54.69 9.74 35.43
CA ASN TA 26 55.63 10.64 36.09
C ASN TA 26 54.83 11.79 36.68
N PRO TA 27 54.40 11.65 37.92
CA PRO TA 27 53.58 12.70 38.53
C PRO TA 27 54.38 13.92 38.96
N ASP TA 28 55.63 13.74 39.34
CA ASP TA 28 56.47 14.85 39.77
C ASP TA 28 57.36 15.34 38.64
N ARG TA 29 58.06 16.44 38.91
CA ARG TA 29 58.73 17.19 37.86
C ARG TA 29 60.05 16.55 37.48
N LEU TA 30 60.40 16.68 36.20
CA LEU TA 30 61.62 16.09 35.68
C LEU TA 30 62.86 16.83 36.13
N GLU TA 31 63.93 16.07 36.34
CA GLU TA 31 65.25 16.61 36.64
C GLU TA 31 66.29 15.77 35.92
N LYS TA 32 66.99 16.37 34.96
CA LYS TA 32 68.08 15.72 34.27
C LYS TA 32 69.30 16.64 34.31
N GLN TA 33 70.47 16.05 34.18
CA GLN TA 33 71.72 16.80 34.09
C GLN TA 33 72.04 17.04 32.63
N LYS TA 34 71.92 18.29 32.20
CA LYS TA 34 72.15 18.62 30.79
C LYS TA 34 73.24 19.67 30.69
N TYR TA 35 73.48 20.16 29.48
CA TYR TA 35 74.51 21.14 29.18
C TYR TA 35 73.88 22.49 28.88
N CYS TA 36 74.36 23.53 29.55
CA CYS TA 36 73.83 24.88 29.37
C CYS TA 36 74.72 25.65 28.41
N PRO TA 37 74.19 26.17 27.31
CA PRO TA 37 75.04 26.90 26.36
C PRO TA 37 75.46 28.26 26.85
N ARG TA 38 74.77 28.82 27.83
CA ARG TA 38 75.08 30.17 28.30
C ARG TA 38 76.26 30.16 29.26
N GLU TA 39 76.34 29.16 30.12
CA GLU TA 39 77.41 29.07 31.10
C GLU TA 39 78.55 28.16 30.67
N ARG TA 40 78.35 27.38 29.60
CA ARG TA 40 79.34 26.43 29.07
C ARG TA 40 79.79 25.42 30.12
N LYS TA 41 78.82 24.81 30.79
CA LYS TA 41 79.09 23.90 31.89
C LYS TA 41 77.85 23.06 32.13
N VAL TA 42 78.04 21.80 32.55
CA VAL TA 42 76.92 20.92 32.85
C VAL TA 42 76.16 21.46 34.05
N THR TA 43 74.84 21.58 33.90
CA THR TA 43 74.02 22.19 34.93
C THR TA 43 72.73 21.38 35.04
N LEU TA 44 72.26 21.20 36.27
CA LEU TA 44 70.96 20.57 36.51
C LEU TA 44 69.85 21.39 35.86
N HIS TA 45 68.87 20.68 35.32
CA HIS TA 45 67.71 21.30 34.66
C HIS TA 45 66.43 20.74 35.25
N ARG TA 46 65.50 21.62 35.57
CA ARG TA 46 64.21 21.22 36.09
C ARG TA 46 63.12 21.52 35.07
N GLU TA 47 61.95 20.95 35.32
CA GLU TA 47 60.77 21.27 34.52
C GLU TA 47 60.33 22.71 34.79
N THR TA 48 59.96 23.40 33.71
CA THR TA 48 59.37 24.73 33.83
C THR TA 48 58.06 24.65 34.59
N LYS TA 49 57.87 25.55 35.54
CA LYS TA 49 56.73 25.51 36.43
C LYS TA 49 55.49 25.99 35.71
N MET UA 1 -10.06 45.00 -34.31
CA MET UA 1 -10.24 45.35 -32.90
C MET UA 1 -9.61 46.70 -32.60
N LYS UA 2 -9.76 47.21 -31.37
CA LYS UA 2 -9.23 48.52 -31.04
C LYS UA 2 -7.71 48.49 -30.96
N ARG UA 3 -7.08 49.39 -31.69
CA ARG UA 3 -5.66 49.64 -31.56
C ARG UA 3 -5.44 51.02 -30.97
N THR UA 4 -4.18 51.35 -30.73
CA THR UA 4 -3.84 52.23 -29.63
C THR UA 4 -4.01 53.71 -29.96
N TYR UA 5 -3.45 54.18 -31.07
CA TYR UA 5 -3.10 55.59 -31.19
C TYR UA 5 -4.29 56.46 -31.57
N GLN UA 6 -5.37 56.36 -30.79
CA GLN UA 6 -6.66 56.96 -31.08
C GLN UA 6 -6.72 58.41 -30.66
N PRO UA 7 -6.56 59.35 -31.57
CA PRO UA 7 -6.15 60.71 -31.20
C PRO UA 7 -7.27 61.57 -30.66
N ASN UA 8 -6.90 62.49 -29.79
CA ASN UA 8 -7.75 63.59 -29.35
C ASN UA 8 -6.95 64.88 -29.46
N LYS UA 9 -7.63 66.00 -29.20
CA LYS UA 9 -6.95 67.28 -29.16
C LYS UA 9 -6.80 67.82 -27.75
N ARG UA 10 -7.66 67.42 -26.82
CA ARG UA 10 -7.45 67.81 -25.44
C ARG UA 10 -6.30 67.03 -24.82
N LYS UA 11 -6.20 65.74 -25.12
CA LYS UA 11 -5.22 64.93 -24.42
C LYS UA 11 -3.81 65.16 -24.96
N ARG UA 12 -3.66 65.33 -26.27
CA ARG UA 12 -2.32 65.54 -26.81
C ARG UA 12 -1.78 66.94 -26.58
N GLN UA 13 -2.53 67.82 -25.93
CA GLN UA 13 -1.96 69.06 -25.45
C GLN UA 13 -2.19 69.35 -23.98
N LYS UA 14 -2.90 68.49 -23.26
CA LYS UA 14 -2.85 68.49 -21.80
C LYS UA 14 -2.06 67.32 -21.27
N VAL UA 15 -1.27 66.68 -22.12
CA VAL UA 15 -0.21 65.79 -21.68
C VAL UA 15 1.14 66.21 -22.25
N HIS UA 16 1.24 66.34 -23.57
CA HIS UA 16 2.51 66.61 -24.22
C HIS UA 16 2.68 68.08 -24.59
N GLY UA 17 2.01 68.98 -23.89
CA GLY UA 17 1.90 70.35 -24.34
C GLY UA 17 3.14 71.19 -24.12
N PHE UA 18 2.94 72.49 -24.00
CA PHE UA 18 3.97 73.42 -23.55
C PHE UA 18 3.74 73.90 -22.14
N ARG UA 19 2.51 74.21 -21.78
CA ARG UA 19 2.18 74.59 -20.44
C ARG UA 19 2.28 73.46 -19.42
N LYS UA 20 2.52 72.22 -19.84
CA LYS UA 20 2.97 71.22 -18.89
C LYS UA 20 4.45 70.93 -18.99
N ARG UA 21 5.19 71.62 -19.85
CA ARG UA 21 6.64 71.50 -19.81
C ARG UA 21 7.34 72.80 -19.46
N MET UA 22 6.60 73.81 -19.00
CA MET UA 22 7.15 74.92 -18.25
C MET UA 22 6.50 74.97 -16.88
N SER UA 23 6.19 73.80 -16.32
CA SER UA 23 5.58 73.73 -15.01
C SER UA 23 6.29 72.78 -14.06
N THR UA 24 7.42 72.19 -14.46
CA THR UA 24 8.23 71.38 -13.56
C THR UA 24 9.67 71.87 -13.57
N LYS UA 25 10.57 71.10 -12.98
CA LYS UA 25 11.99 71.20 -13.32
C LYS UA 25 12.44 70.02 -14.16
N ASN UA 26 11.51 69.29 -14.74
CA ASN UA 26 11.88 68.26 -15.70
C ASN UA 26 11.40 68.56 -17.09
N GLY UA 27 10.26 69.24 -17.23
CA GLY UA 27 9.91 69.81 -18.51
C GLY UA 27 10.93 70.81 -18.99
N ARG UA 28 11.54 71.55 -18.07
CA ARG UA 28 12.59 72.48 -18.44
C ARG UA 28 13.84 71.75 -18.90
N ARG UA 29 14.15 70.61 -18.28
CA ARG UA 29 15.26 69.79 -18.77
C ARG UA 29 14.98 69.28 -20.16
N VAL UA 30 13.72 68.91 -20.44
CA VAL UA 30 13.36 68.39 -21.75
C VAL UA 30 13.49 69.48 -22.82
N LEU UA 31 12.98 70.68 -22.52
CA LEU UA 31 13.07 71.78 -23.47
C LEU UA 31 14.51 72.20 -23.69
N ALA UA 32 15.31 72.25 -22.63
CA ALA UA 32 16.69 72.67 -22.79
C ALA UA 32 17.54 71.59 -23.42
N SER UA 33 17.13 70.33 -23.30
CA SER UA 33 17.84 69.26 -23.95
C SER UA 33 17.47 69.15 -25.41
N ARG UA 34 16.30 69.66 -25.80
CA ARG UA 34 15.95 69.64 -27.22
C ARG UA 34 16.57 70.81 -27.96
N ARG UA 35 16.77 71.93 -27.28
CA ARG UA 35 17.37 73.10 -27.91
C ARG UA 35 18.85 72.93 -28.16
N ARG UA 36 19.52 71.98 -27.51
CA ARG UA 36 20.93 71.75 -27.85
C ARG UA 36 21.07 71.15 -29.23
N LYS UA 37 20.16 70.27 -29.63
CA LYS UA 37 20.21 69.76 -31.00
C LYS UA 37 19.87 70.83 -32.01
N GLY UA 38 18.98 71.74 -31.65
CA GLY UA 38 18.42 72.65 -32.61
C GLY UA 38 17.20 72.13 -33.31
N ARG UA 39 16.37 71.36 -32.63
CA ARG UA 39 15.17 70.82 -33.23
C ARG UA 39 14.15 71.93 -33.44
N LYS UA 40 13.41 71.87 -34.55
CA LYS UA 40 12.42 72.91 -34.83
C LYS UA 40 11.21 72.78 -33.92
N VAL UA 41 10.52 71.65 -33.96
CA VAL UA 41 9.36 71.45 -33.10
C VAL UA 41 9.86 71.17 -31.69
N ILE UA 42 9.56 72.07 -30.77
CA ILE UA 42 10.03 71.89 -29.41
C ILE UA 42 9.05 71.05 -28.60
N SER UA 43 7.77 71.36 -28.68
CA SER UA 43 6.73 70.56 -28.05
C SER UA 43 5.43 70.80 -28.81
N ALA UA 44 4.32 70.37 -28.24
CA ALA UA 44 3.02 70.58 -28.86
C ALA UA 44 2.21 71.61 -28.09
N PRO VA 1 52.63 55.91 -17.12
CA PRO VA 1 53.02 56.03 -15.71
C PRO VA 1 54.09 55.03 -15.31
N LYS VA 2 54.66 55.21 -14.13
CA LYS VA 2 55.70 54.33 -13.65
C LYS VA 2 55.12 52.96 -13.27
N GLN VA 3 55.99 51.97 -13.24
CA GLN VA 3 55.62 50.70 -12.62
C GLN VA 3 55.56 50.85 -11.11
N LYS VA 4 54.83 49.95 -10.48
CA LYS VA 4 54.78 49.87 -9.03
C LYS VA 4 55.39 48.55 -8.61
N THR VA 5 56.39 48.60 -7.75
CA THR VA 5 57.02 47.37 -7.31
C THR VA 5 56.19 46.69 -6.24
N HIS VA 6 56.40 45.40 -6.10
CA HIS VA 6 55.56 44.59 -5.22
C HIS VA 6 55.95 44.84 -3.78
N ARG VA 7 54.96 45.14 -2.95
CA ARG VA 7 55.19 45.29 -1.52
C ARG VA 7 54.91 44.04 -0.72
N GLY VA 8 55.18 42.88 -1.30
CA GLY VA 8 55.20 41.67 -0.53
C GLY VA 8 56.59 41.11 -0.61
N LEU VA 9 57.27 41.42 -1.71
CA LEU VA 9 58.63 40.96 -1.90
C LEU VA 9 59.65 41.92 -1.34
N ALA VA 10 59.28 43.18 -1.13
CA ALA VA 10 60.22 44.10 -0.50
C ALA VA 10 60.41 43.80 0.97
N LYS VA 11 59.43 43.15 1.59
CA LYS VA 11 59.46 42.82 3.00
C LYS VA 11 59.98 41.42 3.25
N ARG VA 12 60.49 40.76 2.22
CA ARG VA 12 60.90 39.36 2.34
C ARG VA 12 62.24 39.04 1.70
N VAL VA 13 62.73 39.86 0.77
CA VAL VA 13 63.89 39.55 -0.07
C VAL VA 13 64.77 40.78 -0.12
N LYS VA 14 66.08 40.61 0.08
CA LYS VA 14 67.02 41.71 -0.10
C LYS VA 14 68.08 41.32 -1.12
N ARG VA 15 68.47 42.26 -1.97
CA ARG VA 15 69.30 41.99 -3.12
C ARG VA 15 70.77 42.06 -2.76
N THR VA 16 71.53 41.06 -3.20
CA THR VA 16 72.96 41.00 -2.92
C THR VA 16 73.71 41.90 -3.89
N GLY VA 17 75.03 41.72 -3.95
CA GLY VA 17 75.86 42.55 -4.80
C GLY VA 17 76.35 41.83 -6.02
N GLY VA 18 76.29 40.50 -5.98
CA GLY VA 18 76.67 39.73 -7.15
C GLY VA 18 75.57 39.60 -8.18
N GLY VA 19 74.33 39.89 -7.81
CA GLY VA 19 73.23 39.84 -8.75
C GLY VA 19 72.03 39.05 -8.27
N GLY VA 20 72.25 38.06 -7.41
CA GLY VA 20 71.17 37.21 -6.94
C GLY VA 20 70.28 37.87 -5.91
N LEU VA 21 69.69 37.05 -5.04
CA LEU VA 21 68.84 37.55 -3.97
C LEU VA 21 68.98 36.63 -2.76
N LYS VA 22 68.97 37.21 -1.56
CA LYS VA 22 68.89 36.41 -0.35
C LYS VA 22 67.45 36.12 0.01
N ARG VA 23 67.21 34.94 0.57
CA ARG VA 23 65.87 34.45 0.85
C ARG VA 23 65.87 33.79 2.22
N GLY VA 24 64.84 34.08 3.01
CA GLY VA 24 64.70 33.49 4.34
C GLY VA 24 63.82 32.27 4.29
N ARG VA 25 64.28 31.19 4.92
CA ARG VA 25 63.61 29.90 4.80
C ARG VA 25 62.30 29.88 5.56
N ALA VA 26 61.50 28.87 5.26
CA ALA VA 26 60.17 28.67 5.81
C ALA VA 26 60.19 27.51 6.80
N PHE VA 27 59.01 27.13 7.29
CA PHE VA 27 58.82 26.16 8.38
C PHE VA 27 59.60 26.55 9.63
N THR VA 28 59.52 27.83 10.01
CA THR VA 28 60.26 28.31 11.15
C THR VA 28 59.42 28.98 12.23
N SER VA 29 58.11 29.10 12.04
CA SER VA 29 57.29 29.91 12.92
C SER VA 29 56.03 29.18 13.32
N HIS VA 30 56.18 27.95 13.79
CA HIS VA 30 55.04 27.11 14.10
C HIS VA 30 55.41 26.13 15.20
N ARG VA 31 54.66 25.04 15.26
CA ARG VA 31 55.05 23.83 15.95
C ARG VA 31 56.49 23.42 15.62
N PHE VA 32 57.22 23.02 16.66
CA PHE VA 32 58.56 22.48 16.51
C PHE VA 32 58.71 21.07 17.05
N HIS VA 33 57.79 20.62 17.90
CA HIS VA 33 57.88 19.28 18.48
C HIS VA 33 57.71 18.18 17.46
N GLY VA 34 57.18 18.47 16.28
CA GLY VA 34 57.19 17.47 15.23
C GLY VA 34 58.55 17.34 14.60
N LYS VA 35 59.25 18.45 14.44
CA LYS VA 35 60.48 18.48 13.68
C LYS VA 35 61.64 17.94 14.52
N THR VA 36 62.70 17.51 13.83
CA THR VA 36 63.87 17.01 14.54
C THR VA 36 64.77 18.14 14.95
N LYS VA 37 66.01 17.82 15.31
CA LYS VA 37 66.95 18.86 15.71
C LYS VA 37 67.98 19.19 14.63
N LYS VA 38 68.20 18.29 13.66
CA LYS VA 38 68.96 18.69 12.49
C LYS VA 38 68.18 19.68 11.65
N GLN VA 39 66.88 19.46 11.54
CA GLN VA 39 66.04 20.34 10.73
C GLN VA 39 66.01 21.74 11.28
N ARG VA 40 65.75 21.89 12.57
CA ARG VA 40 65.63 23.21 13.15
C ARG VA 40 66.96 23.92 13.32
N ARG VA 41 68.09 23.22 13.19
CA ARG VA 41 69.37 23.92 12.98
C ARG VA 41 69.49 24.38 11.55
N GLN VA 42 69.28 23.47 10.60
CA GLN VA 42 69.50 23.76 9.20
C GLN VA 42 68.42 24.63 8.58
N LEU VA 43 67.41 25.05 9.34
CA LEU VA 43 66.45 26.03 8.86
C LEU VA 43 66.57 27.35 9.61
N ARG VA 44 67.78 27.73 9.99
CA ARG VA 44 68.06 29.10 10.43
C ARG VA 44 68.68 29.94 9.35
N LYS VA 45 69.31 29.30 8.36
CA LYS VA 45 70.25 29.98 7.50
C LYS VA 45 69.65 30.23 6.13
N ALA VA 46 70.04 31.35 5.53
CA ALA VA 46 69.40 31.82 4.32
C ALA VA 46 69.88 31.04 3.11
N SER VA 47 69.01 30.92 2.12
CA SER VA 47 69.33 30.29 0.85
C SER VA 47 69.29 31.32 -0.26
N MET VA 48 69.66 30.88 -1.44
CA MET VA 48 69.78 31.73 -2.60
C MET VA 48 68.61 31.54 -3.57
N VAL VA 49 68.81 32.04 -4.78
CA VAL VA 49 67.81 32.02 -5.84
C VAL VA 49 67.87 30.71 -6.61
N ALA VA 50 66.71 30.09 -6.82
CA ALA VA 50 66.61 29.10 -7.88
C ALA VA 50 66.27 29.80 -9.18
N LYS VA 51 66.98 29.47 -10.26
CA LYS VA 51 66.84 30.20 -11.52
C LYS VA 51 65.53 29.94 -12.23
N GLY VA 52 64.66 29.05 -11.75
CA GLY VA 52 63.31 29.01 -12.26
C GLY VA 52 62.53 30.24 -11.86
N ASP VA 53 62.52 30.56 -10.57
CA ASP VA 53 61.71 31.65 -10.07
C ASP VA 53 62.34 33.00 -10.27
N TYR VA 54 63.56 33.08 -10.77
CA TYR VA 54 64.10 34.39 -11.06
C TYR VA 54 63.53 34.97 -12.34
N LYS VA 55 62.94 34.12 -13.19
CA LYS VA 55 62.38 34.60 -14.44
C LYS VA 55 61.10 35.40 -14.22
N ARG VA 56 60.10 34.80 -13.58
CA ARG VA 56 58.81 35.45 -13.50
C ARG VA 56 58.76 36.57 -12.49
N ILE VA 57 59.77 36.71 -11.64
CA ILE VA 57 59.73 37.67 -10.55
C ILE VA 57 60.52 38.94 -10.86
N ARG VA 58 61.61 38.83 -11.64
CA ARG VA 58 62.55 39.86 -12.07
C ARG VA 58 61.94 41.23 -12.37
N GLN VA 59 60.83 41.25 -13.09
CA GLN VA 59 60.23 42.52 -13.50
C GLN VA 59 59.48 43.18 -12.36
N GLN VA 60 58.99 42.42 -11.38
CA GLN VA 60 58.29 43.04 -10.25
C GLN VA 60 59.25 43.82 -9.37
N LEU VA 61 60.38 43.21 -9.02
CA LEU VA 61 61.40 43.84 -8.20
C LEU VA 61 62.38 44.61 -9.08
N ALA VA 62 61.84 45.60 -9.79
CA ALA VA 62 62.61 46.23 -10.85
C ALA VA 62 63.70 47.13 -10.32
N ARG VA 63 63.52 47.68 -9.11
CA ARG VA 63 64.52 48.56 -8.52
C ARG VA 63 64.84 48.27 -7.07
N MET VA 64 64.04 47.47 -6.36
CA MET VA 64 64.37 47.14 -4.98
C MET VA 64 64.42 45.63 -4.79
N MET WA 1 14.24 -41.00 -44.76
CA MET WA 1 15.65 -40.73 -44.54
C MET WA 1 15.82 -40.18 -43.13
N LYS WA 2 17.07 -40.15 -42.67
CA LYS WA 2 17.47 -39.28 -41.58
C LYS WA 2 18.63 -38.44 -42.08
N VAL WA 3 18.50 -37.13 -41.96
CA VAL WA 3 19.51 -36.20 -42.46
C VAL WA 3 20.20 -35.59 -41.26
N ARG WA 4 21.42 -36.04 -41.01
CA ARG WA 4 22.24 -35.64 -39.88
C ARG WA 4 23.59 -35.20 -40.41
N PRO WA 5 24.29 -34.33 -39.68
CA PRO WA 5 25.68 -34.07 -40.07
C PRO WA 5 26.59 -35.25 -39.79
N SER WA 6 26.34 -36.00 -38.72
CA SER WA 6 27.17 -37.15 -38.37
C SER WA 6 26.44 -38.44 -38.68
N VAL WA 7 27.17 -39.40 -39.22
CA VAL WA 7 26.61 -40.62 -39.81
C VAL WA 7 27.44 -41.82 -39.39
N LYS WA 8 26.80 -42.82 -38.82
CA LYS WA 8 27.45 -44.04 -38.39
C LYS WA 8 26.61 -45.23 -38.82
N PRO WA 9 27.22 -46.41 -38.95
CA PRO WA 9 26.42 -47.64 -39.07
C PRO WA 9 25.63 -47.91 -37.80
N MET WA 10 24.62 -48.78 -37.95
CA MET WA 10 23.64 -49.01 -36.91
C MET WA 10 23.50 -50.51 -36.64
N CYS WA 11 23.71 -51.31 -37.67
CA CYS WA 11 23.46 -52.74 -37.63
C CYS WA 11 24.70 -53.50 -38.06
N GLU WA 12 24.55 -54.78 -38.36
CA GLU WA 12 25.63 -55.51 -39.01
C GLU WA 12 25.67 -55.27 -40.51
N HIS WA 13 24.54 -54.89 -41.11
CA HIS WA 13 24.38 -54.88 -42.56
C HIS WA 13 24.47 -53.49 -43.15
N CYS WA 14 24.80 -52.49 -42.34
CA CYS WA 14 24.94 -51.13 -42.84
C CYS WA 14 26.16 -51.04 -43.74
N LYS WA 15 25.98 -50.45 -44.92
CA LYS WA 15 27.09 -50.29 -45.84
C LYS WA 15 27.17 -48.84 -46.29
N VAL WA 16 28.36 -48.27 -46.22
CA VAL WA 16 28.58 -46.86 -46.48
C VAL WA 16 28.86 -46.68 -47.95
N ILE WA 17 28.05 -45.84 -48.61
CA ILE WA 17 28.13 -45.65 -50.05
C ILE WA 17 28.19 -44.16 -50.32
N ARG WA 18 29.12 -43.74 -51.16
CA ARG WA 18 29.11 -42.42 -51.75
C ARG WA 18 28.41 -42.46 -53.10
N ARG WA 19 27.41 -41.60 -53.30
CA ARG WA 19 26.71 -41.50 -54.58
C ARG WA 19 26.93 -40.19 -55.32
N LYS WA 20 27.14 -39.10 -54.60
CA LYS WA 20 27.46 -37.79 -55.14
C LYS WA 20 28.38 -37.20 -54.08
N GLY WA 21 28.48 -35.90 -53.94
CA GLY WA 21 29.17 -35.40 -52.76
C GLY WA 21 28.39 -35.61 -51.47
N ARG WA 22 28.23 -36.87 -51.07
CA ARG WA 22 27.33 -37.30 -50.01
C ARG WA 22 27.79 -38.66 -49.52
N VAL WA 23 27.28 -39.04 -48.35
CA VAL WA 23 27.56 -40.32 -47.73
C VAL WA 23 26.24 -40.95 -47.35
N MET WA 24 26.05 -42.22 -47.73
CA MET WA 24 24.82 -42.93 -47.48
C MET WA 24 25.04 -44.01 -46.45
N VAL WA 25 23.95 -44.44 -45.82
CA VAL WA 25 23.88 -45.72 -45.11
C VAL WA 25 22.61 -46.42 -45.55
N ILE WA 26 22.75 -47.62 -46.13
CA ILE WA 26 21.66 -48.33 -46.78
C ILE WA 26 21.54 -49.71 -46.16
N CYS WA 27 20.34 -50.06 -45.71
CA CYS WA 27 20.11 -51.34 -45.06
C CYS WA 27 18.97 -52.11 -45.70
N PRO WA 28 19.19 -53.37 -46.06
CA PRO WA 28 18.07 -54.30 -46.22
C PRO WA 28 17.57 -54.87 -44.91
N ALA WA 29 18.27 -54.62 -43.80
CA ALA WA 29 17.87 -55.19 -42.52
C ALA WA 29 16.68 -54.45 -41.92
N ASN WA 30 16.69 -53.14 -41.98
CA ASN WA 30 15.53 -52.32 -41.70
C ASN WA 30 15.49 -51.22 -42.75
N PRO WA 31 14.31 -50.67 -43.03
CA PRO WA 31 14.27 -49.39 -43.72
C PRO WA 31 14.52 -48.22 -42.79
N LYS WA 32 14.62 -48.46 -41.48
CA LYS WA 32 14.79 -47.39 -40.51
C LYS WA 32 16.19 -46.78 -40.52
N HIS WA 33 17.13 -47.32 -41.29
CA HIS WA 33 18.52 -46.88 -41.19
C HIS WA 33 19.00 -46.17 -42.44
N LYS WA 34 18.10 -45.51 -43.17
CA LYS WA 34 18.56 -44.67 -44.27
C LYS WA 34 19.17 -43.39 -43.71
N GLN WA 35 20.37 -43.05 -44.17
CA GLN WA 35 21.04 -41.88 -43.59
C GLN WA 35 21.69 -41.02 -44.66
N ARG WA 36 21.57 -39.71 -44.49
CA ARG WA 36 22.26 -38.71 -45.31
C ARG WA 36 23.22 -37.90 -44.47
N GLN WA 37 24.18 -37.27 -45.13
CA GLN WA 37 24.91 -36.15 -44.55
C GLN WA 37 24.34 -34.85 -45.07
N GLY WA 38 23.88 -34.00 -44.15
CA GLY WA 38 23.32 -32.71 -44.51
C GLY WA 38 22.73 -31.97 -43.33
ZN ZN XA . -10.27 -60.02 68.28
ZN ZN YA . -8.44 42.74 -99.73
ZN ZN ZA . 72.52 28.01 32.89
ZN ZN AB . 21.53 -51.80 -40.47
#